data_6UT7
#
_entry.id   6UT7
#
_cell.length_a   1.00
_cell.length_b   1.00
_cell.length_c   1.00
_cell.angle_alpha   90.00
_cell.angle_beta   90.00
_cell.angle_gamma   90.00
#
_symmetry.space_group_name_H-M   'P 1'
#
loop_
_entity.id
_entity.type
_entity.pdbx_description
1 polymer 'GTPase subunit of restriction endonuclease'
2 polymer 'McrBC 5-methylcytosine restriction system component'
3 non-polymer "GUANOSINE-5'-DIPHOSPHATE"
4 non-polymer 'MAGNESIUM ION'
5 non-polymer "5'-GUANOSINE-DIPHOSPHATE-MONOTHIOPHOSPHATE"
#
loop_
_entity_poly.entity_id
_entity_poly.type
_entity_poly.pdbx_seq_one_letter_code
_entity_poly.pdbx_strand_id
1 'polypeptide(L)'
;MNESAGHNIKEDYFRVDMLLNKKGQVILYGPPGTGKTWIARKYVVEETNEKTPGNKWEFITFHQSYSYEEFIEGFRPRTD
NEEKIRYVVEDGIFKKIALRALVKGLFELEDATIGKDKIHRLYILLTKKEPLSPTEYEEYLRLKRYLWELVGGLPKDKLK
NLTPKFYLIIDEINRGNISKIFGELITLLEKDKRLGGENQLIVRLPYSGEPFAVPPNLYIIGTMNTADRSIALLDVALRR
RFAFIEVEPRPEFLEKENLKKIREKKLKTEDRKRLNEKLNELFSKLGNDNYFLKTLLEKINVRITVVKDRDHRIGHSYFL
NVETVEDLHHVWYYEVLPLLMEYFYNDWETIKWVLNEKGKEHGNVFFEKLRLTGPNGEEAYQLKVLEGDAFIGALKRIIS
KNTPSQEGGATTNEENSPENTQSQTEGD
;
A,B,C,D,E,F,H,I,J,K,L,M
2 'polypeptide(L)'
;MPRLTTITLYEHDEKRYRDIAGDKKAIQDALIKLNKQFKKDFKKLDRSEDNSDTEDTIDESKGVVEVYANKIKARHYVGF
AAVDNVFLQILPKVFKPKKEQTQETQEDTWEPILAFIRMLDMAYGLKIKDHDLAYLQGRNLRPNLYEVFIYLFAKSLWSE
VQRGYHREYVEVHREEKFLRGKLLMSRQIRKLPHQLNTFSVEVHELIEDNLLNRIFYASVREALRRTTWGLNRKLLGELM
LAFDGITPIHLRTEHFERVHFTRLNERFRRPFELAKLLFMPASGKGRSREVSGFFVDMNKLFERFIERVLVRNLPPEYKL
FYQESYPFLKNQNGSSQKPDYVVRKGNTPVVVLDAKYRELKERIPSSDMLRQLYVYSRIWGYKTSHENDSKPPAVIVIPS
SSTYNQGLPDKPLEFEFFDERKLFIVAYNMDYVKTGAIFKADKNFRRSLNNIIGKLNT
;
G,N
#
loop_
_chem_comp.id
_chem_comp.type
_chem_comp.name
_chem_comp.formula
GDP RNA linking GUANOSINE-5'-DIPHOSPHATE 'C10 H15 N5 O11 P2'
GSP non-polymer 5'-GUANOSINE-DIPHOSPHATE-MONOTHIOPHOSPHATE 'C10 H16 N5 O13 P3 S'
MG non-polymer 'MAGNESIUM ION' 'Mg 2'
#
# COMPACT_ATOMS: atom_id res chain seq x y z
N LYS A 10 1.55 25.01 -56.75
CA LYS A 10 2.57 25.42 -57.72
C LYS A 10 3.49 24.26 -58.06
N GLU A 11 4.06 23.64 -57.02
CA GLU A 11 4.96 22.51 -57.21
C GLU A 11 4.22 21.18 -57.31
N ASP A 12 2.95 21.14 -56.92
CA ASP A 12 2.15 19.93 -57.11
C ASP A 12 1.75 19.75 -58.56
N TYR A 13 1.70 20.84 -59.33
CA TYR A 13 1.32 20.75 -60.74
C TYR A 13 2.43 20.14 -61.60
N PHE A 14 3.64 20.00 -61.08
CA PHE A 14 4.69 19.26 -61.76
C PHE A 14 4.71 17.79 -61.38
N ARG A 15 3.88 17.38 -60.43
CA ARG A 15 3.72 15.99 -60.03
C ARG A 15 2.47 15.35 -60.64
N VAL A 16 1.38 16.10 -60.73
CA VAL A 16 0.17 15.60 -61.36
C VAL A 16 0.39 15.42 -62.86
N ASP A 17 1.14 16.35 -63.48
CA ASP A 17 1.37 16.28 -64.92
C ASP A 17 2.26 15.10 -65.31
N MET A 18 3.12 14.66 -64.39
CA MET A 18 3.92 13.46 -64.65
C MET A 18 3.09 12.20 -64.50
N LEU A 19 2.30 12.12 -63.43
CA LEU A 19 1.58 10.89 -63.10
C LEU A 19 0.36 10.68 -63.98
N LEU A 20 -0.16 11.74 -64.61
CA LEU A 20 -1.29 11.60 -65.52
C LEU A 20 -0.89 11.09 -66.90
N ASN A 21 0.38 10.73 -67.11
CA ASN A 21 0.83 10.12 -68.35
C ASN A 21 1.24 8.67 -68.20
N LYS A 22 1.77 8.28 -67.05
CA LYS A 22 2.18 6.89 -66.83
C LYS A 22 1.10 6.05 -66.17
N LYS A 23 0.03 6.67 -65.65
CA LYS A 23 -1.11 5.94 -65.13
C LYS A 23 -2.40 6.26 -65.88
N GLY A 24 -2.72 7.54 -66.03
CA GLY A 24 -3.91 7.98 -66.73
C GLY A 24 -4.94 8.62 -65.83
N GLN A 25 -4.86 8.39 -64.52
CA GLN A 25 -5.79 8.99 -63.57
C GLN A 25 -5.07 9.19 -62.26
N VAL A 26 -5.51 10.20 -61.50
CA VAL A 26 -4.93 10.52 -60.20
C VAL A 26 -6.05 10.78 -59.20
N ILE A 27 -5.79 10.49 -57.94
CA ILE A 27 -6.63 10.88 -56.82
C ILE A 27 -5.79 11.76 -55.90
N LEU A 28 -6.23 12.99 -55.68
CA LEU A 28 -5.54 13.91 -54.79
C LEU A 28 -6.16 13.76 -53.41
N TYR A 29 -5.67 12.80 -52.64
CA TYR A 29 -6.18 12.59 -51.30
C TYR A 29 -5.41 13.43 -50.31
N GLY A 30 -6.08 13.79 -49.22
CA GLY A 30 -5.48 14.59 -48.18
C GLY A 30 -6.50 15.01 -47.14
N PRO A 31 -6.04 15.61 -46.05
CA PRO A 31 -6.95 16.05 -44.99
C PRO A 31 -7.81 17.20 -45.46
N PRO A 32 -8.98 17.41 -44.86
CA PRO A 32 -9.93 18.40 -45.42
C PRO A 32 -9.43 19.83 -45.23
N GLY A 33 -9.68 20.66 -46.23
CA GLY A 33 -9.25 22.02 -46.21
C GLY A 33 -7.78 22.18 -46.52
N THR A 34 -7.30 21.47 -47.53
CA THR A 34 -5.91 21.51 -47.95
C THR A 34 -5.71 22.20 -49.29
N GLY A 35 -6.57 21.93 -50.25
CA GLY A 35 -6.40 22.50 -51.58
C GLY A 35 -6.73 21.51 -52.66
N LYS A 36 -7.18 20.32 -52.26
CA LYS A 36 -7.44 19.18 -53.13
C LYS A 36 -8.38 19.50 -54.28
N THR A 37 -9.47 20.19 -53.98
CA THR A 37 -10.35 20.67 -55.04
C THR A 37 -9.68 21.81 -55.82
N TRP A 38 -8.99 22.71 -55.11
CA TRP A 38 -8.41 23.88 -55.75
C TRP A 38 -7.18 23.53 -56.58
N ILE A 39 -6.41 22.54 -56.16
CA ILE A 39 -5.27 22.09 -56.96
C ILE A 39 -5.76 21.41 -58.24
N ALA A 40 -6.81 20.58 -58.11
CA ALA A 40 -7.39 19.92 -59.27
C ALA A 40 -8.06 20.91 -60.20
N ARG A 41 -8.68 21.96 -59.66
CA ARG A 41 -9.31 22.97 -60.50
C ARG A 41 -8.29 23.84 -61.21
N LYS A 42 -7.23 24.23 -60.51
CA LYS A 42 -6.26 25.16 -61.09
C LYS A 42 -5.35 24.46 -62.10
N TYR A 43 -5.07 23.18 -61.89
CA TYR A 43 -4.22 22.45 -62.83
C TYR A 43 -4.92 22.24 -64.18
N VAL A 44 -6.22 22.01 -64.15
CA VAL A 44 -6.98 21.81 -65.39
C VAL A 44 -7.15 23.12 -66.14
N VAL A 45 -7.42 24.21 -65.40
CA VAL A 45 -7.56 25.52 -66.03
C VAL A 45 -6.22 26.01 -66.58
N GLU A 46 -5.11 25.72 -65.90
CA GLU A 46 -3.80 26.11 -66.42
C GLU A 46 -3.36 25.27 -67.61
N GLU A 47 -3.99 24.11 -67.84
CA GLU A 47 -3.62 23.23 -68.93
C GLU A 47 -4.50 23.39 -70.17
N THR A 48 -5.82 23.51 -69.99
CA THR A 48 -6.76 23.54 -71.11
C THR A 48 -7.33 24.93 -71.38
N ASN A 49 -6.88 25.96 -70.63
CA ASN A 49 -7.30 27.37 -70.66
C ASN A 49 -8.82 27.59 -70.77
N GLU A 50 -9.60 26.74 -70.11
CA GLU A 50 -11.05 26.89 -70.01
C GLU A 50 -11.38 27.25 -68.57
N LYS A 51 -11.71 28.52 -68.33
CA LYS A 51 -12.00 28.98 -66.98
C LYS A 51 -13.29 28.42 -66.42
N THR A 52 -14.23 28.04 -67.29
CA THR A 52 -15.53 27.50 -66.92
C THR A 52 -15.56 26.00 -67.21
N PRO A 53 -16.39 25.23 -66.50
CA PRO A 53 -16.65 23.84 -66.91
C PRO A 53 -17.45 23.80 -68.20
N GLY A 54 -17.58 22.60 -68.75
CA GLY A 54 -18.18 22.49 -70.06
C GLY A 54 -17.34 21.77 -71.08
N ASN A 55 -16.79 22.53 -72.04
CA ASN A 55 -16.20 22.02 -73.27
C ASN A 55 -15.04 21.03 -73.08
N LYS A 56 -13.92 21.48 -72.53
CA LYS A 56 -12.76 20.61 -72.45
C LYS A 56 -12.61 19.88 -71.12
N TRP A 57 -13.44 20.19 -70.13
CA TRP A 57 -13.41 19.48 -68.86
C TRP A 57 -14.77 19.60 -68.20
N GLU A 58 -15.01 18.73 -67.22
CA GLU A 58 -16.30 18.66 -66.53
C GLU A 58 -16.07 18.36 -65.06
N PHE A 59 -16.76 19.11 -64.20
CA PHE A 59 -16.67 18.95 -62.75
C PHE A 59 -17.89 18.17 -62.27
N ILE A 60 -17.67 17.23 -61.34
CA ILE A 60 -18.73 16.37 -60.84
C ILE A 60 -18.39 15.91 -59.43
N THR A 61 -19.36 15.99 -58.53
CA THR A 61 -19.23 15.42 -57.20
C THR A 61 -19.90 14.05 -57.14
N PHE A 62 -19.54 13.29 -56.12
CA PHE A 62 -20.15 12.01 -55.83
C PHE A 62 -20.86 12.07 -54.48
N HIS A 63 -21.75 11.12 -54.26
CA HIS A 63 -22.45 10.99 -53.00
C HIS A 63 -22.87 9.54 -52.82
N GLN A 64 -23.50 9.25 -51.67
CA GLN A 64 -23.80 7.87 -51.30
C GLN A 64 -24.90 7.27 -52.18
N SER A 65 -25.82 8.09 -52.67
CA SER A 65 -26.92 7.62 -53.51
C SER A 65 -26.73 8.05 -54.94
N TYR A 66 -25.47 8.10 -55.40
CA TYR A 66 -25.22 8.38 -56.81
C TYR A 66 -25.38 7.09 -57.60
N SER A 67 -25.70 7.23 -58.88
CA SER A 67 -26.20 6.11 -59.67
C SER A 67 -25.42 5.96 -60.96
N TYR A 68 -25.49 4.74 -61.52
CA TYR A 68 -24.97 4.49 -62.86
C TYR A 68 -25.79 5.19 -63.93
N GLU A 69 -27.06 5.46 -63.64
CA GLU A 69 -27.94 6.08 -64.63
C GLU A 69 -27.61 7.55 -64.89
N GLU A 70 -26.90 8.20 -63.97
CA GLU A 70 -26.52 9.59 -64.16
C GLU A 70 -25.04 9.76 -64.51
N PHE A 71 -24.23 8.71 -64.39
CA PHE A 71 -22.81 8.82 -64.68
C PHE A 71 -22.50 8.43 -66.13
N ILE A 72 -22.83 7.20 -66.51
CA ILE A 72 -22.55 6.73 -67.87
C ILE A 72 -23.77 6.94 -68.75
N GLU A 73 -24.85 6.24 -68.42
CA GLU A 73 -25.98 6.10 -69.31
C GLU A 73 -27.18 5.66 -68.48
N GLY A 74 -28.35 6.26 -68.73
CA GLY A 74 -29.53 5.90 -68.01
C GLY A 74 -30.79 6.27 -68.76
N PHE A 75 -31.92 5.86 -68.21
CA PHE A 75 -33.23 6.22 -68.73
C PHE A 75 -33.71 7.50 -68.07
N ARG A 76 -34.31 8.39 -68.87
CA ARG A 76 -34.87 9.63 -68.36
C ARG A 76 -36.14 9.95 -69.12
N PRO A 77 -37.18 10.42 -68.43
CA PRO A 77 -38.43 10.78 -69.11
C PRO A 77 -38.27 12.06 -69.92
N ARG A 78 -39.17 12.23 -70.88
CA ARG A 78 -39.11 13.36 -71.81
C ARG A 78 -40.47 13.53 -72.46
N THR A 79 -40.95 14.77 -72.52
CA THR A 79 -42.23 15.07 -73.15
C THR A 79 -42.06 15.23 -74.65
N ASP A 80 -43.10 14.89 -75.40
CA ASP A 80 -43.13 15.04 -76.85
C ASP A 80 -44.29 15.95 -77.22
N ASN A 81 -44.03 17.26 -77.18
CA ASN A 81 -44.98 18.33 -77.49
C ASN A 81 -46.25 18.23 -76.64
N GLU A 82 -46.04 18.25 -75.32
CA GLU A 82 -47.10 18.24 -74.29
C GLU A 82 -48.00 17.01 -74.42
N GLU A 83 -47.38 15.84 -74.48
CA GLU A 83 -48.07 14.57 -74.60
C GLU A 83 -47.68 13.68 -73.41
N LYS A 84 -48.03 12.40 -73.51
CA LYS A 84 -47.68 11.42 -72.49
C LYS A 84 -46.16 11.22 -72.40
N ILE A 85 -45.74 10.60 -71.31
CA ILE A 85 -44.31 10.50 -70.98
C ILE A 85 -43.65 9.52 -71.93
N ARG A 86 -42.64 10.00 -72.66
CA ARG A 86 -41.85 9.20 -73.58
C ARG A 86 -40.46 9.01 -72.98
N TYR A 87 -40.09 7.75 -72.74
CA TYR A 87 -38.79 7.47 -72.17
C TYR A 87 -37.72 7.47 -73.26
N VAL A 88 -36.59 8.09 -72.95
CA VAL A 88 -35.49 8.20 -73.89
C VAL A 88 -34.21 7.99 -73.10
N VAL A 89 -33.20 7.41 -73.74
CA VAL A 89 -31.92 7.15 -73.11
C VAL A 89 -31.02 8.37 -73.26
N GLU A 90 -30.62 8.93 -72.13
CA GLU A 90 -29.80 10.14 -72.11
C GLU A 90 -28.47 9.82 -71.45
N ASP A 91 -27.39 10.23 -72.11
CA ASP A 91 -26.05 9.89 -71.64
C ASP A 91 -25.68 10.75 -70.44
N GLY A 92 -24.92 10.17 -69.52
CA GLY A 92 -24.61 10.84 -68.27
C GLY A 92 -23.48 11.85 -68.38
N ILE A 93 -22.58 11.87 -67.40
CA ILE A 93 -21.47 12.79 -67.39
C ILE A 93 -20.22 12.18 -68.02
N PHE A 94 -19.89 10.94 -67.63
CA PHE A 94 -18.67 10.29 -68.08
C PHE A 94 -18.74 9.95 -69.56
N LYS A 95 -19.90 9.53 -70.04
CA LYS A 95 -20.01 9.18 -71.45
C LYS A 95 -20.08 10.43 -72.33
N LYS A 96 -20.60 11.53 -71.79
CA LYS A 96 -20.62 12.78 -72.54
C LYS A 96 -19.27 13.47 -72.57
N ILE A 97 -18.31 13.03 -71.77
CA ILE A 97 -16.97 13.62 -71.76
C ILE A 97 -15.99 12.64 -72.41
N ALA A 98 -16.35 11.36 -72.47
CA ALA A 98 -15.49 10.40 -73.17
C ALA A 98 -15.77 10.43 -74.67
N LEU A 99 -17.03 10.54 -75.06
CA LEU A 99 -17.35 10.72 -76.47
C LEU A 99 -16.91 12.09 -76.97
N ARG A 100 -16.90 13.09 -76.10
CA ARG A 100 -16.42 14.41 -76.48
C ARG A 100 -14.90 14.41 -76.64
N ALA A 101 -14.19 13.63 -75.82
CA ALA A 101 -12.75 13.50 -75.97
C ALA A 101 -12.40 12.69 -77.21
N LEU A 102 -13.32 11.86 -77.70
CA LEU A 102 -13.08 11.10 -78.90
C LEU A 102 -13.29 11.95 -80.16
N VAL A 103 -14.44 12.62 -80.25
CA VAL A 103 -14.76 13.37 -81.46
C VAL A 103 -13.95 14.66 -81.59
N LYS A 104 -13.37 15.16 -80.51
CA LYS A 104 -12.45 16.29 -80.62
C LYS A 104 -11.06 15.84 -81.01
N GLY A 105 -10.67 14.64 -80.58
CA GLY A 105 -9.37 14.10 -80.96
C GLY A 105 -9.30 13.65 -82.40
N LEU A 106 -10.43 13.32 -83.02
CA LEU A 106 -10.42 12.87 -84.41
C LEU A 106 -10.36 14.01 -85.41
N PHE A 107 -10.30 15.27 -84.95
CA PHE A 107 -10.11 16.38 -85.87
C PHE A 107 -8.69 16.39 -86.43
N GLU A 108 -7.69 16.26 -85.55
CA GLU A 108 -6.29 16.37 -85.92
C GLU A 108 -5.70 15.04 -86.41
N LEU A 109 -6.52 14.05 -86.68
CA LEU A 109 -6.06 12.80 -87.26
C LEU A 109 -6.19 12.86 -88.78
N GLU A 110 -5.15 12.39 -89.47
CA GLU A 110 -5.16 12.37 -90.92
C GLU A 110 -6.01 11.25 -91.50
N ASP A 111 -6.19 10.16 -90.75
CA ASP A 111 -6.99 9.04 -91.24
C ASP A 111 -8.47 9.24 -91.01
N ALA A 112 -8.85 10.05 -90.02
CA ALA A 112 -10.25 10.33 -89.71
C ALA A 112 -10.83 11.45 -90.56
N THR A 113 -10.13 11.88 -91.60
CA THR A 113 -10.62 12.91 -92.52
C THR A 113 -11.63 12.38 -93.53
N ILE A 114 -11.93 11.08 -93.51
CA ILE A 114 -12.95 10.51 -94.37
C ILE A 114 -14.35 10.92 -93.93
N GLY A 115 -14.51 11.32 -92.67
CA GLY A 115 -15.79 11.74 -92.15
C GLY A 115 -15.70 13.01 -91.33
N LYS A 116 -14.81 13.92 -91.75
CA LYS A 116 -14.52 15.12 -90.98
C LYS A 116 -15.72 16.06 -90.86
N ASP A 117 -16.63 16.03 -91.84
CA ASP A 117 -17.83 16.86 -91.76
C ASP A 117 -18.80 16.31 -90.73
N LYS A 118 -18.99 14.98 -90.71
CA LYS A 118 -19.97 14.38 -89.82
C LYS A 118 -19.46 14.29 -88.38
N ILE A 119 -18.15 14.11 -88.21
CA ILE A 119 -17.57 14.10 -86.86
C ILE A 119 -17.66 15.49 -86.23
N HIS A 120 -17.44 16.54 -87.05
CA HIS A 120 -17.58 17.90 -86.57
C HIS A 120 -19.02 18.24 -86.23
N ARG A 121 -19.97 17.61 -86.92
CA ARG A 121 -21.38 17.78 -86.59
C ARG A 121 -21.70 17.15 -85.23
N LEU A 122 -21.00 16.07 -84.88
CA LEU A 122 -21.22 15.43 -83.60
C LEU A 122 -20.64 16.27 -82.45
N TYR A 123 -19.50 16.93 -82.69
CA TYR A 123 -18.85 17.67 -81.63
C TYR A 123 -19.61 18.94 -81.28
N ILE A 124 -20.23 19.58 -82.27
CA ILE A 124 -21.10 20.73 -82.00
C ILE A 124 -22.33 20.28 -81.23
N LEU A 125 -22.87 19.11 -81.56
CA LEU A 125 -24.06 18.60 -80.90
C LEU A 125 -23.76 18.10 -79.48
N LEU A 126 -22.53 17.67 -79.22
CA LEU A 126 -22.16 17.10 -77.93
C LEU A 126 -21.78 18.15 -76.90
N THR A 127 -21.50 19.38 -77.33
CA THR A 127 -21.17 20.46 -76.40
C THR A 127 -22.32 21.41 -76.15
N LYS A 128 -23.39 21.32 -76.93
CA LYS A 128 -24.56 22.16 -76.68
C LYS A 128 -25.43 21.54 -75.60
N LYS A 129 -26.43 22.30 -75.15
CA LYS A 129 -27.22 21.95 -73.99
C LYS A 129 -28.68 21.79 -74.38
N GLU A 130 -29.35 20.81 -73.76
CA GLU A 130 -30.77 20.49 -73.89
C GLU A 130 -31.21 20.26 -75.33
N PRO A 131 -30.90 19.09 -75.94
CA PRO A 131 -31.43 18.79 -77.28
C PRO A 131 -32.95 18.67 -77.26
N LEU A 132 -33.62 19.63 -77.92
CA LEU A 132 -35.03 19.88 -77.65
C LEU A 132 -35.96 18.94 -78.43
N SER A 133 -35.51 18.40 -79.57
CA SER A 133 -36.40 17.65 -80.43
C SER A 133 -35.77 16.32 -80.80
N PRO A 134 -36.57 15.29 -81.06
CA PRO A 134 -35.99 14.02 -81.51
C PRO A 134 -35.42 14.03 -82.93
N THR A 135 -35.64 15.10 -83.71
CA THR A 135 -35.10 15.10 -85.07
C THR A 135 -33.59 15.28 -85.07
N GLU A 136 -33.03 15.97 -84.07
CA GLU A 136 -31.59 16.01 -83.90
C GLU A 136 -31.08 14.92 -82.95
N TYR A 137 -31.96 14.28 -82.19
CA TYR A 137 -31.54 13.16 -81.36
C TYR A 137 -31.32 11.90 -82.19
N GLU A 138 -32.21 11.65 -83.15
CA GLU A 138 -31.99 10.53 -84.06
C GLU A 138 -30.83 10.82 -85.00
N GLU A 139 -30.58 12.09 -85.31
CA GLU A 139 -29.34 12.48 -85.98
C GLU A 139 -28.14 12.22 -85.07
N TYR A 140 -28.30 12.44 -83.77
CA TYR A 140 -27.22 12.22 -82.82
C TYR A 140 -26.91 10.73 -82.66
N LEU A 141 -27.95 9.89 -82.61
CA LEU A 141 -27.72 8.46 -82.48
C LEU A 141 -27.23 7.85 -83.79
N ARG A 142 -27.53 8.48 -84.93
CA ARG A 142 -27.00 8.01 -86.20
C ARG A 142 -25.51 8.34 -86.32
N LEU A 143 -25.12 9.53 -85.83
CA LEU A 143 -23.72 9.93 -85.92
C LEU A 143 -22.85 9.18 -84.92
N LYS A 144 -23.42 8.77 -83.78
CA LYS A 144 -22.64 8.03 -82.80
C LYS A 144 -22.37 6.60 -83.28
N ARG A 145 -23.32 6.01 -84.01
CA ARG A 145 -23.09 4.68 -84.58
C ARG A 145 -22.07 4.74 -85.71
N TYR A 146 -22.00 5.89 -86.40
CA TYR A 146 -20.95 6.07 -87.40
C TYR A 146 -19.59 6.22 -86.74
N LEU A 147 -19.55 6.82 -85.55
CA LEU A 147 -18.30 7.06 -84.85
C LEU A 147 -17.66 5.75 -84.38
N TRP A 148 -18.47 4.85 -83.81
CA TRP A 148 -17.91 3.60 -83.32
C TRP A 148 -17.68 2.61 -84.46
N GLU A 149 -18.35 2.80 -85.59
CA GLU A 149 -18.00 2.03 -86.78
C GLU A 149 -16.68 2.51 -87.37
N LEU A 150 -16.34 3.79 -87.17
CA LEU A 150 -15.11 4.34 -87.73
C LEU A 150 -13.90 3.95 -86.89
N VAL A 151 -14.00 4.13 -85.56
CA VAL A 151 -12.86 3.87 -84.69
C VAL A 151 -12.64 2.38 -84.46
N GLY A 152 -13.63 1.55 -84.78
CA GLY A 152 -13.44 0.12 -84.72
C GLY A 152 -12.55 -0.44 -85.82
N GLY A 153 -12.37 0.32 -86.90
CA GLY A 153 -11.52 -0.11 -87.99
C GLY A 153 -10.36 0.83 -88.25
N LEU A 154 -9.82 1.43 -87.20
CA LEU A 154 -8.67 2.30 -87.30
C LEU A 154 -7.49 1.68 -86.55
N PRO A 155 -6.26 1.82 -87.06
CA PRO A 155 -5.12 1.14 -86.43
C PRO A 155 -4.72 1.79 -85.12
N LYS A 156 -3.87 1.06 -84.38
CA LYS A 156 -3.49 1.46 -83.04
C LYS A 156 -2.51 2.63 -83.02
N ASP A 157 -1.82 2.89 -84.14
CA ASP A 157 -0.88 4.01 -84.17
C ASP A 157 -1.62 5.34 -84.25
N LYS A 158 -2.75 5.39 -84.96
CA LYS A 158 -3.51 6.62 -85.05
C LYS A 158 -4.29 6.94 -83.78
N LEU A 159 -4.62 5.93 -82.98
CA LEU A 159 -5.43 6.11 -81.79
C LEU A 159 -4.62 6.06 -80.50
N LYS A 160 -3.30 6.08 -80.58
CA LYS A 160 -2.48 6.14 -79.38
C LYS A 160 -2.20 7.57 -78.95
N ASN A 161 -1.96 8.46 -79.90
CA ASN A 161 -1.63 9.86 -79.62
C ASN A 161 -2.78 10.74 -80.10
N LEU A 162 -3.77 10.95 -79.23
CA LEU A 162 -4.83 11.91 -79.48
C LEU A 162 -4.42 13.25 -78.86
N THR A 163 -4.55 14.33 -79.64
CA THR A 163 -3.92 15.59 -79.22
C THR A 163 -4.63 16.31 -78.07
N PRO A 164 -5.91 16.69 -78.15
CA PRO A 164 -6.42 17.59 -77.10
C PRO A 164 -6.85 16.82 -75.86
N LYS A 165 -6.16 17.06 -74.76
CA LYS A 165 -6.39 16.31 -73.54
C LYS A 165 -7.63 16.82 -72.81
N PHE A 166 -8.52 15.89 -72.44
CA PHE A 166 -9.72 16.20 -71.69
C PHE A 166 -9.56 15.72 -70.26
N TYR A 167 -10.28 16.38 -69.34
CA TYR A 167 -10.16 16.08 -67.93
C TYR A 167 -11.54 15.92 -67.33
N LEU A 168 -11.61 15.17 -66.23
CA LEU A 168 -12.85 14.98 -65.48
C LEU A 168 -12.51 15.09 -64.00
N ILE A 169 -12.67 16.30 -63.45
CA ILE A 169 -12.40 16.54 -62.05
C ILE A 169 -13.54 15.95 -61.24
N ILE A 170 -13.28 14.83 -60.58
CA ILE A 170 -14.26 14.17 -59.72
C ILE A 170 -14.03 14.62 -58.29
N ASP A 171 -15.05 15.20 -57.68
CA ASP A 171 -14.99 15.62 -56.29
C ASP A 171 -15.60 14.53 -55.42
N GLU A 172 -14.96 14.30 -54.27
CA GLU A 172 -15.35 13.29 -53.27
C GLU A 172 -15.42 11.89 -53.91
N ILE A 173 -14.26 11.42 -54.37
CA ILE A 173 -14.18 10.11 -55.01
C ILE A 173 -14.39 8.99 -53.99
N ASN A 174 -14.09 9.23 -52.71
CA ASN A 174 -14.28 8.22 -51.70
C ASN A 174 -15.74 8.09 -51.25
N ARG A 175 -16.55 9.12 -51.46
CA ARG A 175 -17.92 9.10 -50.95
C ARG A 175 -18.83 8.22 -51.80
N GLY A 176 -18.65 8.23 -53.12
CA GLY A 176 -19.55 7.48 -53.99
C GLY A 176 -19.28 5.99 -53.96
N ASN A 177 -20.34 5.23 -54.19
CA ASN A 177 -20.24 3.77 -54.28
C ASN A 177 -19.59 3.46 -55.62
N ILE A 178 -18.27 3.37 -55.62
CA ILE A 178 -17.52 3.33 -56.87
C ILE A 178 -17.57 1.96 -57.53
N SER A 179 -18.07 0.94 -56.85
CA SER A 179 -18.32 -0.35 -57.46
C SER A 179 -19.65 -0.41 -58.19
N LYS A 180 -20.52 0.59 -58.00
CA LYS A 180 -21.82 0.67 -58.64
C LYS A 180 -21.86 1.69 -59.76
N ILE A 181 -21.31 2.88 -59.53
CA ILE A 181 -21.47 3.99 -60.45
C ILE A 181 -20.52 3.94 -61.63
N PHE A 182 -19.43 3.19 -61.53
CA PHE A 182 -18.66 2.81 -62.71
C PHE A 182 -19.14 1.48 -63.26
N GLY A 183 -19.50 0.55 -62.38
CA GLY A 183 -20.03 -0.73 -62.80
C GLY A 183 -18.97 -1.64 -63.37
N GLU A 184 -19.27 -2.24 -64.52
CA GLU A 184 -18.32 -3.08 -65.24
C GLU A 184 -17.43 -2.28 -66.17
N LEU A 185 -17.37 -0.96 -66.00
CA LEU A 185 -16.53 -0.08 -66.80
C LEU A 185 -15.31 0.40 -66.04
N ILE A 186 -15.04 -0.17 -64.86
CA ILE A 186 -13.87 0.22 -64.07
C ILE A 186 -12.59 -0.34 -64.68
N THR A 187 -12.70 -1.37 -65.52
CA THR A 187 -11.56 -1.89 -66.26
C THR A 187 -11.40 -1.23 -67.62
N LEU A 188 -11.93 -0.01 -67.79
CA LEU A 188 -11.63 0.84 -68.92
C LEU A 188 -10.74 2.02 -68.51
N LEU A 189 -10.23 1.99 -67.29
CA LEU A 189 -9.39 3.06 -66.78
C LEU A 189 -7.92 2.71 -66.72
N GLU A 190 -7.56 1.45 -66.87
CA GLU A 190 -6.16 1.09 -67.01
C GLU A 190 -5.63 1.62 -68.33
N LYS A 191 -4.36 2.05 -68.34
CA LYS A 191 -3.80 2.70 -69.51
C LYS A 191 -3.64 1.74 -70.69
N ASP A 192 -3.44 0.46 -70.41
CA ASP A 192 -3.41 -0.56 -71.45
C ASP A 192 -4.80 -1.08 -71.80
N LYS A 193 -5.83 -0.63 -71.10
CA LYS A 193 -7.20 -1.07 -71.33
C LYS A 193 -8.05 -0.04 -72.07
N ARG A 194 -7.53 1.17 -72.27
CA ARG A 194 -8.30 2.23 -72.91
C ARG A 194 -8.34 2.03 -74.42
N LEU A 195 -9.03 2.93 -75.10
CA LEU A 195 -9.09 2.91 -76.54
C LEU A 195 -7.74 3.31 -77.12
N GLY A 196 -7.31 2.60 -78.16
CA GLY A 196 -6.04 2.88 -78.80
C GLY A 196 -4.83 2.37 -78.06
N GLY A 197 -5.01 1.65 -76.96
CA GLY A 197 -3.92 1.00 -76.27
C GLY A 197 -3.61 -0.35 -76.88
N GLU A 198 -2.88 -1.16 -76.14
CA GLU A 198 -2.58 -2.51 -76.61
C GLU A 198 -3.79 -3.43 -76.46
N ASN A 199 -4.31 -3.55 -75.25
CA ASN A 199 -5.49 -4.38 -75.00
C ASN A 199 -6.72 -3.49 -74.87
N GLN A 200 -7.17 -2.97 -76.01
CA GLN A 200 -8.36 -2.13 -76.01
C GLN A 200 -9.62 -2.96 -75.82
N LEU A 201 -10.69 -2.30 -75.41
CA LEU A 201 -11.96 -2.97 -75.12
C LEU A 201 -13.09 -2.12 -75.65
N ILE A 202 -13.74 -2.58 -76.71
CA ILE A 202 -14.96 -1.93 -77.21
C ILE A 202 -16.11 -2.64 -76.54
N VAL A 203 -16.40 -2.22 -75.30
CA VAL A 203 -17.39 -2.89 -74.49
C VAL A 203 -18.77 -2.25 -74.74
N ARG A 204 -19.82 -3.01 -74.47
CA ARG A 204 -21.19 -2.61 -74.80
C ARG A 204 -21.91 -2.16 -73.54
N LEU A 205 -22.65 -1.06 -73.65
CA LEU A 205 -23.43 -0.53 -72.55
C LEU A 205 -24.76 -1.28 -72.43
N PRO A 206 -25.28 -1.47 -71.20
CA PRO A 206 -26.48 -2.28 -71.05
C PRO A 206 -27.78 -1.60 -71.44
N TYR A 207 -27.88 -0.28 -71.34
CA TYR A 207 -29.16 0.39 -71.54
C TYR A 207 -29.47 0.60 -73.02
N SER A 208 -28.62 1.36 -73.72
CA SER A 208 -28.88 1.69 -75.11
C SER A 208 -28.17 0.78 -76.10
N GLY A 209 -27.28 -0.10 -75.63
CA GLY A 209 -26.63 -1.07 -76.48
C GLY A 209 -25.51 -0.56 -77.35
N GLU A 210 -25.32 0.76 -77.44
CA GLU A 210 -24.23 1.29 -78.23
C GLU A 210 -22.89 1.09 -77.51
N PRO A 211 -21.83 0.79 -78.26
CA PRO A 211 -20.54 0.47 -77.62
C PRO A 211 -19.89 1.72 -77.02
N PHE A 212 -18.93 1.46 -76.13
CA PHE A 212 -18.31 2.52 -75.35
C PHE A 212 -16.89 2.12 -75.00
N ALA A 213 -15.98 3.09 -75.03
CA ALA A 213 -14.58 2.88 -74.72
C ALA A 213 -13.96 4.21 -74.34
N VAL A 214 -13.16 4.20 -73.28
CA VAL A 214 -12.52 5.42 -72.80
C VAL A 214 -11.36 5.78 -73.72
N PRO A 215 -11.38 6.95 -74.33
CA PRO A 215 -10.26 7.38 -75.18
C PRO A 215 -9.08 7.76 -74.30
N PRO A 216 -7.85 7.80 -74.85
CA PRO A 216 -6.68 8.13 -74.03
C PRO A 216 -6.52 9.61 -73.73
N ASN A 217 -7.46 10.46 -74.13
CA ASN A 217 -7.44 11.86 -73.70
C ASN A 217 -7.96 12.01 -72.29
N LEU A 218 -9.04 11.30 -71.97
CA LEU A 218 -9.81 11.53 -70.74
C LEU A 218 -9.02 11.07 -69.53
N TYR A 219 -8.51 12.03 -68.76
CA TYR A 219 -7.84 11.76 -67.50
C TYR A 219 -8.79 12.05 -66.35
N ILE A 220 -8.76 11.21 -65.33
CA ILE A 220 -9.71 11.26 -64.23
C ILE A 220 -8.97 11.80 -63.01
N ILE A 221 -9.11 13.08 -62.73
CA ILE A 221 -8.47 13.69 -61.57
C ILE A 221 -9.49 13.60 -60.43
N GLY A 222 -9.27 12.65 -59.53
CA GLY A 222 -10.09 12.51 -58.37
C GLY A 222 -9.78 13.56 -57.32
N THR A 223 -10.55 13.52 -56.24
CA THR A 223 -10.33 14.38 -55.08
C THR A 223 -10.94 13.67 -53.89
N MET A 224 -10.15 13.43 -52.85
CA MET A 224 -10.55 12.53 -51.77
C MET A 224 -10.35 13.21 -50.43
N ASN A 225 -11.44 13.53 -49.75
CA ASN A 225 -11.40 13.98 -48.37
C ASN A 225 -11.27 12.72 -47.52
N THR A 226 -10.07 12.46 -47.02
CA THR A 226 -9.78 11.22 -46.29
C THR A 226 -9.77 11.41 -44.77
N ALA A 227 -10.60 12.33 -44.26
CA ALA A 227 -10.79 12.42 -42.82
C ALA A 227 -11.70 11.31 -42.31
N ASP A 228 -12.63 10.84 -43.13
CA ASP A 228 -13.58 9.80 -42.75
C ASP A 228 -13.19 8.43 -43.28
N ARG A 229 -12.83 8.34 -44.56
CA ARG A 229 -12.47 7.08 -45.21
C ARG A 229 -11.02 7.14 -45.63
N SER A 230 -10.20 6.24 -45.09
CA SER A 230 -8.78 6.20 -45.44
C SER A 230 -8.60 5.59 -46.83
N ILE A 231 -7.34 5.60 -47.29
CA ILE A 231 -7.05 5.08 -48.62
C ILE A 231 -7.09 3.55 -48.62
N ALA A 232 -6.90 2.92 -47.47
CA ALA A 232 -7.05 1.48 -47.37
C ALA A 232 -8.50 1.04 -47.28
N LEU A 233 -9.41 1.97 -47.01
CA LEU A 233 -10.83 1.66 -46.83
C LEU A 233 -11.64 1.98 -48.08
N LEU A 234 -10.99 2.05 -49.23
CA LEU A 234 -11.68 2.26 -50.49
C LEU A 234 -12.13 0.91 -51.06
N ASP A 235 -12.71 0.92 -52.25
CA ASP A 235 -12.98 -0.32 -52.94
C ASP A 235 -11.71 -0.81 -53.63
N VAL A 236 -11.65 -2.13 -53.87
CA VAL A 236 -10.41 -2.75 -54.31
C VAL A 236 -10.09 -2.39 -55.75
N ALA A 237 -11.10 -2.07 -56.56
CA ALA A 237 -10.85 -1.52 -57.88
C ALA A 237 -10.85 0.00 -57.85
N LEU A 238 -10.14 0.57 -56.86
CA LEU A 238 -9.83 1.98 -56.82
C LEU A 238 -8.40 2.27 -56.36
N ARG A 239 -7.76 1.36 -55.63
CA ARG A 239 -6.39 1.54 -55.18
C ARG A 239 -5.37 1.04 -56.18
N ARG A 240 -5.82 0.46 -57.29
CA ARG A 240 -4.93 -0.09 -58.29
C ARG A 240 -5.14 0.49 -59.67
N ARG A 241 -6.38 0.89 -60.00
CA ARG A 241 -6.60 1.59 -61.26
C ARG A 241 -6.14 3.04 -61.19
N PHE A 242 -6.28 3.67 -60.03
CA PHE A 242 -5.87 5.05 -59.84
C PHE A 242 -4.47 5.11 -59.24
N ALA A 243 -3.95 6.32 -59.10
CA ALA A 243 -2.63 6.53 -58.51
C ALA A 243 -2.72 7.73 -57.57
N PHE A 244 -2.31 7.53 -56.33
CA PHE A 244 -2.63 8.47 -55.26
C PHE A 244 -1.51 9.47 -55.06
N ILE A 245 -1.88 10.75 -55.04
CA ILE A 245 -0.99 11.84 -54.68
C ILE A 245 -1.48 12.40 -53.35
N GLU A 246 -0.61 12.39 -52.34
CA GLU A 246 -0.97 12.99 -51.07
C GLU A 246 -0.74 14.49 -51.15
N VAL A 247 -1.82 15.26 -51.06
CA VAL A 247 -1.74 16.71 -50.98
C VAL A 247 -1.63 17.02 -49.48
N GLU A 248 -0.39 17.18 -49.02
CA GLU A 248 -0.14 17.37 -47.59
C GLU A 248 -0.51 18.79 -47.18
N PRO A 249 -0.96 18.98 -45.93
CA PRO A 249 -1.26 20.34 -45.47
C PRO A 249 0.01 21.14 -45.24
N ARG A 250 0.30 22.06 -46.15
CA ARG A 250 1.50 22.87 -46.06
C ARG A 250 1.26 24.08 -45.17
N PRO A 251 1.97 24.19 -44.04
CA PRO A 251 1.86 25.40 -43.22
C PRO A 251 2.74 26.54 -43.72
N GLU A 252 3.53 26.33 -44.77
CA GLU A 252 4.44 27.35 -45.29
C GLU A 252 3.71 28.43 -46.08
N PHE A 253 2.41 28.29 -46.30
CA PHE A 253 1.60 29.32 -46.94
C PHE A 253 1.06 30.33 -45.95
N LEU A 254 1.51 30.28 -44.69
CA LEU A 254 1.01 31.13 -43.62
C LEU A 254 2.14 31.88 -42.94
N GLU A 255 3.09 32.37 -43.72
CA GLU A 255 4.13 33.25 -43.20
C GLU A 255 3.60 34.69 -43.18
N LYS A 256 4.49 35.64 -42.89
CA LYS A 256 4.09 37.04 -43.04
C LYS A 256 4.15 37.47 -44.48
N GLU A 257 5.18 37.03 -45.22
CA GLU A 257 5.31 37.39 -46.61
C GLU A 257 4.53 36.44 -47.53
N ASN A 258 4.24 35.23 -47.07
CA ASN A 258 3.51 34.27 -47.90
C ASN A 258 2.00 34.50 -47.84
N LEU A 259 1.49 34.95 -46.69
CA LEU A 259 0.08 35.31 -46.60
C LEU A 259 -0.21 36.60 -47.36
N LYS A 260 0.78 37.48 -47.49
CA LYS A 260 0.60 38.70 -48.27
C LYS A 260 0.59 38.40 -49.77
N LYS A 261 1.46 37.49 -50.22
CA LYS A 261 1.54 37.16 -51.64
C LYS A 261 0.32 36.40 -52.12
N ILE A 262 -0.28 35.58 -51.26
CA ILE A 262 -1.47 34.82 -51.65
C ILE A 262 -2.68 35.76 -51.77
N ARG A 263 -2.84 36.66 -50.82
CA ARG A 263 -3.94 37.63 -50.85
C ARG A 263 -3.71 38.75 -51.86
N GLU A 264 -2.51 38.87 -52.44
CA GLU A 264 -2.26 39.92 -53.41
C GLU A 264 -2.81 39.57 -54.79
N LYS A 265 -3.13 38.30 -55.03
CA LYS A 265 -3.66 37.88 -56.32
C LYS A 265 -5.14 38.16 -56.47
N LYS A 266 -5.89 38.24 -55.36
CA LYS A 266 -7.33 38.41 -55.42
C LYS A 266 -7.77 39.87 -55.35
N LEU A 267 -7.03 40.71 -54.64
CA LEU A 267 -7.43 42.08 -54.36
C LEU A 267 -6.77 43.05 -55.33
N LYS A 268 -7.11 44.33 -55.19
CA LYS A 268 -6.59 45.39 -56.02
C LYS A 268 -5.39 46.04 -55.33
N THR A 269 -4.93 47.17 -55.90
CA THR A 269 -3.75 47.83 -55.35
C THR A 269 -4.08 48.60 -54.08
N GLU A 270 -5.23 49.29 -54.04
CA GLU A 270 -5.59 50.04 -52.83
C GLU A 270 -6.07 49.10 -51.73
N ASP A 271 -6.63 47.96 -52.09
CA ASP A 271 -6.96 46.95 -51.08
C ASP A 271 -5.70 46.30 -50.51
N ARG A 272 -4.60 46.31 -51.27
CA ARG A 272 -3.38 45.66 -50.82
C ARG A 272 -2.69 46.42 -49.70
N LYS A 273 -2.75 47.75 -49.72
CA LYS A 273 -2.17 48.53 -48.62
C LYS A 273 -2.99 48.37 -47.34
N ARG A 274 -4.31 48.26 -47.48
CA ARG A 274 -5.15 47.92 -46.33
C ARG A 274 -4.92 46.48 -45.88
N LEU A 275 -4.62 45.59 -46.84
CA LEU A 275 -4.26 44.22 -46.49
C LEU A 275 -2.88 44.18 -45.84
N ASN A 276 -1.97 45.06 -46.26
CA ASN A 276 -0.65 45.13 -45.64
C ASN A 276 -0.74 45.66 -44.22
N GLU A 277 -1.59 46.67 -44.00
CA GLU A 277 -1.69 47.28 -42.68
C GLU A 277 -2.41 46.37 -41.70
N LYS A 278 -3.38 45.59 -42.19
CA LYS A 278 -4.10 44.68 -41.30
C LYS A 278 -3.24 43.49 -40.90
N LEU A 279 -2.41 42.98 -41.82
CA LEU A 279 -1.51 41.89 -41.48
C LEU A 279 -0.35 42.35 -40.60
N ASN A 280 0.07 43.61 -40.75
CA ASN A 280 1.05 44.17 -39.82
C ASN A 280 0.44 44.38 -38.45
N GLU A 281 -0.86 44.68 -38.39
CA GLU A 281 -1.55 44.79 -37.12
C GLU A 281 -1.81 43.42 -36.50
N LEU A 282 -1.92 42.39 -37.34
CA LEU A 282 -2.17 41.04 -36.84
C LEU A 282 -0.95 40.46 -36.16
N PHE A 283 0.18 40.41 -36.87
CA PHE A 283 1.36 39.74 -36.33
C PHE A 283 2.07 40.54 -35.27
N SER A 284 1.78 41.85 -35.16
CA SER A 284 2.31 42.61 -34.04
C SER A 284 1.60 42.27 -32.74
N LYS A 285 0.31 41.90 -32.80
CA LYS A 285 -0.40 41.49 -31.61
C LYS A 285 0.02 40.08 -31.16
N LEU A 286 0.42 39.24 -32.12
CA LEU A 286 0.81 37.87 -31.80
C LEU A 286 2.21 37.77 -31.21
N GLY A 287 2.97 38.86 -31.18
CA GLY A 287 4.27 38.85 -30.53
C GLY A 287 5.44 39.10 -31.45
N ASN A 288 5.16 39.71 -32.61
CA ASN A 288 6.13 39.99 -33.68
C ASN A 288 6.86 38.72 -34.11
N ASP A 289 6.06 37.76 -34.59
CA ASP A 289 6.57 36.46 -35.05
C ASP A 289 6.03 36.22 -36.46
N ASN A 290 6.90 36.38 -37.45
CA ASN A 290 6.51 36.12 -38.84
C ASN A 290 6.31 34.64 -39.12
N TYR A 291 6.96 33.76 -38.35
CA TYR A 291 6.87 32.32 -38.51
C TYR A 291 5.82 31.70 -37.58
N PHE A 292 4.82 32.48 -37.16
CA PHE A 292 3.91 32.02 -36.11
C PHE A 292 2.91 31.00 -36.63
N LEU A 293 2.13 31.37 -37.66
CA LEU A 293 1.10 30.48 -38.16
C LEU A 293 1.67 29.30 -38.93
N LYS A 294 2.93 29.37 -39.35
CA LYS A 294 3.60 28.18 -39.87
C LYS A 294 3.86 27.18 -38.74
N THR A 295 4.44 27.64 -37.64
CA THR A 295 4.79 26.73 -36.55
C THR A 295 3.59 26.41 -35.66
N LEU A 296 2.46 27.09 -35.85
CA LEU A 296 1.26 26.69 -35.13
C LEU A 296 0.68 25.39 -35.69
N LEU A 297 0.52 25.31 -37.02
CA LEU A 297 0.03 24.08 -37.62
C LEU A 297 1.07 22.97 -37.59
N GLU A 298 2.35 23.31 -37.63
CA GLU A 298 3.39 22.28 -37.54
C GLU A 298 3.43 21.67 -36.14
N LYS A 299 3.29 22.50 -35.10
CA LYS A 299 3.23 21.94 -33.76
C LYS A 299 1.88 21.29 -33.44
N ILE A 300 0.88 21.49 -34.30
CA ILE A 300 -0.37 20.75 -34.16
C ILE A 300 -0.33 19.45 -34.96
N ASN A 301 0.14 19.52 -36.22
CA ASN A 301 0.04 18.36 -37.10
C ASN A 301 1.01 17.25 -36.71
N VAL A 302 2.21 17.61 -36.24
CA VAL A 302 3.16 16.60 -35.78
C VAL A 302 2.74 16.02 -34.43
N ARG A 303 1.85 16.69 -33.71
CA ARG A 303 1.18 16.06 -32.58
C ARG A 303 -0.13 15.39 -32.97
N ILE A 304 -0.66 15.68 -34.15
CA ILE A 304 -1.84 14.98 -34.64
C ILE A 304 -1.44 13.64 -35.25
N THR A 305 -0.39 13.63 -36.08
CA THR A 305 -0.01 12.43 -36.82
C THR A 305 0.61 11.34 -35.96
N VAL A 306 0.94 11.63 -34.70
CA VAL A 306 1.51 10.61 -33.83
C VAL A 306 0.51 10.03 -32.84
N VAL A 307 -0.64 10.67 -32.67
CA VAL A 307 -1.71 10.11 -31.85
C VAL A 307 -2.86 9.60 -32.73
N LYS A 308 -2.95 10.06 -33.98
CA LYS A 308 -3.93 9.56 -34.94
C LYS A 308 -3.23 9.26 -36.26
N ASP A 309 -3.99 9.03 -37.31
CA ASP A 309 -3.38 8.76 -38.61
C ASP A 309 -2.83 10.05 -39.21
N ARG A 310 -2.06 9.89 -40.30
CA ARG A 310 -1.59 11.04 -41.06
C ARG A 310 -2.73 11.74 -41.80
N ASP A 311 -3.82 11.04 -42.06
CA ASP A 311 -4.93 11.53 -42.87
C ASP A 311 -5.98 12.25 -42.02
N HIS A 312 -5.66 12.58 -40.77
CA HIS A 312 -6.58 13.28 -39.87
C HIS A 312 -6.04 14.64 -39.47
N ARG A 313 -5.13 15.21 -40.25
CA ARG A 313 -4.48 16.45 -39.87
C ARG A 313 -5.38 17.65 -40.16
N ILE A 314 -4.96 18.81 -39.66
CA ILE A 314 -5.66 20.07 -39.87
C ILE A 314 -5.03 20.75 -41.08
N GLY A 315 -5.86 21.11 -42.06
CA GLY A 315 -5.38 21.72 -43.29
C GLY A 315 -5.01 23.17 -43.09
N HIS A 316 -4.73 23.84 -44.21
CA HIS A 316 -4.32 25.23 -44.19
C HIS A 316 -5.24 26.13 -45.00
N SER A 317 -6.44 25.68 -45.37
CA SER A 317 -7.39 26.60 -46.00
C SER A 317 -8.20 27.38 -44.97
N TYR A 318 -8.18 26.96 -43.71
CA TYR A 318 -8.95 27.66 -42.70
C TYR A 318 -8.26 28.95 -42.27
N PHE A 319 -6.93 28.90 -42.14
CA PHE A 319 -6.14 30.05 -41.73
C PHE A 319 -5.67 30.91 -42.89
N LEU A 320 -6.19 30.69 -44.10
CA LEU A 320 -5.79 31.50 -45.24
C LEU A 320 -6.61 32.78 -45.39
N ASN A 321 -7.55 33.04 -44.49
CA ASN A 321 -8.39 34.22 -44.56
C ASN A 321 -8.36 35.03 -43.27
N VAL A 322 -7.34 34.85 -42.44
CA VAL A 322 -7.23 35.62 -41.20
C VAL A 322 -6.76 37.03 -41.53
N GLU A 323 -7.40 38.02 -40.94
CA GLU A 323 -7.04 39.40 -41.20
C GLU A 323 -6.79 40.13 -39.88
N THR A 324 -7.56 39.77 -38.86
CA THR A 324 -7.37 40.27 -37.51
C THR A 324 -7.39 39.10 -36.55
N VAL A 325 -7.16 39.41 -35.27
CA VAL A 325 -7.17 38.37 -34.24
C VAL A 325 -8.57 37.85 -34.01
N GLU A 326 -9.59 38.72 -34.17
CA GLU A 326 -10.98 38.30 -34.03
C GLU A 326 -11.37 37.33 -35.15
N ASP A 327 -10.78 37.47 -36.34
CA ASP A 327 -11.03 36.49 -37.40
C ASP A 327 -10.32 35.18 -37.07
N LEU A 328 -9.12 35.25 -36.49
CA LEU A 328 -8.43 34.04 -36.05
C LEU A 328 -9.11 33.45 -34.83
N HIS A 329 -9.79 34.27 -34.04
CA HIS A 329 -10.60 33.77 -32.93
C HIS A 329 -11.80 32.98 -33.45
N HIS A 330 -12.35 33.38 -34.59
CA HIS A 330 -13.47 32.67 -35.16
C HIS A 330 -13.02 31.40 -35.89
N VAL A 331 -11.85 31.45 -36.52
CA VAL A 331 -11.34 30.29 -37.25
C VAL A 331 -10.92 29.19 -36.27
N TRP A 332 -10.25 29.57 -35.18
CA TRP A 332 -9.80 28.58 -34.21
C TRP A 332 -10.94 28.01 -33.37
N TYR A 333 -12.09 28.68 -33.28
CA TYR A 333 -13.18 28.20 -32.44
C TYR A 333 -14.37 27.64 -33.20
N TYR A 334 -14.53 27.95 -34.48
CA TYR A 334 -15.68 27.46 -35.22
C TYR A 334 -15.30 26.65 -36.45
N GLU A 335 -14.01 26.49 -36.72
CA GLU A 335 -13.59 25.80 -37.94
C GLU A 335 -12.46 24.81 -37.73
N VAL A 336 -11.66 24.93 -36.67
CA VAL A 336 -10.54 24.04 -36.40
C VAL A 336 -10.78 23.19 -35.16
N LEU A 337 -11.14 23.82 -34.05
CA LEU A 337 -11.44 23.10 -32.82
C LEU A 337 -12.72 22.25 -32.90
N PRO A 338 -13.76 22.61 -33.69
CA PRO A 338 -14.77 21.60 -34.02
C PRO A 338 -14.24 20.38 -34.75
N LEU A 339 -13.17 20.51 -35.55
CA LEU A 339 -12.60 19.33 -36.18
C LEU A 339 -11.86 18.47 -35.16
N LEU A 340 -11.19 19.09 -34.19
CA LEU A 340 -10.47 18.32 -33.18
C LEU A 340 -11.42 17.65 -32.19
N MET A 341 -12.59 18.26 -31.93
CA MET A 341 -13.59 17.58 -31.11
C MET A 341 -14.29 16.48 -31.90
N GLU A 342 -14.31 16.60 -33.23
CA GLU A 342 -14.92 15.57 -34.06
C GLU A 342 -14.00 14.36 -34.22
N TYR A 343 -12.69 14.60 -34.41
CA TYR A 343 -11.75 13.50 -34.58
C TYR A 343 -11.48 12.79 -33.26
N PHE A 344 -11.64 13.47 -32.13
CA PHE A 344 -11.37 12.90 -30.81
C PHE A 344 -12.66 12.94 -30.00
N TYR A 345 -13.49 11.91 -30.20
CA TYR A 345 -14.75 11.77 -29.49
C TYR A 345 -14.57 10.83 -28.30
N ASN A 346 -15.17 11.22 -27.17
CA ASN A 346 -15.07 10.51 -25.87
C ASN A 346 -13.61 10.34 -25.44
N ASP A 347 -12.78 11.33 -25.74
CA ASP A 347 -11.34 11.25 -25.50
C ASP A 347 -10.86 12.68 -25.32
N TRP A 348 -10.71 13.10 -24.06
CA TRP A 348 -10.31 14.47 -23.77
C TRP A 348 -8.84 14.61 -23.41
N GLU A 349 -8.13 13.50 -23.19
CA GLU A 349 -6.73 13.58 -22.83
C GLU A 349 -5.85 13.77 -24.05
N THR A 350 -6.14 13.05 -25.15
CA THR A 350 -5.29 13.11 -26.33
C THR A 350 -5.44 14.43 -27.06
N ILE A 351 -6.64 15.03 -27.02
CA ILE A 351 -6.82 16.37 -27.59
C ILE A 351 -6.16 17.40 -26.67
N LYS A 352 -6.01 17.08 -25.38
CA LYS A 352 -5.30 17.98 -24.48
C LYS A 352 -3.79 17.88 -24.67
N TRP A 353 -3.32 16.79 -25.27
CA TRP A 353 -1.91 16.66 -25.62
C TRP A 353 -1.61 17.17 -27.02
N VAL A 354 -2.59 17.18 -27.92
CA VAL A 354 -2.43 17.78 -29.24
C VAL A 354 -2.18 19.28 -29.11
N LEU A 355 -2.91 19.93 -28.22
CA LEU A 355 -2.70 21.33 -27.87
C LEU A 355 -1.54 21.51 -26.89
N ASN A 356 -0.87 20.42 -26.50
CA ASN A 356 0.14 20.29 -25.44
C ASN A 356 -0.19 21.08 -24.17
N GLU A 357 -1.46 21.06 -23.78
CA GLU A 357 -1.92 21.69 -22.55
C GLU A 357 -2.32 20.66 -21.50
N LYS A 358 -1.65 19.51 -21.50
CA LYS A 358 -2.01 18.44 -20.57
C LYS A 358 -1.64 18.81 -19.13
N GLY A 359 -2.51 18.41 -18.21
CA GLY A 359 -2.34 18.72 -16.80
C GLY A 359 -2.76 20.13 -16.39
N LYS A 360 -3.02 21.02 -17.33
CA LYS A 360 -3.40 22.40 -17.04
C LYS A 360 -4.90 22.53 -17.29
N GLU A 361 -5.65 22.80 -16.23
CA GLU A 361 -7.09 22.96 -16.31
C GLU A 361 -7.51 24.18 -15.51
N HIS A 362 -8.75 24.62 -15.75
CA HIS A 362 -9.41 25.72 -15.03
C HIS A 362 -8.62 27.04 -15.13
N GLY A 363 -8.25 27.40 -16.36
CA GLY A 363 -7.52 28.63 -16.59
C GLY A 363 -7.72 29.15 -17.99
N ASN A 364 -6.63 29.58 -18.63
CA ASN A 364 -6.67 29.90 -20.06
C ASN A 364 -6.43 28.63 -20.89
N VAL A 365 -7.38 27.71 -20.77
CA VAL A 365 -7.32 26.40 -21.38
C VAL A 365 -8.50 26.26 -22.33
N PHE A 366 -8.27 25.68 -23.50
CA PHE A 366 -9.34 25.56 -24.49
C PHE A 366 -10.36 24.49 -24.13
N PHE A 367 -10.06 23.63 -23.17
CA PHE A 367 -11.04 22.68 -22.61
C PHE A 367 -10.85 22.69 -21.10
N GLU A 368 -11.68 23.45 -20.40
CA GLU A 368 -11.61 23.45 -18.94
C GLU A 368 -12.21 22.17 -18.39
N LYS A 369 -11.76 21.80 -17.21
CA LYS A 369 -12.25 20.60 -16.53
C LYS A 369 -13.53 20.92 -15.78
N LEU A 370 -14.58 20.16 -16.06
CA LEU A 370 -15.79 20.26 -15.27
C LEU A 370 -15.56 19.68 -13.88
N ARG A 371 -16.14 20.34 -12.88
CA ARG A 371 -15.88 19.98 -11.49
C ARG A 371 -16.51 18.65 -11.12
N LEU A 372 -17.54 18.22 -11.83
CA LEU A 372 -18.29 17.04 -11.48
C LEU A 372 -17.60 15.79 -12.01
N THR A 373 -17.87 14.65 -11.37
CA THR A 373 -17.16 13.41 -11.64
C THR A 373 -17.99 12.35 -12.33
N GLY A 374 -19.27 12.20 -12.00
CA GLY A 374 -20.11 11.20 -12.60
C GLY A 374 -20.47 10.07 -11.65
N PRO A 375 -21.24 9.10 -12.15
CA PRO A 375 -21.64 7.97 -11.30
C PRO A 375 -20.49 7.04 -10.96
N ASN A 376 -19.65 6.72 -11.95
CA ASN A 376 -18.47 5.90 -11.74
C ASN A 376 -17.18 6.69 -11.81
N GLY A 377 -17.20 7.89 -12.39
CA GLY A 377 -16.03 8.73 -12.50
C GLY A 377 -15.54 8.90 -13.92
N GLU A 378 -15.89 10.02 -14.53
CA GLU A 378 -15.40 10.39 -15.86
C GLU A 378 -14.84 11.80 -15.79
N GLU A 379 -13.95 12.12 -16.73
CA GLU A 379 -13.41 13.46 -16.81
C GLU A 379 -14.43 14.43 -17.40
N ALA A 380 -14.79 14.21 -18.68
CA ALA A 380 -15.90 14.85 -19.37
C ALA A 380 -15.77 16.38 -19.39
N TYR A 381 -14.76 16.82 -20.14
CA TYR A 381 -14.38 18.23 -20.21
C TYR A 381 -15.44 19.04 -20.97
N GLN A 382 -15.20 20.36 -21.02
CA GLN A 382 -16.07 21.30 -21.72
C GLN A 382 -15.20 22.41 -22.28
N LEU A 383 -15.43 22.76 -23.54
CA LEU A 383 -14.62 23.78 -24.19
C LEU A 383 -14.95 25.17 -23.65
N LYS A 384 -13.95 26.04 -23.69
CA LYS A 384 -14.03 27.37 -23.09
C LYS A 384 -13.74 28.42 -24.16
N VAL A 385 -14.68 29.32 -24.38
CA VAL A 385 -14.52 30.39 -25.36
C VAL A 385 -13.71 31.51 -24.71
N LEU A 386 -12.46 31.66 -25.11
CA LEU A 386 -11.63 32.75 -24.65
C LEU A 386 -11.78 33.95 -25.60
N GLU A 387 -11.23 35.09 -25.20
CA GLU A 387 -11.34 36.31 -26.00
C GLU A 387 -10.22 37.26 -25.64
N GLY A 388 -9.78 38.05 -26.62
CA GLY A 388 -8.81 39.09 -26.37
C GLY A 388 -7.38 38.57 -26.26
N ASP A 389 -6.60 39.23 -25.42
CA ASP A 389 -5.20 38.86 -25.24
C ASP A 389 -5.05 37.56 -24.46
N ALA A 390 -6.08 37.19 -23.70
CA ALA A 390 -6.06 35.91 -22.99
C ALA A 390 -6.11 34.73 -23.95
N PHE A 391 -6.76 34.90 -25.10
CA PHE A 391 -6.79 33.86 -26.12
C PHE A 391 -5.41 33.69 -26.76
N ILE A 392 -4.70 34.80 -26.98
CA ILE A 392 -3.35 34.73 -27.53
C ILE A 392 -2.39 34.15 -26.49
N GLY A 393 -2.64 34.44 -25.22
CA GLY A 393 -1.88 33.82 -24.13
C GLY A 393 -2.13 32.33 -23.98
N ALA A 394 -3.23 31.83 -24.54
CA ALA A 394 -3.47 30.39 -24.62
C ALA A 394 -3.01 29.80 -25.93
N LEU A 395 -2.83 30.63 -26.96
CA LEU A 395 -2.33 30.17 -28.26
C LEU A 395 -0.81 30.23 -28.35
N LYS A 396 -0.19 31.10 -27.54
CA LYS A 396 1.27 31.21 -27.55
C LYS A 396 1.94 29.95 -27.00
N ARG A 397 1.30 29.30 -26.03
CA ARG A 397 1.88 28.11 -25.41
C ARG A 397 1.52 26.82 -26.16
N ILE A 398 0.86 26.93 -27.31
CA ILE A 398 0.75 25.78 -28.21
C ILE A 398 2.03 25.64 -29.04
N ILE A 399 2.76 26.73 -29.22
CA ILE A 399 4.02 26.74 -29.97
C ILE A 399 5.10 25.95 -29.25
N ASN B 8 -30.74 39.17 -25.46
CA ASN B 8 -29.80 38.10 -25.80
C ASN B 8 -30.12 37.50 -27.16
N ILE B 9 -31.14 38.05 -27.82
CA ILE B 9 -31.51 37.58 -29.15
C ILE B 9 -30.74 38.31 -30.24
N LYS B 10 -30.33 39.56 -29.99
CA LYS B 10 -29.57 40.29 -31.00
C LYS B 10 -28.14 39.78 -31.09
N GLU B 11 -27.64 39.12 -30.05
CA GLU B 11 -26.30 38.53 -30.11
C GLU B 11 -26.27 37.31 -31.01
N ASP B 12 -27.41 36.63 -31.18
CA ASP B 12 -27.48 35.50 -32.10
C ASP B 12 -27.89 35.93 -33.49
N TYR B 13 -28.51 37.10 -33.63
CA TYR B 13 -28.76 37.66 -34.96
C TYR B 13 -27.46 38.14 -35.60
N PHE B 14 -26.55 38.68 -34.80
CA PHE B 14 -25.27 39.13 -35.32
C PHE B 14 -24.38 37.94 -35.67
N ARG B 15 -24.58 36.81 -34.99
CA ARG B 15 -23.81 35.61 -35.30
C ARG B 15 -24.34 34.92 -36.56
N VAL B 16 -25.66 34.95 -36.76
CA VAL B 16 -26.23 34.37 -37.97
C VAL B 16 -25.90 35.23 -39.18
N ASP B 17 -26.00 36.56 -39.04
CA ASP B 17 -25.74 37.46 -40.16
C ASP B 17 -24.26 37.50 -40.54
N MET B 18 -23.37 37.22 -39.59
CA MET B 18 -21.95 37.12 -39.90
C MET B 18 -21.67 35.87 -40.72
N LEU B 19 -22.21 34.73 -40.30
CA LEU B 19 -22.00 33.47 -41.00
C LEU B 19 -22.95 33.27 -42.18
N LEU B 20 -23.78 34.26 -42.51
CA LEU B 20 -24.57 34.18 -43.73
C LEU B 20 -23.84 34.82 -44.91
N ASN B 21 -23.40 36.06 -44.75
CA ASN B 21 -22.70 36.74 -45.83
C ASN B 21 -21.29 36.18 -46.08
N LYS B 22 -20.73 35.43 -45.14
CA LYS B 22 -19.41 34.82 -45.32
C LYS B 22 -19.52 33.48 -46.04
N LYS B 23 -20.37 32.58 -45.54
CA LYS B 23 -20.51 31.24 -46.10
C LYS B 23 -21.56 31.20 -47.20
N GLY B 24 -22.79 31.61 -46.88
CA GLY B 24 -23.88 31.61 -47.84
C GLY B 24 -25.14 31.02 -47.26
N GLN B 25 -24.98 30.06 -46.37
CA GLN B 25 -26.09 29.32 -45.79
C GLN B 25 -25.67 28.77 -44.44
N VAL B 26 -26.65 28.51 -43.58
CA VAL B 26 -26.38 28.25 -42.16
C VAL B 26 -27.23 27.08 -41.66
N ILE B 27 -26.64 26.27 -40.79
CA ILE B 27 -27.33 25.22 -40.05
C ILE B 27 -27.36 25.64 -38.59
N LEU B 28 -28.56 25.85 -38.06
CA LEU B 28 -28.73 26.11 -36.62
C LEU B 28 -28.93 24.77 -35.92
N TYR B 29 -27.82 24.10 -35.67
CA TYR B 29 -27.85 22.79 -35.02
C TYR B 29 -27.76 22.95 -33.51
N GLY B 30 -28.54 22.15 -32.79
CA GLY B 30 -28.62 22.23 -31.36
C GLY B 30 -29.48 21.15 -30.77
N PRO B 31 -29.37 20.92 -29.46
CA PRO B 31 -30.29 20.00 -28.80
C PRO B 31 -31.69 20.56 -28.80
N PRO B 32 -32.70 19.68 -28.77
CA PRO B 32 -34.08 20.16 -28.87
C PRO B 32 -34.54 20.83 -27.59
N GLY B 33 -35.57 21.66 -27.72
CA GLY B 33 -35.94 22.58 -26.68
C GLY B 33 -35.24 23.92 -26.79
N THR B 34 -34.48 24.12 -27.85
CA THR B 34 -33.88 25.41 -28.17
C THR B 34 -34.72 26.07 -29.23
N GLY B 35 -34.63 27.40 -29.30
CA GLY B 35 -35.44 28.10 -30.28
C GLY B 35 -34.85 28.20 -31.67
N LYS B 36 -34.17 27.16 -32.15
CA LYS B 36 -33.41 27.28 -33.39
C LYS B 36 -34.31 27.26 -34.63
N THR B 37 -35.56 26.82 -34.51
CA THR B 37 -36.54 27.12 -35.53
C THR B 37 -37.11 28.51 -35.35
N TRP B 38 -37.37 28.92 -34.10
CA TRP B 38 -37.88 30.25 -33.82
C TRP B 38 -36.84 31.33 -34.09
N ILE B 39 -35.56 31.03 -33.84
CA ILE B 39 -34.50 31.97 -34.23
C ILE B 39 -34.43 32.08 -35.75
N ALA B 40 -34.57 30.95 -36.44
CA ALA B 40 -34.61 30.96 -37.90
C ALA B 40 -35.86 31.66 -38.42
N ARG B 41 -36.98 31.51 -37.72
CA ARG B 41 -38.22 32.10 -38.20
C ARG B 41 -38.29 33.59 -37.89
N LYS B 42 -37.79 34.00 -36.73
CA LYS B 42 -37.90 35.42 -36.36
C LYS B 42 -36.83 36.27 -37.03
N TYR B 43 -35.66 35.70 -37.34
CA TYR B 43 -34.63 36.47 -38.02
C TYR B 43 -35.01 36.73 -39.47
N VAL B 44 -35.66 35.77 -40.11
CA VAL B 44 -36.14 35.97 -41.48
C VAL B 44 -37.26 36.99 -41.51
N VAL B 45 -38.16 36.94 -40.52
CA VAL B 45 -39.27 37.89 -40.45
C VAL B 45 -38.76 39.30 -40.14
N GLU B 46 -37.74 39.41 -39.28
CA GLU B 46 -37.20 40.72 -38.93
C GLU B 46 -36.41 41.32 -40.07
N GLU B 47 -35.66 40.50 -40.82
CA GLU B 47 -34.78 41.05 -41.86
C GLU B 47 -35.52 41.29 -43.16
N THR B 48 -36.37 40.35 -43.58
CA THR B 48 -37.04 40.45 -44.87
C THR B 48 -38.32 41.27 -44.80
N ASN B 49 -38.83 41.53 -43.59
CA ASN B 49 -40.07 42.27 -43.32
C ASN B 49 -41.26 41.60 -44.03
N GLU B 50 -41.43 40.31 -43.75
CA GLU B 50 -42.54 39.54 -44.32
C GLU B 50 -43.00 38.54 -43.26
N LYS B 51 -44.12 38.83 -42.62
CA LYS B 51 -44.60 37.99 -41.53
C LYS B 51 -45.18 36.68 -42.04
N THR B 52 -45.68 36.65 -43.27
CA THR B 52 -46.28 35.44 -43.81
C THR B 52 -45.29 34.68 -44.68
N PRO B 53 -45.27 33.35 -44.61
CA PRO B 53 -44.35 32.59 -45.48
C PRO B 53 -44.80 32.57 -46.93
N GLY B 54 -44.52 33.66 -47.65
CA GLY B 54 -44.88 33.76 -49.04
C GLY B 54 -44.23 34.95 -49.72
N ASN B 55 -43.72 34.72 -50.95
CA ASN B 55 -43.21 35.71 -51.90
C ASN B 55 -41.96 36.46 -51.45
N LYS B 56 -41.46 36.20 -50.24
CA LYS B 56 -40.19 36.74 -49.82
C LYS B 56 -39.36 35.63 -49.16
N TRP B 57 -40.04 34.62 -48.64
CA TRP B 57 -39.40 33.45 -48.05
C TRP B 57 -40.37 32.29 -48.09
N GLU B 58 -39.87 31.11 -47.73
CA GLU B 58 -40.68 29.90 -47.77
C GLU B 58 -40.20 28.92 -46.70
N PHE B 59 -41.14 28.19 -46.10
CA PHE B 59 -40.85 27.20 -45.08
C PHE B 59 -40.98 25.81 -45.68
N ILE B 60 -39.95 24.98 -45.49
CA ILE B 60 -39.88 23.64 -46.06
C ILE B 60 -39.38 22.68 -44.99
N THR B 61 -40.10 21.58 -44.77
CA THR B 61 -39.71 20.56 -43.82
C THR B 61 -39.27 19.32 -44.57
N PHE B 62 -38.10 18.78 -44.21
CA PHE B 62 -37.56 17.60 -44.87
C PHE B 62 -38.02 16.32 -44.17
N HIS B 63 -38.06 15.24 -44.94
CA HIS B 63 -38.35 13.90 -44.41
C HIS B 63 -37.83 12.88 -45.42
N GLN B 64 -37.92 11.60 -45.05
CA GLN B 64 -37.40 10.54 -45.90
C GLN B 64 -38.27 10.32 -47.13
N SER B 65 -39.54 10.73 -47.08
CA SER B 65 -40.43 10.62 -48.23
C SER B 65 -40.34 11.81 -49.16
N TYR B 66 -39.48 12.78 -48.86
CA TYR B 66 -39.34 13.98 -49.67
C TYR B 66 -38.35 13.70 -50.80
N SER B 67 -38.73 14.02 -52.04
CA SER B 67 -37.98 13.58 -53.21
C SER B 67 -37.60 14.77 -54.09
N TYR B 68 -36.82 14.47 -55.14
CA TYR B 68 -36.32 15.48 -56.07
C TYR B 68 -37.44 16.09 -56.92
N GLU B 69 -38.50 15.31 -57.18
CA GLU B 69 -39.53 15.77 -58.11
C GLU B 69 -40.41 16.88 -57.53
N GLU B 70 -40.52 16.98 -56.21
CA GLU B 70 -41.31 18.02 -55.58
C GLU B 70 -40.48 19.13 -54.96
N PHE B 71 -39.16 18.98 -54.91
CA PHE B 71 -38.28 19.99 -54.33
C PHE B 71 -37.76 20.98 -55.36
N ILE B 72 -37.29 20.50 -56.52
CA ILE B 72 -36.87 21.40 -57.57
C ILE B 72 -37.87 21.38 -58.72
N GLU B 73 -38.00 20.24 -59.39
CA GLU B 73 -39.03 20.06 -60.42
C GLU B 73 -39.22 18.57 -60.70
N GLY B 74 -40.44 18.24 -61.13
CA GLY B 74 -40.82 16.90 -61.52
C GLY B 74 -41.97 17.01 -62.50
N PHE B 75 -42.59 15.87 -62.79
CA PHE B 75 -43.70 15.82 -63.73
C PHE B 75 -45.02 15.64 -62.97
N ARG B 76 -46.02 16.43 -63.34
CA ARG B 76 -47.36 16.36 -62.78
C ARG B 76 -48.39 16.40 -63.89
N PRO B 77 -49.50 15.70 -63.74
CA PRO B 77 -50.64 15.89 -64.66
C PRO B 77 -51.42 17.15 -64.32
N ARG B 78 -52.10 17.68 -65.33
CA ARG B 78 -52.83 18.93 -65.19
C ARG B 78 -54.29 18.79 -65.59
N THR B 79 -55.01 19.89 -65.43
CA THR B 79 -56.42 20.00 -65.83
C THR B 79 -56.53 20.64 -67.22
N ASP B 80 -55.99 19.91 -68.20
CA ASP B 80 -56.10 20.27 -69.61
C ASP B 80 -57.43 19.79 -70.18
N ASN B 81 -57.51 19.69 -71.51
CA ASN B 81 -58.67 19.12 -72.17
C ASN B 81 -58.92 17.66 -71.73
N GLU B 82 -60.15 17.20 -71.95
CA GLU B 82 -60.66 16.00 -71.31
C GLU B 82 -59.92 14.74 -71.76
N GLU B 83 -59.78 14.55 -73.07
CA GLU B 83 -59.02 13.44 -73.62
C GLU B 83 -57.56 13.81 -73.89
N LYS B 84 -57.07 14.90 -73.31
CA LYS B 84 -55.75 15.44 -73.59
C LYS B 84 -55.02 15.76 -72.29
N ILE B 85 -54.99 14.81 -71.36
CA ILE B 85 -54.24 14.98 -70.11
C ILE B 85 -52.74 15.05 -70.43
N ARG B 86 -52.10 16.11 -69.96
CA ARG B 86 -50.71 16.39 -70.30
C ARG B 86 -49.83 16.33 -69.05
N TYR B 87 -48.58 15.94 -69.25
CA TYR B 87 -47.58 15.89 -68.18
C TYR B 87 -46.63 17.06 -68.36
N VAL B 88 -46.81 18.09 -67.53
CA VAL B 88 -45.96 19.26 -67.59
C VAL B 88 -44.89 19.13 -66.51
N VAL B 89 -43.91 20.03 -66.54
CA VAL B 89 -42.86 20.05 -65.54
C VAL B 89 -43.22 21.14 -64.54
N GLU B 90 -43.94 20.75 -63.50
CA GLU B 90 -44.31 21.67 -62.43
C GLU B 90 -43.14 21.84 -61.48
N ASP B 91 -42.71 23.08 -61.29
CA ASP B 91 -41.54 23.37 -60.47
C ASP B 91 -41.87 23.17 -58.99
N GLY B 92 -40.84 22.80 -58.22
CA GLY B 92 -41.01 22.60 -56.80
C GLY B 92 -40.97 23.88 -56.01
N ILE B 93 -40.31 23.86 -54.85
CA ILE B 93 -40.21 25.02 -53.99
C ILE B 93 -38.84 25.68 -54.10
N PHE B 94 -37.78 24.88 -54.22
CA PHE B 94 -36.43 25.45 -54.28
C PHE B 94 -36.16 26.11 -55.63
N LYS B 95 -36.69 25.53 -56.71
CA LYS B 95 -36.58 26.20 -58.00
C LYS B 95 -37.45 27.44 -58.06
N LYS B 96 -38.61 27.40 -57.40
CA LYS B 96 -39.49 28.56 -57.41
C LYS B 96 -38.94 29.69 -56.55
N ILE B 97 -38.25 29.36 -55.46
CA ILE B 97 -37.71 30.42 -54.61
C ILE B 97 -36.40 30.98 -55.18
N ALA B 98 -35.65 30.18 -55.94
CA ALA B 98 -34.41 30.70 -56.52
C ALA B 98 -34.70 31.50 -57.77
N LEU B 99 -35.74 31.13 -58.53
CA LEU B 99 -36.19 31.98 -59.63
C LEU B 99 -36.78 33.28 -59.12
N ARG B 100 -37.56 33.22 -58.03
CA ARG B 100 -38.18 34.42 -57.47
C ARG B 100 -37.13 35.37 -56.90
N ALA B 101 -36.04 34.82 -56.36
CA ALA B 101 -34.94 35.67 -55.91
C ALA B 101 -34.16 36.24 -57.09
N LEU B 102 -34.11 35.51 -58.20
CA LEU B 102 -33.42 36.02 -59.38
C LEU B 102 -34.28 37.04 -60.12
N VAL B 103 -35.60 36.81 -60.19
CA VAL B 103 -36.49 37.76 -60.85
C VAL B 103 -36.58 39.07 -60.08
N LYS B 104 -36.67 38.99 -58.74
CA LYS B 104 -36.69 40.20 -57.94
C LYS B 104 -35.33 40.89 -57.93
N GLY B 105 -34.25 40.14 -58.13
CA GLY B 105 -32.93 40.76 -58.20
C GLY B 105 -32.71 41.52 -59.48
N LEU B 106 -33.20 40.99 -60.61
CA LEU B 106 -33.07 41.67 -61.89
C LEU B 106 -34.13 42.73 -62.11
N PHE B 107 -35.18 42.77 -61.28
CA PHE B 107 -36.21 43.78 -61.41
C PHE B 107 -35.70 45.17 -61.02
N GLU B 108 -34.74 45.23 -60.09
CA GLU B 108 -34.17 46.48 -59.63
C GLU B 108 -32.73 46.67 -60.13
N LEU B 109 -32.38 46.01 -61.23
CA LEU B 109 -31.06 46.15 -61.83
C LEU B 109 -31.13 47.14 -62.98
N GLU B 110 -30.02 47.85 -63.19
CA GLU B 110 -29.98 48.93 -64.17
C GLU B 110 -29.56 48.47 -65.56
N ASP B 111 -28.63 47.51 -65.64
CA ASP B 111 -28.15 47.05 -66.93
C ASP B 111 -29.04 46.00 -67.58
N ALA B 112 -29.99 45.43 -66.84
CA ALA B 112 -30.93 44.45 -67.36
C ALA B 112 -32.22 45.08 -67.87
N THR B 113 -32.15 46.33 -68.35
CA THR B 113 -33.33 47.10 -68.75
C THR B 113 -33.81 46.79 -70.17
N ILE B 114 -33.36 45.67 -70.76
CA ILE B 114 -33.82 45.29 -72.09
C ILE B 114 -35.26 44.82 -72.04
N GLY B 115 -35.62 44.05 -71.02
CA GLY B 115 -36.95 43.48 -70.92
C GLY B 115 -37.57 43.59 -69.54
N LYS B 116 -37.30 44.69 -68.83
CA LYS B 116 -37.74 44.85 -67.44
C LYS B 116 -39.26 44.90 -67.31
N ASP B 117 -39.99 45.26 -68.37
CA ASP B 117 -41.43 45.16 -68.35
C ASP B 117 -41.93 43.71 -68.38
N LYS B 118 -41.08 42.78 -68.79
CA LYS B 118 -41.44 41.36 -68.79
C LYS B 118 -40.93 40.63 -67.56
N ILE B 119 -39.91 41.15 -66.88
CA ILE B 119 -39.43 40.52 -65.66
C ILE B 119 -40.45 40.72 -64.53
N HIS B 120 -41.14 41.86 -64.52
CA HIS B 120 -42.22 42.05 -63.55
C HIS B 120 -43.41 41.16 -63.84
N ARG B 121 -43.63 40.81 -65.12
CA ARG B 121 -44.64 39.83 -65.47
C ARG B 121 -44.24 38.43 -64.97
N LEU B 122 -42.95 38.12 -64.99
CA LEU B 122 -42.49 36.85 -64.46
C LEU B 122 -42.56 36.82 -62.94
N TYR B 123 -42.50 37.99 -62.29
CA TYR B 123 -42.58 38.02 -60.84
C TYR B 123 -44.00 37.73 -60.35
N ILE B 124 -45.01 38.18 -61.10
CA ILE B 124 -46.40 37.92 -60.72
C ILE B 124 -46.72 36.44 -60.86
N LEU B 125 -46.12 35.79 -61.87
CA LEU B 125 -46.31 34.35 -62.05
C LEU B 125 -45.64 33.52 -60.96
N LEU B 126 -44.59 34.04 -60.34
CA LEU B 126 -43.90 33.27 -59.31
C LEU B 126 -44.47 33.49 -57.92
N THR B 127 -45.07 34.64 -57.65
CA THR B 127 -45.82 34.85 -56.41
C THR B 127 -47.29 34.46 -56.53
N LYS B 128 -47.67 33.82 -57.63
CA LYS B 128 -49.04 33.33 -57.81
C LYS B 128 -49.28 32.16 -56.87
N LYS B 129 -50.18 32.36 -55.89
CA LYS B 129 -50.40 31.38 -54.83
C LYS B 129 -51.46 30.35 -55.21
N GLU B 130 -51.31 29.72 -56.37
CA GLU B 130 -52.25 28.72 -56.86
C GLU B 130 -51.57 27.94 -57.97
N PRO B 131 -52.06 26.75 -58.32
CA PRO B 131 -51.58 26.06 -59.52
C PRO B 131 -51.87 26.87 -60.79
N LEU B 132 -50.91 26.85 -61.70
CA LEU B 132 -50.95 27.74 -62.85
C LEU B 132 -51.92 27.23 -63.91
N SER B 133 -52.59 28.17 -64.56
CA SER B 133 -53.62 27.83 -65.53
C SER B 133 -52.97 27.33 -66.82
N PRO B 134 -53.56 26.32 -67.48
CA PRO B 134 -52.92 25.76 -68.68
C PRO B 134 -52.97 26.65 -69.91
N THR B 135 -53.87 27.64 -69.96
CA THR B 135 -53.89 28.56 -71.09
C THR B 135 -52.77 29.60 -71.01
N GLU B 136 -52.16 29.75 -69.83
CA GLU B 136 -51.07 30.71 -69.64
C GLU B 136 -49.84 30.06 -69.02
N TYR B 137 -49.77 28.73 -68.98
CA TYR B 137 -48.55 28.06 -68.52
C TYR B 137 -47.43 28.22 -69.53
N GLU B 138 -47.76 28.30 -70.82
CA GLU B 138 -46.73 28.55 -71.84
C GLU B 138 -46.22 29.98 -71.76
N GLU B 139 -47.01 30.90 -71.22
CA GLU B 139 -46.52 32.23 -70.92
C GLU B 139 -45.52 32.20 -69.76
N TYR B 140 -45.74 31.27 -68.83
CA TYR B 140 -44.75 31.06 -67.76
C TYR B 140 -43.51 30.36 -68.30
N LEU B 141 -43.70 29.48 -69.29
CA LEU B 141 -42.56 28.76 -69.86
C LEU B 141 -41.71 29.66 -70.73
N ARG B 142 -42.35 30.55 -71.51
CA ARG B 142 -41.61 31.41 -72.41
C ARG B 142 -40.89 32.54 -71.67
N LEU B 143 -41.48 33.01 -70.56
CA LEU B 143 -40.83 34.04 -69.78
C LEU B 143 -39.63 33.51 -69.02
N LYS B 144 -39.67 32.22 -68.64
CA LYS B 144 -38.51 31.62 -68.00
C LYS B 144 -37.40 31.37 -69.01
N ARG B 145 -37.76 30.98 -70.23
CA ARG B 145 -36.77 30.80 -71.29
C ARG B 145 -36.19 32.12 -71.74
N TYR B 146 -36.97 33.20 -71.63
CA TYR B 146 -36.42 34.53 -71.91
C TYR B 146 -35.47 34.97 -70.80
N LEU B 147 -35.72 34.53 -69.57
CA LEU B 147 -34.94 35.00 -68.43
C LEU B 147 -33.52 34.43 -68.45
N TRP B 148 -33.41 33.10 -68.55
CA TRP B 148 -32.09 32.47 -68.46
C TRP B 148 -31.23 32.75 -69.69
N GLU B 149 -31.87 33.09 -70.82
CA GLU B 149 -31.12 33.62 -71.95
C GLU B 149 -30.52 34.98 -71.61
N LEU B 150 -31.22 35.78 -70.81
CA LEU B 150 -30.72 37.11 -70.47
C LEU B 150 -29.63 37.04 -69.40
N VAL B 151 -29.76 36.13 -68.44
CA VAL B 151 -28.73 36.02 -67.39
C VAL B 151 -27.47 35.35 -67.93
N GLY B 152 -27.60 34.47 -68.93
CA GLY B 152 -26.43 33.92 -69.58
C GLY B 152 -25.69 34.90 -70.47
N GLY B 153 -26.30 36.04 -70.79
CA GLY B 153 -25.65 37.07 -71.56
C GLY B 153 -25.38 38.32 -70.74
N LEU B 154 -25.20 38.15 -69.43
CA LEU B 154 -24.83 39.23 -68.53
C LEU B 154 -23.50 38.89 -67.83
N PRO B 155 -22.65 39.87 -67.60
CA PRO B 155 -21.35 39.60 -66.97
C PRO B 155 -21.49 39.33 -65.49
N LYS B 156 -20.37 38.91 -64.89
CA LYS B 156 -20.31 38.63 -63.46
C LYS B 156 -20.07 39.88 -62.61
N ASP B 157 -20.03 41.06 -63.22
CA ASP B 157 -19.82 42.29 -62.45
C ASP B 157 -21.10 42.71 -61.74
N LYS B 158 -22.22 42.70 -62.44
CA LYS B 158 -23.49 43.19 -61.92
C LYS B 158 -24.29 42.11 -61.19
N LEU B 159 -23.69 40.94 -60.93
CA LEU B 159 -24.38 39.86 -60.24
C LEU B 159 -23.65 39.43 -58.97
N LYS B 160 -22.73 40.25 -58.47
CA LYS B 160 -22.05 39.93 -57.21
C LYS B 160 -22.99 40.05 -56.03
N ASN B 161 -24.02 40.88 -56.13
CA ASN B 161 -24.99 41.05 -55.05
C ASN B 161 -26.33 41.49 -55.62
N LEU B 162 -27.41 41.05 -54.97
CA LEU B 162 -28.76 41.48 -55.30
C LEU B 162 -29.43 41.89 -54.00
N THR B 163 -30.02 43.09 -53.98
CA THR B 163 -30.49 43.72 -52.77
C THR B 163 -31.70 43.05 -52.10
N PRO B 164 -32.70 42.52 -52.81
CA PRO B 164 -33.69 41.70 -52.07
C PRO B 164 -33.09 40.36 -51.66
N LYS B 165 -32.95 40.15 -50.36
CA LYS B 165 -32.31 38.95 -49.80
C LYS B 165 -33.40 37.96 -49.45
N PHE B 166 -33.55 36.91 -50.27
CA PHE B 166 -34.56 35.90 -50.05
C PHE B 166 -34.03 34.82 -49.10
N TYR B 167 -34.95 34.03 -48.56
CA TYR B 167 -34.60 33.00 -47.58
C TYR B 167 -35.44 31.77 -47.83
N LEU B 168 -34.91 30.61 -47.42
CA LEU B 168 -35.63 29.35 -47.46
C LEU B 168 -35.35 28.61 -46.16
N ILE B 169 -36.24 28.76 -45.19
CA ILE B 169 -36.06 28.12 -43.88
C ILE B 169 -36.35 26.63 -44.04
N ILE B 170 -35.31 25.83 -44.06
CA ILE B 170 -35.45 24.37 -44.15
C ILE B 170 -35.43 23.81 -42.74
N ASP B 171 -36.53 23.22 -42.32
CA ASP B 171 -36.64 22.66 -40.98
C ASP B 171 -36.38 21.16 -41.01
N GLU B 172 -35.65 20.69 -40.00
CA GLU B 172 -35.24 19.29 -39.84
C GLU B 172 -34.50 18.78 -41.07
N ILE B 173 -33.34 19.40 -41.33
CA ILE B 173 -32.61 19.14 -42.56
C ILE B 173 -31.88 17.80 -42.52
N ASN B 174 -31.67 17.23 -41.34
CA ASN B 174 -31.03 15.93 -41.25
C ASN B 174 -32.01 14.78 -41.33
N ARG B 175 -33.32 15.06 -41.28
CA ARG B 175 -34.32 14.01 -41.46
C ARG B 175 -34.36 13.52 -42.91
N GLY B 176 -34.44 14.46 -43.85
CA GLY B 176 -34.49 14.09 -45.25
C GLY B 176 -33.13 13.68 -45.78
N ASN B 177 -33.16 12.74 -46.73
CA ASN B 177 -31.94 12.32 -47.41
C ASN B 177 -31.51 13.43 -48.36
N ILE B 178 -30.43 14.13 -48.00
CA ILE B 178 -30.04 15.32 -48.72
C ILE B 178 -29.39 14.98 -50.07
N SER B 179 -28.97 13.74 -50.26
CA SER B 179 -28.37 13.34 -51.53
C SER B 179 -29.44 13.02 -52.57
N LYS B 180 -30.65 12.64 -52.14
CA LYS B 180 -31.71 12.31 -53.08
C LYS B 180 -32.38 13.56 -53.63
N ILE B 181 -32.55 14.59 -52.80
CA ILE B 181 -33.22 15.82 -53.20
C ILE B 181 -32.28 16.87 -53.77
N PHE B 182 -30.98 16.77 -53.51
CA PHE B 182 -29.96 17.56 -54.19
C PHE B 182 -29.20 16.59 -55.09
N GLY B 183 -29.72 16.37 -56.28
CA GLY B 183 -29.17 15.38 -57.20
C GLY B 183 -27.81 15.74 -57.75
N GLU B 184 -27.76 16.80 -58.56
CA GLU B 184 -26.50 17.33 -59.06
C GLU B 184 -26.40 18.82 -58.74
N LEU B 185 -27.06 19.25 -57.67
CA LEU B 185 -27.23 20.67 -57.38
C LEU B 185 -26.79 21.05 -55.98
N ILE B 186 -26.11 20.15 -55.26
CA ILE B 186 -25.59 20.51 -53.94
C ILE B 186 -24.35 21.38 -54.06
N THR B 187 -23.65 21.34 -55.20
CA THR B 187 -22.48 22.18 -55.41
C THR B 187 -22.83 23.65 -55.64
N LEU B 188 -24.07 23.94 -56.03
CA LEU B 188 -24.48 25.31 -56.30
C LEU B 188 -24.64 26.15 -55.05
N LEU B 189 -24.75 25.53 -53.88
CA LEU B 189 -25.06 26.29 -52.67
C LEU B 189 -23.89 27.12 -52.17
N GLU B 190 -22.66 26.78 -52.54
CA GLU B 190 -21.49 27.54 -52.12
C GLU B 190 -21.50 28.93 -52.76
N LYS B 191 -20.89 29.89 -52.05
CA LYS B 191 -20.82 31.26 -52.57
C LYS B 191 -19.89 31.33 -53.77
N ASP B 192 -18.89 30.46 -53.84
CA ASP B 192 -17.97 30.43 -54.98
C ASP B 192 -18.62 29.89 -56.25
N LYS B 193 -19.72 29.15 -56.14
CA LYS B 193 -20.36 28.55 -57.30
C LYS B 193 -21.75 29.09 -57.55
N ARG B 194 -22.14 30.18 -56.88
CA ARG B 194 -23.45 30.76 -57.14
C ARG B 194 -23.43 31.60 -58.40
N LEU B 195 -24.59 32.13 -58.76
CA LEU B 195 -24.77 32.95 -59.96
C LEU B 195 -24.22 34.34 -59.68
N GLY B 196 -22.90 34.47 -59.81
CA GLY B 196 -22.24 35.72 -59.49
C GLY B 196 -20.86 35.56 -58.88
N GLY B 197 -20.50 34.33 -58.49
CA GLY B 197 -19.13 34.03 -58.15
C GLY B 197 -18.27 33.89 -59.38
N GLU B 198 -16.98 33.65 -59.16
CA GLU B 198 -16.08 33.49 -60.30
C GLU B 198 -16.28 32.15 -60.98
N ASN B 199 -16.73 31.13 -60.24
CA ASN B 199 -17.13 29.86 -60.83
C ASN B 199 -18.65 29.81 -61.01
N GLN B 200 -19.17 30.75 -61.79
CA GLN B 200 -20.60 30.84 -62.06
C GLN B 200 -21.03 29.62 -62.88
N LEU B 201 -21.88 28.78 -62.29
CA LEU B 201 -22.20 27.47 -62.84
C LEU B 201 -23.70 27.42 -63.08
N ILE B 202 -24.10 27.52 -64.35
CA ILE B 202 -25.51 27.44 -64.74
C ILE B 202 -25.73 26.03 -65.24
N VAL B 203 -26.15 25.14 -64.34
CA VAL B 203 -26.35 23.74 -64.68
C VAL B 203 -27.73 23.57 -65.29
N ARG B 204 -27.83 22.69 -66.29
CA ARG B 204 -29.13 22.32 -66.83
C ARG B 204 -29.83 21.37 -65.86
N LEU B 205 -31.15 21.35 -65.95
CA LEU B 205 -31.88 20.44 -65.10
C LEU B 205 -32.23 19.17 -65.88
N PRO B 206 -32.24 18.01 -65.22
CA PRO B 206 -32.40 16.74 -65.96
C PRO B 206 -33.77 16.57 -66.59
N TYR B 207 -34.79 17.26 -66.09
CA TYR B 207 -36.08 17.36 -66.76
C TYR B 207 -36.19 18.73 -67.41
N SER B 208 -37.02 18.80 -68.45
CA SER B 208 -37.48 20.02 -69.14
C SER B 208 -36.39 20.77 -69.91
N GLY B 209 -35.13 20.35 -69.80
CA GLY B 209 -34.03 21.03 -70.47
C GLY B 209 -33.77 22.44 -70.01
N GLU B 210 -34.26 22.83 -68.83
CA GLU B 210 -34.12 24.21 -68.41
C GLU B 210 -32.84 24.42 -67.62
N PRO B 211 -32.10 25.49 -67.90
CA PRO B 211 -30.91 25.80 -67.10
C PRO B 211 -31.32 26.40 -65.76
N PHE B 212 -30.41 26.28 -64.79
CA PHE B 212 -30.72 26.69 -63.43
C PHE B 212 -29.43 26.98 -62.68
N ALA B 213 -29.46 28.04 -61.87
CA ALA B 213 -28.35 28.43 -61.01
C ALA B 213 -28.91 29.33 -59.93
N VAL B 214 -28.53 29.07 -58.68
CA VAL B 214 -29.12 29.79 -57.56
C VAL B 214 -28.49 31.18 -57.47
N PRO B 215 -29.27 32.22 -57.24
CA PRO B 215 -28.73 33.58 -57.15
C PRO B 215 -28.01 33.77 -55.82
N PRO B 216 -27.12 34.76 -55.70
CA PRO B 216 -26.33 34.90 -54.47
C PRO B 216 -27.07 35.49 -53.29
N ASN B 217 -28.35 35.88 -53.43
CA ASN B 217 -29.10 36.41 -52.32
C ASN B 217 -29.99 35.39 -51.63
N LEU B 218 -30.26 34.25 -52.28
CA LEU B 218 -31.06 33.21 -51.66
C LEU B 218 -30.24 32.49 -50.59
N TYR B 219 -30.68 32.58 -49.35
CA TYR B 219 -29.97 32.00 -48.21
C TYR B 219 -30.76 30.83 -47.65
N ILE B 220 -30.06 29.78 -47.27
CA ILE B 220 -30.65 28.54 -46.80
C ILE B 220 -30.39 28.44 -45.31
N ILE B 221 -31.35 28.89 -44.50
CA ILE B 221 -31.23 28.83 -43.05
C ILE B 221 -31.85 27.51 -42.60
N GLY B 222 -31.00 26.54 -42.30
CA GLY B 222 -31.47 25.24 -41.89
C GLY B 222 -31.52 25.11 -40.37
N THR B 223 -32.53 24.40 -39.88
CA THR B 223 -32.62 24.02 -38.48
C THR B 223 -32.44 22.51 -38.41
N MET B 224 -31.70 22.05 -37.40
CA MET B 224 -31.30 20.65 -37.38
C MET B 224 -31.20 20.16 -35.94
N ASN B 225 -31.91 19.09 -35.65
CA ASN B 225 -31.70 18.41 -34.37
C ASN B 225 -30.38 17.66 -34.40
N THR B 226 -29.73 17.60 -33.25
CA THR B 226 -28.50 16.82 -33.11
C THR B 226 -28.52 16.04 -31.80
N ALA B 227 -29.67 15.46 -31.45
CA ALA B 227 -29.76 14.58 -30.30
C ALA B 227 -30.32 13.20 -30.64
N ASP B 228 -30.84 12.99 -31.85
CA ASP B 228 -31.34 11.69 -32.26
C ASP B 228 -30.20 10.69 -32.33
N ARG B 229 -29.31 10.89 -33.31
CA ARG B 229 -28.01 10.25 -33.35
C ARG B 229 -26.90 11.19 -33.78
N SER B 230 -27.21 12.27 -34.50
CA SER B 230 -26.20 13.09 -35.15
C SER B 230 -25.45 13.93 -34.13
N ILE B 231 -24.13 14.02 -34.27
CA ILE B 231 -23.34 14.86 -33.39
C ILE B 231 -22.70 15.95 -34.25
N ALA B 232 -21.76 15.54 -35.09
CA ALA B 232 -21.23 16.37 -36.17
C ALA B 232 -20.98 15.60 -37.46
N LEU B 233 -20.82 14.28 -37.40
CA LEU B 233 -20.51 13.47 -38.58
C LEU B 233 -21.72 12.57 -38.87
N LEU B 234 -22.72 13.18 -39.50
CA LEU B 234 -23.82 12.45 -40.12
C LEU B 234 -24.21 13.03 -41.47
N ASP B 235 -23.65 14.19 -41.85
CA ASP B 235 -24.18 15.00 -42.93
C ASP B 235 -23.09 15.40 -43.91
N VAL B 236 -22.33 14.43 -44.43
CA VAL B 236 -21.10 14.69 -45.19
C VAL B 236 -21.40 15.45 -46.49
N ALA B 237 -22.60 15.27 -47.05
CA ALA B 237 -22.98 15.99 -48.25
C ALA B 237 -23.30 17.46 -48.00
N LEU B 238 -23.51 17.86 -46.73
CA LEU B 238 -23.80 19.25 -46.41
C LEU B 238 -22.93 19.81 -45.30
N ARG B 239 -22.00 19.04 -44.74
CA ARG B 239 -21.17 19.54 -43.66
C ARG B 239 -20.12 20.54 -44.14
N ARG B 240 -19.77 20.51 -45.42
CA ARG B 240 -18.80 21.44 -45.97
C ARG B 240 -19.44 22.68 -46.59
N ARG B 241 -20.66 22.55 -47.11
CA ARG B 241 -21.33 23.69 -47.73
C ARG B 241 -21.96 24.62 -46.70
N PHE B 242 -22.36 24.09 -45.55
CA PHE B 242 -23.20 24.79 -44.59
C PHE B 242 -22.39 25.21 -43.37
N ALA B 243 -22.62 26.44 -42.91
CA ALA B 243 -21.98 26.96 -41.71
C ALA B 243 -22.80 26.56 -40.49
N PHE B 244 -22.15 25.92 -39.52
CA PHE B 244 -22.85 25.35 -38.37
C PHE B 244 -22.78 26.31 -37.19
N ILE B 245 -23.94 26.55 -36.56
CA ILE B 245 -24.03 27.38 -35.37
C ILE B 245 -24.65 26.56 -34.26
N GLU B 246 -23.91 26.39 -33.17
CA GLU B 246 -24.43 25.75 -31.96
C GLU B 246 -25.41 26.69 -31.28
N VAL B 247 -26.70 26.36 -31.35
CA VAL B 247 -27.73 27.09 -30.60
C VAL B 247 -27.92 26.28 -29.33
N GLU B 248 -27.14 26.63 -28.30
CA GLU B 248 -27.17 25.90 -27.04
C GLU B 248 -28.38 26.30 -26.22
N PRO B 249 -28.85 25.43 -25.30
CA PRO B 249 -29.95 25.82 -24.41
C PRO B 249 -29.52 26.89 -23.42
N ARG B 250 -30.07 28.08 -23.58
CA ARG B 250 -29.82 29.16 -22.65
C ARG B 250 -30.80 29.09 -21.48
N PRO B 251 -30.35 28.83 -20.25
CA PRO B 251 -31.25 28.86 -19.11
C PRO B 251 -31.45 30.24 -18.53
N GLU B 252 -30.90 31.28 -19.18
CA GLU B 252 -31.14 32.66 -18.76
C GLU B 252 -32.58 33.08 -18.99
N PHE B 253 -33.30 32.40 -19.88
CA PHE B 253 -34.70 32.66 -20.17
C PHE B 253 -35.66 32.03 -19.18
N LEU B 254 -35.16 31.51 -18.05
CA LEU B 254 -36.01 30.96 -17.01
C LEU B 254 -35.97 31.78 -15.73
N GLU B 255 -35.28 32.91 -15.73
CA GLU B 255 -35.36 33.86 -14.63
C GLU B 255 -36.74 34.50 -14.60
N LYS B 256 -37.11 35.08 -13.46
CA LYS B 256 -38.42 35.71 -13.34
C LYS B 256 -38.50 36.98 -14.18
N GLU B 257 -37.39 37.71 -14.31
CA GLU B 257 -37.39 38.90 -15.14
C GLU B 257 -37.47 38.54 -16.63
N ASN B 258 -36.85 37.42 -17.01
CA ASN B 258 -36.88 37.02 -18.41
C ASN B 258 -38.20 36.34 -18.78
N LEU B 259 -38.74 35.51 -17.88
CA LEU B 259 -39.99 34.81 -18.16
C LEU B 259 -41.17 35.77 -18.22
N LYS B 260 -41.11 36.85 -17.45
CA LYS B 260 -42.13 37.89 -17.54
C LYS B 260 -42.03 38.62 -18.88
N LYS B 261 -40.82 38.83 -19.38
CA LYS B 261 -40.63 39.61 -20.60
C LYS B 261 -40.98 38.79 -21.84
N ILE B 262 -40.72 37.48 -21.81
CA ILE B 262 -40.96 36.64 -22.97
C ILE B 262 -42.46 36.46 -23.22
N ARG B 263 -43.21 36.11 -22.17
CA ARG B 263 -44.63 35.83 -22.35
C ARG B 263 -45.44 37.10 -22.57
N GLU B 264 -44.93 38.25 -22.11
CA GLU B 264 -45.58 39.52 -22.37
C GLU B 264 -45.11 40.18 -23.66
N LYS B 265 -44.27 39.50 -24.45
CA LYS B 265 -43.88 40.06 -25.75
C LYS B 265 -45.02 39.96 -26.75
N LYS B 266 -45.75 38.85 -26.75
CA LYS B 266 -46.89 38.68 -27.65
C LYS B 266 -48.20 39.11 -26.99
N LEU B 267 -48.51 38.53 -25.83
CA LEU B 267 -49.74 38.86 -25.11
C LEU B 267 -49.47 40.05 -24.18
N LYS B 268 -49.35 41.23 -24.80
CA LYS B 268 -49.08 42.47 -24.08
C LYS B 268 -50.35 43.27 -23.82
N THR B 269 -51.49 42.59 -23.71
CA THR B 269 -52.76 43.21 -23.40
C THR B 269 -52.92 43.33 -21.88
N GLU B 270 -54.16 43.59 -21.42
CA GLU B 270 -54.41 43.79 -20.00
C GLU B 270 -54.25 42.50 -19.20
N ASP B 271 -54.34 41.34 -19.85
CA ASP B 271 -54.17 40.08 -19.14
C ASP B 271 -52.72 39.77 -18.81
N ARG B 272 -51.77 40.57 -19.30
CA ARG B 272 -50.37 40.42 -18.89
C ARG B 272 -50.17 40.79 -17.44
N LYS B 273 -51.01 41.68 -16.90
CA LYS B 273 -50.99 41.97 -15.47
C LYS B 273 -51.43 40.75 -14.67
N ARG B 274 -52.37 39.98 -15.22
CA ARG B 274 -52.80 38.75 -14.58
C ARG B 274 -51.70 37.69 -14.60
N LEU B 275 -50.79 37.77 -15.58
CA LEU B 275 -49.63 36.90 -15.58
C LEU B 275 -48.65 37.25 -14.47
N ASN B 276 -48.51 38.55 -14.16
CA ASN B 276 -47.55 38.98 -13.15
C ASN B 276 -47.97 38.55 -11.75
N GLU B 277 -49.27 38.58 -11.46
CA GLU B 277 -49.76 38.04 -10.20
C GLU B 277 -49.78 36.52 -10.19
N LYS B 278 -49.67 35.89 -11.36
CA LYS B 278 -49.56 34.43 -11.46
C LYS B 278 -48.11 33.97 -11.42
N LEU B 279 -47.20 34.72 -12.07
CA LEU B 279 -45.79 34.35 -12.07
C LEU B 279 -45.15 34.59 -10.71
N ASN B 280 -45.55 35.66 -10.02
CA ASN B 280 -45.05 35.91 -8.67
C ASN B 280 -45.59 34.88 -7.69
N GLU B 281 -46.76 34.31 -7.98
CA GLU B 281 -47.27 33.19 -7.17
C GLU B 281 -46.45 31.93 -7.37
N LEU B 282 -45.83 31.75 -8.53
CA LEU B 282 -44.95 30.61 -8.73
C LEU B 282 -43.62 30.79 -8.00
N PHE B 283 -42.99 31.95 -8.16
CA PHE B 283 -41.68 32.20 -7.58
C PHE B 283 -41.73 32.60 -6.12
N SER B 284 -42.90 32.55 -5.49
CA SER B 284 -43.00 32.59 -4.04
C SER B 284 -43.13 31.21 -3.43
N LYS B 285 -43.56 30.22 -4.21
CA LYS B 285 -43.64 28.84 -3.77
C LYS B 285 -42.34 28.07 -4.01
N LEU B 286 -41.43 28.62 -4.80
CA LEU B 286 -40.11 28.04 -5.02
C LEU B 286 -39.08 28.56 -4.04
N GLY B 287 -39.51 29.03 -2.87
CA GLY B 287 -38.62 29.68 -1.92
C GLY B 287 -38.79 31.18 -1.95
N ASN B 288 -37.66 31.91 -1.92
CA ASN B 288 -37.68 33.36 -2.02
C ASN B 288 -36.93 33.87 -3.24
N ASP B 289 -36.30 33.00 -4.01
CA ASP B 289 -35.38 33.38 -5.08
C ASP B 289 -36.11 33.48 -6.41
N ASN B 290 -35.51 34.24 -7.33
CA ASN B 290 -35.95 34.33 -8.70
C ASN B 290 -35.11 33.49 -9.64
N TYR B 291 -34.02 32.90 -9.15
CA TYR B 291 -33.10 32.11 -9.97
C TYR B 291 -33.30 30.61 -9.75
N PHE B 292 -34.53 30.17 -9.49
CA PHE B 292 -34.73 28.75 -9.20
C PHE B 292 -34.81 27.93 -10.48
N LEU B 293 -35.59 28.38 -11.46
CA LEU B 293 -35.72 27.64 -12.70
C LEU B 293 -34.45 27.71 -13.54
N LYS B 294 -33.69 28.80 -13.40
CA LYS B 294 -32.40 28.90 -14.09
C LYS B 294 -31.37 27.94 -13.50
N THR B 295 -31.30 27.87 -12.16
CA THR B 295 -30.33 26.98 -11.52
C THR B 295 -30.76 25.53 -11.64
N LEU B 296 -32.08 25.27 -11.74
CA LEU B 296 -32.56 23.91 -11.97
C LEU B 296 -32.16 23.40 -13.34
N LEU B 297 -32.26 24.24 -14.36
CA LEU B 297 -31.86 23.83 -15.69
C LEU B 297 -30.34 23.75 -15.82
N GLU B 298 -29.60 24.66 -15.16
CA GLU B 298 -28.15 24.62 -15.23
C GLU B 298 -27.57 23.43 -14.49
N LYS B 299 -28.11 23.11 -13.31
CA LYS B 299 -27.56 22.01 -12.54
C LYS B 299 -28.12 20.65 -12.97
N ILE B 300 -28.96 20.61 -14.01
CA ILE B 300 -29.30 19.34 -14.65
C ILE B 300 -28.67 19.24 -16.03
N ASN B 301 -28.30 20.37 -16.65
CA ASN B 301 -27.64 20.30 -17.95
C ASN B 301 -26.16 20.02 -17.80
N VAL B 302 -25.57 20.44 -16.67
CA VAL B 302 -24.19 20.07 -16.37
C VAL B 302 -24.11 18.57 -16.08
N ARG B 303 -25.11 18.03 -15.38
CA ARG B 303 -25.11 16.60 -15.07
C ARG B 303 -25.51 15.74 -16.26
N ILE B 304 -25.97 16.34 -17.37
CA ILE B 304 -26.15 15.59 -18.60
C ILE B 304 -24.88 15.61 -19.44
N THR B 305 -24.24 16.77 -19.58
CA THR B 305 -23.06 16.88 -20.44
C THR B 305 -21.82 16.25 -19.84
N VAL B 306 -21.88 15.82 -18.58
CA VAL B 306 -20.78 15.10 -17.96
C VAL B 306 -20.94 13.58 -18.10
N VAL B 307 -22.12 13.11 -18.53
CA VAL B 307 -22.31 11.68 -18.67
C VAL B 307 -22.41 11.27 -20.13
N LYS B 308 -23.41 11.78 -20.84
CA LYS B 308 -23.70 11.26 -22.18
C LYS B 308 -22.96 12.01 -23.29
N ASP B 309 -23.32 13.27 -23.51
CA ASP B 309 -22.89 14.08 -24.64
C ASP B 309 -23.24 15.52 -24.33
N ARG B 310 -22.71 16.43 -25.15
CA ARG B 310 -23.06 17.84 -25.02
C ARG B 310 -24.40 18.15 -25.65
N ASP B 311 -24.68 17.57 -26.82
CA ASP B 311 -25.89 17.87 -27.57
C ASP B 311 -27.02 16.89 -27.28
N HIS B 312 -26.98 16.24 -26.11
CA HIS B 312 -28.11 15.47 -25.60
C HIS B 312 -28.77 16.21 -24.44
N ARG B 313 -28.73 17.53 -24.51
CA ARG B 313 -29.02 18.42 -23.41
C ARG B 313 -30.50 18.81 -23.41
N ILE B 314 -31.03 19.06 -22.20
CA ILE B 314 -32.42 19.48 -22.04
C ILE B 314 -32.53 20.94 -22.44
N GLY B 315 -33.45 21.24 -23.36
CA GLY B 315 -33.64 22.60 -23.81
C GLY B 315 -34.45 23.43 -22.84
N HIS B 316 -34.56 24.72 -23.14
CA HIS B 316 -35.28 25.66 -22.31
C HIS B 316 -36.70 25.92 -22.81
N SER B 317 -37.20 25.09 -23.71
CA SER B 317 -38.57 25.25 -24.18
C SER B 317 -39.58 24.43 -23.39
N TYR B 318 -39.12 23.46 -22.59
CA TYR B 318 -40.03 22.72 -21.73
C TYR B 318 -40.54 23.60 -20.59
N PHE B 319 -39.62 24.29 -19.92
CA PHE B 319 -39.94 25.10 -18.76
C PHE B 319 -40.38 26.51 -19.12
N LEU B 320 -40.44 26.85 -20.40
CA LEU B 320 -40.74 28.21 -20.81
C LEU B 320 -42.22 28.55 -20.70
N ASN B 321 -43.10 27.55 -20.59
CA ASN B 321 -44.53 27.77 -20.54
C ASN B 321 -45.15 27.42 -19.18
N VAL B 322 -44.41 27.66 -18.09
CA VAL B 322 -44.95 27.42 -16.76
C VAL B 322 -45.45 28.74 -16.19
N GLU B 323 -46.54 28.67 -15.42
CA GLU B 323 -47.12 29.85 -14.81
C GLU B 323 -47.35 29.61 -13.32
N THR B 324 -47.48 28.34 -12.93
CA THR B 324 -47.77 27.98 -11.55
C THR B 324 -46.98 26.72 -11.22
N VAL B 325 -47.11 26.25 -9.97
CA VAL B 325 -46.44 25.03 -9.53
C VAL B 325 -47.08 23.81 -10.19
N GLU B 326 -48.37 23.91 -10.55
CA GLU B 326 -49.04 22.79 -11.19
C GLU B 326 -48.53 22.59 -12.62
N ASP B 327 -48.24 23.67 -13.33
CA ASP B 327 -47.67 23.54 -14.67
C ASP B 327 -46.21 23.10 -14.63
N LEU B 328 -45.49 23.46 -13.56
CA LEU B 328 -44.14 22.92 -13.38
C LEU B 328 -44.21 21.44 -13.01
N HIS B 329 -45.30 21.02 -12.36
CA HIS B 329 -45.50 19.62 -12.07
C HIS B 329 -45.80 18.83 -13.35
N HIS B 330 -46.49 19.47 -14.31
CA HIS B 330 -46.85 18.79 -15.56
C HIS B 330 -45.66 18.72 -16.50
N VAL B 331 -44.80 19.75 -16.50
CA VAL B 331 -43.59 19.72 -17.33
C VAL B 331 -42.63 18.66 -16.82
N TRP B 332 -42.51 18.53 -15.49
CA TRP B 332 -41.46 17.69 -14.94
C TRP B 332 -41.79 16.20 -15.04
N TYR B 333 -43.02 15.81 -14.74
CA TYR B 333 -43.35 14.39 -14.67
C TYR B 333 -43.81 13.80 -15.99
N TYR B 334 -44.04 14.61 -17.02
CA TYR B 334 -44.65 14.14 -18.25
C TYR B 334 -43.86 14.47 -19.51
N GLU B 335 -42.82 15.30 -19.42
CA GLU B 335 -42.12 15.71 -20.63
C GLU B 335 -40.62 15.55 -20.57
N VAL B 336 -40.01 15.69 -19.38
CA VAL B 336 -38.56 15.67 -19.24
C VAL B 336 -38.08 14.46 -18.44
N LEU B 337 -38.81 14.05 -17.40
CA LEU B 337 -38.46 12.82 -16.70
C LEU B 337 -38.88 11.56 -17.46
N PRO B 338 -39.99 11.52 -18.23
CA PRO B 338 -40.11 10.46 -19.24
C PRO B 338 -39.19 10.62 -20.42
N LEU B 339 -38.52 11.76 -20.56
CA LEU B 339 -37.44 11.91 -21.54
C LEU B 339 -36.10 11.52 -20.95
N LEU B 340 -35.92 11.72 -19.63
CA LEU B 340 -34.67 11.32 -18.97
C LEU B 340 -34.60 9.82 -18.75
N MET B 341 -35.75 9.14 -18.62
CA MET B 341 -35.73 7.69 -18.46
C MET B 341 -35.40 6.99 -19.77
N GLU B 342 -35.65 7.64 -20.91
CA GLU B 342 -35.31 7.07 -22.20
C GLU B 342 -33.91 7.46 -22.66
N TYR B 343 -33.26 8.40 -21.98
CA TYR B 343 -31.82 8.59 -22.19
C TYR B 343 -31.05 7.41 -21.60
N PHE B 344 -31.38 7.03 -20.37
CA PHE B 344 -30.78 5.88 -19.69
C PHE B 344 -31.87 4.84 -19.50
N TYR B 345 -32.08 3.98 -20.49
CA TYR B 345 -33.09 2.94 -20.35
C TYR B 345 -32.52 1.85 -19.46
N ASN B 346 -33.09 1.73 -18.26
CA ASN B 346 -32.73 0.74 -17.24
C ASN B 346 -31.25 0.85 -16.86
N ASP B 347 -30.88 2.02 -16.37
CA ASP B 347 -29.58 2.22 -15.73
C ASP B 347 -29.81 3.18 -14.57
N TRP B 348 -30.08 2.62 -13.40
CA TRP B 348 -30.57 3.39 -12.26
C TRP B 348 -29.48 4.03 -11.43
N GLU B 349 -28.21 3.72 -11.70
CA GLU B 349 -27.12 4.32 -10.93
C GLU B 349 -26.74 5.70 -11.42
N THR B 350 -27.15 6.08 -12.63
CA THR B 350 -26.83 7.38 -13.19
C THR B 350 -28.03 8.25 -13.48
N ILE B 351 -29.23 7.68 -13.67
CA ILE B 351 -30.41 8.52 -13.81
C ILE B 351 -30.80 9.08 -12.45
N LYS B 352 -30.43 8.38 -11.37
CA LYS B 352 -30.51 8.97 -10.04
C LYS B 352 -29.50 10.09 -9.88
N TRP B 353 -28.31 9.94 -10.47
CA TRP B 353 -27.25 10.91 -10.28
C TRP B 353 -27.46 12.18 -11.10
N VAL B 354 -28.26 12.12 -12.18
CA VAL B 354 -28.62 13.33 -12.90
C VAL B 354 -29.50 14.22 -12.02
N LEU B 355 -30.36 13.62 -11.20
CA LEU B 355 -31.08 14.35 -10.17
C LEU B 355 -30.30 14.45 -8.87
N ASN B 356 -29.04 14.00 -8.85
CA ASN B 356 -28.08 13.98 -7.74
C ASN B 356 -28.63 13.56 -6.39
N GLU B 357 -29.47 12.53 -6.37
CA GLU B 357 -29.96 11.94 -5.13
C GLU B 357 -29.37 10.55 -4.92
N LYS B 358 -28.07 10.40 -5.19
CA LYS B 358 -27.45 9.07 -5.25
C LYS B 358 -27.35 8.40 -3.89
N GLY B 359 -27.31 9.18 -2.81
CA GLY B 359 -27.26 8.61 -1.48
C GLY B 359 -28.62 8.15 -1.02
N LYS B 360 -29.66 8.91 -1.38
CA LYS B 360 -31.01 8.61 -0.94
C LYS B 360 -31.59 7.44 -1.72
N GLU B 361 -32.41 6.64 -1.04
CA GLU B 361 -33.14 5.56 -1.67
C GLU B 361 -34.65 5.76 -1.66
N HIS B 362 -35.18 6.53 -0.72
CA HIS B 362 -36.60 6.90 -0.68
C HIS B 362 -36.69 8.21 0.11
N GLY B 363 -37.90 8.58 0.51
CA GLY B 363 -38.05 9.82 1.26
C GLY B 363 -37.96 11.07 0.40
N ASN B 364 -39.00 11.30 -0.42
CA ASN B 364 -39.14 12.47 -1.31
C ASN B 364 -38.07 12.46 -2.41
N VAL B 365 -37.89 11.29 -3.02
CA VAL B 365 -37.01 11.11 -4.16
C VAL B 365 -37.88 10.70 -5.33
N PHE B 366 -37.51 11.11 -6.54
CA PHE B 366 -38.27 10.76 -7.72
C PHE B 366 -38.22 9.27 -8.03
N PHE B 367 -37.17 8.57 -7.59
CA PHE B 367 -37.02 7.13 -7.82
C PHE B 367 -36.87 6.45 -6.47
N GLU B 368 -37.97 5.98 -5.90
CA GLU B 368 -37.92 5.16 -4.69
C GLU B 368 -37.28 3.81 -4.99
N LYS B 369 -36.52 3.31 -4.03
CA LYS B 369 -35.85 2.02 -4.19
C LYS B 369 -36.79 0.90 -3.76
N LEU B 370 -36.90 -0.12 -4.60
CA LEU B 370 -37.62 -1.33 -4.22
C LEU B 370 -36.84 -2.09 -3.16
N ARG B 371 -37.57 -2.69 -2.22
CA ARG B 371 -36.93 -3.42 -1.13
C ARG B 371 -36.35 -4.75 -1.57
N LEU B 372 -36.65 -5.22 -2.78
CA LEU B 372 -36.10 -6.47 -3.27
C LEU B 372 -34.70 -6.25 -3.83
N THR B 373 -33.87 -7.29 -3.71
CA THR B 373 -32.55 -7.33 -4.29
C THR B 373 -32.61 -8.13 -5.59
N GLY B 374 -31.44 -8.47 -6.14
CA GLY B 374 -31.38 -9.30 -7.31
C GLY B 374 -30.63 -10.59 -7.06
N PRO B 375 -30.82 -11.58 -7.94
CA PRO B 375 -30.00 -12.81 -7.85
C PRO B 375 -28.54 -12.55 -8.16
N ASN B 376 -28.26 -11.84 -9.26
CA ASN B 376 -26.91 -11.49 -9.63
C ASN B 376 -26.43 -10.20 -8.96
N GLY B 377 -27.33 -9.46 -8.30
CA GLY B 377 -26.96 -8.22 -7.64
C GLY B 377 -27.62 -6.99 -8.23
N GLU B 378 -28.62 -7.19 -9.07
CA GLU B 378 -29.33 -6.06 -9.68
C GLU B 378 -30.28 -5.41 -8.69
N GLU B 379 -30.32 -4.08 -8.72
CA GLU B 379 -31.21 -3.29 -7.88
C GLU B 379 -31.83 -2.20 -8.73
N ALA B 380 -33.15 -2.24 -8.89
CA ALA B 380 -33.85 -1.29 -9.73
C ALA B 380 -34.87 -0.51 -8.91
N TYR B 381 -35.01 0.76 -9.25
CA TYR B 381 -35.83 1.69 -8.49
C TYR B 381 -37.22 1.78 -9.12
N GLN B 382 -38.02 2.74 -8.65
CA GLN B 382 -39.40 2.87 -9.10
C GLN B 382 -39.79 4.34 -9.05
N LEU B 383 -40.44 4.81 -10.13
CA LEU B 383 -40.89 6.20 -10.21
C LEU B 383 -41.96 6.48 -9.17
N LYS B 384 -41.87 7.66 -8.54
CA LYS B 384 -42.84 8.11 -7.56
C LYS B 384 -43.39 9.46 -7.97
N VAL B 385 -44.72 9.59 -7.95
CA VAL B 385 -45.37 10.86 -8.23
C VAL B 385 -45.46 11.65 -6.93
N LEU B 386 -44.96 12.89 -6.96
CA LEU B 386 -45.07 13.80 -5.83
C LEU B 386 -45.97 14.96 -6.21
N GLU B 387 -46.48 15.67 -5.20
CA GLU B 387 -47.40 16.76 -5.44
C GLU B 387 -47.35 17.72 -4.26
N GLY B 388 -47.34 19.02 -4.58
CA GLY B 388 -47.39 20.04 -3.55
C GLY B 388 -46.03 20.52 -3.09
N ASP B 389 -45.90 20.76 -1.78
CA ASP B 389 -44.65 21.25 -1.23
C ASP B 389 -43.58 20.17 -1.14
N ALA B 390 -43.97 18.90 -1.27
CA ALA B 390 -42.98 17.83 -1.27
C ALA B 390 -42.22 17.79 -2.59
N PHE B 391 -42.88 18.19 -3.68
CA PHE B 391 -42.24 18.19 -5.00
C PHE B 391 -41.21 19.30 -5.10
N ILE B 392 -41.51 20.48 -4.55
CA ILE B 392 -40.55 21.57 -4.56
C ILE B 392 -39.40 21.27 -3.61
N GLY B 393 -39.66 20.53 -2.54
CA GLY B 393 -38.58 20.06 -1.68
C GLY B 393 -37.72 19.00 -2.34
N ALA B 394 -38.23 18.33 -3.37
CA ALA B 394 -37.42 17.43 -4.15
C ALA B 394 -36.73 18.15 -5.31
N LEU B 395 -37.29 19.28 -5.75
CA LEU B 395 -36.63 20.09 -6.77
C LEU B 395 -35.56 20.98 -6.17
N LYS B 396 -35.70 21.35 -4.88
CA LYS B 396 -34.71 22.19 -4.23
C LYS B 396 -33.39 21.47 -4.03
N ARG B 397 -33.43 20.15 -3.84
CA ARG B 397 -32.19 19.41 -3.61
C ARG B 397 -31.41 19.15 -4.90
N ILE B 398 -32.01 19.38 -6.06
CA ILE B 398 -31.27 19.29 -7.31
C ILE B 398 -30.28 20.45 -7.42
N ILE B 399 -30.73 21.66 -7.15
CA ILE B 399 -29.86 22.83 -7.17
C ILE B 399 -28.99 22.86 -5.92
N LYS C 10 -62.75 10.86 -13.72
CA LYS C 10 -61.83 11.98 -13.69
C LYS C 10 -60.56 11.59 -12.95
N GLU C 11 -60.33 10.28 -12.79
CA GLU C 11 -59.14 9.81 -12.09
C GLU C 11 -57.92 9.77 -13.01
N ASP C 12 -58.14 9.63 -14.32
CA ASP C 12 -57.04 9.65 -15.28
C ASP C 12 -57.28 10.60 -16.44
N TYR C 13 -58.46 11.21 -16.54
CA TYR C 13 -58.67 12.30 -17.48
C TYR C 13 -58.19 13.63 -16.90
N PHE C 14 -57.89 13.68 -15.61
CA PHE C 14 -57.30 14.87 -15.01
C PHE C 14 -55.87 15.10 -15.48
N ARG C 15 -55.21 14.06 -15.97
CA ARG C 15 -53.90 14.18 -16.62
C ARG C 15 -54.04 14.37 -18.12
N VAL C 16 -54.97 13.63 -18.75
CA VAL C 16 -55.06 13.62 -20.20
C VAL C 16 -55.67 14.92 -20.72
N ASP C 17 -56.78 15.36 -20.12
CA ASP C 17 -57.44 16.58 -20.60
C ASP C 17 -56.66 17.83 -20.22
N MET C 18 -55.82 17.76 -19.20
CA MET C 18 -55.02 18.92 -18.81
C MET C 18 -53.70 19.00 -19.56
N LEU C 19 -53.28 17.91 -20.22
CA LEU C 19 -52.09 17.95 -21.05
C LEU C 19 -52.38 18.24 -22.51
N LEU C 20 -53.63 18.07 -22.95
CA LEU C 20 -53.98 18.40 -24.32
C LEU C 20 -54.13 19.91 -24.51
N ASN C 21 -54.69 20.59 -23.53
CA ASN C 21 -54.76 22.05 -23.58
C ASN C 21 -53.41 22.70 -23.35
N LYS C 22 -52.47 21.96 -22.78
CA LYS C 22 -51.12 22.46 -22.52
C LYS C 22 -50.20 22.23 -23.72
N LYS C 23 -50.16 21.00 -24.23
CA LYS C 23 -49.21 20.65 -25.28
C LYS C 23 -49.85 20.39 -26.65
N GLY C 24 -51.02 19.76 -26.70
CA GLY C 24 -51.73 19.53 -27.95
C GLY C 24 -51.88 18.06 -28.30
N GLN C 25 -51.01 17.21 -27.77
CA GLN C 25 -51.03 15.79 -28.08
C GLN C 25 -50.37 15.02 -26.95
N VAL C 26 -50.85 13.81 -26.70
CA VAL C 26 -50.37 12.99 -25.61
C VAL C 26 -50.09 11.58 -26.14
N ILE C 27 -48.98 11.00 -25.70
CA ILE C 27 -48.66 9.61 -25.97
C ILE C 27 -48.77 8.87 -24.64
N LEU C 28 -49.74 7.97 -24.55
CA LEU C 28 -49.92 7.15 -23.34
C LEU C 28 -49.00 5.94 -23.47
N TYR C 29 -47.76 6.10 -23.00
CA TYR C 29 -46.79 5.02 -23.07
C TYR C 29 -46.78 4.23 -21.78
N GLY C 30 -46.64 2.92 -21.90
CA GLY C 30 -46.69 2.03 -20.77
C GLY C 30 -46.57 0.58 -21.18
N PRO C 31 -46.23 -0.29 -20.22
CA PRO C 31 -46.09 -1.70 -20.55
C PRO C 31 -47.42 -2.33 -20.87
N PRO C 32 -47.46 -3.38 -21.70
CA PRO C 32 -48.73 -3.89 -22.22
C PRO C 32 -49.52 -4.66 -21.18
N GLY C 33 -50.83 -4.69 -21.38
CA GLY C 33 -51.74 -5.15 -20.37
C GLY C 33 -52.29 -4.04 -19.50
N THR C 34 -52.01 -2.80 -19.84
CA THR C 34 -52.46 -1.65 -19.09
C THR C 34 -53.44 -0.88 -19.97
N GLY C 35 -54.37 -0.15 -19.35
CA GLY C 35 -55.36 0.58 -20.10
C GLY C 35 -54.83 1.81 -20.81
N LYS C 36 -54.04 1.60 -21.86
CA LYS C 36 -53.58 2.71 -22.68
C LYS C 36 -54.54 2.99 -23.83
N THR C 37 -54.97 1.95 -24.53
CA THR C 37 -56.01 2.13 -25.54
C THR C 37 -57.37 2.40 -24.89
N TRP C 38 -57.62 1.81 -23.72
CA TRP C 38 -58.92 1.95 -23.07
C TRP C 38 -59.13 3.35 -22.53
N ILE C 39 -58.10 3.92 -21.88
CA ILE C 39 -58.21 5.29 -21.40
C ILE C 39 -58.30 6.26 -22.57
N ALA C 40 -57.52 6.01 -23.62
CA ALA C 40 -57.56 6.86 -24.80
C ALA C 40 -58.84 6.70 -25.60
N ARG C 41 -59.56 5.59 -25.45
CA ARG C 41 -60.85 5.47 -26.12
C ARG C 41 -61.99 5.99 -25.26
N LYS C 42 -61.96 5.72 -23.95
CA LYS C 42 -63.04 6.17 -23.07
C LYS C 42 -63.02 7.68 -22.89
N TYR C 43 -61.84 8.30 -22.98
CA TYR C 43 -61.76 9.75 -22.88
C TYR C 43 -62.32 10.44 -24.12
N VAL C 44 -62.03 9.90 -25.30
CA VAL C 44 -62.50 10.50 -26.54
C VAL C 44 -64.01 10.30 -26.70
N VAL C 45 -64.51 9.13 -26.30
CA VAL C 45 -65.93 8.82 -26.44
C VAL C 45 -66.76 9.64 -25.47
N GLU C 46 -66.28 9.81 -24.23
CA GLU C 46 -67.03 10.57 -23.23
C GLU C 46 -67.01 12.08 -23.50
N GLU C 47 -66.10 12.56 -24.36
CA GLU C 47 -66.05 13.99 -24.64
C GLU C 47 -66.77 14.35 -25.93
N THR C 48 -66.54 13.61 -27.01
CA THR C 48 -67.17 13.89 -28.28
C THR C 48 -68.56 13.29 -28.41
N ASN C 49 -68.96 12.45 -27.44
CA ASN C 49 -70.29 11.81 -27.40
C ASN C 49 -70.57 10.97 -28.64
N GLU C 50 -69.54 10.29 -29.14
CA GLU C 50 -69.65 9.44 -30.32
C GLU C 50 -69.17 8.04 -29.93
N LYS C 51 -70.09 7.08 -29.88
CA LYS C 51 -69.73 5.70 -29.53
C LYS C 51 -68.97 5.02 -30.64
N THR C 52 -69.09 5.49 -31.88
CA THR C 52 -68.40 4.97 -33.04
C THR C 52 -67.58 6.08 -33.68
N PRO C 53 -66.49 5.73 -34.41
CA PRO C 53 -65.77 6.75 -35.18
C PRO C 53 -66.57 7.31 -36.34
N GLY C 54 -65.99 8.24 -37.08
CA GLY C 54 -66.77 8.97 -38.04
C GLY C 54 -66.62 10.48 -37.93
N ASN C 55 -67.69 11.14 -37.49
CA ASN C 55 -67.80 12.60 -37.58
C ASN C 55 -66.79 13.31 -36.67
N LYS C 56 -66.84 13.03 -35.37
CA LYS C 56 -66.05 13.83 -34.44
C LYS C 56 -64.70 13.23 -34.08
N TRP C 57 -64.44 11.95 -34.39
CA TRP C 57 -63.12 11.37 -34.14
C TRP C 57 -62.90 10.19 -35.09
N GLU C 58 -61.65 9.76 -35.18
CA GLU C 58 -61.29 8.62 -36.03
C GLU C 58 -60.15 7.83 -35.41
N PHE C 59 -60.29 6.52 -35.41
CA PHE C 59 -59.29 5.59 -34.90
C PHE C 59 -58.47 5.04 -36.04
N ILE C 60 -57.13 5.14 -35.93
CA ILE C 60 -56.20 4.45 -36.81
C ILE C 60 -55.08 3.88 -35.95
N THR C 61 -54.20 3.11 -36.58
CA THR C 61 -52.99 2.65 -35.92
C THR C 61 -51.87 2.54 -36.95
N PHE C 62 -50.64 2.47 -36.44
CA PHE C 62 -49.47 2.47 -37.30
C PHE C 62 -48.88 1.07 -37.42
N HIS C 63 -48.17 0.85 -38.52
CA HIS C 63 -47.44 -0.40 -38.75
C HIS C 63 -46.28 -0.08 -39.68
N GLN C 64 -45.45 -1.09 -39.94
CA GLN C 64 -44.24 -0.89 -40.73
C GLN C 64 -44.56 -0.59 -42.20
N SER C 65 -45.68 -1.10 -42.71
CA SER C 65 -46.10 -0.85 -44.08
C SER C 65 -47.01 0.35 -44.22
N TYR C 66 -47.08 1.19 -43.19
CA TYR C 66 -47.86 2.43 -43.22
C TYR C 66 -46.89 3.55 -43.56
N SER C 67 -47.15 4.25 -44.66
CA SER C 67 -46.19 5.21 -45.18
C SER C 67 -46.80 6.61 -45.26
N TYR C 68 -45.99 7.55 -45.74
CA TYR C 68 -46.35 8.97 -45.74
C TYR C 68 -47.49 9.27 -46.71
N GLU C 69 -47.58 8.53 -47.81
CA GLU C 69 -48.54 8.88 -48.86
C GLU C 69 -49.97 8.56 -48.46
N GLU C 70 -50.17 7.57 -47.60
CA GLU C 70 -51.50 7.18 -47.18
C GLU C 70 -51.92 7.77 -45.84
N PHE C 71 -51.05 8.57 -45.21
CA PHE C 71 -51.37 9.20 -43.94
C PHE C 71 -51.87 10.63 -44.09
N ILE C 72 -51.16 11.45 -44.86
CA ILE C 72 -51.43 12.88 -44.95
C ILE C 72 -51.70 13.32 -46.39
N GLU C 73 -50.83 12.93 -47.33
CA GLU C 73 -50.97 13.33 -48.72
C GLU C 73 -50.15 12.39 -49.59
N GLY C 74 -50.76 11.87 -50.66
CA GLY C 74 -50.04 11.02 -51.59
C GLY C 74 -50.73 10.97 -52.94
N PHE C 75 -50.03 10.36 -53.90
CA PHE C 75 -50.55 10.16 -55.24
C PHE C 75 -51.29 8.83 -55.33
N ARG C 76 -52.29 8.79 -56.21
CA ARG C 76 -53.18 7.63 -56.28
C ARG C 76 -53.88 7.58 -57.63
N PRO C 77 -53.80 6.47 -58.36
CA PRO C 77 -54.57 6.37 -59.61
C PRO C 77 -56.05 6.16 -59.34
N ARG C 78 -56.88 6.69 -60.23
CA ARG C 78 -58.33 6.64 -60.03
C ARG C 78 -59.01 6.60 -61.39
N THR C 79 -59.37 5.40 -61.85
CA THR C 79 -60.18 5.20 -63.04
C THR C 79 -61.60 4.86 -62.62
N ASP C 80 -62.57 5.70 -63.00
CA ASP C 80 -63.91 5.58 -62.44
C ASP C 80 -64.75 4.50 -63.13
N ASN C 81 -65.11 4.71 -64.40
CA ASN C 81 -65.84 3.67 -65.13
C ASN C 81 -65.26 3.39 -66.51
N GLU C 82 -64.93 4.46 -67.25
CA GLU C 82 -64.42 4.31 -68.60
C GLU C 82 -63.29 5.28 -68.92
N GLU C 83 -62.96 6.20 -68.03
CA GLU C 83 -61.95 7.20 -68.31
C GLU C 83 -60.56 6.61 -68.20
N LYS C 84 -59.58 7.38 -68.67
CA LYS C 84 -58.19 6.98 -68.52
C LYS C 84 -57.75 7.13 -67.07
N ILE C 85 -56.56 6.62 -66.76
CA ILE C 85 -56.05 6.65 -65.40
C ILE C 85 -55.57 8.07 -65.13
N ARG C 86 -56.44 8.88 -64.54
CA ARG C 86 -56.11 10.25 -64.14
C ARG C 86 -55.51 10.19 -62.74
N TYR C 87 -54.23 10.53 -62.62
CA TYR C 87 -53.54 10.37 -61.35
C TYR C 87 -53.92 11.48 -60.39
N VAL C 88 -54.95 11.24 -59.60
CA VAL C 88 -55.42 12.20 -58.63
C VAL C 88 -54.50 12.18 -57.41
N VAL C 89 -54.48 13.28 -56.66
CA VAL C 89 -53.81 13.33 -55.38
C VAL C 89 -54.85 13.12 -54.28
N GLU C 90 -54.71 12.04 -53.54
CA GLU C 90 -55.65 11.69 -52.48
C GLU C 90 -55.07 12.09 -51.14
N ASP C 91 -55.84 12.88 -50.39
CA ASP C 91 -55.46 13.22 -49.03
C ASP C 91 -55.56 11.99 -48.14
N GLY C 92 -54.61 11.86 -47.24
CA GLY C 92 -54.55 10.69 -46.36
C GLY C 92 -55.56 10.75 -45.24
N ILE C 93 -55.22 10.05 -44.15
CA ILE C 93 -56.10 10.06 -42.99
C ILE C 93 -56.02 11.39 -42.27
N PHE C 94 -54.81 11.95 -42.14
CA PHE C 94 -54.62 13.14 -41.31
C PHE C 94 -55.25 14.38 -41.93
N LYS C 95 -55.13 14.56 -43.25
CA LYS C 95 -55.68 15.76 -43.85
C LYS C 95 -57.21 15.69 -43.91
N LYS C 96 -57.77 14.48 -43.94
CA LYS C 96 -59.21 14.34 -43.84
C LYS C 96 -59.71 14.48 -42.40
N ILE C 97 -58.81 14.63 -41.43
CA ILE C 97 -59.19 15.03 -40.08
C ILE C 97 -58.83 16.49 -39.84
N ALA C 98 -57.69 16.93 -40.39
CA ALA C 98 -57.23 18.30 -40.16
C ALA C 98 -58.09 19.31 -40.92
N LEU C 99 -58.42 19.02 -42.19
CA LEU C 99 -59.35 19.89 -42.90
C LEU C 99 -60.75 19.77 -42.34
N ARG C 100 -61.12 18.59 -41.82
CA ARG C 100 -62.46 18.41 -41.28
C ARG C 100 -62.62 19.12 -39.95
N ALA C 101 -61.54 19.22 -39.17
CA ALA C 101 -61.58 19.99 -37.92
C ALA C 101 -61.58 21.48 -38.20
N LEU C 102 -60.90 21.91 -39.27
CA LEU C 102 -60.85 23.32 -39.60
C LEU C 102 -62.16 23.82 -40.18
N VAL C 103 -62.78 23.03 -41.06
CA VAL C 103 -64.02 23.45 -41.70
C VAL C 103 -65.18 23.43 -40.72
N LYS C 104 -65.23 22.40 -39.85
CA LYS C 104 -66.24 22.40 -38.78
C LYS C 104 -65.93 23.46 -37.73
N GLY C 105 -64.66 23.86 -37.60
CA GLY C 105 -64.33 24.97 -36.74
C GLY C 105 -64.86 26.29 -37.27
N LEU C 106 -64.62 26.58 -38.55
CA LEU C 106 -65.06 27.84 -39.13
C LEU C 106 -66.57 27.90 -39.37
N PHE C 107 -67.27 26.76 -39.32
CA PHE C 107 -68.70 26.75 -39.60
C PHE C 107 -69.53 27.35 -38.48
N GLU C 108 -69.01 27.40 -37.25
CA GLU C 108 -69.79 27.90 -36.12
C GLU C 108 -69.65 29.40 -35.89
N LEU C 109 -68.56 30.02 -36.30
CA LEU C 109 -68.35 31.44 -36.07
C LEU C 109 -68.64 32.23 -37.34
N GLU C 110 -68.77 33.55 -37.17
CA GLU C 110 -69.00 34.45 -38.31
C GLU C 110 -68.33 35.78 -37.98
N ASP C 111 -67.05 35.89 -38.33
CA ASP C 111 -66.31 37.15 -38.22
C ASP C 111 -65.91 37.68 -39.59
N ALA C 112 -65.21 36.87 -40.38
CA ALA C 112 -64.89 37.25 -41.75
C ALA C 112 -64.97 36.05 -42.70
N THR C 113 -65.50 34.92 -42.24
CA THR C 113 -65.63 33.71 -43.07
C THR C 113 -66.89 33.82 -43.92
N ILE C 114 -66.79 34.65 -44.95
CA ILE C 114 -67.91 34.84 -45.87
C ILE C 114 -68.08 33.58 -46.72
N GLY C 115 -69.32 33.30 -47.11
CA GLY C 115 -69.60 32.07 -47.82
C GLY C 115 -69.78 30.90 -46.89
N LYS C 116 -70.75 30.99 -45.98
CA LYS C 116 -71.04 29.87 -45.09
C LYS C 116 -71.64 28.69 -45.83
N ASP C 117 -72.32 28.94 -46.95
CA ASP C 117 -72.73 27.86 -47.83
C ASP C 117 -71.54 27.29 -48.58
N LYS C 118 -70.51 28.10 -48.82
CA LYS C 118 -69.31 27.60 -49.49
C LYS C 118 -68.46 26.75 -48.53
N ILE C 119 -68.41 27.13 -47.26
CA ILE C 119 -67.73 26.31 -46.26
C ILE C 119 -68.51 25.03 -45.99
N HIS C 120 -69.84 25.10 -46.02
CA HIS C 120 -70.67 23.90 -45.87
C HIS C 120 -70.52 22.98 -47.07
N ARG C 121 -70.31 23.55 -48.26
CA ARG C 121 -70.07 22.74 -49.45
C ARG C 121 -68.74 22.02 -49.35
N LEU C 122 -67.77 22.60 -48.66
CA LEU C 122 -66.49 21.93 -48.43
C LEU C 122 -66.63 20.84 -47.37
N TYR C 123 -67.52 21.02 -46.39
CA TYR C 123 -67.67 20.01 -45.34
C TYR C 123 -68.40 18.78 -45.84
N ILE C 124 -69.34 18.94 -46.78
CA ILE C 124 -70.00 17.79 -47.37
C ILE C 124 -69.02 16.98 -48.20
N LEU C 125 -68.15 17.66 -48.95
CA LEU C 125 -67.14 17.01 -49.78
C LEU C 125 -65.92 16.53 -48.99
N LEU C 126 -65.97 16.56 -47.66
CA LEU C 126 -64.94 15.94 -46.83
C LEU C 126 -65.43 14.72 -46.09
N THR C 127 -66.74 14.62 -45.83
CA THR C 127 -67.34 13.44 -45.23
C THR C 127 -68.02 12.55 -46.27
N LYS C 128 -67.52 12.55 -47.51
CA LYS C 128 -68.04 11.66 -48.53
C LYS C 128 -67.54 10.24 -48.28
N LYS C 129 -68.48 9.31 -48.11
CA LYS C 129 -68.10 7.90 -48.02
C LYS C 129 -67.63 7.37 -49.38
N GLU C 130 -68.31 7.77 -50.45
CA GLU C 130 -67.90 7.41 -51.80
C GLU C 130 -66.67 8.23 -52.21
N PRO C 131 -65.83 7.70 -53.10
CA PRO C 131 -64.75 8.52 -53.67
C PRO C 131 -65.30 9.62 -54.55
N LEU C 132 -64.52 10.70 -54.66
CA LEU C 132 -64.99 11.92 -55.31
C LEU C 132 -64.94 11.78 -56.84
N SER C 133 -66.01 12.20 -57.48
CA SER C 133 -66.05 12.25 -58.93
C SER C 133 -65.16 13.39 -59.44
N PRO C 134 -64.64 13.29 -60.66
CA PRO C 134 -63.80 14.39 -61.20
C PRO C 134 -64.57 15.68 -61.45
N THR C 135 -65.90 15.63 -61.54
CA THR C 135 -66.69 16.87 -61.59
C THR C 135 -66.90 17.46 -60.20
N GLU C 136 -66.67 16.67 -59.14
CA GLU C 136 -66.79 17.14 -57.77
C GLU C 136 -65.45 17.29 -57.07
N TYR C 137 -64.41 16.57 -57.50
CA TYR C 137 -63.09 16.75 -56.91
C TYR C 137 -62.48 18.09 -57.30
N GLU C 138 -62.74 18.55 -58.52
CA GLU C 138 -62.15 19.80 -58.99
C GLU C 138 -62.73 21.00 -58.26
N GLU C 139 -64.03 20.96 -57.93
CA GLU C 139 -64.59 22.01 -57.10
C GLU C 139 -64.16 21.84 -55.64
N TYR C 140 -63.81 20.61 -55.24
CA TYR C 140 -63.26 20.41 -53.90
C TYR C 140 -61.84 20.97 -53.80
N LEU C 141 -61.09 20.92 -54.90
CA LEU C 141 -59.74 21.50 -54.90
C LEU C 141 -59.80 23.01 -54.87
N ARG C 142 -60.80 23.60 -55.52
CA ARG C 142 -60.93 25.05 -55.51
C ARG C 142 -61.36 25.58 -54.14
N LEU C 143 -62.28 24.86 -53.47
CA LEU C 143 -62.73 25.32 -52.16
C LEU C 143 -61.69 25.07 -51.08
N LYS C 144 -60.75 24.15 -51.30
CA LYS C 144 -59.65 24.00 -50.36
C LYS C 144 -58.64 25.12 -50.53
N ARG C 145 -58.49 25.64 -51.75
CA ARG C 145 -57.65 26.82 -51.95
C ARG C 145 -58.32 28.06 -51.41
N TYR C 146 -59.66 28.11 -51.46
CA TYR C 146 -60.39 29.22 -50.84
C TYR C 146 -60.30 29.16 -49.32
N LEU C 147 -60.14 27.96 -48.77
CA LEU C 147 -60.07 27.78 -47.32
C LEU C 147 -58.79 28.38 -46.76
N TRP C 148 -57.64 28.12 -47.40
CA TRP C 148 -56.39 28.63 -46.87
C TRP C 148 -56.19 30.12 -47.20
N GLU C 149 -56.84 30.61 -48.24
CA GLU C 149 -56.85 32.06 -48.46
C GLU C 149 -57.74 32.76 -47.45
N LEU C 150 -58.77 32.07 -46.95
CA LEU C 150 -59.62 32.64 -45.92
C LEU C 150 -58.94 32.59 -44.55
N VAL C 151 -58.27 31.47 -44.24
CA VAL C 151 -57.60 31.34 -42.96
C VAL C 151 -56.37 32.25 -42.89
N GLY C 152 -55.69 32.45 -44.02
CA GLY C 152 -54.59 33.41 -44.07
C GLY C 152 -55.00 34.86 -43.91
N GLY C 153 -56.30 35.16 -43.95
CA GLY C 153 -56.79 36.48 -43.64
C GLY C 153 -57.70 36.52 -42.43
N LEU C 154 -57.49 35.58 -41.50
CA LEU C 154 -58.20 35.56 -40.22
C LEU C 154 -57.28 35.99 -39.08
N PRO C 155 -57.80 36.74 -38.11
CA PRO C 155 -56.98 37.11 -36.95
C PRO C 155 -56.76 35.93 -36.02
N LYS C 156 -55.69 36.04 -35.22
CA LYS C 156 -55.33 35.00 -34.28
C LYS C 156 -56.24 34.96 -33.06
N ASP C 157 -56.98 36.03 -32.81
CA ASP C 157 -57.91 36.06 -31.68
C ASP C 157 -59.16 35.23 -31.95
N LYS C 158 -59.57 35.10 -33.21
CA LYS C 158 -60.75 34.32 -33.56
C LYS C 158 -60.42 32.89 -33.97
N LEU C 159 -59.14 32.55 -34.13
CA LEU C 159 -58.72 31.20 -34.46
C LEU C 159 -58.07 30.47 -33.31
N LYS C 160 -57.89 31.13 -32.16
CA LYS C 160 -57.30 30.46 -31.01
C LYS C 160 -58.28 29.56 -30.27
N ASN C 161 -59.58 29.68 -30.54
CA ASN C 161 -60.58 28.84 -29.90
C ASN C 161 -61.60 28.36 -30.91
N LEU C 162 -61.74 27.04 -31.01
CA LEU C 162 -62.78 26.43 -31.84
C LEU C 162 -63.47 25.37 -30.98
N THR C 163 -64.79 25.48 -30.83
CA THR C 163 -65.52 24.61 -29.91
C THR C 163 -65.56 23.13 -30.29
N PRO C 164 -65.77 22.69 -31.57
CA PRO C 164 -65.76 21.24 -31.83
C PRO C 164 -64.37 20.64 -31.78
N LYS C 165 -63.92 20.27 -30.57
CA LYS C 165 -62.64 19.61 -30.37
C LYS C 165 -62.62 18.25 -31.08
N PHE C 166 -61.87 18.15 -32.17
CA PHE C 166 -61.75 16.89 -32.88
C PHE C 166 -60.64 16.05 -32.26
N TYR C 167 -60.58 14.79 -32.64
CA TYR C 167 -59.62 13.87 -32.02
C TYR C 167 -59.17 12.86 -33.05
N LEU C 168 -57.86 12.69 -33.19
CA LEU C 168 -57.29 11.63 -34.00
C LEU C 168 -56.49 10.73 -33.09
N ILE C 169 -57.05 9.58 -32.75
CA ILE C 169 -56.43 8.63 -31.84
C ILE C 169 -55.63 7.63 -32.67
N ILE C 170 -54.33 7.55 -32.40
CA ILE C 170 -53.43 6.68 -33.13
C ILE C 170 -52.87 5.67 -32.14
N ASP C 171 -53.38 4.45 -32.17
CA ASP C 171 -52.83 3.41 -31.33
C ASP C 171 -51.51 2.91 -31.93
N GLU C 172 -50.64 2.39 -31.06
CA GLU C 172 -49.36 1.76 -31.43
C GLU C 172 -48.48 2.72 -32.24
N ILE C 173 -48.28 3.93 -31.70
CA ILE C 173 -47.65 5.01 -32.46
C ILE C 173 -46.15 4.80 -32.64
N ASN C 174 -45.55 3.85 -31.92
CA ASN C 174 -44.14 3.55 -32.10
C ASN C 174 -43.90 2.49 -33.17
N ARG C 175 -44.96 1.93 -33.76
CA ARG C 175 -44.77 0.88 -34.76
C ARG C 175 -44.28 1.46 -36.08
N GLY C 176 -45.01 2.42 -36.63
CA GLY C 176 -44.64 3.01 -37.89
C GLY C 176 -43.41 3.89 -37.80
N ASN C 177 -42.85 4.19 -38.97
CA ASN C 177 -41.66 5.04 -39.04
C ASN C 177 -42.09 6.47 -38.72
N ILE C 178 -41.92 6.85 -37.45
CA ILE C 178 -42.57 8.02 -36.90
C ILE C 178 -41.97 9.33 -37.43
N SER C 179 -40.77 9.30 -38.01
CA SER C 179 -40.24 10.47 -38.70
C SER C 179 -40.65 10.49 -40.17
N LYS C 180 -40.88 9.32 -40.77
CA LYS C 180 -41.33 9.27 -42.15
C LYS C 180 -42.82 9.57 -42.25
N ILE C 181 -43.59 9.26 -41.21
CA ILE C 181 -45.03 9.46 -41.24
C ILE C 181 -45.36 10.94 -41.08
N PHE C 182 -44.88 11.55 -40.00
CA PHE C 182 -45.07 12.98 -39.77
C PHE C 182 -43.99 13.72 -40.55
N GLY C 183 -44.17 13.78 -41.86
CA GLY C 183 -43.15 14.37 -42.70
C GLY C 183 -43.07 15.87 -42.64
N GLU C 184 -44.10 16.55 -43.14
CA GLU C 184 -44.26 17.98 -42.99
C GLU C 184 -45.00 18.34 -41.70
N LEU C 185 -45.07 17.38 -40.77
CA LEU C 185 -45.90 17.49 -39.60
C LEU C 185 -45.07 17.46 -38.32
N ILE C 186 -43.75 17.29 -38.44
CA ILE C 186 -42.91 17.16 -37.26
C ILE C 186 -42.58 18.51 -36.64
N THR C 187 -42.78 19.61 -37.38
CA THR C 187 -42.62 20.94 -36.83
C THR C 187 -43.93 21.73 -36.90
N LEU C 188 -45.06 21.03 -37.07
CA LEU C 188 -46.36 21.66 -37.06
C LEU C 188 -47.24 21.21 -35.92
N LEU C 189 -46.99 20.04 -35.34
CA LEU C 189 -47.82 19.49 -34.29
C LEU C 189 -47.68 20.22 -32.96
N GLU C 190 -46.66 21.07 -32.80
CA GLU C 190 -46.46 21.79 -31.55
C GLU C 190 -47.56 22.82 -31.34
N LYS C 191 -47.83 23.12 -30.06
CA LYS C 191 -48.92 24.04 -29.71
C LYS C 191 -48.60 25.46 -30.14
N ASP C 192 -47.32 25.85 -30.16
CA ASP C 192 -46.95 27.17 -30.61
C ASP C 192 -47.10 27.33 -32.12
N LYS C 193 -47.07 26.23 -32.87
CA LYS C 193 -47.16 26.29 -34.32
C LYS C 193 -48.47 25.71 -34.86
N ARG C 194 -49.50 25.66 -34.02
CA ARG C 194 -50.82 25.34 -34.51
C ARG C 194 -51.42 26.54 -35.23
N LEU C 195 -52.54 26.31 -35.90
CA LEU C 195 -53.19 27.35 -36.70
C LEU C 195 -53.97 28.28 -35.78
N GLY C 196 -53.24 29.19 -35.14
CA GLY C 196 -53.85 30.11 -34.21
C GLY C 196 -53.04 30.30 -32.95
N GLY C 197 -51.86 29.68 -32.88
CA GLY C 197 -50.98 29.83 -31.74
C GLY C 197 -50.19 31.12 -31.78
N GLU C 198 -49.10 31.15 -31.02
CA GLU C 198 -48.26 32.33 -30.98
C GLU C 198 -47.43 32.48 -32.25
N ASN C 199 -47.10 31.38 -32.92
CA ASN C 199 -46.37 31.40 -34.19
C ASN C 199 -47.15 30.56 -35.18
N GLN C 200 -48.13 31.17 -35.85
CA GLN C 200 -48.96 30.45 -36.81
C GLN C 200 -48.14 30.14 -38.06
N LEU C 201 -47.81 28.86 -38.24
CA LEU C 201 -46.93 28.41 -39.31
C LEU C 201 -47.73 27.56 -40.29
N ILE C 202 -47.85 28.05 -41.53
CA ILE C 202 -48.57 27.36 -42.59
C ILE C 202 -47.53 26.89 -43.61
N VAL C 203 -47.23 25.58 -43.59
CA VAL C 203 -46.20 25.01 -44.43
C VAL C 203 -46.84 24.54 -45.73
N ARG C 204 -46.02 24.36 -46.76
CA ARG C 204 -46.48 23.94 -48.07
C ARG C 204 -46.22 22.44 -48.26
N LEU C 205 -47.25 21.71 -48.63
CA LEU C 205 -47.18 20.27 -48.80
C LEU C 205 -46.54 19.90 -50.14
N PRO C 206 -45.79 18.78 -50.20
CA PRO C 206 -45.01 18.48 -51.41
C PRO C 206 -45.80 18.12 -52.66
N TYR C 207 -46.73 17.18 -52.56
CA TYR C 207 -47.32 16.60 -53.76
C TYR C 207 -48.36 17.53 -54.38
N SER C 208 -49.42 17.86 -53.62
CA SER C 208 -50.47 18.71 -54.17
C SER C 208 -50.05 20.17 -54.26
N GLY C 209 -49.01 20.58 -53.52
CA GLY C 209 -48.58 21.95 -53.52
C GLY C 209 -49.38 22.89 -52.66
N GLU C 210 -50.42 22.39 -52.00
CA GLU C 210 -51.31 23.20 -51.19
C GLU C 210 -50.66 23.59 -49.87
N PRO C 211 -50.97 24.77 -49.34
CA PRO C 211 -50.57 25.10 -47.98
C PRO C 211 -51.41 24.31 -46.98
N PHE C 212 -50.80 23.98 -45.85
CA PHE C 212 -51.45 23.13 -44.87
C PHE C 212 -50.88 23.41 -43.49
N ALA C 213 -51.76 23.66 -42.53
CA ALA C 213 -51.37 23.85 -41.13
C ALA C 213 -52.38 23.17 -40.24
N VAL C 214 -51.90 22.65 -39.11
CA VAL C 214 -52.75 21.90 -38.17
C VAL C 214 -53.64 22.86 -37.41
N PRO C 215 -54.96 22.70 -37.48
CA PRO C 215 -55.86 23.54 -36.70
C PRO C 215 -55.75 23.20 -35.22
N PRO C 216 -56.10 24.11 -34.31
CA PRO C 216 -55.90 23.86 -32.88
C PRO C 216 -56.93 22.94 -32.24
N ASN C 217 -57.76 22.25 -33.03
CA ASN C 217 -58.70 21.28 -32.51
C ASN C 217 -58.10 19.90 -32.35
N LEU C 218 -57.10 19.56 -33.16
CA LEU C 218 -56.62 18.18 -33.23
C LEU C 218 -55.80 17.83 -32.00
N TYR C 219 -56.22 16.77 -31.32
CA TYR C 219 -55.47 16.20 -30.21
C TYR C 219 -55.09 14.77 -30.60
N ILE C 220 -53.81 14.53 -30.79
CA ILE C 220 -53.31 13.27 -31.33
C ILE C 220 -52.99 12.37 -30.15
N ILE C 221 -53.92 11.46 -29.84
CA ILE C 221 -53.83 10.65 -28.62
C ILE C 221 -53.07 9.38 -29.00
N GLY C 222 -51.74 9.45 -28.97
CA GLY C 222 -50.95 8.25 -29.20
C GLY C 222 -50.98 7.33 -28.00
N THR C 223 -50.86 6.02 -28.26
CA THR C 223 -50.66 5.03 -27.20
C THR C 223 -49.49 4.15 -27.63
N MET C 224 -48.27 4.56 -27.30
CA MET C 224 -47.09 3.77 -27.64
C MET C 224 -46.98 2.57 -26.70
N ASN C 225 -46.78 1.39 -27.27
CA ASN C 225 -46.30 0.26 -26.49
C ASN C 225 -44.80 0.37 -26.31
N THR C 226 -44.34 0.31 -25.07
CA THR C 226 -42.92 0.42 -24.76
C THR C 226 -42.36 -0.86 -24.16
N ALA C 227 -42.93 -2.01 -24.53
CA ALA C 227 -42.42 -3.29 -24.08
C ALA C 227 -41.06 -3.60 -24.68
N ASP C 228 -41.00 -3.67 -26.00
CA ASP C 228 -39.76 -3.98 -26.70
C ASP C 228 -39.02 -2.70 -27.09
N ARG C 229 -37.69 -2.79 -27.07
CA ARG C 229 -36.86 -1.70 -27.53
C ARG C 229 -36.59 -1.87 -29.03
N SER C 230 -35.75 -1.00 -29.58
CA SER C 230 -35.35 -0.85 -30.98
C SER C 230 -36.48 -0.39 -31.90
N ILE C 231 -37.70 -0.20 -31.38
CA ILE C 231 -38.79 0.42 -32.11
C ILE C 231 -39.44 1.55 -31.32
N ALA C 232 -38.97 1.84 -30.12
CA ALA C 232 -39.54 2.91 -29.31
C ALA C 232 -39.05 4.26 -29.80
N LEU C 233 -39.72 5.32 -29.34
CA LEU C 233 -39.35 6.68 -29.71
C LEU C 233 -38.06 7.09 -29.03
N LEU C 234 -36.94 6.92 -29.73
CA LEU C 234 -35.64 7.32 -29.22
C LEU C 234 -35.28 8.74 -29.63
N ASP C 235 -35.79 9.19 -30.77
CA ASP C 235 -35.47 10.52 -31.29
C ASP C 235 -36.15 11.60 -30.45
N VAL C 236 -35.34 12.53 -29.95
CA VAL C 236 -35.79 13.45 -28.89
C VAL C 236 -36.66 14.57 -29.48
N ALA C 237 -36.59 14.79 -30.80
CA ALA C 237 -37.51 15.71 -31.45
C ALA C 237 -38.93 15.16 -31.44
N LEU C 238 -39.09 13.85 -31.42
CA LEU C 238 -40.41 13.25 -31.24
C LEU C 238 -40.82 13.26 -29.78
N ARG C 239 -39.86 13.26 -28.86
CA ARG C 239 -40.16 13.25 -27.44
C ARG C 239 -40.43 14.63 -26.88
N ARG C 240 -40.59 15.62 -27.73
CA ARG C 240 -40.86 16.96 -27.25
C ARG C 240 -42.22 17.49 -27.70
N ARG C 241 -42.65 17.17 -28.92
CA ARG C 241 -43.99 17.56 -29.36
C ARG C 241 -45.06 16.81 -28.57
N PHE C 242 -44.78 15.58 -28.18
CA PHE C 242 -45.74 14.72 -27.51
C PHE C 242 -45.44 14.70 -26.01
N ALA C 243 -46.38 15.19 -25.21
CA ALA C 243 -46.26 15.08 -23.76
C ALA C 243 -46.66 13.68 -23.34
N PHE C 244 -45.69 12.88 -22.90
CA PHE C 244 -45.95 11.49 -22.56
C PHE C 244 -46.70 11.38 -21.25
N ILE C 245 -47.39 10.25 -21.08
CA ILE C 245 -47.99 9.87 -19.81
C ILE C 245 -47.63 8.43 -19.53
N GLU C 246 -46.92 8.19 -18.44
CA GLU C 246 -46.67 6.83 -18.01
C GLU C 246 -47.93 6.25 -17.39
N VAL C 247 -48.48 5.22 -18.03
CA VAL C 247 -49.65 4.55 -17.48
C VAL C 247 -49.16 3.24 -16.86
N GLU C 248 -48.87 3.28 -15.56
CA GLU C 248 -48.35 2.14 -14.83
C GLU C 248 -49.43 1.07 -14.72
N PRO C 249 -49.05 -0.22 -14.79
CA PRO C 249 -50.04 -1.28 -14.52
C PRO C 249 -50.43 -1.31 -13.06
N ARG C 250 -51.63 -0.83 -12.76
CA ARG C 250 -52.08 -0.71 -11.39
C ARG C 250 -52.67 -2.04 -10.95
N PRO C 251 -52.08 -2.73 -9.97
CA PRO C 251 -52.71 -3.94 -9.42
C PRO C 251 -53.81 -3.63 -8.42
N GLU C 252 -54.09 -2.35 -8.15
CA GLU C 252 -55.18 -1.95 -7.27
C GLU C 252 -56.54 -2.26 -7.89
N PHE C 253 -56.61 -2.48 -9.21
CA PHE C 253 -57.81 -2.93 -9.88
C PHE C 253 -58.03 -4.44 -9.75
N LEU C 254 -57.23 -5.13 -8.93
CA LEU C 254 -57.33 -6.57 -8.76
C LEU C 254 -57.53 -6.95 -7.30
N GLU C 255 -58.21 -6.12 -6.54
CA GLU C 255 -58.68 -6.48 -5.21
C GLU C 255 -60.04 -7.14 -5.35
N LYS C 256 -60.77 -7.32 -4.25
CA LYS C 256 -62.12 -7.83 -4.39
C LYS C 256 -63.11 -6.71 -4.68
N GLU C 257 -63.05 -5.62 -3.91
CA GLU C 257 -64.01 -4.54 -4.06
C GLU C 257 -63.77 -3.70 -5.30
N ASN C 258 -62.56 -3.74 -5.87
CA ASN C 258 -62.27 -2.98 -7.07
C ASN C 258 -62.58 -3.77 -8.33
N LEU C 259 -62.26 -5.08 -8.33
CA LEU C 259 -62.57 -5.91 -9.49
C LEU C 259 -64.07 -6.13 -9.64
N LYS C 260 -64.79 -6.20 -8.52
CA LYS C 260 -66.25 -6.30 -8.57
C LYS C 260 -66.86 -5.00 -9.07
N LYS C 261 -66.25 -3.86 -8.73
CA LYS C 261 -66.77 -2.57 -9.16
C LYS C 261 -66.48 -2.31 -10.64
N ILE C 262 -65.41 -2.90 -11.17
CA ILE C 262 -65.07 -2.69 -12.58
C ILE C 262 -66.03 -3.48 -13.48
N ARG C 263 -66.22 -4.77 -13.18
CA ARG C 263 -66.98 -5.63 -14.07
C ARG C 263 -68.48 -5.46 -13.91
N GLU C 264 -68.93 -4.80 -12.84
CA GLU C 264 -70.34 -4.43 -12.70
C GLU C 264 -70.68 -3.15 -13.45
N LYS C 265 -69.67 -2.33 -13.76
CA LYS C 265 -69.90 -1.06 -14.44
C LYS C 265 -70.35 -1.27 -15.88
N LYS C 266 -69.87 -2.32 -16.53
CA LYS C 266 -70.23 -2.61 -17.92
C LYS C 266 -71.15 -3.81 -18.02
N LEU C 267 -71.95 -4.08 -16.98
CA LEU C 267 -72.85 -5.22 -16.96
C LEU C 267 -74.26 -4.75 -16.61
N LYS C 268 -75.21 -5.68 -16.70
CA LYS C 268 -76.62 -5.40 -16.46
C LYS C 268 -76.93 -5.54 -14.97
N THR C 269 -78.23 -5.53 -14.64
CA THR C 269 -78.66 -5.61 -13.25
C THR C 269 -78.80 -7.05 -12.77
N GLU C 270 -79.36 -7.93 -13.62
CA GLU C 270 -79.63 -9.30 -13.19
C GLU C 270 -78.35 -10.12 -13.12
N ASP C 271 -77.44 -9.94 -14.08
CA ASP C 271 -76.21 -10.72 -14.08
C ASP C 271 -75.17 -10.18 -13.11
N ARG C 272 -75.41 -9.03 -12.51
CA ARG C 272 -74.48 -8.50 -11.50
C ARG C 272 -74.50 -9.34 -10.23
N LYS C 273 -75.66 -9.93 -9.89
CA LYS C 273 -75.73 -10.82 -8.73
C LYS C 273 -75.01 -12.13 -9.00
N ARG C 274 -75.10 -12.64 -10.24
CA ARG C 274 -74.35 -13.83 -10.60
C ARG C 274 -72.85 -13.53 -10.71
N LEU C 275 -72.51 -12.31 -11.10
CA LEU C 275 -71.10 -11.90 -11.16
C LEU C 275 -70.53 -11.72 -9.75
N ASN C 276 -71.33 -11.20 -8.83
CA ASN C 276 -70.90 -11.05 -7.45
C ASN C 276 -70.74 -12.40 -6.77
N GLU C 277 -71.61 -13.36 -7.10
CA GLU C 277 -71.52 -14.69 -6.53
C GLU C 277 -70.30 -15.44 -7.05
N LYS C 278 -69.92 -15.17 -8.31
CA LYS C 278 -68.74 -15.82 -8.88
C LYS C 278 -67.46 -15.26 -8.27
N LEU C 279 -67.47 -13.98 -7.89
CA LEU C 279 -66.29 -13.39 -7.27
C LEU C 279 -66.20 -13.73 -5.79
N ASN C 280 -67.34 -13.97 -5.12
CA ASN C 280 -67.30 -14.52 -3.78
C ASN C 280 -66.78 -15.95 -3.80
N GLU C 281 -67.12 -16.71 -4.84
CA GLU C 281 -66.65 -18.10 -4.93
C GLU C 281 -65.17 -18.15 -5.28
N LEU C 282 -64.66 -17.13 -5.96
CA LEU C 282 -63.25 -17.08 -6.31
C LEU C 282 -62.39 -16.85 -5.07
N PHE C 283 -62.68 -15.77 -4.31
CA PHE C 283 -61.86 -15.45 -3.16
C PHE C 283 -62.15 -16.31 -1.94
N SER C 284 -63.21 -17.11 -1.96
CA SER C 284 -63.37 -18.14 -0.94
C SER C 284 -62.46 -19.33 -1.21
N LYS C 285 -62.16 -19.60 -2.48
CA LYS C 285 -61.20 -20.64 -2.84
C LYS C 285 -59.76 -20.16 -2.78
N LEU C 286 -59.54 -18.86 -2.63
CA LEU C 286 -58.20 -18.29 -2.52
C LEU C 286 -57.79 -18.07 -1.07
N GLY C 287 -58.58 -18.55 -0.11
CA GLY C 287 -58.21 -18.44 1.29
C GLY C 287 -58.73 -17.22 2.01
N ASN C 288 -59.91 -16.71 1.60
CA ASN C 288 -60.55 -15.51 2.18
C ASN C 288 -59.62 -14.30 2.16
N ASP C 289 -58.87 -14.17 1.07
CA ASP C 289 -57.84 -13.13 0.93
C ASP C 289 -58.32 -12.20 -0.17
N ASN C 290 -58.96 -11.09 0.22
CA ASN C 290 -59.47 -10.12 -0.74
C ASN C 290 -58.37 -9.28 -1.38
N TYR C 291 -57.14 -9.35 -0.88
CA TYR C 291 -56.00 -8.62 -1.42
C TYR C 291 -55.05 -9.55 -2.14
N PHE C 292 -55.58 -10.62 -2.76
CA PHE C 292 -54.72 -11.67 -3.30
C PHE C 292 -54.18 -11.34 -4.68
N LEU C 293 -55.07 -11.04 -5.63
CA LEU C 293 -54.62 -10.77 -7.00
C LEU C 293 -53.90 -9.42 -7.10
N LYS C 294 -54.14 -8.52 -6.15
CA LYS C 294 -53.36 -7.28 -6.09
C LYS C 294 -51.91 -7.57 -5.72
N THR C 295 -51.70 -8.32 -4.64
CA THR C 295 -50.34 -8.66 -4.23
C THR C 295 -49.74 -9.77 -5.08
N LEU C 296 -50.54 -10.44 -5.91
CA LEU C 296 -49.95 -11.37 -6.87
C LEU C 296 -49.30 -10.63 -8.02
N LEU C 297 -50.00 -9.62 -8.56
CA LEU C 297 -49.44 -8.84 -9.66
C LEU C 297 -48.34 -7.91 -9.20
N GLU C 298 -48.44 -7.38 -7.97
CA GLU C 298 -47.43 -6.43 -7.51
C GLU C 298 -46.14 -7.13 -7.13
N LYS C 299 -46.21 -8.32 -6.55
CA LYS C 299 -45.00 -9.06 -6.21
C LYS C 299 -44.46 -9.89 -7.38
N ILE C 300 -44.99 -9.72 -8.59
CA ILE C 300 -44.38 -10.32 -9.76
C ILE C 300 -43.94 -9.18 -10.69
N ASN C 301 -44.51 -7.98 -10.48
CA ASN C 301 -44.03 -6.83 -11.22
C ASN C 301 -42.78 -6.23 -10.59
N VAL C 302 -42.59 -6.43 -9.28
CA VAL C 302 -41.36 -6.02 -8.64
C VAL C 302 -40.19 -6.88 -9.11
N ARG C 303 -40.43 -8.19 -9.26
CA ARG C 303 -39.38 -9.11 -9.69
C ARG C 303 -39.01 -8.90 -11.16
N ILE C 304 -39.98 -8.49 -11.98
CA ILE C 304 -39.68 -8.18 -13.37
C ILE C 304 -38.96 -6.83 -13.47
N THR C 305 -39.30 -5.88 -12.59
CA THR C 305 -38.64 -4.58 -12.59
C THR C 305 -37.18 -4.69 -12.17
N VAL C 306 -36.88 -5.52 -11.17
CA VAL C 306 -35.53 -5.55 -10.63
C VAL C 306 -34.58 -6.34 -11.53
N VAL C 307 -35.09 -7.26 -12.34
CA VAL C 307 -34.22 -8.10 -13.15
C VAL C 307 -34.16 -7.60 -14.59
N LYS C 308 -35.31 -7.56 -15.27
CA LYS C 308 -35.30 -7.24 -16.69
C LYS C 308 -35.20 -5.74 -16.92
N ASP C 309 -36.28 -5.01 -16.58
CA ASP C 309 -36.44 -3.56 -16.68
C ASP C 309 -37.83 -3.19 -16.18
N ARG C 310 -38.13 -1.89 -16.09
CA ARG C 310 -39.40 -1.45 -15.54
C ARG C 310 -40.52 -1.43 -16.57
N ASP C 311 -40.25 -1.67 -17.85
CA ASP C 311 -41.25 -1.55 -18.88
C ASP C 311 -41.65 -2.88 -19.51
N HIS C 312 -41.25 -4.00 -18.91
CA HIS C 312 -41.68 -5.33 -19.33
C HIS C 312 -42.63 -5.95 -18.32
N ARG C 313 -43.26 -5.13 -17.49
CA ARG C 313 -44.08 -5.62 -16.40
C ARG C 313 -45.38 -6.21 -16.92
N ILE C 314 -45.92 -7.18 -16.17
CA ILE C 314 -47.22 -7.74 -16.50
C ILE C 314 -48.28 -6.69 -16.20
N GLY C 315 -49.17 -6.47 -17.17
CA GLY C 315 -50.25 -5.52 -16.99
C GLY C 315 -51.36 -6.08 -16.12
N HIS C 316 -52.41 -5.28 -15.97
CA HIS C 316 -53.59 -5.69 -15.23
C HIS C 316 -54.75 -5.99 -16.17
N SER C 317 -54.47 -6.31 -17.42
CA SER C 317 -55.50 -6.80 -18.32
C SER C 317 -55.49 -8.32 -18.44
N TYR C 318 -54.44 -8.98 -17.96
CA TYR C 318 -54.40 -10.43 -17.97
C TYR C 318 -55.35 -11.01 -16.93
N PHE C 319 -55.25 -10.52 -15.70
CA PHE C 319 -55.99 -11.06 -14.57
C PHE C 319 -57.33 -10.36 -14.34
N LEU C 320 -57.69 -9.37 -15.17
CA LEU C 320 -58.90 -8.62 -14.95
C LEU C 320 -60.15 -9.39 -15.34
N ASN C 321 -60.03 -10.38 -16.21
CA ASN C 321 -61.16 -11.13 -16.74
C ASN C 321 -61.26 -12.52 -16.12
N VAL C 322 -60.93 -12.64 -14.84
CA VAL C 322 -61.05 -13.90 -14.11
C VAL C 322 -62.39 -13.92 -13.39
N GLU C 323 -62.98 -15.11 -13.28
CA GLU C 323 -64.25 -15.29 -12.62
C GLU C 323 -64.30 -16.53 -11.73
N THR C 324 -63.35 -17.44 -11.86
CA THR C 324 -63.25 -18.61 -11.00
C THR C 324 -61.78 -19.00 -10.92
N VAL C 325 -61.51 -20.04 -10.13
CA VAL C 325 -60.13 -20.49 -9.96
C VAL C 325 -59.63 -21.18 -11.23
N GLU C 326 -60.53 -21.74 -12.03
CA GLU C 326 -60.14 -22.31 -13.31
C GLU C 326 -59.84 -21.23 -14.34
N ASP C 327 -60.50 -20.08 -14.25
CA ASP C 327 -60.20 -18.98 -15.15
C ASP C 327 -58.88 -18.32 -14.80
N LEU C 328 -58.51 -18.33 -13.51
CA LEU C 328 -57.17 -17.90 -13.13
C LEU C 328 -56.13 -18.92 -13.57
N HIS C 329 -56.51 -20.19 -13.61
CA HIS C 329 -55.60 -21.24 -14.05
C HIS C 329 -55.30 -21.13 -15.53
N HIS C 330 -56.28 -20.72 -16.34
CA HIS C 330 -56.05 -20.59 -17.77
C HIS C 330 -55.28 -19.32 -18.09
N VAL C 331 -55.44 -18.28 -17.27
CA VAL C 331 -54.63 -17.07 -17.44
C VAL C 331 -53.20 -17.35 -17.03
N TRP C 332 -53.00 -18.17 -15.99
CA TRP C 332 -51.66 -18.33 -15.44
C TRP C 332 -50.80 -19.28 -16.27
N TYR C 333 -51.38 -20.26 -16.96
CA TYR C 333 -50.57 -21.21 -17.71
C TYR C 333 -50.52 -20.94 -19.20
N TYR C 334 -51.45 -20.17 -19.76
CA TYR C 334 -51.52 -19.97 -21.20
C TYR C 334 -51.43 -18.50 -21.60
N GLU C 335 -51.21 -17.59 -20.65
CA GLU C 335 -51.08 -16.17 -20.99
C GLU C 335 -49.91 -15.45 -20.32
N VAL C 336 -49.39 -15.92 -19.18
CA VAL C 336 -48.34 -15.19 -18.50
C VAL C 336 -47.14 -16.10 -18.24
N LEU C 337 -47.36 -17.41 -18.19
CA LEU C 337 -46.22 -18.34 -18.13
C LEU C 337 -45.51 -18.53 -19.48
N PRO C 338 -46.20 -18.63 -20.63
CA PRO C 338 -45.46 -18.47 -21.90
C PRO C 338 -44.92 -17.07 -22.09
N LEU C 339 -45.50 -16.07 -21.42
CA LEU C 339 -44.91 -14.74 -21.45
C LEU C 339 -43.65 -14.67 -20.59
N LEU C 340 -43.66 -15.32 -19.42
CA LEU C 340 -42.48 -15.32 -18.58
C LEU C 340 -41.37 -16.18 -19.15
N MET C 341 -41.71 -17.25 -19.88
CA MET C 341 -40.69 -18.04 -20.55
C MET C 341 -40.22 -17.41 -21.86
N GLU C 342 -40.83 -16.30 -22.28
CA GLU C 342 -40.36 -15.59 -23.45
C GLU C 342 -39.41 -14.44 -23.09
N TYR C 343 -39.62 -13.82 -21.93
CA TYR C 343 -38.68 -12.84 -21.37
C TYR C 343 -37.33 -13.49 -21.12
N PHE C 344 -37.31 -14.49 -20.23
CA PHE C 344 -36.09 -15.17 -19.83
C PHE C 344 -36.04 -16.53 -20.52
N TYR C 345 -35.73 -16.51 -21.82
CA TYR C 345 -35.67 -17.75 -22.60
C TYR C 345 -34.41 -18.52 -22.24
N ASN C 346 -34.60 -19.77 -21.77
CA ASN C 346 -33.54 -20.71 -21.39
C ASN C 346 -32.62 -20.14 -20.32
N ASP C 347 -33.17 -19.29 -19.45
CA ASP C 347 -32.42 -18.71 -18.33
C ASP C 347 -33.22 -19.06 -17.10
N TRP C 348 -32.96 -20.25 -16.55
CA TRP C 348 -33.87 -20.85 -15.58
C TRP C 348 -33.67 -20.32 -14.18
N GLU C 349 -32.45 -19.89 -13.83
CA GLU C 349 -32.17 -19.42 -12.48
C GLU C 349 -32.85 -18.09 -12.17
N THR C 350 -33.29 -17.35 -13.19
CA THR C 350 -34.03 -16.12 -12.99
C THR C 350 -35.54 -16.37 -12.88
N ILE C 351 -36.09 -17.19 -13.78
CA ILE C 351 -37.53 -17.43 -13.82
C ILE C 351 -37.99 -18.24 -12.62
N LYS C 352 -37.09 -18.99 -11.97
CA LYS C 352 -37.42 -19.55 -10.67
C LYS C 352 -37.45 -18.46 -9.60
N TRP C 353 -36.62 -17.43 -9.74
CA TRP C 353 -36.56 -16.38 -8.73
C TRP C 353 -37.68 -15.35 -8.92
N VAL C 354 -38.17 -15.18 -10.15
CA VAL C 354 -39.31 -14.29 -10.37
C VAL C 354 -40.55 -14.84 -9.67
N LEU C 355 -40.71 -16.15 -9.67
CA LEU C 355 -41.75 -16.81 -8.91
C LEU C 355 -41.30 -17.16 -7.49
N ASN C 356 -40.13 -16.66 -7.08
CA ASN C 356 -39.37 -16.97 -5.85
C ASN C 356 -39.41 -18.45 -5.47
N GLU C 357 -39.18 -19.30 -6.47
CA GLU C 357 -38.96 -20.72 -6.26
C GLU C 357 -37.49 -21.07 -6.46
N LYS C 358 -36.60 -20.19 -5.99
CA LYS C 358 -35.17 -20.35 -6.22
C LYS C 358 -34.60 -21.57 -5.49
N GLY C 359 -35.17 -21.91 -4.35
CA GLY C 359 -34.73 -23.08 -3.61
C GLY C 359 -35.60 -24.30 -3.84
N LYS C 360 -36.87 -24.07 -4.17
CA LYS C 360 -37.80 -25.17 -4.40
C LYS C 360 -37.56 -25.78 -5.78
N GLU C 361 -37.28 -27.09 -5.80
CA GLU C 361 -37.03 -27.80 -7.04
C GLU C 361 -38.00 -28.94 -7.30
N HIS C 362 -38.79 -29.34 -6.32
CA HIS C 362 -39.74 -30.43 -6.49
C HIS C 362 -41.02 -30.08 -5.73
N GLY C 363 -42.04 -30.91 -5.93
CA GLY C 363 -43.31 -30.72 -5.25
C GLY C 363 -44.20 -29.71 -5.92
N ASN C 364 -44.87 -28.88 -5.11
CA ASN C 364 -45.78 -27.85 -5.63
C ASN C 364 -44.97 -26.69 -6.17
N VAL C 365 -44.48 -26.86 -7.39
CA VAL C 365 -43.70 -25.85 -8.08
C VAL C 365 -44.01 -25.95 -9.58
N PHE C 366 -44.00 -24.80 -10.27
CA PHE C 366 -44.32 -24.79 -11.69
C PHE C 366 -43.20 -25.44 -12.51
N PHE C 367 -41.97 -25.38 -12.02
CA PHE C 367 -40.82 -25.94 -12.72
C PHE C 367 -40.15 -26.99 -11.84
N GLU C 368 -40.38 -28.25 -12.15
CA GLU C 368 -39.59 -29.32 -11.54
C GLU C 368 -38.21 -29.36 -12.17
N LYS C 369 -37.27 -29.94 -11.45
CA LYS C 369 -35.91 -30.11 -11.94
C LYS C 369 -35.75 -31.48 -12.57
N LEU C 370 -35.12 -31.52 -13.75
CA LEU C 370 -34.76 -32.80 -14.34
C LEU C 370 -33.65 -33.44 -13.52
N ARG C 371 -33.71 -34.77 -13.41
CA ARG C 371 -32.92 -35.47 -12.40
C ARG C 371 -31.43 -35.52 -12.75
N LEU C 372 -31.07 -35.40 -14.02
CA LEU C 372 -29.67 -35.45 -14.43
C LEU C 372 -29.24 -34.12 -15.00
N THR C 373 -27.97 -33.77 -14.75
CA THR C 373 -27.40 -32.54 -15.26
C THR C 373 -26.69 -32.81 -16.59
N GLY C 374 -26.16 -31.75 -17.18
CA GLY C 374 -25.46 -31.88 -18.44
C GLY C 374 -24.07 -32.46 -18.26
N PRO C 375 -23.37 -32.60 -19.39
CA PRO C 375 -22.01 -33.16 -19.32
C PRO C 375 -21.00 -32.20 -18.73
N ASN C 376 -21.24 -30.90 -18.77
CA ASN C 376 -20.31 -29.88 -18.28
C ASN C 376 -21.02 -28.91 -17.35
N GLY C 377 -21.85 -29.43 -16.46
CA GLY C 377 -22.45 -28.63 -15.41
C GLY C 377 -23.57 -27.70 -15.83
N GLU C 378 -24.51 -28.20 -16.63
CA GLU C 378 -25.71 -27.45 -16.98
C GLU C 378 -26.93 -28.26 -16.60
N GLU C 379 -28.02 -27.56 -16.31
CA GLU C 379 -29.21 -28.20 -15.74
C GLU C 379 -30.44 -27.42 -16.15
N ALA C 380 -31.43 -28.09 -16.72
CA ALA C 380 -32.64 -27.45 -17.19
C ALA C 380 -33.87 -28.05 -16.51
N TYR C 381 -34.97 -27.32 -16.59
CA TYR C 381 -36.21 -27.60 -15.88
C TYR C 381 -37.32 -27.89 -16.89
N GLN C 382 -38.53 -28.09 -16.38
CA GLN C 382 -39.68 -28.35 -17.25
C GLN C 382 -40.93 -27.81 -16.57
N LEU C 383 -41.85 -27.30 -17.38
CA LEU C 383 -43.04 -26.63 -16.87
C LEU C 383 -44.06 -27.67 -16.42
N LYS C 384 -44.22 -27.79 -15.10
CA LYS C 384 -45.16 -28.75 -14.53
C LYS C 384 -46.56 -28.15 -14.49
N VAL C 385 -47.54 -28.90 -15.01
CA VAL C 385 -48.93 -28.46 -14.98
C VAL C 385 -49.57 -28.89 -13.66
N LEU C 386 -50.08 -27.93 -12.92
CA LEU C 386 -50.74 -28.18 -11.65
C LEU C 386 -52.24 -27.94 -11.81
N GLU C 387 -53.00 -28.35 -10.78
CA GLU C 387 -54.45 -28.23 -10.83
C GLU C 387 -55.01 -28.18 -9.42
N GLY C 388 -56.07 -27.39 -9.24
CA GLY C 388 -56.78 -27.39 -7.98
C GLY C 388 -56.12 -26.54 -6.91
N ASP C 389 -56.27 -27.01 -5.67
CA ASP C 389 -55.71 -26.29 -4.52
C ASP C 389 -54.20 -26.43 -4.46
N ALA C 390 -53.64 -27.46 -5.11
CA ALA C 390 -52.18 -27.58 -5.20
C ALA C 390 -51.59 -26.48 -6.06
N PHE C 391 -52.35 -26.01 -7.06
CA PHE C 391 -51.92 -24.86 -7.86
C PHE C 391 -51.92 -23.58 -7.04
N ILE C 392 -52.94 -23.40 -6.19
CA ILE C 392 -53.01 -22.23 -5.33
C ILE C 392 -51.90 -22.25 -4.29
N GLY C 393 -51.56 -23.43 -3.77
CA GLY C 393 -50.43 -23.58 -2.87
C GLY C 393 -49.09 -23.31 -3.52
N ALA C 394 -49.01 -23.45 -4.84
CA ALA C 394 -47.83 -23.01 -5.58
C ALA C 394 -47.93 -21.57 -6.05
N LEU C 395 -49.08 -20.93 -5.86
CA LEU C 395 -49.28 -19.54 -6.21
C LEU C 395 -49.26 -18.62 -5.00
N LYS C 396 -49.74 -19.09 -3.85
CA LYS C 396 -49.72 -18.31 -2.63
C LYS C 396 -48.35 -18.24 -1.98
N ARG C 397 -47.40 -19.05 -2.43
CA ARG C 397 -46.02 -18.94 -1.96
C ARG C 397 -45.22 -17.90 -2.73
N ILE C 398 -45.78 -17.37 -3.81
CA ILE C 398 -45.19 -16.21 -4.47
C ILE C 398 -45.32 -14.98 -3.59
N ILE C 399 -46.53 -14.74 -3.08
CA ILE C 399 -46.82 -13.59 -2.24
C ILE C 399 -46.30 -13.83 -0.82
N ILE D 9 -57.01 -37.30 -25.37
CA ILE D 9 -57.81 -37.51 -26.57
C ILE D 9 -58.55 -36.23 -26.95
N LYS D 10 -59.57 -35.89 -26.16
CA LYS D 10 -60.35 -34.68 -26.36
C LYS D 10 -59.86 -33.54 -25.46
N GLU D 11 -58.78 -33.76 -24.71
CA GLU D 11 -58.28 -32.75 -23.79
C GLU D 11 -57.67 -31.56 -24.52
N ASP D 12 -56.84 -31.83 -25.54
CA ASP D 12 -56.29 -30.74 -26.34
C ASP D 12 -57.36 -30.15 -27.25
N TYR D 13 -58.38 -30.94 -27.60
CA TYR D 13 -59.51 -30.42 -28.37
C TYR D 13 -60.34 -29.46 -27.53
N PHE D 14 -60.57 -29.81 -26.27
CA PHE D 14 -61.37 -28.95 -25.39
C PHE D 14 -60.58 -27.74 -24.92
N ARG D 15 -59.26 -27.88 -24.79
CA ARG D 15 -58.43 -26.76 -24.32
C ARG D 15 -58.33 -25.67 -25.37
N VAL D 16 -58.35 -26.03 -26.65
CA VAL D 16 -58.46 -25.05 -27.72
C VAL D 16 -59.83 -24.39 -27.69
N ASP D 17 -60.87 -25.20 -27.45
CA ASP D 17 -62.24 -24.70 -27.48
C ASP D 17 -62.53 -23.76 -26.30
N MET D 18 -61.81 -23.91 -25.20
CA MET D 18 -62.01 -23.01 -24.07
C MET D 18 -61.33 -21.66 -24.29
N LEU D 19 -60.08 -21.69 -24.77
CA LEU D 19 -59.32 -20.45 -24.96
C LEU D 19 -59.77 -19.66 -26.19
N LEU D 20 -60.44 -20.30 -27.13
CA LEU D 20 -60.98 -19.56 -28.28
C LEU D 20 -62.28 -18.83 -27.97
N ASN D 21 -62.81 -18.99 -26.77
CA ASN D 21 -63.92 -18.18 -26.30
C ASN D 21 -63.50 -17.17 -25.24
N LYS D 22 -62.37 -17.38 -24.58
CA LYS D 22 -61.91 -16.46 -23.54
C LYS D 22 -61.05 -15.35 -24.12
N LYS D 23 -59.94 -15.70 -24.78
CA LYS D 23 -59.04 -14.70 -25.36
C LYS D 23 -59.39 -14.38 -26.79
N GLY D 24 -59.88 -15.35 -27.56
CA GLY D 24 -60.31 -15.10 -28.92
C GLY D 24 -59.46 -15.75 -29.99
N GLN D 25 -58.15 -15.83 -29.77
CA GLN D 25 -57.20 -16.34 -30.76
C GLN D 25 -56.16 -17.17 -30.03
N VAL D 26 -56.09 -18.43 -30.33
CA VAL D 26 -55.16 -19.31 -29.64
C VAL D 26 -53.91 -19.51 -30.51
N ILE D 27 -52.79 -19.78 -29.87
CA ILE D 27 -51.55 -20.15 -30.57
C ILE D 27 -51.06 -21.45 -29.99
N LEU D 28 -50.90 -22.46 -30.85
CA LEU D 28 -50.33 -23.74 -30.45
C LEU D 28 -48.83 -23.69 -30.74
N TYR D 29 -48.04 -23.35 -29.73
CA TYR D 29 -46.59 -23.27 -29.87
C TYR D 29 -45.98 -24.54 -29.29
N GLY D 30 -44.87 -24.97 -29.87
CA GLY D 30 -44.19 -26.15 -29.39
C GLY D 30 -43.01 -26.54 -30.24
N PRO D 31 -42.25 -27.54 -29.80
CA PRO D 31 -41.16 -28.05 -30.62
C PRO D 31 -41.69 -28.74 -31.85
N PRO D 32 -40.94 -28.71 -32.96
CA PRO D 32 -41.48 -29.26 -34.22
C PRO D 32 -41.45 -30.78 -34.21
N GLY D 33 -42.59 -31.38 -34.52
CA GLY D 33 -42.71 -32.81 -34.54
C GLY D 33 -43.87 -33.31 -33.70
N THR D 34 -44.61 -32.39 -33.11
CA THR D 34 -45.80 -32.71 -32.33
C THR D 34 -47.04 -32.34 -33.11
N GLY D 35 -48.20 -32.61 -32.52
CA GLY D 35 -49.46 -32.35 -33.18
C GLY D 35 -49.94 -30.93 -33.02
N LYS D 36 -49.36 -29.99 -33.77
CA LYS D 36 -49.80 -28.59 -33.73
C LYS D 36 -50.74 -28.26 -34.88
N THR D 37 -50.31 -28.47 -36.12
CA THR D 37 -51.23 -28.29 -37.26
C THR D 37 -52.31 -29.35 -37.26
N TRP D 38 -51.98 -30.56 -36.79
CA TRP D 38 -52.95 -31.65 -36.80
C TRP D 38 -54.08 -31.40 -35.80
N ILE D 39 -53.74 -30.92 -34.59
CA ILE D 39 -54.80 -30.66 -33.62
C ILE D 39 -55.53 -29.36 -33.97
N ALA D 40 -54.92 -28.52 -34.81
CA ALA D 40 -55.60 -27.34 -35.31
C ALA D 40 -56.49 -27.67 -36.49
N ARG D 41 -56.06 -28.59 -37.35
CA ARG D 41 -56.91 -29.00 -38.46
C ARG D 41 -58.06 -29.88 -37.98
N LYS D 42 -57.80 -30.75 -37.00
CA LYS D 42 -58.86 -31.60 -36.48
C LYS D 42 -59.87 -30.82 -35.64
N TYR D 43 -59.46 -29.68 -35.08
CA TYR D 43 -60.40 -28.88 -34.31
C TYR D 43 -61.39 -28.16 -35.23
N VAL D 44 -60.88 -27.54 -36.30
CA VAL D 44 -61.74 -26.74 -37.17
C VAL D 44 -62.64 -27.64 -38.02
N VAL D 45 -62.15 -28.83 -38.38
CA VAL D 45 -62.95 -29.77 -39.15
C VAL D 45 -64.08 -30.34 -38.29
N GLU D 46 -63.78 -30.71 -37.04
CA GLU D 46 -64.80 -31.28 -36.18
C GLU D 46 -65.78 -30.25 -35.64
N GLU D 47 -65.45 -28.96 -35.71
CA GLU D 47 -66.35 -27.93 -35.23
C GLU D 47 -67.19 -27.32 -36.34
N THR D 48 -66.73 -27.33 -37.58
CA THR D 48 -67.46 -26.74 -38.68
C THR D 48 -68.00 -27.74 -39.68
N ASN D 49 -67.64 -29.03 -39.55
CA ASN D 49 -68.10 -30.14 -40.40
C ASN D 49 -67.79 -29.92 -41.88
N GLU D 50 -66.69 -29.21 -42.15
CA GLU D 50 -66.31 -28.84 -43.51
C GLU D 50 -64.86 -29.25 -43.71
N LYS D 51 -64.65 -30.35 -44.45
CA LYS D 51 -63.32 -30.96 -44.54
C LYS D 51 -62.38 -30.21 -45.48
N THR D 52 -62.89 -29.39 -46.38
CA THR D 52 -62.04 -28.60 -47.26
C THR D 52 -62.25 -27.12 -46.99
N PRO D 53 -61.22 -26.28 -47.16
CA PRO D 53 -61.39 -24.83 -46.97
C PRO D 53 -62.34 -24.24 -47.99
N GLY D 54 -62.92 -23.10 -47.60
CA GLY D 54 -64.02 -22.51 -48.33
C GLY D 54 -64.62 -21.33 -47.58
N ASN D 55 -65.95 -21.33 -47.41
CA ASN D 55 -66.58 -20.20 -46.76
C ASN D 55 -66.39 -20.25 -45.25
N LYS D 56 -66.60 -21.42 -44.63
CA LYS D 56 -66.62 -21.52 -43.17
C LYS D 56 -65.24 -21.40 -42.56
N TRP D 57 -64.19 -21.78 -43.27
CA TRP D 57 -62.83 -21.64 -42.76
C TRP D 57 -61.85 -21.59 -43.92
N GLU D 58 -60.70 -20.96 -43.68
CA GLU D 58 -59.65 -20.84 -44.68
C GLU D 58 -58.30 -21.08 -44.02
N PHE D 59 -57.52 -21.98 -44.60
CA PHE D 59 -56.17 -22.25 -44.15
C PHE D 59 -55.21 -21.38 -44.94
N ILE D 60 -54.38 -20.62 -44.22
CA ILE D 60 -53.24 -19.94 -44.81
C ILE D 60 -52.01 -20.28 -43.98
N THR D 61 -50.85 -19.87 -44.48
CA THR D 61 -49.61 -20.00 -43.73
C THR D 61 -48.68 -18.84 -44.07
N PHE D 62 -47.95 -18.38 -43.07
CA PHE D 62 -47.18 -17.15 -43.17
C PHE D 62 -45.77 -17.44 -43.68
N HIS D 63 -45.18 -16.41 -44.28
CA HIS D 63 -43.78 -16.43 -44.68
C HIS D 63 -43.30 -14.99 -44.76
N GLN D 64 -42.05 -14.81 -45.16
CA GLN D 64 -41.46 -13.46 -45.14
C GLN D 64 -41.96 -12.61 -46.29
N SER D 65 -42.52 -13.20 -47.34
CA SER D 65 -43.09 -12.46 -48.46
C SER D 65 -44.60 -12.34 -48.36
N TYR D 66 -45.17 -12.62 -47.18
CA TYR D 66 -46.61 -12.54 -46.98
C TYR D 66 -46.93 -11.19 -46.34
N SER D 67 -46.80 -10.13 -47.13
CA SER D 67 -46.82 -8.78 -46.59
C SER D 67 -48.25 -8.32 -46.28
N TYR D 68 -48.36 -7.06 -45.89
CA TYR D 68 -49.62 -6.49 -45.44
C TYR D 68 -50.59 -6.27 -46.60
N GLU D 69 -50.06 -6.03 -47.81
CA GLU D 69 -50.91 -5.62 -48.92
C GLU D 69 -51.77 -6.76 -49.46
N GLU D 70 -51.41 -8.00 -49.19
CA GLU D 70 -52.17 -9.14 -49.66
C GLU D 70 -52.84 -9.91 -48.53
N PHE D 71 -52.68 -9.48 -47.28
CA PHE D 71 -53.36 -10.11 -46.15
C PHE D 71 -54.62 -9.36 -45.74
N ILE D 72 -54.55 -8.04 -45.60
CA ILE D 72 -55.73 -7.27 -45.21
C ILE D 72 -56.28 -6.53 -46.43
N GLU D 73 -55.49 -5.60 -46.98
CA GLU D 73 -55.89 -4.89 -48.19
C GLU D 73 -54.67 -4.24 -48.82
N GLY D 74 -54.75 -4.04 -50.11
CA GLY D 74 -53.70 -3.37 -50.86
C GLY D 74 -54.18 -3.15 -52.27
N PHE D 75 -53.39 -2.38 -53.02
CA PHE D 75 -53.71 -2.13 -54.41
C PHE D 75 -53.42 -3.38 -55.23
N ARG D 76 -54.34 -3.74 -56.13
CA ARG D 76 -54.17 -4.91 -56.97
C ARG D 76 -54.77 -4.60 -58.34
N PRO D 77 -54.00 -4.74 -59.43
CA PRO D 77 -54.57 -4.51 -60.75
C PRO D 77 -55.51 -5.64 -61.15
N ARG D 78 -56.72 -5.26 -61.57
CA ARG D 78 -57.76 -6.23 -61.91
C ARG D 78 -58.78 -5.53 -62.79
N THR D 79 -59.05 -6.09 -63.97
CA THR D 79 -60.01 -5.46 -64.87
C THR D 79 -61.10 -6.40 -65.36
N ASP D 80 -60.81 -7.69 -65.56
CA ASP D 80 -61.73 -8.72 -66.09
C ASP D 80 -62.36 -8.31 -67.43
N ASN D 81 -61.60 -7.58 -68.25
CA ASN D 81 -62.11 -7.12 -69.54
C ASN D 81 -61.08 -7.20 -70.65
N GLU D 82 -59.85 -7.67 -70.36
CA GLU D 82 -58.70 -7.71 -71.27
C GLU D 82 -58.32 -6.33 -71.81
N GLU D 83 -58.68 -5.28 -71.09
CA GLU D 83 -58.51 -3.88 -71.45
C GLU D 83 -58.86 -3.06 -70.22
N LYS D 84 -58.37 -1.82 -70.18
CA LYS D 84 -58.64 -0.79 -69.15
C LYS D 84 -58.36 -1.32 -67.75
N ILE D 85 -57.07 -1.61 -67.55
CA ILE D 85 -56.60 -2.22 -66.30
C ILE D 85 -56.82 -1.24 -65.14
N ARG D 86 -57.76 -1.58 -64.27
CA ARG D 86 -58.28 -0.67 -63.25
C ARG D 86 -57.50 -0.89 -61.96
N TYR D 87 -56.70 0.11 -61.59
CA TYR D 87 -55.85 0.02 -60.41
C TYR D 87 -56.71 0.31 -59.20
N VAL D 88 -57.30 -0.74 -58.62
CA VAL D 88 -58.23 -0.61 -57.53
C VAL D 88 -57.68 -1.36 -56.33
N VAL D 89 -58.10 -0.96 -55.13
CA VAL D 89 -57.67 -1.64 -53.92
C VAL D 89 -58.54 -2.86 -53.68
N GLU D 90 -57.90 -4.02 -53.54
CA GLU D 90 -58.59 -5.27 -53.31
C GLU D 90 -58.28 -5.79 -51.93
N ASP D 91 -59.29 -6.39 -51.31
CA ASP D 91 -59.16 -6.89 -49.95
C ASP D 91 -58.32 -8.16 -49.94
N GLY D 92 -57.53 -8.32 -48.87
CA GLY D 92 -56.64 -9.46 -48.75
C GLY D 92 -57.37 -10.73 -48.33
N ILE D 93 -56.61 -11.64 -47.72
CA ILE D 93 -57.21 -12.89 -47.27
C ILE D 93 -58.02 -12.68 -46.00
N PHE D 94 -57.54 -11.83 -45.10
CA PHE D 94 -58.22 -11.63 -43.82
C PHE D 94 -59.50 -10.82 -43.98
N LYS D 95 -59.45 -9.71 -44.73
CA LYS D 95 -60.63 -8.86 -44.85
C LYS D 95 -61.71 -9.53 -45.69
N LYS D 96 -61.33 -10.46 -46.55
CA LYS D 96 -62.34 -11.26 -47.23
C LYS D 96 -62.97 -12.31 -46.31
N ILE D 97 -62.35 -12.59 -45.16
CA ILE D 97 -62.95 -13.46 -44.16
C ILE D 97 -63.75 -12.67 -43.13
N ALA D 98 -63.17 -11.57 -42.61
CA ALA D 98 -63.83 -10.83 -41.54
C ALA D 98 -65.06 -10.09 -42.04
N LEU D 99 -65.08 -9.70 -43.31
CA LEU D 99 -66.32 -9.19 -43.90
C LEU D 99 -67.30 -10.33 -44.17
N ARG D 100 -66.78 -11.52 -44.49
CA ARG D 100 -67.65 -12.67 -44.69
C ARG D 100 -68.22 -13.17 -43.36
N ALA D 101 -67.40 -13.18 -42.31
CA ALA D 101 -67.88 -13.61 -41.01
C ALA D 101 -68.84 -12.63 -40.38
N LEU D 102 -68.80 -11.36 -40.81
CA LEU D 102 -69.75 -10.37 -40.32
C LEU D 102 -71.09 -10.51 -41.02
N VAL D 103 -71.10 -10.54 -42.37
CA VAL D 103 -72.36 -10.59 -43.10
C VAL D 103 -73.01 -11.97 -43.08
N LYS D 104 -72.30 -13.00 -42.62
CA LYS D 104 -72.96 -14.25 -42.29
C LYS D 104 -73.58 -14.18 -40.90
N GLY D 105 -72.98 -13.40 -39.99
CA GLY D 105 -73.57 -13.19 -38.68
C GLY D 105 -74.76 -12.26 -38.69
N LEU D 106 -74.93 -11.46 -39.75
CA LEU D 106 -76.06 -10.56 -39.86
C LEU D 106 -77.26 -11.19 -40.56
N PHE D 107 -77.37 -12.51 -40.54
CA PHE D 107 -78.54 -13.21 -41.04
C PHE D 107 -79.52 -13.57 -39.92
N GLU D 108 -79.03 -14.13 -38.82
CA GLU D 108 -79.88 -14.66 -37.78
C GLU D 108 -80.48 -13.59 -36.88
N LEU D 109 -80.04 -12.34 -37.00
CA LEU D 109 -80.62 -11.26 -36.20
C LEU D 109 -82.04 -10.96 -36.66
N GLU D 110 -82.88 -10.58 -35.70
CA GLU D 110 -84.32 -10.46 -35.98
C GLU D 110 -84.65 -9.14 -36.66
N ASP D 111 -84.41 -8.02 -35.97
CA ASP D 111 -84.76 -6.72 -36.51
C ASP D 111 -83.74 -5.64 -36.23
N ALA D 112 -82.55 -5.98 -35.73
CA ALA D 112 -81.55 -4.96 -35.42
C ALA D 112 -80.86 -4.47 -36.69
N THR D 113 -80.33 -5.39 -37.49
CA THR D 113 -79.69 -5.06 -38.76
C THR D 113 -80.71 -5.24 -39.86
N ILE D 114 -81.36 -4.14 -40.25
CA ILE D 114 -82.42 -4.19 -41.27
C ILE D 114 -81.70 -4.06 -42.60
N GLY D 115 -81.17 -5.19 -43.08
CA GLY D 115 -80.47 -5.24 -44.34
C GLY D 115 -80.68 -6.56 -45.07
N LYS D 116 -81.82 -7.21 -44.82
CA LYS D 116 -82.03 -8.61 -45.20
C LYS D 116 -82.02 -8.84 -46.71
N ASP D 117 -82.23 -7.80 -47.52
CA ASP D 117 -81.97 -7.87 -48.95
C ASP D 117 -80.58 -7.40 -49.33
N LYS D 118 -79.99 -6.48 -48.55
CA LYS D 118 -78.70 -5.92 -48.89
C LYS D 118 -77.53 -6.63 -48.21
N ILE D 119 -77.78 -7.43 -47.16
CA ILE D 119 -76.71 -8.20 -46.56
C ILE D 119 -76.48 -9.49 -47.33
N HIS D 120 -77.56 -10.16 -47.72
CA HIS D 120 -77.45 -11.39 -48.51
C HIS D 120 -76.91 -11.12 -49.91
N ARG D 121 -77.16 -9.92 -50.45
CA ARG D 121 -76.53 -9.53 -51.72
C ARG D 121 -75.04 -9.30 -51.54
N LEU D 122 -74.62 -8.86 -50.34
CA LEU D 122 -73.21 -8.68 -50.08
C LEU D 122 -72.50 -10.01 -49.80
N TYR D 123 -73.22 -10.97 -49.20
CA TYR D 123 -72.60 -12.25 -48.90
C TYR D 123 -72.39 -13.08 -50.17
N ILE D 124 -73.32 -13.01 -51.12
CA ILE D 124 -73.18 -13.76 -52.36
C ILE D 124 -72.13 -13.15 -53.28
N LEU D 125 -71.75 -11.89 -53.04
CA LEU D 125 -70.61 -11.28 -53.73
C LEU D 125 -69.31 -11.41 -52.95
N LEU D 126 -69.35 -11.96 -51.74
CA LEU D 126 -68.13 -12.23 -50.99
C LEU D 126 -67.68 -13.68 -51.09
N THR D 127 -68.61 -14.62 -51.26
CA THR D 127 -68.29 -16.02 -51.44
C THR D 127 -68.16 -16.41 -52.91
N LYS D 128 -68.32 -15.45 -53.83
CA LYS D 128 -68.25 -15.74 -55.25
C LYS D 128 -66.80 -16.04 -55.65
N LYS D 129 -66.58 -17.25 -56.15
CA LYS D 129 -65.22 -17.69 -56.49
C LYS D 129 -64.73 -17.00 -57.75
N GLU D 130 -65.62 -16.78 -58.71
CA GLU D 130 -65.26 -16.06 -59.93
C GLU D 130 -64.96 -14.60 -59.60
N PRO D 131 -63.88 -14.03 -60.16
CA PRO D 131 -63.51 -12.65 -59.80
C PRO D 131 -64.53 -11.63 -60.27
N LEU D 132 -64.60 -10.52 -59.54
CA LEU D 132 -65.72 -9.61 -59.63
C LEU D 132 -65.62 -8.75 -60.89
N SER D 133 -66.65 -8.81 -61.72
CA SER D 133 -66.77 -7.91 -62.86
C SER D 133 -67.01 -6.48 -62.36
N PRO D 134 -66.54 -5.47 -63.10
CA PRO D 134 -66.70 -4.08 -62.61
C PRO D 134 -68.13 -3.58 -62.54
N THR D 135 -69.07 -4.19 -63.27
CA THR D 135 -70.47 -3.79 -63.12
C THR D 135 -71.08 -4.33 -61.83
N GLU D 136 -70.48 -5.36 -61.23
CA GLU D 136 -70.91 -5.84 -59.93
C GLU D 136 -69.93 -5.51 -58.82
N TYR D 137 -68.72 -5.07 -59.15
CA TYR D 137 -67.79 -4.63 -58.12
C TYR D 137 -68.19 -3.27 -57.56
N GLU D 138 -68.83 -2.42 -58.37
CA GLU D 138 -69.35 -1.17 -57.86
C GLU D 138 -70.53 -1.41 -56.92
N GLU D 139 -71.23 -2.53 -57.09
CA GLU D 139 -72.27 -2.90 -56.13
C GLU D 139 -71.65 -3.45 -54.85
N TYR D 140 -70.51 -4.15 -54.96
CA TYR D 140 -69.87 -4.71 -53.77
C TYR D 140 -69.22 -3.61 -52.95
N LEU D 141 -68.65 -2.59 -53.59
CA LEU D 141 -68.03 -1.51 -52.85
C LEU D 141 -69.08 -0.56 -52.26
N ARG D 142 -70.28 -0.52 -52.85
CA ARG D 142 -71.34 0.33 -52.31
C ARG D 142 -72.07 -0.35 -51.15
N LEU D 143 -72.22 -1.66 -51.22
CA LEU D 143 -72.84 -2.40 -50.11
C LEU D 143 -71.91 -2.52 -48.92
N LYS D 144 -70.59 -2.50 -49.13
CA LYS D 144 -69.67 -2.54 -48.01
C LYS D 144 -69.65 -1.21 -47.27
N ARG D 145 -69.91 -0.11 -47.97
CA ARG D 145 -70.08 1.17 -47.31
C ARG D 145 -71.40 1.22 -46.54
N TYR D 146 -72.39 0.45 -47.01
CA TYR D 146 -73.64 0.32 -46.25
C TYR D 146 -73.42 -0.50 -44.99
N LEU D 147 -72.48 -1.45 -45.04
CA LEU D 147 -72.25 -2.35 -43.91
C LEU D 147 -71.68 -1.61 -42.70
N TRP D 148 -70.71 -0.73 -42.93
CA TRP D 148 -70.14 0.04 -41.83
C TRP D 148 -70.95 1.27 -41.49
N GLU D 149 -71.99 1.57 -42.26
CA GLU D 149 -73.04 2.46 -41.82
C GLU D 149 -74.12 1.71 -41.05
N LEU D 150 -74.28 0.42 -41.33
CA LEU D 150 -75.19 -0.43 -40.56
C LEU D 150 -74.57 -0.78 -39.21
N VAL D 151 -73.39 -1.40 -39.24
CA VAL D 151 -72.64 -1.67 -38.02
C VAL D 151 -72.18 -0.34 -37.43
N GLY D 152 -72.60 -0.06 -36.20
CA GLY D 152 -72.52 1.26 -35.61
C GLY D 152 -73.88 1.81 -35.21
N GLY D 153 -74.93 1.38 -35.92
CA GLY D 153 -76.30 1.63 -35.53
C GLY D 153 -76.99 0.44 -34.90
N LEU D 154 -76.25 -0.63 -34.60
CA LEU D 154 -76.73 -1.82 -33.92
C LEU D 154 -76.31 -1.81 -32.45
N PRO D 155 -77.16 -2.33 -31.56
CA PRO D 155 -76.75 -2.46 -30.16
C PRO D 155 -75.74 -3.58 -29.98
N LYS D 156 -74.92 -3.45 -28.94
CA LYS D 156 -73.87 -4.43 -28.67
C LYS D 156 -74.42 -5.78 -28.22
N ASP D 157 -75.66 -5.83 -27.73
CA ASP D 157 -76.24 -7.11 -27.36
C ASP D 157 -76.68 -7.91 -28.58
N LYS D 158 -77.08 -7.23 -29.65
CA LYS D 158 -77.44 -7.89 -30.90
C LYS D 158 -76.24 -8.03 -31.84
N LEU D 159 -75.04 -7.73 -31.37
CA LEU D 159 -73.82 -7.87 -32.16
C LEU D 159 -72.78 -8.76 -31.51
N LYS D 160 -72.87 -9.00 -30.20
CA LYS D 160 -71.93 -9.88 -29.54
C LYS D 160 -72.20 -11.34 -29.88
N ASN D 161 -73.46 -11.72 -29.97
CA ASN D 161 -73.85 -13.11 -30.23
C ASN D 161 -74.20 -13.26 -31.71
N LEU D 162 -73.17 -13.42 -32.52
CA LEU D 162 -73.32 -13.83 -33.91
C LEU D 162 -73.07 -15.32 -33.99
N THR D 163 -73.98 -16.06 -34.65
CA THR D 163 -74.00 -17.52 -34.50
C THR D 163 -72.85 -18.26 -35.19
N PRO D 164 -72.64 -18.16 -36.52
CA PRO D 164 -71.76 -19.15 -37.16
C PRO D 164 -70.27 -18.83 -36.93
N LYS D 165 -69.57 -19.77 -36.31
CA LYS D 165 -68.19 -19.54 -35.92
C LYS D 165 -67.26 -19.72 -37.12
N PHE D 166 -66.58 -18.66 -37.50
CA PHE D 166 -65.62 -18.69 -38.60
C PHE D 166 -64.21 -18.83 -38.02
N TYR D 167 -63.34 -19.50 -38.77
CA TYR D 167 -61.98 -19.75 -38.32
C TYR D 167 -61.01 -19.40 -39.42
N LEU D 168 -60.04 -18.54 -39.12
CA LEU D 168 -58.90 -18.34 -40.01
C LEU D 168 -57.74 -19.07 -39.34
N ILE D 169 -57.62 -20.36 -39.64
CA ILE D 169 -56.53 -21.17 -39.10
C ILE D 169 -55.28 -20.86 -39.92
N ILE D 170 -54.32 -20.20 -39.30
CA ILE D 170 -53.08 -19.84 -39.96
C ILE D 170 -51.98 -20.75 -39.42
N ASP D 171 -50.83 -20.73 -40.08
CA ASP D 171 -49.76 -21.66 -39.75
C ASP D 171 -48.44 -20.92 -39.88
N GLU D 172 -47.48 -21.30 -39.02
CA GLU D 172 -46.17 -20.65 -38.91
C GLU D 172 -46.31 -19.14 -38.72
N ILE D 173 -47.07 -18.76 -37.69
CA ILE D 173 -47.35 -17.36 -37.41
C ILE D 173 -46.08 -16.60 -37.04
N ASN D 174 -45.10 -17.30 -36.45
CA ASN D 174 -43.83 -16.67 -36.15
C ASN D 174 -42.97 -16.46 -37.40
N ARG D 175 -43.21 -17.23 -38.46
CA ARG D 175 -42.30 -17.22 -39.61
C ARG D 175 -42.43 -15.93 -40.42
N GLY D 176 -43.64 -15.42 -40.60
CA GLY D 176 -43.81 -14.12 -41.18
C GLY D 176 -43.48 -13.02 -40.19
N ASN D 177 -43.20 -11.83 -40.73
CA ASN D 177 -42.93 -10.66 -39.88
C ASN D 177 -44.26 -10.18 -39.34
N ILE D 178 -44.66 -10.76 -38.21
CA ILE D 178 -46.04 -10.73 -37.73
C ILE D 178 -46.51 -9.33 -37.34
N SER D 179 -45.61 -8.45 -36.91
CA SER D 179 -46.01 -7.08 -36.61
C SER D 179 -46.24 -6.24 -37.86
N LYS D 180 -45.75 -6.69 -39.01
CA LYS D 180 -45.99 -6.01 -40.28
C LYS D 180 -47.22 -6.55 -41.01
N ILE D 181 -47.43 -7.86 -40.95
CA ILE D 181 -48.61 -8.47 -41.57
C ILE D 181 -49.88 -8.03 -40.84
N PHE D 182 -49.89 -8.17 -39.52
CA PHE D 182 -50.94 -7.59 -38.71
C PHE D 182 -50.73 -6.07 -38.68
N GLY D 183 -51.57 -5.34 -39.40
CA GLY D 183 -51.51 -3.90 -39.52
C GLY D 183 -52.51 -3.27 -38.58
N GLU D 184 -53.70 -2.96 -39.10
CA GLU D 184 -54.79 -2.49 -38.26
C GLU D 184 -55.28 -3.56 -37.28
N LEU D 185 -54.96 -4.83 -37.54
CA LEU D 185 -55.28 -5.96 -36.69
C LEU D 185 -54.45 -6.04 -35.42
N ILE D 186 -53.46 -5.18 -35.24
CA ILE D 186 -52.62 -5.25 -34.06
C ILE D 186 -53.35 -4.71 -32.82
N THR D 187 -54.46 -3.99 -33.00
CA THR D 187 -55.25 -3.47 -31.88
C THR D 187 -56.65 -4.05 -31.85
N LEU D 188 -56.98 -5.01 -32.72
CA LEU D 188 -58.32 -5.54 -32.81
C LEU D 188 -58.44 -6.98 -32.37
N LEU D 189 -57.33 -7.63 -32.00
CA LEU D 189 -57.33 -9.06 -31.73
C LEU D 189 -57.52 -9.37 -30.24
N GLU D 190 -58.25 -8.53 -29.53
CA GLU D 190 -58.73 -8.89 -28.20
C GLU D 190 -60.19 -9.30 -28.29
N LYS D 191 -60.66 -9.98 -27.25
CA LYS D 191 -62.05 -10.44 -27.24
C LYS D 191 -63.02 -9.30 -26.99
N ASP D 192 -62.58 -8.23 -26.35
CA ASP D 192 -63.43 -7.10 -26.02
C ASP D 192 -63.20 -5.89 -26.91
N LYS D 193 -62.32 -6.00 -27.91
CA LYS D 193 -62.11 -4.93 -28.87
C LYS D 193 -62.71 -5.24 -30.23
N ARG D 194 -63.46 -6.34 -30.33
CA ARG D 194 -64.11 -6.72 -31.57
C ARG D 194 -65.43 -5.97 -31.71
N LEU D 195 -66.26 -6.41 -32.66
CA LEU D 195 -67.65 -6.00 -32.64
C LEU D 195 -68.38 -6.74 -31.52
N GLY D 196 -69.36 -6.06 -30.92
CA GLY D 196 -70.12 -6.64 -29.85
C GLY D 196 -69.45 -6.63 -28.49
N GLY D 197 -68.15 -6.35 -28.42
CA GLY D 197 -67.45 -6.27 -27.16
C GLY D 197 -67.80 -5.04 -26.37
N GLU D 198 -67.17 -4.91 -25.21
CA GLU D 198 -67.45 -3.77 -24.34
C GLU D 198 -66.89 -2.48 -24.92
N ASN D 199 -65.82 -2.57 -25.71
CA ASN D 199 -65.13 -1.42 -26.28
C ASN D 199 -64.87 -1.72 -27.75
N GLN D 200 -65.89 -1.52 -28.59
CA GLN D 200 -65.72 -1.82 -30.00
C GLN D 200 -64.91 -0.73 -30.69
N LEU D 201 -64.21 -1.12 -31.75
CA LEU D 201 -63.27 -0.23 -32.43
C LEU D 201 -63.53 -0.32 -33.94
N ILE D 202 -64.16 0.70 -34.49
CA ILE D 202 -64.35 0.78 -35.95
C ILE D 202 -63.13 1.52 -36.48
N VAL D 203 -62.03 0.78 -36.59
CA VAL D 203 -60.75 1.39 -36.95
C VAL D 203 -60.74 1.63 -38.46
N ARG D 204 -59.88 2.55 -38.91
CA ARG D 204 -59.84 2.98 -40.31
C ARG D 204 -58.60 2.43 -40.98
N LEU D 205 -58.79 1.85 -42.17
CA LEU D 205 -57.73 1.29 -42.99
C LEU D 205 -57.03 2.39 -43.81
N PRO D 206 -55.73 2.25 -44.08
CA PRO D 206 -55.01 3.27 -44.84
C PRO D 206 -55.40 3.41 -46.31
N TYR D 207 -55.41 2.31 -47.05
CA TYR D 207 -55.42 2.39 -48.51
C TYR D 207 -56.80 2.77 -49.05
N SER D 208 -57.81 1.94 -48.76
CA SER D 208 -59.14 2.22 -49.27
C SER D 208 -59.82 3.34 -48.48
N GLY D 209 -59.47 3.51 -47.21
CA GLY D 209 -60.10 4.50 -46.37
C GLY D 209 -61.43 4.08 -45.77
N GLU D 210 -61.95 2.92 -46.15
CA GLU D 210 -63.20 2.43 -45.56
C GLU D 210 -62.90 1.83 -44.19
N PRO D 211 -63.77 2.01 -43.20
CA PRO D 211 -63.49 1.52 -41.85
C PRO D 211 -63.67 0.01 -41.74
N PHE D 212 -63.10 -0.54 -40.67
CA PHE D 212 -62.99 -1.98 -40.54
C PHE D 212 -63.01 -2.37 -39.07
N ALA D 213 -63.60 -3.53 -38.78
CA ALA D 213 -63.66 -4.07 -37.42
C ALA D 213 -63.93 -5.56 -37.51
N VAL D 214 -63.22 -6.36 -36.71
CA VAL D 214 -63.38 -7.80 -36.74
C VAL D 214 -64.68 -8.21 -36.05
N PRO D 215 -65.45 -9.12 -36.64
CA PRO D 215 -66.63 -9.63 -35.98
C PRO D 215 -66.24 -10.62 -34.89
N PRO D 216 -67.12 -10.89 -33.93
CA PRO D 216 -66.79 -11.86 -32.87
C PRO D 216 -66.85 -13.32 -33.29
N ASN D 217 -67.16 -13.62 -34.56
CA ASN D 217 -67.14 -15.01 -35.01
C ASN D 217 -65.72 -15.49 -35.29
N LEU D 218 -64.89 -14.63 -35.85
CA LEU D 218 -63.62 -15.03 -36.44
C LEU D 218 -62.60 -15.35 -35.36
N TYR D 219 -62.17 -16.61 -35.29
CA TYR D 219 -61.12 -17.05 -34.38
C TYR D 219 -59.88 -17.41 -35.16
N ILE D 220 -58.71 -16.98 -34.68
CA ILE D 220 -57.46 -17.22 -35.38
C ILE D 220 -56.61 -18.21 -34.61
N ILE D 221 -56.72 -19.49 -34.97
CA ILE D 221 -55.89 -20.54 -34.38
C ILE D 221 -54.63 -20.68 -35.22
N GLY D 222 -53.51 -20.23 -34.67
CA GLY D 222 -52.27 -20.14 -35.43
C GLY D 222 -51.15 -20.95 -34.80
N THR D 223 -50.67 -21.95 -35.53
CA THR D 223 -49.64 -22.85 -35.05
C THR D 223 -48.28 -22.30 -35.41
N MET D 224 -47.30 -22.48 -34.53
CA MET D 224 -45.95 -22.04 -34.79
C MET D 224 -44.96 -23.05 -34.21
N ASN D 225 -43.73 -22.98 -34.71
CA ASN D 225 -42.63 -23.73 -34.12
C ASN D 225 -41.72 -22.77 -33.38
N THR D 226 -41.15 -23.24 -32.28
CA THR D 226 -40.31 -22.41 -31.44
C THR D 226 -38.90 -22.98 -31.29
N ALA D 227 -38.50 -23.87 -32.20
CA ALA D 227 -37.09 -24.25 -32.27
C ALA D 227 -36.27 -23.18 -32.97
N ASP D 228 -36.75 -22.63 -34.06
CA ASP D 228 -36.05 -21.44 -34.58
C ASP D 228 -36.27 -20.35 -33.55
N ARG D 229 -35.24 -19.89 -32.86
CA ARG D 229 -35.46 -18.79 -31.93
C ARG D 229 -35.17 -17.50 -32.67
N SER D 230 -34.73 -17.60 -33.92
CA SER D 230 -34.39 -16.41 -34.72
C SER D 230 -35.68 -15.67 -35.02
N ILE D 231 -36.76 -16.42 -35.14
CA ILE D 231 -38.09 -15.84 -35.47
C ILE D 231 -39.09 -16.35 -34.44
N ALA D 232 -39.11 -15.83 -33.21
CA ALA D 232 -40.17 -16.28 -32.28
C ALA D 232 -41.02 -15.09 -31.89
N LEU D 233 -42.27 -15.26 -31.42
CA LEU D 233 -43.20 -14.11 -31.24
C LEU D 233 -42.78 -13.47 -29.93
N LEU D 234 -41.72 -12.65 -29.97
CA LEU D 234 -41.19 -11.97 -28.76
C LEU D 234 -41.79 -10.58 -28.63
N ASP D 235 -42.66 -10.14 -29.55
CA ASP D 235 -43.34 -8.84 -29.35
C ASP D 235 -44.20 -9.03 -28.11
N VAL D 236 -44.10 -8.20 -27.08
CA VAL D 236 -44.86 -8.51 -25.84
C VAL D 236 -46.28 -7.98 -25.96
N ALA D 237 -46.60 -7.35 -27.08
CA ALA D 237 -47.94 -6.80 -27.30
C ALA D 237 -48.72 -7.70 -28.23
N LEU D 238 -48.12 -8.78 -28.74
CA LEU D 238 -48.84 -9.79 -29.56
C LEU D 238 -48.74 -11.09 -28.77
N ARG D 239 -48.26 -11.05 -27.53
CA ARG D 239 -48.53 -12.16 -26.63
C ARG D 239 -49.67 -11.87 -25.66
N ARG D 240 -50.09 -10.60 -25.56
CA ARG D 240 -51.27 -10.30 -24.75
C ARG D 240 -52.53 -10.70 -25.49
N ARG D 241 -52.55 -10.53 -26.82
CA ARG D 241 -53.72 -10.85 -27.63
C ARG D 241 -53.96 -12.34 -27.68
N PHE D 242 -52.90 -13.11 -27.94
CA PHE D 242 -53.03 -14.54 -28.18
C PHE D 242 -52.99 -15.32 -26.87
N ALA D 243 -53.60 -16.50 -26.89
CA ALA D 243 -53.51 -17.46 -25.81
C ALA D 243 -52.61 -18.61 -26.25
N PHE D 244 -51.54 -18.82 -25.51
CA PHE D 244 -50.47 -19.70 -25.95
C PHE D 244 -50.65 -21.07 -25.32
N ILE D 245 -51.06 -22.05 -26.12
CA ILE D 245 -51.21 -23.43 -25.66
C ILE D 245 -49.89 -24.14 -25.85
N GLU D 246 -49.37 -24.71 -24.76
CA GLU D 246 -48.18 -25.54 -24.82
C GLU D 246 -48.52 -26.87 -25.47
N VAL D 247 -47.88 -27.16 -26.61
CA VAL D 247 -48.02 -28.48 -27.22
C VAL D 247 -46.65 -29.15 -27.18
N GLU D 248 -46.40 -29.88 -26.09
CA GLU D 248 -45.12 -30.54 -25.93
C GLU D 248 -45.07 -31.82 -26.77
N PRO D 249 -43.86 -32.28 -27.16
CA PRO D 249 -43.77 -33.56 -27.84
C PRO D 249 -44.06 -34.69 -26.88
N ARG D 250 -45.26 -35.28 -27.02
CA ARG D 250 -45.74 -36.27 -26.07
C ARG D 250 -45.31 -37.65 -26.52
N PRO D 251 -44.44 -38.35 -25.78
CA PRO D 251 -44.05 -39.71 -26.15
C PRO D 251 -45.02 -40.78 -25.70
N GLU D 252 -46.16 -40.40 -25.13
CA GLU D 252 -47.18 -41.36 -24.72
C GLU D 252 -47.80 -42.07 -25.91
N PHE D 253 -47.79 -41.44 -27.09
CA PHE D 253 -48.35 -42.06 -28.28
C PHE D 253 -47.49 -43.17 -28.83
N LEU D 254 -46.20 -43.21 -28.49
CA LEU D 254 -45.28 -44.23 -28.98
C LEU D 254 -45.16 -45.41 -28.03
N GLU D 255 -46.30 -45.95 -27.62
CA GLU D 255 -46.37 -47.23 -26.90
C GLU D 255 -46.54 -48.35 -27.92
N LYS D 256 -46.92 -49.54 -27.47
CA LYS D 256 -47.44 -50.52 -28.41
C LYS D 256 -48.94 -50.36 -28.61
N GLU D 257 -49.67 -50.12 -27.51
CA GLU D 257 -51.12 -49.99 -27.60
C GLU D 257 -51.54 -48.62 -28.12
N ASN D 258 -50.83 -47.55 -27.73
CA ASN D 258 -51.18 -46.22 -28.19
C ASN D 258 -50.79 -46.01 -29.65
N LEU D 259 -49.74 -46.69 -30.10
CA LEU D 259 -49.41 -46.68 -31.53
C LEU D 259 -50.39 -47.54 -32.32
N LYS D 260 -50.94 -48.59 -31.71
CA LYS D 260 -51.93 -49.40 -32.38
C LYS D 260 -53.29 -48.71 -32.43
N LYS D 261 -53.56 -47.81 -31.47
CA LYS D 261 -54.83 -47.09 -31.49
C LYS D 261 -54.80 -45.94 -32.50
N ILE D 262 -53.64 -45.31 -32.67
CA ILE D 262 -53.54 -44.18 -33.59
C ILE D 262 -53.45 -44.67 -35.02
N ARG D 263 -52.53 -45.60 -35.30
CA ARG D 263 -52.27 -45.99 -36.68
C ARG D 263 -53.38 -46.86 -37.27
N GLU D 264 -54.26 -47.43 -36.45
CA GLU D 264 -55.39 -48.22 -36.94
C GLU D 264 -56.71 -47.47 -36.77
N LYS D 265 -56.68 -46.15 -36.97
CA LYS D 265 -57.87 -45.34 -36.82
C LYS D 265 -58.72 -45.30 -38.09
N LYS D 266 -58.09 -45.24 -39.27
CA LYS D 266 -58.81 -45.23 -40.54
C LYS D 266 -58.24 -46.28 -41.50
N LEU D 267 -58.62 -47.55 -41.28
CA LEU D 267 -58.20 -48.63 -42.16
C LEU D 267 -59.30 -49.63 -42.51
N LYS D 268 -60.44 -49.61 -41.81
CA LYS D 268 -61.65 -50.38 -42.14
C LYS D 268 -61.42 -51.89 -42.10
N THR D 269 -60.51 -52.33 -41.21
CA THR D 269 -60.24 -53.75 -40.89
C THR D 269 -59.83 -54.54 -42.14
N GLU D 270 -59.13 -53.89 -43.07
CA GLU D 270 -58.59 -54.55 -44.26
C GLU D 270 -57.08 -54.71 -44.16
N ASP D 271 -56.36 -53.61 -43.97
CA ASP D 271 -54.94 -53.64 -43.68
C ASP D 271 -54.64 -53.54 -42.19
N ARG D 272 -55.69 -53.50 -41.36
CA ARG D 272 -55.49 -53.43 -39.91
C ARG D 272 -54.92 -54.73 -39.36
N LYS D 273 -55.32 -55.86 -39.94
CA LYS D 273 -54.74 -57.15 -39.56
C LYS D 273 -53.28 -57.23 -39.99
N ARG D 274 -52.94 -56.61 -41.11
CA ARG D 274 -51.55 -56.50 -41.52
C ARG D 274 -50.77 -55.59 -40.58
N LEU D 275 -51.40 -54.50 -40.13
CA LEU D 275 -50.72 -53.56 -39.24
C LEU D 275 -50.55 -54.16 -37.85
N ASN D 276 -51.51 -54.99 -37.42
CA ASN D 276 -51.45 -55.58 -36.08
C ASN D 276 -50.30 -56.57 -35.96
N GLU D 277 -50.11 -57.41 -36.99
CA GLU D 277 -49.00 -58.36 -36.96
C GLU D 277 -47.67 -57.68 -37.26
N LYS D 278 -47.70 -56.52 -37.91
CA LYS D 278 -46.45 -55.80 -38.18
C LYS D 278 -45.94 -55.11 -36.92
N LEU D 279 -46.84 -54.55 -36.11
CA LEU D 279 -46.42 -54.00 -34.83
C LEU D 279 -46.11 -55.10 -33.82
N ASN D 280 -46.73 -56.28 -34.00
CA ASN D 280 -46.36 -57.43 -33.18
C ASN D 280 -44.97 -57.92 -33.53
N GLU D 281 -44.55 -57.76 -34.79
CA GLU D 281 -43.22 -58.17 -35.20
C GLU D 281 -42.17 -57.11 -34.91
N LEU D 282 -42.57 -55.84 -34.79
CA LEU D 282 -41.63 -54.79 -34.42
C LEU D 282 -41.19 -54.93 -32.97
N PHE D 283 -42.15 -54.99 -32.05
CA PHE D 283 -41.83 -55.02 -30.63
C PHE D 283 -41.34 -56.39 -30.17
N SER D 284 -41.48 -57.43 -30.98
CA SER D 284 -40.85 -58.71 -30.65
C SER D 284 -39.35 -58.69 -30.94
N LYS D 285 -38.89 -57.75 -31.75
CA LYS D 285 -37.47 -57.58 -32.02
C LYS D 285 -36.82 -56.54 -31.13
N LEU D 286 -37.60 -55.73 -30.43
CA LEU D 286 -37.08 -54.73 -29.51
C LEU D 286 -36.87 -55.27 -28.10
N GLY D 287 -37.29 -56.50 -27.83
CA GLY D 287 -37.16 -57.10 -26.53
C GLY D 287 -38.44 -57.46 -25.83
N ASN D 288 -39.55 -57.65 -26.57
CA ASN D 288 -40.88 -58.01 -26.05
C ASN D 288 -41.41 -57.00 -25.04
N ASP D 289 -41.05 -55.73 -25.21
CA ASP D 289 -41.48 -54.67 -24.30
C ASP D 289 -42.40 -53.71 -25.06
N ASN D 290 -43.56 -53.43 -24.48
CA ASN D 290 -44.53 -52.55 -25.10
C ASN D 290 -44.15 -51.08 -24.97
N TYR D 291 -43.15 -50.76 -24.15
CA TYR D 291 -42.84 -49.39 -23.78
C TYR D 291 -41.46 -48.97 -24.27
N PHE D 292 -41.08 -49.38 -25.48
CA PHE D 292 -39.74 -49.06 -25.96
C PHE D 292 -39.67 -47.63 -26.49
N LEU D 293 -40.49 -47.31 -27.49
CA LEU D 293 -40.41 -46.03 -28.17
C LEU D 293 -40.92 -44.89 -27.29
N LYS D 294 -41.66 -45.20 -26.23
CA LYS D 294 -42.03 -44.19 -25.25
C LYS D 294 -40.81 -43.68 -24.50
N THR D 295 -40.02 -44.60 -23.93
CA THR D 295 -38.87 -44.18 -23.15
C THR D 295 -37.65 -43.90 -24.02
N LEU D 296 -37.69 -44.27 -25.30
CA LEU D 296 -36.63 -43.84 -26.20
C LEU D 296 -36.76 -42.36 -26.52
N LEU D 297 -37.97 -41.91 -26.85
CA LEU D 297 -38.19 -40.49 -27.08
C LEU D 297 -38.10 -39.70 -25.78
N GLU D 298 -38.41 -40.32 -24.64
CA GLU D 298 -38.32 -39.63 -23.36
C GLU D 298 -36.87 -39.39 -22.96
N LYS D 299 -36.02 -40.41 -23.12
CA LYS D 299 -34.61 -40.27 -22.73
C LYS D 299 -33.80 -39.47 -23.75
N ILE D 300 -34.36 -39.15 -24.91
CA ILE D 300 -33.71 -38.21 -25.82
C ILE D 300 -34.19 -36.79 -25.55
N ASN D 301 -35.51 -36.62 -25.35
CA ASN D 301 -36.06 -35.29 -25.12
C ASN D 301 -35.63 -34.71 -23.78
N VAL D 302 -35.43 -35.57 -22.76
CA VAL D 302 -34.87 -35.09 -21.51
C VAL D 302 -33.40 -34.72 -21.69
N ARG D 303 -32.64 -35.56 -22.40
CA ARG D 303 -31.22 -35.28 -22.62
C ARG D 303 -30.99 -34.16 -23.62
N ILE D 304 -31.98 -33.79 -24.42
CA ILE D 304 -31.85 -32.63 -25.27
C ILE D 304 -32.42 -31.38 -24.60
N THR D 305 -33.18 -31.55 -23.51
CA THR D 305 -33.65 -30.40 -22.74
C THR D 305 -32.51 -29.81 -21.91
N VAL D 306 -31.70 -30.66 -21.28
CA VAL D 306 -30.64 -30.17 -20.40
C VAL D 306 -29.45 -29.65 -21.17
N VAL D 307 -29.38 -29.85 -22.48
CA VAL D 307 -28.23 -29.40 -23.25
C VAL D 307 -28.59 -28.18 -24.10
N LYS D 308 -29.49 -28.35 -25.07
CA LYS D 308 -29.73 -27.27 -26.02
C LYS D 308 -30.69 -26.22 -25.45
N ASP D 309 -31.95 -26.60 -25.29
CA ASP D 309 -33.00 -25.81 -24.63
C ASP D 309 -34.21 -26.72 -24.46
N ARG D 310 -35.31 -26.15 -23.94
CA ARG D 310 -36.56 -26.89 -23.83
C ARG D 310 -37.24 -27.03 -25.19
N ASP D 311 -36.86 -26.19 -26.16
CA ASP D 311 -37.66 -26.03 -27.37
C ASP D 311 -37.14 -26.82 -28.57
N HIS D 312 -35.90 -27.30 -28.54
CA HIS D 312 -35.33 -28.05 -29.65
C HIS D 312 -35.58 -29.55 -29.53
N ARG D 313 -36.64 -29.96 -28.82
CA ARG D 313 -36.85 -31.37 -28.54
C ARG D 313 -37.35 -32.12 -29.77
N ILE D 314 -37.00 -33.40 -29.83
CA ILE D 314 -37.48 -34.26 -30.90
C ILE D 314 -38.97 -34.53 -30.71
N GLY D 315 -39.73 -34.34 -31.76
CA GLY D 315 -41.16 -34.56 -31.69
C GLY D 315 -41.52 -36.03 -31.75
N HIS D 316 -42.81 -36.29 -31.91
CA HIS D 316 -43.30 -37.65 -32.11
C HIS D 316 -43.99 -37.81 -33.45
N SER D 317 -43.63 -36.99 -34.43
CA SER D 317 -44.01 -37.24 -35.82
C SER D 317 -42.98 -38.09 -36.55
N TYR D 318 -41.78 -38.24 -35.98
CA TYR D 318 -40.76 -39.07 -36.60
C TYR D 318 -41.09 -40.55 -36.42
N PHE D 319 -41.20 -40.99 -35.17
CA PHE D 319 -41.34 -42.40 -34.84
C PHE D 319 -42.77 -42.90 -34.93
N LEU D 320 -43.74 -42.04 -35.27
CA LEU D 320 -45.14 -42.45 -35.27
C LEU D 320 -45.49 -43.31 -36.47
N ASN D 321 -44.74 -43.21 -37.56
CA ASN D 321 -45.03 -43.94 -38.78
C ASN D 321 -44.08 -45.10 -39.01
N VAL D 322 -43.66 -45.78 -37.94
CA VAL D 322 -42.84 -46.97 -38.06
C VAL D 322 -43.74 -48.19 -38.09
N GLU D 323 -43.34 -49.20 -38.87
CA GLU D 323 -44.10 -50.43 -38.98
C GLU D 323 -43.26 -51.65 -38.60
N THR D 324 -42.05 -51.76 -39.14
CA THR D 324 -41.10 -52.82 -38.81
C THR D 324 -39.82 -52.18 -38.29
N VAL D 325 -38.86 -53.04 -37.91
CA VAL D 325 -37.61 -52.53 -37.35
C VAL D 325 -36.74 -51.91 -38.45
N GLU D 326 -37.01 -52.25 -39.71
CA GLU D 326 -36.31 -51.62 -40.81
C GLU D 326 -36.76 -50.16 -40.97
N ASP D 327 -38.05 -49.89 -40.74
CA ASP D 327 -38.56 -48.53 -40.86
C ASP D 327 -38.12 -47.66 -39.69
N LEU D 328 -37.79 -48.28 -38.55
CA LEU D 328 -37.19 -47.52 -37.46
C LEU D 328 -35.73 -47.21 -37.77
N HIS D 329 -35.07 -48.10 -38.51
CA HIS D 329 -33.69 -47.85 -38.91
C HIS D 329 -33.60 -46.72 -39.93
N HIS D 330 -34.59 -46.61 -40.81
CA HIS D 330 -34.59 -45.57 -41.82
C HIS D 330 -35.15 -44.24 -41.32
N VAL D 331 -35.75 -44.22 -40.13
CA VAL D 331 -36.14 -42.96 -39.50
C VAL D 331 -35.13 -42.54 -38.45
N TRP D 332 -34.19 -43.42 -38.09
CA TRP D 332 -33.14 -43.04 -37.14
C TRP D 332 -31.95 -42.43 -37.87
N TYR D 333 -31.42 -43.14 -38.87
CA TYR D 333 -30.22 -42.68 -39.57
C TYR D 333 -30.50 -41.59 -40.60
N TYR D 334 -31.76 -41.32 -40.93
CA TYR D 334 -32.07 -40.40 -42.01
C TYR D 334 -32.97 -39.24 -41.64
N GLU D 335 -33.52 -39.20 -40.42
CA GLU D 335 -34.37 -38.08 -40.06
C GLU D 335 -33.97 -37.42 -38.74
N VAL D 336 -33.53 -38.20 -37.76
CA VAL D 336 -33.25 -37.66 -36.44
C VAL D 336 -31.76 -37.61 -36.10
N LEU D 337 -30.94 -38.57 -36.57
CA LEU D 337 -29.51 -38.47 -36.37
C LEU D 337 -28.86 -37.43 -37.28
N PRO D 338 -29.31 -37.20 -38.53
CA PRO D 338 -28.91 -35.94 -39.18
C PRO D 338 -29.47 -34.70 -38.52
N LEU D 339 -30.61 -34.81 -37.85
CA LEU D 339 -31.10 -33.67 -37.07
C LEU D 339 -30.24 -33.46 -35.82
N LEU D 340 -29.85 -34.55 -35.16
CA LEU D 340 -29.01 -34.43 -33.96
C LEU D 340 -27.60 -33.97 -34.29
N MET D 341 -27.12 -34.21 -35.51
CA MET D 341 -25.78 -33.77 -35.87
C MET D 341 -25.73 -32.28 -36.21
N GLU D 342 -26.85 -31.69 -36.63
CA GLU D 342 -26.89 -30.29 -36.98
C GLU D 342 -27.33 -29.41 -35.83
N TYR D 343 -27.70 -29.99 -34.68
CA TYR D 343 -27.73 -29.24 -33.44
C TYR D 343 -26.31 -28.99 -32.94
N PHE D 344 -25.43 -29.97 -33.15
CA PHE D 344 -24.11 -30.04 -32.55
C PHE D 344 -23.05 -30.26 -33.62
N TYR D 345 -23.04 -29.39 -34.65
CA TYR D 345 -22.08 -29.47 -35.73
C TYR D 345 -20.65 -29.31 -35.24
N ASN D 346 -19.88 -30.41 -35.35
CA ASN D 346 -18.51 -30.54 -34.85
C ASN D 346 -18.42 -30.24 -33.36
N ASP D 347 -19.42 -30.70 -32.61
CA ASP D 347 -19.45 -30.64 -31.15
C ASP D 347 -19.69 -32.09 -30.75
N TRP D 348 -18.60 -32.86 -30.63
CA TRP D 348 -18.69 -34.31 -30.65
C TRP D 348 -18.86 -34.94 -29.27
N GLU D 349 -18.27 -34.36 -28.22
CA GLU D 349 -18.42 -34.90 -26.89
C GLU D 349 -19.79 -34.58 -26.27
N THR D 350 -20.59 -33.76 -26.93
CA THR D 350 -21.96 -33.46 -26.53
C THR D 350 -22.96 -34.39 -27.20
N ILE D 351 -22.85 -34.57 -28.52
CA ILE D 351 -23.73 -35.46 -29.27
C ILE D 351 -23.47 -36.92 -28.90
N LYS D 352 -22.28 -37.24 -28.40
CA LYS D 352 -22.03 -38.56 -27.84
C LYS D 352 -22.79 -38.75 -26.53
N TRP D 353 -23.04 -37.67 -25.80
CA TRP D 353 -23.71 -37.74 -24.52
C TRP D 353 -25.23 -37.79 -24.64
N VAL D 354 -25.79 -37.27 -25.74
CA VAL D 354 -27.24 -37.36 -25.96
C VAL D 354 -27.65 -38.81 -26.18
N LEU D 355 -26.79 -39.59 -26.82
CA LEU D 355 -26.97 -41.03 -26.95
C LEU D 355 -26.38 -41.80 -25.78
N ASN D 356 -25.94 -41.09 -24.73
CA ASN D 356 -25.21 -41.54 -23.52
C ASN D 356 -24.22 -42.68 -23.78
N GLU D 357 -23.44 -42.52 -24.85
CA GLU D 357 -22.35 -43.43 -25.18
C GLU D 357 -21.01 -42.78 -24.89
N LYS D 358 -20.95 -41.98 -23.82
CA LYS D 358 -19.83 -41.06 -23.61
C LYS D 358 -18.53 -41.77 -23.30
N GLY D 359 -18.60 -42.93 -22.65
CA GLY D 359 -17.40 -43.71 -22.42
C GLY D 359 -17.14 -44.70 -23.54
N LYS D 360 -18.17 -44.98 -24.33
CA LYS D 360 -18.07 -45.96 -25.40
C LYS D 360 -17.47 -45.30 -26.64
N GLU D 361 -16.34 -45.83 -27.10
CA GLU D 361 -15.67 -45.31 -28.29
C GLU D 361 -15.86 -46.20 -29.51
N HIS D 362 -15.50 -47.48 -29.41
CA HIS D 362 -15.59 -48.41 -30.52
C HIS D 362 -16.65 -49.47 -30.22
N GLY D 363 -16.89 -50.33 -31.19
CA GLY D 363 -17.86 -51.39 -31.05
C GLY D 363 -19.21 -51.01 -31.63
N ASN D 364 -20.27 -51.22 -30.87
CA ASN D 364 -21.63 -50.91 -31.31
C ASN D 364 -22.03 -49.51 -30.88
N VAL D 365 -21.30 -48.53 -31.40
CA VAL D 365 -21.55 -47.12 -31.14
C VAL D 365 -21.89 -46.47 -32.48
N PHE D 366 -22.81 -45.51 -32.45
CA PHE D 366 -23.15 -44.78 -33.67
C PHE D 366 -21.99 -43.94 -34.17
N PHE D 367 -21.17 -43.41 -33.27
CA PHE D 367 -20.03 -42.58 -33.64
C PHE D 367 -18.75 -43.29 -33.20
N GLU D 368 -18.21 -44.13 -34.07
CA GLU D 368 -16.94 -44.78 -33.79
C GLU D 368 -15.81 -43.76 -33.82
N LYS D 369 -14.73 -44.08 -33.09
CA LYS D 369 -13.60 -43.17 -32.96
C LYS D 369 -12.58 -43.47 -34.03
N LEU D 370 -12.08 -42.41 -34.68
CA LEU D 370 -11.04 -42.56 -35.68
C LEU D 370 -9.72 -42.93 -35.02
N ARG D 371 -9.00 -43.87 -35.64
CA ARG D 371 -7.73 -44.32 -35.09
C ARG D 371 -6.64 -43.28 -35.20
N LEU D 372 -6.80 -42.28 -36.06
CA LEU D 372 -5.87 -41.16 -36.13
C LEU D 372 -6.07 -40.22 -34.94
N THR D 373 -5.14 -39.29 -34.82
CA THR D 373 -5.22 -38.23 -33.82
C THR D 373 -4.85 -36.92 -34.52
N GLY D 374 -4.69 -35.86 -33.75
CA GLY D 374 -4.33 -34.58 -34.32
C GLY D 374 -2.88 -34.22 -34.10
N PRO D 375 -2.39 -33.21 -34.82
CA PRO D 375 -1.04 -32.70 -34.51
C PRO D 375 -1.00 -31.92 -33.21
N ASN D 376 -2.05 -31.17 -32.91
CA ASN D 376 -2.18 -30.44 -31.65
C ASN D 376 -2.99 -31.20 -30.62
N GLY D 377 -3.12 -32.51 -30.79
CA GLY D 377 -3.82 -33.35 -29.82
C GLY D 377 -5.33 -33.24 -29.88
N GLU D 378 -5.89 -33.28 -31.09
CA GLU D 378 -7.34 -33.25 -31.26
C GLU D 378 -7.81 -34.54 -31.92
N GLU D 379 -9.12 -34.77 -31.85
CA GLU D 379 -9.71 -36.00 -32.36
C GLU D 379 -11.13 -35.72 -32.83
N ALA D 380 -11.62 -36.60 -33.70
CA ALA D 380 -12.97 -36.47 -34.22
C ALA D 380 -13.50 -37.85 -34.58
N TYR D 381 -14.80 -38.03 -34.38
CA TYR D 381 -15.45 -39.32 -34.56
C TYR D 381 -16.07 -39.43 -35.94
N GLN D 382 -16.48 -40.65 -36.29
CA GLN D 382 -17.02 -40.96 -37.60
C GLN D 382 -18.29 -41.76 -37.43
N LEU D 383 -19.35 -41.39 -38.17
CA LEU D 383 -20.64 -42.05 -38.04
C LEU D 383 -20.57 -43.47 -38.56
N LYS D 384 -21.17 -44.39 -37.81
CA LYS D 384 -21.10 -45.82 -38.10
C LYS D 384 -22.50 -46.33 -38.39
N VAL D 385 -22.75 -46.73 -39.63
CA VAL D 385 -24.05 -47.24 -40.04
C VAL D 385 -24.17 -48.68 -39.55
N LEU D 386 -25.05 -48.90 -38.57
CA LEU D 386 -25.26 -50.22 -38.01
C LEU D 386 -26.53 -50.85 -38.57
N GLU D 387 -26.53 -52.17 -38.67
CA GLU D 387 -27.65 -52.91 -39.22
C GLU D 387 -27.86 -54.19 -38.44
N GLY D 388 -29.08 -54.71 -38.49
CA GLY D 388 -29.41 -55.94 -37.80
C GLY D 388 -29.76 -55.73 -36.34
N ASP D 389 -29.60 -56.80 -35.56
CA ASP D 389 -29.91 -56.75 -34.14
C ASP D 389 -28.85 -55.98 -33.35
N ALA D 390 -27.68 -55.74 -33.94
CA ALA D 390 -26.67 -54.91 -33.29
C ALA D 390 -27.08 -53.45 -33.23
N PHE D 391 -27.99 -53.03 -34.12
CA PHE D 391 -28.52 -51.68 -34.06
C PHE D 391 -29.40 -51.48 -32.82
N ILE D 392 -30.19 -52.50 -32.47
CA ILE D 392 -31.06 -52.39 -31.30
C ILE D 392 -30.25 -52.40 -30.01
N GLY D 393 -29.19 -53.22 -29.96
CA GLY D 393 -28.29 -53.19 -28.81
C GLY D 393 -27.50 -51.90 -28.70
N ALA D 394 -27.34 -51.17 -29.80
CA ALA D 394 -26.79 -49.82 -29.74
C ALA D 394 -27.84 -48.79 -29.42
N LEU D 395 -29.12 -49.14 -29.52
CA LEU D 395 -30.23 -48.24 -29.22
C LEU D 395 -30.80 -48.46 -27.83
N LYS D 396 -30.83 -49.71 -27.36
CA LYS D 396 -31.32 -50.00 -26.01
C LYS D 396 -30.39 -49.48 -24.93
N ARG D 397 -29.14 -49.20 -25.26
CA ARG D 397 -28.21 -48.63 -24.30
C ARG D 397 -28.50 -47.16 -24.02
N ILE D 398 -29.29 -46.50 -24.87
CA ILE D 398 -29.74 -45.14 -24.58
C ILE D 398 -30.68 -45.13 -23.38
N ILE D 399 -31.60 -46.09 -23.33
CA ILE D 399 -32.52 -46.22 -22.21
C ILE D 399 -31.80 -46.72 -20.95
N ASN E 8 -24.63 -49.67 -59.10
CA ASN E 8 -25.45 -48.46 -59.18
C ASN E 8 -26.74 -48.59 -58.40
N ILE E 9 -27.39 -49.75 -58.55
CA ILE E 9 -28.69 -50.00 -57.92
C ILE E 9 -28.54 -50.53 -56.50
N LYS E 10 -27.32 -50.69 -56.00
CA LYS E 10 -27.09 -51.45 -54.77
C LYS E 10 -27.52 -50.66 -53.53
N GLU E 11 -26.90 -49.50 -53.28
CA GLU E 11 -27.16 -48.76 -52.05
C GLU E 11 -27.77 -47.39 -52.32
N ASP E 12 -27.13 -46.55 -53.13
CA ASP E 12 -27.54 -45.16 -53.26
C ASP E 12 -28.76 -44.97 -54.17
N TYR E 13 -29.20 -46.02 -54.85
CA TYR E 13 -30.44 -46.00 -55.63
C TYR E 13 -31.61 -46.58 -54.84
N PHE E 14 -31.41 -47.73 -54.22
CA PHE E 14 -32.47 -48.42 -53.49
C PHE E 14 -32.79 -47.80 -52.14
N ARG E 15 -31.93 -46.93 -51.62
CA ARG E 15 -32.24 -46.21 -50.40
C ARG E 15 -32.78 -44.81 -50.67
N VAL E 16 -32.64 -44.32 -51.91
CA VAL E 16 -33.37 -43.12 -52.30
C VAL E 16 -34.81 -43.46 -52.64
N ASP E 17 -35.01 -44.51 -53.45
CA ASP E 17 -36.35 -44.87 -53.91
C ASP E 17 -37.24 -45.37 -52.78
N MET E 18 -36.66 -46.04 -51.78
CA MET E 18 -37.43 -46.48 -50.63
C MET E 18 -37.80 -45.31 -49.73
N LEU E 19 -36.89 -44.36 -49.56
CA LEU E 19 -37.11 -43.26 -48.63
C LEU E 19 -37.92 -42.13 -49.26
N LEU E 20 -37.79 -41.92 -50.57
CA LEU E 20 -38.59 -40.90 -51.23
C LEU E 20 -40.05 -41.34 -51.35
N ASN E 21 -40.28 -42.65 -51.48
CA ASN E 21 -41.66 -43.15 -51.52
C ASN E 21 -42.30 -43.16 -50.14
N LYS E 22 -41.50 -43.08 -49.07
CA LYS E 22 -42.01 -43.11 -47.70
C LYS E 22 -42.16 -41.71 -47.12
N LYS E 23 -41.18 -40.84 -47.34
CA LYS E 23 -41.23 -39.50 -46.76
C LYS E 23 -41.78 -38.46 -47.73
N GLY E 24 -41.50 -38.60 -49.02
CA GLY E 24 -41.96 -37.67 -50.02
C GLY E 24 -40.88 -36.74 -50.54
N GLN E 25 -39.90 -36.40 -49.71
CA GLN E 25 -38.83 -35.47 -50.08
C GLN E 25 -37.51 -36.00 -49.54
N VAL E 26 -36.47 -35.90 -50.36
CA VAL E 26 -35.15 -36.41 -50.01
C VAL E 26 -34.12 -35.30 -50.24
N ILE E 27 -33.26 -35.07 -49.25
CA ILE E 27 -32.11 -34.19 -49.42
C ILE E 27 -30.85 -35.03 -49.33
N LEU E 28 -30.03 -34.98 -50.37
CA LEU E 28 -28.79 -35.74 -50.44
C LEU E 28 -27.63 -34.86 -49.98
N TYR E 29 -27.55 -34.65 -48.66
CA TYR E 29 -26.51 -33.80 -48.11
C TYR E 29 -25.18 -34.55 -48.06
N GLY E 30 -24.10 -33.84 -48.38
CA GLY E 30 -22.79 -34.43 -48.45
C GLY E 30 -21.74 -33.45 -48.94
N PRO E 31 -20.47 -33.79 -48.75
CA PRO E 31 -19.38 -32.88 -49.12
C PRO E 31 -19.23 -32.82 -50.62
N PRO E 32 -18.60 -31.77 -51.16
CA PRO E 32 -18.46 -31.65 -52.61
C PRO E 32 -17.47 -32.66 -53.18
N GLY E 33 -17.78 -33.13 -54.37
CA GLY E 33 -17.04 -34.21 -54.98
C GLY E 33 -17.67 -35.57 -54.82
N THR E 34 -18.89 -35.63 -54.31
CA THR E 34 -19.60 -36.88 -54.11
C THR E 34 -20.78 -36.91 -55.08
N GLY E 35 -21.24 -38.11 -55.43
CA GLY E 35 -22.34 -38.25 -56.36
C GLY E 35 -23.69 -37.91 -55.76
N LYS E 36 -23.96 -36.62 -55.56
CA LYS E 36 -25.24 -36.13 -55.07
C LYS E 36 -26.13 -35.62 -56.19
N THR E 37 -25.62 -34.69 -57.00
CA THR E 37 -26.33 -34.27 -58.22
C THR E 37 -26.45 -35.44 -59.19
N TRP E 38 -25.43 -36.30 -59.24
CA TRP E 38 -25.44 -37.43 -60.15
C TRP E 38 -26.44 -38.50 -59.75
N ILE E 39 -26.54 -38.81 -58.44
CA ILE E 39 -27.48 -39.85 -58.04
C ILE E 39 -28.91 -39.30 -58.04
N ALA E 40 -29.07 -37.98 -57.99
CA ALA E 40 -30.39 -37.40 -58.18
C ALA E 40 -30.76 -37.40 -59.65
N ARG E 41 -29.78 -37.17 -60.54
CA ARG E 41 -30.06 -37.18 -61.97
C ARG E 41 -30.26 -38.62 -62.47
N LYS E 42 -29.47 -39.57 -61.95
CA LYS E 42 -29.56 -40.93 -62.46
C LYS E 42 -30.86 -41.61 -62.01
N TYR E 43 -31.31 -41.32 -60.79
CA TYR E 43 -32.50 -41.98 -60.26
C TYR E 43 -33.76 -41.52 -60.99
N VAL E 44 -33.85 -40.23 -61.32
CA VAL E 44 -35.05 -39.71 -61.96
C VAL E 44 -35.13 -40.13 -63.43
N VAL E 45 -33.99 -40.13 -64.13
CA VAL E 45 -33.96 -40.55 -65.53
C VAL E 45 -34.21 -42.05 -65.66
N GLU E 46 -33.66 -42.86 -64.75
CA GLU E 46 -33.94 -44.29 -64.77
C GLU E 46 -35.34 -44.63 -64.29
N GLU E 47 -36.06 -43.70 -63.66
CA GLU E 47 -37.43 -43.94 -63.24
C GLU E 47 -38.43 -43.46 -64.28
N THR E 48 -38.31 -42.22 -64.73
CA THR E 48 -39.28 -41.61 -65.63
C THR E 48 -39.03 -41.94 -67.10
N ASN E 49 -37.85 -42.48 -67.42
CA ASN E 49 -37.43 -42.81 -68.79
C ASN E 49 -37.50 -41.58 -69.71
N GLU E 50 -37.08 -40.44 -69.19
CA GLU E 50 -37.00 -39.19 -69.94
C GLU E 50 -35.66 -38.54 -69.60
N LYS E 51 -34.71 -38.60 -70.53
CA LYS E 51 -33.35 -38.13 -70.29
C LYS E 51 -33.21 -36.62 -70.32
N THR E 52 -34.28 -35.89 -70.61
CA THR E 52 -34.28 -34.44 -70.62
C THR E 52 -35.42 -33.92 -69.75
N PRO E 53 -35.26 -32.72 -69.17
CA PRO E 53 -36.37 -32.13 -68.41
C PRO E 53 -37.56 -31.72 -69.28
N GLY E 54 -38.60 -31.18 -68.66
CA GLY E 54 -39.82 -30.93 -69.40
C GLY E 54 -41.05 -31.57 -68.81
N ASN E 55 -41.56 -32.61 -69.49
CA ASN E 55 -42.87 -33.18 -69.16
C ASN E 55 -42.88 -33.84 -67.79
N LYS E 56 -42.05 -34.88 -67.59
CA LYS E 56 -42.14 -35.67 -66.38
C LYS E 56 -41.41 -35.05 -65.20
N TRP E 57 -40.27 -34.40 -65.42
CA TRP E 57 -39.47 -33.89 -64.32
C TRP E 57 -38.86 -32.55 -64.69
N GLU E 58 -38.54 -31.75 -63.68
CA GLU E 58 -37.94 -30.44 -63.87
C GLU E 58 -36.73 -30.31 -62.97
N PHE E 59 -35.60 -29.94 -63.55
CA PHE E 59 -34.34 -29.73 -62.83
C PHE E 59 -34.15 -28.23 -62.73
N ILE E 60 -34.41 -27.67 -61.55
CA ILE E 60 -34.07 -26.28 -61.27
C ILE E 60 -33.00 -26.28 -60.19
N THR E 61 -32.40 -25.11 -59.97
CA THR E 61 -31.43 -24.96 -58.90
C THR E 61 -31.64 -23.65 -58.18
N PHE E 62 -31.33 -23.65 -56.89
CA PHE E 62 -31.59 -22.50 -56.04
C PHE E 62 -30.36 -21.60 -55.99
N HIS E 63 -30.59 -20.32 -55.68
CA HIS E 63 -29.51 -19.37 -55.44
C HIS E 63 -30.06 -18.26 -54.57
N GLN E 64 -29.20 -17.30 -54.23
CA GLN E 64 -29.61 -16.22 -53.35
C GLN E 64 -30.43 -15.16 -54.06
N SER E 65 -30.42 -15.12 -55.39
CA SER E 65 -31.27 -14.21 -56.15
C SER E 65 -32.61 -14.85 -56.50
N TYR E 66 -32.90 -16.03 -55.96
CA TYR E 66 -34.12 -16.75 -56.27
C TYR E 66 -35.24 -16.21 -55.40
N SER E 67 -36.40 -16.01 -56.00
CA SER E 67 -37.51 -15.31 -55.35
C SER E 67 -38.57 -16.30 -54.91
N TYR E 68 -39.31 -15.94 -53.87
CA TYR E 68 -40.55 -16.65 -53.58
C TYR E 68 -41.58 -16.40 -54.67
N GLU E 69 -41.58 -15.18 -55.22
CA GLU E 69 -42.51 -14.81 -56.27
C GLU E 69 -42.26 -15.55 -57.57
N GLU E 70 -41.05 -16.08 -57.77
CA GLU E 70 -40.72 -16.86 -58.95
C GLU E 70 -40.70 -18.35 -58.67
N PHE E 71 -41.16 -18.80 -57.51
CA PHE E 71 -41.17 -20.22 -57.20
C PHE E 71 -42.56 -20.84 -57.26
N ILE E 72 -43.54 -20.32 -56.51
CA ILE E 72 -44.91 -20.79 -56.62
C ILE E 72 -45.85 -19.71 -57.15
N GLU E 73 -45.73 -18.47 -56.67
CA GLU E 73 -46.69 -17.44 -57.05
C GLU E 73 -46.15 -16.05 -56.75
N GLY E 74 -46.27 -15.15 -57.71
CA GLY E 74 -45.90 -13.76 -57.47
C GLY E 74 -46.40 -12.86 -58.57
N PHE E 75 -46.41 -11.57 -58.27
CA PHE E 75 -46.75 -10.57 -59.27
C PHE E 75 -45.56 -10.32 -60.17
N ARG E 76 -45.70 -10.67 -61.45
CA ARG E 76 -44.62 -10.51 -62.42
C ARG E 76 -45.17 -9.65 -63.55
N PRO E 77 -44.58 -8.48 -63.82
CA PRO E 77 -45.11 -7.62 -64.87
C PRO E 77 -44.80 -8.16 -66.26
N ARG E 78 -45.86 -8.43 -67.03
CA ARG E 78 -45.72 -8.94 -68.38
C ARG E 78 -45.81 -7.80 -69.39
N THR E 79 -45.52 -8.12 -70.64
CA THR E 79 -45.48 -7.14 -71.73
C THR E 79 -46.60 -7.47 -72.72
N ASP E 80 -47.74 -6.80 -72.55
CA ASP E 80 -48.83 -6.92 -73.52
C ASP E 80 -48.58 -5.97 -74.69
N ASN E 81 -49.53 -5.95 -75.64
CA ASN E 81 -49.33 -5.20 -76.88
C ASN E 81 -49.60 -3.71 -76.69
N GLU E 82 -50.83 -3.35 -76.34
CA GLU E 82 -51.20 -1.95 -76.24
C GLU E 82 -50.96 -1.36 -74.85
N GLU E 83 -50.98 -2.18 -73.81
CA GLU E 83 -50.64 -1.76 -72.46
C GLU E 83 -49.35 -2.47 -72.08
N LYS E 84 -48.23 -1.74 -72.14
CA LYS E 84 -46.92 -2.36 -71.97
C LYS E 84 -46.67 -2.79 -70.53
N ILE E 85 -47.00 -1.93 -69.57
CA ILE E 85 -46.82 -2.24 -68.16
C ILE E 85 -48.14 -2.81 -67.66
N ARG E 86 -48.24 -4.13 -67.66
CA ARG E 86 -49.41 -4.86 -67.17
C ARG E 86 -48.95 -5.85 -66.11
N TYR E 87 -49.39 -5.63 -64.88
CA TYR E 87 -48.97 -6.44 -63.74
C TYR E 87 -49.93 -7.60 -63.57
N VAL E 88 -49.45 -8.80 -63.86
CA VAL E 88 -50.25 -10.02 -63.76
C VAL E 88 -49.58 -10.92 -62.74
N VAL E 89 -50.37 -11.83 -62.17
CA VAL E 89 -49.85 -12.83 -61.24
C VAL E 89 -49.48 -14.09 -62.01
N GLU E 90 -48.20 -14.46 -61.95
CA GLU E 90 -47.67 -15.57 -62.73
C GLU E 90 -47.22 -16.69 -61.79
N ASP E 91 -47.68 -17.90 -62.08
CA ASP E 91 -47.29 -19.06 -61.30
C ASP E 91 -45.83 -19.42 -61.58
N GLY E 92 -45.11 -19.78 -60.53
CA GLY E 92 -43.71 -20.12 -60.64
C GLY E 92 -43.48 -21.50 -61.23
N ILE E 93 -42.32 -22.07 -60.93
CA ILE E 93 -42.01 -23.38 -61.48
C ILE E 93 -42.63 -24.49 -60.63
N PHE E 94 -42.79 -24.28 -59.32
CA PHE E 94 -43.38 -25.33 -58.50
C PHE E 94 -44.88 -25.41 -58.70
N LYS E 95 -45.55 -24.26 -58.88
CA LYS E 95 -46.98 -24.32 -59.16
C LYS E 95 -47.24 -24.78 -60.59
N LYS E 96 -46.25 -24.67 -61.46
CA LYS E 96 -46.40 -25.26 -62.79
C LYS E 96 -45.96 -26.72 -62.85
N ILE E 97 -45.47 -27.29 -61.75
CA ILE E 97 -45.18 -28.73 -61.73
C ILE E 97 -46.15 -29.41 -60.76
N ALA E 98 -46.67 -28.68 -59.78
CA ALA E 98 -47.66 -29.25 -58.89
C ALA E 98 -49.03 -29.33 -59.57
N LEU E 99 -49.38 -28.29 -60.33
CA LEU E 99 -50.59 -28.36 -61.14
C LEU E 99 -50.41 -29.31 -62.31
N ARG E 100 -49.19 -29.47 -62.81
CA ARG E 100 -48.95 -30.43 -63.88
C ARG E 100 -49.04 -31.86 -63.35
N ALA E 101 -48.53 -32.11 -62.14
CA ALA E 101 -48.61 -33.43 -61.55
C ALA E 101 -50.04 -33.78 -61.14
N LEU E 102 -50.85 -32.76 -60.88
CA LEU E 102 -52.24 -33.01 -60.49
C LEU E 102 -53.10 -33.35 -61.71
N VAL E 103 -53.09 -32.50 -62.73
CA VAL E 103 -53.98 -32.70 -63.87
C VAL E 103 -53.51 -33.79 -64.83
N LYS E 104 -52.29 -34.28 -64.67
CA LYS E 104 -51.88 -35.49 -65.40
C LYS E 104 -52.30 -36.74 -64.64
N GLY E 105 -52.25 -36.69 -63.31
CA GLY E 105 -52.74 -37.79 -62.50
C GLY E 105 -54.25 -37.89 -62.49
N LEU E 106 -54.96 -36.81 -62.79
CA LEU E 106 -56.42 -36.81 -62.80
C LEU E 106 -56.99 -37.18 -64.16
N PHE E 107 -56.22 -37.87 -65.00
CA PHE E 107 -56.74 -38.42 -66.25
C PHE E 107 -57.38 -39.78 -66.06
N GLU E 108 -57.06 -40.47 -64.96
CA GLU E 108 -57.51 -41.83 -64.69
C GLU E 108 -58.35 -41.88 -63.42
N LEU E 109 -59.23 -40.91 -63.25
CA LEU E 109 -60.14 -40.83 -62.12
C LEU E 109 -61.57 -40.94 -62.62
N GLU E 110 -62.50 -41.16 -61.68
CA GLU E 110 -63.87 -41.49 -62.02
C GLU E 110 -64.89 -40.56 -61.40
N ASP E 111 -64.47 -39.45 -60.81
CA ASP E 111 -65.39 -38.44 -60.32
C ASP E 111 -65.32 -37.13 -61.10
N ALA E 112 -64.40 -37.01 -62.05
CA ALA E 112 -64.27 -35.85 -62.91
C ALA E 112 -65.01 -36.01 -64.23
N THR E 113 -66.13 -36.77 -64.23
CA THR E 113 -66.82 -37.16 -65.45
C THR E 113 -67.55 -36.02 -66.15
N ILE E 114 -67.64 -34.85 -65.53
CA ILE E 114 -68.21 -33.69 -66.20
C ILE E 114 -67.14 -32.90 -66.95
N GLY E 115 -65.91 -32.89 -66.45
CA GLY E 115 -64.88 -32.04 -67.00
C GLY E 115 -63.58 -32.72 -67.34
N LYS E 116 -63.65 -33.95 -67.90
CA LYS E 116 -62.45 -34.60 -68.40
C LYS E 116 -61.86 -33.84 -69.59
N ASP E 117 -62.70 -33.19 -70.38
CA ASP E 117 -62.21 -32.30 -71.41
C ASP E 117 -61.62 -31.02 -70.82
N LYS E 118 -62.12 -30.58 -69.67
CA LYS E 118 -61.59 -29.39 -69.04
C LYS E 118 -60.25 -29.66 -68.36
N ILE E 119 -60.05 -30.90 -67.90
CA ILE E 119 -58.76 -31.27 -67.31
C ILE E 119 -57.71 -31.42 -68.42
N HIS E 120 -58.11 -31.98 -69.56
CA HIS E 120 -57.21 -32.05 -70.71
C HIS E 120 -56.87 -30.67 -71.26
N ARG E 121 -57.82 -29.74 -71.21
CA ARG E 121 -57.56 -28.38 -71.65
C ARG E 121 -56.66 -27.64 -70.67
N LEU E 122 -56.77 -27.96 -69.37
CA LEU E 122 -55.88 -27.37 -68.38
C LEU E 122 -54.48 -27.96 -68.47
N TYR E 123 -54.36 -29.23 -68.86
CA TYR E 123 -53.06 -29.85 -69.03
C TYR E 123 -52.32 -29.28 -70.24
N ILE E 124 -53.07 -28.85 -71.27
CA ILE E 124 -52.45 -28.22 -72.44
C ILE E 124 -51.89 -26.85 -72.05
N LEU E 125 -52.62 -26.09 -71.24
CA LEU E 125 -52.16 -24.75 -70.84
C LEU E 125 -50.96 -24.81 -69.91
N LEU E 126 -50.76 -25.92 -69.20
CA LEU E 126 -49.59 -26.03 -68.33
C LEU E 126 -48.37 -26.58 -69.09
N THR E 127 -48.60 -27.42 -70.09
CA THR E 127 -47.51 -27.92 -70.92
C THR E 127 -47.15 -26.92 -72.02
N LYS E 128 -47.95 -25.88 -72.21
CA LYS E 128 -47.69 -24.87 -73.21
C LYS E 128 -46.47 -24.03 -72.82
N LYS E 129 -45.38 -24.21 -73.55
CA LYS E 129 -44.16 -23.45 -73.29
C LYS E 129 -44.23 -22.03 -73.84
N GLU E 130 -45.19 -21.75 -74.72
CA GLU E 130 -45.42 -20.39 -75.14
C GLU E 130 -45.97 -19.57 -73.98
N PRO E 131 -45.68 -18.26 -73.95
CA PRO E 131 -46.26 -17.41 -72.90
C PRO E 131 -47.76 -17.26 -73.08
N LEU E 132 -48.46 -17.22 -71.96
CA LEU E 132 -49.92 -17.23 -71.98
C LEU E 132 -50.45 -15.87 -72.41
N SER E 133 -51.16 -15.86 -73.54
CA SER E 133 -51.82 -14.64 -73.98
C SER E 133 -52.96 -14.30 -73.01
N PRO E 134 -53.28 -13.01 -72.83
CA PRO E 134 -54.36 -12.64 -71.89
C PRO E 134 -55.76 -13.02 -72.37
N THR E 135 -55.93 -13.44 -73.62
CA THR E 135 -57.21 -13.97 -74.07
C THR E 135 -57.44 -15.40 -73.58
N GLU E 136 -56.37 -16.14 -73.29
CA GLU E 136 -56.47 -17.49 -72.76
C GLU E 136 -55.97 -17.62 -71.33
N TYR E 137 -55.39 -16.56 -70.75
CA TYR E 137 -55.01 -16.59 -69.35
C TYR E 137 -56.23 -16.64 -68.44
N GLU E 138 -57.31 -15.97 -68.84
CA GLU E 138 -58.56 -16.08 -68.09
C GLU E 138 -59.22 -17.43 -68.30
N GLU E 139 -58.97 -18.08 -69.44
CA GLU E 139 -59.37 -19.47 -69.61
C GLU E 139 -58.52 -20.38 -68.72
N TYR E 140 -57.26 -20.01 -68.50
CA TYR E 140 -56.40 -20.77 -67.62
C TYR E 140 -56.80 -20.58 -66.15
N LEU E 141 -57.22 -19.38 -65.78
CA LEU E 141 -57.62 -19.14 -64.40
C LEU E 141 -59.01 -19.69 -64.10
N ARG E 142 -59.87 -19.77 -65.11
CA ARG E 142 -61.18 -20.38 -64.90
C ARG E 142 -61.06 -21.90 -64.77
N LEU E 143 -60.07 -22.49 -65.43
CA LEU E 143 -59.86 -23.93 -65.29
C LEU E 143 -59.09 -24.25 -64.01
N LYS E 144 -58.30 -23.31 -63.50
CA LYS E 144 -57.58 -23.56 -62.25
C LYS E 144 -58.54 -23.54 -61.07
N ARG E 145 -59.46 -22.57 -61.02
CA ARG E 145 -60.46 -22.55 -59.96
C ARG E 145 -61.55 -23.60 -60.15
N TYR E 146 -61.64 -24.21 -61.33
CA TYR E 146 -62.46 -25.41 -61.49
C TYR E 146 -61.78 -26.64 -60.91
N LEU E 147 -60.45 -26.66 -60.94
CA LEU E 147 -59.70 -27.82 -60.45
C LEU E 147 -59.80 -27.96 -58.95
N TRP E 148 -59.61 -26.86 -58.21
CA TRP E 148 -59.69 -26.90 -56.76
C TRP E 148 -61.12 -26.95 -56.24
N GLU E 149 -62.11 -26.79 -57.11
CA GLU E 149 -63.47 -27.19 -56.80
C GLU E 149 -63.66 -28.69 -56.98
N LEU E 150 -62.91 -29.30 -57.90
CA LEU E 150 -63.08 -30.71 -58.21
C LEU E 150 -62.39 -31.60 -57.19
N VAL E 151 -61.25 -31.17 -56.66
CA VAL E 151 -60.57 -31.97 -55.63
C VAL E 151 -61.19 -31.78 -54.25
N GLY E 152 -62.02 -30.76 -54.07
CA GLY E 152 -62.81 -30.66 -52.85
C GLY E 152 -63.94 -31.66 -52.79
N GLY E 153 -64.42 -32.12 -53.94
CA GLY E 153 -65.41 -33.17 -54.03
C GLY E 153 -64.85 -34.54 -54.33
N LEU E 154 -63.53 -34.69 -54.39
CA LEU E 154 -62.85 -35.96 -54.58
C LEU E 154 -62.57 -36.61 -53.23
N PRO E 155 -62.83 -37.90 -53.09
CA PRO E 155 -62.55 -38.58 -51.81
C PRO E 155 -61.06 -38.85 -51.65
N LYS E 156 -60.67 -39.01 -50.38
CA LYS E 156 -59.27 -39.28 -50.07
C LYS E 156 -58.85 -40.70 -50.43
N ASP E 157 -59.80 -41.59 -50.66
CA ASP E 157 -59.47 -42.95 -51.10
C ASP E 157 -59.06 -43.00 -52.56
N LYS E 158 -59.46 -42.02 -53.36
CA LYS E 158 -59.15 -42.00 -54.78
C LYS E 158 -57.97 -41.10 -55.13
N LEU E 159 -57.51 -40.27 -54.19
CA LEU E 159 -56.36 -39.42 -54.40
C LEU E 159 -55.09 -39.97 -53.75
N LYS E 160 -55.11 -41.23 -53.32
CA LYS E 160 -53.92 -41.87 -52.78
C LYS E 160 -53.02 -42.45 -53.85
N ASN E 161 -53.59 -42.84 -54.99
CA ASN E 161 -52.84 -43.50 -56.06
C ASN E 161 -53.03 -42.72 -57.35
N LEU E 162 -52.05 -41.87 -57.67
CA LEU E 162 -51.97 -41.19 -58.95
C LEU E 162 -50.83 -41.83 -59.73
N THR E 163 -51.15 -42.44 -60.87
CA THR E 163 -50.24 -43.35 -61.57
C THR E 163 -48.98 -42.78 -62.24
N PRO E 164 -48.85 -41.50 -62.60
CA PRO E 164 -47.52 -40.98 -62.95
C PRO E 164 -46.71 -40.73 -61.67
N LYS E 165 -45.45 -40.33 -61.86
CA LYS E 165 -44.55 -39.99 -60.75
C LYS E 165 -43.72 -38.80 -61.21
N PHE E 166 -44.14 -37.60 -60.81
CA PHE E 166 -43.45 -36.37 -61.19
C PHE E 166 -42.38 -36.03 -60.17
N TYR E 167 -41.29 -35.45 -60.65
CA TYR E 167 -40.14 -35.14 -59.80
C TYR E 167 -39.73 -33.68 -59.98
N LEU E 168 -39.17 -33.10 -58.94
CA LEU E 168 -38.57 -31.76 -58.99
C LEU E 168 -37.21 -31.87 -58.33
N ILE E 169 -36.17 -32.11 -59.12
CA ILE E 169 -34.81 -32.14 -58.59
C ILE E 169 -34.37 -30.68 -58.40
N ILE E 170 -34.48 -30.16 -57.19
CA ILE E 170 -33.85 -28.89 -56.89
C ILE E 170 -32.41 -29.18 -56.50
N ASP E 171 -31.49 -28.38 -57.02
CA ASP E 171 -30.07 -28.60 -56.79
C ASP E 171 -29.51 -27.41 -56.03
N GLU E 172 -28.65 -27.70 -55.06
CA GLU E 172 -28.17 -26.75 -54.05
C GLU E 172 -29.35 -26.03 -53.40
N ILE E 173 -30.23 -26.83 -52.78
CA ILE E 173 -31.42 -26.33 -52.11
C ILE E 173 -31.05 -25.34 -51.00
N ASN E 174 -29.96 -25.61 -50.29
CA ASN E 174 -29.57 -24.84 -49.12
C ASN E 174 -29.06 -23.44 -49.45
N ARG E 175 -28.81 -23.13 -50.73
CA ARG E 175 -28.27 -21.83 -51.09
C ARG E 175 -29.31 -20.73 -50.98
N GLY E 176 -30.53 -20.99 -51.46
CA GLY E 176 -31.58 -20.02 -51.35
C GLY E 176 -32.09 -19.87 -49.92
N ASN E 177 -32.95 -18.89 -49.72
CA ASN E 177 -33.61 -18.68 -48.43
C ASN E 177 -34.77 -19.67 -48.35
N ILE E 178 -34.48 -20.87 -47.83
CA ILE E 178 -35.40 -22.00 -47.98
C ILE E 178 -36.65 -21.81 -47.13
N SER E 179 -36.56 -20.98 -46.09
CA SER E 179 -37.76 -20.64 -45.32
C SER E 179 -38.64 -19.65 -46.08
N LYS E 180 -38.05 -18.87 -46.99
CA LYS E 180 -38.80 -17.90 -47.77
C LYS E 180 -39.24 -18.45 -49.12
N ILE E 181 -38.42 -19.28 -49.76
CA ILE E 181 -38.80 -19.89 -51.03
C ILE E 181 -39.96 -20.87 -50.81
N PHE E 182 -39.82 -21.75 -49.83
CA PHE E 182 -40.92 -22.62 -49.43
C PHE E 182 -41.81 -21.81 -48.49
N GLY E 183 -42.58 -20.90 -49.07
CA GLY E 183 -43.48 -20.08 -48.27
C GLY E 183 -44.65 -20.89 -47.75
N GLU E 184 -45.49 -21.34 -48.67
CA GLU E 184 -46.57 -22.26 -48.31
C GLU E 184 -46.08 -23.69 -48.13
N LEU E 185 -44.94 -24.03 -48.72
CA LEU E 185 -44.48 -25.42 -48.74
C LEU E 185 -43.83 -25.86 -47.43
N ILE E 186 -43.74 -24.98 -46.42
CA ILE E 186 -43.26 -25.39 -45.11
C ILE E 186 -44.35 -26.05 -44.28
N THR E 187 -45.55 -26.22 -44.82
CA THR E 187 -46.60 -26.99 -44.18
C THR E 187 -47.32 -27.96 -45.11
N LEU E 188 -46.97 -27.99 -46.40
CA LEU E 188 -47.53 -28.98 -47.32
C LEU E 188 -46.63 -30.19 -47.51
N LEU E 189 -45.31 -29.98 -47.50
CA LEU E 189 -44.36 -31.01 -47.91
C LEU E 189 -44.24 -32.08 -46.82
N GLU E 190 -45.23 -32.96 -46.79
CA GLU E 190 -45.22 -34.13 -45.93
C GLU E 190 -46.09 -35.18 -46.60
N LYS E 191 -45.86 -36.46 -46.27
CA LYS E 191 -46.54 -37.54 -46.97
C LYS E 191 -48.03 -37.61 -46.61
N ASP E 192 -48.37 -37.25 -45.37
CA ASP E 192 -49.75 -37.24 -44.93
C ASP E 192 -50.31 -35.81 -44.82
N LYS E 193 -49.71 -34.87 -45.56
CA LYS E 193 -50.26 -33.53 -45.67
C LYS E 193 -50.36 -33.07 -47.11
N ARG E 194 -50.10 -33.94 -48.08
CA ARG E 194 -50.39 -33.66 -49.47
C ARG E 194 -51.86 -33.98 -49.75
N LEU E 195 -52.25 -33.97 -51.01
CA LEU E 195 -53.57 -34.48 -51.37
C LEU E 195 -53.60 -35.99 -51.18
N GLY E 196 -54.75 -36.51 -50.77
CA GLY E 196 -54.91 -37.93 -50.56
C GLY E 196 -54.38 -38.46 -49.25
N GLY E 197 -53.56 -37.70 -48.53
CA GLY E 197 -53.02 -38.14 -47.26
C GLY E 197 -54.07 -38.12 -46.17
N GLU E 198 -53.61 -38.44 -44.95
CA GLU E 198 -54.50 -38.48 -43.79
C GLU E 198 -55.00 -37.10 -43.40
N ASN E 199 -54.27 -36.04 -43.73
CA ASN E 199 -54.68 -34.67 -43.47
C ASN E 199 -54.52 -33.88 -44.77
N GLN E 200 -55.57 -33.90 -45.59
CA GLN E 200 -55.55 -33.14 -46.84
C GLN E 200 -55.67 -31.66 -46.54
N LEU E 201 -54.62 -30.89 -46.86
CA LEU E 201 -54.55 -29.47 -46.54
C LEU E 201 -54.52 -28.68 -47.84
N ILE E 202 -55.55 -27.88 -48.08
CA ILE E 202 -55.59 -27.02 -49.25
C ILE E 202 -55.46 -25.58 -48.79
N VAL E 203 -54.22 -25.08 -48.73
CA VAL E 203 -53.97 -23.74 -48.20
C VAL E 203 -54.36 -22.68 -49.23
N ARG E 204 -54.45 -21.44 -48.79
CA ARG E 204 -54.91 -20.32 -49.62
C ARG E 204 -53.71 -19.43 -49.94
N LEU E 205 -53.38 -19.33 -51.22
CA LEU E 205 -52.23 -18.56 -51.65
C LEU E 205 -52.50 -17.06 -51.52
N PRO E 206 -51.45 -16.26 -51.26
CA PRO E 206 -51.66 -14.81 -51.09
C PRO E 206 -52.09 -14.04 -52.32
N TYR E 207 -51.36 -14.18 -53.43
CA TYR E 207 -51.48 -13.23 -54.53
C TYR E 207 -52.71 -13.49 -55.39
N SER E 208 -52.82 -14.69 -55.95
CA SER E 208 -53.95 -14.98 -56.83
C SER E 208 -55.24 -15.21 -56.05
N GLY E 209 -55.15 -15.58 -54.78
CA GLY E 209 -56.32 -15.88 -53.99
C GLY E 209 -56.95 -17.23 -54.28
N GLU E 210 -56.31 -18.08 -55.08
CA GLU E 210 -56.75 -19.42 -55.42
C GLU E 210 -56.12 -20.44 -54.48
N PRO E 211 -56.86 -21.44 -54.05
CA PRO E 211 -56.29 -22.43 -53.13
C PRO E 211 -55.32 -23.37 -53.84
N PHE E 212 -54.40 -23.93 -53.05
CA PHE E 212 -53.29 -24.69 -53.60
C PHE E 212 -52.89 -25.78 -52.63
N ALA E 213 -52.59 -26.97 -53.17
CA ALA E 213 -52.20 -28.12 -52.37
C ALA E 213 -51.30 -29.00 -53.22
N VAL E 214 -50.17 -29.40 -52.65
CA VAL E 214 -49.20 -30.23 -53.38
C VAL E 214 -49.79 -31.62 -53.58
N PRO E 215 -49.81 -32.15 -54.80
CA PRO E 215 -50.35 -33.49 -55.03
C PRO E 215 -49.40 -34.55 -54.51
N PRO E 216 -49.88 -35.79 -54.28
CA PRO E 216 -48.97 -36.87 -53.89
C PRO E 216 -48.18 -37.43 -55.06
N ASN E 217 -48.47 -36.97 -56.27
CA ASN E 217 -47.71 -37.33 -57.47
C ASN E 217 -46.29 -36.78 -57.42
N LEU E 218 -46.08 -35.68 -56.72
CA LEU E 218 -44.81 -34.97 -56.77
C LEU E 218 -43.80 -35.54 -55.78
N TYR E 219 -42.53 -35.35 -56.12
CA TYR E 219 -41.41 -35.66 -55.23
C TYR E 219 -40.33 -34.61 -55.43
N ILE E 220 -39.63 -34.29 -54.35
CA ILE E 220 -38.62 -33.24 -54.36
C ILE E 220 -37.31 -33.85 -53.91
N ILE E 221 -36.34 -33.93 -54.82
CA ILE E 221 -35.03 -34.44 -54.47
C ILE E 221 -34.04 -33.29 -54.39
N GLY E 222 -33.87 -32.73 -53.19
CA GLY E 222 -32.86 -31.72 -52.99
C GLY E 222 -31.48 -32.33 -52.90
N THR E 223 -30.48 -31.56 -53.34
CA THR E 223 -29.08 -31.93 -53.14
C THR E 223 -28.37 -30.72 -52.55
N MET E 224 -28.41 -30.58 -51.24
CA MET E 224 -27.71 -29.45 -50.64
C MET E 224 -26.22 -29.76 -50.53
N ASN E 225 -25.45 -28.70 -50.33
CA ASN E 225 -24.03 -28.84 -50.03
C ASN E 225 -23.78 -28.43 -48.59
N THR E 226 -22.89 -29.18 -47.92
CA THR E 226 -22.65 -28.96 -46.50
C THR E 226 -21.17 -28.67 -46.20
N ALA E 227 -20.39 -28.25 -47.19
CA ALA E 227 -19.05 -27.74 -46.90
C ALA E 227 -19.13 -26.35 -46.32
N ASP E 228 -19.88 -25.45 -46.96
CA ASP E 228 -20.17 -24.16 -46.38
C ASP E 228 -21.12 -24.34 -45.19
N ARG E 229 -21.05 -23.40 -44.26
CA ARG E 229 -21.82 -23.47 -43.04
C ARG E 229 -22.81 -22.31 -42.87
N SER E 230 -22.55 -21.16 -43.48
CA SER E 230 -23.47 -20.03 -43.38
C SER E 230 -24.73 -20.23 -44.22
N ILE E 231 -24.75 -21.22 -45.10
CA ILE E 231 -25.91 -21.54 -45.90
C ILE E 231 -26.49 -22.90 -45.55
N ALA E 232 -26.04 -23.50 -44.44
CA ALA E 232 -26.52 -24.83 -44.07
C ALA E 232 -27.96 -24.77 -43.57
N LEU E 233 -28.63 -25.91 -43.67
CA LEU E 233 -30.07 -26.00 -43.40
C LEU E 233 -30.27 -26.37 -41.94
N LEU E 234 -30.39 -25.34 -41.10
CA LEU E 234 -30.61 -25.52 -39.67
C LEU E 234 -32.06 -25.27 -39.27
N ASP E 235 -32.96 -25.07 -40.24
CA ASP E 235 -34.38 -24.87 -39.95
C ASP E 235 -34.94 -26.19 -39.43
N VAL E 236 -35.20 -26.27 -38.12
CA VAL E 236 -35.58 -27.54 -37.52
C VAL E 236 -37.01 -27.92 -37.91
N ALA E 237 -37.88 -26.94 -38.16
CA ALA E 237 -39.21 -27.21 -38.67
C ALA E 237 -39.22 -27.60 -40.14
N LEU E 238 -38.10 -27.39 -40.84
CA LEU E 238 -37.97 -27.81 -42.24
C LEU E 238 -37.19 -29.11 -42.39
N ARG E 239 -36.28 -29.41 -41.47
CA ARG E 239 -35.57 -30.68 -41.49
C ARG E 239 -36.47 -31.88 -41.17
N ARG E 240 -37.66 -31.63 -40.62
CA ARG E 240 -38.62 -32.71 -40.42
C ARG E 240 -39.34 -33.06 -41.71
N ARG E 241 -39.56 -32.08 -42.60
CA ARG E 241 -40.24 -32.33 -43.85
C ARG E 241 -39.44 -33.21 -44.78
N PHE E 242 -38.12 -33.05 -44.78
CA PHE E 242 -37.24 -33.79 -45.68
C PHE E 242 -36.76 -35.08 -45.00
N ALA E 243 -35.89 -35.80 -45.70
CA ALA E 243 -35.32 -37.04 -45.19
C ALA E 243 -33.88 -37.10 -45.67
N PHE E 244 -32.96 -36.69 -44.80
CA PHE E 244 -31.59 -36.45 -45.20
C PHE E 244 -30.84 -37.77 -45.42
N ILE E 245 -30.15 -37.85 -46.56
CA ILE E 245 -29.35 -39.02 -46.92
C ILE E 245 -27.90 -38.56 -47.03
N GLU E 246 -27.05 -39.01 -46.11
CA GLU E 246 -25.65 -38.65 -46.18
C GLU E 246 -24.95 -39.52 -47.21
N VAL E 247 -24.49 -38.89 -48.28
CA VAL E 247 -23.66 -39.54 -49.28
C VAL E 247 -22.21 -39.21 -48.93
N GLU E 248 -21.57 -40.14 -48.22
CA GLU E 248 -20.17 -39.96 -47.84
C GLU E 248 -19.28 -40.11 -49.08
N PRO E 249 -18.15 -39.40 -49.14
CA PRO E 249 -17.25 -39.57 -50.28
C PRO E 249 -16.52 -40.89 -50.22
N ARG E 250 -16.94 -41.83 -51.05
CA ARG E 250 -16.44 -43.20 -50.96
C ARG E 250 -15.14 -43.32 -51.74
N PRO E 251 -14.01 -43.65 -51.10
CA PRO E 251 -12.78 -43.91 -51.84
C PRO E 251 -12.77 -45.24 -52.56
N GLU E 252 -13.75 -46.10 -52.31
CA GLU E 252 -13.84 -47.42 -52.94
C GLU E 252 -14.15 -47.35 -54.43
N PHE E 253 -14.55 -46.19 -54.95
CA PHE E 253 -14.72 -45.98 -56.38
C PHE E 253 -13.42 -45.60 -57.07
N LEU E 254 -12.28 -45.75 -56.41
CA LEU E 254 -10.99 -45.38 -56.99
C LEU E 254 -10.00 -46.54 -57.03
N GLU E 255 -10.48 -47.78 -56.84
CA GLU E 255 -9.63 -48.94 -57.00
C GLU E 255 -9.42 -49.23 -58.48
N LYS E 256 -8.63 -50.27 -58.78
CA LYS E 256 -8.34 -50.58 -60.17
C LYS E 256 -9.54 -51.22 -60.86
N GLU E 257 -10.20 -52.16 -60.19
CA GLU E 257 -11.38 -52.79 -60.78
C GLU E 257 -12.57 -51.84 -60.79
N ASN E 258 -12.64 -50.91 -59.83
CA ASN E 258 -13.77 -50.01 -59.75
C ASN E 258 -13.67 -48.87 -60.76
N LEU E 259 -12.47 -48.39 -61.07
CA LEU E 259 -12.34 -47.37 -62.12
C LEU E 259 -12.62 -47.94 -63.49
N LYS E 260 -12.33 -49.22 -63.71
CA LYS E 260 -12.66 -49.85 -64.98
C LYS E 260 -14.15 -50.12 -65.09
N LYS E 261 -14.84 -50.27 -63.96
CA LYS E 261 -16.27 -50.57 -63.97
C LYS E 261 -17.13 -49.30 -63.98
N ILE E 262 -16.60 -48.17 -63.51
CA ILE E 262 -17.34 -46.92 -63.52
C ILE E 262 -17.15 -46.16 -64.83
N ARG E 263 -15.99 -46.28 -65.48
CA ARG E 263 -15.69 -45.50 -66.67
C ARG E 263 -16.00 -46.24 -67.97
N GLU E 264 -16.23 -47.56 -67.91
CA GLU E 264 -16.66 -48.30 -69.08
C GLU E 264 -18.16 -48.60 -69.08
N LYS E 265 -18.85 -48.32 -67.98
CA LYS E 265 -20.30 -48.43 -67.96
C LYS E 265 -20.93 -47.29 -68.76
N LYS E 266 -20.47 -46.06 -68.54
CA LYS E 266 -20.98 -44.91 -69.28
C LYS E 266 -20.49 -44.94 -70.72
N LEU E 267 -19.17 -44.94 -70.91
CA LEU E 267 -18.58 -45.01 -72.24
C LEU E 267 -18.57 -46.47 -72.69
N LYS E 268 -19.67 -46.86 -73.34
CA LYS E 268 -19.84 -48.22 -73.86
C LYS E 268 -19.41 -48.33 -75.33
N THR E 269 -18.48 -47.49 -75.75
CA THR E 269 -17.99 -47.49 -77.13
C THR E 269 -16.85 -48.51 -77.21
N GLU E 270 -16.12 -48.54 -78.33
CA GLU E 270 -15.05 -49.50 -78.56
C GLU E 270 -13.73 -49.08 -77.93
N ASP E 271 -13.72 -48.05 -77.09
CA ASP E 271 -12.51 -47.63 -76.39
C ASP E 271 -12.34 -48.30 -75.03
N ARG E 272 -13.00 -49.43 -74.81
CA ARG E 272 -12.79 -50.19 -73.58
C ARG E 272 -11.42 -50.86 -73.57
N LYS E 273 -10.89 -51.21 -74.74
CA LYS E 273 -9.53 -51.70 -74.83
C LYS E 273 -8.51 -50.60 -74.63
N ARG E 274 -8.88 -49.35 -74.93
CA ARG E 274 -7.98 -48.22 -74.78
C ARG E 274 -7.93 -47.74 -73.32
N LEU E 275 -9.08 -47.72 -72.65
CA LEU E 275 -9.12 -47.32 -71.25
C LEU E 275 -8.45 -48.35 -70.35
N ASN E 276 -8.62 -49.64 -70.67
CA ASN E 276 -8.09 -50.70 -69.82
C ASN E 276 -6.57 -50.77 -69.89
N GLU E 277 -5.98 -50.58 -71.07
CA GLU E 277 -4.53 -50.60 -71.17
C GLU E 277 -3.92 -49.31 -70.62
N LYS E 278 -4.69 -48.23 -70.57
CA LYS E 278 -4.21 -47.00 -69.96
C LYS E 278 -4.32 -47.06 -68.45
N LEU E 279 -5.40 -47.66 -67.94
CA LEU E 279 -5.54 -47.82 -66.49
C LEU E 279 -4.61 -48.89 -65.96
N ASN E 280 -4.24 -49.87 -66.78
CA ASN E 280 -3.21 -50.82 -66.37
C ASN E 280 -1.85 -50.14 -66.32
N GLU E 281 -1.58 -49.22 -67.26
CA GLU E 281 -0.29 -48.54 -67.28
C GLU E 281 -0.19 -47.51 -66.15
N LEU E 282 -1.33 -46.92 -65.75
CA LEU E 282 -1.32 -45.93 -64.68
C LEU E 282 -1.01 -46.57 -63.33
N PHE E 283 -1.64 -47.71 -63.04
CA PHE E 283 -1.39 -48.35 -61.76
C PHE E 283 -0.07 -49.10 -61.74
N SER E 284 0.46 -49.46 -62.91
CA SER E 284 1.79 -50.09 -62.95
C SER E 284 2.89 -49.07 -62.67
N LYS E 285 2.65 -47.79 -62.96
CA LYS E 285 3.59 -46.75 -62.55
C LYS E 285 3.46 -46.43 -61.07
N LEU E 286 2.36 -46.83 -60.43
CA LEU E 286 2.12 -46.59 -59.02
C LEU E 286 2.60 -47.75 -58.16
N GLY E 287 3.46 -48.62 -58.69
CA GLY E 287 3.97 -49.74 -57.92
C GLY E 287 3.13 -50.99 -57.99
N ASN E 288 2.28 -51.12 -59.01
CA ASN E 288 1.30 -52.22 -59.16
C ASN E 288 0.40 -52.34 -57.93
N ASP E 289 -0.03 -51.19 -57.40
CA ASP E 289 -0.90 -51.14 -56.23
C ASP E 289 -2.32 -50.88 -56.72
N ASN E 290 -3.16 -51.92 -56.66
CA ASN E 290 -4.54 -51.81 -57.12
C ASN E 290 -5.41 -50.97 -56.18
N TYR E 291 -4.97 -50.73 -54.96
CA TYR E 291 -5.70 -49.94 -53.99
C TYR E 291 -4.94 -48.67 -53.63
N PHE E 292 -4.30 -48.04 -54.61
CA PHE E 292 -3.55 -46.82 -54.31
C PHE E 292 -4.47 -45.63 -54.12
N LEU E 293 -5.27 -45.31 -55.13
CA LEU E 293 -6.11 -44.12 -55.08
C LEU E 293 -7.25 -44.27 -54.08
N LYS E 294 -7.62 -45.52 -53.74
CA LYS E 294 -8.51 -45.73 -52.61
C LYS E 294 -7.83 -45.35 -51.31
N THR E 295 -6.55 -45.71 -51.17
CA THR E 295 -5.82 -45.40 -49.94
C THR E 295 -5.44 -43.93 -49.88
N LEU E 296 -5.22 -43.29 -51.03
CA LEU E 296 -4.84 -41.88 -51.05
C LEU E 296 -6.00 -40.99 -50.62
N LEU E 297 -7.20 -41.26 -51.13
CA LEU E 297 -8.36 -40.46 -50.71
C LEU E 297 -8.80 -40.80 -49.29
N GLU E 298 -8.57 -42.03 -48.84
CA GLU E 298 -8.95 -42.39 -47.48
C GLU E 298 -8.00 -41.76 -46.46
N LYS E 299 -6.69 -41.76 -46.74
CA LYS E 299 -5.74 -41.19 -45.80
C LYS E 299 -5.65 -39.67 -45.89
N ILE E 300 -6.46 -39.03 -46.74
CA ILE E 300 -6.60 -37.57 -46.69
C ILE E 300 -7.92 -37.19 -46.03
N ASN E 301 -9.00 -37.92 -46.32
CA ASN E 301 -10.30 -37.63 -45.73
C ASN E 301 -10.34 -37.91 -44.24
N VAL E 302 -9.62 -38.93 -43.77
CA VAL E 302 -9.50 -39.14 -42.33
C VAL E 302 -8.65 -38.04 -41.70
N ARG E 303 -7.55 -37.65 -42.36
CA ARG E 303 -6.70 -36.60 -41.81
C ARG E 303 -7.32 -35.21 -41.95
N ILE E 304 -8.35 -35.05 -42.77
CA ILE E 304 -9.11 -33.80 -42.81
C ILE E 304 -10.22 -33.80 -41.77
N THR E 305 -10.82 -34.97 -41.52
CA THR E 305 -11.89 -35.10 -40.54
C THR E 305 -11.43 -34.78 -39.12
N VAL E 306 -10.18 -35.11 -38.79
CA VAL E 306 -9.72 -34.94 -37.42
C VAL E 306 -9.37 -33.49 -37.09
N VAL E 307 -8.99 -32.67 -38.06
CA VAL E 307 -8.59 -31.29 -37.81
C VAL E 307 -9.63 -30.29 -38.32
N LYS E 308 -10.15 -30.50 -39.52
CA LYS E 308 -11.27 -29.72 -40.01
C LYS E 308 -12.58 -30.39 -39.61
N ASP E 309 -13.69 -29.86 -40.11
CA ASP E 309 -14.96 -30.52 -39.92
C ASP E 309 -15.04 -31.80 -40.75
N ARG E 310 -16.01 -32.65 -40.41
CA ARG E 310 -16.18 -33.90 -41.13
C ARG E 310 -16.85 -33.72 -42.49
N ASP E 311 -17.34 -32.51 -42.80
CA ASP E 311 -18.08 -32.25 -44.03
C ASP E 311 -17.27 -31.42 -45.01
N HIS E 312 -15.98 -31.23 -44.76
CA HIS E 312 -15.07 -30.53 -45.67
C HIS E 312 -14.17 -31.50 -46.43
N ARG E 313 -14.54 -32.78 -46.48
CA ARG E 313 -13.67 -33.81 -47.01
C ARG E 313 -13.56 -33.74 -48.53
N ILE E 314 -12.44 -34.24 -49.04
CA ILE E 314 -12.25 -34.36 -50.48
C ILE E 314 -13.19 -35.42 -51.02
N GLY E 315 -13.94 -35.08 -52.06
CA GLY E 315 -14.81 -36.05 -52.69
C GLY E 315 -14.07 -37.00 -53.59
N HIS E 316 -14.82 -37.93 -54.17
CA HIS E 316 -14.27 -38.88 -55.14
C HIS E 316 -14.64 -38.51 -56.58
N SER E 317 -14.88 -37.23 -56.84
CA SER E 317 -15.07 -36.75 -58.21
C SER E 317 -13.82 -36.09 -58.78
N TYR E 318 -12.85 -35.75 -57.93
CA TYR E 318 -11.57 -35.25 -58.43
C TYR E 318 -10.76 -36.39 -59.05
N PHE E 319 -10.51 -37.45 -58.28
CA PHE E 319 -9.67 -38.55 -58.72
C PHE E 319 -10.43 -39.59 -59.53
N LEU E 320 -11.68 -39.34 -59.91
CA LEU E 320 -12.42 -40.31 -60.71
C LEU E 320 -12.02 -40.23 -62.18
N ASN E 321 -11.74 -39.02 -62.67
CA ASN E 321 -11.44 -38.81 -64.08
C ASN E 321 -9.94 -38.85 -64.39
N VAL E 322 -9.15 -39.56 -63.58
CA VAL E 322 -7.74 -39.68 -63.86
C VAL E 322 -7.50 -40.80 -64.86
N GLU E 323 -6.49 -40.64 -65.68
CA GLU E 323 -6.12 -41.62 -66.69
C GLU E 323 -4.65 -41.99 -66.66
N THR E 324 -3.77 -41.01 -66.43
CA THR E 324 -2.33 -41.22 -66.45
C THR E 324 -1.71 -40.48 -65.28
N VAL E 325 -0.39 -40.68 -65.10
CA VAL E 325 0.35 -39.97 -64.06
C VAL E 325 0.43 -38.49 -64.40
N GLU E 326 0.49 -38.16 -65.69
CA GLU E 326 0.42 -36.76 -66.12
C GLU E 326 -0.96 -36.18 -65.82
N ASP E 327 -2.01 -37.00 -65.89
CA ASP E 327 -3.35 -36.52 -65.54
C ASP E 327 -3.55 -36.48 -64.03
N LEU E 328 -2.87 -37.37 -63.29
CA LEU E 328 -2.91 -37.27 -61.84
C LEU E 328 -2.11 -36.07 -61.35
N HIS E 329 -1.06 -35.70 -62.08
CA HIS E 329 -0.30 -34.50 -61.74
C HIS E 329 -1.12 -33.24 -62.00
N HIS E 330 -2.00 -33.26 -63.00
CA HIS E 330 -2.82 -32.10 -63.30
C HIS E 330 -3.96 -31.95 -62.30
N VAL E 331 -4.53 -33.07 -61.84
CA VAL E 331 -5.64 -33.00 -60.88
C VAL E 331 -5.14 -32.78 -59.47
N TRP E 332 -3.84 -32.93 -59.23
CA TRP E 332 -3.30 -32.68 -57.90
C TRP E 332 -2.92 -31.22 -57.71
N TYR E 333 -1.99 -30.72 -58.53
CA TYR E 333 -1.43 -29.38 -58.34
C TYR E 333 -2.39 -28.26 -58.74
N TYR E 334 -3.51 -28.57 -59.39
CA TYR E 334 -4.39 -27.53 -59.90
C TYR E 334 -5.82 -27.62 -59.40
N GLU E 335 -6.22 -28.72 -58.77
CA GLU E 335 -7.57 -28.85 -58.26
C GLU E 335 -7.64 -29.08 -56.75
N VAL E 336 -6.81 -29.97 -56.20
CA VAL E 336 -6.98 -30.37 -54.81
C VAL E 336 -5.88 -29.74 -53.94
N LEU E 337 -4.71 -29.46 -54.51
CA LEU E 337 -3.70 -28.77 -53.72
C LEU E 337 -3.99 -27.27 -53.55
N PRO E 338 -4.54 -26.55 -54.55
CA PRO E 338 -5.14 -25.24 -54.21
C PRO E 338 -6.37 -25.35 -53.34
N LEU E 339 -7.06 -26.49 -53.34
CA LEU E 339 -8.15 -26.70 -52.40
C LEU E 339 -7.64 -26.90 -50.98
N LEU E 340 -6.54 -27.65 -50.83
CA LEU E 340 -5.96 -27.86 -49.51
C LEU E 340 -5.32 -26.59 -48.96
N MET E 341 -4.82 -25.72 -49.83
CA MET E 341 -4.32 -24.42 -49.38
C MET E 341 -5.44 -23.42 -49.12
N GLU E 342 -6.68 -23.78 -49.45
CA GLU E 342 -7.84 -22.96 -49.11
C GLU E 342 -8.43 -23.36 -47.76
N TYR E 343 -8.40 -24.66 -47.45
CA TYR E 343 -8.84 -25.13 -46.15
C TYR E 343 -7.92 -24.62 -45.04
N PHE E 344 -6.62 -24.81 -45.21
CA PHE E 344 -5.62 -24.33 -44.26
C PHE E 344 -4.87 -23.19 -44.93
N TYR E 345 -5.42 -21.99 -44.82
CA TYR E 345 -4.85 -20.81 -45.47
C TYR E 345 -3.82 -20.20 -44.55
N ASN E 346 -2.54 -20.40 -44.88
CA ASN E 346 -1.38 -20.03 -44.06
C ASN E 346 -1.47 -20.62 -42.65
N ASP E 347 -1.85 -21.90 -42.60
CA ASP E 347 -1.70 -22.75 -41.43
C ASP E 347 -0.85 -23.90 -41.94
N TRP E 348 0.47 -23.68 -41.94
CA TRP E 348 1.36 -24.58 -42.65
C TRP E 348 1.69 -25.85 -41.89
N GLU E 349 1.61 -25.82 -40.56
CA GLU E 349 1.89 -27.02 -39.78
C GLU E 349 0.78 -28.05 -39.90
N THR E 350 -0.43 -27.59 -40.22
CA THR E 350 -1.53 -28.52 -40.45
C THR E 350 -1.45 -29.15 -41.83
N ILE E 351 -1.27 -28.32 -42.88
CA ILE E 351 -1.29 -28.82 -44.25
C ILE E 351 -0.05 -29.66 -44.56
N LYS E 352 1.05 -29.47 -43.83
CA LYS E 352 2.16 -30.40 -43.94
C LYS E 352 1.80 -31.74 -43.30
N TRP E 353 0.98 -31.71 -42.26
CA TRP E 353 0.62 -32.94 -41.56
C TRP E 353 -0.45 -33.73 -42.31
N VAL E 354 -1.36 -33.04 -43.02
CA VAL E 354 -2.41 -33.72 -43.78
C VAL E 354 -1.81 -34.56 -44.90
N LEU E 355 -0.77 -34.04 -45.54
CA LEU E 355 -0.02 -34.80 -46.53
C LEU E 355 1.04 -35.71 -45.90
N ASN E 356 1.09 -35.78 -44.57
CA ASN E 356 1.98 -36.67 -43.81
C ASN E 356 3.46 -36.37 -44.10
N GLU E 357 3.77 -35.08 -44.26
CA GLU E 357 5.15 -34.62 -44.46
C GLU E 357 5.60 -33.73 -43.31
N LYS E 358 5.17 -34.05 -42.08
CA LYS E 358 5.28 -33.12 -40.96
C LYS E 358 6.74 -32.87 -40.57
N GLY E 359 7.55 -33.91 -40.53
CA GLY E 359 8.94 -33.74 -40.18
C GLY E 359 9.82 -33.34 -41.34
N LYS E 360 9.34 -33.58 -42.56
CA LYS E 360 10.12 -33.29 -43.76
C LYS E 360 10.02 -31.81 -44.10
N GLU E 361 11.16 -31.22 -44.47
CA GLU E 361 11.19 -29.82 -44.88
C GLU E 361 12.08 -29.58 -46.09
N HIS E 362 12.58 -30.65 -46.74
CA HIS E 362 13.44 -30.52 -47.90
C HIS E 362 13.41 -31.82 -48.69
N GLY E 363 13.66 -31.72 -49.99
CA GLY E 363 13.73 -32.89 -50.83
C GLY E 363 12.44 -33.17 -51.58
N ASN E 364 12.08 -34.46 -51.69
CA ASN E 364 10.85 -34.87 -52.36
C ASN E 364 9.66 -34.55 -51.45
N VAL E 365 9.21 -33.30 -51.51
CA VAL E 365 8.12 -32.83 -50.67
C VAL E 365 7.35 -31.77 -51.45
N PHE E 366 6.06 -31.63 -51.15
CA PHE E 366 5.25 -30.64 -51.85
C PHE E 366 5.54 -29.23 -51.36
N PHE E 367 5.80 -29.05 -50.08
CA PHE E 367 5.97 -27.72 -49.48
C PHE E 367 7.38 -27.64 -48.92
N GLU E 368 8.27 -26.95 -49.63
CA GLU E 368 9.63 -26.74 -49.15
C GLU E 368 9.65 -25.65 -48.09
N LYS E 369 10.56 -25.79 -47.14
CA LYS E 369 10.74 -24.79 -46.10
C LYS E 369 11.65 -23.68 -46.62
N LEU E 370 11.22 -22.44 -46.44
CA LEU E 370 12.06 -21.30 -46.77
C LEU E 370 13.20 -21.20 -45.77
N ARG E 371 14.37 -20.82 -46.27
CA ARG E 371 15.57 -20.70 -45.44
C ARG E 371 15.71 -19.31 -44.82
N LEU E 372 14.60 -18.60 -44.67
CA LEU E 372 14.60 -17.23 -44.16
C LEU E 372 13.47 -17.10 -43.15
N THR E 373 13.81 -16.94 -41.88
CA THR E 373 12.81 -16.83 -40.82
C THR E 373 12.37 -15.36 -40.74
N GLY E 374 11.41 -15.05 -39.89
CA GLY E 374 10.86 -13.71 -39.82
C GLY E 374 11.40 -12.89 -38.67
N PRO E 375 10.85 -11.68 -38.49
CA PRO E 375 11.30 -10.83 -37.38
C PRO E 375 10.90 -11.33 -36.01
N ASN E 376 9.64 -11.73 -35.84
CA ASN E 376 9.11 -12.14 -34.54
C ASN E 376 8.99 -13.66 -34.43
N GLY E 377 9.85 -14.38 -35.14
CA GLY E 377 9.91 -15.82 -35.03
C GLY E 377 8.94 -16.59 -35.89
N GLU E 378 8.28 -15.95 -36.85
CA GLU E 378 7.36 -16.66 -37.73
C GLU E 378 8.10 -17.19 -38.95
N GLU E 379 7.53 -18.23 -39.56
CA GLU E 379 8.18 -18.93 -40.66
C GLU E 379 7.10 -19.57 -41.53
N ALA E 380 7.20 -19.38 -42.84
CA ALA E 380 6.23 -19.93 -43.77
C ALA E 380 6.94 -20.67 -44.89
N TYR E 381 6.16 -21.49 -45.59
CA TYR E 381 6.66 -22.49 -46.53
C TYR E 381 6.36 -22.06 -47.96
N GLN E 382 6.69 -22.93 -48.92
CA GLN E 382 6.61 -22.59 -50.33
C GLN E 382 6.32 -23.86 -51.12
N LEU E 383 5.42 -23.76 -52.09
CA LEU E 383 5.10 -24.88 -52.98
C LEU E 383 6.29 -25.30 -53.81
N LYS E 384 6.25 -26.55 -54.28
CA LYS E 384 7.27 -27.09 -55.18
C LYS E 384 6.56 -27.93 -56.22
N VAL E 385 6.66 -27.54 -57.49
CA VAL E 385 6.02 -28.28 -58.57
C VAL E 385 6.89 -29.50 -58.87
N LEU E 386 6.46 -30.66 -58.39
CA LEU E 386 7.19 -31.90 -58.61
C LEU E 386 6.72 -32.57 -59.90
N GLU E 387 7.53 -33.51 -60.38
CA GLU E 387 7.21 -34.23 -61.61
C GLU E 387 7.96 -35.55 -61.60
N GLY E 388 7.50 -36.47 -62.45
CA GLY E 388 8.19 -37.74 -62.61
C GLY E 388 7.93 -38.70 -61.46
N ASP E 389 8.90 -39.59 -61.25
CA ASP E 389 8.80 -40.58 -60.18
C ASP E 389 9.00 -39.94 -58.81
N ALA E 390 9.57 -38.73 -58.77
CA ALA E 390 9.66 -38.00 -57.51
C ALA E 390 8.29 -37.54 -57.02
N PHE E 391 7.34 -37.36 -57.93
CA PHE E 391 5.99 -37.00 -57.54
C PHE E 391 5.28 -38.19 -56.89
N ILE E 392 5.48 -39.39 -57.43
CA ILE E 392 4.90 -40.60 -56.84
C ILE E 392 5.59 -40.91 -55.51
N GLY E 393 6.89 -40.58 -55.40
CA GLY E 393 7.58 -40.68 -54.13
C GLY E 393 7.10 -39.67 -53.10
N ALA E 394 6.44 -38.60 -53.53
CA ALA E 394 5.77 -37.68 -52.63
C ALA E 394 4.32 -38.06 -52.36
N LEU E 395 3.76 -38.97 -53.15
CA LEU E 395 2.42 -39.50 -52.90
C LEU E 395 2.45 -40.80 -52.12
N LYS E 396 3.52 -41.58 -52.25
CA LYS E 396 3.66 -42.81 -51.48
C LYS E 396 3.89 -42.54 -50.00
N ARG E 397 4.32 -41.33 -49.64
CA ARG E 397 4.47 -40.97 -48.24
C ARG E 397 3.13 -40.67 -47.57
N ILE E 398 2.10 -40.34 -48.36
CA ILE E 398 0.78 -40.07 -47.77
C ILE E 398 0.12 -41.37 -47.33
N ILE E 399 0.14 -42.38 -48.21
CA ILE E 399 -0.50 -43.65 -47.90
C ILE E 399 0.38 -44.49 -46.97
N ASN F 8 9.51 -18.21 -72.15
CA ASN F 8 8.76 -19.26 -71.49
C ASN F 8 7.34 -18.81 -71.17
N ILE F 9 6.55 -18.57 -72.22
CA ILE F 9 5.17 -18.14 -72.06
C ILE F 9 4.27 -19.07 -72.85
N LYS F 10 4.85 -19.90 -73.72
CA LYS F 10 4.06 -20.87 -74.46
C LYS F 10 3.65 -22.05 -73.57
N GLU F 11 4.43 -22.33 -72.52
CA GLU F 11 4.00 -23.33 -71.55
C GLU F 11 2.85 -22.83 -70.70
N ASP F 12 2.76 -21.51 -70.48
CA ASP F 12 1.62 -20.92 -69.80
C ASP F 12 0.41 -20.79 -70.71
N TYR F 13 0.62 -20.82 -72.03
CA TYR F 13 -0.48 -20.97 -72.97
C TYR F 13 -0.80 -22.43 -73.24
N PHE F 14 0.01 -23.35 -72.71
CA PHE F 14 -0.27 -24.77 -72.75
C PHE F 14 -0.76 -25.30 -71.41
N ARG F 15 -0.38 -24.66 -70.30
CA ARG F 15 -0.92 -25.03 -69.00
C ARG F 15 -2.40 -24.68 -68.90
N VAL F 16 -2.78 -23.54 -69.47
CA VAL F 16 -4.20 -23.20 -69.56
C VAL F 16 -4.90 -24.13 -70.54
N ASP F 17 -4.25 -24.43 -71.66
CA ASP F 17 -4.88 -25.20 -72.73
C ASP F 17 -5.08 -26.67 -72.35
N MET F 18 -4.25 -27.22 -71.47
CA MET F 18 -4.42 -28.62 -71.09
C MET F 18 -5.49 -28.76 -70.01
N LEU F 19 -5.70 -27.71 -69.21
CA LEU F 19 -6.72 -27.75 -68.17
C LEU F 19 -8.08 -27.30 -68.67
N LEU F 20 -8.13 -26.58 -69.79
CA LEU F 20 -9.38 -26.03 -70.28
C LEU F 20 -10.16 -27.02 -71.13
N ASN F 21 -9.52 -28.09 -71.57
CA ASN F 21 -10.18 -29.19 -72.26
C ASN F 21 -10.42 -30.39 -71.36
N LYS F 22 -9.95 -30.32 -70.12
CA LYS F 22 -10.10 -31.40 -69.14
C LYS F 22 -11.12 -31.06 -68.05
N LYS F 23 -11.11 -29.83 -67.56
CA LYS F 23 -12.07 -29.38 -66.56
C LYS F 23 -13.12 -28.44 -67.12
N GLY F 24 -12.84 -27.76 -68.23
CA GLY F 24 -13.78 -26.92 -68.91
C GLY F 24 -13.58 -25.44 -68.66
N GLN F 25 -13.07 -25.06 -67.49
CA GLN F 25 -12.84 -23.66 -67.17
C GLN F 25 -11.77 -23.58 -66.09
N VAL F 26 -11.03 -22.47 -66.10
CA VAL F 26 -9.90 -22.27 -65.19
C VAL F 26 -10.11 -20.99 -64.43
N ILE F 27 -9.28 -20.79 -63.41
CA ILE F 27 -9.17 -19.52 -62.70
C ILE F 27 -7.69 -19.22 -62.52
N LEU F 28 -7.24 -18.10 -63.07
CA LEU F 28 -5.84 -17.70 -63.00
C LEU F 28 -5.66 -16.86 -61.74
N TYR F 29 -5.61 -17.54 -60.59
CA TYR F 29 -5.50 -16.84 -59.33
C TYR F 29 -4.05 -16.55 -59.01
N GLY F 30 -3.80 -15.34 -58.50
CA GLY F 30 -2.46 -14.87 -58.26
C GLY F 30 -2.46 -13.43 -57.81
N PRO F 31 -1.32 -12.96 -57.28
CA PRO F 31 -1.27 -11.61 -56.74
C PRO F 31 -1.32 -10.58 -57.85
N PRO F 32 -1.80 -9.36 -57.58
CA PRO F 32 -2.04 -8.40 -58.65
C PRO F 32 -0.75 -7.81 -59.20
N GLY F 33 -0.80 -7.45 -60.47
CA GLY F 33 0.38 -6.98 -61.17
C GLY F 33 1.24 -8.11 -61.70
N THR F 34 0.63 -9.23 -62.05
CA THR F 34 1.36 -10.40 -62.53
C THR F 34 1.18 -10.65 -64.01
N GLY F 35 -0.04 -10.50 -64.52
CA GLY F 35 -0.28 -10.75 -65.92
C GLY F 35 -1.43 -11.72 -66.15
N LYS F 36 -2.22 -11.92 -65.10
CA LYS F 36 -3.36 -12.85 -65.18
C LYS F 36 -4.42 -12.35 -66.15
N THR F 37 -4.64 -11.04 -66.20
CA THR F 37 -5.51 -10.47 -67.22
C THR F 37 -4.85 -10.55 -68.59
N TRP F 38 -3.52 -10.41 -68.65
CA TRP F 38 -2.84 -10.41 -69.93
C TRP F 38 -2.67 -11.82 -70.48
N ILE F 39 -2.47 -12.81 -69.61
CA ILE F 39 -2.35 -14.19 -70.08
C ILE F 39 -3.68 -14.70 -70.60
N ALA F 40 -4.77 -14.37 -69.91
CA ALA F 40 -6.10 -14.80 -70.34
C ALA F 40 -6.54 -14.10 -71.62
N ARG F 41 -6.16 -12.84 -71.80
CA ARG F 41 -6.58 -12.12 -73.00
C ARG F 41 -5.74 -12.51 -74.20
N LYS F 42 -4.44 -12.76 -74.00
CA LYS F 42 -3.58 -13.13 -75.12
C LYS F 42 -3.53 -14.63 -75.37
N TYR F 43 -4.27 -15.43 -74.59
CA TYR F 43 -4.48 -16.82 -74.96
C TYR F 43 -5.71 -16.98 -75.85
N VAL F 44 -6.78 -16.23 -75.54
CA VAL F 44 -8.00 -16.32 -76.33
C VAL F 44 -7.80 -15.72 -77.72
N VAL F 45 -7.13 -14.57 -77.78
CA VAL F 45 -6.82 -13.92 -79.05
C VAL F 45 -5.89 -14.80 -79.90
N GLU F 46 -4.96 -15.50 -79.25
CA GLU F 46 -4.09 -16.42 -79.99
C GLU F 46 -4.84 -17.68 -80.42
N GLU F 47 -5.84 -18.11 -79.66
CA GLU F 47 -6.58 -19.32 -80.02
C GLU F 47 -7.64 -19.02 -81.06
N THR F 48 -8.61 -18.18 -80.72
CA THR F 48 -9.58 -17.69 -81.70
C THR F 48 -9.18 -16.28 -82.10
N ASN F 49 -8.78 -16.13 -83.37
CA ASN F 49 -8.14 -14.91 -83.87
C ASN F 49 -9.17 -13.80 -84.03
N GLU F 50 -9.56 -13.23 -82.89
CA GLU F 50 -10.48 -12.09 -82.83
C GLU F 50 -9.93 -11.12 -81.79
N LYS F 51 -9.41 -9.98 -82.25
CA LYS F 51 -8.77 -9.03 -81.34
C LYS F 51 -9.76 -8.29 -80.47
N THR F 52 -11.04 -8.28 -80.83
CA THR F 52 -12.07 -7.55 -80.11
C THR F 52 -13.06 -8.51 -79.47
N PRO F 53 -13.79 -8.08 -78.43
CA PRO F 53 -14.88 -8.89 -77.90
C PRO F 53 -16.10 -8.92 -78.83
N GLY F 54 -17.19 -9.51 -78.38
CA GLY F 54 -18.32 -9.68 -79.25
C GLY F 54 -18.60 -11.10 -79.67
N ASN F 55 -18.19 -11.46 -80.89
CA ASN F 55 -18.63 -12.70 -81.54
C ASN F 55 -18.19 -13.95 -80.77
N LYS F 56 -16.88 -14.20 -80.70
CA LYS F 56 -16.40 -15.49 -80.23
C LYS F 56 -15.86 -15.48 -78.82
N TRP F 57 -15.74 -14.31 -78.19
CA TRP F 57 -15.46 -14.21 -76.76
C TRP F 57 -15.95 -12.85 -76.28
N GLU F 58 -16.22 -12.76 -74.98
CA GLU F 58 -16.75 -11.53 -74.41
C GLU F 58 -16.06 -11.25 -73.09
N PHE F 59 -15.27 -10.19 -73.05
CA PHE F 59 -14.64 -9.74 -71.81
C PHE F 59 -15.71 -9.20 -70.87
N ILE F 60 -15.64 -9.60 -69.61
CA ILE F 60 -16.58 -9.16 -68.59
C ILE F 60 -15.93 -9.18 -67.21
N THR F 61 -15.97 -8.05 -66.53
CA THR F 61 -15.45 -7.97 -65.18
C THR F 61 -16.58 -8.05 -64.16
N PHE F 62 -16.21 -8.33 -62.92
CA PHE F 62 -17.14 -8.40 -61.81
C PHE F 62 -16.87 -7.23 -60.87
N HIS F 63 -17.91 -6.85 -60.12
CA HIS F 63 -17.78 -5.85 -59.07
C HIS F 63 -18.66 -6.27 -57.91
N GLN F 64 -18.60 -5.48 -56.83
CA GLN F 64 -19.29 -5.84 -55.60
C GLN F 64 -20.81 -5.71 -55.74
N SER F 65 -21.28 -4.78 -56.57
CA SER F 65 -22.71 -4.60 -56.79
C SER F 65 -23.19 -5.28 -58.07
N TYR F 66 -22.44 -6.27 -58.56
CA TYR F 66 -22.86 -7.02 -59.74
C TYR F 66 -23.80 -8.13 -59.29
N SER F 67 -24.89 -8.32 -60.03
CA SER F 67 -25.96 -9.20 -59.61
C SER F 67 -26.23 -10.28 -60.65
N TYR F 68 -27.04 -11.26 -60.24
CA TYR F 68 -27.39 -12.38 -61.10
C TYR F 68 -28.22 -11.95 -62.30
N GLU F 69 -29.00 -10.87 -62.14
CA GLU F 69 -29.88 -10.44 -63.21
C GLU F 69 -29.15 -9.76 -64.36
N GLU F 70 -27.91 -9.31 -64.14
CA GLU F 70 -27.09 -8.79 -65.22
C GLU F 70 -26.27 -9.88 -65.90
N PHE F 71 -26.17 -11.06 -65.29
CA PHE F 71 -25.31 -12.12 -65.81
C PHE F 71 -26.09 -13.13 -66.63
N ILE F 72 -27.13 -13.74 -66.04
CA ILE F 72 -27.90 -14.73 -66.79
C ILE F 72 -29.11 -14.05 -67.42
N GLU F 73 -30.05 -13.59 -66.60
CA GLU F 73 -31.26 -12.94 -67.08
C GLU F 73 -31.96 -12.26 -65.92
N GLY F 74 -32.76 -11.26 -66.25
CA GLY F 74 -33.57 -10.58 -65.25
C GLY F 74 -34.59 -9.68 -65.92
N PHE F 75 -35.58 -9.28 -65.13
CA PHE F 75 -36.58 -8.33 -65.61
C PHE F 75 -35.97 -6.94 -65.66
N ARG F 76 -35.97 -6.33 -66.84
CA ARG F 76 -35.37 -5.02 -67.04
C ARG F 76 -36.31 -4.16 -67.86
N PRO F 77 -36.55 -2.90 -67.44
CA PRO F 77 -37.32 -1.99 -68.28
C PRO F 77 -36.55 -1.60 -69.53
N ARG F 78 -37.22 -1.70 -70.68
CA ARG F 78 -36.58 -1.44 -71.95
C ARG F 78 -37.53 -0.65 -72.84
N THR F 79 -37.00 0.39 -73.48
CA THR F 79 -37.81 1.21 -74.36
C THR F 79 -38.14 0.47 -75.65
N ASP F 80 -39.30 0.79 -76.22
CA ASP F 80 -39.83 0.10 -77.38
C ASP F 80 -40.11 1.10 -78.49
N ASN F 81 -39.13 1.28 -79.38
CA ASN F 81 -39.22 2.12 -80.59
C ASN F 81 -39.55 3.57 -80.27
N GLU F 82 -38.76 4.15 -79.36
CA GLU F 82 -38.84 5.56 -78.94
C GLU F 82 -40.24 5.89 -78.39
N GLU F 83 -40.64 5.14 -77.37
CA GLU F 83 -41.98 5.26 -76.81
C GLU F 83 -41.91 4.87 -75.35
N LYS F 84 -43.07 4.54 -74.77
CA LYS F 84 -43.16 4.14 -73.37
C LYS F 84 -42.44 2.81 -73.15
N ILE F 85 -42.01 2.58 -71.92
CA ILE F 85 -41.23 1.39 -71.59
C ILE F 85 -42.14 0.18 -71.47
N ARG F 86 -41.59 -0.97 -71.80
CA ARG F 86 -42.15 -2.27 -71.48
C ARG F 86 -41.23 -2.95 -70.46
N TYR F 87 -41.58 -4.16 -70.09
CA TYR F 87 -40.87 -4.89 -69.04
C TYR F 87 -40.42 -6.24 -69.56
N VAL F 88 -39.82 -6.25 -70.75
CA VAL F 88 -39.34 -7.49 -71.36
C VAL F 88 -38.11 -7.98 -70.63
N VAL F 89 -38.05 -9.28 -70.39
CA VAL F 89 -36.93 -9.89 -69.68
C VAL F 89 -35.72 -9.95 -70.61
N GLU F 90 -34.60 -9.39 -70.14
CA GLU F 90 -33.39 -9.29 -70.94
C GLU F 90 -32.40 -10.37 -70.50
N ASP F 91 -31.83 -11.07 -71.47
CA ASP F 91 -30.76 -12.00 -71.18
C ASP F 91 -29.48 -11.24 -70.85
N GLY F 92 -28.68 -11.82 -69.97
CA GLY F 92 -27.51 -11.13 -69.49
C GLY F 92 -26.32 -11.19 -70.44
N ILE F 93 -25.13 -11.28 -69.88
CA ILE F 93 -23.92 -11.30 -70.68
C ILE F 93 -23.50 -12.75 -70.88
N PHE F 94 -23.87 -13.61 -69.92
CA PHE F 94 -23.62 -15.03 -70.11
C PHE F 94 -24.62 -15.66 -71.07
N LYS F 95 -25.91 -15.35 -70.91
CA LYS F 95 -26.92 -16.02 -71.72
C LYS F 95 -26.91 -15.52 -73.16
N LYS F 96 -26.33 -14.35 -73.41
CA LYS F 96 -26.14 -13.90 -74.78
C LYS F 96 -24.93 -14.55 -75.42
N ILE F 97 -24.06 -15.21 -74.67
CA ILE F 97 -22.95 -15.96 -75.24
C ILE F 97 -23.11 -17.46 -75.05
N ALA F 98 -23.87 -17.92 -74.05
CA ALA F 98 -24.13 -19.35 -73.93
C ALA F 98 -25.09 -19.83 -75.00
N LEU F 99 -26.10 -19.02 -75.32
CA LEU F 99 -26.96 -19.31 -76.45
C LEU F 99 -26.23 -19.11 -77.77
N ARG F 100 -25.28 -18.17 -77.81
CA ARG F 100 -24.54 -17.92 -79.05
C ARG F 100 -23.55 -19.04 -79.33
N ALA F 101 -22.96 -19.62 -78.27
CA ALA F 101 -22.04 -20.75 -78.47
C ALA F 101 -22.78 -22.00 -78.91
N LEU F 102 -24.07 -22.07 -78.60
CA LEU F 102 -24.87 -23.21 -79.03
C LEU F 102 -25.26 -23.09 -80.50
N VAL F 103 -25.79 -21.94 -80.90
CA VAL F 103 -26.31 -21.81 -82.26
C VAL F 103 -25.20 -21.63 -83.30
N LYS F 104 -24.00 -21.22 -82.88
CA LYS F 104 -22.88 -21.19 -83.80
C LYS F 104 -22.25 -22.56 -83.95
N GLY F 105 -22.28 -23.37 -82.88
CA GLY F 105 -21.85 -24.76 -83.01
C GLY F 105 -22.83 -25.61 -83.78
N LEU F 106 -24.12 -25.27 -83.73
CA LEU F 106 -25.14 -26.05 -84.42
C LEU F 106 -25.21 -25.77 -85.92
N PHE F 107 -24.35 -24.87 -86.44
CA PHE F 107 -24.21 -24.74 -87.88
C PHE F 107 -23.50 -25.96 -88.46
N GLU F 108 -22.37 -26.34 -87.87
CA GLU F 108 -21.52 -27.40 -88.40
C GLU F 108 -22.08 -28.80 -88.20
N LEU F 109 -23.08 -28.97 -87.32
CA LEU F 109 -23.67 -30.29 -87.14
C LEU F 109 -24.56 -30.65 -88.31
N GLU F 110 -24.30 -31.81 -88.91
CA GLU F 110 -25.06 -32.29 -90.08
C GLU F 110 -26.05 -33.35 -89.60
N ASP F 111 -27.21 -32.89 -89.16
CA ASP F 111 -28.30 -33.76 -88.74
C ASP F 111 -29.55 -33.45 -89.57
N ALA F 112 -30.44 -34.44 -89.63
CA ALA F 112 -31.66 -34.33 -90.43
C ALA F 112 -32.83 -33.77 -89.64
N THR F 113 -32.57 -33.03 -88.56
CA THR F 113 -33.62 -32.36 -87.82
C THR F 113 -33.28 -30.91 -87.50
N ILE F 114 -32.14 -30.40 -87.93
CA ILE F 114 -31.72 -29.04 -87.62
C ILE F 114 -32.42 -28.07 -88.55
N GLY F 115 -33.08 -27.07 -87.97
CA GLY F 115 -33.62 -25.97 -88.75
C GLY F 115 -32.56 -24.94 -89.03
N LYS F 116 -31.69 -25.22 -90.01
CA LYS F 116 -30.53 -24.37 -90.26
C LYS F 116 -30.91 -22.97 -90.77
N ASP F 117 -32.08 -22.85 -91.40
CA ASP F 117 -32.59 -21.51 -91.71
C ASP F 117 -33.11 -20.83 -90.45
N LYS F 118 -33.68 -21.62 -89.52
CA LYS F 118 -34.20 -21.04 -88.28
C LYS F 118 -33.08 -20.75 -87.28
N ILE F 119 -32.06 -21.61 -87.24
CA ILE F 119 -30.94 -21.41 -86.33
C ILE F 119 -30.11 -20.20 -86.75
N HIS F 120 -29.94 -20.00 -88.05
CA HIS F 120 -29.21 -18.83 -88.55
C HIS F 120 -29.96 -17.54 -88.29
N ARG F 121 -31.30 -17.60 -88.25
CA ARG F 121 -32.08 -16.43 -87.88
C ARG F 121 -31.93 -16.14 -86.39
N LEU F 122 -31.80 -17.18 -85.56
CA LEU F 122 -31.56 -16.97 -84.14
C LEU F 122 -30.14 -16.46 -83.88
N TYR F 123 -29.20 -16.86 -84.74
CA TYR F 123 -27.81 -16.40 -84.58
C TYR F 123 -27.67 -14.92 -84.90
N ILE F 124 -28.48 -14.41 -85.84
CA ILE F 124 -28.43 -12.99 -86.16
C ILE F 124 -28.99 -12.16 -85.01
N LEU F 125 -30.10 -12.61 -84.41
CA LEU F 125 -30.71 -11.89 -83.30
C LEU F 125 -29.90 -11.99 -82.01
N LEU F 126 -28.94 -12.91 -81.95
CA LEU F 126 -28.09 -13.03 -80.76
C LEU F 126 -26.81 -12.22 -80.88
N THR F 127 -26.28 -12.04 -82.07
CA THR F 127 -25.09 -11.22 -82.29
C THR F 127 -25.45 -9.76 -82.59
N LYS F 128 -26.73 -9.40 -82.51
CA LYS F 128 -27.17 -8.04 -82.81
C LYS F 128 -26.68 -7.09 -81.72
N LYS F 129 -25.84 -6.13 -82.12
CA LYS F 129 -25.24 -5.21 -81.16
C LYS F 129 -26.25 -4.20 -80.64
N GLU F 130 -27.25 -3.86 -81.45
CA GLU F 130 -28.35 -3.03 -81.01
C GLU F 130 -29.27 -3.84 -80.10
N PRO F 131 -30.02 -3.17 -79.21
CA PRO F 131 -30.99 -3.89 -78.40
C PRO F 131 -32.17 -4.37 -79.22
N LEU F 132 -32.92 -5.30 -78.65
CA LEU F 132 -33.99 -5.99 -79.37
C LEU F 132 -35.25 -5.13 -79.37
N SER F 133 -35.70 -4.77 -80.56
CA SER F 133 -36.99 -4.11 -80.74
C SER F 133 -38.11 -5.12 -80.57
N PRO F 134 -39.30 -4.68 -80.13
CA PRO F 134 -40.39 -5.65 -79.90
C PRO F 134 -40.96 -6.28 -81.16
N THR F 135 -40.66 -5.74 -82.35
CA THR F 135 -41.04 -6.41 -83.58
C THR F 135 -40.21 -7.66 -83.83
N GLU F 136 -39.00 -7.73 -83.26
CA GLU F 136 -38.13 -8.89 -83.41
C GLU F 136 -37.81 -9.57 -82.09
N TYR F 137 -38.23 -9.02 -80.95
CA TYR F 137 -37.99 -9.69 -79.68
C TYR F 137 -38.89 -10.90 -79.51
N GLU F 138 -40.13 -10.82 -80.02
CA GLU F 138 -40.98 -12.00 -80.03
C GLU F 138 -40.49 -13.02 -81.05
N GLU F 139 -39.86 -12.56 -82.13
CA GLU F 139 -39.18 -13.48 -83.05
C GLU F 139 -37.94 -14.07 -82.40
N TYR F 140 -37.36 -13.37 -81.43
CA TYR F 140 -36.21 -13.93 -80.71
C TYR F 140 -36.66 -14.99 -79.71
N LEU F 141 -37.75 -14.74 -78.99
CA LEU F 141 -38.20 -15.68 -77.97
C LEU F 141 -38.85 -16.91 -78.60
N ARG F 142 -39.47 -16.76 -79.77
CA ARG F 142 -40.04 -17.92 -80.45
C ARG F 142 -38.95 -18.82 -81.01
N LEU F 143 -37.91 -18.23 -81.61
CA LEU F 143 -36.80 -19.02 -82.12
C LEU F 143 -35.96 -19.62 -81.01
N LYS F 144 -35.91 -18.96 -79.85
CA LYS F 144 -35.24 -19.55 -78.69
C LYS F 144 -36.04 -20.73 -78.14
N ARG F 145 -37.36 -20.70 -78.29
CA ARG F 145 -38.18 -21.83 -77.90
C ARG F 145 -37.99 -23.02 -78.83
N TYR F 146 -37.71 -22.74 -80.11
CA TYR F 146 -37.42 -23.81 -81.05
C TYR F 146 -36.06 -24.42 -80.79
N LEU F 147 -35.14 -23.64 -80.21
CA LEU F 147 -33.79 -24.14 -79.95
C LEU F 147 -33.79 -25.18 -78.84
N TRP F 148 -34.52 -24.92 -77.75
CA TRP F 148 -34.55 -25.87 -76.64
C TRP F 148 -35.55 -27.00 -76.82
N GLU F 149 -36.40 -26.93 -77.85
CA GLU F 149 -37.12 -28.11 -78.31
C GLU F 149 -36.24 -28.97 -79.21
N LEU F 150 -35.23 -28.37 -79.83
CA LEU F 150 -34.34 -29.11 -80.71
C LEU F 150 -33.18 -29.74 -79.94
N VAL F 151 -32.68 -29.06 -78.91
CA VAL F 151 -31.54 -29.56 -78.16
C VAL F 151 -31.92 -30.79 -77.35
N GLY F 152 -33.14 -30.82 -76.81
CA GLY F 152 -33.63 -31.99 -76.12
C GLY F 152 -33.89 -33.19 -77.00
N GLY F 153 -33.96 -33.01 -78.33
CA GLY F 153 -34.17 -34.11 -79.24
C GLY F 153 -32.90 -34.64 -79.85
N LEU F 154 -31.83 -33.84 -79.83
CA LEU F 154 -30.54 -34.32 -80.30
C LEU F 154 -29.92 -35.28 -79.29
N PRO F 155 -29.29 -36.35 -79.75
CA PRO F 155 -28.65 -37.30 -78.82
C PRO F 155 -27.33 -36.73 -78.31
N LYS F 156 -26.76 -37.46 -77.35
CA LYS F 156 -25.49 -37.05 -76.76
C LYS F 156 -24.31 -37.31 -77.67
N ASP F 157 -24.49 -38.10 -78.74
CA ASP F 157 -23.39 -38.38 -79.66
C ASP F 157 -23.09 -37.19 -80.56
N LYS F 158 -24.11 -36.37 -80.87
CA LYS F 158 -23.95 -35.23 -81.76
C LYS F 158 -23.95 -33.90 -81.02
N LEU F 159 -23.60 -33.91 -79.72
CA LEU F 159 -23.51 -32.68 -78.98
C LEU F 159 -22.22 -32.62 -78.16
N LYS F 160 -21.19 -33.34 -78.59
CA LYS F 160 -19.85 -33.21 -78.05
C LYS F 160 -18.87 -32.57 -79.02
N ASN F 161 -19.04 -32.82 -80.33
CA ASN F 161 -18.14 -32.28 -81.35
C ASN F 161 -18.78 -31.04 -81.97
N LEU F 162 -18.70 -29.94 -81.24
CA LEU F 162 -19.07 -28.62 -81.75
C LEU F 162 -17.79 -27.83 -81.97
N THR F 163 -17.60 -27.31 -83.20
CA THR F 163 -16.29 -26.79 -83.57
C THR F 163 -15.91 -25.43 -82.98
N PRO F 164 -16.77 -24.35 -82.94
CA PRO F 164 -16.21 -23.04 -82.55
C PRO F 164 -16.09 -22.91 -81.04
N LYS F 165 -14.85 -22.83 -80.56
CA LYS F 165 -14.59 -22.72 -79.13
C LYS F 165 -14.87 -21.30 -78.68
N PHE F 166 -15.94 -21.10 -77.94
CA PHE F 166 -16.29 -19.80 -77.38
C PHE F 166 -15.61 -19.63 -76.02
N TYR F 167 -15.25 -18.39 -75.71
CA TYR F 167 -14.54 -18.09 -74.48
C TYR F 167 -15.26 -17.01 -73.70
N LEU F 168 -14.87 -16.86 -72.44
CA LEU F 168 -15.49 -15.86 -71.57
C LEU F 168 -14.47 -15.48 -70.50
N ILE F 169 -13.84 -14.31 -70.65
CA ILE F 169 -12.86 -13.84 -69.68
C ILE F 169 -13.62 -13.17 -68.54
N ILE F 170 -13.84 -13.91 -67.45
CA ILE F 170 -14.40 -13.33 -66.23
C ILE F 170 -13.25 -12.65 -65.49
N ASP F 171 -13.18 -11.32 -65.56
CA ASP F 171 -12.12 -10.60 -64.85
C ASP F 171 -12.56 -10.33 -63.43
N GLU F 172 -11.63 -10.52 -62.49
CA GLU F 172 -11.82 -10.31 -61.05
C GLU F 172 -13.02 -11.11 -60.52
N ILE F 173 -12.91 -12.43 -60.63
CA ILE F 173 -14.06 -13.29 -60.34
C ILE F 173 -14.35 -13.31 -58.85
N ASN F 174 -13.35 -13.12 -57.99
CA ASN F 174 -13.58 -13.17 -56.56
C ASN F 174 -14.12 -11.86 -56.00
N ARG F 175 -14.11 -10.78 -56.78
CA ARG F 175 -14.63 -9.51 -56.30
C ARG F 175 -16.15 -9.53 -56.17
N GLY F 176 -16.83 -10.10 -57.15
CA GLY F 176 -18.25 -10.32 -57.01
C GLY F 176 -18.57 -11.52 -56.14
N ASN F 177 -19.81 -11.57 -55.67
CA ASN F 177 -20.28 -12.71 -54.87
C ASN F 177 -20.51 -13.89 -55.80
N ILE F 178 -19.59 -14.86 -55.76
CA ILE F 178 -19.46 -15.84 -56.83
C ILE F 178 -20.61 -16.83 -56.82
N SER F 179 -21.13 -17.16 -55.63
CA SER F 179 -22.21 -18.11 -55.55
C SER F 179 -23.56 -17.53 -55.94
N LYS F 180 -23.70 -16.20 -55.90
CA LYS F 180 -24.94 -15.52 -56.26
C LYS F 180 -25.00 -15.22 -57.75
N ILE F 181 -23.87 -14.89 -58.36
CA ILE F 181 -23.82 -14.65 -59.80
C ILE F 181 -24.09 -15.94 -60.55
N PHE F 182 -23.28 -16.95 -60.28
CA PHE F 182 -23.48 -18.29 -60.85
C PHE F 182 -24.63 -18.95 -60.11
N GLY F 183 -25.84 -18.54 -60.46
CA GLY F 183 -27.02 -19.17 -59.89
C GLY F 183 -27.24 -20.54 -60.50
N GLU F 184 -27.48 -20.56 -61.80
CA GLU F 184 -27.65 -21.79 -62.57
C GLU F 184 -26.35 -22.33 -63.10
N LEU F 185 -25.21 -21.81 -62.62
CA LEU F 185 -23.91 -22.15 -63.16
C LEU F 185 -22.97 -22.74 -62.13
N ILE F 186 -23.47 -23.13 -60.96
CA ILE F 186 -22.74 -24.00 -60.05
C ILE F 186 -23.37 -25.37 -59.97
N THR F 187 -24.30 -25.67 -60.89
CA THR F 187 -24.73 -27.03 -61.17
C THR F 187 -24.46 -27.41 -62.61
N LEU F 188 -23.99 -26.46 -63.43
CA LEU F 188 -23.83 -26.66 -64.86
C LEU F 188 -22.40 -26.55 -65.36
N LEU F 189 -21.53 -25.83 -64.65
CA LEU F 189 -20.21 -25.51 -65.17
C LEU F 189 -19.23 -26.66 -65.12
N GLU F 190 -19.63 -27.86 -64.73
CA GLU F 190 -18.73 -29.00 -64.84
C GLU F 190 -18.62 -29.42 -66.30
N LYS F 191 -17.60 -30.24 -66.59
CA LYS F 191 -17.47 -30.78 -67.93
C LYS F 191 -18.50 -31.86 -68.22
N ASP F 192 -19.04 -32.51 -67.19
CA ASP F 192 -20.05 -33.54 -67.36
C ASP F 192 -21.46 -32.98 -67.40
N LYS F 193 -21.71 -31.82 -66.78
CA LYS F 193 -23.03 -31.24 -66.72
C LYS F 193 -23.35 -30.31 -67.89
N ARG F 194 -22.43 -30.20 -68.85
CA ARG F 194 -22.71 -29.42 -70.05
C ARG F 194 -23.58 -30.24 -71.00
N LEU F 195 -23.94 -29.64 -72.14
CA LEU F 195 -24.67 -30.36 -73.16
C LEU F 195 -23.77 -31.41 -73.81
N GLY F 196 -24.36 -32.57 -74.10
CA GLY F 196 -23.63 -33.65 -74.74
C GLY F 196 -22.84 -34.54 -73.81
N GLY F 197 -22.57 -34.12 -72.59
CA GLY F 197 -21.86 -34.95 -71.65
C GLY F 197 -22.71 -36.09 -71.12
N GLU F 198 -22.12 -36.86 -70.21
CA GLU F 198 -22.81 -38.01 -69.64
C GLU F 198 -23.93 -37.57 -68.70
N ASN F 199 -23.84 -36.37 -68.15
CA ASN F 199 -24.81 -35.88 -67.19
C ASN F 199 -25.42 -34.58 -67.67
N GLN F 200 -25.91 -34.59 -68.91
CA GLN F 200 -26.55 -33.43 -69.54
C GLN F 200 -27.74 -32.95 -68.72
N LEU F 201 -27.67 -31.70 -68.27
CA LEU F 201 -28.70 -31.08 -67.47
C LEU F 201 -29.16 -29.80 -68.16
N ILE F 202 -30.45 -29.71 -68.43
CA ILE F 202 -31.04 -28.51 -69.02
C ILE F 202 -31.85 -27.85 -67.92
N VAL F 203 -31.29 -26.83 -67.29
CA VAL F 203 -31.85 -26.28 -66.06
C VAL F 203 -32.94 -25.26 -66.40
N ARG F 204 -34.08 -25.39 -65.75
CA ARG F 204 -35.18 -24.44 -65.92
C ARG F 204 -34.89 -23.16 -65.15
N LEU F 205 -34.99 -22.02 -65.83
CA LEU F 205 -34.66 -20.72 -65.27
C LEU F 205 -35.86 -20.10 -64.54
N PRO F 206 -35.61 -19.29 -63.50
CA PRO F 206 -36.73 -18.70 -62.77
C PRO F 206 -37.46 -17.57 -63.48
N TYR F 207 -36.71 -16.66 -64.13
CA TYR F 207 -37.32 -15.42 -64.59
C TYR F 207 -38.05 -15.59 -65.91
N SER F 208 -37.33 -15.97 -66.97
CA SER F 208 -37.97 -16.13 -68.27
C SER F 208 -38.79 -17.41 -68.35
N GLY F 209 -38.42 -18.42 -67.57
CA GLY F 209 -39.14 -19.68 -67.57
C GLY F 209 -38.77 -20.61 -68.70
N GLU F 210 -37.74 -20.31 -69.47
CA GLU F 210 -37.28 -21.18 -70.54
C GLU F 210 -36.07 -21.99 -70.08
N PRO F 211 -35.95 -23.24 -70.50
CA PRO F 211 -34.82 -24.07 -70.04
C PRO F 211 -33.51 -23.62 -70.66
N PHE F 212 -32.43 -23.85 -69.93
CA PHE F 212 -31.13 -23.30 -70.29
C PHE F 212 -30.03 -24.26 -69.84
N ALA F 213 -29.05 -24.45 -70.71
CA ALA F 213 -27.95 -25.39 -70.46
C ALA F 213 -26.71 -24.88 -71.17
N VAL F 214 -25.57 -24.98 -70.50
CA VAL F 214 -24.33 -24.49 -71.09
C VAL F 214 -23.83 -25.47 -72.15
N PRO F 215 -23.40 -24.99 -73.32
CA PRO F 215 -22.87 -25.89 -74.34
C PRO F 215 -21.45 -26.30 -74.01
N PRO F 216 -20.90 -27.34 -74.65
CA PRO F 216 -19.50 -27.70 -74.42
C PRO F 216 -18.48 -26.83 -75.13
N ASN F 217 -18.90 -25.75 -75.79
CA ASN F 217 -17.96 -24.82 -76.41
C ASN F 217 -17.45 -23.80 -75.40
N LEU F 218 -18.30 -23.36 -74.49
CA LEU F 218 -17.99 -22.22 -73.63
C LEU F 218 -16.98 -22.61 -72.57
N TYR F 219 -15.87 -21.87 -72.51
CA TYR F 219 -14.86 -22.01 -71.48
C TYR F 219 -14.74 -20.68 -70.75
N ILE F 220 -15.01 -20.68 -69.45
CA ILE F 220 -15.10 -19.44 -68.68
C ILE F 220 -13.78 -19.26 -67.94
N ILE F 221 -12.83 -18.58 -68.58
CA ILE F 221 -11.54 -18.28 -67.95
C ILE F 221 -11.72 -17.17 -66.94
N GLY F 222 -11.20 -17.37 -65.73
CA GLY F 222 -11.28 -16.39 -64.66
C GLY F 222 -9.91 -15.86 -64.30
N THR F 223 -9.83 -14.57 -63.96
CA THR F 223 -8.60 -13.91 -63.54
C THR F 223 -8.84 -13.37 -62.14
N MET F 224 -8.56 -14.17 -61.12
CA MET F 224 -8.86 -13.81 -59.74
C MET F 224 -7.65 -13.13 -59.09
N ASN F 225 -7.79 -11.85 -58.77
CA ASN F 225 -6.86 -11.23 -57.83
C ASN F 225 -7.11 -11.78 -56.44
N THR F 226 -6.04 -12.05 -55.71
CA THR F 226 -6.18 -12.66 -54.39
C THR F 226 -5.53 -11.85 -53.28
N ALA F 227 -5.15 -10.60 -53.54
CA ALA F 227 -4.82 -9.67 -52.47
C ALA F 227 -6.06 -8.99 -51.91
N ASP F 228 -7.21 -9.22 -52.52
CA ASP F 228 -8.48 -8.64 -52.12
C ASP F 228 -9.56 -9.70 -52.18
N ARG F 229 -10.38 -9.78 -51.12
CA ARG F 229 -11.44 -10.80 -50.96
C ARG F 229 -10.86 -12.21 -51.07
N SER F 230 -10.08 -12.55 -50.03
CA SER F 230 -9.11 -13.63 -50.06
C SER F 230 -9.73 -15.03 -50.02
N ILE F 231 -8.91 -16.03 -49.71
CA ILE F 231 -9.15 -17.44 -49.99
C ILE F 231 -10.35 -18.07 -49.29
N ALA F 232 -11.07 -17.29 -48.47
CA ALA F 232 -12.38 -17.71 -47.94
C ALA F 232 -13.43 -17.63 -49.05
N LEU F 233 -13.33 -18.58 -49.98
CA LEU F 233 -14.18 -18.63 -51.16
C LEU F 233 -15.42 -19.48 -50.85
N LEU F 234 -16.17 -19.86 -51.88
CA LEU F 234 -17.32 -20.75 -51.68
C LEU F 234 -16.87 -22.14 -51.26
N ASP F 235 -15.69 -22.58 -51.71
CA ASP F 235 -14.95 -23.76 -51.26
C ASP F 235 -15.60 -25.09 -51.62
N VAL F 236 -16.78 -25.06 -52.23
CA VAL F 236 -17.47 -26.29 -52.61
C VAL F 236 -17.91 -26.21 -54.07
N ALA F 237 -18.70 -25.19 -54.38
CA ALA F 237 -19.31 -25.03 -55.70
C ALA F 237 -18.38 -24.26 -56.64
N LEU F 238 -17.95 -23.08 -56.22
CA LEU F 238 -17.06 -22.27 -57.05
C LEU F 238 -15.59 -22.64 -56.87
N ARG F 239 -15.29 -23.85 -56.37
CA ARG F 239 -13.90 -24.27 -56.16
C ARG F 239 -13.66 -25.62 -56.81
N ARG F 240 -14.70 -26.46 -56.89
CA ARG F 240 -14.54 -27.76 -57.53
C ARG F 240 -14.61 -27.63 -59.05
N ARG F 241 -15.50 -26.75 -59.53
CA ARG F 241 -15.71 -26.62 -60.97
C ARG F 241 -14.50 -25.99 -61.65
N PHE F 242 -13.87 -25.02 -61.00
CA PHE F 242 -12.79 -24.26 -61.58
C PHE F 242 -11.46 -24.95 -61.29
N ALA F 243 -10.69 -25.20 -62.33
CA ALA F 243 -9.35 -25.75 -62.18
C ALA F 243 -8.39 -24.59 -61.95
N PHE F 244 -7.93 -24.42 -60.72
CA PHE F 244 -7.20 -23.23 -60.33
C PHE F 244 -5.75 -23.30 -60.81
N ILE F 245 -5.32 -22.26 -61.52
CA ILE F 245 -3.96 -22.13 -62.01
C ILE F 245 -3.31 -20.98 -61.27
N GLU F 246 -2.24 -21.25 -60.54
CA GLU F 246 -1.50 -20.19 -59.86
C GLU F 246 -0.58 -19.53 -60.88
N VAL F 247 -0.72 -18.22 -61.05
CA VAL F 247 0.17 -17.45 -61.90
C VAL F 247 1.13 -16.71 -60.97
N GLU F 248 2.32 -17.28 -60.81
CA GLU F 248 3.29 -16.76 -59.85
C GLU F 248 3.86 -15.43 -60.34
N PRO F 249 4.14 -14.50 -59.43
CA PRO F 249 4.86 -13.28 -59.83
C PRO F 249 6.32 -13.61 -60.11
N ARG F 250 6.68 -13.66 -61.39
CA ARG F 250 7.99 -14.16 -61.78
C ARG F 250 8.97 -13.00 -61.89
N PRO F 251 10.04 -12.97 -61.09
CA PRO F 251 11.07 -11.94 -61.27
C PRO F 251 12.09 -12.31 -62.34
N GLU F 252 11.92 -13.44 -63.02
CA GLU F 252 12.82 -13.80 -64.11
C GLU F 252 12.65 -12.90 -65.33
N PHE F 253 11.53 -12.18 -65.44
CA PHE F 253 11.30 -11.21 -66.49
C PHE F 253 11.90 -9.85 -66.19
N LEU F 254 12.71 -9.72 -65.12
CA LEU F 254 13.24 -8.43 -64.69
C LEU F 254 14.76 -8.37 -64.76
N GLU F 255 15.36 -9.19 -65.62
CA GLU F 255 16.77 -9.05 -65.90
C GLU F 255 16.98 -8.02 -67.00
N LYS F 256 18.24 -7.87 -67.43
CA LYS F 256 18.53 -6.91 -68.50
C LYS F 256 18.05 -7.45 -69.84
N GLU F 257 18.29 -8.72 -70.13
CA GLU F 257 17.90 -9.28 -71.42
C GLU F 257 16.40 -9.53 -71.49
N ASN F 258 15.78 -9.86 -70.37
CA ASN F 258 14.35 -10.16 -70.38
C ASN F 258 13.51 -8.89 -70.47
N LEU F 259 13.97 -7.79 -69.87
CA LEU F 259 13.32 -6.51 -70.10
C LEU F 259 13.56 -6.01 -71.51
N LYS F 260 14.72 -6.34 -72.08
CA LYS F 260 15.00 -5.95 -73.46
C LYS F 260 14.18 -6.76 -74.45
N LYS F 261 13.98 -8.05 -74.18
CA LYS F 261 13.26 -8.91 -75.11
C LYS F 261 11.76 -8.62 -75.08
N ILE F 262 11.23 -8.28 -73.91
CA ILE F 262 9.81 -7.95 -73.80
C ILE F 262 9.51 -6.63 -74.51
N ARG F 263 10.31 -5.61 -74.28
CA ARG F 263 10.05 -4.27 -74.81
C ARG F 263 10.60 -4.07 -76.23
N GLU F 264 11.07 -5.11 -76.90
CA GLU F 264 11.47 -4.99 -78.29
C GLU F 264 10.55 -5.73 -79.26
N LYS F 265 9.92 -6.81 -78.82
CA LYS F 265 9.04 -7.57 -79.70
C LYS F 265 7.76 -6.79 -79.99
N LYS F 266 7.21 -6.10 -79.00
CA LYS F 266 6.06 -5.24 -79.19
C LYS F 266 6.41 -3.88 -79.75
N LEU F 267 7.71 -3.59 -79.92
CA LEU F 267 8.20 -2.28 -80.31
C LEU F 267 8.31 -2.20 -81.83
N LYS F 268 9.01 -1.18 -82.31
CA LYS F 268 9.19 -0.93 -83.74
C LYS F 268 10.68 -0.88 -84.01
N THR F 269 11.04 -0.40 -85.21
CA THR F 269 12.44 -0.35 -85.62
C THR F 269 13.24 0.63 -84.77
N GLU F 270 12.79 1.88 -84.71
CA GLU F 270 13.51 2.91 -83.97
C GLU F 270 13.29 2.84 -82.47
N ASP F 271 12.31 2.06 -82.00
CA ASP F 271 12.04 2.02 -80.57
C ASP F 271 13.00 1.09 -79.84
N ARG F 272 13.41 0.00 -80.48
CA ARG F 272 14.22 -1.00 -79.79
C ARG F 272 15.66 -0.54 -79.60
N LYS F 273 16.16 0.32 -80.49
CA LYS F 273 17.49 0.88 -80.29
C LYS F 273 17.49 1.91 -79.16
N ARG F 274 16.40 2.67 -79.02
CA ARG F 274 16.29 3.61 -77.92
C ARG F 274 15.97 2.91 -76.61
N LEU F 275 15.24 1.78 -76.66
CA LEU F 275 15.00 1.00 -75.47
C LEU F 275 16.26 0.27 -75.01
N ASN F 276 17.17 -0.02 -75.95
CA ASN F 276 18.46 -0.58 -75.56
C ASN F 276 19.34 0.46 -74.90
N GLU F 277 19.31 1.70 -75.41
CA GLU F 277 20.12 2.76 -74.84
C GLU F 277 19.59 3.21 -73.49
N LYS F 278 18.27 3.16 -73.31
CA LYS F 278 17.67 3.56 -72.04
C LYS F 278 17.95 2.53 -70.95
N LEU F 279 17.83 1.24 -71.29
CA LEU F 279 18.04 0.20 -70.30
C LEU F 279 19.51 0.05 -69.92
N ASN F 280 20.42 0.33 -70.85
CA ASN F 280 21.84 0.32 -70.52
C ASN F 280 22.21 1.48 -69.62
N GLU F 281 21.50 2.61 -69.74
CA GLU F 281 21.73 3.73 -68.84
C GLU F 281 21.13 3.47 -67.46
N LEU F 282 20.01 2.73 -67.42
CA LEU F 282 19.36 2.44 -66.14
C LEU F 282 20.18 1.48 -65.30
N PHE F 283 20.62 0.37 -65.88
CA PHE F 283 21.34 -0.63 -65.11
C PHE F 283 22.79 -0.23 -64.84
N SER F 284 23.33 0.76 -65.55
CA SER F 284 24.65 1.28 -65.21
C SER F 284 24.59 2.19 -63.99
N LYS F 285 23.44 2.84 -63.76
CA LYS F 285 23.26 3.66 -62.57
C LYS F 285 22.95 2.82 -61.33
N LEU F 286 22.64 1.54 -61.51
CA LEU F 286 22.32 0.66 -60.39
C LEU F 286 23.55 -0.09 -59.87
N GLY F 287 24.69 0.03 -60.54
CA GLY F 287 25.90 -0.64 -60.10
C GLY F 287 26.40 -1.67 -61.07
N ASN F 288 25.95 -1.55 -62.34
CA ASN F 288 26.23 -2.49 -63.43
C ASN F 288 25.84 -3.92 -63.05
N ASP F 289 24.65 -4.05 -62.47
CA ASP F 289 24.08 -5.34 -62.08
C ASP F 289 23.00 -5.71 -63.07
N ASN F 290 23.29 -6.68 -63.94
CA ASN F 290 22.33 -7.09 -64.96
C ASN F 290 21.15 -7.84 -64.34
N TYR F 291 21.34 -8.43 -63.17
CA TYR F 291 20.29 -9.16 -62.46
C TYR F 291 19.76 -8.38 -61.27
N PHE F 292 19.69 -7.05 -61.35
CA PHE F 292 19.34 -6.25 -60.18
C PHE F 292 17.86 -6.32 -59.86
N LEU F 293 17.00 -5.98 -60.84
CA LEU F 293 15.57 -5.94 -60.59
C LEU F 293 14.99 -7.33 -60.37
N LYS F 294 15.64 -8.37 -60.90
CA LYS F 294 15.29 -9.73 -60.52
C LYS F 294 15.60 -9.99 -59.06
N THR F 295 16.80 -9.60 -58.61
CA THR F 295 17.20 -9.87 -57.23
C THR F 295 16.43 -8.99 -56.26
N LEU F 296 16.06 -7.78 -56.68
CA LEU F 296 15.27 -6.90 -55.83
C LEU F 296 13.85 -7.44 -55.63
N LEU F 297 13.23 -7.89 -56.72
CA LEU F 297 11.87 -8.40 -56.61
C LEU F 297 11.83 -9.77 -55.95
N GLU F 298 12.85 -10.60 -56.18
CA GLU F 298 12.89 -11.91 -55.54
C GLU F 298 13.16 -11.79 -54.04
N LYS F 299 13.98 -10.80 -53.65
CA LYS F 299 14.23 -10.62 -52.22
C LYS F 299 13.01 -10.05 -51.51
N ILE F 300 12.31 -9.11 -52.14
CA ILE F 300 11.15 -8.50 -51.48
C ILE F 300 9.97 -9.47 -51.49
N ASN F 301 9.96 -10.46 -52.38
CA ASN F 301 8.86 -11.42 -52.39
C ASN F 301 9.04 -12.47 -51.30
N VAL F 302 10.27 -12.77 -50.91
CA VAL F 302 10.51 -13.71 -49.83
C VAL F 302 10.11 -13.11 -48.49
N ARG F 303 10.33 -11.81 -48.31
CA ARG F 303 9.91 -11.17 -47.06
C ARG F 303 8.40 -11.02 -46.97
N ILE F 304 7.70 -10.98 -48.10
CA ILE F 304 6.23 -10.91 -48.06
C ILE F 304 5.64 -12.25 -47.67
N THR F 305 6.11 -13.33 -48.30
CA THR F 305 5.54 -14.65 -48.02
C THR F 305 5.91 -15.19 -46.65
N VAL F 306 6.91 -14.63 -45.97
CA VAL F 306 7.23 -15.06 -44.61
C VAL F 306 6.33 -14.36 -43.60
N VAL F 307 6.22 -13.03 -43.69
CA VAL F 307 5.42 -12.28 -42.74
C VAL F 307 3.93 -12.47 -43.01
N LYS F 308 3.48 -12.06 -44.19
CA LYS F 308 2.10 -12.25 -44.58
C LYS F 308 1.98 -13.47 -45.49
N ASP F 309 0.83 -13.60 -46.14
CA ASP F 309 0.54 -14.77 -46.96
C ASP F 309 1.39 -14.78 -48.23
N ARG F 310 1.48 -15.95 -48.84
CA ARG F 310 2.28 -16.13 -50.04
C ARG F 310 1.61 -15.56 -51.28
N ASP F 311 0.36 -15.15 -51.19
CA ASP F 311 -0.37 -14.57 -52.32
C ASP F 311 -0.58 -13.08 -52.15
N HIS F 312 0.28 -12.43 -51.38
CA HIS F 312 0.28 -10.97 -51.24
C HIS F 312 1.54 -10.35 -51.83
N ARG F 313 2.25 -11.09 -52.68
CA ARG F 313 3.54 -10.65 -53.16
C ARG F 313 3.38 -9.58 -54.22
N ILE F 314 4.38 -8.69 -54.30
CA ILE F 314 4.37 -7.65 -55.31
C ILE F 314 4.66 -8.27 -56.67
N GLY F 315 3.79 -8.01 -57.64
CA GLY F 315 3.90 -8.64 -58.94
C GLY F 315 5.01 -8.05 -59.78
N HIS F 316 5.03 -8.45 -61.05
CA HIS F 316 6.09 -8.04 -61.95
C HIS F 316 5.57 -7.30 -63.19
N SER F 317 4.32 -6.84 -63.19
CA SER F 317 3.87 -5.93 -64.23
C SER F 317 4.26 -4.49 -63.93
N TYR F 318 4.64 -4.19 -62.68
CA TYR F 318 5.00 -2.83 -62.32
C TYR F 318 6.36 -2.45 -62.89
N PHE F 319 7.38 -3.27 -62.62
CA PHE F 319 8.75 -2.99 -63.05
C PHE F 319 9.01 -3.38 -64.50
N LEU F 320 8.01 -3.85 -65.23
CA LEU F 320 8.22 -4.29 -66.61
C LEU F 320 8.24 -3.14 -67.61
N ASN F 321 7.91 -1.93 -67.18
CA ASN F 321 7.82 -0.77 -68.07
C ASN F 321 8.71 0.36 -67.58
N VAL F 322 9.91 0.04 -67.10
CA VAL F 322 10.86 1.05 -66.67
C VAL F 322 11.93 1.24 -67.75
N GLU F 323 12.42 2.46 -67.86
CA GLU F 323 13.50 2.78 -68.79
C GLU F 323 14.61 3.62 -68.16
N THR F 324 14.38 4.25 -67.01
CA THR F 324 15.38 5.06 -66.33
C THR F 324 15.18 4.93 -64.84
N VAL F 325 16.08 5.57 -64.08
CA VAL F 325 15.98 5.56 -62.62
C VAL F 325 14.77 6.38 -62.17
N GLU F 326 14.43 7.43 -62.93
CA GLU F 326 13.30 8.27 -62.57
C GLU F 326 11.97 7.55 -62.76
N ASP F 327 11.89 6.62 -63.71
CA ASP F 327 10.66 5.83 -63.84
C ASP F 327 10.60 4.72 -62.80
N LEU F 328 11.76 4.23 -62.36
CA LEU F 328 11.78 3.27 -61.26
C LEU F 328 11.38 3.95 -59.95
N HIS F 329 11.66 5.24 -59.83
CA HIS F 329 11.25 5.98 -58.63
C HIS F 329 9.74 6.20 -58.61
N HIS F 330 9.14 6.43 -59.78
CA HIS F 330 7.70 6.67 -59.84
C HIS F 330 6.88 5.39 -59.84
N VAL F 331 7.52 4.22 -59.92
CA VAL F 331 6.83 2.94 -59.76
C VAL F 331 7.08 2.33 -58.40
N TRP F 332 8.08 2.81 -57.67
CA TRP F 332 8.33 2.34 -56.31
C TRP F 332 7.56 3.13 -55.27
N TYR F 333 7.29 4.41 -55.53
CA TYR F 333 6.60 5.27 -54.57
C TYR F 333 5.13 5.43 -54.88
N TYR F 334 4.63 4.86 -55.97
CA TYR F 334 3.21 4.96 -56.31
C TYR F 334 2.58 3.64 -56.72
N GLU F 335 3.35 2.57 -56.88
CA GLU F 335 2.77 1.27 -57.22
C GLU F 335 3.40 0.13 -56.43
N VAL F 336 4.31 0.41 -55.50
CA VAL F 336 4.86 -0.63 -54.64
C VAL F 336 4.64 -0.23 -53.18
N LEU F 337 5.15 0.94 -52.79
CA LEU F 337 5.06 1.39 -51.41
C LEU F 337 3.64 1.79 -50.96
N PRO F 338 2.79 2.41 -51.80
CA PRO F 338 1.37 2.45 -51.42
C PRO F 338 0.71 1.09 -51.43
N LEU F 339 1.17 0.18 -52.29
CA LEU F 339 0.65 -1.18 -52.27
C LEU F 339 1.19 -1.95 -51.07
N LEU F 340 2.39 -1.60 -50.61
CA LEU F 340 2.99 -2.29 -49.48
C LEU F 340 2.36 -1.83 -48.16
N MET F 341 2.00 -0.54 -48.08
CA MET F 341 1.28 -0.03 -46.92
C MET F 341 -0.20 -0.43 -46.93
N GLU F 342 -0.69 -0.97 -48.03
CA GLU F 342 -2.06 -1.47 -48.06
C GLU F 342 -2.16 -2.86 -47.45
N TYR F 343 -1.15 -3.72 -47.70
CA TYR F 343 -1.20 -5.10 -47.21
C TYR F 343 -0.95 -5.16 -45.72
N PHE F 344 0.22 -4.72 -45.27
CA PHE F 344 0.44 -4.43 -43.86
C PHE F 344 -0.38 -3.21 -43.49
N TYR F 345 -1.40 -3.41 -42.65
CA TYR F 345 -2.48 -2.42 -42.47
C TYR F 345 -1.96 -1.24 -41.67
N ASN F 346 -1.22 -0.37 -42.38
CA ASN F 346 -0.53 0.81 -41.85
C ASN F 346 0.40 0.46 -40.70
N ASP F 347 1.07 -0.69 -40.78
CA ASP F 347 2.07 -1.08 -39.81
C ASP F 347 3.44 -0.63 -40.30
N TRP F 348 4.35 -0.40 -39.34
CA TRP F 348 5.64 0.19 -39.67
C TRP F 348 6.81 -0.64 -39.17
N GLU F 349 6.63 -1.32 -38.04
CA GLU F 349 7.74 -2.10 -37.49
C GLU F 349 7.96 -3.40 -38.25
N THR F 350 6.97 -3.84 -39.02
CA THR F 350 7.12 -5.01 -39.88
C THR F 350 7.20 -4.66 -41.36
N ILE F 351 6.86 -3.43 -41.75
CA ILE F 351 7.03 -3.03 -43.15
C ILE F 351 8.46 -2.60 -43.41
N LYS F 352 9.24 -2.31 -42.37
CA LYS F 352 10.65 -2.00 -42.53
C LYS F 352 11.53 -3.24 -42.47
N TRP F 353 11.00 -4.36 -41.97
CA TRP F 353 11.76 -5.60 -42.04
C TRP F 353 11.72 -6.19 -43.44
N VAL F 354 10.66 -5.90 -44.20
CA VAL F 354 10.57 -6.34 -45.59
C VAL F 354 11.68 -5.69 -46.41
N LEU F 355 12.00 -4.44 -46.09
CA LEU F 355 13.11 -3.73 -46.70
C LEU F 355 14.41 -3.90 -45.91
N ASN F 356 14.38 -4.78 -44.89
CA ASN F 356 15.39 -4.95 -43.83
C ASN F 356 15.99 -3.62 -43.35
N GLU F 357 15.10 -2.68 -43.05
CA GLU F 357 15.50 -1.42 -42.42
C GLU F 357 14.89 -1.35 -41.03
N LYS F 358 14.92 -2.47 -40.31
CA LYS F 358 14.27 -2.56 -39.00
C LYS F 358 14.99 -1.73 -37.96
N GLY F 359 16.32 -1.76 -37.97
CA GLY F 359 17.10 -1.01 -37.00
C GLY F 359 17.70 0.26 -37.59
N LYS F 360 16.92 0.96 -38.41
CA LYS F 360 17.38 2.19 -39.04
C LYS F 360 16.26 3.22 -39.02
N GLU F 361 16.65 4.47 -38.81
CA GLU F 361 15.71 5.59 -38.80
C GLU F 361 16.48 6.86 -39.11
N HIS F 362 15.77 7.85 -39.67
CA HIS F 362 16.21 9.20 -40.02
C HIS F 362 17.27 9.26 -41.13
N GLY F 363 17.68 8.13 -41.70
CA GLY F 363 18.70 8.15 -42.73
C GLY F 363 18.15 8.04 -44.13
N ASN F 364 18.72 7.15 -44.94
CA ASN F 364 18.20 6.86 -46.27
C ASN F 364 17.15 5.75 -46.23
N VAL F 365 16.13 5.95 -45.39
CA VAL F 365 15.11 4.94 -45.15
C VAL F 365 13.80 5.40 -45.76
N PHE F 366 13.02 4.43 -46.24
CA PHE F 366 11.73 4.73 -46.84
C PHE F 366 10.68 5.10 -45.80
N PHE F 367 10.90 4.73 -44.54
CA PHE F 367 9.97 5.05 -43.45
C PHE F 367 10.81 5.57 -42.28
N GLU F 368 10.83 6.88 -42.09
CA GLU F 368 11.60 7.49 -41.02
C GLU F 368 10.70 7.80 -39.83
N LYS F 369 11.25 7.63 -38.64
CA LYS F 369 10.49 7.87 -37.41
C LYS F 369 10.42 9.36 -37.12
N LEU F 370 9.22 9.84 -36.82
CA LEU F 370 9.07 11.21 -36.35
C LEU F 370 9.65 11.34 -34.95
N ARG F 371 10.30 12.48 -34.69
CA ARG F 371 11.07 12.67 -33.47
C ARG F 371 10.22 13.16 -32.31
N LEU F 372 8.91 12.92 -32.33
CA LEU F 372 8.01 13.31 -31.26
C LEU F 372 7.08 12.13 -30.98
N THR F 373 7.34 11.40 -29.91
CA THR F 373 6.48 10.29 -29.53
C THR F 373 5.19 10.80 -28.93
N GLY F 374 4.19 9.91 -28.86
CA GLY F 374 2.88 10.26 -28.38
C GLY F 374 2.79 10.26 -26.87
N PRO F 375 1.57 10.36 -26.34
CA PRO F 375 1.42 10.39 -24.87
C PRO F 375 1.67 9.06 -24.19
N ASN F 376 1.17 7.96 -24.75
CA ASN F 376 1.35 6.64 -24.17
C ASN F 376 2.56 5.91 -24.73
N GLY F 377 3.58 6.65 -25.18
CA GLY F 377 4.79 6.05 -25.69
C GLY F 377 4.72 5.52 -27.10
N GLU F 378 3.64 5.80 -27.83
CA GLU F 378 3.53 5.31 -29.20
C GLU F 378 4.38 6.15 -30.14
N GLU F 379 4.73 5.54 -31.27
CA GLU F 379 5.57 6.17 -32.28
C GLU F 379 4.90 6.03 -33.64
N ALA F 380 5.02 7.06 -34.46
CA ALA F 380 4.42 7.07 -35.79
C ALA F 380 5.49 7.37 -36.82
N TYR F 381 5.60 6.52 -37.81
CA TYR F 381 6.58 6.66 -38.87
C TYR F 381 5.98 7.42 -40.05
N GLN F 382 6.83 7.86 -40.96
CA GLN F 382 6.42 8.69 -42.08
C GLN F 382 7.17 8.28 -43.32
N LEU F 383 6.46 8.17 -44.44
CA LEU F 383 7.09 7.86 -45.72
C LEU F 383 8.00 9.00 -46.14
N LYS F 384 9.15 8.66 -46.71
CA LYS F 384 10.18 9.64 -47.03
C LYS F 384 10.57 9.48 -48.50
N VAL F 385 10.41 10.55 -49.27
CA VAL F 385 10.76 10.54 -50.69
C VAL F 385 12.26 10.74 -50.82
N LEU F 386 12.88 10.00 -51.73
CA LEU F 386 14.30 10.11 -52.01
C LEU F 386 14.49 10.36 -53.49
N GLU F 387 15.73 10.65 -53.87
CA GLU F 387 16.05 10.95 -55.27
C GLU F 387 17.53 10.70 -55.51
N GLY F 388 17.86 10.40 -56.77
CA GLY F 388 19.23 10.25 -57.18
C GLY F 388 19.90 9.00 -56.62
N ASP F 389 21.17 9.13 -56.28
CA ASP F 389 21.95 8.00 -55.76
C ASP F 389 21.63 7.68 -54.31
N ALA F 390 20.87 8.53 -53.61
CA ALA F 390 20.41 8.19 -52.27
C ALA F 390 19.32 7.12 -52.34
N PHE F 391 18.45 7.21 -53.34
CA PHE F 391 17.40 6.21 -53.51
C PHE F 391 17.98 4.88 -53.99
N ILE F 392 19.02 4.92 -54.83
CA ILE F 392 19.65 3.68 -55.30
C ILE F 392 20.41 3.02 -54.16
N GLY F 393 21.04 3.82 -53.30
CA GLY F 393 21.64 3.28 -52.09
C GLY F 393 20.62 2.79 -51.08
N ALA F 394 19.39 3.28 -51.17
CA ALA F 394 18.30 2.75 -50.37
C ALA F 394 17.68 1.51 -51.00
N LEU F 395 17.93 1.26 -52.28
CA LEU F 395 17.52 0.02 -52.93
C LEU F 395 18.60 -1.05 -52.87
N LYS F 396 19.86 -0.64 -52.80
CA LYS F 396 20.99 -1.57 -52.78
C LYS F 396 21.22 -2.21 -51.42
N ARG F 397 20.42 -1.86 -50.40
CA ARG F 397 20.48 -2.56 -49.13
C ARG F 397 19.17 -3.30 -48.84
N ILE F 398 18.31 -3.43 -49.84
CA ILE F 398 17.22 -4.40 -49.74
C ILE F 398 17.74 -5.78 -50.11
N ILE F 399 18.66 -5.85 -51.07
CA ILE F 399 19.33 -7.09 -51.42
C ILE F 399 20.25 -7.55 -50.30
N THR G 5 7.21 -2.04 -22.19
CA THR G 5 7.78 -2.99 -21.25
C THR G 5 6.73 -4.02 -20.80
N THR G 6 7.19 -5.26 -20.60
CA THR G 6 6.35 -6.34 -20.12
C THR G 6 6.71 -6.64 -18.67
N ILE G 7 5.75 -6.45 -17.78
CA ILE G 7 5.93 -6.76 -16.36
C ILE G 7 4.95 -7.87 -15.98
N THR G 8 5.40 -8.79 -15.13
CA THR G 8 4.61 -9.93 -14.72
C THR G 8 4.64 -10.05 -13.20
N LEU G 9 3.49 -10.37 -12.62
CA LEU G 9 3.36 -10.58 -11.18
C LEU G 9 2.71 -11.91 -10.90
N TYR G 10 3.01 -12.49 -9.75
CA TYR G 10 2.23 -13.56 -9.16
C TYR G 10 1.44 -12.95 -8.01
N GLU G 11 0.39 -13.65 -7.57
CA GLU G 11 -0.44 -13.17 -6.47
C GLU G 11 0.38 -13.04 -5.18
N HIS G 12 0.33 -11.85 -4.57
CA HIS G 12 1.10 -11.46 -3.38
C HIS G 12 2.60 -11.61 -3.60
N ASP G 13 3.09 -11.09 -4.72
CA ASP G 13 4.51 -11.12 -5.06
C ASP G 13 4.95 -9.70 -5.41
N GLU G 14 6.24 -9.43 -5.26
CA GLU G 14 6.77 -8.09 -5.43
C GLU G 14 7.91 -8.07 -6.43
N LYS G 15 8.06 -6.93 -7.10
CA LYS G 15 9.13 -6.68 -8.06
C LYS G 15 9.86 -5.39 -7.68
N ARG G 16 11.16 -5.35 -7.92
CA ARG G 16 11.94 -4.16 -7.62
C ARG G 16 11.94 -3.19 -8.80
N TYR G 17 11.85 -1.90 -8.49
CA TYR G 17 11.85 -0.87 -9.54
C TYR G 17 13.23 -0.69 -10.16
N ARG G 18 14.29 -1.06 -9.45
CA ARG G 18 15.64 -0.92 -10.01
C ARG G 18 15.94 -2.02 -11.03
N ASP G 19 15.47 -3.24 -10.77
CA ASP G 19 15.75 -4.34 -11.70
C ASP G 19 14.81 -4.32 -12.89
N ILE G 20 13.69 -3.59 -12.79
CA ILE G 20 12.63 -3.70 -13.78
C ILE G 20 13.03 -2.96 -15.06
N ALA G 21 12.46 -3.39 -16.18
CA ALA G 21 12.77 -2.80 -17.48
C ALA G 21 11.99 -1.49 -17.68
N GLY G 22 12.42 -0.74 -18.68
CA GLY G 22 11.74 0.51 -18.99
C GLY G 22 12.19 1.63 -18.08
N ASP G 23 11.25 2.48 -17.69
CA ASP G 23 11.53 3.63 -16.85
C ASP G 23 10.82 3.47 -15.51
N LYS G 24 11.39 4.07 -14.46
CA LYS G 24 10.76 4.03 -13.14
C LYS G 24 9.48 4.85 -13.12
N LYS G 25 9.48 6.00 -13.79
CA LYS G 25 8.30 6.85 -13.78
C LYS G 25 7.21 6.34 -14.71
N ALA G 26 7.59 5.55 -15.72
CA ALA G 26 6.61 5.12 -16.72
C ALA G 26 5.66 4.07 -16.17
N ILE G 27 6.17 3.17 -15.32
CA ILE G 27 5.33 2.09 -14.79
C ILE G 27 4.34 2.62 -13.76
N GLN G 28 4.79 3.55 -12.91
CA GLN G 28 3.90 4.10 -11.88
C GLN G 28 2.81 4.98 -12.47
N ASP G 29 3.06 5.57 -13.64
CA ASP G 29 1.99 6.28 -14.36
C ASP G 29 0.97 5.30 -14.92
N ALA G 30 1.42 4.12 -15.34
CA ALA G 30 0.50 3.13 -15.92
C ALA G 30 -0.41 2.53 -14.85
N LEU G 31 0.10 2.37 -13.63
CA LEU G 31 -0.66 1.68 -12.59
C LEU G 31 -1.78 2.56 -12.03
N ILE G 32 -1.54 3.86 -11.90
CA ILE G 32 -2.52 4.74 -11.26
C ILE G 32 -3.74 4.94 -12.17
N LYS G 33 -3.56 4.74 -13.48
CA LYS G 33 -4.71 4.67 -14.37
C LYS G 33 -5.44 3.34 -14.23
N LEU G 34 -4.70 2.26 -14.00
CA LEU G 34 -5.32 0.93 -13.94
C LEU G 34 -6.09 0.74 -12.65
N ASN G 35 -5.53 1.18 -11.51
CA ASN G 35 -6.23 1.07 -10.24
C ASN G 35 -7.45 2.00 -10.19
N LYS G 36 -7.38 3.13 -10.91
CA LYS G 36 -8.54 4.00 -11.02
C LYS G 36 -9.60 3.39 -11.94
N GLN G 37 -9.17 2.73 -13.02
CA GLN G 37 -10.10 2.09 -13.93
C GLN G 37 -10.77 0.89 -13.26
N PHE G 38 -10.07 0.22 -12.37
CA PHE G 38 -10.67 -0.88 -11.62
C PHE G 38 -11.70 -0.37 -10.62
N LYS G 39 -11.58 0.89 -10.18
CA LYS G 39 -12.54 1.46 -9.25
C LYS G 39 -13.90 1.67 -9.91
N LYS G 40 -13.92 2.19 -11.14
CA LYS G 40 -15.19 2.48 -11.79
C LYS G 40 -15.85 1.20 -12.30
N ASP G 41 -15.07 0.15 -12.56
CA ASP G 41 -15.58 -1.11 -13.05
C ASP G 41 -15.47 -2.23 -12.02
N PHE G 42 -15.53 -1.90 -10.73
CA PHE G 42 -15.35 -2.91 -9.69
C PHE G 42 -16.59 -3.79 -9.53
N LYS G 43 -17.77 -3.18 -9.61
CA LYS G 43 -19.01 -3.86 -9.23
C LYS G 43 -19.50 -4.87 -10.26
N LYS G 44 -18.85 -5.00 -11.41
CA LYS G 44 -19.32 -5.94 -12.42
C LYS G 44 -18.95 -7.38 -12.06
N LEU G 45 -17.88 -7.56 -11.30
CA LEU G 45 -17.35 -8.90 -10.99
C LEU G 45 -17.76 -9.28 -9.57
N ASP G 46 -18.16 -10.53 -9.39
CA ASP G 46 -18.59 -11.01 -8.08
C ASP G 46 -17.40 -11.49 -7.27
N ARG G 47 -17.56 -11.51 -5.95
CA ARG G 47 -16.52 -11.91 -5.02
C ARG G 47 -17.04 -13.00 -4.09
N SER G 48 -16.14 -13.50 -3.24
CA SER G 48 -16.50 -14.51 -2.24
C SER G 48 -15.49 -14.40 -1.10
N GLU G 49 -15.94 -13.80 0.02
CA GLU G 49 -15.14 -13.59 1.23
C GLU G 49 -13.86 -12.80 0.92
N ASP G 50 -14.01 -11.77 0.07
CA ASP G 50 -12.84 -11.10 -0.47
C ASP G 50 -12.22 -10.10 0.51
N ASN G 51 -13.04 -9.57 1.43
CA ASN G 51 -12.69 -8.42 2.27
C ASN G 51 -12.21 -7.24 1.42
N SER G 52 -13.07 -6.80 0.50
CA SER G 52 -12.66 -5.84 -0.52
C SER G 52 -12.49 -4.44 0.05
N ASP G 53 -13.39 -4.02 0.95
CA ASP G 53 -13.44 -2.67 1.54
C ASP G 53 -13.51 -1.61 0.44
N THR G 54 -14.66 -1.60 -0.24
CA THR G 54 -14.85 -0.87 -1.49
C THR G 54 -14.67 0.64 -1.33
N GLU G 55 -14.98 1.17 -0.14
CA GLU G 55 -14.97 2.61 0.05
C GLU G 55 -13.54 3.18 0.07
N ASP G 56 -12.63 2.54 0.80
CA ASP G 56 -11.33 3.15 1.11
C ASP G 56 -10.18 2.56 0.30
N THR G 57 -10.09 1.23 0.18
CA THR G 57 -8.87 0.61 -0.32
C THR G 57 -8.73 0.76 -1.83
N ILE G 58 -9.82 0.59 -2.58
CA ILE G 58 -9.72 0.52 -4.04
C ILE G 58 -9.41 1.90 -4.63
N ASP G 59 -10.02 2.95 -4.07
CA ASP G 59 -9.82 4.30 -4.58
C ASP G 59 -8.52 4.93 -4.10
N GLU G 60 -7.77 4.26 -3.22
CA GLU G 60 -6.47 4.73 -2.77
C GLU G 60 -5.33 4.22 -3.62
N SER G 61 -5.59 3.91 -4.90
CA SER G 61 -4.65 3.29 -5.84
C SER G 61 -4.11 1.95 -5.31
N LYS G 62 -4.98 1.18 -4.65
CA LYS G 62 -4.69 -0.19 -4.24
C LYS G 62 -5.73 -1.17 -4.77
N GLY G 63 -6.38 -0.87 -5.90
CA GLY G 63 -7.42 -1.74 -6.41
C GLY G 63 -6.89 -3.06 -6.93
N VAL G 64 -6.03 -3.01 -7.94
CA VAL G 64 -5.38 -4.20 -8.48
C VAL G 64 -3.96 -4.34 -7.96
N VAL G 65 -3.16 -3.29 -8.08
CA VAL G 65 -1.76 -3.31 -7.75
C VAL G 65 -1.53 -2.35 -6.59
N GLU G 66 -0.68 -2.73 -5.66
CA GLU G 66 -0.22 -1.82 -4.62
C GLU G 66 1.10 -1.21 -5.06
N VAL G 67 1.07 0.02 -5.54
CA VAL G 67 2.26 0.72 -6.02
C VAL G 67 2.89 1.43 -4.82
N TYR G 68 4.15 1.10 -4.55
CA TYR G 68 4.86 1.58 -3.38
C TYR G 68 6.06 2.42 -3.82
N ALA G 69 6.81 2.92 -2.83
CA ALA G 69 7.94 3.77 -3.14
C ALA G 69 9.13 2.97 -3.66
N ASN G 70 9.35 1.78 -3.10
CA ASN G 70 10.52 0.97 -3.44
C ASN G 70 10.19 -0.28 -4.25
N LYS G 71 8.92 -0.67 -4.34
CA LYS G 71 8.59 -1.91 -5.03
C LYS G 71 7.17 -1.81 -5.58
N ILE G 72 6.73 -2.89 -6.23
CA ILE G 72 5.40 -3.01 -6.81
C ILE G 72 4.82 -4.36 -6.38
N LYS G 73 3.70 -4.32 -5.65
CA LYS G 73 3.14 -5.50 -5.03
C LYS G 73 1.76 -5.80 -5.61
N ALA G 74 1.48 -7.08 -5.84
CA ALA G 74 0.22 -7.53 -6.40
C ALA G 74 -0.74 -7.92 -5.29
N ARG G 75 -2.01 -7.55 -5.46
CA ARG G 75 -3.08 -8.02 -4.59
C ARG G 75 -3.58 -9.37 -5.10
N HIS G 76 -4.66 -9.87 -4.52
CA HIS G 76 -5.19 -11.19 -4.91
C HIS G 76 -6.24 -11.06 -6.01
N TYR G 77 -5.91 -10.32 -7.07
CA TYR G 77 -6.78 -10.18 -8.23
C TYR G 77 -6.03 -10.68 -9.45
N VAL G 78 -6.55 -11.71 -10.08
CA VAL G 78 -5.82 -12.49 -11.07
C VAL G 78 -6.34 -12.10 -12.46
N GLY G 79 -5.45 -12.16 -13.44
CA GLY G 79 -5.79 -11.77 -14.79
C GLY G 79 -4.65 -10.98 -15.44
N PHE G 80 -5.01 -9.95 -16.19
CA PHE G 80 -4.03 -9.15 -16.93
C PHE G 80 -4.66 -7.81 -17.29
N ALA G 81 -3.79 -6.89 -17.73
CA ALA G 81 -4.21 -5.60 -18.25
C ALA G 81 -3.07 -4.99 -19.05
N ALA G 82 -3.42 -4.32 -20.15
CA ALA G 82 -2.45 -3.60 -20.97
C ALA G 82 -2.76 -2.12 -20.92
N VAL G 83 -1.87 -1.33 -20.33
CA VAL G 83 -2.04 0.12 -20.21
C VAL G 83 -0.72 0.81 -20.53
N ASP G 84 -0.74 1.69 -21.54
CA ASP G 84 0.33 2.64 -21.87
C ASP G 84 1.66 1.95 -22.18
N ASN G 85 1.59 0.88 -22.97
CA ASN G 85 2.71 0.02 -23.37
C ASN G 85 3.44 -0.59 -22.16
N VAL G 86 2.73 -0.74 -21.04
CA VAL G 86 3.24 -1.44 -19.86
C VAL G 86 2.24 -2.57 -19.62
N PHE G 87 2.48 -3.72 -20.22
CA PHE G 87 1.54 -4.83 -20.14
C PHE G 87 1.75 -5.58 -18.84
N LEU G 88 0.72 -5.57 -18.01
CA LEU G 88 0.72 -6.25 -16.72
C LEU G 88 -0.07 -7.54 -16.79
N GLN G 89 0.49 -8.61 -16.23
CA GLN G 89 -0.21 -9.87 -16.11
C GLN G 89 0.01 -10.42 -14.72
N ILE G 90 -1.07 -10.83 -14.07
CA ILE G 90 -1.03 -11.38 -12.73
C ILE G 90 -1.54 -12.81 -12.82
N LEU G 91 -0.65 -13.77 -12.61
CA LEU G 91 -0.92 -15.19 -12.55
C LEU G 91 -1.21 -15.59 -11.11
N PRO G 92 -1.83 -16.74 -10.87
CA PRO G 92 -1.99 -17.19 -9.49
C PRO G 92 -0.65 -17.62 -8.90
N LYS G 93 -0.55 -17.48 -7.56
CA LYS G 93 0.65 -17.91 -6.86
C LYS G 93 0.79 -19.43 -6.80
N VAL G 94 -0.29 -20.16 -7.07
CA VAL G 94 -0.25 -21.61 -6.96
C VAL G 94 0.57 -22.21 -8.11
N PHE G 95 0.51 -21.59 -9.29
CA PHE G 95 1.24 -22.07 -10.45
C PHE G 95 2.67 -21.52 -10.52
N LYS G 96 3.20 -21.00 -9.41
CA LYS G 96 4.54 -20.43 -9.42
C LYS G 96 5.58 -21.55 -9.46
N PRO G 97 6.52 -21.52 -10.40
CA PRO G 97 7.59 -22.53 -10.41
C PRO G 97 8.63 -22.23 -9.35
N LYS G 98 9.48 -23.22 -9.10
CA LYS G 98 10.54 -23.08 -8.11
C LYS G 98 11.65 -22.15 -8.62
N GLU G 107 10.30 -20.29 -22.10
CA GLU G 107 9.45 -21.43 -21.75
C GLU G 107 9.44 -21.67 -20.25
N ASP G 108 10.25 -20.89 -19.52
CA ASP G 108 10.28 -21.02 -18.06
C ASP G 108 9.05 -20.43 -17.41
N THR G 109 8.39 -19.47 -18.07
CA THR G 109 7.14 -18.90 -17.62
C THR G 109 6.04 -19.13 -18.64
N TRP G 110 6.04 -20.32 -19.25
CA TRP G 110 5.02 -20.72 -20.21
C TRP G 110 4.10 -21.81 -19.68
N GLU G 111 4.58 -22.63 -18.75
CA GLU G 111 3.69 -23.53 -18.02
C GLU G 111 2.61 -22.84 -17.16
N PRO G 112 2.87 -21.76 -16.39
CA PRO G 112 1.75 -21.18 -15.62
C PRO G 112 0.71 -20.45 -16.44
N ILE G 113 1.02 -20.06 -17.69
CA ILE G 113 0.03 -19.40 -18.53
C ILE G 113 -1.07 -20.39 -18.92
N LEU G 114 -0.67 -21.54 -19.47
CA LEU G 114 -1.64 -22.55 -19.88
C LEU G 114 -2.30 -23.22 -18.68
N ALA G 115 -1.67 -23.16 -17.51
CA ALA G 115 -2.33 -23.61 -16.29
C ALA G 115 -3.45 -22.66 -15.89
N PHE G 116 -3.20 -21.35 -16.00
CA PHE G 116 -4.18 -20.36 -15.57
C PHE G 116 -5.35 -20.27 -16.54
N ILE G 117 -5.11 -20.41 -17.85
CA ILE G 117 -6.19 -20.36 -18.81
C ILE G 117 -7.06 -21.61 -18.72
N ARG G 118 -6.45 -22.76 -18.42
CA ARG G 118 -7.25 -23.96 -18.18
C ARG G 118 -8.04 -23.86 -16.89
N MET G 119 -7.51 -23.17 -15.88
CA MET G 119 -8.32 -22.90 -14.70
C MET G 119 -9.34 -21.80 -14.99
N LEU G 120 -9.07 -20.96 -15.98
CA LEU G 120 -10.05 -20.01 -16.50
C LEU G 120 -11.00 -20.66 -17.50
N ASP G 121 -10.70 -21.88 -17.96
CA ASP G 121 -11.56 -22.61 -18.87
C ASP G 121 -12.68 -23.31 -18.10
N MET G 122 -12.34 -24.02 -17.03
CA MET G 122 -13.30 -24.85 -16.32
C MET G 122 -14.13 -24.04 -15.33
N ALA G 123 -13.50 -23.08 -14.63
CA ALA G 123 -14.21 -22.33 -13.61
C ALA G 123 -15.15 -21.29 -14.22
N TYR G 124 -14.61 -20.39 -15.04
CA TYR G 124 -15.34 -19.21 -15.48
C TYR G 124 -16.41 -19.52 -16.52
N GLY G 125 -16.41 -20.71 -17.11
CA GLY G 125 -17.45 -21.09 -18.04
C GLY G 125 -17.11 -20.95 -19.50
N LEU G 126 -15.84 -20.71 -19.84
CA LEU G 126 -15.45 -20.61 -21.24
C LEU G 126 -15.48 -21.98 -21.90
N LYS G 127 -15.61 -21.98 -23.22
CA LYS G 127 -15.69 -23.21 -24.01
C LYS G 127 -14.57 -23.27 -25.03
N ILE G 128 -13.36 -22.90 -24.63
CA ILE G 128 -12.20 -22.95 -25.52
C ILE G 128 -11.77 -24.40 -25.68
N LYS G 129 -10.93 -24.66 -26.69
CA LYS G 129 -10.46 -26.00 -26.98
C LYS G 129 -9.04 -26.20 -26.44
N ASP G 130 -8.74 -27.44 -26.06
CA ASP G 130 -7.39 -27.75 -25.57
C ASP G 130 -6.38 -27.77 -26.71
N HIS G 131 -6.81 -28.12 -27.92
CA HIS G 131 -5.91 -28.08 -29.07
C HIS G 131 -5.68 -26.67 -29.59
N ASP G 132 -6.45 -25.69 -29.12
CA ASP G 132 -6.11 -24.30 -29.37
C ASP G 132 -4.90 -23.88 -28.55
N LEU G 133 -4.81 -24.36 -27.30
CA LEU G 133 -3.72 -24.00 -26.42
C LEU G 133 -2.49 -24.86 -26.67
N ALA G 134 -2.69 -26.12 -27.07
CA ALA G 134 -1.58 -27.02 -27.34
C ALA G 134 -0.83 -26.70 -28.62
N TYR G 135 -1.42 -25.86 -29.49
CA TYR G 135 -0.69 -25.39 -30.67
C TYR G 135 0.46 -24.47 -30.28
N LEU G 136 0.27 -23.68 -29.21
CA LEU G 136 1.27 -22.71 -28.79
C LEU G 136 2.35 -23.32 -27.91
N GLN G 137 2.14 -24.52 -27.39
CA GLN G 137 3.09 -25.13 -26.46
C GLN G 137 4.33 -25.58 -27.22
N GLY G 138 5.45 -24.90 -26.98
CA GLY G 138 6.71 -25.26 -27.57
C GLY G 138 7.15 -24.45 -28.76
N ARG G 139 6.44 -23.39 -29.11
CA ARG G 139 6.80 -22.54 -30.24
C ARG G 139 7.69 -21.37 -29.83
N ASN G 140 8.24 -21.40 -28.61
CA ASN G 140 9.11 -20.41 -27.97
C ASN G 140 8.67 -18.95 -28.12
N LEU G 141 7.37 -18.71 -28.14
CA LEU G 141 6.87 -17.34 -28.14
C LEU G 141 7.06 -16.67 -26.78
N ARG G 142 6.94 -15.37 -26.77
CA ARG G 142 7.01 -14.59 -25.55
C ARG G 142 5.74 -14.78 -24.74
N PRO G 143 5.83 -15.20 -23.48
CA PRO G 143 4.62 -15.44 -22.68
C PRO G 143 3.89 -14.16 -22.33
N ASN G 144 2.61 -14.10 -22.69
CA ASN G 144 1.78 -12.91 -22.46
C ASN G 144 0.32 -13.33 -22.49
N LEU G 145 -0.45 -12.85 -21.53
CA LEU G 145 -1.87 -13.20 -21.47
C LEU G 145 -2.68 -12.48 -22.55
N TYR G 146 -2.27 -11.27 -22.93
CA TYR G 146 -3.01 -10.58 -23.97
C TYR G 146 -2.70 -11.17 -25.34
N GLU G 147 -1.50 -11.72 -25.52
CA GLU G 147 -1.14 -12.29 -26.81
C GLU G 147 -1.83 -13.64 -27.04
N VAL G 148 -2.26 -14.32 -25.97
CA VAL G 148 -2.93 -15.61 -26.16
C VAL G 148 -4.45 -15.45 -26.23
N PHE G 149 -5.04 -14.50 -25.49
CA PHE G 149 -6.49 -14.31 -25.60
C PHE G 149 -6.88 -13.58 -26.89
N ILE G 150 -5.97 -12.79 -27.46
CA ILE G 150 -6.18 -12.33 -28.83
C ILE G 150 -6.07 -13.49 -29.80
N TYR G 151 -5.12 -14.41 -29.55
CA TYR G 151 -5.00 -15.60 -30.41
C TYR G 151 -6.20 -16.52 -30.26
N LEU G 152 -6.70 -16.69 -29.03
CA LEU G 152 -7.87 -17.55 -28.82
C LEU G 152 -9.12 -16.92 -29.43
N PHE G 153 -9.16 -15.59 -29.51
CA PHE G 153 -10.23 -14.93 -30.26
C PHE G 153 -10.01 -15.07 -31.77
N ALA G 154 -8.78 -14.87 -32.24
CA ALA G 154 -8.52 -14.83 -33.68
C ALA G 154 -8.56 -16.21 -34.30
N LYS G 155 -8.13 -17.25 -33.57
CA LYS G 155 -8.19 -18.59 -34.12
C LYS G 155 -9.61 -19.13 -34.13
N SER G 156 -10.38 -18.86 -33.07
CA SER G 156 -11.76 -19.35 -33.02
C SER G 156 -12.66 -18.56 -33.97
N LEU G 157 -12.26 -17.35 -34.35
CA LEU G 157 -12.99 -16.61 -35.37
C LEU G 157 -12.62 -17.12 -36.76
N TRP G 158 -11.33 -17.28 -37.04
CA TRP G 158 -10.88 -17.72 -38.36
C TRP G 158 -11.20 -19.19 -38.62
N SER G 159 -11.49 -19.96 -37.58
CA SER G 159 -12.04 -21.30 -37.77
C SER G 159 -13.56 -21.30 -37.92
N GLU G 160 -14.22 -20.19 -37.59
CA GLU G 160 -15.65 -20.05 -37.77
C GLU G 160 -16.01 -19.10 -38.91
N VAL G 161 -15.02 -18.43 -39.50
CA VAL G 161 -15.23 -17.66 -40.72
C VAL G 161 -14.83 -18.45 -41.96
N GLN G 162 -13.86 -19.37 -41.84
CA GLN G 162 -13.44 -20.21 -42.96
C GLN G 162 -14.57 -21.12 -43.46
N ARG G 163 -15.44 -21.58 -42.56
CA ARG G 163 -16.58 -22.38 -42.99
C ARG G 163 -17.66 -21.50 -43.60
N GLY G 164 -18.21 -20.57 -42.81
CA GLY G 164 -19.22 -19.66 -43.30
C GLY G 164 -18.94 -18.24 -42.85
N TYR G 165 -19.42 -17.30 -43.63
CA TYR G 165 -19.07 -15.90 -43.46
C TYR G 165 -20.05 -15.12 -42.58
N HIS G 166 -21.14 -15.75 -42.15
CA HIS G 166 -22.27 -15.11 -41.45
C HIS G 166 -22.83 -13.95 -42.27
N ARG G 167 -23.44 -14.32 -43.38
CA ARG G 167 -24.25 -13.39 -44.16
C ARG G 167 -25.71 -13.59 -43.73
N GLU G 168 -26.24 -12.61 -43.01
CA GLU G 168 -27.58 -12.68 -42.45
C GLU G 168 -28.55 -11.85 -43.28
N TYR G 169 -29.81 -12.25 -43.27
CA TYR G 169 -30.82 -11.70 -44.17
C TYR G 169 -31.49 -10.49 -43.53
N VAL G 170 -31.49 -9.38 -44.25
CA VAL G 170 -32.35 -8.24 -43.94
C VAL G 170 -33.19 -7.96 -45.17
N GLU G 171 -34.37 -7.40 -44.96
CA GLU G 171 -35.23 -7.00 -46.05
C GLU G 171 -35.16 -5.49 -46.23
N VAL G 172 -35.05 -5.05 -47.48
CA VAL G 172 -34.95 -3.64 -47.81
C VAL G 172 -36.00 -3.31 -48.86
N HIS G 173 -36.74 -2.23 -48.64
CA HIS G 173 -37.70 -1.73 -49.62
C HIS G 173 -36.95 -0.78 -50.53
N ARG G 174 -36.31 -1.33 -51.56
CA ARG G 174 -35.36 -0.59 -52.38
C ARG G 174 -35.93 -0.43 -53.79
N GLU G 175 -35.63 0.72 -54.40
CA GLU G 175 -35.98 0.97 -55.79
C GLU G 175 -34.82 0.50 -56.66
N GLU G 176 -35.02 -0.63 -57.34
CA GLU G 176 -33.97 -1.28 -58.09
C GLU G 176 -34.22 -1.16 -59.58
N LYS G 177 -33.13 -1.01 -60.35
CA LYS G 177 -33.23 -0.97 -61.79
C LYS G 177 -33.61 -2.33 -62.39
N PHE G 178 -33.35 -3.41 -61.66
CA PHE G 178 -33.80 -4.75 -61.99
C PHE G 178 -34.91 -5.16 -61.03
N LEU G 179 -35.34 -6.42 -61.14
CA LEU G 179 -36.42 -6.95 -60.31
C LEU G 179 -35.86 -8.11 -59.53
N ARG G 180 -35.72 -7.94 -58.21
CA ARG G 180 -35.24 -8.98 -57.31
C ARG G 180 -36.24 -9.15 -56.19
N GLY G 181 -36.62 -10.40 -55.91
CA GLY G 181 -37.50 -10.64 -54.80
C GLY G 181 -38.95 -10.27 -55.09
N LYS G 182 -39.69 -10.07 -54.00
CA LYS G 182 -41.10 -9.70 -54.10
C LYS G 182 -41.24 -8.26 -54.56
N LEU G 183 -42.06 -8.05 -55.60
CA LEU G 183 -42.39 -6.71 -56.07
C LEU G 183 -43.47 -6.12 -55.17
N LEU G 184 -43.17 -4.99 -54.54
CA LEU G 184 -44.19 -4.26 -53.79
C LEU G 184 -45.25 -3.73 -54.75
N MET G 185 -46.51 -3.98 -54.44
CA MET G 185 -47.58 -3.60 -55.35
C MET G 185 -48.21 -2.27 -55.00
N SER G 186 -48.37 -1.94 -53.72
CA SER G 186 -48.97 -0.65 -53.35
C SER G 186 -48.04 0.52 -53.61
N ARG G 187 -46.74 0.26 -53.78
CA ARG G 187 -45.76 1.29 -54.11
C ARG G 187 -45.51 1.37 -55.61
N GLN G 188 -45.94 0.37 -56.37
CA GLN G 188 -45.79 0.34 -57.82
C GLN G 188 -47.07 0.75 -58.55
N ILE G 189 -48.24 0.51 -57.95
CA ILE G 189 -49.49 0.97 -58.53
C ILE G 189 -49.58 2.48 -58.49
N ARG G 190 -49.17 3.09 -57.38
CA ARG G 190 -49.19 4.54 -57.21
C ARG G 190 -47.95 5.21 -57.76
N LYS G 191 -47.24 4.55 -58.68
CA LYS G 191 -46.06 5.12 -59.32
C LYS G 191 -46.50 5.87 -60.57
N LEU G 192 -46.11 7.14 -60.66
CA LEU G 192 -46.42 7.93 -61.85
C LEU G 192 -45.65 7.40 -63.06
N PRO G 193 -46.20 7.53 -64.26
CA PRO G 193 -45.50 7.01 -65.46
C PRO G 193 -44.28 7.81 -65.87
N HIS G 194 -43.97 8.93 -65.23
CA HIS G 194 -42.69 9.59 -65.46
C HIS G 194 -41.56 8.96 -64.68
N GLN G 195 -41.87 8.09 -63.71
CA GLN G 195 -40.87 7.39 -62.92
C GLN G 195 -41.14 5.90 -62.90
N LEU G 196 -41.60 5.36 -64.02
CA LEU G 196 -41.91 3.94 -64.14
C LEU G 196 -40.69 3.08 -64.46
N ASN G 197 -39.53 3.69 -64.68
CA ASN G 197 -38.36 2.98 -65.18
C ASN G 197 -37.56 2.29 -64.07
N THR G 198 -38.04 2.29 -62.84
CA THR G 198 -37.39 1.57 -61.74
C THR G 198 -38.45 0.76 -61.00
N PHE G 199 -38.20 -0.53 -60.83
CA PHE G 199 -39.07 -1.35 -60.01
C PHE G 199 -38.92 -0.97 -58.54
N SER G 200 -39.99 -1.19 -57.78
CA SER G 200 -40.00 -0.92 -56.34
C SER G 200 -40.26 -2.26 -55.64
N VAL G 201 -39.19 -2.93 -55.24
CA VAL G 201 -39.28 -4.27 -54.70
C VAL G 201 -38.98 -4.25 -53.22
N GLU G 202 -39.23 -5.39 -52.56
CA GLU G 202 -38.88 -5.61 -51.16
C GLU G 202 -38.13 -6.95 -51.13
N VAL G 203 -36.82 -6.88 -51.33
CA VAL G 203 -36.00 -8.07 -51.53
C VAL G 203 -35.32 -8.44 -50.21
N HIS G 204 -35.39 -9.73 -49.87
CA HIS G 204 -34.68 -10.25 -48.70
C HIS G 204 -33.29 -10.66 -49.15
N GLU G 205 -32.42 -9.67 -49.30
CA GLU G 205 -31.04 -9.90 -49.69
C GLU G 205 -30.20 -10.21 -48.47
N LEU G 206 -29.16 -11.01 -48.67
CA LEU G 206 -28.23 -11.34 -47.59
C LEU G 206 -27.11 -10.31 -47.62
N ILE G 207 -26.87 -9.66 -46.49
CA ILE G 207 -25.81 -8.67 -46.38
C ILE G 207 -24.66 -9.31 -45.64
N GLU G 208 -23.44 -8.98 -46.09
CA GLU G 208 -22.25 -9.48 -45.42
C GLU G 208 -21.93 -8.64 -44.20
N ASP G 209 -22.19 -7.34 -44.26
CA ASP G 209 -21.90 -6.43 -43.16
C ASP G 209 -23.14 -6.31 -42.26
N ASN G 210 -23.37 -7.35 -41.48
CA ASN G 210 -24.38 -7.30 -40.44
C ASN G 210 -23.77 -6.69 -39.18
N LEU G 211 -24.53 -6.69 -38.08
CA LEU G 211 -24.02 -6.09 -36.85
C LEU G 211 -22.93 -6.96 -36.23
N LEU G 212 -23.06 -8.29 -36.35
CA LEU G 212 -22.03 -9.18 -35.82
C LEU G 212 -20.76 -9.11 -36.66
N ASN G 213 -20.86 -8.71 -37.92
CA ASN G 213 -19.69 -8.56 -38.75
C ASN G 213 -19.08 -7.17 -38.62
N ARG G 214 -19.88 -6.16 -38.25
CA ARG G 214 -19.32 -4.86 -37.93
C ARG G 214 -18.52 -4.90 -36.65
N ILE G 215 -18.95 -5.73 -35.69
CA ILE G 215 -18.22 -5.89 -34.44
C ILE G 215 -16.90 -6.63 -34.69
N PHE G 216 -16.95 -7.73 -35.44
CA PHE G 216 -15.75 -8.53 -35.65
C PHE G 216 -14.77 -7.84 -36.59
N TYR G 217 -15.23 -6.90 -37.41
CA TYR G 217 -14.27 -6.07 -38.13
C TYR G 217 -13.65 -5.03 -37.20
N ALA G 218 -14.44 -4.52 -36.26
CA ALA G 218 -13.90 -3.56 -35.30
C ALA G 218 -13.10 -4.24 -34.20
N SER G 219 -13.47 -5.46 -33.82
CA SER G 219 -12.72 -6.17 -32.77
C SER G 219 -11.36 -6.65 -33.27
N VAL G 220 -11.24 -6.91 -34.58
CA VAL G 220 -9.95 -7.24 -35.16
C VAL G 220 -9.10 -5.99 -35.35
N ARG G 221 -9.72 -4.88 -35.77
CA ARG G 221 -8.98 -3.63 -36.02
C ARG G 221 -8.40 -3.07 -34.73
N GLU G 222 -9.11 -3.23 -33.61
CA GLU G 222 -8.54 -2.85 -32.32
C GLU G 222 -7.67 -3.95 -31.71
N ALA G 223 -7.51 -5.08 -32.40
CA ALA G 223 -6.61 -6.13 -31.91
C ALA G 223 -5.28 -6.13 -32.64
N LEU G 224 -5.30 -5.95 -33.97
CA LEU G 224 -4.07 -5.88 -34.75
C LEU G 224 -3.27 -4.63 -34.42
N ARG G 225 -3.94 -3.55 -34.01
CA ARG G 225 -3.26 -2.34 -33.56
C ARG G 225 -2.53 -2.55 -32.24
N ARG G 226 -2.93 -3.53 -31.44
CA ARG G 226 -2.40 -3.69 -30.08
C ARG G 226 -1.92 -5.11 -29.85
N THR G 227 -1.42 -5.77 -30.90
CA THR G 227 -0.84 -7.09 -30.74
C THR G 227 0.66 -7.01 -30.98
N THR G 228 1.38 -7.97 -30.40
CA THR G 228 2.83 -7.95 -30.39
C THR G 228 3.48 -9.26 -30.85
N TRP G 229 2.70 -10.31 -31.08
CA TRP G 229 3.26 -11.56 -31.55
C TRP G 229 3.47 -11.51 -33.06
N GLY G 230 4.04 -12.57 -33.60
CA GLY G 230 4.22 -12.69 -35.03
C GLY G 230 3.23 -13.69 -35.61
N LEU G 231 2.54 -14.40 -34.72
CA LEU G 231 1.48 -15.32 -35.11
C LEU G 231 0.12 -14.64 -35.15
N ASN G 232 -0.15 -13.75 -34.19
CA ASN G 232 -1.42 -13.04 -34.17
C ASN G 232 -1.46 -11.95 -35.24
N ARG G 233 -0.30 -11.40 -35.61
CA ARG G 233 -0.27 -10.40 -36.67
C ARG G 233 -0.56 -11.01 -38.02
N LYS G 234 -0.18 -12.27 -38.22
CA LYS G 234 -0.51 -12.97 -39.46
C LYS G 234 -1.97 -13.39 -39.48
N LEU G 235 -2.51 -13.80 -38.32
CA LEU G 235 -3.86 -14.32 -38.28
C LEU G 235 -4.90 -13.21 -38.34
N LEU G 236 -4.66 -12.11 -37.63
CA LEU G 236 -5.57 -10.96 -37.72
C LEU G 236 -5.43 -10.23 -39.04
N GLY G 237 -4.27 -10.38 -39.70
CA GLY G 237 -4.12 -9.79 -41.02
C GLY G 237 -4.94 -10.48 -42.08
N GLU G 238 -5.15 -11.80 -41.91
CA GLU G 238 -6.04 -12.52 -42.81
C GLU G 238 -7.51 -12.30 -42.45
N LEU G 239 -7.79 -12.05 -41.17
CA LEU G 239 -9.17 -11.77 -40.77
C LEU G 239 -9.62 -10.40 -41.23
N MET G 240 -8.70 -9.43 -41.24
CA MET G 240 -9.06 -8.08 -41.69
C MET G 240 -9.24 -8.03 -43.21
N LEU G 241 -8.57 -8.92 -43.95
CA LEU G 241 -8.78 -8.96 -45.40
C LEU G 241 -10.11 -9.61 -45.74
N ALA G 242 -10.55 -10.59 -44.94
CA ALA G 242 -11.85 -11.22 -45.19
C ALA G 242 -13.00 -10.27 -44.90
N PHE G 243 -12.79 -9.33 -43.99
CA PHE G 243 -13.80 -8.33 -43.63
C PHE G 243 -13.55 -7.00 -44.32
N ASP G 244 -13.08 -7.01 -45.56
CA ASP G 244 -12.64 -5.78 -46.21
C ASP G 244 -13.79 -4.90 -46.66
N GLY G 245 -14.90 -5.50 -47.10
CA GLY G 245 -16.03 -4.73 -47.59
C GLY G 245 -16.91 -4.13 -46.52
N ILE G 246 -16.72 -4.52 -45.27
CA ILE G 246 -17.57 -4.08 -44.17
C ILE G 246 -17.18 -2.68 -43.76
N THR G 247 -18.17 -1.80 -43.61
CA THR G 247 -17.92 -0.46 -43.09
C THR G 247 -17.60 -0.54 -41.61
N PRO G 248 -16.52 0.10 -41.15
CA PRO G 248 -16.14 -0.02 -39.74
C PRO G 248 -17.03 0.80 -38.83
N ILE G 249 -17.01 0.44 -37.55
CA ILE G 249 -17.76 1.12 -36.52
C ILE G 249 -16.82 1.41 -35.35
N HIS G 250 -17.23 2.35 -34.51
CA HIS G 250 -16.60 2.54 -33.21
C HIS G 250 -17.29 1.64 -32.20
N LEU G 251 -16.50 0.80 -31.53
CA LEU G 251 -17.07 -0.15 -30.59
C LEU G 251 -17.57 0.55 -29.34
N ARG G 252 -18.68 0.06 -28.81
CA ARG G 252 -19.27 0.58 -27.58
C ARG G 252 -19.72 -0.61 -26.75
N THR G 253 -20.53 -0.36 -25.73
CA THR G 253 -21.17 -1.44 -24.99
C THR G 253 -22.60 -1.69 -25.49
N GLU G 254 -23.15 -0.72 -26.22
CA GLU G 254 -24.46 -0.88 -26.84
C GLU G 254 -24.41 -1.84 -28.02
N HIS G 255 -23.28 -1.89 -28.73
CA HIS G 255 -23.14 -2.81 -29.86
C HIS G 255 -23.08 -4.26 -29.42
N PHE G 256 -22.39 -4.53 -28.30
CA PHE G 256 -22.29 -5.90 -27.80
C PHE G 256 -23.57 -6.38 -27.15
N GLU G 257 -24.53 -5.50 -26.90
CA GLU G 257 -25.83 -5.87 -26.36
C GLU G 257 -26.91 -5.99 -27.43
N ARG G 258 -26.77 -5.25 -28.53
CA ARG G 258 -27.83 -5.19 -29.54
C ARG G 258 -27.93 -6.48 -30.36
N VAL G 259 -26.88 -7.30 -30.38
CA VAL G 259 -26.94 -8.56 -31.11
C VAL G 259 -27.47 -9.65 -30.17
N HIS G 260 -28.24 -10.57 -30.75
CA HIS G 260 -28.77 -11.70 -30.02
C HIS G 260 -28.37 -12.98 -30.73
N PHE G 261 -28.17 -14.04 -29.95
CA PHE G 261 -27.65 -15.29 -30.47
C PHE G 261 -28.81 -16.24 -30.76
N THR G 262 -29.20 -16.29 -32.03
CA THR G 262 -30.21 -17.21 -32.52
C THR G 262 -29.52 -18.48 -32.99
N ARG G 263 -30.22 -19.34 -33.72
CA ARG G 263 -29.63 -20.58 -34.21
C ARG G 263 -28.79 -20.38 -35.46
N LEU G 264 -28.95 -19.27 -36.19
CA LEU G 264 -28.25 -19.08 -37.44
C LEU G 264 -26.90 -18.40 -37.28
N ASN G 265 -26.60 -17.86 -36.09
CA ASN G 265 -25.27 -17.38 -35.78
C ASN G 265 -24.82 -17.88 -34.42
N GLU G 266 -25.23 -19.10 -34.05
CA GLU G 266 -24.85 -19.66 -32.76
C GLU G 266 -23.40 -20.12 -32.75
N ARG G 267 -22.85 -20.48 -33.92
CA ARG G 267 -21.46 -20.90 -33.99
C ARG G 267 -20.49 -19.75 -33.81
N PHE G 268 -20.95 -18.50 -33.90
CA PHE G 268 -20.15 -17.34 -33.57
C PHE G 268 -20.29 -16.92 -32.11
N ARG G 269 -20.69 -17.83 -31.23
CA ARG G 269 -20.76 -17.48 -29.81
C ARG G 269 -19.38 -17.47 -29.18
N ARG G 270 -18.54 -18.45 -29.52
CA ARG G 270 -17.18 -18.56 -29.00
C ARG G 270 -16.26 -17.38 -29.35
N PRO G 271 -16.26 -16.80 -30.59
CA PRO G 271 -15.39 -15.63 -30.77
C PRO G 271 -15.98 -14.35 -30.18
N PHE G 272 -17.31 -14.27 -30.08
CA PHE G 272 -17.94 -13.04 -29.63
C PHE G 272 -17.79 -12.82 -28.13
N GLU G 273 -17.91 -13.90 -27.33
CA GLU G 273 -17.74 -13.76 -25.90
C GLU G 273 -16.30 -13.41 -25.54
N LEU G 274 -15.34 -13.90 -26.34
CA LEU G 274 -13.96 -13.48 -26.16
C LEU G 274 -13.72 -12.08 -26.71
N ALA G 275 -14.52 -11.66 -27.70
CA ALA G 275 -14.43 -10.28 -28.15
C ALA G 275 -15.11 -9.32 -27.18
N LYS G 276 -16.07 -9.80 -26.41
CA LYS G 276 -16.67 -9.00 -25.34
C LYS G 276 -15.80 -8.99 -24.09
N LEU G 277 -15.02 -10.05 -23.88
CA LEU G 277 -14.12 -10.14 -22.74
C LEU G 277 -12.92 -9.20 -22.89
N LEU G 278 -12.54 -8.87 -24.12
CA LEU G 278 -11.37 -8.04 -24.36
C LEU G 278 -11.69 -6.63 -24.83
N PHE G 279 -12.88 -6.37 -25.35
CA PHE G 279 -13.22 -5.07 -25.90
C PHE G 279 -14.58 -4.64 -25.39
N MET G 280 -14.77 -3.32 -25.35
CA MET G 280 -16.04 -2.75 -24.89
C MET G 280 -16.23 -1.35 -25.46
N GLU G 290 -7.46 3.30 -24.21
CA GLU G 290 -7.64 3.26 -22.76
C GLU G 290 -7.18 1.93 -22.19
N VAL G 291 -8.02 1.33 -21.33
CA VAL G 291 -7.67 0.07 -20.71
C VAL G 291 -8.01 -1.07 -21.66
N SER G 292 -7.42 -2.24 -21.42
CA SER G 292 -7.83 -3.47 -22.09
C SER G 292 -7.57 -4.64 -21.16
N GLY G 293 -8.37 -5.69 -21.33
CA GLY G 293 -8.25 -6.88 -20.52
C GLY G 293 -9.35 -6.96 -19.47
N PHE G 294 -9.14 -7.84 -18.50
CA PHE G 294 -10.12 -8.06 -17.44
C PHE G 294 -9.39 -8.60 -16.22
N PHE G 295 -10.04 -8.48 -15.07
CA PHE G 295 -9.51 -9.02 -13.83
C PHE G 295 -10.63 -9.72 -13.06
N VAL G 296 -10.27 -10.76 -12.34
CA VAL G 296 -11.20 -11.52 -11.49
C VAL G 296 -10.51 -11.85 -10.18
N ASP G 297 -11.33 -12.06 -9.15
CA ASP G 297 -10.82 -12.39 -7.83
C ASP G 297 -10.34 -13.83 -7.80
N MET G 298 -9.15 -14.05 -7.22
CA MET G 298 -8.58 -15.39 -7.18
C MET G 298 -9.32 -16.29 -6.19
N ASN G 299 -10.02 -15.71 -5.22
CA ASN G 299 -10.78 -16.51 -4.26
C ASN G 299 -12.02 -17.12 -4.92
N LYS G 300 -12.75 -16.33 -5.70
CA LYS G 300 -13.96 -16.85 -6.35
C LYS G 300 -13.61 -17.80 -7.49
N LEU G 301 -12.51 -17.54 -8.20
CA LEU G 301 -12.12 -18.39 -9.32
C LEU G 301 -11.72 -19.77 -8.83
N PHE G 302 -11.12 -19.87 -7.65
CA PHE G 302 -10.93 -21.17 -7.02
C PHE G 302 -12.25 -21.70 -6.45
N GLU G 303 -13.13 -20.81 -5.99
CA GLU G 303 -14.45 -21.26 -5.51
C GLU G 303 -15.29 -21.79 -6.66
N ARG G 304 -15.11 -21.24 -7.86
CA ARG G 304 -15.79 -21.78 -9.03
C ARG G 304 -15.09 -23.02 -9.57
N PHE G 305 -13.76 -23.08 -9.48
CA PHE G 305 -13.03 -24.21 -10.03
C PHE G 305 -13.23 -25.47 -9.19
N ILE G 306 -13.37 -25.31 -7.87
CA ILE G 306 -13.59 -26.48 -7.03
C ILE G 306 -15.00 -27.00 -7.25
N GLU G 307 -15.93 -26.14 -7.65
CA GLU G 307 -17.33 -26.54 -7.86
C GLU G 307 -17.46 -27.46 -9.06
N ARG G 308 -16.59 -27.30 -10.05
CA ARG G 308 -16.55 -28.25 -11.16
C ARG G 308 -16.02 -29.60 -10.69
N VAL G 309 -15.10 -29.59 -9.73
CA VAL G 309 -14.47 -30.83 -9.28
C VAL G 309 -15.42 -31.60 -8.35
N LEU G 310 -16.17 -30.89 -7.51
CA LEU G 310 -16.98 -31.54 -6.49
C LEU G 310 -18.18 -32.27 -7.09
N VAL G 311 -18.95 -31.60 -7.95
CA VAL G 311 -20.17 -32.18 -8.50
C VAL G 311 -19.85 -33.35 -9.42
N ARG G 312 -18.68 -33.30 -10.08
CA ARG G 312 -18.25 -34.45 -10.86
C ARG G 312 -17.82 -35.61 -9.95
N ASN G 313 -17.13 -35.27 -8.86
CA ASN G 313 -16.59 -36.24 -7.92
C ASN G 313 -17.48 -36.65 -6.73
N LEU G 314 -18.72 -36.18 -6.70
CA LEU G 314 -19.60 -36.53 -5.59
C LEU G 314 -20.95 -37.10 -6.03
N PRO G 315 -20.93 -38.33 -6.56
CA PRO G 315 -22.10 -39.06 -7.06
C PRO G 315 -23.15 -39.38 -6.00
N PRO G 316 -22.71 -39.78 -4.80
CA PRO G 316 -23.62 -40.14 -3.71
C PRO G 316 -24.50 -38.97 -3.26
N GLU G 317 -23.92 -37.79 -3.14
CA GLU G 317 -24.66 -36.62 -2.70
C GLU G 317 -24.59 -35.45 -3.67
N TYR G 318 -25.74 -34.87 -3.98
CA TYR G 318 -25.80 -33.71 -4.88
C TYR G 318 -25.28 -32.48 -4.15
N LYS G 319 -24.55 -31.63 -4.86
CA LYS G 319 -23.99 -30.44 -4.25
C LYS G 319 -24.40 -29.14 -4.95
N LEU G 320 -24.85 -28.16 -4.17
CA LEU G 320 -25.24 -26.87 -4.70
C LEU G 320 -24.31 -25.84 -4.13
N PHE G 321 -23.88 -24.93 -5.01
CA PHE G 321 -23.00 -23.84 -4.62
C PHE G 321 -23.87 -22.63 -4.23
N TYR G 322 -23.33 -21.80 -3.36
CA TYR G 322 -23.96 -20.56 -2.89
C TYR G 322 -25.32 -20.66 -2.15
N GLN G 323 -25.55 -21.75 -1.44
CA GLN G 323 -26.78 -21.88 -0.65
C GLN G 323 -26.60 -20.92 0.52
N GLU G 324 -27.66 -20.23 0.96
CA GLU G 324 -27.41 -19.30 2.05
C GLU G 324 -28.34 -19.58 3.22
N SER G 325 -27.78 -19.50 4.43
CA SER G 325 -28.55 -19.49 5.67
C SER G 325 -28.18 -18.23 6.45
N TYR G 326 -29.19 -17.52 6.94
CA TYR G 326 -28.97 -16.18 7.50
C TYR G 326 -28.86 -16.28 9.01
N PRO G 327 -27.74 -15.84 9.61
CA PRO G 327 -27.68 -15.72 11.07
C PRO G 327 -28.23 -14.39 11.53
N PHE G 328 -28.79 -14.40 12.75
CA PHE G 328 -29.39 -13.24 13.43
C PHE G 328 -30.47 -12.54 12.59
N SER G 335 -27.30 -9.36 7.07
CA SER G 335 -26.13 -10.08 7.55
C SER G 335 -26.31 -11.59 7.40
N SER G 336 -25.99 -12.10 6.22
CA SER G 336 -26.11 -13.52 5.91
C SER G 336 -24.71 -14.08 5.60
N GLN G 337 -24.31 -15.08 6.36
CA GLN G 337 -23.06 -15.79 6.15
C GLN G 337 -23.34 -17.09 5.41
N LYS G 338 -22.92 -17.17 4.16
CA LYS G 338 -23.25 -18.28 3.30
C LYS G 338 -22.01 -19.08 2.96
N PRO G 339 -22.13 -20.41 2.93
CA PRO G 339 -20.98 -21.24 2.52
C PRO G 339 -20.73 -21.12 1.03
N ASP G 340 -19.47 -21.39 0.64
CA ASP G 340 -19.13 -21.44 -0.78
C ASP G 340 -19.83 -22.59 -1.48
N TYR G 341 -19.90 -23.75 -0.82
CA TYR G 341 -20.59 -24.91 -1.35
C TYR G 341 -21.10 -25.77 -0.21
N VAL G 342 -22.27 -26.38 -0.39
CA VAL G 342 -22.81 -27.35 0.54
C VAL G 342 -23.29 -28.56 -0.26
N VAL G 343 -23.00 -29.76 0.22
CA VAL G 343 -23.48 -30.99 -0.40
C VAL G 343 -24.47 -31.67 0.55
N ARG G 344 -25.63 -32.04 0.01
CA ARG G 344 -26.66 -32.72 0.77
C ARG G 344 -27.30 -33.77 -0.12
N LYS G 345 -27.42 -34.99 0.41
CA LYS G 345 -28.11 -36.08 -0.28
C LYS G 345 -29.59 -35.99 0.07
N GLY G 346 -30.39 -35.51 -0.86
CA GLY G 346 -31.73 -35.11 -0.50
C GLY G 346 -31.68 -33.85 0.34
N ASN G 347 -31.90 -34.00 1.64
CA ASN G 347 -31.80 -32.89 2.57
C ASN G 347 -31.12 -33.23 3.89
N THR G 348 -30.93 -34.51 4.21
CA THR G 348 -30.52 -34.89 5.55
C THR G 348 -29.04 -34.65 5.87
N PRO G 349 -28.03 -35.07 5.09
CA PRO G 349 -26.66 -34.80 5.52
C PRO G 349 -26.23 -33.37 5.22
N VAL G 350 -25.59 -32.74 6.19
CA VAL G 350 -25.12 -31.37 6.06
C VAL G 350 -23.59 -31.44 6.09
N VAL G 351 -22.98 -31.43 4.92
CA VAL G 351 -21.53 -31.50 4.78
C VAL G 351 -21.10 -30.21 4.09
N VAL G 352 -20.65 -29.24 4.88
CA VAL G 352 -20.35 -27.89 4.39
C VAL G 352 -18.96 -27.90 3.77
N LEU G 353 -18.83 -27.32 2.57
CA LEU G 353 -17.54 -27.25 1.89
C LEU G 353 -17.24 -25.81 1.49
N ASP G 354 -16.40 -25.14 2.28
CA ASP G 354 -16.07 -23.73 2.07
C ASP G 354 -14.68 -23.63 1.46
N ALA G 355 -14.61 -23.13 0.23
CA ALA G 355 -13.37 -23.05 -0.52
C ALA G 355 -12.58 -21.82 -0.11
N LYS G 356 -11.34 -22.03 0.31
CA LYS G 356 -10.45 -20.94 0.72
C LYS G 356 -9.15 -21.01 -0.06
N TYR G 357 -8.71 -19.84 -0.54
CA TYR G 357 -7.47 -19.70 -1.28
C TYR G 357 -6.26 -19.53 -0.36
N ARG G 358 -6.43 -19.65 0.94
CA ARG G 358 -5.36 -19.37 1.88
C ARG G 358 -4.32 -20.49 1.85
N GLU G 359 -3.09 -20.12 2.23
CA GLU G 359 -1.96 -21.03 2.14
C GLU G 359 -2.03 -22.12 3.22
N LEU G 360 -2.69 -21.80 4.34
CA LEU G 360 -2.84 -22.69 5.51
C LEU G 360 -1.47 -23.10 6.06
N LYS G 361 -0.75 -22.11 6.59
CA LYS G 361 0.59 -22.33 7.13
C LYS G 361 0.54 -23.11 8.43
N GLU G 362 1.63 -23.84 8.71
CA GLU G 362 1.87 -24.59 9.94
C GLU G 362 0.83 -25.69 10.18
N ARG G 363 0.22 -26.19 9.09
CA ARG G 363 -0.71 -27.32 9.09
C ARG G 363 -1.92 -27.11 10.00
N ILE G 364 -2.37 -25.86 10.14
CA ILE G 364 -3.50 -25.54 11.01
C ILE G 364 -4.24 -24.38 10.34
N PRO G 365 -5.58 -24.31 10.44
CA PRO G 365 -6.27 -23.12 9.92
C PRO G 365 -6.07 -21.92 10.83
N SER G 366 -6.21 -20.74 10.23
CA SER G 366 -5.98 -19.48 10.92
C SER G 366 -7.20 -19.08 11.75
N SER G 367 -7.12 -17.87 12.33
CA SER G 367 -8.22 -17.37 13.14
C SER G 367 -9.42 -16.99 12.29
N ASP G 368 -9.19 -16.35 11.14
CA ASP G 368 -10.29 -15.93 10.29
C ASP G 368 -10.94 -17.12 9.60
N MET G 369 -10.18 -18.17 9.33
CA MET G 369 -10.73 -19.33 8.64
C MET G 369 -11.61 -20.17 9.55
N LEU G 370 -11.07 -20.59 10.70
CA LEU G 370 -11.77 -21.54 11.56
C LEU G 370 -12.97 -20.90 12.27
N ARG G 371 -12.95 -19.57 12.43
CA ARG G 371 -14.11 -18.89 12.99
C ARG G 371 -15.30 -18.95 12.04
N GLN G 372 -15.04 -18.88 10.73
CA GLN G 372 -16.13 -19.01 9.75
C GLN G 372 -16.54 -20.46 9.57
N LEU G 373 -15.63 -21.39 9.82
CA LEU G 373 -15.97 -22.80 9.70
C LEU G 373 -16.90 -23.26 10.82
N TYR G 374 -16.78 -22.59 11.97
CA TYR G 374 -17.61 -22.91 13.13
C TYR G 374 -19.05 -22.47 12.92
N VAL G 375 -19.24 -21.32 12.28
CA VAL G 375 -20.57 -20.79 12.02
C VAL G 375 -21.27 -21.60 10.93
N TYR G 376 -20.51 -21.98 9.89
CA TYR G 376 -21.11 -22.69 8.76
C TYR G 376 -21.57 -24.09 9.13
N SER G 377 -20.94 -24.69 10.14
CA SER G 377 -21.35 -26.02 10.58
C SER G 377 -22.53 -25.94 11.53
N ARG G 378 -22.55 -24.93 12.41
CA ARG G 378 -23.55 -24.88 13.47
C ARG G 378 -24.93 -24.53 12.95
N ILE G 379 -25.01 -23.65 11.95
CA ILE G 379 -26.30 -23.20 11.45
C ILE G 379 -26.70 -24.06 10.27
N TRP G 380 -25.90 -25.09 9.98
CA TRP G 380 -26.28 -26.10 8.99
C TRP G 380 -26.28 -27.49 9.61
N PRO G 393 -24.40 -30.89 14.38
CA PRO G 393 -24.12 -32.23 13.85
C PRO G 393 -23.80 -32.20 12.36
N ALA G 394 -23.01 -31.22 11.94
CA ALA G 394 -22.67 -31.04 10.53
C ALA G 394 -21.15 -30.99 10.38
N VAL G 395 -20.61 -31.96 9.63
CA VAL G 395 -19.18 -31.95 9.34
C VAL G 395 -18.88 -30.87 8.31
N ILE G 396 -17.65 -30.37 8.30
CA ILE G 396 -17.25 -29.32 7.37
C ILE G 396 -15.85 -29.61 6.83
N VAL G 397 -15.71 -29.50 5.51
CA VAL G 397 -14.46 -29.79 4.80
C VAL G 397 -13.99 -28.51 4.13
N ILE G 398 -12.70 -28.20 4.26
CA ILE G 398 -12.13 -27.02 3.62
C ILE G 398 -11.16 -27.49 2.54
N PRO G 399 -11.41 -27.18 1.26
CA PRO G 399 -10.42 -27.47 0.22
C PRO G 399 -9.40 -26.36 0.06
N SER G 400 -8.15 -26.76 -0.11
CA SER G 400 -7.03 -25.82 -0.24
C SER G 400 -6.15 -26.23 -1.41
N SER G 401 -5.41 -25.25 -1.93
CA SER G 401 -4.53 -25.50 -3.07
C SER G 401 -3.28 -26.25 -2.63
N SER G 402 -2.69 -26.98 -3.59
CA SER G 402 -1.50 -27.78 -3.29
C SER G 402 -0.67 -27.97 -4.55
N THR G 403 0.56 -27.45 -4.52
CA THR G 403 1.56 -27.62 -5.58
C THR G 403 2.93 -27.57 -4.92
N TYR G 404 3.95 -27.38 -5.76
CA TYR G 404 5.30 -27.19 -5.25
C TYR G 404 5.44 -25.84 -4.56
N ASN G 405 4.81 -24.81 -5.09
CA ASN G 405 4.93 -23.47 -4.51
C ASN G 405 4.11 -23.34 -3.23
N GLN G 406 2.85 -23.76 -3.28
CA GLN G 406 1.98 -23.67 -2.12
C GLN G 406 2.32 -24.77 -1.11
N GLY G 407 1.78 -24.60 0.11
CA GLY G 407 1.99 -25.56 1.16
C GLY G 407 1.33 -26.89 0.87
N LEU G 408 2.08 -27.98 0.98
CA LEU G 408 1.58 -29.29 0.63
C LEU G 408 1.49 -30.18 1.87
N PRO G 409 0.32 -30.75 2.17
CA PRO G 409 0.23 -31.74 3.23
C PRO G 409 0.43 -33.16 2.70
N ASP G 410 0.17 -34.16 3.54
CA ASP G 410 0.25 -35.55 3.09
C ASP G 410 -0.91 -35.88 2.15
N LYS G 411 -0.81 -37.04 1.51
CA LYS G 411 -1.76 -37.51 0.50
C LYS G 411 -3.19 -37.73 1.00
N PRO G 412 -3.47 -38.39 2.17
CA PRO G 412 -4.88 -38.50 2.60
C PRO G 412 -5.43 -37.21 3.20
N LEU G 413 -6.63 -37.29 3.77
CA LEU G 413 -7.22 -36.18 4.52
C LEU G 413 -6.31 -35.81 5.69
N GLU G 414 -5.76 -34.59 5.65
CA GLU G 414 -4.59 -34.28 6.45
C GLU G 414 -4.92 -33.95 7.90
N PHE G 415 -5.97 -33.19 8.16
CA PHE G 415 -6.19 -32.64 9.49
C PHE G 415 -7.63 -32.84 9.91
N GLU G 416 -7.84 -33.66 10.93
CA GLU G 416 -9.14 -33.81 11.57
C GLU G 416 -9.17 -32.95 12.82
N PHE G 417 -10.26 -32.19 12.98
CA PHE G 417 -10.37 -31.25 14.08
C PHE G 417 -11.77 -31.33 14.67
N PHE G 418 -11.85 -31.15 15.99
CA PHE G 418 -13.11 -31.04 16.70
C PHE G 418 -13.10 -29.74 17.49
N ASP G 419 -14.19 -28.98 17.40
CA ASP G 419 -14.28 -27.66 18.02
C ASP G 419 -15.04 -27.70 19.33
N GLU G 420 -14.87 -28.78 20.11
CA GLU G 420 -15.47 -29.01 21.42
C GLU G 420 -17.00 -29.02 21.39
N ARG G 421 -17.58 -29.35 20.23
CA ARG G 421 -19.03 -29.49 20.09
C ARG G 421 -19.35 -30.67 19.18
N LYS G 422 -18.50 -31.71 19.25
CA LYS G 422 -18.56 -32.91 18.40
C LYS G 422 -18.50 -32.58 16.91
N LEU G 423 -17.76 -31.53 16.56
CA LEU G 423 -17.60 -31.17 15.16
C LEU G 423 -16.49 -32.02 14.52
N PHE G 424 -16.44 -31.97 13.20
CA PHE G 424 -15.49 -32.77 12.42
C PHE G 424 -15.00 -31.91 11.25
N ILE G 425 -13.91 -31.18 11.48
CA ILE G 425 -13.32 -30.31 10.46
C ILE G 425 -12.22 -31.07 9.76
N VAL G 426 -12.37 -31.26 8.45
CA VAL G 426 -11.44 -32.04 7.64
C VAL G 426 -10.76 -31.09 6.66
N ALA G 427 -9.43 -31.09 6.66
CA ALA G 427 -8.66 -30.24 5.75
C ALA G 427 -8.27 -31.07 4.53
N TYR G 428 -9.04 -30.93 3.46
CA TYR G 428 -8.74 -31.62 2.21
C TYR G 428 -7.90 -30.73 1.31
N ASN G 429 -7.05 -31.37 0.51
CA ASN G 429 -6.15 -30.66 -0.38
C ASN G 429 -6.20 -31.29 -1.77
N MET G 430 -6.47 -30.46 -2.78
CA MET G 430 -6.51 -30.89 -4.16
C MET G 430 -5.17 -30.61 -4.82
N ASP G 431 -4.50 -31.66 -5.28
CA ASP G 431 -3.28 -31.49 -6.05
C ASP G 431 -3.63 -30.97 -7.44
N TYR G 432 -2.65 -30.31 -8.07
CA TYR G 432 -2.87 -29.64 -9.35
C TYR G 432 -2.00 -30.23 -10.44
N VAL G 433 -2.58 -31.19 -11.15
CA VAL G 433 -2.09 -31.59 -12.46
C VAL G 433 -2.69 -30.77 -13.58
N LYS G 434 -3.34 -29.65 -13.26
CA LYS G 434 -3.92 -28.76 -14.26
C LYS G 434 -2.87 -28.00 -15.05
N THR G 435 -1.62 -27.97 -14.59
CA THR G 435 -0.54 -27.44 -15.42
C THR G 435 -0.31 -28.34 -16.63
N GLY G 436 -0.48 -29.65 -16.45
CA GLY G 436 -0.59 -30.57 -17.57
C GLY G 436 -2.02 -30.64 -18.09
N ALA G 437 -2.24 -31.61 -18.97
CA ALA G 437 -3.54 -31.79 -19.61
C ALA G 437 -4.29 -33.01 -19.10
N ILE G 438 -3.71 -33.79 -18.19
CA ILE G 438 -4.30 -35.02 -17.68
C ILE G 438 -4.79 -34.75 -16.27
N PHE G 439 -5.93 -35.36 -15.90
CA PHE G 439 -6.53 -35.17 -14.58
C PHE G 439 -6.25 -36.39 -13.70
N LYS G 440 -4.99 -36.50 -13.25
CA LYS G 440 -4.60 -37.58 -12.37
C LYS G 440 -5.03 -37.30 -10.92
N ALA G 441 -5.04 -36.03 -10.52
CA ALA G 441 -5.30 -35.69 -9.12
C ALA G 441 -6.79 -35.78 -8.79
N ASP G 442 -7.65 -35.77 -9.80
CA ASP G 442 -9.09 -35.93 -9.61
C ASP G 442 -9.42 -37.31 -9.05
N LYS G 443 -8.63 -38.31 -9.43
CA LYS G 443 -8.80 -39.64 -8.85
C LYS G 443 -8.33 -39.68 -7.40
N ASN G 444 -7.28 -38.92 -7.09
CA ASN G 444 -6.81 -38.85 -5.71
C ASN G 444 -7.75 -38.00 -4.85
N PHE G 445 -8.38 -36.99 -5.45
CA PHE G 445 -9.35 -36.19 -4.72
C PHE G 445 -10.64 -36.98 -4.48
N ARG G 446 -10.98 -37.88 -5.41
CA ARG G 446 -12.16 -38.72 -5.23
C ARG G 446 -11.93 -39.77 -4.15
N ARG G 447 -10.71 -40.32 -4.08
CA ARG G 447 -10.41 -41.35 -3.08
C ARG G 447 -10.38 -40.77 -1.67
N SER G 448 -9.88 -39.53 -1.52
CA SER G 448 -9.90 -38.89 -0.21
C SER G 448 -11.30 -38.46 0.17
N LEU G 449 -12.13 -38.08 -0.80
CA LEU G 449 -13.51 -37.70 -0.51
C LEU G 449 -14.38 -38.92 -0.21
N ASN G 450 -14.06 -40.07 -0.80
CA ASN G 450 -14.81 -41.29 -0.52
C ASN G 450 -14.55 -41.78 0.91
N ASN G 451 -13.36 -41.53 1.44
CA ASN G 451 -13.10 -41.81 2.86
C ASN G 451 -13.74 -40.74 3.74
N ILE G 452 -13.97 -39.54 3.20
CA ILE G 452 -14.59 -38.48 3.98
C ILE G 452 -16.11 -38.63 3.97
N ILE G 453 -16.67 -39.13 2.87
CA ILE G 453 -18.11 -39.33 2.76
C ILE G 453 -18.53 -40.59 3.51
N LYS H 10 52.18 30.79 13.38
CA LYS H 10 52.80 32.07 13.05
C LYS H 10 51.87 33.23 13.38
N GLU H 11 50.63 33.15 12.88
CA GLU H 11 49.64 34.19 13.15
C GLU H 11 48.89 33.97 14.45
N ASP H 12 48.96 32.76 15.02
CA ASP H 12 48.36 32.53 16.34
C ASP H 12 49.20 33.15 17.45
N TYR H 13 50.49 33.36 17.21
CA TYR H 13 51.36 33.96 18.22
C TYR H 13 51.12 35.46 18.39
N PHE H 14 50.38 36.10 17.48
CA PHE H 14 49.94 37.47 17.68
C PHE H 14 48.59 37.56 18.37
N ARG H 15 47.93 36.42 18.61
CA ARG H 15 46.68 36.36 19.36
C ARG H 15 46.88 35.92 20.80
N VAL H 16 47.81 34.97 21.04
CA VAL H 16 48.12 34.55 22.39
C VAL H 16 48.82 35.68 23.16
N ASP H 17 49.68 36.43 22.47
CA ASP H 17 50.43 37.51 23.12
C ASP H 17 49.52 38.67 23.52
N MET H 18 48.41 38.85 22.80
CA MET H 18 47.44 39.87 23.20
C MET H 18 46.61 39.41 24.39
N LEU H 19 46.12 38.17 24.35
CA LEU H 19 45.19 37.68 25.35
C LEU H 19 45.87 37.33 26.67
N LEU H 20 47.18 37.11 26.65
CA LEU H 20 47.92 36.84 27.88
C LEU H 20 48.25 38.09 28.68
N ASN H 21 47.76 39.26 28.27
CA ASN H 21 47.91 40.50 29.02
C ASN H 21 46.60 41.02 29.59
N LYS H 22 45.48 40.80 28.91
CA LYS H 22 44.20 41.27 29.41
C LYS H 22 43.45 40.22 30.22
N LYS H 23 43.90 38.97 30.19
CA LYS H 23 43.34 37.92 31.04
C LYS H 23 44.37 37.34 32.00
N GLY H 24 45.52 36.91 31.49
CA GLY H 24 46.58 36.35 32.29
C GLY H 24 46.81 34.87 32.04
N GLN H 25 45.84 34.17 31.45
CA GLN H 25 46.00 32.76 31.13
C GLN H 25 45.18 32.46 29.88
N VAL H 26 45.61 31.44 29.14
CA VAL H 26 44.94 31.02 27.91
C VAL H 26 44.84 29.50 27.90
N ILE H 27 43.80 29.00 27.26
CA ILE H 27 43.67 27.58 26.93
C ILE H 27 43.56 27.47 25.42
N LEU H 28 44.49 26.73 24.81
CA LEU H 28 44.48 26.52 23.36
C LEU H 28 43.72 25.24 23.10
N TYR H 29 42.40 25.34 23.01
CA TYR H 29 41.58 24.17 22.74
C TYR H 29 41.43 23.97 21.23
N GLY H 30 41.24 22.72 20.85
CA GLY H 30 41.08 22.38 19.46
C GLY H 30 41.05 20.87 19.27
N PRO H 31 40.73 20.43 18.05
CA PRO H 31 40.68 18.98 17.77
C PRO H 31 42.08 18.39 17.81
N PRO H 32 42.19 17.07 18.07
CA PRO H 32 43.52 16.50 18.30
C PRO H 32 44.37 16.45 17.03
N GLY H 33 45.66 16.70 17.20
CA GLY H 33 46.57 16.73 16.09
C GLY H 33 46.47 18.02 15.29
N THR H 34 46.42 19.14 15.98
CA THR H 34 46.32 20.45 15.35
C THR H 34 47.58 21.29 15.50
N GLY H 35 48.18 21.27 16.69
CA GLY H 35 49.35 22.09 16.92
C GLY H 35 49.33 22.72 18.29
N LYS H 36 48.29 22.38 19.08
CA LYS H 36 48.01 22.95 20.39
C LYS H 36 49.19 22.88 21.35
N THR H 37 49.83 21.71 21.42
CA THR H 37 51.06 21.60 22.19
C THR H 37 52.20 22.34 21.51
N TRP H 38 52.27 22.25 20.17
CA TRP H 38 53.40 22.84 19.46
C TRP H 38 53.30 24.36 19.37
N ILE H 39 52.08 24.90 19.30
CA ILE H 39 51.92 26.35 19.32
C ILE H 39 52.28 26.89 20.70
N ALA H 40 51.85 26.19 21.76
CA ALA H 40 52.19 26.61 23.11
C ALA H 40 53.68 26.47 23.39
N ARG H 41 54.32 25.43 22.82
CA ARG H 41 55.76 25.26 23.04
C ARG H 41 56.56 26.29 22.25
N LYS H 42 56.16 26.59 21.01
CA LYS H 42 56.95 27.49 20.18
C LYS H 42 56.77 28.94 20.59
N TYR H 43 55.61 29.30 21.11
CA TYR H 43 55.37 30.69 21.55
C TYR H 43 56.20 31.01 22.79
N VAL H 44 56.36 30.05 23.69
CA VAL H 44 57.13 30.29 24.90
C VAL H 44 58.63 30.33 24.60
N VAL H 45 59.09 29.46 23.70
CA VAL H 45 60.50 29.45 23.31
C VAL H 45 60.84 30.71 22.50
N GLU H 46 59.91 31.20 21.68
CA GLU H 46 60.17 32.42 20.93
C GLU H 46 60.11 33.67 21.81
N GLU H 47 59.54 33.58 23.01
CA GLU H 47 59.42 34.71 23.91
C GLU H 47 60.50 34.77 24.97
N THR H 48 60.84 33.63 25.59
CA THR H 48 61.78 33.59 26.70
C THR H 48 63.15 33.03 26.33
N ASN H 49 63.37 32.70 25.05
CA ASN H 49 64.57 32.10 24.45
C ASN H 49 65.21 30.97 25.25
N GLU H 50 64.39 30.16 25.90
CA GLU H 50 64.82 28.96 26.62
C GLU H 50 64.33 27.75 25.83
N LYS H 51 65.25 27.08 25.13
CA LYS H 51 64.89 25.94 24.30
C LYS H 51 64.47 24.72 25.13
N THR H 52 64.94 24.62 26.37
CA THR H 52 64.65 23.54 27.28
C THR H 52 63.70 23.99 28.37
N PRO H 53 62.92 23.08 28.96
CA PRO H 53 62.17 23.43 30.17
C PRO H 53 63.12 23.62 31.36
N GLY H 54 62.56 24.12 32.45
CA GLY H 54 63.41 24.48 33.56
C GLY H 54 63.25 25.91 34.03
N ASN H 55 64.24 26.75 33.74
CA ASN H 55 64.42 28.07 34.36
C ASN H 55 63.25 29.03 34.18
N LYS H 56 62.96 29.45 32.95
CA LYS H 56 61.95 30.48 32.77
C LYS H 56 60.56 29.92 32.42
N TRP H 57 60.44 28.62 32.22
CA TRP H 57 59.14 28.00 31.96
C TRP H 57 59.20 26.54 32.35
N GLU H 58 58.02 25.94 32.51
CA GLU H 58 57.92 24.56 32.95
C GLU H 58 56.75 23.88 32.23
N PHE H 59 57.00 22.68 31.73
CA PHE H 59 55.99 21.89 31.03
C PHE H 59 55.44 20.83 31.97
N ILE H 60 54.13 20.63 31.92
CA ILE H 60 53.45 19.70 32.82
C ILE H 60 52.18 19.19 32.16
N THR H 61 51.97 17.87 32.23
CA THR H 61 50.71 17.27 31.80
C THR H 61 49.81 17.01 33.00
N PHE H 62 48.53 16.82 32.72
CA PHE H 62 47.55 16.45 33.73
C PHE H 62 46.98 15.08 33.39
N HIS H 63 46.38 14.45 34.40
CA HIS H 63 45.72 13.17 34.22
C HIS H 63 44.62 13.04 35.27
N GLN H 64 43.89 11.93 35.22
CA GLN H 64 42.71 11.75 36.06
C GLN H 64 43.06 11.59 37.52
N SER H 65 44.21 11.01 37.82
CA SER H 65 44.64 10.79 39.20
C SER H 65 45.77 11.74 39.57
N TYR H 66 45.74 12.95 39.05
CA TYR H 66 46.72 13.95 39.45
C TYR H 66 46.25 14.59 40.76
N SER H 67 47.21 15.10 41.54
CA SER H 67 46.95 15.44 42.93
C SER H 67 47.39 16.87 43.23
N TYR H 68 46.81 17.40 44.31
CA TYR H 68 47.26 18.68 44.86
C TYR H 68 48.65 18.57 45.47
N GLU H 69 49.04 17.36 45.92
CA GLU H 69 50.33 17.17 46.57
C GLU H 69 51.50 17.28 45.61
N GLU H 70 51.28 17.11 44.31
CA GLU H 70 52.33 17.23 43.32
C GLU H 70 52.28 18.53 42.53
N PHE H 71 51.19 19.30 42.64
CA PHE H 71 51.07 20.53 41.88
C PHE H 71 51.55 21.73 42.69
N ILE H 72 50.92 21.98 43.84
CA ILE H 72 51.29 23.12 44.67
C ILE H 72 52.29 22.69 45.73
N GLU H 73 51.86 21.80 46.61
CA GLU H 73 52.58 21.52 47.84
C GLU H 73 52.07 20.20 48.39
N GLY H 74 53.00 19.34 48.85
CA GLY H 74 52.61 18.07 49.39
C GLY H 74 53.68 17.50 50.30
N PHE H 75 53.34 16.38 50.93
CA PHE H 75 54.28 15.63 51.76
C PHE H 75 54.99 14.59 50.91
N ARG H 76 56.29 14.45 51.13
CA ARG H 76 57.08 13.45 50.43
C ARG H 76 58.11 12.87 51.39
N PRO H 77 58.34 11.56 51.36
CA PRO H 77 59.35 10.96 52.22
C PRO H 77 60.76 11.31 51.77
N ARG H 78 61.71 11.17 52.71
CA ARG H 78 63.09 11.55 52.46
C ARG H 78 63.98 10.88 53.50
N THR H 79 65.07 10.29 53.05
CA THR H 79 66.02 9.64 53.95
C THR H 79 66.98 10.67 54.54
N ASP H 80 67.45 10.40 55.76
CA ASP H 80 68.42 11.24 56.44
C ASP H 80 69.65 10.40 56.76
N ASN H 81 70.55 10.29 55.78
CA ASN H 81 71.81 9.53 55.84
C ASN H 81 71.57 8.06 56.22
N GLU H 82 70.74 7.41 55.39
CA GLU H 82 70.41 5.97 55.49
C GLU H 82 69.79 5.62 56.84
N GLU H 83 68.78 6.38 57.22
CA GLU H 83 68.05 6.20 58.47
C GLU H 83 66.57 5.96 58.17
N LYS H 84 65.75 6.02 59.21
CA LYS H 84 64.31 5.86 59.08
C LYS H 84 63.71 7.00 58.25
N ILE H 85 62.47 6.78 57.81
CA ILE H 85 61.82 7.68 56.86
C ILE H 85 61.45 8.99 57.57
N ARG H 86 61.99 10.09 57.05
CA ARG H 86 61.71 11.42 57.56
C ARG H 86 60.84 12.15 56.55
N TYR H 87 59.65 12.55 56.97
CA TYR H 87 58.74 13.25 56.07
C TYR H 87 59.09 14.73 56.01
N VAL H 88 59.09 15.27 54.80
CA VAL H 88 59.42 16.66 54.57
C VAL H 88 58.45 17.20 53.52
N VAL H 89 58.13 18.48 53.64
CA VAL H 89 57.21 19.13 52.70
C VAL H 89 58.00 19.64 51.50
N GLU H 90 57.65 19.14 50.32
CA GLU H 90 58.33 19.50 49.08
C GLU H 90 57.35 20.17 48.15
N ASP H 91 57.75 21.31 47.60
CA ASP H 91 56.87 22.11 46.78
C ASP H 91 56.72 21.47 45.40
N GLY H 92 55.52 21.61 44.82
CA GLY H 92 55.21 20.95 43.58
C GLY H 92 55.74 21.66 42.35
N ILE H 93 54.93 21.73 41.29
CA ILE H 93 55.32 22.38 40.06
C ILE H 93 54.91 23.84 40.03
N PHE H 94 53.65 24.11 40.39
CA PHE H 94 53.10 25.46 40.30
C PHE H 94 53.72 26.39 41.33
N LYS H 95 54.01 25.88 42.52
CA LYS H 95 54.60 26.74 43.54
C LYS H 95 56.08 26.96 43.27
N LYS H 96 56.74 26.00 42.63
CA LYS H 96 58.14 26.19 42.26
C LYS H 96 58.32 27.09 41.06
N ILE H 97 57.25 27.42 40.34
CA ILE H 97 57.35 28.31 39.18
C ILE H 97 56.72 29.65 39.54
N ALA H 98 55.87 29.70 40.57
CA ALA H 98 55.34 30.97 41.02
C ALA H 98 56.31 31.68 41.95
N LEU H 99 56.97 30.93 42.84
CA LEU H 99 58.03 31.52 43.65
C LEU H 99 59.24 31.88 42.80
N ARG H 100 59.49 31.14 41.73
CA ARG H 100 60.59 31.47 40.83
C ARG H 100 60.28 32.71 40.02
N ALA H 101 59.01 32.91 39.65
CA ALA H 101 58.62 34.13 38.96
C ALA H 101 58.63 35.33 39.90
N LEU H 102 58.54 35.10 41.21
CA LEU H 102 58.61 36.19 42.17
C LEU H 102 60.05 36.62 42.42
N VAL H 103 60.93 35.66 42.74
CA VAL H 103 62.30 36.01 43.10
C VAL H 103 63.14 36.43 41.90
N LYS H 104 62.72 36.10 40.68
CA LYS H 104 63.40 36.63 39.49
C LYS H 104 62.91 38.02 39.16
N GLY H 105 61.64 38.31 39.44
CA GLY H 105 61.12 39.63 39.20
C GLY H 105 61.60 40.68 40.18
N LEU H 106 62.02 40.27 41.38
CA LEU H 106 62.50 41.22 42.38
C LEU H 106 63.95 41.63 42.17
N PHE H 107 64.60 41.14 41.12
CA PHE H 107 65.95 41.62 40.81
C PHE H 107 65.91 43.04 40.24
N GLU H 108 65.03 43.28 39.28
CA GLU H 108 64.95 44.56 38.59
C GLU H 108 64.08 45.58 39.30
N LEU H 109 63.70 45.33 40.55
CA LEU H 109 62.97 46.31 41.34
C LEU H 109 63.94 47.13 42.17
N GLU H 110 63.71 48.44 42.21
CA GLU H 110 64.57 49.33 42.97
C GLU H 110 64.28 49.28 44.47
N ASP H 111 63.05 48.91 44.85
CA ASP H 111 62.70 48.84 46.27
C ASP H 111 63.11 47.51 46.91
N ALA H 112 63.25 46.45 46.12
CA ALA H 112 63.65 45.14 46.62
C ALA H 112 65.16 44.98 46.71
N THR H 113 65.92 46.07 46.57
CA THR H 113 67.38 46.04 46.71
C THR H 113 67.84 46.01 48.16
N ILE H 114 66.91 46.03 49.12
CA ILE H 114 67.28 45.91 50.53
C ILE H 114 67.69 44.49 50.88
N GLY H 115 67.30 43.51 50.07
CA GLY H 115 67.64 42.12 50.30
C GLY H 115 68.10 41.43 49.04
N LYS H 116 68.82 42.17 48.17
CA LYS H 116 69.19 41.67 46.85
C LYS H 116 70.15 40.48 46.92
N ASP H 117 70.96 40.40 47.99
CA ASP H 117 71.85 39.26 48.15
C ASP H 117 71.09 38.00 48.53
N LYS H 118 70.12 38.13 49.44
CA LYS H 118 69.40 36.96 49.93
C LYS H 118 68.34 36.48 48.93
N ILE H 119 67.75 37.41 48.18
CA ILE H 119 66.80 37.04 47.13
C ILE H 119 67.51 36.29 46.01
N HIS H 120 68.72 36.73 45.67
CA HIS H 120 69.52 36.05 44.64
C HIS H 120 69.96 34.67 45.12
N ARG H 121 70.15 34.51 46.43
CA ARG H 121 70.44 33.19 46.99
C ARG H 121 69.26 32.25 46.85
N LEU H 122 68.04 32.79 46.92
CA LEU H 122 66.85 31.96 46.77
C LEU H 122 66.67 31.52 45.32
N TYR H 123 67.00 32.40 44.36
CA TYR H 123 66.76 32.10 42.96
C TYR H 123 67.73 31.03 42.44
N ILE H 124 68.97 31.03 42.94
CA ILE H 124 69.91 29.97 42.61
C ILE H 124 69.45 28.65 43.21
N LEU H 125 68.89 28.68 44.43
CA LEU H 125 68.42 27.48 45.09
C LEU H 125 67.13 26.95 44.48
N LEU H 126 66.32 27.82 43.88
CA LEU H 126 65.03 27.42 43.34
C LEU H 126 65.11 26.87 41.93
N THR H 127 66.23 27.07 41.23
CA THR H 127 66.40 26.53 39.89
C THR H 127 67.30 25.30 39.85
N LYS H 128 67.97 24.98 40.95
CA LYS H 128 68.78 23.78 41.00
C LYS H 128 67.90 22.57 41.33
N LYS H 129 68.49 21.37 41.22
CA LYS H 129 67.74 20.13 41.29
C LYS H 129 68.25 19.29 42.46
N GLU H 130 67.30 18.61 43.13
CA GLU H 130 67.52 17.67 44.24
C GLU H 130 68.31 18.28 45.39
N PRO H 131 67.70 19.13 46.24
CA PRO H 131 68.40 19.61 47.44
C PRO H 131 68.71 18.47 48.41
N LEU H 132 70.00 18.16 48.56
CA LEU H 132 70.41 16.88 49.11
C LEU H 132 70.41 16.85 50.63
N SER H 133 70.56 17.99 51.28
CA SER H 133 70.73 18.00 52.73
C SER H 133 69.76 18.99 53.36
N PRO H 134 69.35 18.77 54.61
CA PRO H 134 68.49 19.74 55.29
C PRO H 134 69.19 21.04 55.68
N THR H 135 70.52 21.14 55.57
CA THR H 135 71.20 22.38 55.95
C THR H 135 70.92 23.50 54.94
N GLU H 136 70.70 23.15 53.67
CA GLU H 136 70.24 24.14 52.70
C GLU H 136 68.73 24.18 52.57
N TYR H 137 68.02 23.18 53.09
CA TYR H 137 66.57 23.23 53.09
C TYR H 137 66.04 24.16 54.17
N GLU H 138 66.65 24.12 55.35
CA GLU H 138 66.29 25.09 56.39
C GLU H 138 66.74 26.49 56.02
N GLU H 139 67.83 26.60 55.25
CA GLU H 139 68.19 27.87 54.63
C GLU H 139 67.13 28.29 53.61
N TYR H 140 66.58 27.31 52.88
CA TYR H 140 65.55 27.61 51.88
C TYR H 140 64.24 28.04 52.53
N LEU H 141 63.86 27.40 53.64
CA LEU H 141 62.63 27.80 54.31
C LEU H 141 62.80 29.10 55.08
N ARG H 142 64.03 29.44 55.47
CA ARG H 142 64.28 30.72 56.10
C ARG H 142 64.23 31.86 55.08
N LEU H 143 64.73 31.62 53.87
CA LEU H 143 64.71 32.65 52.84
C LEU H 143 63.32 32.85 52.26
N LYS H 144 62.48 31.81 52.26
CA LYS H 144 61.12 31.95 51.74
C LYS H 144 60.25 32.74 52.70
N ARG H 145 60.49 32.60 54.00
CA ARG H 145 59.76 33.40 54.98
C ARG H 145 60.20 34.85 54.95
N TYR H 146 61.46 35.11 54.56
CA TYR H 146 61.90 36.48 54.35
C TYR H 146 61.26 37.08 53.10
N LEU H 147 61.02 36.24 52.09
CA LEU H 147 60.44 36.72 50.83
C LEU H 147 59.00 37.19 51.02
N TRP H 148 58.19 36.42 51.75
CA TRP H 148 56.80 36.80 51.94
C TRP H 148 56.66 37.88 53.00
N GLU H 149 57.65 38.02 53.88
CA GLU H 149 57.68 39.19 54.76
C GLU H 149 58.05 40.45 53.99
N LEU H 150 58.80 40.31 52.90
CA LEU H 150 59.22 41.48 52.13
C LEU H 150 58.11 41.97 51.21
N VAL H 151 57.49 41.04 50.46
CA VAL H 151 56.47 41.43 49.49
C VAL H 151 55.15 41.76 50.16
N GLY H 152 54.97 41.37 51.42
CA GLY H 152 53.78 41.78 52.16
C GLY H 152 53.77 43.25 52.54
N GLY H 153 54.94 43.90 52.54
CA GLY H 153 55.03 45.30 52.87
C GLY H 153 55.60 46.16 51.74
N LEU H 154 55.28 45.79 50.51
CA LEU H 154 55.69 46.55 49.34
C LEU H 154 54.46 47.11 48.64
N PRO H 155 54.54 48.33 48.09
CA PRO H 155 53.36 48.96 47.50
C PRO H 155 52.96 48.32 46.18
N LYS H 156 51.75 48.66 45.74
CA LYS H 156 51.16 48.05 44.56
C LYS H 156 51.78 48.53 43.27
N ASP H 157 52.44 49.69 43.28
CA ASP H 157 53.07 50.18 42.06
C ASP H 157 54.32 49.40 41.71
N LYS H 158 55.07 48.96 42.72
CA LYS H 158 56.28 48.18 42.47
C LYS H 158 55.97 46.75 42.06
N LEU H 159 54.82 46.22 42.46
CA LEU H 159 54.47 44.83 42.21
C LEU H 159 53.46 44.65 41.09
N LYS H 160 53.17 45.72 40.33
CA LYS H 160 52.28 45.58 39.18
C LYS H 160 53.05 45.23 37.92
N ASN H 161 54.22 45.81 37.72
CA ASN H 161 55.02 45.60 36.52
C ASN H 161 56.29 44.83 36.92
N LEU H 162 56.19 43.51 36.91
CA LEU H 162 57.36 42.65 37.08
C LEU H 162 57.89 42.29 35.70
N THR H 163 59.22 42.45 35.51
CA THR H 163 59.77 42.41 34.16
C THR H 163 59.82 41.01 33.53
N PRO H 164 60.51 40.01 34.10
CA PRO H 164 60.71 38.79 33.30
C PRO H 164 59.50 37.85 33.37
N LYS H 165 58.84 37.66 32.24
CA LYS H 165 57.61 36.89 32.20
C LYS H 165 57.91 35.39 32.24
N PHE H 166 57.22 34.68 33.14
CA PHE H 166 57.33 33.24 33.28
C PHE H 166 56.08 32.58 32.73
N TYR H 167 56.22 31.34 32.27
CA TYR H 167 55.12 30.63 31.63
C TYR H 167 55.02 29.24 32.24
N LEU H 168 53.82 28.68 32.17
CA LEU H 168 53.57 27.31 32.64
C LEU H 168 52.69 26.63 31.58
N ILE H 169 53.33 25.92 30.64
CA ILE H 169 52.61 25.20 29.60
C ILE H 169 51.98 23.97 30.22
N ILE H 170 50.66 24.00 30.41
CA ILE H 170 49.93 22.86 30.95
C ILE H 170 49.36 22.07 29.79
N ASP H 171 49.71 20.79 29.71
CA ASP H 171 49.20 19.89 28.70
C ASP H 171 48.02 19.13 29.26
N GLU H 172 46.98 18.95 28.43
CA GLU H 172 45.74 18.26 28.76
C GLU H 172 45.06 18.88 29.98
N ILE H 173 44.67 20.16 29.83
CA ILE H 173 44.02 20.89 30.92
C ILE H 173 42.63 20.33 31.21
N ASN H 174 41.98 19.73 30.21
CA ASN H 174 40.65 19.17 30.42
C ASN H 174 40.68 17.82 31.12
N ARG H 175 41.81 17.11 31.07
CA ARG H 175 41.86 15.77 31.64
C ARG H 175 41.94 15.77 33.15
N GLY H 176 42.67 16.72 33.74
CA GLY H 176 42.86 16.72 35.17
C GLY H 176 41.64 17.22 35.91
N ASN H 177 41.46 16.71 37.13
CA ASN H 177 40.39 17.15 38.02
C ASN H 177 40.77 18.53 38.53
N ILE H 178 40.36 19.56 37.79
CA ILE H 178 40.86 20.92 38.03
C ILE H 178 40.23 21.57 39.25
N SER H 179 39.18 20.97 39.82
CA SER H 179 38.62 21.44 41.08
C SER H 179 39.36 20.88 42.28
N LYS H 180 40.24 19.90 42.08
CA LYS H 180 41.03 19.29 43.14
C LYS H 180 42.48 19.73 43.12
N ILE H 181 43.10 19.75 41.94
CA ILE H 181 44.55 19.97 41.84
C ILE H 181 44.94 21.42 41.93
N PHE H 182 44.01 22.35 41.68
CA PHE H 182 44.22 23.73 42.08
C PHE H 182 43.67 23.99 43.47
N GLY H 183 42.53 23.36 43.79
CA GLY H 183 41.94 23.49 45.11
C GLY H 183 41.31 24.84 45.34
N GLU H 184 41.60 25.44 46.49
CA GLU H 184 41.15 26.79 46.83
C GLU H 184 42.06 27.87 46.29
N LEU H 185 42.94 27.53 45.35
CA LEU H 185 43.86 28.48 44.74
C LEU H 185 43.45 28.84 43.32
N ILE H 186 42.25 28.43 42.89
CA ILE H 186 41.78 28.76 41.56
C ILE H 186 41.37 30.22 41.45
N THR H 187 41.10 30.87 42.59
CA THR H 187 40.85 32.31 42.63
C THR H 187 42.11 33.12 42.83
N LEU H 188 43.27 32.56 42.49
CA LEU H 188 44.51 33.31 42.38
C LEU H 188 44.93 33.49 40.93
N LEU H 189 44.05 33.13 39.99
CA LEU H 189 44.35 33.23 38.57
C LEU H 189 43.64 34.38 37.88
N GLU H 190 42.67 35.03 38.53
CA GLU H 190 42.11 36.26 38.00
C GLU H 190 43.16 37.35 38.05
N LYS H 191 43.14 38.24 37.04
CA LYS H 191 44.18 39.25 36.92
C LYS H 191 44.11 40.29 38.03
N ASP H 192 42.91 40.54 38.56
CA ASP H 192 42.76 41.41 39.70
C ASP H 192 42.93 40.69 41.03
N LYS H 193 43.13 39.37 41.00
CA LYS H 193 43.30 38.56 42.20
C LYS H 193 44.75 38.16 42.45
N ARG H 194 45.65 38.42 41.51
CA ARG H 194 47.04 38.01 41.65
C ARG H 194 47.79 38.94 42.58
N LEU H 195 49.07 38.64 42.79
CA LEU H 195 49.92 39.49 43.59
C LEU H 195 50.20 40.80 42.85
N GLY H 196 50.17 41.90 43.58
CA GLY H 196 50.42 43.20 42.99
C GLY H 196 49.27 43.78 42.20
N GLY H 197 48.12 43.12 42.17
CA GLY H 197 46.92 43.66 41.57
C GLY H 197 46.17 44.56 42.53
N GLU H 198 44.91 44.82 42.21
CA GLU H 198 44.08 45.63 43.11
C GLU H 198 43.63 44.81 44.31
N ASN H 199 42.95 43.69 44.05
CA ASN H 199 42.49 42.82 45.13
C ASN H 199 43.42 41.61 45.25
N GLN H 200 44.61 41.85 45.80
CA GLN H 200 45.58 40.78 45.98
C GLN H 200 45.16 39.88 47.13
N LEU H 201 45.71 38.67 47.15
CA LEU H 201 45.36 37.67 48.15
C LEU H 201 46.64 36.95 48.58
N ILE H 202 47.08 37.21 49.81
CA ILE H 202 48.20 36.46 50.39
C ILE H 202 47.56 35.31 51.15
N VAL H 203 47.23 34.25 50.41
CA VAL H 203 46.51 33.12 51.00
C VAL H 203 47.51 32.10 51.54
N ARG H 204 47.05 31.30 52.49
CA ARG H 204 47.91 30.38 53.23
C ARG H 204 47.71 28.96 52.72
N LEU H 205 48.81 28.23 52.54
CA LEU H 205 48.76 26.85 52.09
C LEU H 205 48.49 25.92 53.28
N PRO H 206 47.75 24.82 53.06
CA PRO H 206 47.36 23.97 54.20
C PRO H 206 48.47 23.09 54.75
N TYR H 207 49.44 22.67 53.94
CA TYR H 207 50.41 21.68 54.39
C TYR H 207 51.52 22.31 55.22
N SER H 208 52.29 23.23 54.62
CA SER H 208 53.44 23.81 55.30
C SER H 208 53.13 25.15 55.96
N GLY H 209 51.95 25.73 55.72
CA GLY H 209 51.53 26.94 56.38
C GLY H 209 52.14 28.23 55.86
N GLU H 210 53.14 28.14 54.98
CA GLU H 210 53.72 29.36 54.43
C GLU H 210 52.79 29.97 53.38
N PRO H 211 52.72 31.30 53.33
CA PRO H 211 51.76 31.95 52.42
C PRO H 211 52.18 31.82 50.97
N PHE H 212 51.21 32.06 50.09
CA PHE H 212 51.38 31.83 48.66
C PHE H 212 50.48 32.77 47.88
N ALA H 213 51.00 33.28 46.77
CA ALA H 213 50.28 34.21 45.91
C ALA H 213 50.90 34.17 44.52
N VAL H 214 50.06 34.12 43.50
CA VAL H 214 50.52 34.05 42.12
C VAL H 214 51.03 35.43 41.70
N PRO H 215 52.30 35.55 41.31
CA PRO H 215 52.82 36.83 40.83
C PRO H 215 52.28 37.11 39.44
N PRO H 216 52.30 38.37 38.97
CA PRO H 216 51.76 38.68 37.65
C PRO H 216 52.67 38.31 36.49
N ASN H 217 53.81 37.67 36.73
CA ASN H 217 54.60 37.13 35.64
C ASN H 217 54.02 35.83 35.11
N LEU H 218 53.57 34.96 36.02
CA LEU H 218 53.24 33.58 35.69
C LEU H 218 51.96 33.52 34.88
N TYR H 219 52.09 33.24 33.58
CA TYR H 219 50.98 33.03 32.68
C TYR H 219 50.77 31.54 32.48
N ILE H 220 49.51 31.12 32.44
CA ILE H 220 49.16 29.71 32.39
C ILE H 220 48.64 29.41 30.99
N ILE H 221 49.50 28.86 30.14
CA ILE H 221 49.10 28.50 28.78
C ILE H 221 48.63 27.05 28.84
N GLY H 222 47.32 26.88 28.82
CA GLY H 222 46.75 25.55 28.78
C GLY H 222 46.84 24.93 27.41
N THR H 223 46.37 23.68 27.33
CA THR H 223 46.28 22.96 26.07
C THR H 223 45.20 21.91 26.24
N MET H 224 44.20 21.93 25.37
CA MET H 224 42.98 21.15 25.60
C MET H 224 42.65 20.33 24.36
N ASN H 225 42.79 19.02 24.46
CA ASN H 225 42.30 18.10 23.44
C ASN H 225 40.81 17.95 23.69
N THR H 226 39.98 18.61 22.88
CA THR H 226 38.54 18.65 23.09
C THR H 226 37.78 17.68 22.17
N ALA H 227 38.41 16.55 21.83
CA ALA H 227 37.67 15.49 21.14
C ALA H 227 36.76 14.72 22.08
N ASP H 228 37.15 14.61 23.35
CA ASP H 228 36.38 13.88 24.34
C ASP H 228 35.55 14.79 25.24
N ARG H 229 36.15 15.87 25.75
CA ARG H 229 35.46 16.79 26.65
C ARG H 229 35.37 18.15 25.97
N SER H 230 34.15 18.63 25.77
CA SER H 230 33.94 19.93 25.13
C SER H 230 34.26 21.05 26.11
N ILE H 231 34.20 22.29 25.61
CA ILE H 231 34.51 23.44 26.47
C ILE H 231 33.36 23.73 27.43
N ALA H 232 32.15 23.29 27.10
CA ALA H 232 31.03 23.43 28.02
C ALA H 232 31.03 22.36 29.09
N LEU H 233 31.83 21.30 28.93
CA LEU H 233 31.87 20.18 29.85
C LEU H 233 33.07 20.27 30.79
N LEU H 234 33.62 21.45 30.98
CA LEU H 234 34.71 21.66 31.92
C LEU H 234 34.14 21.95 33.30
N ASP H 235 35.02 22.24 34.25
CA ASP H 235 34.55 22.72 35.54
C ASP H 235 34.24 24.20 35.45
N VAL H 236 33.37 24.67 36.34
CA VAL H 236 32.82 26.01 36.22
C VAL H 236 33.85 27.08 36.57
N ALA H 237 34.84 26.73 37.39
CA ALA H 237 35.98 27.62 37.59
C ALA H 237 37.13 27.28 36.64
N LEU H 238 36.77 27.10 35.37
CA LEU H 238 37.75 27.02 34.29
C LEU H 238 37.32 27.76 33.03
N ARG H 239 36.03 27.98 32.82
CA ARG H 239 35.52 28.70 31.66
C ARG H 239 35.46 30.20 31.89
N ARG H 240 35.79 30.67 33.09
CA ARG H 240 35.72 32.08 33.44
C ARG H 240 37.04 32.64 33.93
N ARG H 241 37.87 31.82 34.57
CA ARG H 241 39.21 32.28 34.94
C ARG H 241 40.15 32.29 33.74
N PHE H 242 39.98 31.34 32.83
CA PHE H 242 40.81 31.23 31.64
C PHE H 242 40.12 31.92 30.47
N ALA H 243 40.82 31.97 29.34
CA ALA H 243 40.29 32.57 28.13
C ALA H 243 40.67 31.68 26.95
N PHE H 244 39.67 31.26 26.18
CA PHE H 244 39.82 30.17 25.23
C PHE H 244 40.19 30.69 23.85
N ILE H 245 41.24 30.12 23.28
CA ILE H 245 41.62 30.35 21.89
C ILE H 245 41.39 29.05 21.14
N GLU H 246 40.55 29.08 20.11
CA GLU H 246 40.36 27.91 19.28
C GLU H 246 41.49 27.82 18.27
N VAL H 247 42.31 26.78 18.40
CA VAL H 247 43.34 26.48 17.40
C VAL H 247 42.66 25.59 16.37
N GLU H 248 42.17 26.20 15.30
CA GLU H 248 41.41 25.49 14.29
C GLU H 248 42.34 24.66 13.42
N PRO H 249 41.87 23.51 12.91
CA PRO H 249 42.72 22.71 12.01
C PRO H 249 42.85 23.37 10.65
N ARG H 250 44.01 23.95 10.40
CA ARG H 250 44.25 24.64 9.14
C ARG H 250 44.71 23.66 8.07
N PRO H 251 43.93 23.48 7.00
CA PRO H 251 44.41 22.65 5.88
C PRO H 251 45.33 23.37 4.93
N GLU H 252 45.58 24.67 5.14
CA GLU H 252 46.42 25.46 4.25
C GLU H 252 47.90 25.17 4.43
N PHE H 253 48.28 24.35 5.41
CA PHE H 253 49.65 23.90 5.58
C PHE H 253 49.98 22.67 4.76
N LEU H 254 49.08 22.25 3.87
CA LEU H 254 49.24 21.03 3.08
C LEU H 254 49.09 21.32 1.59
N GLU H 255 49.67 22.42 1.14
CA GLU H 255 49.76 22.71 -0.28
C GLU H 255 50.99 22.00 -0.86
N LYS H 256 51.29 22.29 -2.12
CA LYS H 256 52.55 21.78 -2.67
C LYS H 256 53.73 22.63 -2.22
N GLU H 257 53.54 23.95 -2.17
CA GLU H 257 54.61 24.83 -1.73
C GLU H 257 54.64 24.99 -0.22
N ASN H 258 53.52 24.75 0.46
CA ASN H 258 53.48 24.91 1.91
C ASN H 258 54.03 23.68 2.63
N LEU H 259 53.83 22.49 2.05
CA LEU H 259 54.42 21.28 2.63
C LEU H 259 55.93 21.26 2.40
N LYS H 260 56.40 21.90 1.34
CA LYS H 260 57.84 21.99 1.11
C LYS H 260 58.51 22.97 2.08
N LYS H 261 57.84 24.09 2.36
CA LYS H 261 58.41 25.10 3.25
C LYS H 261 58.45 24.63 4.70
N ILE H 262 57.48 23.81 5.11
CA ILE H 262 57.45 23.30 6.48
C ILE H 262 58.56 22.27 6.69
N ARG H 263 58.72 21.37 5.73
CA ARG H 263 59.77 20.35 5.80
C ARG H 263 61.16 20.90 5.51
N GLU H 264 61.27 22.15 5.03
CA GLU H 264 62.58 22.72 4.74
C GLU H 264 63.27 23.22 6.00
N LYS H 265 62.54 23.40 7.09
CA LYS H 265 63.12 23.87 8.34
C LYS H 265 63.82 22.77 9.13
N LYS H 266 63.43 21.51 8.94
CA LYS H 266 63.97 20.41 9.72
C LYS H 266 65.16 19.73 9.05
N LEU H 267 65.19 19.68 7.72
CA LEU H 267 66.16 18.91 6.97
C LEU H 267 67.30 19.81 6.49
N LYS H 268 68.28 19.20 5.84
CA LYS H 268 69.44 19.88 5.31
C LYS H 268 69.21 20.23 3.84
N THR H 269 70.28 20.69 3.17
CA THR H 269 70.15 21.12 1.78
C THR H 269 70.06 19.92 0.83
N GLU H 270 70.87 18.88 1.07
CA GLU H 270 70.82 17.71 0.20
C GLU H 270 69.60 16.86 0.47
N ASP H 271 69.08 16.89 1.70
CA ASP H 271 67.81 16.23 1.99
C ASP H 271 66.65 16.97 1.34
N ARG H 272 66.81 18.28 1.09
CA ARG H 272 65.71 19.07 0.53
C ARG H 272 65.44 18.75 -0.93
N LYS H 273 66.48 18.43 -1.72
CA LYS H 273 66.27 18.03 -3.11
C LYS H 273 65.61 16.66 -3.19
N ARG H 274 65.96 15.76 -2.27
CA ARG H 274 65.25 14.49 -2.17
C ARG H 274 63.84 14.69 -1.65
N LEU H 275 63.64 15.70 -0.79
CA LEU H 275 62.29 16.04 -0.35
C LEU H 275 61.50 16.71 -1.46
N ASN H 276 62.18 17.47 -2.32
CA ASN H 276 61.52 18.08 -3.47
C ASN H 276 61.11 17.03 -4.49
N GLU H 277 61.97 16.03 -4.72
CA GLU H 277 61.69 15.02 -5.72
C GLU H 277 60.60 14.06 -5.25
N LYS H 278 60.55 13.78 -3.95
CA LYS H 278 59.53 12.88 -3.42
C LYS H 278 58.16 13.54 -3.41
N LEU H 279 58.10 14.84 -3.11
CA LEU H 279 56.81 15.55 -3.15
C LEU H 279 56.35 15.78 -4.58
N ASN H 280 57.27 15.93 -5.53
CA ASN H 280 56.89 16.00 -6.93
C ASN H 280 56.40 14.65 -7.42
N GLU H 281 56.94 13.56 -6.86
CA GLU H 281 56.46 12.22 -7.19
C GLU H 281 55.13 11.94 -6.52
N LEU H 282 54.87 12.59 -5.37
CA LEU H 282 53.61 12.37 -4.66
C LEU H 282 52.44 13.01 -5.39
N PHE H 283 52.51 14.31 -5.66
CA PHE H 283 51.38 15.03 -6.21
C PHE H 283 51.18 14.74 -7.69
N SER H 284 52.18 14.19 -8.38
CA SER H 284 51.96 13.73 -9.75
C SER H 284 51.11 12.46 -9.79
N LYS H 285 51.22 11.61 -8.77
CA LYS H 285 50.38 10.41 -8.72
C LYS H 285 48.95 10.75 -8.34
N LEU H 286 48.75 11.82 -7.56
CA LEU H 286 47.42 12.21 -7.12
C LEU H 286 46.62 12.95 -8.19
N GLY H 287 47.23 13.28 -9.33
CA GLY H 287 46.49 13.85 -10.43
C GLY H 287 46.92 15.26 -10.79
N ASN H 288 48.14 15.63 -10.40
CA ASN H 288 48.73 16.96 -10.57
C ASN H 288 47.81 18.06 -10.00
N ASP H 289 47.58 17.95 -8.70
CA ASP H 289 46.73 18.88 -7.96
C ASP H 289 47.53 19.39 -6.77
N ASN H 290 48.00 20.64 -6.85
CA ASN H 290 48.72 21.24 -5.73
C ASN H 290 47.81 21.56 -4.56
N TYR H 291 46.53 21.77 -4.81
CA TYR H 291 45.55 22.10 -3.78
C TYR H 291 44.81 20.88 -3.27
N PHE H 292 45.42 19.69 -3.37
CA PHE H 292 44.69 18.45 -3.11
C PHE H 292 44.50 18.21 -1.62
N LEU H 293 45.59 18.18 -0.86
CA LEU H 293 45.48 17.89 0.57
C LEU H 293 44.89 19.04 1.36
N LYS H 294 44.84 20.25 0.79
CA LYS H 294 44.07 21.32 1.40
C LYS H 294 42.58 21.03 1.28
N THR H 295 42.12 20.71 0.07
CA THR H 295 40.69 20.49 -0.15
C THR H 295 40.25 19.11 0.29
N LEU H 296 41.17 18.22 0.65
CA LEU H 296 40.76 16.94 1.23
C LEU H 296 40.26 17.13 2.65
N LEU H 297 41.04 17.83 3.49
CA LEU H 297 40.57 18.08 4.85
C LEU H 297 39.44 19.09 4.91
N GLU H 298 39.37 20.01 3.95
CA GLU H 298 38.25 20.96 3.93
C GLU H 298 36.96 20.27 3.55
N LYS H 299 37.01 19.35 2.58
CA LYS H 299 35.81 18.60 2.25
C LYS H 299 35.49 17.52 3.28
N ILE H 300 36.42 17.23 4.20
CA ILE H 300 36.11 16.35 5.32
C ILE H 300 35.58 17.16 6.51
N ASN H 301 36.25 18.26 6.86
CA ASN H 301 35.91 18.97 8.09
C ASN H 301 34.58 19.70 7.99
N VAL H 302 34.26 20.26 6.81
CA VAL H 302 32.96 20.90 6.63
C VAL H 302 31.84 19.89 6.53
N ARG H 303 32.15 18.62 6.27
CA ARG H 303 31.19 17.55 6.47
C ARG H 303 31.25 16.92 7.85
N ILE H 304 32.32 17.19 8.60
CA ILE H 304 32.39 16.75 9.99
C ILE H 304 31.63 17.70 10.89
N THR H 305 31.82 19.02 10.71
CA THR H 305 31.25 20.01 11.61
C THR H 305 29.75 20.18 11.46
N VAL H 306 29.13 19.60 10.44
CA VAL H 306 27.69 19.71 10.26
C VAL H 306 26.94 18.46 10.69
N VAL H 307 27.62 17.34 10.89
CA VAL H 307 27.00 16.15 11.45
C VAL H 307 27.45 15.92 12.89
N LYS H 308 28.55 16.53 13.33
CA LYS H 308 29.00 16.47 14.71
C LYS H 308 29.36 17.88 15.16
N ASP H 309 30.02 18.00 16.32
CA ASP H 309 30.42 19.31 16.80
C ASP H 309 31.61 19.83 16.00
N ARG H 310 31.92 21.12 16.21
CA ARG H 310 33.12 21.70 15.62
C ARG H 310 34.39 21.14 16.24
N ASP H 311 34.31 20.62 17.46
CA ASP H 311 35.46 20.16 18.23
C ASP H 311 35.79 18.70 17.97
N HIS H 312 35.20 18.10 16.93
CA HIS H 312 35.46 16.71 16.56
C HIS H 312 36.12 16.58 15.20
N ARG H 313 36.76 17.63 14.73
CA ARG H 313 37.31 17.63 13.38
C ARG H 313 38.64 16.88 13.33
N ILE H 314 39.10 16.64 12.11
CA ILE H 314 40.38 15.98 11.86
C ILE H 314 41.44 17.06 11.70
N GLY H 315 42.51 16.96 12.48
CA GLY H 315 43.57 17.93 12.46
C GLY H 315 44.46 17.80 11.25
N HIS H 316 45.56 18.56 11.26
CA HIS H 316 46.50 18.56 10.15
C HIS H 316 47.91 18.17 10.57
N SER H 317 48.11 17.58 11.75
CA SER H 317 49.43 17.06 12.07
C SER H 317 49.63 15.64 11.53
N TYR H 318 48.57 14.97 11.12
CA TYR H 318 48.70 13.62 10.62
C TYR H 318 49.24 13.62 9.20
N PHE H 319 48.78 14.55 8.37
CA PHE H 319 49.20 14.66 6.98
C PHE H 319 50.41 15.55 6.79
N LEU H 320 51.10 15.95 7.86
CA LEU H 320 52.29 16.78 7.72
C LEU H 320 53.56 15.99 7.51
N ASN H 321 53.48 14.65 7.43
CA ASN H 321 54.64 13.81 7.24
C ASN H 321 54.49 12.87 6.04
N VAL H 322 53.59 13.18 5.11
CA VAL H 322 53.41 12.34 3.93
C VAL H 322 54.55 12.60 2.96
N GLU H 323 55.13 11.55 2.43
CA GLU H 323 56.25 11.69 1.50
C GLU H 323 55.95 10.93 0.22
N THR H 324 55.27 9.78 0.36
CA THR H 324 54.82 8.99 -0.77
C THR H 324 53.36 8.63 -0.54
N VAL H 325 52.77 7.96 -1.53
CA VAL H 325 51.38 7.54 -1.44
C VAL H 325 51.23 6.43 -0.40
N GLU H 326 52.25 5.57 -0.26
CA GLU H 326 52.22 4.53 0.76
C GLU H 326 52.24 5.11 2.17
N ASP H 327 52.90 6.26 2.36
CA ASP H 327 52.84 6.93 3.66
C ASP H 327 51.46 7.54 3.87
N LEU H 328 50.85 8.09 2.81
CA LEU H 328 49.49 8.59 2.92
C LEU H 328 48.50 7.45 3.05
N HIS H 329 48.84 6.27 2.53
CA HIS H 329 48.02 5.09 2.74
C HIS H 329 48.04 4.66 4.20
N HIS H 330 49.18 4.85 4.88
CA HIS H 330 49.28 4.50 6.29
C HIS H 330 48.61 5.55 7.17
N VAL H 331 48.71 6.82 6.78
CA VAL H 331 48.12 7.91 7.57
C VAL H 331 46.60 7.85 7.49
N TRP H 332 46.06 7.61 6.29
CA TRP H 332 44.61 7.57 6.12
C TRP H 332 43.99 6.31 6.71
N TYR H 333 44.75 5.23 6.92
CA TYR H 333 44.18 3.99 7.43
C TYR H 333 44.52 3.66 8.88
N TYR H 334 45.56 4.27 9.45
CA TYR H 334 45.93 3.95 10.81
C TYR H 334 45.93 5.17 11.73
N GLU H 335 45.64 6.35 11.21
CA GLU H 335 45.72 7.56 12.02
C GLU H 335 44.54 8.50 11.85
N VAL H 336 43.79 8.42 10.74
CA VAL H 336 42.65 9.31 10.49
C VAL H 336 41.33 8.54 10.51
N LEU H 337 41.25 7.45 9.75
CA LEU H 337 40.06 6.62 9.73
C LEU H 337 39.80 5.87 11.05
N PRO H 338 40.82 5.49 11.86
CA PRO H 338 40.52 5.13 13.24
C PRO H 338 39.88 6.25 14.07
N LEU H 339 40.17 7.52 13.77
CA LEU H 339 39.48 8.59 14.49
C LEU H 339 38.02 8.71 14.05
N LEU H 340 37.75 8.49 12.76
CA LEU H 340 36.37 8.58 12.27
C LEU H 340 35.54 7.39 12.72
N MET H 341 36.16 6.22 12.91
CA MET H 341 35.43 5.10 13.49
C MET H 341 35.25 5.28 15.00
N GLU H 342 36.12 6.05 15.63
CA GLU H 342 35.99 6.32 17.06
C GLU H 342 34.92 7.37 17.33
N TYR H 343 34.87 8.42 16.52
CA TYR H 343 33.88 9.47 16.72
C TYR H 343 32.48 9.03 16.30
N PHE H 344 32.37 8.06 15.39
CA PHE H 344 31.09 7.57 14.90
C PHE H 344 30.99 6.09 15.22
N TYR H 345 30.55 5.79 16.44
CA TYR H 345 30.36 4.43 16.90
C TYR H 345 28.89 4.04 16.75
N ASN H 346 28.67 2.80 16.26
CA ASN H 346 27.34 2.23 15.97
C ASN H 346 26.56 3.11 15.00
N ASP H 347 27.28 3.72 14.04
CA ASP H 347 26.68 4.68 13.12
C ASP H 347 27.54 4.64 11.86
N TRP H 348 27.08 3.90 10.85
CA TRP H 348 27.83 3.73 9.62
C TRP H 348 27.34 4.59 8.48
N GLU H 349 26.17 5.23 8.63
CA GLU H 349 25.65 6.06 7.56
C GLU H 349 26.29 7.46 7.57
N THR H 350 26.45 8.04 8.75
CA THR H 350 26.97 9.40 8.83
C THR H 350 28.45 9.46 8.49
N ILE H 351 29.20 8.40 8.82
CA ILE H 351 30.60 8.33 8.39
C ILE H 351 30.67 8.05 6.89
N LYS H 352 29.63 7.44 6.32
CA LYS H 352 29.59 7.24 4.89
C LYS H 352 29.23 8.53 4.16
N TRP H 353 28.62 9.48 4.86
CA TRP H 353 28.35 10.79 4.28
C TRP H 353 29.49 11.79 4.52
N VAL H 354 30.29 11.58 5.57
CA VAL H 354 31.49 12.40 5.79
C VAL H 354 32.48 12.18 4.66
N LEU H 355 32.64 10.94 4.23
CA LEU H 355 33.44 10.60 3.06
C LEU H 355 32.71 10.83 1.75
N ASN H 356 31.46 11.34 1.81
CA ASN H 356 30.47 11.49 0.74
C ASN H 356 30.40 10.29 -0.20
N GLU H 357 30.49 9.08 0.35
CA GLU H 357 30.37 7.85 -0.41
C GLU H 357 29.08 7.11 -0.09
N LYS H 358 28.01 7.86 0.22
CA LYS H 358 26.75 7.25 0.61
C LYS H 358 26.08 6.57 -0.58
N GLY H 359 25.46 5.41 -0.32
CA GLY H 359 24.83 4.62 -1.35
C GLY H 359 25.76 3.75 -2.16
N LYS H 360 27.07 3.94 -2.08
CA LYS H 360 28.05 3.19 -2.85
C LYS H 360 28.70 2.18 -1.91
N GLU H 361 28.48 0.90 -2.18
CA GLU H 361 29.03 -0.19 -1.38
C GLU H 361 29.60 -1.25 -2.32
N HIS H 362 30.42 -2.13 -1.72
CA HIS H 362 31.01 -3.31 -2.38
C HIS H 362 31.84 -2.93 -3.60
N GLY H 363 32.74 -1.97 -3.40
CA GLY H 363 33.62 -1.53 -4.47
C GLY H 363 34.90 -0.93 -3.94
N ASN H 364 35.31 0.20 -4.50
CA ASN H 364 36.42 0.99 -3.94
C ASN H 364 35.87 1.93 -2.87
N VAL H 365 35.37 1.33 -1.80
CA VAL H 365 34.71 2.04 -0.71
C VAL H 365 35.49 1.74 0.56
N PHE H 366 35.67 2.76 1.40
CA PHE H 366 36.44 2.59 2.63
C PHE H 366 35.68 1.81 3.69
N PHE H 367 34.38 1.63 3.55
CA PHE H 367 33.60 0.74 4.41
C PHE H 367 32.66 -0.05 3.51
N GLU H 368 33.04 -1.27 3.15
CA GLU H 368 32.17 -2.11 2.35
C GLU H 368 31.03 -2.65 3.21
N LYS H 369 29.92 -2.95 2.55
CA LYS H 369 28.74 -3.48 3.22
C LYS H 369 28.89 -4.97 3.40
N LEU H 370 28.75 -5.44 4.63
CA LEU H 370 28.69 -6.88 4.87
C LEU H 370 27.36 -7.42 4.35
N ARG H 371 27.42 -8.63 3.77
CA ARG H 371 26.26 -9.20 3.11
C ARG H 371 25.19 -9.64 4.11
N LEU H 372 25.58 -9.89 5.35
CA LEU H 372 24.66 -10.43 6.35
C LEU H 372 23.84 -9.31 6.98
N THR H 373 22.67 -9.68 7.49
CA THR H 373 21.69 -8.71 7.98
C THR H 373 21.52 -8.70 9.49
N GLY H 374 21.55 -9.85 10.16
CA GLY H 374 21.37 -9.89 11.58
C GLY H 374 20.06 -10.52 12.00
N PRO H 375 19.81 -10.59 13.31
CA PRO H 375 18.55 -11.18 13.80
C PRO H 375 17.33 -10.32 13.51
N ASN H 376 17.46 -9.01 13.73
CA ASN H 376 16.39 -8.07 13.43
C ASN H 376 16.69 -7.20 12.21
N GLY H 377 17.94 -7.12 11.80
CA GLY H 377 18.34 -6.34 10.63
C GLY H 377 19.18 -5.14 10.99
N GLU H 378 20.50 -5.26 10.83
CA GLU H 378 21.42 -4.15 11.00
C GLU H 378 22.30 -4.06 9.77
N GLU H 379 22.86 -2.86 9.55
CA GLU H 379 23.79 -2.69 8.43
C GLU H 379 25.14 -3.31 8.76
N ALA H 380 25.83 -2.75 9.77
CA ALA H 380 27.03 -3.30 10.41
C ALA H 380 28.16 -3.51 9.39
N TYR H 381 28.67 -2.37 8.91
CA TYR H 381 29.68 -2.34 7.87
C TYR H 381 31.03 -2.85 8.38
N GLN H 382 32.00 -2.92 7.47
CA GLN H 382 33.36 -3.35 7.77
C GLN H 382 34.31 -2.57 6.87
N LEU H 383 35.39 -2.05 7.45
CA LEU H 383 36.32 -1.24 6.68
C LEU H 383 37.15 -2.12 5.74
N LYS H 384 37.57 -1.52 4.62
CA LYS H 384 38.25 -2.22 3.55
C LYS H 384 39.59 -1.57 3.30
N VAL H 385 40.67 -2.34 3.41
CA VAL H 385 42.02 -1.83 3.17
C VAL H 385 42.27 -1.86 1.67
N LEU H 386 42.29 -0.69 1.05
CA LEU H 386 42.64 -0.58 -0.36
C LEU H 386 44.13 -0.35 -0.51
N GLU H 387 44.63 -0.42 -1.74
CA GLU H 387 46.05 -0.27 -2.00
C GLU H 387 46.26 0.17 -3.44
N GLY H 388 47.33 0.94 -3.67
CA GLY H 388 47.70 1.30 -5.01
C GLY H 388 46.86 2.43 -5.59
N ASP H 389 46.66 2.38 -6.91
CA ASP H 389 45.90 3.41 -7.60
C ASP H 389 44.41 3.30 -7.30
N ALA H 390 43.95 2.13 -6.85
CA ALA H 390 42.55 1.97 -6.45
C ALA H 390 42.25 2.78 -5.20
N PHE H 391 43.23 2.95 -4.32
CA PHE H 391 43.04 3.78 -3.14
C PHE H 391 42.92 5.26 -3.51
N ILE H 392 43.71 5.71 -4.50
CA ILE H 392 43.62 7.08 -4.97
C ILE H 392 42.30 7.30 -5.71
N GLY H 393 41.84 6.26 -6.41
CA GLY H 393 40.52 6.31 -7.05
C GLY H 393 39.38 6.34 -6.06
N ALA H 394 39.61 5.94 -4.81
CA ALA H 394 38.64 6.11 -3.75
C ALA H 394 38.84 7.40 -2.98
N LEU H 395 40.02 8.00 -3.05
CA LEU H 395 40.30 9.26 -2.38
C LEU H 395 40.00 10.46 -3.27
N LYS H 396 40.02 10.27 -4.60
CA LYS H 396 39.72 11.35 -5.52
C LYS H 396 38.26 11.77 -5.43
N ARG H 397 37.36 10.84 -5.17
CA ARG H 397 35.93 11.14 -5.09
C ARG H 397 35.50 11.60 -3.71
N ILE H 398 36.43 11.78 -2.77
CA ILE H 398 36.12 12.50 -1.54
C ILE H 398 36.15 14.00 -1.78
N ILE H 399 36.90 14.45 -2.78
CA ILE H 399 37.01 15.87 -3.14
C ILE H 399 35.70 16.41 -3.68
N ASN I 8 53.10 -15.96 7.43
CA ASN I 8 52.24 -14.82 7.71
C ASN I 8 52.68 -14.10 8.97
N ILE I 9 53.75 -14.58 9.58
CA ILE I 9 54.28 -13.96 10.79
C ILE I 9 55.27 -12.84 10.46
N LYS I 10 55.97 -12.95 9.33
CA LYS I 10 56.91 -11.90 8.94
C LYS I 10 56.20 -10.64 8.46
N GLU I 11 54.94 -10.77 8.02
CA GLU I 11 54.18 -9.59 7.62
C GLU I 11 53.77 -8.76 8.83
N ASP I 12 53.65 -9.38 10.01
CA ASP I 12 53.36 -8.63 11.22
C ASP I 12 54.62 -8.18 11.93
N TYR I 13 55.76 -8.81 11.65
CA TYR I 13 57.03 -8.30 12.15
C TYR I 13 57.43 -7.02 11.43
N PHE I 14 57.13 -6.94 10.13
CA PHE I 14 57.43 -5.73 9.37
C PHE I 14 56.49 -4.59 9.75
N ARG I 15 55.28 -4.93 10.22
CA ARG I 15 54.35 -3.90 10.66
C ARG I 15 54.71 -3.38 12.05
N VAL I 16 55.21 -4.27 12.92
CA VAL I 16 55.63 -3.84 14.25
C VAL I 16 56.91 -3.03 14.16
N ASP I 17 57.87 -3.46 13.33
CA ASP I 17 59.15 -2.76 13.21
C ASP I 17 59.01 -1.42 12.51
N MET I 18 57.99 -1.27 11.65
CA MET I 18 57.73 0.02 11.04
C MET I 18 57.18 1.01 12.06
N LEU I 19 56.22 0.58 12.87
CA LEU I 19 55.60 1.43 13.88
C LEU I 19 56.41 1.47 15.18
N LEU I 20 57.57 0.84 15.24
CA LEU I 20 58.46 1.00 16.39
C LEU I 20 59.44 2.15 16.18
N ASN I 21 60.17 2.12 15.07
CA ASN I 21 61.14 3.18 14.81
C ASN I 21 60.49 4.52 14.45
N LYS I 22 59.22 4.53 14.09
CA LYS I 22 58.50 5.77 13.79
C LYS I 22 57.93 6.41 15.05
N LYS I 23 57.19 5.64 15.84
CA LYS I 23 56.53 6.17 17.03
C LYS I 23 57.43 6.05 18.26
N GLY I 24 57.88 4.83 18.57
CA GLY I 24 58.74 4.60 19.71
C GLY I 24 58.29 3.41 20.53
N GLN I 25 56.98 3.17 20.55
CA GLN I 25 56.37 2.12 21.36
C GLN I 25 55.05 1.73 20.73
N VAL I 26 54.60 0.51 21.03
CA VAL I 26 53.50 -0.10 20.28
C VAL I 26 52.54 -0.80 21.24
N ILE I 27 51.25 -0.71 20.94
CA ILE I 27 50.19 -1.49 21.60
C ILE I 27 49.66 -2.48 20.60
N LEU I 28 49.83 -3.77 20.90
CA LEU I 28 49.22 -4.84 20.10
C LEU I 28 47.84 -5.14 20.67
N TYR I 29 46.88 -4.30 20.29
CA TYR I 29 45.52 -4.45 20.78
C TYR I 29 44.72 -5.34 19.83
N GLY I 30 43.89 -6.21 20.42
CA GLY I 30 43.13 -7.17 19.65
C GLY I 30 42.18 -7.96 20.53
N PRO I 31 41.21 -8.63 19.91
CA PRO I 31 40.36 -9.54 20.67
C PRO I 31 41.16 -10.73 21.17
N PRO I 32 40.75 -11.32 22.29
CA PRO I 32 41.54 -12.42 22.85
C PRO I 32 41.42 -13.70 22.04
N GLY I 33 42.40 -14.57 22.22
CA GLY I 33 42.59 -15.68 21.33
C GLY I 33 43.48 -15.37 20.15
N THR I 34 44.06 -14.19 20.12
CA THR I 34 45.07 -13.80 19.15
C THR I 34 46.43 -13.93 19.79
N GLY I 35 47.46 -14.09 18.96
CA GLY I 35 48.78 -14.26 19.52
C GLY I 35 49.52 -12.97 19.84
N LYS I 36 48.83 -11.94 20.33
CA LYS I 36 49.45 -10.62 20.46
C LYS I 36 50.41 -10.54 21.65
N THR I 37 50.33 -11.48 22.59
CA THR I 37 51.44 -11.66 23.52
C THR I 37 52.53 -12.50 22.91
N TRP I 38 52.17 -13.54 22.16
CA TRP I 38 53.16 -14.39 21.49
C TRP I 38 53.86 -13.66 20.35
N ILE I 39 53.15 -12.78 19.66
CA ILE I 39 53.81 -11.93 18.65
C ILE I 39 54.77 -10.96 19.34
N ALA I 40 54.35 -10.41 20.48
CA ALA I 40 55.24 -9.54 21.26
C ALA I 40 56.41 -10.32 21.84
N ARG I 41 56.18 -11.57 22.23
CA ARG I 41 57.25 -12.34 22.85
C ARG I 41 58.22 -12.90 21.82
N LYS I 42 57.71 -13.31 20.66
CA LYS I 42 58.60 -13.92 19.66
C LYS I 42 59.36 -12.88 18.86
N TYR I 43 58.79 -11.68 18.68
CA TYR I 43 59.50 -10.63 17.95
C TYR I 43 60.66 -10.10 18.77
N VAL I 44 60.49 -9.99 20.09
CA VAL I 44 61.57 -9.55 20.97
C VAL I 44 62.67 -10.62 21.02
N VAL I 45 62.29 -11.89 21.06
CA VAL I 45 63.27 -12.98 21.10
C VAL I 45 64.01 -13.07 19.77
N GLU I 46 63.32 -12.85 18.64
CA GLU I 46 63.97 -12.93 17.33
C GLU I 46 64.89 -11.74 17.10
N GLU I 47 64.51 -10.55 17.55
CA GLU I 47 65.30 -9.36 17.24
C GLU I 47 66.46 -9.17 18.21
N THR I 48 66.21 -9.36 19.51
CA THR I 48 67.23 -9.10 20.51
C THR I 48 68.16 -10.29 20.73
N ASN I 49 67.77 -11.47 20.24
CA ASN I 49 68.50 -12.74 20.39
C ASN I 49 68.74 -13.07 21.87
N GLU I 50 67.63 -13.10 22.62
CA GLU I 50 67.69 -13.43 24.05
C GLU I 50 66.42 -14.22 24.37
N LYS I 51 66.57 -15.53 24.52
CA LYS I 51 65.41 -16.39 24.75
C LYS I 51 64.86 -16.24 26.16
N THR I 52 65.71 -15.86 27.12
CA THR I 52 65.26 -15.73 28.50
C THR I 52 64.93 -14.28 28.83
N PRO I 53 63.87 -14.03 29.61
CA PRO I 53 63.55 -12.64 29.99
C PRO I 53 64.52 -12.09 31.02
N GLY I 54 65.69 -11.66 30.56
CA GLY I 54 66.70 -11.09 31.43
C GLY I 54 67.83 -10.43 30.68
N ASN I 55 68.25 -9.25 31.16
CA ASN I 55 69.43 -8.48 30.75
C ASN I 55 69.40 -7.97 29.31
N LYS I 56 68.35 -8.28 28.55
CA LYS I 56 68.17 -7.68 27.24
C LYS I 56 66.72 -7.22 27.10
N TRP I 57 65.82 -7.84 27.84
CA TRP I 57 64.42 -7.47 27.87
C TRP I 57 63.81 -7.95 29.18
N GLU I 58 62.56 -7.53 29.42
CA GLU I 58 61.88 -7.88 30.66
C GLU I 58 60.38 -7.95 30.42
N PHE I 59 59.73 -8.89 31.10
CA PHE I 59 58.29 -9.08 31.01
C PHE I 59 57.62 -8.52 32.26
N ILE I 60 56.61 -7.69 32.05
CA ILE I 60 55.90 -7.01 33.14
C ILE I 60 54.41 -7.08 32.87
N THR I 61 53.64 -7.53 33.86
CA THR I 61 52.19 -7.60 33.75
C THR I 61 51.56 -6.55 34.66
N PHE I 62 50.63 -5.77 34.11
CA PHE I 62 49.99 -4.70 34.86
C PHE I 62 48.72 -5.21 35.54
N HIS I 63 48.36 -4.55 36.64
CA HIS I 63 47.11 -4.80 37.35
C HIS I 63 46.79 -3.58 38.20
N GLN I 64 45.61 -3.61 38.83
CA GLN I 64 45.18 -2.46 39.62
C GLN I 64 45.96 -2.33 40.92
N SER I 65 46.59 -3.41 41.39
CA SER I 65 47.42 -3.36 42.59
C SER I 65 48.87 -2.97 42.29
N TYR I 66 49.18 -2.71 41.03
CA TYR I 66 50.54 -2.35 40.64
C TYR I 66 50.73 -0.84 40.81
N SER I 67 51.80 -0.44 41.49
CA SER I 67 51.98 0.95 41.93
C SER I 67 53.30 1.53 41.43
N TYR I 68 53.47 2.82 41.71
CA TYR I 68 54.65 3.56 41.27
C TYR I 68 55.91 3.11 42.01
N GLU I 69 55.78 2.62 43.25
CA GLU I 69 56.95 2.31 44.07
C GLU I 69 57.68 1.05 43.60
N GLU I 70 57.00 0.14 42.91
CA GLU I 70 57.64 -1.06 42.41
C GLU I 70 57.89 -1.05 40.92
N PHE I 71 57.39 -0.05 40.20
CA PHE I 71 57.58 0.06 38.76
C PHE I 71 58.80 0.88 38.38
N ILE I 72 59.00 2.04 39.01
CA ILE I 72 60.20 2.84 38.75
C ILE I 72 61.13 2.77 39.95
N GLU I 73 60.69 3.32 41.09
CA GLU I 73 61.43 3.22 42.34
C GLU I 73 60.52 3.54 43.51
N GLY I 74 60.85 2.96 44.66
CA GLY I 74 60.16 3.20 45.92
C GLY I 74 61.13 2.89 47.04
N PHE I 75 60.61 2.84 48.26
CA PHE I 75 61.41 2.58 49.44
C PHE I 75 61.18 1.16 49.93
N ARG I 76 62.27 0.45 50.23
CA ARG I 76 62.24 -0.90 50.77
C ARG I 76 63.21 -1.01 51.94
N PRO I 77 62.88 -1.81 52.95
CA PRO I 77 63.87 -2.14 53.98
C PRO I 77 64.84 -3.20 53.49
N ARG I 78 66.03 -3.22 54.10
CA ARG I 78 67.09 -4.12 53.69
C ARG I 78 67.61 -4.95 54.85
N THR I 79 68.55 -5.83 54.52
CA THR I 79 69.24 -6.68 55.49
C THR I 79 70.57 -6.04 55.89
N ASP I 80 70.46 -4.89 56.53
CA ASP I 80 71.60 -4.17 57.11
C ASP I 80 71.92 -4.74 58.49
N ASN I 81 72.65 -3.96 59.30
CA ASN I 81 72.92 -4.31 60.69
C ASN I 81 71.62 -4.47 61.48
N GLU I 82 71.73 -5.18 62.62
CA GLU I 82 70.56 -5.70 63.32
C GLU I 82 69.67 -4.60 63.88
N GLU I 83 70.28 -3.64 64.61
CA GLU I 83 69.54 -2.50 65.13
C GLU I 83 69.59 -1.30 64.18
N LYS I 84 69.96 -1.52 62.92
CA LYS I 84 70.17 -0.45 61.95
C LYS I 84 69.46 -0.75 60.64
N ILE I 85 68.17 -1.11 60.72
CA ILE I 85 67.38 -1.34 59.52
C ILE I 85 67.20 -0.03 58.76
N ARG I 86 67.57 -0.04 57.48
CA ARG I 86 67.61 1.16 56.66
C ARG I 86 66.58 1.08 55.54
N TYR I 87 66.07 2.24 55.14
CA TYR I 87 65.14 2.35 54.01
C TYR I 87 65.89 2.93 52.83
N VAL I 88 66.22 2.08 51.87
CA VAL I 88 66.92 2.51 50.68
C VAL I 88 65.90 2.69 49.56
N VAL I 89 66.34 3.26 48.45
CA VAL I 89 65.48 3.45 47.28
C VAL I 89 65.82 2.32 46.32
N GLU I 90 65.09 1.22 46.43
CA GLU I 90 65.26 0.10 45.52
C GLU I 90 64.51 0.37 44.23
N ASP I 91 65.23 0.32 43.11
CA ASP I 91 64.65 0.63 41.82
C ASP I 91 63.71 -0.48 41.37
N GLY I 92 62.71 -0.10 40.58
CA GLY I 92 61.76 -1.06 40.06
C GLY I 92 62.26 -1.77 38.83
N ILE I 93 61.38 -1.98 37.86
CA ILE I 93 61.72 -2.67 36.63
C ILE I 93 61.93 -1.70 35.47
N PHE I 94 61.11 -0.65 35.40
CA PHE I 94 61.22 0.30 34.29
C PHE I 94 62.44 1.19 34.42
N LYS I 95 62.79 1.57 35.66
CA LYS I 95 64.02 2.32 35.86
C LYS I 95 65.23 1.42 35.64
N LYS I 96 65.12 0.14 36.00
CA LYS I 96 66.25 -0.76 35.82
C LYS I 96 66.46 -1.11 34.36
N ILE I 97 65.37 -1.19 33.57
CA ILE I 97 65.52 -1.52 32.16
C ILE I 97 65.95 -0.29 31.34
N ALA I 98 65.59 0.92 31.78
CA ALA I 98 66.00 2.10 31.04
C ALA I 98 67.43 2.49 31.37
N LEU I 99 67.86 2.23 32.60
CA LEU I 99 69.27 2.39 32.94
C LEU I 99 70.13 1.35 32.22
N ARG I 100 69.64 0.10 32.14
CA ARG I 100 70.39 -0.96 31.48
C ARG I 100 70.50 -0.71 29.97
N ALA I 101 69.47 -0.10 29.38
CA ALA I 101 69.56 0.28 27.97
C ALA I 101 70.48 1.47 27.79
N LEU I 102 70.58 2.36 28.79
CA LEU I 102 71.47 3.50 28.69
C LEU I 102 72.92 3.09 28.95
N VAL I 103 73.14 2.17 29.91
CA VAL I 103 74.48 1.70 30.21
C VAL I 103 75.04 0.88 29.04
N LYS I 104 74.22 0.02 28.45
CA LYS I 104 74.67 -0.76 27.29
C LYS I 104 74.82 0.12 26.06
N GLY I 105 74.08 1.23 25.98
CA GLY I 105 74.24 2.14 24.87
C GLY I 105 75.53 2.94 24.94
N LEU I 106 75.91 3.36 26.14
CA LEU I 106 77.16 4.11 26.32
C LEU I 106 78.38 3.23 26.40
N PHE I 107 78.20 1.91 26.57
CA PHE I 107 79.33 0.99 26.63
C PHE I 107 80.01 0.85 25.27
N GLU I 108 79.25 0.99 24.19
CA GLU I 108 79.78 0.89 22.83
C GLU I 108 79.83 2.24 22.13
N LEU I 109 79.89 3.33 22.90
CA LEU I 109 79.99 4.67 22.35
C LEU I 109 81.45 5.11 22.38
N GLU I 110 81.82 5.94 21.40
CA GLU I 110 83.20 6.35 21.22
C GLU I 110 83.56 7.61 21.99
N ASP I 111 82.64 8.57 22.07
CA ASP I 111 82.92 9.83 22.74
C ASP I 111 82.74 9.77 24.25
N ALA I 112 82.12 8.70 24.78
CA ALA I 112 81.93 8.52 26.21
C ALA I 112 83.06 7.72 26.85
N THR I 113 84.27 7.80 26.30
CA THR I 113 85.41 6.99 26.73
C THR I 113 86.14 7.57 27.94
N ILE I 114 85.52 8.50 28.67
CA ILE I 114 86.15 9.05 29.87
C ILE I 114 86.14 8.02 30.98
N GLY I 115 85.05 7.28 31.14
CA GLY I 115 84.91 6.33 32.22
C GLY I 115 84.33 4.99 31.81
N LYS I 116 84.69 4.53 30.59
CA LYS I 116 84.12 3.31 30.03
C LYS I 116 84.47 2.06 30.83
N ASP I 117 85.56 2.09 31.60
CA ASP I 117 85.87 0.98 32.50
C ASP I 117 84.92 0.93 33.70
N LYS I 118 84.22 2.03 33.98
CA LYS I 118 83.25 2.06 35.06
C LYS I 118 81.82 1.83 34.57
N ILE I 119 81.54 2.09 33.29
CA ILE I 119 80.21 1.82 32.75
C ILE I 119 79.97 0.33 32.64
N HIS I 120 81.02 -0.45 32.35
CA HIS I 120 80.88 -1.90 32.35
C HIS I 120 80.69 -2.44 33.77
N ARG I 121 81.24 -1.75 34.77
CA ARG I 121 80.96 -2.10 36.17
C ARG I 121 79.51 -1.82 36.51
N LEU I 122 78.94 -0.74 35.96
CA LEU I 122 77.52 -0.45 36.20
C LEU I 122 76.62 -1.44 35.45
N TYR I 123 77.12 -2.03 34.36
CA TYR I 123 76.31 -3.00 33.63
C TYR I 123 76.17 -4.31 34.39
N ILE I 124 77.22 -4.72 35.10
CA ILE I 124 77.17 -5.95 35.89
C ILE I 124 76.21 -5.79 37.07
N LEU I 125 76.15 -4.59 37.63
CA LEU I 125 75.23 -4.32 38.73
C LEU I 125 73.77 -4.31 38.28
N LEU I 126 73.52 -4.01 37.00
CA LEU I 126 72.14 -3.94 36.52
C LEU I 126 71.63 -5.29 36.01
N THR I 127 72.51 -6.15 35.52
CA THR I 127 72.14 -7.52 35.18
C THR I 127 72.30 -8.47 36.35
N LYS I 128 72.56 -7.96 37.55
CA LYS I 128 72.67 -8.79 38.75
C LYS I 128 71.29 -9.31 39.12
N LYS I 129 71.09 -10.63 39.01
CA LYS I 129 69.78 -11.23 39.19
C LYS I 129 69.51 -11.60 40.65
N GLU I 130 69.68 -10.65 41.55
CA GLU I 130 69.46 -10.84 42.98
C GLU I 130 69.34 -9.47 43.64
N PRO I 131 68.77 -9.40 44.84
CA PRO I 131 68.83 -8.15 45.61
C PRO I 131 70.26 -7.76 45.95
N LEU I 132 70.54 -6.47 45.87
CA LEU I 132 71.90 -5.97 45.94
C LEU I 132 72.39 -5.96 47.39
N SER I 133 73.68 -6.26 47.54
CA SER I 133 74.27 -6.37 48.87
C SER I 133 74.48 -4.98 49.47
N PRO I 134 74.26 -4.81 50.79
CA PRO I 134 74.37 -3.47 51.37
C PRO I 134 75.80 -2.95 51.50
N THR I 135 76.81 -3.81 51.45
CA THR I 135 78.19 -3.32 51.48
C THR I 135 78.62 -2.73 50.15
N GLU I 136 77.88 -3.03 49.07
CA GLU I 136 78.21 -2.51 47.75
C GLU I 136 77.02 -1.83 47.08
N TYR I 137 75.97 -1.52 47.84
CA TYR I 137 74.86 -0.74 47.30
C TYR I 137 75.27 0.71 47.06
N GLU I 138 76.19 1.23 47.88
CA GLU I 138 76.70 2.59 47.65
C GLU I 138 77.61 2.63 46.44
N GLU I 139 78.21 1.50 46.06
CA GLU I 139 78.91 1.42 44.78
C GLU I 139 77.93 1.46 43.62
N TYR I 140 76.72 0.92 43.82
CA TYR I 140 75.68 1.06 42.81
C TYR I 140 75.14 2.48 42.80
N LEU I 141 75.10 3.14 43.95
CA LEU I 141 74.58 4.50 44.02
C LEU I 141 75.56 5.50 43.43
N ARG I 142 76.86 5.30 43.65
CA ARG I 142 77.85 6.23 43.16
C ARG I 142 78.09 6.08 41.66
N LEU I 143 77.95 4.86 41.15
CA LEU I 143 78.10 4.66 39.70
C LEU I 143 76.92 5.22 38.93
N LYS I 144 75.72 5.22 39.55
CA LYS I 144 74.57 5.84 38.90
C LYS I 144 74.69 7.36 38.93
N ARG I 145 75.21 7.91 40.03
CA ARG I 145 75.42 9.36 40.10
C ARG I 145 76.54 9.80 39.17
N TYR I 146 77.51 8.91 38.92
CA TYR I 146 78.54 9.21 37.92
C TYR I 146 77.96 9.17 36.51
N LEU I 147 76.97 8.30 36.28
CA LEU I 147 76.45 8.11 34.94
C LEU I 147 75.65 9.32 34.47
N TRP I 148 74.66 9.76 35.25
CA TRP I 148 73.78 10.84 34.82
C TRP I 148 74.49 12.17 34.78
N GLU I 149 75.58 12.32 35.54
CA GLU I 149 76.47 13.46 35.37
C GLU I 149 77.12 13.43 34.00
N LEU I 150 77.46 12.24 33.51
CA LEU I 150 78.13 12.12 32.21
C LEU I 150 77.16 12.31 31.05
N VAL I 151 75.92 11.82 31.18
CA VAL I 151 74.95 11.98 30.10
C VAL I 151 74.42 13.41 30.05
N GLY I 152 74.39 14.11 31.18
CA GLY I 152 74.03 15.51 31.16
C GLY I 152 75.11 16.42 30.60
N GLY I 153 76.32 15.91 30.43
CA GLY I 153 77.39 16.66 29.81
C GLY I 153 77.79 16.11 28.45
N LEU I 154 76.83 15.49 27.77
CA LEU I 154 77.01 14.98 26.42
C LEU I 154 76.00 15.63 25.48
N PRO I 155 76.38 15.93 24.24
CA PRO I 155 75.46 16.59 23.32
C PRO I 155 74.40 15.62 22.78
N LYS I 156 73.44 16.20 22.06
CA LYS I 156 72.37 15.42 21.45
C LYS I 156 72.75 14.82 20.11
N ASP I 157 74.00 14.98 19.67
CA ASP I 157 74.42 14.41 18.40
C ASP I 157 74.66 12.91 18.51
N LYS I 158 75.37 12.49 19.56
CA LYS I 158 75.77 11.10 19.74
C LYS I 158 74.73 10.28 20.49
N LEU I 159 73.53 10.82 20.72
CA LEU I 159 72.48 10.10 21.43
C LEU I 159 71.21 9.96 20.60
N LYS I 160 71.29 10.19 19.28
CA LYS I 160 70.13 10.00 18.42
C LYS I 160 69.77 8.52 18.28
N ASN I 161 70.73 7.63 18.45
CA ASN I 161 70.48 6.20 18.35
C ASN I 161 71.52 5.44 19.16
N LEU I 162 71.08 4.31 19.73
CA LEU I 162 71.96 3.39 20.43
C LEU I 162 71.69 1.99 19.90
N THR I 163 72.75 1.29 19.51
CA THR I 163 72.64 0.04 18.75
C THR I 163 72.05 -1.15 19.54
N PRO I 164 72.33 -1.37 20.83
CA PRO I 164 71.53 -2.39 21.54
C PRO I 164 70.12 -1.91 21.80
N LYS I 165 69.15 -2.56 21.16
CA LYS I 165 67.75 -2.16 21.22
C LYS I 165 67.06 -3.00 22.30
N PHE I 166 66.80 -2.38 23.44
CA PHE I 166 66.17 -3.08 24.55
C PHE I 166 64.64 -3.03 24.40
N TYR I 167 63.97 -3.90 25.15
CA TYR I 167 62.52 -4.02 25.06
C TYR I 167 61.95 -4.24 26.44
N LEU I 168 60.68 -3.85 26.62
CA LEU I 168 59.94 -4.12 27.86
C LEU I 168 58.53 -4.54 27.46
N ILE I 169 58.31 -5.84 27.39
CA ILE I 169 57.00 -6.37 26.99
C ILE I 169 56.04 -6.19 28.15
N ILE I 170 55.16 -5.22 28.05
CA ILE I 170 54.15 -4.96 29.06
C ILE I 170 52.88 -5.69 28.67
N ASP I 171 52.47 -6.66 29.46
CA ASP I 171 51.29 -7.45 29.17
C ASP I 171 50.10 -6.92 29.95
N GLU I 172 48.94 -6.89 29.29
CA GLU I 172 47.66 -6.38 29.80
C GLU I 172 47.81 -4.95 30.33
N ILE I 173 48.13 -4.04 29.40
CA ILE I 173 48.47 -2.68 29.77
C ILE I 173 47.23 -1.86 30.14
N ASN I 174 46.03 -2.31 29.75
CA ASN I 174 44.81 -1.60 30.12
C ASN I 174 44.25 -2.06 31.46
N ARG I 175 44.79 -3.14 32.03
CA ARG I 175 44.37 -3.58 33.36
C ARG I 175 44.86 -2.61 34.43
N GLY I 176 46.15 -2.30 34.40
CA GLY I 176 46.71 -1.39 35.38
C GLY I 176 46.35 0.06 35.12
N ASN I 177 46.21 0.81 36.20
CA ASN I 177 45.96 2.24 36.10
C ASN I 177 47.25 2.92 35.66
N ILE I 178 47.28 3.38 34.40
CA ILE I 178 48.52 3.87 33.82
C ILE I 178 48.88 5.25 34.34
N SER I 179 47.93 5.95 34.96
CA SER I 179 48.22 7.27 35.52
C SER I 179 48.88 7.17 36.89
N LYS I 180 48.65 6.06 37.60
CA LYS I 180 49.24 5.89 38.93
C LYS I 180 50.71 5.47 38.85
N ILE I 181 51.04 4.62 37.87
CA ILE I 181 52.39 4.08 37.74
C ILE I 181 53.28 4.94 36.83
N PHE I 182 52.70 5.78 35.99
CA PHE I 182 53.43 6.81 35.26
C PHE I 182 53.01 8.14 35.86
N GLY I 183 53.70 8.53 36.94
CA GLY I 183 53.33 9.72 37.70
C GLY I 183 53.57 11.01 36.96
N GLU I 184 54.84 11.33 36.71
CA GLU I 184 55.21 12.48 35.89
C GLU I 184 56.13 12.05 34.75
N LEU I 185 56.00 10.79 34.32
CA LEU I 185 56.95 10.19 33.40
C LEU I 185 56.30 9.60 32.17
N ILE I 186 55.01 9.86 31.95
CA ILE I 186 54.35 9.37 30.73
C ILE I 186 54.77 10.20 29.52
N THR I 187 55.22 11.45 29.74
CA THR I 187 55.66 12.29 28.63
C THR I 187 57.00 11.85 28.06
N LEU I 188 57.80 11.09 28.83
CA LEU I 188 59.10 10.65 28.36
C LEU I 188 59.05 9.58 27.28
N LEU I 189 57.92 8.91 27.11
CA LEU I 189 57.86 7.77 26.20
C LEU I 189 57.88 8.18 24.74
N GLU I 190 57.51 9.42 24.42
CA GLU I 190 57.54 9.89 23.04
C GLU I 190 58.97 9.98 22.53
N LYS I 191 59.12 9.81 21.21
CA LYS I 191 60.45 9.90 20.59
C LYS I 191 60.97 11.33 20.62
N ASP I 192 60.07 12.31 20.61
CA ASP I 192 60.48 13.71 20.68
C ASP I 192 61.00 14.12 22.05
N LYS I 193 60.65 13.37 23.10
CA LYS I 193 61.06 13.72 24.46
C LYS I 193 62.00 12.70 25.08
N ARG I 194 62.54 11.77 24.29
CA ARG I 194 63.48 10.81 24.83
C ARG I 194 64.86 11.42 24.97
N LEU I 195 65.77 10.65 25.53
CA LEU I 195 67.15 11.09 25.75
C LEU I 195 67.91 11.03 24.42
N GLY I 196 67.73 12.08 23.64
CA GLY I 196 68.31 12.12 22.31
C GLY I 196 67.47 12.84 21.28
N GLY I 197 66.21 13.13 21.61
CA GLY I 197 65.41 14.02 20.80
C GLY I 197 65.80 15.47 21.04
N GLU I 198 65.14 16.36 20.29
CA GLU I 198 65.46 17.78 20.45
C GLU I 198 64.88 18.33 21.76
N ASN I 199 63.80 17.75 22.25
CA ASN I 199 63.28 18.06 23.59
C ASN I 199 63.76 17.03 24.61
N GLN I 200 65.08 16.92 24.74
CA GLN I 200 65.68 15.98 25.68
C GLN I 200 65.36 16.41 27.11
N LEU I 201 64.60 15.58 27.82
CA LEU I 201 64.01 15.95 29.10
C LEU I 201 64.51 14.97 30.16
N ILE I 202 65.45 15.41 30.99
CA ILE I 202 65.99 14.60 32.07
C ILE I 202 65.26 15.05 33.34
N VAL I 203 64.17 14.35 33.65
CA VAL I 203 63.36 14.70 34.81
C VAL I 203 63.96 14.07 36.06
N ARG I 204 63.93 14.80 37.17
CA ARG I 204 64.31 14.21 38.44
C ARG I 204 63.20 13.28 38.94
N LEU I 205 63.58 12.33 39.77
CA LEU I 205 62.59 11.44 40.33
C LEU I 205 62.17 11.94 41.71
N PRO I 206 60.89 11.76 42.09
CA PRO I 206 60.42 12.35 43.36
C PRO I 206 61.02 11.74 44.60
N TYR I 207 61.52 10.51 44.52
CA TYR I 207 62.33 9.92 45.57
C TYR I 207 63.79 9.94 45.14
N SER I 208 64.69 9.93 46.13
CA SER I 208 66.14 9.76 46.01
C SER I 208 66.89 10.90 45.30
N GLY I 209 66.16 11.88 44.76
CA GLY I 209 66.78 12.98 44.05
C GLY I 209 67.51 12.61 42.78
N GLU I 210 67.23 11.43 42.22
CA GLU I 210 68.02 10.99 41.07
C GLU I 210 67.35 11.43 39.77
N PRO I 211 68.13 11.95 38.82
CA PRO I 211 67.59 12.28 37.51
C PRO I 211 67.36 11.03 36.68
N PHE I 212 66.45 11.15 35.71
CA PHE I 212 66.04 9.99 34.94
C PHE I 212 65.47 10.45 33.60
N ALA I 213 65.81 9.72 32.54
CA ALA I 213 65.30 9.94 31.20
C ALA I 213 65.49 8.66 30.41
N VAL I 214 64.45 8.24 29.70
CA VAL I 214 64.51 6.96 29.00
C VAL I 214 65.34 7.10 27.73
N PRO I 215 66.21 6.13 27.44
CA PRO I 215 67.03 6.20 26.24
C PRO I 215 66.21 5.89 25.00
N PRO I 216 66.66 6.30 23.80
CA PRO I 216 65.82 6.11 22.62
C PRO I 216 65.77 4.69 22.06
N ASN I 217 66.49 3.74 22.67
CA ASN I 217 66.44 2.36 22.19
C ASN I 217 65.49 1.48 22.98
N LEU I 218 65.08 1.91 24.18
CA LEU I 218 64.13 1.14 24.97
C LEU I 218 62.74 1.26 24.37
N TYR I 219 62.18 0.13 23.93
CA TYR I 219 60.89 0.10 23.26
C TYR I 219 59.87 -0.60 24.16
N ILE I 220 58.65 -0.07 24.19
CA ILE I 220 57.60 -0.56 25.06
C ILE I 220 56.58 -1.25 24.19
N ILE I 221 56.70 -2.57 24.05
CA ILE I 221 55.76 -3.36 23.26
C ILE I 221 54.66 -3.83 24.21
N GLY I 222 53.51 -3.17 24.14
CA GLY I 222 52.39 -3.50 24.99
C GLY I 222 51.42 -4.45 24.31
N THR I 223 50.86 -5.37 25.09
CA THR I 223 49.77 -6.22 24.65
C THR I 223 48.53 -5.81 25.42
N MET I 224 47.39 -5.76 24.75
CA MET I 224 46.20 -5.18 25.35
C MET I 224 44.95 -5.88 24.85
N ASN I 225 44.14 -6.39 25.77
CA ASN I 225 42.83 -6.86 25.40
C ASN I 225 41.92 -5.68 25.10
N THR I 226 41.02 -5.88 24.14
CA THR I 226 40.01 -4.87 23.82
C THR I 226 38.64 -5.51 23.63
N ALA I 227 38.31 -6.49 24.49
CA ALA I 227 36.99 -7.08 24.48
C ALA I 227 36.28 -7.01 25.82
N ASP I 228 36.97 -6.62 26.90
CA ASP I 228 36.36 -6.48 28.21
C ASP I 228 35.34 -5.35 28.18
N ARG I 229 35.84 -4.12 28.05
CA ARG I 229 35.02 -2.96 27.70
C ARG I 229 35.70 -2.05 26.69
N SER I 230 37.03 -2.07 26.59
CA SER I 230 37.77 -1.08 25.82
C SER I 230 37.60 -1.31 24.32
N ILE I 231 37.40 -0.24 23.58
CA ILE I 231 37.31 -0.36 22.13
C ILE I 231 38.47 0.43 21.52
N ALA I 232 38.41 1.75 21.67
CA ALA I 232 39.54 2.64 21.40
C ALA I 232 39.64 3.78 22.40
N LEU I 233 38.56 4.15 23.09
CA LEU I 233 38.56 5.27 24.01
C LEU I 233 38.38 4.72 25.43
N LEU I 234 39.47 4.21 25.99
CA LEU I 234 39.58 3.92 27.41
C LEU I 234 40.92 4.33 27.99
N ASP I 235 41.88 4.74 27.15
CA ASP I 235 43.28 4.83 27.53
C ASP I 235 43.88 6.18 27.15
N VAL I 236 43.24 7.28 27.56
CA VAL I 236 43.55 8.62 27.08
C VAL I 236 44.98 9.03 27.47
N ALA I 237 45.50 8.50 28.57
CA ALA I 237 46.86 8.81 28.98
C ALA I 237 47.91 8.08 28.14
N LEU I 238 47.52 7.07 27.36
CA LEU I 238 48.47 6.36 26.50
C LEU I 238 48.01 6.23 25.06
N ARG I 239 46.83 6.76 24.70
CA ARG I 239 46.36 6.62 23.33
C ARG I 239 47.12 7.49 22.35
N ARG I 240 47.76 8.56 22.84
CA ARG I 240 48.54 9.44 21.98
C ARG I 240 50.02 9.07 21.92
N ARG I 241 50.56 8.49 22.99
CA ARG I 241 51.97 8.12 23.00
C ARG I 241 52.24 6.81 22.27
N PHE I 242 51.26 5.92 22.23
CA PHE I 242 51.46 4.54 21.80
C PHE I 242 50.83 4.33 20.42
N ALA I 243 51.56 3.60 19.57
CA ALA I 243 51.07 3.25 18.24
C ALA I 243 50.27 1.96 18.33
N PHE I 244 49.03 1.99 17.84
CA PHE I 244 48.10 0.87 18.00
C PHE I 244 48.12 0.00 16.75
N ILE I 245 48.23 -1.32 16.96
CA ILE I 245 48.20 -2.30 15.88
C ILE I 245 47.07 -3.28 16.17
N GLU I 246 46.10 -3.35 15.26
CA GLU I 246 45.04 -4.35 15.33
C GLU I 246 45.62 -5.72 14.99
N VAL I 247 45.76 -6.58 15.99
CA VAL I 247 46.13 -7.98 15.75
C VAL I 247 44.81 -8.73 15.69
N GLU I 248 44.27 -8.85 14.48
CA GLU I 248 42.98 -9.47 14.29
C GLU I 248 43.12 -11.00 14.32
N PRO I 249 42.04 -11.73 14.66
CA PRO I 249 42.11 -13.20 14.59
C PRO I 249 42.23 -13.70 13.17
N ARG I 250 43.38 -14.28 12.86
CA ARG I 250 43.57 -14.88 11.54
C ARG I 250 43.09 -16.33 11.58
N PRO I 251 42.05 -16.68 10.82
CA PRO I 251 41.63 -18.09 10.74
C PRO I 251 42.40 -18.89 9.70
N GLU I 252 43.42 -18.29 9.08
CA GLU I 252 44.29 -19.02 8.15
C GLU I 252 45.13 -20.06 8.88
N PHE I 253 45.32 -19.91 10.18
CA PHE I 253 46.07 -20.85 11.00
C PHE I 253 45.26 -22.07 11.43
N LEU I 254 44.07 -22.26 10.87
CA LEU I 254 43.26 -23.43 11.17
C LEU I 254 43.11 -24.36 9.97
N GLU I 255 43.80 -24.07 8.87
CA GLU I 255 43.89 -25.01 7.76
C GLU I 255 44.74 -26.21 8.17
N LYS I 256 44.60 -27.31 7.43
CA LYS I 256 45.36 -28.52 7.76
C LYS I 256 46.83 -28.33 7.47
N GLU I 257 47.16 -27.56 6.43
CA GLU I 257 48.57 -27.29 6.13
C GLU I 257 49.19 -26.38 7.17
N ASN I 258 48.40 -25.43 7.70
CA ASN I 258 48.94 -24.50 8.70
C ASN I 258 48.98 -25.14 10.09
N LEU I 259 47.96 -25.93 10.44
CA LEU I 259 47.94 -26.57 11.76
C LEU I 259 49.01 -27.63 11.90
N LYS I 260 49.37 -28.28 10.79
CA LYS I 260 50.49 -29.21 10.81
C LYS I 260 51.81 -28.48 11.00
N LYS I 261 51.94 -27.29 10.41
CA LYS I 261 53.20 -26.56 10.47
C LYS I 261 53.41 -25.89 11.82
N ILE I 262 52.32 -25.44 12.46
CA ILE I 262 52.43 -24.73 13.73
C ILE I 262 52.83 -25.68 14.85
N ARG I 263 52.16 -26.82 14.96
CA ARG I 263 52.43 -27.74 16.07
C ARG I 263 53.74 -28.48 15.87
N GLU I 264 54.20 -28.62 14.64
CA GLU I 264 55.51 -29.22 14.37
C GLU I 264 56.65 -28.21 14.36
N LYS I 265 56.38 -26.94 14.70
CA LYS I 265 57.45 -25.97 14.80
C LYS I 265 58.28 -26.19 16.06
N LYS I 266 57.63 -26.52 17.17
CA LYS I 266 58.33 -26.80 18.42
C LYS I 266 58.63 -28.29 18.58
N LEU I 267 57.59 -29.11 18.52
CA LEU I 267 57.73 -30.57 18.67
C LEU I 267 58.02 -31.18 17.30
N LYS I 268 59.25 -30.95 16.82
CA LYS I 268 59.70 -31.45 15.53
C LYS I 268 60.49 -32.75 15.65
N THR I 269 60.21 -33.54 16.69
CA THR I 269 60.85 -34.83 16.89
C THR I 269 60.08 -35.91 16.12
N GLU I 270 60.35 -37.18 16.45
CA GLU I 270 59.71 -38.29 15.73
C GLU I 270 58.22 -38.38 16.01
N ASP I 271 57.74 -37.81 17.12
CA ASP I 271 56.32 -37.85 17.43
C ASP I 271 55.50 -36.88 16.58
N ARG I 272 56.14 -36.03 15.77
CA ARG I 272 55.43 -35.19 14.84
C ARG I 272 54.79 -36.01 13.72
N LYS I 273 55.36 -37.17 13.39
CA LYS I 273 54.73 -38.09 12.46
C LYS I 273 53.45 -38.66 13.05
N ARG I 274 53.44 -38.87 14.37
CA ARG I 274 52.24 -39.34 15.05
C ARG I 274 51.16 -38.26 15.06
N LEU I 275 51.55 -36.99 14.98
CA LEU I 275 50.57 -35.92 14.83
C LEU I 275 49.93 -35.94 13.45
N ASN I 276 50.70 -36.29 12.42
CA ASN I 276 50.17 -36.27 11.04
C ASN I 276 49.13 -37.35 10.83
N GLU I 277 49.33 -38.53 11.43
CA GLU I 277 48.30 -39.56 11.39
C GLU I 277 47.14 -39.26 12.33
N LYS I 278 47.32 -38.33 13.26
CA LYS I 278 46.26 -37.88 14.15
C LYS I 278 45.48 -36.71 13.55
N LEU I 279 46.20 -35.77 12.89
CA LEU I 279 45.54 -34.62 12.29
C LEU I 279 44.75 -35.02 11.04
N ASN I 280 45.26 -35.98 10.27
CA ASN I 280 44.52 -36.47 9.12
C ASN I 280 43.29 -37.27 9.55
N GLU I 281 43.34 -37.86 10.75
CA GLU I 281 42.16 -38.51 11.31
C GLU I 281 41.08 -37.50 11.70
N LEU I 282 41.48 -36.28 12.05
CA LEU I 282 40.49 -35.24 12.34
C LEU I 282 39.85 -34.72 11.07
N PHE I 283 40.65 -34.38 10.06
CA PHE I 283 40.15 -33.79 8.83
C PHE I 283 39.61 -34.82 7.84
N SER I 284 39.50 -36.08 8.24
CA SER I 284 38.71 -37.07 7.52
C SER I 284 37.33 -37.24 8.13
N LYS I 285 37.16 -36.88 9.40
CA LYS I 285 35.86 -36.92 10.05
C LYS I 285 35.07 -35.64 9.88
N LEU I 286 35.72 -34.57 9.42
CA LEU I 286 35.05 -33.30 9.11
C LEU I 286 34.60 -33.23 7.66
N GLY I 287 34.37 -34.38 7.03
CA GLY I 287 34.06 -34.41 5.61
C GLY I 287 35.27 -34.84 4.79
N ASN I 288 35.50 -34.16 3.67
CA ASN I 288 36.67 -34.41 2.84
C ASN I 288 37.59 -33.21 2.72
N ASP I 289 37.21 -32.06 3.29
CA ASP I 289 37.89 -30.81 3.07
C ASP I 289 38.94 -30.54 4.14
N ASN I 290 39.90 -29.69 3.79
CA ASN I 290 40.91 -29.20 4.72
C ASN I 290 40.59 -27.80 5.23
N TYR I 291 39.56 -27.16 4.70
CA TYR I 291 39.20 -25.80 5.06
C TYR I 291 37.98 -25.76 5.98
N PHE I 292 37.82 -26.76 6.84
CA PHE I 292 36.63 -26.79 7.67
C PHE I 292 36.77 -25.89 8.89
N LEU I 293 37.90 -25.98 9.59
CA LEU I 293 38.11 -25.16 10.79
C LEU I 293 38.32 -23.69 10.42
N LYS I 294 38.86 -23.43 9.24
CA LYS I 294 39.00 -22.05 8.77
C LYS I 294 37.65 -21.44 8.44
N THR I 295 36.78 -22.18 7.75
CA THR I 295 35.48 -21.65 7.38
C THR I 295 34.56 -21.60 8.60
N LEU I 296 34.77 -22.48 9.58
CA LEU I 296 34.00 -22.43 10.81
C LEU I 296 34.31 -21.17 11.60
N LEU I 297 35.59 -20.80 11.68
CA LEU I 297 35.95 -19.58 12.40
C LEU I 297 35.56 -18.34 11.61
N GLU I 298 35.66 -18.38 10.28
CA GLU I 298 35.29 -17.21 9.48
C GLU I 298 33.78 -16.99 9.48
N LYS I 299 32.99 -18.05 9.37
CA LYS I 299 31.55 -17.88 9.33
C LYS I 299 30.93 -17.75 10.71
N ILE I 300 31.73 -17.74 11.78
CA ILE I 300 31.23 -17.34 13.09
C ILE I 300 31.81 -15.99 13.50
N ASN I 301 32.94 -15.58 12.93
CA ASN I 301 33.47 -14.25 13.25
C ASN I 301 32.77 -13.16 12.47
N VAL I 302 32.26 -13.49 11.28
CA VAL I 302 31.44 -12.56 10.53
C VAL I 302 30.11 -12.36 11.25
N ARG I 303 29.54 -13.43 11.80
CA ARG I 303 28.28 -13.32 12.51
C ARG I 303 28.43 -12.72 13.91
N ILE I 304 29.66 -12.51 14.39
CA ILE I 304 29.86 -11.73 15.61
C ILE I 304 30.05 -10.25 15.28
N THR I 305 30.84 -9.93 14.26
CA THR I 305 31.11 -8.52 13.95
C THR I 305 29.95 -7.81 13.28
N VAL I 306 28.89 -8.55 12.93
CA VAL I 306 27.68 -7.94 12.39
C VAL I 306 26.66 -7.65 13.49
N VAL I 307 26.86 -8.19 14.70
CA VAL I 307 25.90 -7.95 15.77
C VAL I 307 26.49 -7.04 16.84
N LYS I 308 27.57 -7.47 17.49
CA LYS I 308 28.04 -6.76 18.70
C LYS I 308 29.06 -5.68 18.36
N ASP I 309 30.24 -6.08 17.92
CA ASP I 309 31.42 -5.23 17.77
C ASP I 309 32.44 -5.99 16.93
N ARG I 310 33.46 -5.27 16.49
CA ARG I 310 34.54 -5.91 15.75
C ARG I 310 35.52 -6.61 16.69
N ASP I 311 35.84 -5.99 17.81
CA ASP I 311 36.84 -6.51 18.74
C ASP I 311 36.22 -7.34 19.85
N HIS I 312 35.02 -7.89 19.63
CA HIS I 312 34.44 -8.90 20.50
C HIS I 312 34.50 -10.27 19.83
N ARG I 313 35.54 -10.48 19.03
CA ARG I 313 35.63 -11.56 18.07
C ARG I 313 36.32 -12.77 18.71
N ILE I 314 35.95 -13.96 18.24
CA ILE I 314 36.54 -15.21 18.71
C ILE I 314 37.92 -15.36 18.09
N GLY I 315 38.93 -15.54 18.94
CA GLY I 315 40.28 -15.70 18.45
C GLY I 315 40.56 -17.09 17.90
N HIS I 316 41.76 -17.25 17.35
CA HIS I 316 42.17 -18.51 16.76
C HIS I 316 43.04 -19.34 17.69
N SER I 317 43.07 -18.99 18.99
CA SER I 317 43.84 -19.78 19.94
C SER I 317 43.02 -20.86 20.63
N TYR I 318 41.69 -20.80 20.53
CA TYR I 318 40.86 -21.87 21.07
C TYR I 318 40.99 -23.13 20.23
N PHE I 319 40.87 -23.00 18.92
CA PHE I 319 40.89 -24.13 18.00
C PHE I 319 42.29 -24.53 17.59
N LEU I 320 43.33 -23.85 18.08
CA LEU I 320 44.68 -24.12 17.64
C LEU I 320 45.27 -25.39 18.24
N ASN I 321 44.68 -25.91 19.31
CA ASN I 321 45.20 -27.09 20.00
C ASN I 321 44.30 -28.30 19.88
N VAL I 322 43.64 -28.48 18.74
CA VAL I 322 42.81 -29.65 18.49
C VAL I 322 43.61 -30.66 17.68
N GLU I 323 43.40 -31.93 17.97
CA GLU I 323 44.08 -33.01 17.26
C GLU I 323 43.08 -34.04 16.76
N THR I 324 41.93 -34.12 17.42
CA THR I 324 40.91 -35.10 17.09
C THR I 324 39.54 -34.45 17.24
N VAL I 325 38.49 -35.21 16.94
CA VAL I 325 37.12 -34.72 17.06
C VAL I 325 36.75 -34.55 18.53
N GLU I 326 37.38 -35.33 19.42
CA GLU I 326 37.09 -35.20 20.84
C GLU I 326 37.64 -33.90 21.42
N ASP I 327 38.81 -33.47 20.94
CA ASP I 327 39.34 -32.19 21.39
C ASP I 327 38.60 -31.02 20.77
N LEU I 328 38.05 -31.19 19.57
CA LEU I 328 37.17 -30.17 19.02
C LEU I 328 35.85 -30.13 19.76
N HIS I 329 35.44 -31.27 20.32
CA HIS I 329 34.25 -31.31 21.17
C HIS I 329 34.50 -30.59 22.49
N HIS I 330 35.72 -30.66 23.01
CA HIS I 330 36.04 -30.02 24.28
C HIS I 330 36.23 -28.52 24.12
N VAL I 331 36.77 -28.09 22.98
CA VAL I 331 36.93 -26.65 22.72
C VAL I 331 35.56 -26.00 22.53
N TRP I 332 34.64 -26.70 21.85
CA TRP I 332 33.40 -26.07 21.45
C TRP I 332 32.42 -25.94 22.62
N TYR I 333 32.26 -26.99 23.43
CA TYR I 333 31.23 -26.97 24.47
C TYR I 333 31.69 -26.39 25.78
N TYR I 334 32.98 -26.11 25.95
CA TYR I 334 33.51 -25.71 27.25
C TYR I 334 34.29 -24.41 27.23
N GLU I 335 34.59 -23.86 26.07
CA GLU I 335 35.43 -22.66 26.05
C GLU I 335 34.87 -21.52 25.21
N VAL I 336 34.11 -21.81 24.15
CA VAL I 336 33.63 -20.80 23.23
C VAL I 336 32.11 -20.67 23.27
N LEU I 337 31.37 -21.78 23.40
CA LEU I 337 29.93 -21.69 23.59
C LEU I 337 29.53 -21.27 25.01
N PRO I 338 30.25 -21.63 26.09
CA PRO I 338 30.08 -20.89 27.35
C PRO I 338 30.65 -19.49 27.31
N LEU I 339 31.42 -19.13 26.29
CA LEU I 339 31.82 -17.74 26.07
C LEU I 339 30.82 -17.01 25.21
N LEU I 340 30.14 -17.72 24.29
CA LEU I 340 29.12 -17.09 23.46
C LEU I 340 27.82 -16.86 24.22
N MET I 341 27.54 -17.67 25.25
CA MET I 341 26.34 -17.45 26.05
C MET I 341 26.49 -16.25 26.97
N GLU I 342 27.72 -15.87 27.31
CA GLU I 342 27.96 -14.70 28.13
C GLU I 342 28.15 -13.43 27.31
N TYR I 343 28.30 -13.56 25.99
CA TYR I 343 28.17 -12.37 25.13
C TYR I 343 26.74 -11.90 25.08
N PHE I 344 25.80 -12.83 24.88
CA PHE I 344 24.36 -12.54 24.87
C PHE I 344 23.75 -13.28 26.05
N TYR I 345 23.74 -12.65 27.23
CA TYR I 345 23.14 -13.28 28.39
C TYR I 345 21.62 -13.17 28.26
N ASN I 346 20.98 -14.32 28.04
CA ASN I 346 19.52 -14.46 27.90
C ASN I 346 18.98 -13.58 26.76
N ASP I 347 19.49 -13.86 25.56
CA ASP I 347 18.91 -13.30 24.34
C ASP I 347 19.03 -14.39 23.28
N TRP I 348 17.98 -15.20 23.17
CA TRP I 348 18.03 -16.44 22.40
C TRP I 348 17.73 -16.24 20.91
N GLU I 349 17.31 -15.05 20.50
CA GLU I 349 17.02 -14.81 19.08
C GLU I 349 18.26 -14.51 18.27
N THR I 350 19.37 -14.17 18.92
CA THR I 350 20.61 -13.85 18.22
C THR I 350 21.76 -14.77 18.55
N ILE I 351 21.76 -15.44 19.70
CA ILE I 351 22.80 -16.43 19.96
C ILE I 351 22.53 -17.68 19.13
N LYS I 352 21.26 -17.91 18.78
CA LYS I 352 20.93 -18.92 17.77
C LYS I 352 21.42 -18.48 16.40
N TRP I 353 21.34 -17.19 16.10
CA TRP I 353 21.69 -16.70 14.77
C TRP I 353 23.19 -16.63 14.55
N VAL I 354 24.00 -16.55 15.62
CA VAL I 354 25.44 -16.65 15.47
C VAL I 354 25.83 -18.04 14.98
N LEU I 355 25.12 -19.06 15.43
CA LEU I 355 25.26 -20.40 14.87
C LEU I 355 24.37 -20.64 13.67
N ASN I 356 23.67 -19.59 13.19
CA ASN I 356 22.75 -19.53 12.05
C ASN I 356 21.77 -20.70 11.93
N GLU I 357 21.20 -21.13 13.05
CA GLU I 357 20.14 -22.14 13.05
C GLU I 357 18.81 -21.52 13.45
N LYS I 358 18.51 -20.34 12.91
CA LYS I 358 17.36 -19.55 13.40
C LYS I 358 16.03 -20.17 13.03
N GLY I 359 15.97 -20.96 11.97
CA GLY I 359 14.73 -21.63 11.60
C GLY I 359 14.48 -22.86 12.44
N LYS I 360 15.55 -23.57 12.77
CA LYS I 360 15.42 -24.81 13.52
C LYS I 360 15.15 -24.52 14.99
N GLU I 361 14.35 -25.41 15.61
CA GLU I 361 14.10 -25.34 17.05
C GLU I 361 14.65 -26.54 17.81
N HIS I 362 14.82 -27.68 17.16
CA HIS I 362 15.46 -28.86 17.74
C HIS I 362 16.01 -29.69 16.58
N GLY I 363 16.39 -30.94 16.86
CA GLY I 363 16.92 -31.77 15.80
C GLY I 363 18.35 -31.44 15.42
N ASN I 364 19.30 -31.76 16.33
CA ASN I 364 20.75 -31.57 16.16
C ASN I 364 21.10 -30.09 16.11
N VAL I 365 20.53 -29.33 17.03
CA VAL I 365 20.83 -27.91 17.22
C VAL I 365 21.43 -27.78 18.61
N PHE I 366 22.37 -26.84 18.76
CA PHE I 366 23.00 -26.62 20.05
C PHE I 366 22.04 -26.08 21.10
N PHE I 367 20.97 -25.41 20.67
CA PHE I 367 19.97 -24.84 21.58
C PHE I 367 18.61 -25.42 21.20
N GLU I 368 18.21 -26.51 21.86
CA GLU I 368 16.86 -27.04 21.69
C GLU I 368 15.83 -26.10 22.30
N LYS I 369 14.68 -25.99 21.65
CA LYS I 369 13.62 -25.12 22.14
C LYS I 369 12.76 -25.86 23.16
N LEU I 370 12.51 -25.21 24.29
CA LEU I 370 11.56 -25.73 25.26
C LEU I 370 10.15 -25.63 24.71
N ARG I 371 9.33 -26.65 25.01
CA ARG I 371 7.96 -26.69 24.51
C ARG I 371 7.05 -25.68 25.21
N LEU I 372 7.49 -25.08 26.31
CA LEU I 372 6.69 -24.08 27.00
C LEU I 372 6.81 -22.73 26.34
N THR I 373 5.73 -21.96 26.43
CA THR I 373 5.68 -20.57 25.98
C THR I 373 5.87 -19.65 27.18
N GLY I 374 5.61 -18.36 26.99
CA GLY I 374 5.66 -17.42 28.08
C GLY I 374 4.33 -16.74 28.29
N PRO I 375 4.15 -16.13 29.47
CA PRO I 375 2.93 -15.31 29.69
C PRO I 375 2.93 -14.06 28.82
N ASN I 376 4.04 -13.32 28.81
CA ASN I 376 4.17 -12.14 27.98
C ASN I 376 4.62 -12.46 26.57
N GLY I 377 5.04 -13.70 26.30
CA GLY I 377 5.49 -14.07 24.97
C GLY I 377 6.94 -14.49 24.91
N GLU I 378 7.56 -14.69 26.07
CA GLU I 378 8.97 -15.09 26.12
C GLU I 378 9.14 -16.55 25.75
N GLU I 379 10.17 -16.84 24.98
CA GLU I 379 10.52 -18.21 24.57
C GLU I 379 12.02 -18.38 24.73
N ALA I 380 12.44 -19.28 25.62
CA ALA I 380 13.85 -19.50 25.87
C ALA I 380 14.22 -20.94 25.59
N TYR I 381 15.43 -21.11 25.05
CA TYR I 381 15.90 -22.39 24.58
C TYR I 381 16.72 -23.08 25.66
N GLN I 382 17.38 -24.17 25.31
CA GLN I 382 18.12 -24.98 26.28
C GLN I 382 19.31 -25.62 25.59
N LEU I 383 20.48 -25.54 26.24
CA LEU I 383 21.70 -26.12 25.70
C LEU I 383 21.59 -27.64 25.62
N LYS I 384 22.10 -28.20 24.51
CA LYS I 384 22.11 -29.64 24.29
C LYS I 384 23.53 -30.09 24.00
N VAL I 385 23.97 -31.14 24.70
CA VAL I 385 25.28 -31.74 24.45
C VAL I 385 25.14 -32.76 23.33
N LEU I 386 25.96 -32.62 22.30
CA LEU I 386 26.01 -33.59 21.21
C LEU I 386 27.36 -34.29 21.23
N GLU I 387 27.44 -35.44 20.57
CA GLU I 387 28.66 -36.22 20.57
C GLU I 387 28.69 -37.12 19.34
N GLY I 388 29.86 -37.18 18.69
CA GLY I 388 30.04 -38.07 17.57
C GLY I 388 29.77 -37.43 16.23
N ASP I 389 29.15 -38.18 15.31
CA ASP I 389 28.86 -37.66 13.98
C ASP I 389 27.70 -36.68 13.97
N ALA I 390 26.90 -36.63 15.05
CA ALA I 390 25.83 -35.64 15.12
C ALA I 390 26.38 -34.25 15.38
N PHE I 391 27.50 -34.17 16.10
CA PHE I 391 28.10 -32.87 16.41
C PHE I 391 28.74 -32.25 15.17
N ILE I 392 29.39 -33.07 14.34
CA ILE I 392 29.97 -32.57 13.11
C ILE I 392 28.88 -32.21 12.11
N GLY I 393 27.75 -32.91 12.17
CA GLY I 393 26.59 -32.53 11.36
C GLY I 393 25.94 -31.23 11.84
N ALA I 394 26.18 -30.86 13.10
CA ALA I 394 25.74 -29.56 13.58
C ALA I 394 26.79 -28.48 13.34
N LEU I 395 28.06 -28.87 13.21
CA LEU I 395 29.10 -27.92 12.85
C LEU I 395 29.13 -27.65 11.35
N LYS I 396 28.70 -28.62 10.55
CA LYS I 396 28.69 -28.45 9.09
C LYS I 396 27.67 -27.41 8.66
N ARG I 397 26.56 -27.29 9.39
CA ARG I 397 25.53 -26.34 8.99
C ARG I 397 25.88 -24.90 9.37
N ILE I 398 26.91 -24.69 10.18
CA ILE I 398 27.38 -23.33 10.45
C ILE I 398 28.06 -22.75 9.22
N ILE I 399 28.94 -23.53 8.60
CA ILE I 399 29.61 -23.09 7.38
C ILE I 399 28.66 -23.20 6.19
N LYS J 10 33.17 -41.58 37.61
CA LYS J 10 33.76 -41.14 36.35
C LYS J 10 32.69 -40.54 35.44
N GLU J 11 31.54 -40.19 36.04
CA GLU J 11 30.44 -39.62 35.26
C GLU J 11 30.63 -38.12 35.04
N ASP J 12 31.35 -37.44 35.94
CA ASP J 12 31.65 -36.02 35.79
C ASP J 12 33.12 -35.70 35.95
N TYR J 13 33.96 -36.67 36.31
CA TYR J 13 35.39 -36.46 36.26
C TYR J 13 35.94 -36.74 34.87
N PHE J 14 35.13 -37.31 33.98
CA PHE J 14 35.52 -37.49 32.59
C PHE J 14 35.60 -36.16 31.85
N ARG J 15 34.92 -35.13 32.35
CA ARG J 15 35.04 -33.77 31.84
C ARG J 15 36.11 -32.99 32.59
N VAL J 16 36.18 -33.15 33.92
CA VAL J 16 37.04 -32.33 34.74
C VAL J 16 38.51 -32.75 34.58
N ASP J 17 38.78 -34.06 34.65
CA ASP J 17 40.16 -34.51 34.55
C ASP J 17 40.69 -34.41 33.12
N MET J 18 39.80 -34.39 32.12
CA MET J 18 40.24 -34.27 30.74
C MET J 18 40.40 -32.82 30.31
N LEU J 19 39.85 -31.87 31.07
CA LEU J 19 40.05 -30.46 30.77
C LEU J 19 41.21 -29.85 31.53
N LEU J 20 41.68 -30.49 32.60
CA LEU J 20 42.84 -29.99 33.33
C LEU J 20 44.13 -30.29 32.59
N ASN J 21 44.23 -31.48 31.99
CA ASN J 21 45.38 -31.79 31.17
C ASN J 21 45.37 -31.04 29.84
N LYS J 22 44.22 -30.52 29.44
CA LYS J 22 44.09 -29.77 28.20
C LYS J 22 44.38 -28.28 28.42
N LYS J 23 43.74 -27.68 29.43
CA LYS J 23 43.83 -26.23 29.63
C LYS J 23 44.62 -25.83 30.87
N GLY J 24 44.48 -26.55 31.99
CA GLY J 24 45.23 -26.28 33.20
C GLY J 24 44.37 -25.87 34.37
N GLN J 25 43.17 -25.36 34.10
CA GLN J 25 42.28 -24.88 35.16
C GLN J 25 40.85 -24.91 34.64
N VAL J 26 39.91 -25.18 35.54
CA VAL J 26 38.51 -25.31 35.19
C VAL J 26 37.68 -24.47 36.17
N ILE J 27 36.68 -23.78 35.63
CA ILE J 27 35.69 -23.07 36.44
C ILE J 27 34.38 -23.83 36.27
N LEU J 28 33.89 -24.43 37.35
CA LEU J 28 32.61 -25.13 37.32
C LEU J 28 31.52 -24.11 37.57
N TYR J 29 31.03 -23.48 36.51
CA TYR J 29 29.99 -22.47 36.64
C TYR J 29 28.62 -23.09 36.43
N GLY J 30 27.66 -22.63 37.22
CA GLY J 30 26.33 -23.19 37.20
C GLY J 30 25.44 -22.54 38.24
N PRO J 31 24.12 -22.68 38.08
CA PRO J 31 23.19 -22.08 39.04
C PRO J 31 23.26 -22.76 40.38
N PRO J 32 22.96 -22.05 41.48
CA PRO J 32 23.23 -22.60 42.81
C PRO J 32 22.23 -23.68 43.20
N GLY J 33 22.67 -24.54 44.10
CA GLY J 33 21.97 -25.77 44.40
C GLY J 33 22.44 -26.94 43.59
N THR J 34 23.52 -26.78 42.83
CA THR J 34 24.08 -27.83 42.00
C THR J 34 25.45 -28.20 42.57
N GLY J 35 25.88 -29.45 42.34
CA GLY J 35 27.14 -29.90 42.87
C GLY J 35 28.36 -29.30 42.18
N LYS J 36 28.61 -28.01 42.39
CA LYS J 36 29.82 -27.39 41.86
C LYS J 36 30.96 -27.48 42.86
N THR J 37 30.70 -27.15 44.13
CA THR J 37 31.72 -27.37 45.14
C THR J 37 31.89 -28.85 45.45
N TRP J 38 30.81 -29.64 45.35
CA TRP J 38 30.90 -31.05 45.69
C TRP J 38 31.69 -31.84 44.67
N ILE J 39 31.47 -31.58 43.38
CA ILE J 39 32.26 -32.25 42.35
C ILE J 39 33.71 -31.80 42.42
N ALA J 40 33.94 -30.50 42.66
CA ALA J 40 35.29 -30.00 42.78
C ALA J 40 35.98 -30.45 44.06
N ARG J 41 35.24 -30.85 45.08
CA ARG J 41 35.89 -31.39 46.27
C ARG J 41 36.09 -32.89 46.18
N LYS J 42 35.10 -33.62 45.63
CA LYS J 42 35.21 -35.07 45.54
C LYS J 42 36.24 -35.49 44.50
N TYR J 43 36.46 -34.67 43.48
CA TYR J 43 37.48 -34.97 42.48
C TYR J 43 38.89 -34.78 43.04
N VAL J 44 39.09 -33.72 43.82
CA VAL J 44 40.41 -33.44 44.38
C VAL J 44 40.75 -34.45 45.47
N VAL J 45 39.75 -34.83 46.28
CA VAL J 45 39.99 -35.76 47.38
C VAL J 45 40.26 -37.17 46.86
N GLU J 46 39.53 -37.59 45.82
CA GLU J 46 39.72 -38.94 45.28
C GLU J 46 41.02 -39.07 44.48
N GLU J 47 41.65 -37.96 44.10
CA GLU J 47 42.89 -38.05 43.34
C GLU J 47 44.12 -37.88 44.22
N THR J 48 44.12 -36.87 45.09
CA THR J 48 45.26 -36.63 45.96
C THR J 48 45.25 -37.48 47.23
N ASN J 49 44.16 -38.22 47.48
CA ASN J 49 43.99 -39.12 48.63
C ASN J 49 44.16 -38.40 49.96
N GLU J 50 43.67 -37.17 50.03
CA GLU J 50 43.74 -36.35 51.24
C GLU J 50 42.33 -35.92 51.60
N LYS J 51 41.81 -36.46 52.71
CA LYS J 51 40.47 -36.10 53.16
C LYS J 51 40.39 -34.69 53.70
N THR J 52 41.52 -34.13 54.14
CA THR J 52 41.62 -32.77 54.66
C THR J 52 42.62 -31.99 53.82
N PRO J 53 42.49 -30.65 53.78
CA PRO J 53 43.54 -29.84 53.13
C PRO J 53 44.86 -29.86 53.86
N GLY J 54 45.86 -29.15 53.33
CA GLY J 54 47.19 -29.31 53.85
C GLY J 54 48.23 -29.58 52.78
N ASN J 55 48.76 -30.81 52.77
CA ASN J 55 49.95 -31.13 51.99
C ASN J 55 49.68 -31.07 50.49
N LYS J 56 48.70 -31.85 50.01
CA LYS J 56 48.56 -31.99 48.57
C LYS J 56 47.53 -31.06 47.94
N TRP J 57 46.67 -30.41 48.73
CA TRP J 57 45.73 -29.43 48.19
C TRP J 57 45.33 -28.44 49.27
N GLU J 58 44.72 -27.34 48.85
CA GLU J 58 44.27 -26.31 49.77
C GLU J 58 43.00 -25.65 49.26
N PHE J 59 42.03 -25.47 50.15
CA PHE J 59 40.76 -24.84 49.86
C PHE J 59 40.79 -23.39 50.31
N ILE J 60 40.45 -22.48 49.40
CA ILE J 60 40.19 -21.08 49.73
C ILE J 60 38.94 -20.63 48.97
N THR J 61 38.50 -19.42 49.26
CA THR J 61 37.43 -18.80 48.48
C THR J 61 37.67 -17.30 48.42
N PHE J 62 36.99 -16.66 47.47
CA PHE J 62 37.18 -15.24 47.22
C PHE J 62 36.03 -14.42 47.80
N HIS J 63 36.31 -13.17 48.09
CA HIS J 63 35.31 -12.20 48.54
C HIS J 63 35.79 -10.82 48.15
N GLN J 64 34.94 -9.81 48.42
CA GLN J 64 35.25 -8.45 47.99
C GLN J 64 36.42 -7.85 48.76
N SER J 65 36.64 -8.29 50.00
CA SER J 65 37.74 -7.81 50.81
C SER J 65 38.99 -8.68 50.69
N TYR J 66 39.06 -9.53 49.67
CA TYR J 66 40.21 -10.37 49.39
C TYR J 66 41.01 -9.66 48.31
N SER J 67 42.26 -9.32 48.60
CA SER J 67 43.05 -8.47 47.71
C SER J 67 44.33 -9.18 47.28
N TYR J 68 45.11 -8.47 46.47
CA TYR J 68 46.28 -9.04 45.81
C TYR J 68 47.39 -9.37 46.79
N GLU J 69 47.51 -8.62 47.87
CA GLU J 69 48.63 -8.77 48.78
C GLU J 69 48.54 -10.04 49.61
N GLU J 70 47.32 -10.52 49.89
CA GLU J 70 47.14 -11.71 50.71
C GLU J 70 46.92 -12.97 49.88
N PHE J 71 46.92 -12.86 48.56
CA PHE J 71 46.73 -14.01 47.68
C PHE J 71 48.04 -14.61 47.19
N ILE J 72 48.93 -13.77 46.66
CA ILE J 72 50.15 -14.22 46.00
C ILE J 72 51.40 -13.63 46.64
N GLU J 73 51.43 -12.32 46.84
CA GLU J 73 52.60 -11.64 47.42
C GLU J 73 52.18 -10.29 47.96
N GLY J 74 52.58 -9.98 49.20
CA GLY J 74 52.29 -8.70 49.78
C GLY J 74 53.23 -8.36 50.92
N PHE J 75 53.14 -7.12 51.39
CA PHE J 75 53.92 -6.66 52.53
C PHE J 75 53.16 -6.88 53.83
N ARG J 76 53.91 -7.09 54.90
CA ARG J 76 53.31 -7.48 56.17
C ARG J 76 54.27 -7.19 57.33
N PRO J 77 53.83 -6.45 58.35
CA PRO J 77 54.69 -6.23 59.51
C PRO J 77 54.77 -7.48 60.37
N ARG J 78 55.93 -7.68 61.01
CA ARG J 78 56.16 -8.89 61.79
C ARG J 78 57.11 -8.56 62.93
N THR J 79 56.56 -8.31 64.12
CA THR J 79 57.34 -8.15 65.34
C THR J 79 57.21 -9.42 66.16
N ASP J 80 58.33 -10.09 66.43
CA ASP J 80 58.26 -11.43 67.01
C ASP J 80 58.08 -11.41 68.52
N ASN J 81 59.09 -10.97 69.27
CA ASN J 81 58.92 -10.86 70.71
C ASN J 81 59.37 -9.51 71.26
N GLU J 82 60.52 -9.03 70.81
CA GLU J 82 61.07 -7.78 71.30
C GLU J 82 61.70 -6.93 70.21
N GLU J 83 61.78 -7.42 68.98
CA GLU J 83 62.45 -6.68 67.91
C GLU J 83 61.56 -5.56 67.40
N LYS J 84 62.16 -4.69 66.59
CA LYS J 84 61.39 -3.64 65.93
C LYS J 84 60.53 -4.23 64.81
N ILE J 85 59.64 -3.41 64.28
CA ILE J 85 58.72 -3.87 63.24
C ILE J 85 59.52 -3.96 61.94
N ARG J 86 60.02 -5.16 61.66
CA ARG J 86 60.73 -5.43 60.41
C ARG J 86 59.70 -5.83 59.36
N TYR J 87 59.55 -5.00 58.34
CA TYR J 87 58.49 -5.22 57.36
C TYR J 87 58.87 -6.33 56.40
N VAL J 88 58.49 -7.55 56.75
CA VAL J 88 58.78 -8.72 55.92
C VAL J 88 57.79 -8.76 54.75
N VAL J 89 58.20 -9.42 53.67
CA VAL J 89 57.28 -9.72 52.57
C VAL J 89 56.77 -11.14 52.74
N GLU J 90 55.45 -11.26 52.95
CA GLU J 90 54.81 -12.55 53.16
C GLU J 90 54.18 -13.02 51.86
N ASP J 91 54.54 -14.23 51.45
CA ASP J 91 53.90 -14.85 50.30
C ASP J 91 52.47 -15.21 50.65
N GLY J 92 51.56 -15.01 49.70
CA GLY J 92 50.15 -15.26 49.93
C GLY J 92 49.80 -16.73 49.90
N ILE J 93 48.54 -17.00 49.56
CA ILE J 93 48.08 -18.37 49.47
C ILE J 93 48.65 -19.04 48.22
N PHE J 94 48.69 -18.31 47.10
CA PHE J 94 49.04 -18.93 45.82
C PHE J 94 50.51 -19.29 45.75
N LYS J 95 51.41 -18.43 46.26
CA LYS J 95 52.82 -18.74 46.16
C LYS J 95 53.21 -19.83 47.14
N LYS J 96 52.47 -19.98 48.23
CA LYS J 96 52.69 -21.12 49.12
C LYS J 96 52.07 -22.40 48.58
N ILE J 97 51.36 -22.35 47.45
CA ILE J 97 50.98 -23.55 46.72
C ILE J 97 51.84 -23.73 45.49
N ALA J 98 52.21 -22.63 44.82
CA ALA J 98 53.00 -22.70 43.59
C ALA J 98 54.44 -23.10 43.88
N LEU J 99 55.05 -22.52 44.91
CA LEU J 99 56.37 -22.97 45.30
C LEU J 99 56.33 -24.37 45.91
N ARG J 100 55.23 -24.71 46.57
CA ARG J 100 55.14 -26.02 47.20
C ARG J 100 54.93 -27.11 46.15
N ALA J 101 54.25 -26.78 45.05
CA ALA J 101 54.12 -27.74 43.96
C ALA J 101 55.42 -27.88 43.19
N LEU J 102 56.19 -26.80 43.09
CA LEU J 102 57.45 -26.86 42.34
C LEU J 102 58.52 -27.61 43.13
N VAL J 103 58.60 -27.37 44.44
CA VAL J 103 59.64 -28.01 45.24
C VAL J 103 59.34 -29.49 45.44
N LYS J 104 58.07 -29.85 45.64
CA LYS J 104 57.70 -31.26 45.68
C LYS J 104 57.80 -31.89 44.30
N GLY J 105 57.69 -31.10 43.24
CA GLY J 105 57.93 -31.62 41.91
C GLY J 105 59.40 -31.96 41.68
N LEU J 106 60.30 -31.06 42.03
CA LEU J 106 61.73 -31.29 41.83
C LEU J 106 62.32 -32.31 42.81
N PHE J 107 61.61 -32.63 43.89
CA PHE J 107 62.16 -33.55 44.88
C PHE J 107 62.17 -35.00 44.42
N GLU J 108 61.34 -35.36 43.44
CA GLU J 108 61.26 -36.75 43.01
C GLU J 108 62.23 -37.11 41.90
N LEU J 109 62.65 -36.15 41.08
CA LEU J 109 63.55 -36.43 39.96
C LEU J 109 64.97 -36.04 40.31
N GLU J 110 65.91 -36.52 39.49
CA GLU J 110 67.33 -36.18 39.67
C GLU J 110 67.97 -36.16 38.28
N ASP J 111 67.92 -34.99 37.64
CA ASP J 111 68.61 -34.77 36.38
C ASP J 111 69.72 -33.73 36.53
N ALA J 112 69.39 -32.54 37.02
CA ALA J 112 70.39 -31.52 37.32
C ALA J 112 70.06 -30.76 38.60
N THR J 113 69.07 -31.22 39.37
CA THR J 113 68.68 -30.55 40.62
C THR J 113 69.60 -31.01 41.75
N ILE J 114 70.82 -30.47 41.71
CA ILE J 114 71.81 -30.79 42.74
C ILE J 114 71.39 -30.14 44.06
N GLY J 115 71.74 -30.78 45.16
CA GLY J 115 71.31 -30.30 46.45
C GLY J 115 69.91 -30.77 46.80
N LYS J 116 69.70 -32.08 46.84
CA LYS J 116 68.40 -32.61 47.23
C LYS J 116 68.10 -32.37 48.70
N ASP J 117 69.14 -32.25 49.53
CA ASP J 117 68.93 -31.80 50.90
C ASP J 117 68.63 -30.31 50.94
N LYS J 118 69.11 -29.55 49.96
CA LYS J 118 68.80 -28.12 49.90
C LYS J 118 67.38 -27.88 49.42
N ILE J 119 66.89 -28.71 48.50
CA ILE J 119 65.50 -28.63 48.07
C ILE J 119 64.57 -29.12 49.18
N HIS J 120 65.00 -30.14 49.94
CA HIS J 120 64.21 -30.60 51.07
C HIS J 120 64.19 -29.56 52.19
N ARG J 121 65.27 -28.79 52.33
CA ARG J 121 65.30 -27.70 53.32
C ARG J 121 64.33 -26.60 52.93
N LEU J 122 64.11 -26.41 51.62
CA LEU J 122 63.11 -25.44 51.17
C LEU J 122 61.70 -25.96 51.37
N TYR J 123 61.50 -27.28 51.27
CA TYR J 123 60.15 -27.83 51.43
C TYR J 123 59.69 -27.81 52.87
N ILE J 124 60.62 -27.98 53.81
CA ILE J 124 60.27 -27.89 55.23
C ILE J 124 59.89 -26.46 55.59
N LEU J 125 60.61 -25.49 55.04
CA LEU J 125 60.34 -24.07 55.27
C LEU J 125 59.19 -23.52 54.43
N LEU J 126 58.43 -24.38 53.76
CA LEU J 126 57.20 -23.98 53.09
C LEU J 126 55.96 -24.56 53.74
N THR J 127 56.09 -25.68 54.44
CA THR J 127 55.00 -26.26 55.21
C THR J 127 55.11 -25.95 56.70
N LYS J 128 55.70 -24.81 57.05
CA LYS J 128 55.78 -24.40 58.45
C LYS J 128 54.41 -23.88 58.88
N LYS J 129 53.85 -24.49 59.93
CA LYS J 129 52.63 -23.97 60.53
C LYS J 129 52.91 -22.66 61.26
N GLU J 130 54.02 -22.61 61.99
CA GLU J 130 54.42 -21.39 62.67
C GLU J 130 54.96 -20.38 61.65
N PRO J 131 54.87 -19.08 61.96
CA PRO J 131 55.54 -18.09 61.10
C PRO J 131 57.06 -18.20 61.21
N LEU J 132 57.73 -17.76 60.15
CA LEU J 132 59.16 -17.97 60.02
C LEU J 132 59.94 -16.96 60.87
N SER J 133 60.94 -17.48 61.59
CA SER J 133 61.85 -16.62 62.34
C SER J 133 62.77 -15.88 61.37
N PRO J 134 63.28 -14.70 61.77
CA PRO J 134 64.20 -13.98 60.88
C PRO J 134 65.54 -14.66 60.68
N THR J 135 65.92 -15.62 61.54
CA THR J 135 67.09 -16.44 61.26
C THR J 135 66.78 -17.58 60.30
N GLU J 136 65.49 -17.89 60.10
CA GLU J 136 65.06 -18.92 59.17
C GLU J 136 64.42 -18.37 57.91
N TYR J 137 63.85 -17.16 57.97
CA TYR J 137 63.27 -16.55 56.77
C TYR J 137 64.37 -16.14 55.79
N GLU J 138 65.51 -15.68 56.30
CA GLU J 138 66.58 -15.20 55.42
C GLU J 138 67.21 -16.34 54.65
N GLU J 139 67.34 -17.52 55.27
CA GLU J 139 67.79 -18.68 54.52
C GLU J 139 66.69 -19.22 53.62
N TYR J 140 65.42 -18.93 53.94
CA TYR J 140 64.33 -19.30 53.05
C TYR J 140 64.32 -18.40 51.81
N LEU J 141 64.72 -17.14 51.97
CA LEU J 141 64.81 -16.24 50.83
C LEU J 141 65.95 -16.62 49.91
N ARG J 142 67.06 -17.11 50.47
CA ARG J 142 68.20 -17.51 49.65
C ARG J 142 67.89 -18.80 48.88
N LEU J 143 67.20 -19.75 49.50
CA LEU J 143 66.89 -20.99 48.82
C LEU J 143 65.79 -20.82 47.78
N LYS J 144 64.97 -19.77 47.91
CA LYS J 144 64.00 -19.49 46.85
C LYS J 144 64.69 -18.85 45.65
N ARG J 145 65.76 -18.09 45.89
CA ARG J 145 66.55 -17.57 44.77
C ARG J 145 67.37 -18.68 44.12
N TYR J 146 67.78 -19.68 44.90
CA TYR J 146 68.46 -20.84 44.34
C TYR J 146 67.48 -21.68 43.53
N LEU J 147 66.19 -21.66 43.89
CA LEU J 147 65.20 -22.45 43.19
C LEU J 147 64.97 -21.95 41.77
N TRP J 148 64.85 -20.64 41.59
CA TRP J 148 64.60 -20.11 40.26
C TRP J 148 65.85 -20.07 39.40
N GLU J 149 67.04 -20.03 40.03
CA GLU J 149 68.27 -20.20 39.26
C GLU J 149 68.43 -21.66 38.82
N LEU J 150 67.89 -22.60 39.60
CA LEU J 150 67.94 -24.00 39.21
C LEU J 150 66.91 -24.31 38.13
N VAL J 151 65.71 -23.76 38.25
CA VAL J 151 64.66 -24.00 37.27
C VAL J 151 64.99 -23.31 35.95
N GLY J 152 65.63 -22.13 36.01
CA GLY J 152 66.09 -21.47 34.80
C GLY J 152 67.20 -22.18 34.07
N GLY J 153 67.81 -23.20 34.67
CA GLY J 153 68.77 -24.05 33.99
C GLY J 153 68.31 -25.49 33.87
N LEU J 154 67.00 -25.71 33.84
CA LEU J 154 66.42 -27.03 33.60
C LEU J 154 65.83 -27.12 32.19
N PRO J 155 65.96 -28.26 31.54
CA PRO J 155 65.34 -28.44 30.22
C PRO J 155 63.83 -28.59 30.32
N LYS J 156 63.16 -28.28 29.21
CA LYS J 156 61.71 -28.37 29.14
C LYS J 156 61.20 -29.80 29.07
N ASP J 157 62.07 -30.76 28.71
CA ASP J 157 61.67 -32.16 28.66
C ASP J 157 61.53 -32.76 30.05
N LYS J 158 62.29 -32.28 31.03
CA LYS J 158 62.22 -32.80 32.39
C LYS J 158 61.28 -31.99 33.29
N LEU J 159 60.77 -30.85 32.82
CA LEU J 159 59.84 -30.04 33.58
C LEU J 159 58.42 -30.11 33.04
N LYS J 160 58.19 -30.81 31.93
CA LYS J 160 56.85 -30.93 31.37
C LYS J 160 56.00 -31.95 32.12
N ASN J 161 56.59 -32.79 32.97
CA ASN J 161 55.84 -33.77 33.73
C ASN J 161 56.34 -33.83 35.17
N LEU J 162 55.43 -33.59 36.11
CA LEU J 162 55.73 -33.74 37.53
C LEU J 162 54.61 -34.58 38.13
N THR J 163 54.96 -35.69 38.78
CA THR J 163 53.95 -36.64 39.25
C THR J 163 53.05 -36.11 40.39
N PRO J 164 53.54 -35.40 41.46
CA PRO J 164 52.58 -34.94 42.47
C PRO J 164 51.72 -33.78 41.99
N LYS J 165 50.61 -34.10 41.33
CA LYS J 165 49.64 -33.11 40.88
C LYS J 165 49.02 -32.38 42.07
N PHE J 166 49.39 -31.11 42.25
CA PHE J 166 48.82 -30.32 43.32
C PHE J 166 47.52 -29.69 42.85
N TYR J 167 46.76 -29.14 43.80
CA TYR J 167 45.44 -28.60 43.47
C TYR J 167 45.16 -27.40 44.36
N LEU J 168 44.76 -26.29 43.76
CA LEU J 168 44.29 -25.13 44.50
C LEU J 168 42.84 -24.89 44.10
N ILE J 169 41.92 -25.29 44.97
CA ILE J 169 40.50 -25.18 44.70
C ILE J 169 40.01 -23.86 45.28
N ILE J 170 39.44 -23.02 44.42
CA ILE J 170 38.97 -21.69 44.80
C ILE J 170 37.47 -21.66 44.57
N ASP J 171 36.70 -21.77 45.64
CA ASP J 171 35.25 -21.65 45.51
C ASP J 171 34.88 -20.18 45.36
N GLU J 172 33.74 -19.95 44.71
CA GLU J 172 33.14 -18.61 44.53
C GLU J 172 34.11 -17.65 43.84
N ILE J 173 34.67 -18.08 42.70
CA ILE J 173 35.76 -17.37 42.06
C ILE J 173 35.31 -16.06 41.40
N ASN J 174 34.00 -15.85 41.25
CA ASN J 174 33.50 -14.61 40.69
C ASN J 174 33.26 -13.54 41.76
N ARG J 175 33.47 -13.87 43.04
CA ARG J 175 33.21 -12.89 44.09
C ARG J 175 34.30 -11.83 44.14
N GLY J 176 35.56 -12.24 44.26
CA GLY J 176 36.66 -11.31 44.35
C GLY J 176 36.93 -10.62 43.03
N ASN J 177 37.70 -9.53 43.12
CA ASN J 177 38.08 -8.76 41.94
C ASN J 177 39.09 -9.59 41.14
N ILE J 178 38.58 -10.32 40.15
CA ILE J 178 39.33 -11.40 39.52
C ILE J 178 40.47 -10.89 38.64
N SER J 179 40.46 -9.62 38.26
CA SER J 179 41.61 -9.04 37.59
C SER J 179 42.61 -8.45 38.58
N LYS J 180 42.14 -8.00 39.75
CA LYS J 180 43.04 -7.49 40.78
C LYS J 180 43.73 -8.63 41.52
N ILE J 181 43.07 -9.79 41.63
CA ILE J 181 43.64 -10.91 42.37
C ILE J 181 44.76 -11.56 41.57
N PHE J 182 44.45 -12.00 40.35
CA PHE J 182 45.45 -12.58 39.47
C PHE J 182 46.19 -11.42 38.78
N GLY J 183 47.07 -10.78 39.53
CA GLY J 183 47.74 -9.60 39.01
C GLY J 183 48.82 -9.90 38.01
N GLU J 184 49.91 -10.52 38.47
CA GLU J 184 50.95 -11.04 37.60
C GLU J 184 50.66 -12.46 37.15
N LEU J 185 49.41 -12.89 37.28
CA LEU J 185 49.01 -14.27 37.09
C LEU J 185 48.02 -14.41 35.95
N ILE J 186 47.59 -13.30 35.34
CA ILE J 186 46.58 -13.35 34.31
C ILE J 186 47.16 -13.76 32.96
N THR J 187 48.47 -13.70 32.79
CA THR J 187 49.12 -14.19 31.59
C THR J 187 50.11 -15.31 31.91
N LEU J 188 49.98 -15.92 33.09
CA LEU J 188 50.81 -17.04 33.49
C LEU J 188 50.02 -18.33 33.69
N LEU J 189 48.73 -18.24 33.95
CA LEU J 189 47.90 -19.40 34.22
C LEU J 189 47.64 -20.26 32.99
N GLU J 190 47.92 -19.77 31.79
CA GLU J 190 47.67 -20.53 30.58
C GLU J 190 48.62 -21.71 30.48
N LYS J 191 48.18 -22.77 29.80
CA LYS J 191 48.96 -24.00 29.69
C LYS J 191 50.21 -23.79 28.85
N ASP J 192 50.17 -22.89 27.87
CA ASP J 192 51.34 -22.61 27.07
C ASP J 192 52.39 -21.84 27.85
N LYS J 193 52.00 -21.12 28.90
CA LYS J 193 52.92 -20.31 29.68
C LYS J 193 53.15 -20.85 31.08
N ARG J 194 52.89 -22.14 31.29
CA ARG J 194 53.30 -22.77 32.53
C ARG J 194 54.79 -23.04 32.52
N LEU J 195 55.32 -23.44 33.67
CA LEU J 195 56.75 -23.66 33.84
C LEU J 195 57.12 -25.01 33.25
N GLY J 196 57.24 -25.04 31.92
CA GLY J 196 57.55 -26.26 31.23
C GLY J 196 56.72 -26.48 29.97
N GLY J 197 55.91 -25.49 29.63
CA GLY J 197 55.11 -25.54 28.42
C GLY J 197 55.91 -25.19 27.18
N GLU J 198 55.19 -24.82 26.12
CA GLU J 198 55.84 -24.47 24.87
C GLU J 198 56.48 -23.08 24.95
N ASN J 199 55.95 -22.19 25.79
CA ASN J 199 56.53 -20.86 26.00
C ASN J 199 56.68 -20.67 27.50
N GLN J 200 57.80 -21.13 28.05
CA GLN J 200 58.04 -21.02 29.49
C GLN J 200 58.32 -19.57 29.85
N LEU J 201 57.37 -18.94 30.54
CA LEU J 201 57.43 -17.51 30.85
C LEU J 201 57.57 -17.34 32.36
N ILE J 202 58.70 -16.77 32.78
CA ILE J 202 59.00 -16.52 34.18
C ILE J 202 58.97 -15.01 34.39
N VAL J 203 57.89 -14.52 35.00
CA VAL J 203 57.67 -13.10 35.17
C VAL J 203 58.25 -12.69 36.53
N ARG J 204 58.51 -11.39 36.69
CA ARG J 204 59.07 -10.85 37.92
C ARG J 204 57.99 -10.23 38.76
N LEU J 205 57.92 -10.63 40.03
CA LEU J 205 56.91 -10.17 40.96
C LEU J 205 57.25 -8.78 41.50
N PRO J 206 56.23 -7.94 41.78
CA PRO J 206 56.50 -6.54 42.14
C PRO J 206 57.19 -6.30 43.47
N TYR J 207 56.66 -6.86 44.56
CA TYR J 207 57.09 -6.46 45.89
C TYR J 207 58.44 -7.07 46.26
N SER J 208 58.53 -8.39 46.28
CA SER J 208 59.77 -9.04 46.66
C SER J 208 60.83 -8.96 45.57
N GLY J 209 60.42 -8.73 44.32
CA GLY J 209 61.35 -8.68 43.21
C GLY J 209 61.77 -10.03 42.67
N GLU J 210 61.28 -11.11 43.24
CA GLU J 210 61.66 -12.46 42.85
C GLU J 210 61.00 -12.86 41.54
N PRO J 211 61.67 -13.66 40.71
CA PRO J 211 61.00 -14.27 39.57
C PRO J 211 60.04 -15.35 40.02
N PHE J 212 58.96 -15.51 39.27
CA PHE J 212 57.90 -16.44 39.67
C PHE J 212 57.15 -16.91 38.45
N ALA J 213 57.01 -18.22 38.31
CA ALA J 213 56.23 -18.81 37.23
C ALA J 213 55.44 -20.00 37.77
N VAL J 214 54.25 -20.21 37.22
CA VAL J 214 53.35 -21.26 37.69
C VAL J 214 53.88 -22.62 37.24
N PRO J 215 54.14 -23.55 38.16
CA PRO J 215 54.56 -24.90 37.76
C PRO J 215 53.40 -25.65 37.13
N PRO J 216 53.65 -26.65 36.30
CA PRO J 216 52.56 -27.33 35.59
C PRO J 216 51.75 -28.32 36.43
N ASN J 217 51.93 -28.32 37.75
CA ASN J 217 51.12 -29.15 38.63
C ASN J 217 49.82 -28.49 39.04
N LEU J 218 49.77 -27.16 39.07
CA LEU J 218 48.64 -26.47 39.67
C LEU J 218 47.42 -26.53 38.77
N TYR J 219 46.33 -27.04 39.31
CA TYR J 219 45.04 -27.04 38.64
C TYR J 219 44.08 -26.21 39.49
N ILE J 220 43.66 -25.06 38.98
CA ILE J 220 42.89 -24.08 39.74
C ILE J 220 41.42 -24.39 39.49
N ILE J 221 40.80 -25.09 40.43
CA ILE J 221 39.43 -25.60 40.24
C ILE J 221 38.48 -24.52 40.77
N GLY J 222 38.17 -23.55 39.93
CA GLY J 222 37.19 -22.55 40.31
C GLY J 222 35.78 -23.12 40.27
N THR J 223 34.91 -22.60 41.14
CA THR J 223 33.47 -22.88 41.07
C THR J 223 32.75 -21.54 41.15
N MET J 224 32.53 -20.90 39.99
CA MET J 224 31.82 -19.63 39.97
C MET J 224 30.32 -19.87 40.15
N ASN J 225 29.71 -19.12 41.05
CA ASN J 225 28.26 -19.00 41.06
C ASN J 225 27.84 -17.99 40.01
N THR J 226 26.93 -18.40 39.13
CA THR J 226 26.46 -17.52 38.05
C THR J 226 24.96 -17.20 38.20
N ALA J 227 24.47 -17.17 39.43
CA ALA J 227 23.08 -16.80 39.68
C ALA J 227 22.85 -15.32 39.38
N ASP J 228 23.55 -14.44 40.07
CA ASP J 228 23.41 -13.00 39.91
C ASP J 228 24.40 -12.47 38.88
N ARG J 229 23.97 -11.46 38.15
CA ARG J 229 24.86 -10.77 37.21
C ARG J 229 25.54 -9.62 37.95
N SER J 230 26.30 -8.81 37.20
CA SER J 230 27.13 -7.67 37.61
C SER J 230 28.34 -8.07 38.48
N ILE J 231 28.50 -9.36 38.81
CA ILE J 231 29.70 -9.87 39.45
C ILE J 231 30.25 -11.09 38.73
N ALA J 232 29.63 -11.53 37.65
CA ALA J 232 30.13 -12.68 36.91
C ALA J 232 31.32 -12.28 36.03
N LEU J 233 32.03 -13.30 35.55
CA LEU J 233 33.19 -13.08 34.69
C LEU J 233 32.76 -12.60 33.32
N LEU J 234 32.73 -11.29 33.13
CA LEU J 234 32.40 -10.70 31.84
C LEU J 234 33.63 -10.46 30.98
N ASP J 235 34.78 -10.24 31.61
CA ASP J 235 36.00 -9.98 30.87
C ASP J 235 36.51 -11.23 30.16
N VAL J 236 36.71 -11.12 28.85
CA VAL J 236 36.91 -12.29 28.01
C VAL J 236 38.33 -12.82 28.13
N ALA J 237 39.26 -12.01 28.65
CA ALA J 237 40.59 -12.51 28.96
C ALA J 237 40.56 -13.48 30.14
N LEU J 238 39.59 -13.33 31.04
CA LEU J 238 39.38 -14.33 32.08
C LEU J 238 38.63 -15.54 31.56
N ARG J 239 37.83 -15.37 30.51
CA ARG J 239 37.07 -16.47 29.94
C ARG J 239 37.86 -17.31 28.97
N ARG J 240 39.15 -17.12 28.89
CA ARG J 240 39.96 -17.90 27.98
C ARG J 240 40.99 -18.76 28.69
N ARG J 241 41.59 -18.28 29.79
CA ARG J 241 42.49 -19.12 30.56
C ARG J 241 41.75 -20.25 31.24
N PHE J 242 40.51 -20.02 31.64
CA PHE J 242 39.71 -20.99 32.39
C PHE J 242 38.73 -21.66 31.44
N ALA J 243 38.88 -22.97 31.27
CA ALA J 243 37.91 -23.76 30.51
C ALA J 243 36.70 -24.03 31.38
N PHE J 244 35.57 -23.39 31.07
CA PHE J 244 34.39 -23.50 31.90
C PHE J 244 33.73 -24.85 31.74
N ILE J 245 32.95 -25.25 32.74
CA ILE J 245 32.08 -26.41 32.66
C ILE J 245 30.71 -26.01 33.19
N GLU J 246 29.69 -26.08 32.34
CA GLU J 246 28.34 -25.87 32.80
C GLU J 246 27.88 -27.09 33.58
N VAL J 247 27.61 -26.90 34.87
CA VAL J 247 27.08 -27.98 35.69
C VAL J 247 25.60 -27.71 35.88
N GLU J 248 24.79 -28.30 35.00
CA GLU J 248 23.34 -28.12 35.02
C GLU J 248 22.75 -28.78 36.25
N PRO J 249 21.70 -28.18 36.85
CA PRO J 249 21.02 -28.87 37.96
C PRO J 249 20.23 -30.05 37.44
N ARG J 250 20.73 -31.25 37.69
CA ARG J 250 20.13 -32.47 37.17
C ARG J 250 19.01 -32.91 38.10
N PRO J 251 17.76 -32.92 37.66
CA PRO J 251 16.69 -33.48 38.49
C PRO J 251 16.62 -35.00 38.43
N GLU J 252 17.51 -35.65 37.67
CA GLU J 252 17.58 -37.09 37.62
C GLU J 252 18.08 -37.69 38.93
N PHE J 253 18.70 -36.88 39.79
CA PHE J 253 19.08 -37.29 41.13
C PHE J 253 17.92 -37.22 42.12
N LEU J 254 16.70 -36.96 41.65
CA LEU J 254 15.52 -36.84 42.50
C LEU J 254 14.42 -37.81 42.09
N GLU J 255 14.79 -38.98 41.58
CA GLU J 255 13.85 -40.07 41.39
C GLU J 255 13.80 -40.88 42.67
N LYS J 256 13.20 -42.07 42.63
CA LYS J 256 13.26 -42.91 43.82
C LYS J 256 14.56 -43.72 43.87
N GLU J 257 14.91 -44.38 42.76
CA GLU J 257 16.08 -45.25 42.74
C GLU J 257 17.39 -44.48 42.73
N ASN J 258 17.37 -43.20 42.34
CA ASN J 258 18.58 -42.40 42.33
C ASN J 258 18.80 -41.68 43.66
N LEU J 259 17.73 -41.18 44.27
CA LEU J 259 17.86 -40.53 45.57
C LEU J 259 18.18 -41.53 46.67
N LYS J 260 17.66 -42.75 46.56
CA LYS J 260 18.01 -43.80 47.51
C LYS J 260 19.45 -44.24 47.33
N LYS J 261 19.95 -44.23 46.09
CA LYS J 261 21.33 -44.62 45.85
C LYS J 261 22.32 -43.55 46.28
N ILE J 262 21.90 -42.28 46.29
CA ILE J 262 22.80 -41.20 46.70
C ILE J 262 22.99 -41.22 48.21
N ARG J 263 21.88 -41.26 48.97
CA ARG J 263 21.96 -41.12 50.41
C ARG J 263 22.40 -42.40 51.10
N GLU J 264 22.39 -43.55 50.40
CA GLU J 264 22.96 -44.77 50.94
C GLU J 264 24.47 -44.84 50.75
N LYS J 265 25.01 -44.06 49.81
CA LYS J 265 26.43 -44.08 49.51
C LYS J 265 27.25 -43.49 50.66
N LYS J 266 26.71 -42.51 51.36
CA LYS J 266 27.39 -41.86 52.48
C LYS J 266 26.80 -42.26 53.83
N LEU J 267 26.20 -43.44 53.92
CA LEU J 267 25.56 -43.90 55.14
C LEU J 267 26.08 -45.29 55.50
N LYS J 268 25.67 -45.76 56.67
CA LYS J 268 26.12 -47.04 57.20
C LYS J 268 25.21 -48.16 56.72
N THR J 269 25.38 -49.35 57.30
CA THR J 269 24.62 -50.52 56.88
C THR J 269 23.27 -50.61 57.59
N GLU J 270 23.25 -50.34 58.90
CA GLU J 270 22.04 -50.52 59.68
C GLU J 270 21.03 -49.42 59.40
N ASP J 271 21.48 -48.18 59.24
CA ASP J 271 20.56 -47.07 58.99
C ASP J 271 20.11 -46.99 57.55
N ARG J 272 20.70 -47.78 56.65
CA ARG J 272 20.26 -47.82 55.26
C ARG J 272 18.88 -48.43 55.13
N LYS J 273 18.54 -49.40 55.99
CA LYS J 273 17.20 -49.97 55.97
C LYS J 273 16.16 -48.98 56.49
N ARG J 274 16.54 -48.19 57.50
CA ARG J 274 15.64 -47.14 57.99
C ARG J 274 15.54 -46.00 56.97
N LEU J 275 16.61 -45.75 56.22
CA LEU J 275 16.56 -44.74 55.17
C LEU J 275 15.72 -45.20 53.99
N ASN J 276 15.80 -46.49 53.66
CA ASN J 276 14.97 -47.04 52.58
C ASN J 276 13.50 -47.05 52.97
N GLU J 277 13.20 -47.31 54.24
CA GLU J 277 11.82 -47.31 54.72
C GLU J 277 11.24 -45.90 54.73
N LYS J 278 12.08 -44.90 54.99
CA LYS J 278 11.61 -43.52 54.99
C LYS J 278 11.33 -43.03 53.57
N LEU J 279 12.08 -43.53 52.60
CA LEU J 279 11.85 -43.15 51.20
C LEU J 279 10.69 -43.92 50.59
N ASN J 280 10.43 -45.15 51.06
CA ASN J 280 9.20 -45.83 50.67
C ASN J 280 7.97 -45.12 51.26
N GLU J 281 8.09 -44.58 52.47
CA GLU J 281 6.99 -43.87 53.09
C GLU J 281 6.75 -42.52 52.43
N LEU J 282 7.80 -41.93 51.85
CA LEU J 282 7.66 -40.65 51.17
C LEU J 282 6.88 -40.81 49.87
N PHE J 283 7.32 -41.71 48.99
CA PHE J 283 6.67 -41.87 47.70
C PHE J 283 5.37 -42.66 47.77
N SER J 284 5.05 -43.28 48.90
CA SER J 284 3.71 -43.81 49.08
C SER J 284 2.72 -42.71 49.42
N LYS J 285 3.19 -41.64 50.07
CA LYS J 285 2.35 -40.47 50.33
C LYS J 285 2.31 -39.52 49.15
N LEU J 286 3.14 -39.72 48.15
CA LEU J 286 3.15 -38.89 46.95
C LEU J 286 2.35 -39.52 45.80
N GLY J 287 1.64 -40.60 46.07
CA GLY J 287 0.79 -41.20 45.06
C GLY J 287 1.43 -42.30 44.24
N ASN J 288 2.38 -43.05 44.83
CA ASN J 288 3.12 -44.14 44.17
C ASN J 288 3.80 -43.67 42.89
N ASP J 289 4.35 -42.46 42.94
CA ASP J 289 4.94 -41.81 41.77
C ASP J 289 6.43 -41.69 42.06
N ASN J 290 7.21 -42.65 41.55
CA ASN J 290 8.65 -42.66 41.75
C ASN J 290 9.38 -41.60 40.92
N TYR J 291 8.70 -40.96 39.97
CA TYR J 291 9.27 -39.92 39.14
C TYR J 291 8.73 -38.55 39.52
N PHE J 292 8.44 -38.35 40.80
CA PHE J 292 7.72 -37.15 41.23
C PHE J 292 8.64 -35.96 41.43
N LEU J 293 9.68 -36.11 42.27
CA LEU J 293 10.57 -34.99 42.55
C LEU J 293 11.46 -34.66 41.36
N LYS J 294 11.65 -35.62 40.44
CA LYS J 294 12.35 -35.32 39.19
C LYS J 294 11.52 -34.38 38.32
N THR J 295 10.25 -34.73 38.09
CA THR J 295 9.40 -33.87 37.28
C THR J 295 8.89 -32.66 38.04
N LEU J 296 9.08 -32.61 39.36
CA LEU J 296 8.78 -31.38 40.10
C LEU J 296 9.86 -30.34 39.86
N LEU J 297 11.13 -30.75 39.94
CA LEU J 297 12.22 -29.82 39.70
C LEU J 297 12.37 -29.46 38.23
N GLU J 298 12.06 -30.40 37.33
CA GLU J 298 12.24 -30.12 35.90
C GLU J 298 11.14 -29.22 35.37
N LYS J 299 9.91 -29.38 35.84
CA LYS J 299 8.83 -28.51 35.40
C LYS J 299 8.74 -27.21 36.20
N ILE J 300 9.73 -26.91 37.04
CA ILE J 300 9.81 -25.59 37.66
C ILE J 300 11.10 -24.94 37.19
N ASN J 301 12.04 -25.74 36.68
CA ASN J 301 13.23 -25.16 36.07
C ASN J 301 12.98 -24.73 34.64
N VAL J 302 12.00 -25.35 33.97
CA VAL J 302 11.60 -24.89 32.65
C VAL J 302 10.91 -23.53 32.74
N ARG J 303 10.07 -23.34 33.77
CA ARG J 303 9.35 -22.08 33.92
C ARG J 303 10.28 -20.96 34.35
N ILE J 304 11.33 -21.27 35.10
CA ILE J 304 12.31 -20.25 35.46
C ILE J 304 13.21 -19.92 34.27
N THR J 305 13.50 -20.92 33.43
CA THR J 305 14.30 -20.69 32.23
C THR J 305 13.59 -19.82 31.22
N VAL J 306 12.28 -20.04 31.02
CA VAL J 306 11.58 -19.33 29.96
C VAL J 306 11.26 -17.89 30.35
N VAL J 307 11.17 -17.58 31.65
CA VAL J 307 10.78 -16.24 32.07
C VAL J 307 12.00 -15.42 32.47
N LYS J 308 12.73 -15.89 33.48
CA LYS J 308 13.82 -15.07 34.03
C LYS J 308 15.07 -15.18 33.16
N ASP J 309 15.71 -16.35 33.19
CA ASP J 309 16.92 -16.72 32.44
C ASP J 309 17.28 -18.17 32.77
N ARG J 310 18.28 -18.72 32.10
CA ARG J 310 18.64 -20.12 32.30
C ARG J 310 19.55 -20.35 33.50
N ASP J 311 20.06 -19.30 34.14
CA ASP J 311 21.04 -19.45 35.21
C ASP J 311 20.49 -19.09 36.59
N HIS J 312 19.18 -18.92 36.71
CA HIS J 312 18.54 -18.71 38.01
C HIS J 312 17.71 -19.92 38.42
N ARG J 313 18.02 -21.09 37.86
CA ARG J 313 17.22 -22.28 38.08
C ARG J 313 17.43 -22.82 39.48
N ILE J 314 16.39 -23.49 40.00
CA ILE J 314 16.51 -24.16 41.28
C ILE J 314 17.42 -25.37 41.12
N GLY J 315 18.40 -25.49 42.01
CA GLY J 315 19.29 -26.62 41.98
C GLY J 315 18.66 -27.88 42.52
N HIS J 316 19.46 -28.95 42.56
CA HIS J 316 19.01 -30.21 43.13
C HIS J 316 19.66 -30.47 44.49
N SER J 317 20.08 -29.41 45.17
CA SER J 317 20.51 -29.53 46.56
C SER J 317 19.43 -29.14 47.54
N TYR J 318 18.36 -28.50 47.08
CA TYR J 318 17.25 -28.16 47.97
C TYR J 318 16.45 -29.40 48.32
N PHE J 319 16.06 -30.18 47.32
CA PHE J 319 15.19 -31.32 47.50
C PHE J 319 15.94 -32.63 47.74
N LEU J 320 17.27 -32.58 47.79
CA LEU J 320 18.05 -33.82 47.92
C LEU J 320 18.02 -34.37 49.34
N ASN J 321 17.75 -33.52 50.34
CA ASN J 321 17.80 -33.92 51.74
C ASN J 321 16.40 -34.07 52.33
N VAL J 322 15.47 -34.58 51.54
CA VAL J 322 14.11 -34.85 52.01
C VAL J 322 14.02 -36.32 52.43
N GLU J 323 13.21 -36.57 53.45
CA GLU J 323 13.03 -37.92 53.97
C GLU J 323 11.58 -38.24 54.29
N THR J 324 10.70 -37.24 54.35
CA THR J 324 9.28 -37.45 54.57
C THR J 324 8.54 -36.30 53.89
N VAL J 325 7.21 -36.35 53.96
CA VAL J 325 6.38 -35.32 53.34
C VAL J 325 6.48 -34.01 54.12
N GLU J 326 6.78 -34.09 55.42
CA GLU J 326 6.99 -32.88 56.20
C GLU J 326 8.34 -32.25 55.90
N ASP J 327 9.34 -33.06 55.54
CA ASP J 327 10.63 -32.51 55.16
C ASP J 327 10.57 -31.85 53.79
N LEU J 328 9.71 -32.36 52.90
CA LEU J 328 9.45 -31.67 51.65
C LEU J 328 8.66 -30.39 51.88
N HIS J 329 7.81 -30.40 52.92
CA HIS J 329 7.03 -29.21 53.25
C HIS J 329 7.90 -28.08 53.78
N HIS J 330 8.96 -28.43 54.54
CA HIS J 330 9.84 -27.40 55.06
C HIS J 330 10.79 -26.88 53.99
N VAL J 331 11.15 -27.73 53.02
CA VAL J 331 11.94 -27.27 51.90
C VAL J 331 11.11 -26.36 51.00
N TRP J 332 9.82 -26.68 50.83
CA TRP J 332 9.00 -25.96 49.86
C TRP J 332 8.55 -24.60 50.36
N TYR J 333 8.37 -24.42 51.67
CA TYR J 333 7.87 -23.14 52.17
C TYR J 333 8.95 -22.24 52.75
N TYR J 334 10.11 -22.77 53.12
CA TYR J 334 11.13 -21.97 53.79
C TYR J 334 12.47 -21.98 53.05
N GLU J 335 12.54 -22.59 51.86
CA GLU J 335 13.78 -22.57 51.09
C GLU J 335 13.61 -22.25 49.61
N VAL J 336 12.44 -22.44 49.00
CA VAL J 336 12.32 -22.21 47.56
C VAL J 336 11.15 -21.26 47.28
N LEU J 337 10.18 -21.19 48.19
CA LEU J 337 9.15 -20.17 48.06
C LEU J 337 9.61 -18.77 48.47
N PRO J 338 10.39 -18.56 49.54
CA PRO J 338 11.07 -17.26 49.66
C PRO J 338 12.11 -17.02 48.58
N LEU J 339 12.62 -18.08 47.96
CA LEU J 339 13.50 -17.89 46.80
C LEU J 339 12.70 -17.47 45.57
N LEU J 340 11.52 -18.06 45.36
CA LEU J 340 10.70 -17.68 44.22
C LEU J 340 10.09 -16.31 44.39
N MET J 341 9.80 -15.89 45.63
CA MET J 341 9.33 -14.54 45.87
C MET J 341 10.45 -13.52 45.89
N GLU J 342 11.70 -13.95 45.78
CA GLU J 342 12.82 -13.02 45.67
C GLU J 342 13.22 -12.77 44.23
N TYR J 343 13.06 -13.77 43.36
CA TYR J 343 13.23 -13.60 41.92
C TYR J 343 12.22 -12.59 41.39
N PHE J 344 10.93 -12.91 41.52
CA PHE J 344 9.85 -12.08 41.00
C PHE J 344 9.21 -11.34 42.17
N TYR J 345 9.91 -10.31 42.65
CA TYR J 345 9.41 -9.53 43.78
C TYR J 345 8.27 -8.62 43.33
N ASN J 346 7.10 -8.80 43.97
CA ASN J 346 5.88 -8.02 43.71
C ASN J 346 5.43 -8.10 42.26
N ASP J 347 5.70 -9.22 41.61
CA ASP J 347 5.28 -9.46 40.22
C ASP J 347 4.50 -10.77 40.27
N TRP J 348 3.21 -10.65 40.57
CA TRP J 348 2.42 -11.81 40.96
C TRP J 348 1.94 -12.64 39.78
N GLU J 349 1.74 -12.01 38.61
CA GLU J 349 1.22 -12.73 37.46
C GLU J 349 2.23 -13.71 36.88
N THR J 350 3.51 -13.58 37.22
CA THR J 350 4.53 -14.52 36.80
C THR J 350 4.68 -15.68 37.78
N ILE J 351 4.73 -15.37 39.08
CA ILE J 351 4.96 -16.40 40.10
C ILE J 351 3.75 -17.31 40.24
N LYS J 352 2.56 -16.87 39.83
CA LYS J 352 1.46 -17.81 39.69
C LYS J 352 1.65 -18.71 38.48
N TRP J 353 2.30 -18.21 37.44
CA TRP J 353 2.50 -19.00 36.23
C TRP J 353 3.68 -19.95 36.35
N VAL J 354 4.68 -19.62 37.18
CA VAL J 354 5.79 -20.53 37.42
C VAL J 354 5.29 -21.79 38.12
N LEU J 355 4.33 -21.63 39.03
CA LEU J 355 3.66 -22.76 39.65
C LEU J 355 2.43 -23.20 38.85
N ASN J 356 2.26 -22.67 37.64
CA ASN J 356 1.09 -22.79 36.74
C ASN J 356 -0.25 -22.74 37.47
N GLU J 357 -0.37 -21.77 38.38
CA GLU J 357 -1.63 -21.43 39.02
C GLU J 357 -2.17 -20.12 38.47
N LYS J 358 -2.02 -19.92 37.16
CA LYS J 358 -2.39 -18.65 36.52
C LYS J 358 -3.88 -18.41 36.56
N GLY J 359 -4.68 -19.48 36.51
CA GLY J 359 -6.12 -19.35 36.57
C GLY J 359 -6.68 -19.62 37.96
N LYS J 360 -5.97 -20.42 38.75
CA LYS J 360 -6.42 -20.76 40.09
C LYS J 360 -6.15 -19.61 41.03
N GLU J 361 -7.20 -19.11 41.69
CA GLU J 361 -7.08 -18.00 42.63
C GLU J 361 -7.53 -18.34 44.04
N HIS J 362 -8.20 -19.47 44.24
CA HIS J 362 -8.68 -19.86 45.56
C HIS J 362 -8.51 -21.37 45.71
N GLY J 363 -8.75 -21.84 46.93
CA GLY J 363 -8.67 -23.26 47.20
C GLY J 363 -7.27 -23.75 47.45
N ASN J 364 -6.93 -24.93 46.93
CA ASN J 364 -5.60 -25.52 47.10
C ASN J 364 -4.62 -24.80 46.19
N VAL J 365 -4.15 -23.66 46.65
CA VAL J 365 -3.18 -22.85 45.92
C VAL J 365 -2.30 -22.15 46.95
N PHE J 366 -1.02 -21.96 46.61
CA PHE J 366 -0.09 -21.32 47.52
C PHE J 366 -0.39 -19.84 47.69
N PHE J 367 -0.97 -19.21 46.67
CA PHE J 367 -1.28 -17.79 46.70
C PHE J 367 -2.78 -17.60 46.49
N GLU J 368 -3.50 -17.32 47.57
CA GLU J 368 -4.88 -16.87 47.43
C GLU J 368 -4.91 -15.42 46.97
N LYS J 369 -6.03 -15.03 46.39
CA LYS J 369 -6.23 -13.66 45.95
C LYS J 369 -6.94 -12.86 47.03
N LEU J 370 -6.45 -11.66 47.30
CA LEU J 370 -7.17 -10.75 48.18
C LEU J 370 -8.43 -10.28 47.48
N ARG J 371 -9.50 -10.10 48.27
CA ARG J 371 -10.84 -9.97 47.70
C ARG J 371 -11.07 -8.62 47.05
N LEU J 372 -10.32 -7.58 47.42
CA LEU J 372 -10.50 -6.26 46.83
C LEU J 372 -9.26 -5.87 46.06
N THR J 373 -9.48 -5.13 44.97
CA THR J 373 -8.40 -4.63 44.14
C THR J 373 -8.01 -3.24 44.58
N GLY J 374 -7.00 -2.68 43.93
CA GLY J 374 -6.53 -1.36 44.25
C GLY J 374 -7.45 -0.28 43.70
N PRO J 375 -7.07 0.98 43.96
CA PRO J 375 -7.90 2.08 43.45
C PRO J 375 -7.80 2.30 41.96
N ASN J 376 -6.71 1.86 41.33
CA ASN J 376 -6.48 2.05 39.89
C ASN J 376 -6.09 0.74 39.23
N GLY J 377 -6.80 -0.33 39.58
CA GLY J 377 -6.65 -1.60 38.89
C GLY J 377 -5.40 -2.39 39.21
N GLU J 378 -5.05 -2.51 40.49
CA GLU J 378 -3.96 -3.36 40.91
C GLU J 378 -4.47 -4.35 41.94
N GLU J 379 -3.81 -5.51 42.00
CA GLU J 379 -4.33 -6.62 42.80
C GLU J 379 -3.16 -7.48 43.26
N ALA J 380 -3.08 -7.75 44.56
CA ALA J 380 -1.99 -8.51 45.13
C ALA J 380 -2.51 -9.73 45.86
N TYR J 381 -1.61 -10.67 46.11
CA TYR J 381 -1.91 -11.99 46.65
C TYR J 381 -1.24 -12.15 48.01
N GLN J 382 -1.38 -13.35 48.59
CA GLN J 382 -0.74 -13.64 49.87
C GLN J 382 -0.40 -15.12 49.93
N LEU J 383 0.71 -15.43 50.58
CA LEU J 383 1.25 -16.79 50.61
C LEU J 383 0.45 -17.61 51.61
N LYS J 384 -0.37 -18.53 51.09
CA LYS J 384 -1.19 -19.39 51.94
C LYS J 384 -0.39 -20.60 52.38
N VAL J 385 -0.40 -20.88 53.68
CA VAL J 385 0.30 -22.04 54.23
C VAL J 385 -0.64 -23.24 54.18
N LEU J 386 -0.20 -24.30 53.50
CA LEU J 386 -0.97 -25.53 53.39
C LEU J 386 -0.29 -26.62 54.21
N GLU J 387 -1.00 -27.74 54.37
CA GLU J 387 -0.51 -28.84 55.18
C GLU J 387 -1.16 -30.15 54.74
N GLY J 388 -0.37 -31.22 54.78
CA GLY J 388 -0.92 -32.54 54.56
C GLY J 388 -1.09 -32.87 53.08
N ASP J 389 -2.13 -33.66 52.80
CA ASP J 389 -2.42 -34.08 51.44
C ASP J 389 -2.97 -32.93 50.59
N ALA J 390 -3.52 -31.89 51.23
CA ALA J 390 -3.94 -30.71 50.50
C ALA J 390 -2.75 -29.96 49.92
N PHE J 391 -1.60 -30.03 50.60
CA PHE J 391 -0.38 -29.44 50.06
C PHE J 391 0.11 -30.21 48.84
N ILE J 392 0.02 -31.55 48.89
CA ILE J 392 0.43 -32.39 47.77
C ILE J 392 -0.50 -32.17 46.58
N GLY J 393 -1.79 -31.99 46.84
CA GLY J 393 -2.75 -31.65 45.78
C GLY J 393 -2.52 -30.28 45.17
N ALA J 394 -1.86 -29.38 45.88
CA ALA J 394 -1.40 -28.12 45.32
C ALA J 394 0.00 -28.22 44.74
N LEU J 395 0.68 -29.35 44.93
CA LEU J 395 2.00 -29.57 44.37
C LEU J 395 1.98 -30.49 43.16
N LYS J 396 1.06 -31.46 43.13
CA LYS J 396 0.94 -32.36 42.00
C LYS J 396 0.23 -31.73 40.81
N ARG J 397 -0.37 -30.56 40.98
CA ARG J 397 -0.93 -29.83 39.86
C ARG J 397 0.10 -28.97 39.15
N ILE J 398 1.30 -28.84 39.72
CA ILE J 398 2.41 -28.21 38.99
C ILE J 398 2.86 -29.13 37.86
N ILE J 399 3.06 -30.41 38.16
CA ILE J 399 3.52 -31.38 37.18
C ILE J 399 2.37 -31.80 36.28
N ILE K 9 1.88 -19.96 69.87
CA ILE K 9 2.64 -19.79 71.10
C ILE K 9 4.04 -20.38 70.93
N LYS K 10 4.10 -21.71 70.91
CA LYS K 10 5.34 -22.44 70.75
C LYS K 10 5.55 -22.85 69.28
N GLU K 11 4.65 -22.45 68.39
CA GLU K 11 4.75 -22.86 66.99
C GLU K 11 5.91 -22.18 66.29
N ASP K 12 6.08 -20.88 66.49
CA ASP K 12 7.24 -20.19 65.92
C ASP K 12 8.53 -20.58 66.67
N TYR K 13 8.40 -20.95 67.93
CA TYR K 13 9.55 -21.46 68.68
C TYR K 13 10.01 -22.81 68.14
N PHE K 14 9.06 -23.69 67.84
CA PHE K 14 9.40 -25.01 67.32
C PHE K 14 9.85 -24.95 65.87
N ARG K 15 9.32 -24.00 65.10
CA ARG K 15 9.66 -23.90 63.68
C ARG K 15 11.09 -23.41 63.50
N VAL K 16 11.56 -22.55 64.40
CA VAL K 16 12.98 -22.18 64.42
C VAL K 16 13.82 -23.38 64.82
N ASP K 17 13.35 -24.16 65.80
CA ASP K 17 14.11 -25.29 66.33
C ASP K 17 14.21 -26.43 65.31
N MET K 18 13.25 -26.52 64.38
CA MET K 18 13.33 -27.56 63.36
C MET K 18 14.30 -27.18 62.26
N LEU K 19 14.23 -25.94 61.78
CA LEU K 19 15.08 -25.51 60.68
C LEU K 19 16.51 -25.25 61.09
N LEU K 20 16.78 -25.05 62.38
CA LEU K 20 18.15 -24.90 62.85
C LEU K 20 18.87 -26.23 63.00
N ASN K 21 18.18 -27.35 62.79
CA ASN K 21 18.82 -28.66 62.70
C ASN K 21 18.86 -29.20 61.27
N LYS K 22 18.00 -28.69 60.39
CA LYS K 22 17.95 -29.18 59.01
C LYS K 22 18.92 -28.40 58.12
N LYS K 23 18.75 -27.08 58.02
CA LYS K 23 19.61 -26.26 57.19
C LYS K 23 20.80 -25.70 57.95
N GLY K 24 20.64 -25.40 59.23
CA GLY K 24 21.75 -24.94 60.03
C GLY K 24 21.66 -23.51 60.49
N GLN K 25 21.12 -22.62 59.66
CA GLN K 25 21.07 -21.18 59.93
C GLN K 25 19.71 -20.67 59.44
N VAL K 26 18.91 -20.16 60.34
CA VAL K 26 17.59 -19.70 59.97
C VAL K 26 17.63 -18.18 59.80
N ILE K 27 16.74 -17.64 58.96
CA ILE K 27 16.55 -16.21 58.83
C ILE K 27 15.07 -15.91 59.04
N LEU K 28 14.77 -15.06 60.00
CA LEU K 28 13.41 -14.59 60.24
C LEU K 28 13.22 -13.30 59.48
N TYR K 29 12.67 -13.38 58.28
CA TYR K 29 12.42 -12.21 57.44
C TYR K 29 10.96 -11.83 57.55
N GLY K 30 10.67 -10.54 57.46
CA GLY K 30 9.31 -10.08 57.54
C GLY K 30 9.20 -8.58 57.52
N PRO K 31 7.97 -8.06 57.46
CA PRO K 31 7.78 -6.61 57.55
C PRO K 31 8.12 -6.12 58.93
N PRO K 32 8.60 -4.87 59.06
CA PRO K 32 9.07 -4.39 60.36
C PRO K 32 7.90 -4.05 61.28
N GLY K 33 7.95 -4.61 62.48
CA GLY K 33 6.88 -4.39 63.45
C GLY K 33 6.33 -5.68 64.00
N THR K 34 6.87 -6.81 63.56
CA THR K 34 6.48 -8.12 64.05
C THR K 34 7.56 -8.65 64.97
N GLY K 35 7.31 -9.84 65.51
CA GLY K 35 8.24 -10.46 66.44
C GLY K 35 9.36 -11.22 65.77
N LYS K 36 10.36 -10.51 65.24
CA LYS K 36 11.51 -11.17 64.62
C LYS K 36 12.70 -11.25 65.57
N THR K 37 13.17 -10.11 66.10
CA THR K 37 14.21 -10.15 67.12
C THR K 37 13.69 -10.74 68.42
N TRP K 38 12.41 -10.53 68.72
CA TRP K 38 11.84 -11.03 69.97
C TRP K 38 11.74 -12.56 69.95
N ILE K 39 11.31 -13.15 68.84
CA ILE K 39 11.22 -14.61 68.80
C ILE K 39 12.60 -15.22 68.60
N ALA K 40 13.58 -14.40 68.18
CA ALA K 40 14.96 -14.88 68.11
C ALA K 40 15.64 -14.75 69.46
N ARG K 41 15.33 -13.71 70.22
CA ARG K 41 15.90 -13.58 71.55
C ARG K 41 15.25 -14.56 72.53
N LYS K 42 13.95 -14.79 72.39
CA LYS K 42 13.27 -15.74 73.27
C LYS K 42 13.64 -17.17 72.94
N TYR K 43 14.07 -17.45 71.72
CA TYR K 43 14.48 -18.81 71.37
C TYR K 43 15.83 -19.15 72.00
N VAL K 44 16.80 -18.24 71.88
CA VAL K 44 18.15 -18.52 72.35
C VAL K 44 18.21 -18.50 73.87
N VAL K 45 17.39 -17.65 74.50
CA VAL K 45 17.34 -17.59 75.96
C VAL K 45 16.70 -18.86 76.53
N GLU K 46 15.60 -19.32 75.92
CA GLU K 46 14.92 -20.51 76.43
C GLU K 46 15.66 -21.80 76.09
N GLU K 47 16.59 -21.77 75.14
CA GLU K 47 17.33 -22.98 74.79
C GLU K 47 18.68 -23.07 75.49
N THR K 48 19.27 -21.94 75.87
CA THR K 48 20.58 -21.95 76.51
C THR K 48 20.54 -21.54 77.98
N ASN K 49 19.39 -21.07 78.48
CA ASN K 49 19.17 -20.67 79.88
C ASN K 49 20.13 -19.57 80.33
N GLU K 50 20.54 -18.71 79.40
CA GLU K 50 21.52 -17.67 79.65
C GLU K 50 20.94 -16.35 79.15
N LYS K 51 20.49 -15.51 80.08
CA LYS K 51 19.72 -14.31 79.73
C LYS K 51 20.59 -13.17 79.20
N THR K 52 21.89 -13.18 79.46
CA THR K 52 22.78 -12.16 78.93
C THR K 52 23.81 -12.80 78.01
N PRO K 53 24.26 -12.09 76.98
CA PRO K 53 25.30 -12.63 76.10
C PRO K 53 26.62 -12.87 76.82
N GLY K 54 27.40 -13.78 76.26
CA GLY K 54 28.58 -14.29 76.93
C GLY K 54 29.19 -15.45 76.18
N ASN K 55 29.45 -16.56 76.87
CA ASN K 55 30.09 -17.70 76.21
C ASN K 55 29.11 -18.47 75.33
N LYS K 56 27.91 -18.75 75.85
CA LYS K 56 26.99 -19.65 75.16
C LYS K 56 26.33 -19.00 73.95
N TRP K 57 26.18 -17.68 73.94
CA TRP K 57 25.63 -16.99 72.79
C TRP K 57 26.10 -15.54 72.78
N GLU K 58 26.12 -14.95 71.58
CA GLU K 58 26.52 -13.57 71.41
C GLU K 58 25.58 -12.89 70.42
N PHE K 59 25.04 -11.75 70.81
CA PHE K 59 24.20 -10.94 69.94
C PHE K 59 25.08 -9.92 69.25
N ILE K 60 25.01 -9.87 67.92
CA ILE K 60 25.56 -8.79 67.13
C ILE K 60 24.50 -8.30 66.18
N THR K 61 24.80 -7.19 65.51
CA THR K 61 23.92 -6.68 64.46
C THR K 61 24.76 -6.01 63.38
N PHE K 62 24.31 -6.16 62.14
CA PHE K 62 25.10 -5.77 60.99
C PHE K 62 24.81 -4.33 60.60
N HIS K 63 25.78 -3.72 59.93
CA HIS K 63 25.63 -2.41 59.32
C HIS K 63 26.66 -2.30 58.19
N GLN K 64 26.68 -1.14 57.54
CA GLN K 64 27.54 -0.99 56.37
C GLN K 64 29.01 -0.84 56.73
N SER K 65 29.32 -0.49 57.98
CA SER K 65 30.70 -0.40 58.45
C SER K 65 31.14 -1.64 59.22
N TYR K 66 30.39 -2.73 59.11
CA TYR K 66 30.71 -3.97 59.81
C TYR K 66 31.45 -4.90 58.84
N SER K 67 32.68 -4.52 58.52
CA SER K 67 33.40 -5.16 57.43
C SER K 67 33.94 -6.53 57.83
N TYR K 68 34.70 -7.12 56.90
CA TYR K 68 35.21 -8.48 57.07
C TYR K 68 36.32 -8.54 58.11
N GLU K 69 37.08 -7.46 58.29
CA GLU K 69 38.28 -7.50 59.12
C GLU K 69 37.96 -7.58 60.61
N GLU K 70 36.75 -7.21 61.02
CA GLU K 70 36.37 -7.27 62.41
C GLU K 70 35.29 -8.31 62.70
N PHE K 71 34.84 -9.04 61.68
CA PHE K 71 33.87 -10.12 61.88
C PHE K 71 34.54 -11.49 61.95
N ILE K 72 35.45 -11.80 61.02
CA ILE K 72 36.12 -13.09 61.04
C ILE K 72 37.54 -12.92 61.55
N GLU K 73 38.37 -12.19 60.80
CA GLU K 73 39.72 -11.89 61.22
C GLU K 73 40.26 -10.71 60.44
N GLY K 74 41.21 -10.02 61.04
CA GLY K 74 41.87 -8.90 60.40
C GLY K 74 43.01 -8.45 61.29
N PHE K 75 43.83 -7.55 60.74
CA PHE K 75 44.92 -6.99 61.50
C PHE K 75 44.37 -6.00 62.52
N ARG K 76 44.88 -6.07 63.76
CA ARG K 76 44.44 -5.18 64.82
C ARG K 76 45.64 -4.87 65.70
N PRO K 77 45.97 -3.58 65.90
CA PRO K 77 47.09 -3.24 66.80
C PRO K 77 46.72 -3.48 68.25
N ARG K 78 47.58 -4.22 68.95
CA ARG K 78 47.32 -4.61 70.34
C ARG K 78 48.66 -4.99 70.97
N THR K 79 48.98 -4.35 72.09
CA THR K 79 50.25 -4.66 72.75
C THR K 79 50.12 -5.00 74.23
N ASP K 80 49.18 -4.37 74.95
CA ASP K 80 48.96 -4.54 76.39
C ASP K 80 50.23 -4.28 77.21
N ASN K 81 51.07 -3.36 76.75
CA ASN K 81 52.31 -3.05 77.45
C ASN K 81 52.64 -1.56 77.46
N GLU K 82 51.78 -0.72 76.88
CA GLU K 82 51.97 0.74 76.70
C GLU K 82 53.24 1.07 75.92
N GLU K 83 53.72 0.13 75.09
CA GLU K 83 54.96 0.19 74.33
C GLU K 83 54.94 -1.00 73.38
N LYS K 84 55.73 -0.92 72.30
CA LYS K 84 55.99 -1.97 71.31
C LYS K 84 54.67 -2.51 70.72
N ILE K 85 53.98 -1.59 70.04
CA ILE K 85 52.66 -1.87 69.48
C ILE K 85 52.78 -2.95 68.41
N ARG K 86 52.25 -4.13 68.71
CA ARG K 86 52.48 -5.34 67.93
C ARG K 86 51.35 -5.50 66.93
N TYR K 87 51.67 -5.32 65.65
CA TYR K 87 50.68 -5.38 64.58
C TYR K 87 50.40 -6.85 64.28
N VAL K 88 49.43 -7.42 64.98
CA VAL K 88 49.14 -8.84 64.87
C VAL K 88 47.70 -8.99 64.37
N VAL K 89 47.41 -10.13 63.76
CA VAL K 89 46.06 -10.41 63.28
C VAL K 89 45.23 -10.96 64.43
N GLU K 90 44.10 -10.32 64.69
CA GLU K 90 43.18 -10.72 65.74
C GLU K 90 41.89 -11.22 65.15
N ASP K 91 41.34 -12.25 65.79
CA ASP K 91 40.12 -12.88 65.31
C ASP K 91 38.92 -11.99 65.59
N GLY K 92 37.96 -12.00 64.67
CA GLY K 92 36.79 -11.16 64.78
C GLY K 92 35.76 -11.70 65.76
N ILE K 93 34.50 -11.31 65.56
CA ILE K 93 33.45 -11.78 66.45
C ILE K 93 33.07 -13.22 66.14
N PHE K 94 33.06 -13.59 64.85
CA PHE K 94 32.65 -14.93 64.47
C PHE K 94 33.69 -15.98 64.81
N LYS K 95 34.96 -15.71 64.49
CA LYS K 95 36.00 -16.72 64.73
C LYS K 95 36.28 -16.88 66.22
N LYS K 96 35.97 -15.87 67.02
CA LYS K 96 36.04 -16.05 68.46
C LYS K 96 34.87 -16.87 68.99
N ILE K 97 33.81 -17.05 68.20
CA ILE K 97 32.71 -17.94 68.55
C ILE K 97 32.92 -19.35 68.01
N ALA K 98 33.30 -19.46 66.73
CA ALA K 98 33.40 -20.77 66.09
C ALA K 98 34.59 -21.56 66.64
N LEU K 99 35.65 -20.87 67.07
CA LEU K 99 36.70 -21.56 67.80
C LEU K 99 36.26 -21.89 69.22
N ARG K 100 35.40 -21.05 69.81
CA ARG K 100 34.89 -21.36 71.13
C ARG K 100 33.88 -22.50 71.09
N ALA K 101 33.03 -22.52 70.06
CA ALA K 101 32.04 -23.59 69.92
C ALA K 101 32.68 -24.92 69.55
N LEU K 102 33.89 -24.88 68.99
CA LEU K 102 34.61 -26.11 68.68
C LEU K 102 35.28 -26.68 69.93
N VAL K 103 36.05 -25.85 70.64
CA VAL K 103 36.79 -26.35 71.81
C VAL K 103 35.90 -26.57 73.03
N LYS K 104 34.65 -26.09 73.00
CA LYS K 104 33.68 -26.54 73.98
C LYS K 104 33.08 -27.88 73.59
N GLY K 105 32.97 -28.14 72.28
CA GLY K 105 32.52 -29.43 71.81
C GLY K 105 33.55 -30.54 71.95
N LEU K 106 34.83 -30.18 72.12
CA LEU K 106 35.89 -31.17 72.28
C LEU K 106 36.15 -31.50 73.75
N PHE K 107 35.15 -31.33 74.62
CA PHE K 107 35.22 -31.77 76.01
C PHE K 107 34.56 -33.12 76.22
N GLU K 108 33.34 -33.31 75.69
CA GLU K 108 32.55 -34.49 75.97
C GLU K 108 32.99 -35.72 75.20
N LEU K 109 33.90 -35.58 74.23
CA LEU K 109 34.40 -36.73 73.49
C LEU K 109 35.28 -37.59 74.40
N GLU K 110 35.23 -38.90 74.17
CA GLU K 110 35.88 -39.85 75.08
C GLU K 110 37.37 -39.95 74.81
N ASP K 111 37.74 -40.44 73.63
CA ASP K 111 39.16 -40.65 73.33
C ASP K 111 39.54 -40.27 71.91
N ALA K 112 38.66 -39.60 71.15
CA ALA K 112 38.98 -39.24 69.78
C ALA K 112 39.92 -38.04 69.73
N THR K 113 39.55 -36.95 70.41
CA THR K 113 40.38 -35.75 70.48
C THR K 113 41.18 -35.82 71.77
N ILE K 114 42.41 -36.30 71.68
CA ILE K 114 43.26 -36.46 72.88
C ILE K 114 43.95 -35.13 73.07
N GLY K 115 43.23 -34.20 73.70
CA GLY K 115 43.75 -32.87 73.98
C GLY K 115 43.25 -32.32 75.29
N LYS K 116 42.91 -33.20 76.23
CA LYS K 116 42.12 -32.83 77.41
C LYS K 116 42.83 -31.84 78.34
N ASP K 117 44.15 -31.73 78.23
CA ASP K 117 44.88 -30.65 78.89
C ASP K 117 45.09 -29.44 77.97
N LYS K 118 45.17 -29.68 76.66
CA LYS K 118 45.46 -28.59 75.72
C LYS K 118 44.20 -27.98 75.11
N ILE K 119 43.05 -28.65 75.20
CA ILE K 119 41.81 -28.04 74.72
C ILE K 119 41.22 -27.12 75.79
N HIS K 120 41.24 -27.56 77.05
CA HIS K 120 40.74 -26.73 78.14
C HIS K 120 41.63 -25.52 78.39
N ARG K 121 42.92 -25.62 78.08
CA ARG K 121 43.80 -24.46 78.14
C ARG K 121 43.47 -23.47 77.02
N LEU K 122 42.99 -23.98 75.87
CA LEU K 122 42.59 -23.11 74.79
C LEU K 122 41.23 -22.48 75.03
N TYR K 123 40.33 -23.18 75.74
CA TYR K 123 39.01 -22.62 76.01
C TYR K 123 39.07 -21.51 77.05
N ILE K 124 39.94 -21.66 78.05
CA ILE K 124 40.07 -20.63 79.09
C ILE K 124 40.79 -19.38 78.57
N LEU K 125 41.51 -19.50 77.45
CA LEU K 125 42.07 -18.35 76.76
C LEU K 125 41.17 -17.81 75.65
N LEU K 126 40.04 -18.46 75.39
CA LEU K 126 39.06 -17.95 74.44
C LEU K 126 37.90 -17.23 75.12
N THR K 127 37.55 -17.65 76.33
CA THR K 127 36.49 -16.99 77.10
C THR K 127 37.03 -15.91 78.03
N LYS K 128 38.34 -15.67 78.01
CA LYS K 128 38.95 -14.67 78.89
C LYS K 128 38.57 -13.28 78.44
N LYS K 129 37.88 -12.54 79.31
CA LYS K 129 37.39 -11.21 78.95
C LYS K 129 38.53 -10.20 78.89
N GLU K 130 39.50 -10.33 79.79
CA GLU K 130 40.67 -9.46 79.77
C GLU K 130 41.51 -9.74 78.53
N PRO K 131 41.98 -8.71 77.83
CA PRO K 131 42.72 -8.93 76.58
C PRO K 131 44.05 -9.63 76.80
N LEU K 132 44.48 -10.36 75.77
CA LEU K 132 45.53 -11.35 75.93
C LEU K 132 46.90 -10.68 75.99
N SER K 133 47.62 -10.94 77.09
CA SER K 133 49.01 -10.52 77.19
C SER K 133 49.86 -11.32 76.20
N PRO K 134 50.95 -10.71 75.68
CA PRO K 134 51.76 -11.42 74.67
C PRO K 134 52.48 -12.66 75.17
N THR K 135 52.69 -12.80 76.48
CA THR K 135 53.29 -14.04 76.98
C THR K 135 52.28 -15.19 77.00
N GLU K 136 50.98 -14.88 76.97
CA GLU K 136 49.96 -15.91 76.84
C GLU K 136 49.29 -15.91 75.47
N TYR K 137 49.51 -14.88 74.66
CA TYR K 137 48.98 -14.90 73.30
C TYR K 137 49.79 -15.83 72.40
N GLU K 138 51.08 -16.00 72.69
CA GLU K 138 51.88 -16.98 71.97
C GLU K 138 51.45 -18.39 72.32
N GLU K 139 50.88 -18.59 73.51
CA GLU K 139 50.31 -19.89 73.85
C GLU K 139 48.97 -20.09 73.14
N TYR K 140 48.20 -19.01 72.97
CA TYR K 140 46.90 -19.13 72.30
C TYR K 140 47.07 -19.38 70.82
N LEU K 141 48.08 -18.77 70.20
CA LEU K 141 48.31 -18.98 68.78
C LEU K 141 48.95 -20.33 68.51
N ARG K 142 49.65 -20.90 69.49
CA ARG K 142 50.26 -22.21 69.32
C ARG K 142 49.26 -23.33 69.56
N LEU K 143 48.33 -23.14 70.50
CA LEU K 143 47.29 -24.13 70.73
C LEU K 143 46.25 -24.13 69.64
N LYS K 144 46.04 -23.00 68.96
CA LYS K 144 45.09 -22.97 67.84
C LYS K 144 45.66 -23.70 66.63
N ARG K 145 46.99 -23.70 66.48
CA ARG K 145 47.61 -24.50 65.44
C ARG K 145 47.56 -25.98 65.79
N TYR K 146 47.51 -26.30 67.10
CA TYR K 146 47.29 -27.68 67.52
C TYR K 146 45.86 -28.12 67.23
N LEU K 147 44.91 -27.17 67.28
CA LEU K 147 43.50 -27.50 67.11
C LEU K 147 43.20 -27.96 65.69
N TRP K 148 43.74 -27.26 64.69
CA TRP K 148 43.52 -27.67 63.31
C TRP K 148 44.48 -28.76 62.86
N GLU K 149 45.44 -29.14 63.69
CA GLU K 149 46.14 -30.40 63.53
C GLU K 149 45.41 -31.53 64.24
N LEU K 150 44.62 -31.21 65.26
CA LEU K 150 43.77 -32.20 65.92
C LEU K 150 42.54 -32.47 65.06
N VAL K 151 41.77 -31.43 64.76
CA VAL K 151 40.64 -31.56 63.84
C VAL K 151 41.18 -31.84 62.44
N GLY K 152 40.78 -32.98 61.89
CA GLY K 152 41.41 -33.56 60.72
C GLY K 152 41.96 -34.95 60.97
N GLY K 153 42.34 -35.23 62.22
CA GLY K 153 42.67 -36.56 62.68
C GLY K 153 41.58 -37.22 63.49
N LEU K 154 40.38 -36.62 63.56
CA LEU K 154 39.20 -37.16 64.22
C LEU K 154 38.23 -37.74 63.19
N PRO K 155 37.53 -38.83 63.54
CA PRO K 155 36.50 -39.34 62.65
C PRO K 155 35.28 -38.45 62.65
N LYS K 156 34.53 -38.49 61.54
CA LYS K 156 33.36 -37.65 61.38
C LYS K 156 32.21 -38.06 62.30
N ASP K 157 32.20 -39.29 62.80
CA ASP K 157 31.17 -39.71 63.74
C ASP K 157 31.39 -39.12 65.12
N LYS K 158 32.65 -38.91 65.52
CA LYS K 158 32.99 -38.27 66.78
C LYS K 158 33.12 -36.76 66.65
N LEU K 159 32.74 -36.19 65.50
CA LEU K 159 32.78 -34.76 65.29
C LEU K 159 31.45 -34.17 64.88
N LYS K 160 30.51 -35.00 64.39
CA LYS K 160 29.19 -34.49 64.03
C LYS K 160 28.36 -34.18 65.26
N ASN K 161 28.46 -35.02 66.30
CA ASN K 161 27.66 -34.86 67.51
C ASN K 161 28.51 -34.19 68.59
N LEU K 162 28.60 -32.87 68.49
CA LEU K 162 29.15 -32.05 69.56
C LEU K 162 27.99 -31.49 70.37
N THR K 163 28.06 -31.62 71.71
CA THR K 163 26.87 -31.42 72.53
C THR K 163 26.40 -29.97 72.67
N PRO K 164 27.21 -29.01 73.18
CA PRO K 164 26.59 -27.75 73.60
C PRO K 164 26.32 -26.82 72.42
N LYS K 165 25.04 -26.48 72.25
CA LYS K 165 24.62 -25.71 71.08
C LYS K 165 24.93 -24.23 71.28
N PHE K 166 25.80 -23.69 70.42
CA PHE K 166 26.16 -22.29 70.44
C PHE K 166 25.33 -21.54 69.40
N TYR K 167 25.03 -20.28 69.69
CA TYR K 167 24.21 -19.47 68.80
C TYR K 167 24.88 -18.11 68.58
N LEU K 168 25.10 -17.75 67.33
CA LEU K 168 25.46 -16.38 66.99
C LEU K 168 24.20 -15.76 66.40
N ILE K 169 23.37 -15.22 67.28
CA ILE K 169 22.15 -14.54 66.86
C ILE K 169 22.52 -13.15 66.35
N ILE K 170 22.40 -12.94 65.05
CA ILE K 170 22.73 -11.66 64.45
C ILE K 170 21.43 -10.97 64.08
N ASP K 171 21.53 -9.71 63.72
CA ASP K 171 20.34 -8.89 63.50
C ASP K 171 20.62 -7.96 62.33
N GLU K 172 19.58 -7.68 61.54
CA GLU K 172 19.65 -6.89 60.31
C GLU K 172 20.72 -7.43 59.37
N ILE K 173 20.61 -8.71 59.05
CA ILE K 173 21.59 -9.40 58.19
C ILE K 173 21.60 -8.82 56.79
N ASN K 174 20.47 -8.29 56.34
CA ASN K 174 20.43 -7.63 55.04
C ASN K 174 21.09 -6.27 55.06
N ARG K 175 21.21 -5.62 56.23
CA ARG K 175 21.65 -4.24 56.28
C ARG K 175 23.14 -4.11 55.98
N GLY K 176 23.95 -5.03 56.49
CA GLY K 176 25.33 -5.07 56.08
C GLY K 176 25.51 -5.66 54.69
N ASN K 177 26.65 -5.36 54.07
CA ASN K 177 26.96 -5.92 52.76
C ASN K 177 27.37 -7.36 52.97
N ILE K 178 26.35 -8.24 52.97
CA ILE K 178 26.46 -9.59 53.52
C ILE K 178 27.43 -10.48 52.74
N SER K 179 27.61 -10.24 51.44
CA SER K 179 28.58 -11.03 50.67
C SER K 179 30.02 -10.61 50.95
N LYS K 180 30.23 -9.44 51.55
CA LYS K 180 31.56 -8.98 51.93
C LYS K 180 31.90 -9.36 53.36
N ILE K 181 30.93 -9.28 54.27
CA ILE K 181 31.15 -9.67 55.67
C ILE K 181 31.39 -11.17 55.76
N PHE K 182 30.49 -11.96 55.17
CA PHE K 182 30.75 -13.39 55.00
C PHE K 182 31.82 -13.55 53.94
N GLY K 183 33.03 -13.91 54.36
CA GLY K 183 34.17 -14.09 53.50
C GLY K 183 34.38 -15.56 53.22
N GLU K 184 35.23 -16.21 54.01
CA GLU K 184 35.39 -17.66 53.91
C GLU K 184 34.12 -18.40 54.35
N LEU K 185 33.23 -17.73 55.08
CA LEU K 185 31.94 -18.27 55.52
C LEU K 185 30.92 -18.40 54.41
N ILE K 186 31.21 -17.93 53.20
CA ILE K 186 30.22 -18.01 52.13
C ILE K 186 30.10 -19.43 51.59
N THR K 187 31.06 -20.32 51.90
CA THR K 187 31.00 -21.71 51.46
C THR K 187 30.91 -22.69 52.63
N LEU K 188 30.78 -22.19 53.86
CA LEU K 188 30.79 -23.06 55.03
C LEU K 188 29.46 -23.11 55.75
N LEU K 189 28.46 -22.36 55.30
CA LEU K 189 27.21 -22.23 56.04
C LEU K 189 26.15 -23.21 55.56
N GLU K 190 26.56 -24.39 55.11
CA GLU K 190 25.63 -25.48 54.91
C GLU K 190 25.76 -26.46 56.07
N LYS K 191 24.75 -27.31 56.23
CA LYS K 191 24.77 -28.27 57.33
C LYS K 191 25.75 -29.41 57.09
N ASP K 192 26.06 -29.69 55.82
CA ASP K 192 26.95 -30.79 55.46
C ASP K 192 28.34 -30.31 55.04
N LYS K 193 28.61 -29.00 55.12
CA LYS K 193 29.94 -28.49 54.83
C LYS K 193 30.66 -28.04 56.10
N ARG K 194 30.10 -28.31 57.26
CA ARG K 194 30.72 -27.97 58.53
C ARG K 194 31.73 -29.04 58.92
N LEU K 195 32.16 -29.00 60.17
CA LEU K 195 32.83 -30.15 60.75
C LEU K 195 31.81 -31.24 61.05
N GLY K 196 32.23 -32.49 60.90
CA GLY K 196 31.36 -33.62 61.13
C GLY K 196 30.39 -33.94 60.01
N GLY K 197 30.22 -33.05 59.04
CA GLY K 197 29.33 -33.30 57.93
C GLY K 197 29.90 -34.32 56.97
N GLU K 198 29.13 -34.58 55.90
CA GLU K 198 29.57 -35.57 54.92
C GLU K 198 30.75 -35.06 54.09
N ASN K 199 30.85 -33.74 53.93
CA ASN K 199 31.89 -33.11 53.11
C ASN K 199 32.46 -31.94 53.91
N GLN K 200 33.38 -32.24 54.82
CA GLN K 200 33.94 -31.18 55.65
C GLN K 200 34.96 -30.37 54.86
N LEU K 201 35.10 -29.11 55.25
CA LEU K 201 35.94 -28.15 54.50
C LEU K 201 36.82 -27.41 55.49
N ILE K 202 38.10 -27.77 55.53
CA ILE K 202 39.07 -27.04 56.36
C ILE K 202 39.62 -25.94 55.46
N VAL K 203 38.84 -24.87 55.31
CA VAL K 203 39.16 -23.80 54.38
C VAL K 203 40.24 -22.91 55.00
N ARG K 204 40.98 -22.19 54.17
CA ARG K 204 42.11 -21.39 54.62
C ARG K 204 41.76 -19.91 54.57
N LEU K 205 42.07 -19.20 55.66
CA LEU K 205 41.85 -17.77 55.80
C LEU K 205 42.99 -16.98 55.15
N PRO K 206 42.68 -15.80 54.61
CA PRO K 206 43.73 -14.99 53.95
C PRO K 206 44.81 -14.42 54.87
N TYR K 207 44.40 -13.73 55.93
CA TYR K 207 45.33 -12.86 56.65
C TYR K 207 46.30 -13.66 57.52
N SER K 208 45.79 -14.43 58.47
CA SER K 208 46.65 -15.20 59.35
C SER K 208 47.22 -16.43 58.67
N GLY K 209 46.51 -16.97 57.69
CA GLY K 209 46.92 -18.18 57.01
C GLY K 209 46.61 -19.46 57.74
N GLU K 210 46.09 -19.40 58.96
CA GLU K 210 45.69 -20.60 59.68
C GLU K 210 44.35 -21.09 59.17
N PRO K 211 44.14 -22.40 59.05
CA PRO K 211 42.90 -22.91 58.47
C PRO K 211 41.73 -22.79 59.45
N PHE K 212 40.53 -22.91 58.89
CA PHE K 212 39.31 -22.60 59.65
C PHE K 212 38.16 -23.43 59.13
N ALA K 213 37.26 -23.82 60.04
CA ALA K 213 36.07 -24.59 59.70
C ALA K 213 35.05 -24.42 60.82
N VAL K 214 33.79 -24.21 60.46
CA VAL K 214 32.75 -24.01 61.47
C VAL K 214 32.38 -25.33 62.12
N PRO K 215 32.24 -25.36 63.45
CA PRO K 215 31.78 -26.57 64.11
C PRO K 215 30.28 -26.73 63.92
N PRO K 216 29.73 -27.93 64.10
CA PRO K 216 28.28 -28.13 63.94
C PRO K 216 27.44 -27.61 65.11
N ASN K 217 28.04 -27.01 66.13
CA ASN K 217 27.25 -26.43 67.21
C ASN K 217 26.67 -25.08 66.81
N LEU K 218 27.43 -24.27 66.09
CA LEU K 218 27.13 -22.86 65.90
C LEU K 218 25.97 -22.68 64.92
N TYR K 219 24.86 -22.13 65.39
CA TYR K 219 23.72 -21.81 64.56
C TYR K 219 23.57 -20.29 64.47
N ILE K 220 23.30 -19.81 63.26
CA ILE K 220 23.20 -18.37 63.04
C ILE K 220 21.75 -17.99 62.74
N ILE K 221 21.03 -17.58 63.77
CA ILE K 221 19.65 -17.09 63.62
C ILE K 221 19.70 -15.59 63.39
N GLY K 222 19.43 -15.16 62.17
CA GLY K 222 19.61 -13.77 61.78
C GLY K 222 18.32 -13.14 61.29
N THR K 223 17.87 -12.12 62.00
CA THR K 223 16.62 -11.44 61.69
C THR K 223 16.89 -10.29 60.73
N MET K 224 15.98 -10.06 59.81
CA MET K 224 16.09 -8.95 58.88
C MET K 224 14.73 -8.36 58.61
N ASN K 225 14.74 -7.12 58.11
CA ASN K 225 13.54 -6.48 57.61
C ASN K 225 13.58 -6.46 56.09
N THR K 226 12.42 -6.60 55.47
CA THR K 226 12.33 -6.65 54.01
C THR K 226 11.44 -5.55 53.46
N ALA K 227 11.17 -4.50 54.24
CA ALA K 227 10.56 -3.30 53.69
C ALA K 227 11.56 -2.46 52.91
N ASP K 228 12.76 -2.27 53.42
CA ASP K 228 13.79 -1.67 52.54
C ASP K 228 14.05 -2.71 51.47
N ARG K 229 13.73 -2.44 50.22
CA ARG K 229 14.08 -3.41 49.19
C ARG K 229 15.42 -3.00 48.61
N SER K 230 15.97 -1.89 49.06
CA SER K 230 17.26 -1.39 48.54
C SER K 230 18.33 -2.34 49.01
N ILE K 231 18.13 -2.93 50.17
CA ILE K 231 19.12 -3.85 50.78
C ILE K 231 18.39 -5.15 51.14
N ALA K 232 18.07 -6.04 50.20
CA ALA K 232 17.46 -7.31 50.61
C ALA K 232 18.36 -8.45 50.18
N LEU K 233 18.29 -9.65 50.78
CA LEU K 233 19.29 -10.72 50.52
C LEU K 233 18.91 -11.33 49.20
N LEU K 234 19.26 -10.67 48.10
CA LEU K 234 18.93 -11.15 46.73
C LEU K 234 20.07 -11.99 46.17
N ASP K 235 21.18 -12.17 46.89
CA ASP K 235 22.23 -13.09 46.38
C ASP K 235 21.58 -14.46 46.37
N VAL K 236 21.58 -15.19 45.26
CA VAL K 236 20.82 -16.46 45.25
C VAL K 236 21.67 -17.57 45.83
N ALA K 237 22.89 -17.27 46.22
CA ALA K 237 23.81 -18.27 46.79
C ALA K 237 23.88 -18.10 48.28
N LEU K 238 23.19 -17.10 48.86
CA LEU K 238 23.11 -16.94 50.33
C LEU K 238 21.62 -17.07 50.65
N ARG K 239 20.79 -17.47 49.71
CA ARG K 239 19.48 -18.00 50.07
C ARG K 239 19.43 -19.53 50.05
N ARG K 240 20.44 -20.18 49.48
CA ARG K 240 20.52 -21.63 49.56
C ARG K 240 21.00 -22.05 50.95
N ARG K 241 21.92 -21.29 51.54
CA ARG K 241 22.46 -21.63 52.86
C ARG K 241 21.41 -21.45 53.95
N PHE K 242 20.71 -20.33 53.92
CA PHE K 242 19.79 -19.98 55.00
C PHE K 242 18.41 -20.58 54.78
N ALA K 243 17.69 -20.78 55.88
CA ALA K 243 16.29 -21.19 55.85
C ALA K 243 15.45 -19.99 56.25
N PHE K 244 14.55 -19.58 55.36
CA PHE K 244 13.85 -18.32 55.49
C PHE K 244 12.48 -18.56 56.11
N ILE K 245 12.33 -18.16 57.37
CA ILE K 245 11.05 -18.28 58.07
C ILE K 245 10.26 -17.00 57.82
N GLU K 246 9.05 -17.17 57.30
CA GLU K 246 8.15 -16.04 57.13
C GLU K 246 7.60 -15.62 58.49
N VAL K 247 7.88 -14.38 58.89
CA VAL K 247 7.28 -13.82 60.10
C VAL K 247 6.37 -12.68 59.68
N GLU K 248 5.10 -12.99 59.41
CA GLU K 248 4.16 -11.98 58.97
C GLU K 248 3.69 -11.16 60.17
N PRO K 249 3.24 -9.91 59.94
CA PRO K 249 2.64 -9.15 61.03
C PRO K 249 1.29 -9.73 61.40
N ARG K 250 1.24 -10.42 62.54
CA ARG K 250 0.06 -11.17 62.93
C ARG K 250 -0.84 -10.28 63.76
N PRO K 251 -2.04 -9.92 63.28
CA PRO K 251 -2.95 -9.11 64.09
C PRO K 251 -3.79 -9.90 65.08
N GLU K 252 -3.52 -11.21 65.23
CA GLU K 252 -4.23 -12.03 66.20
C GLU K 252 -3.90 -11.61 67.63
N PHE K 253 -2.72 -11.02 67.85
CA PHE K 253 -2.34 -10.59 69.18
C PHE K 253 -3.10 -9.36 69.65
N LEU K 254 -3.67 -8.59 68.72
CA LEU K 254 -4.40 -7.36 69.07
C LEU K 254 -5.90 -7.61 69.22
N GLU K 255 -6.25 -8.61 70.02
CA GLU K 255 -7.62 -8.84 70.46
C GLU K 255 -7.82 -8.11 71.79
N LYS K 256 -8.89 -8.42 72.51
CA LYS K 256 -8.94 -8.04 73.91
C LYS K 256 -8.31 -9.09 74.79
N GLU K 257 -8.58 -10.37 74.51
CA GLU K 257 -8.04 -11.45 75.33
C GLU K 257 -6.57 -11.73 75.01
N ASN K 258 -6.19 -11.65 73.74
CA ASN K 258 -4.80 -11.92 73.37
C ASN K 258 -3.88 -10.77 73.76
N LEU K 259 -4.42 -9.54 73.81
CA LEU K 259 -3.66 -8.42 74.35
C LEU K 259 -3.58 -8.50 75.87
N LYS K 260 -4.59 -9.08 76.51
CA LYS K 260 -4.54 -9.26 77.96
C LYS K 260 -3.63 -10.40 78.35
N LYS K 261 -3.43 -11.37 77.47
CA LYS K 261 -2.54 -12.48 77.78
C LYS K 261 -1.08 -12.09 77.58
N ILE K 262 -0.81 -11.23 76.60
CA ILE K 262 0.56 -10.82 76.33
C ILE K 262 1.03 -9.78 77.33
N ARG K 263 0.24 -8.71 77.50
CA ARG K 263 0.68 -7.58 78.32
C ARG K 263 0.66 -7.88 79.81
N GLU K 264 -0.02 -8.94 80.24
CA GLU K 264 -0.03 -9.33 81.66
C GLU K 264 0.79 -10.59 81.88
N LYS K 265 1.91 -10.72 81.17
CA LYS K 265 2.76 -11.89 81.30
C LYS K 265 3.76 -11.77 82.43
N LYS K 266 4.33 -10.58 82.64
CA LYS K 266 5.29 -10.35 83.73
C LYS K 266 4.90 -9.10 84.54
N LEU K 267 3.91 -9.26 85.41
CA LEU K 267 3.50 -8.17 86.30
C LEU K 267 3.24 -8.58 87.74
N LYS K 268 3.15 -9.89 88.05
CA LYS K 268 3.07 -10.45 89.40
C LYS K 268 1.84 -9.99 90.17
N THR K 269 0.74 -9.74 89.45
CA THR K 269 -0.60 -9.43 89.98
C THR K 269 -0.58 -8.18 90.88
N GLU K 270 0.29 -7.22 90.55
CA GLU K 270 0.34 -5.95 91.26
C GLU K 270 -0.25 -4.82 90.41
N ASP K 271 0.29 -4.63 89.21
CA ASP K 271 -0.28 -3.70 88.25
C ASP K 271 -1.17 -4.42 87.23
N ARG K 272 -1.35 -5.74 87.38
CA ARG K 272 -2.20 -6.49 86.46
C ARG K 272 -3.68 -6.12 86.65
N LYS K 273 -4.09 -5.83 87.88
CA LYS K 273 -5.45 -5.35 88.12
C LYS K 273 -5.65 -3.96 87.53
N ARG K 274 -4.60 -3.14 87.53
CA ARG K 274 -4.65 -1.85 86.87
C ARG K 274 -4.72 -2.03 85.36
N LEU K 275 -3.98 -3.01 84.82
CA LEU K 275 -3.98 -3.24 83.38
C LEU K 275 -5.30 -3.84 82.92
N ASN K 276 -5.93 -4.66 83.76
CA ASN K 276 -7.19 -5.31 83.40
C ASN K 276 -8.32 -4.30 83.27
N GLU K 277 -8.40 -3.35 84.21
CA GLU K 277 -9.44 -2.33 84.11
C GLU K 277 -9.10 -1.27 83.07
N LYS K 278 -7.82 -1.15 82.71
CA LYS K 278 -7.45 -0.18 81.67
C LYS K 278 -7.81 -0.70 80.29
N LEU K 279 -7.63 -2.00 80.05
CA LEU K 279 -8.08 -2.59 78.79
C LEU K 279 -9.59 -2.74 78.77
N ASN K 280 -10.21 -2.86 79.94
CA ASN K 280 -11.67 -2.83 80.01
C ASN K 280 -12.22 -1.46 79.66
N GLU K 281 -11.46 -0.40 79.98
CA GLU K 281 -11.88 0.95 79.67
C GLU K 281 -11.52 1.35 78.24
N LEU K 282 -10.52 0.70 77.63
CA LEU K 282 -10.19 0.98 76.24
C LEU K 282 -11.28 0.45 75.30
N PHE K 283 -11.60 -0.84 75.43
CA PHE K 283 -12.56 -1.46 74.51
C PHE K 283 -14.00 -1.09 74.82
N SER K 284 -14.28 -0.47 75.98
CA SER K 284 -15.61 0.08 76.21
C SER K 284 -15.83 1.38 75.46
N LYS K 285 -14.76 2.04 75.04
CA LYS K 285 -14.85 3.25 74.23
C LYS K 285 -14.77 2.98 72.74
N LEU K 286 -14.34 1.78 72.35
CA LEU K 286 -14.28 1.41 70.94
C LEU K 286 -15.56 0.81 70.42
N GLY K 287 -16.55 0.59 71.28
CA GLY K 287 -17.81 0.02 70.89
C GLY K 287 -18.16 -1.32 71.50
N ASN K 288 -17.57 -1.66 72.66
CA ASN K 288 -17.80 -2.92 73.39
C ASN K 288 -17.49 -4.16 72.55
N ASP K 289 -16.51 -4.05 71.65
CA ASP K 289 -16.12 -5.14 70.78
C ASP K 289 -14.71 -5.58 71.13
N ASN K 290 -14.53 -6.88 71.34
CA ASN K 290 -13.22 -7.43 71.69
C ASN K 290 -12.29 -7.53 70.50
N TYR K 291 -12.78 -7.33 69.30
CA TYR K 291 -12.05 -7.62 68.07
C TYR K 291 -11.80 -6.36 67.25
N PHE K 292 -11.51 -5.23 67.91
CA PHE K 292 -11.34 -3.99 67.17
C PHE K 292 -9.96 -3.91 66.53
N LEU K 293 -8.91 -3.98 67.36
CA LEU K 293 -7.55 -3.77 66.86
C LEU K 293 -7.07 -4.94 66.01
N LYS K 294 -7.73 -6.09 66.09
CA LYS K 294 -7.43 -7.18 65.17
C LYS K 294 -7.82 -6.82 63.74
N THR K 295 -9.07 -6.38 63.54
CA THR K 295 -9.52 -6.07 62.19
C THR K 295 -9.12 -4.67 61.77
N LEU K 296 -8.63 -3.83 62.68
CA LEU K 296 -8.05 -2.56 62.26
C LEU K 296 -6.71 -2.78 61.59
N LEU K 297 -5.85 -3.59 62.21
CA LEU K 297 -4.57 -3.92 61.59
C LEU K 297 -4.77 -4.81 60.36
N GLU K 298 -5.83 -5.62 60.34
CA GLU K 298 -6.08 -6.48 59.19
C GLU K 298 -6.53 -5.67 57.98
N LYS K 299 -7.44 -4.72 58.18
CA LYS K 299 -7.92 -3.91 57.06
C LYS K 299 -6.94 -2.85 56.62
N ILE K 300 -5.85 -2.62 57.37
CA ILE K 300 -4.79 -1.77 56.87
C ILE K 300 -3.73 -2.59 56.15
N ASN K 301 -3.36 -3.75 56.71
CA ASN K 301 -2.34 -4.60 56.10
C ASN K 301 -2.82 -5.21 54.79
N VAL K 302 -4.11 -5.50 54.67
CA VAL K 302 -4.65 -5.95 53.39
C VAL K 302 -4.66 -4.79 52.39
N ARG K 303 -5.07 -3.60 52.83
CA ARG K 303 -5.12 -2.45 51.94
C ARG K 303 -3.73 -1.89 51.63
N ILE K 304 -2.71 -2.24 52.41
CA ILE K 304 -1.35 -1.85 52.06
C ILE K 304 -0.65 -2.96 51.28
N THR K 305 -1.22 -4.18 51.27
CA THR K 305 -0.68 -5.24 50.43
C THR K 305 -1.02 -5.02 48.97
N VAL K 306 -2.26 -4.60 48.68
CA VAL K 306 -2.69 -4.44 47.30
C VAL K 306 -2.15 -3.17 46.66
N VAL K 307 -1.55 -2.27 47.44
CA VAL K 307 -1.06 -1.03 46.89
C VAL K 307 0.47 -1.02 46.79
N LYS K 308 1.16 -1.09 47.93
CA LYS K 308 2.60 -0.91 47.91
C LYS K 308 3.31 -2.20 47.53
N ASP K 309 3.27 -3.19 48.43
CA ASP K 309 3.76 -4.56 48.23
C ASP K 309 3.28 -5.40 49.41
N ARG K 310 3.70 -6.66 49.43
CA ARG K 310 3.42 -7.52 50.56
C ARG K 310 4.30 -7.18 51.77
N ASP K 311 5.40 -6.47 51.54
CA ASP K 311 6.45 -6.37 52.54
C ASP K 311 6.44 -5.07 53.34
N HIS K 312 5.72 -4.05 52.89
CA HIS K 312 5.64 -2.77 53.61
C HIS K 312 4.50 -2.73 54.61
N ARG K 313 4.05 -3.88 55.11
CA ARG K 313 2.87 -3.92 55.95
C ARG K 313 3.17 -3.39 57.35
N ILE K 314 2.13 -2.81 57.96
CA ILE K 314 2.23 -2.33 59.33
C ILE K 314 2.32 -3.53 60.27
N GLY K 315 3.29 -3.52 61.17
CA GLY K 315 3.45 -4.59 62.11
C GLY K 315 2.46 -4.52 63.26
N HIS K 316 2.71 -5.35 64.26
CA HIS K 316 1.92 -5.32 65.49
C HIS K 316 2.79 -4.99 66.70
N SER K 317 3.90 -4.27 66.49
CA SER K 317 4.62 -3.67 67.60
C SER K 317 4.14 -2.26 67.89
N TYR K 318 3.37 -1.66 66.98
CA TYR K 318 2.83 -0.33 67.21
C TYR K 318 1.68 -0.37 68.22
N PHE K 319 0.63 -1.13 67.90
CA PHE K 319 -0.60 -1.14 68.68
C PHE K 319 -0.54 -2.07 69.88
N LEU K 320 0.57 -2.78 70.10
CA LEU K 320 0.63 -3.76 71.17
C LEU K 320 0.78 -3.11 72.54
N ASN K 321 1.30 -1.89 72.61
CA ASN K 321 1.54 -1.22 73.87
C ASN K 321 0.55 -0.10 74.14
N VAL K 322 -0.72 -0.30 73.74
CA VAL K 322 -1.77 0.65 74.05
C VAL K 322 -2.45 0.23 75.35
N GLU K 323 -2.84 1.22 76.14
CA GLU K 323 -3.53 0.98 77.40
C GLU K 323 -4.90 1.64 77.46
N THR K 324 -4.99 2.91 77.09
CA THR K 324 -6.23 3.65 77.01
C THR K 324 -6.41 4.18 75.59
N VAL K 325 -7.54 4.85 75.34
CA VAL K 325 -7.82 5.35 74.00
C VAL K 325 -6.94 6.56 73.68
N GLU K 326 -6.38 7.20 74.71
CA GLU K 326 -5.42 8.27 74.49
C GLU K 326 -4.11 7.73 73.94
N ASP K 327 -3.68 6.55 74.42
CA ASP K 327 -2.44 5.95 73.94
C ASP K 327 -2.60 5.39 72.53
N LEU K 328 -3.83 5.06 72.13
CA LEU K 328 -4.05 4.69 70.73
C LEU K 328 -4.03 5.92 69.84
N HIS K 329 -4.44 7.07 70.39
CA HIS K 329 -4.39 8.32 69.63
C HIS K 329 -2.94 8.77 69.41
N HIS K 330 -2.08 8.53 70.38
CA HIS K 330 -0.69 8.94 70.28
C HIS K 330 0.18 7.93 69.54
N VAL K 331 -0.35 6.74 69.26
CA VAL K 331 0.34 5.79 68.38
C VAL K 331 -0.23 5.82 66.98
N TRP K 332 -1.36 6.50 66.77
CA TRP K 332 -1.91 6.63 65.43
C TRP K 332 -1.34 7.86 64.73
N TYR K 333 -1.43 9.03 65.37
CA TYR K 333 -0.98 10.27 64.75
C TYR K 333 0.53 10.46 64.78
N TYR K 334 1.27 9.65 65.53
CA TYR K 334 2.69 9.90 65.72
C TYR K 334 3.59 8.73 65.34
N GLU K 335 3.05 7.56 65.00
CA GLU K 335 3.91 6.45 64.63
C GLU K 335 3.53 5.81 63.30
N VAL K 336 2.23 5.71 63.00
CA VAL K 336 1.79 4.99 61.82
C VAL K 336 1.23 5.92 60.73
N LEU K 337 0.57 7.02 61.09
CA LEU K 337 0.14 7.97 60.06
C LEU K 337 1.29 8.81 59.52
N PRO K 338 2.32 9.18 60.30
CA PRO K 338 3.56 9.63 59.63
C PRO K 338 4.27 8.53 58.86
N LEU K 339 4.09 7.26 59.24
CA LEU K 339 4.62 6.18 58.42
C LEU K 339 3.82 6.01 57.14
N LEU K 340 2.49 6.15 57.22
CA LEU K 340 1.66 6.02 56.03
C LEU K 340 1.81 7.20 55.09
N MET K 341 2.24 8.36 55.59
CA MET K 341 2.42 9.51 54.71
C MET K 341 3.73 9.44 53.95
N GLU K 342 4.73 8.74 54.48
CA GLU K 342 6.02 8.62 53.81
C GLU K 342 6.13 7.38 52.93
N TYR K 343 5.10 6.53 52.92
CA TYR K 343 4.96 5.59 51.82
C TYR K 343 4.46 6.30 50.57
N PHE K 344 3.61 7.30 50.75
CA PHE K 344 2.84 7.97 49.70
C PHE K 344 3.04 9.47 49.77
N TYR K 345 4.29 9.92 49.77
CA TYR K 345 4.62 11.35 49.82
C TYR K 345 4.06 12.10 48.63
N ASN K 346 3.10 12.98 48.90
CA ASN K 346 2.33 13.74 47.90
C ASN K 346 1.65 12.82 46.89
N ASP K 347 1.13 11.70 47.38
CA ASP K 347 0.31 10.78 46.58
C ASP K 347 -0.96 10.65 47.41
N TRP K 348 -1.90 11.56 47.17
CA TRP K 348 -2.97 11.81 48.13
C TRP K 348 -4.22 10.98 47.89
N GLU K 349 -4.56 10.66 46.64
CA GLU K 349 -5.72 9.82 46.37
C GLU K 349 -5.48 8.35 46.65
N THR K 350 -4.24 7.97 46.97
CA THR K 350 -3.89 6.62 47.38
C THR K 350 -3.94 6.46 48.90
N ILE K 351 -3.32 7.40 49.63
CA ILE K 351 -3.32 7.38 51.09
C ILE K 351 -4.72 7.65 51.64
N LYS K 352 -5.58 8.32 50.87
CA LYS K 352 -6.98 8.43 51.25
C LYS K 352 -7.69 7.10 51.12
N TRP K 353 -7.22 6.23 50.22
CA TRP K 353 -7.86 4.93 49.99
C TRP K 353 -7.42 3.87 50.99
N VAL K 354 -6.23 4.02 51.58
CA VAL K 354 -5.78 3.07 52.60
C VAL K 354 -6.65 3.20 53.85
N LEU K 355 -7.08 4.41 54.16
CA LEU K 355 -8.06 4.65 55.22
C LEU K 355 -9.50 4.55 54.73
N ASN K 356 -9.68 4.09 53.48
CA ASN K 356 -10.95 3.99 52.70
C ASN K 356 -11.93 5.15 52.95
N GLU K 357 -11.39 6.36 52.95
CA GLU K 357 -12.16 7.58 53.04
C GLU K 357 -12.21 8.29 51.68
N LYS K 358 -12.25 7.51 50.59
CA LYS K 358 -11.96 8.03 49.26
C LYS K 358 -13.04 8.98 48.77
N GLY K 359 -14.29 8.79 49.18
CA GLY K 359 -15.34 9.71 48.83
C GLY K 359 -15.50 10.81 49.86
N LYS K 360 -14.98 10.56 51.06
CA LYS K 360 -15.10 11.50 52.17
C LYS K 360 -14.03 12.58 52.07
N GLU K 361 -14.45 13.84 51.95
CA GLU K 361 -13.54 14.97 51.86
C GLU K 361 -13.46 15.77 53.16
N HIS K 362 -14.58 16.24 53.67
CA HIS K 362 -14.61 17.05 54.88
C HIS K 362 -15.32 16.28 55.99
N GLY K 363 -15.33 16.88 57.17
CA GLY K 363 -15.96 16.27 58.33
C GLY K 363 -14.96 15.53 59.20
N ASN K 364 -15.30 14.29 59.55
CA ASN K 364 -14.43 13.46 60.40
C ASN K 364 -13.51 12.60 59.55
N VAL K 365 -12.65 13.27 58.78
CA VAL K 365 -11.66 12.63 57.94
C VAL K 365 -10.29 13.06 58.44
N PHE K 366 -9.33 12.13 58.38
CA PHE K 366 -7.95 12.47 58.77
C PHE K 366 -7.33 13.49 57.83
N PHE K 367 -7.68 13.45 56.55
CA PHE K 367 -7.14 14.37 55.56
C PHE K 367 -8.29 15.21 55.01
N GLU K 368 -8.56 16.34 55.66
CA GLU K 368 -9.55 17.27 55.16
C GLU K 368 -9.06 17.94 53.88
N LYS K 369 -10.02 18.37 53.06
CA LYS K 369 -9.71 18.96 51.77
C LYS K 369 -9.57 20.47 51.90
N LEU K 370 -8.53 21.02 51.30
CA LEU K 370 -8.31 22.45 51.30
C LEU K 370 -9.35 23.13 50.40
N ARG K 371 -9.88 24.25 50.88
CA ARG K 371 -10.90 24.98 50.12
C ARG K 371 -10.34 25.66 48.88
N LEU K 372 -9.02 25.85 48.82
CA LEU K 372 -8.38 26.37 47.62
C LEU K 372 -8.31 25.30 46.54
N THR K 373 -7.92 25.73 45.35
CA THR K 373 -7.67 24.83 44.22
C THR K 373 -6.37 25.26 43.57
N GLY K 374 -6.06 24.69 42.42
CA GLY K 374 -4.84 25.04 41.72
C GLY K 374 -5.10 25.94 40.53
N PRO K 375 -4.03 26.55 40.00
CA PRO K 375 -4.18 27.27 38.73
C PRO K 375 -4.37 26.35 37.54
N ASN K 376 -3.69 25.19 37.54
CA ASN K 376 -3.85 24.18 36.51
C ASN K 376 -4.83 23.08 36.92
N GLY K 377 -5.69 23.37 37.90
CA GLY K 377 -6.70 22.41 38.31
C GLY K 377 -6.19 21.29 39.17
N GLU K 378 -5.35 21.59 40.15
CA GLU K 378 -4.84 20.60 41.08
C GLU K 378 -5.30 20.92 42.49
N GLU K 379 -5.17 19.94 43.38
CA GLU K 379 -5.66 20.05 44.75
C GLU K 379 -4.78 19.21 45.66
N ALA K 380 -4.80 19.55 46.94
CA ALA K 380 -4.04 18.81 47.94
C ALA K 380 -4.73 18.92 49.28
N TYR K 381 -4.64 17.85 50.06
CA TYR K 381 -5.34 17.73 51.33
C TYR K 381 -4.43 18.13 52.48
N GLN K 382 -5.06 18.29 53.66
CA GLN K 382 -4.36 18.75 54.85
C GLN K 382 -4.74 17.84 56.01
N LEU K 383 -3.74 17.42 56.79
CA LEU K 383 -3.97 16.49 57.89
C LEU K 383 -4.77 17.16 59.00
N LYS K 384 -5.75 16.44 59.53
CA LYS K 384 -6.68 16.98 60.51
C LYS K 384 -6.52 16.18 61.81
N VAL K 385 -6.03 16.85 62.85
CA VAL K 385 -5.83 16.22 64.14
C VAL K 385 -7.18 16.12 64.83
N LEU K 386 -7.70 14.90 64.99
CA LEU K 386 -8.98 14.68 65.63
C LEU K 386 -8.78 14.18 67.05
N GLU K 387 -9.73 14.51 67.92
CA GLU K 387 -9.67 14.16 69.33
C GLU K 387 -11.05 13.79 69.82
N GLY K 388 -11.08 13.00 70.89
CA GLY K 388 -12.35 12.59 71.48
C GLY K 388 -12.94 11.38 70.78
N ASP K 389 -14.26 11.25 70.96
CA ASP K 389 -14.99 10.13 70.36
C ASP K 389 -15.16 10.29 68.85
N ALA K 390 -14.93 11.49 68.32
CA ALA K 390 -14.95 11.69 66.87
C ALA K 390 -13.77 11.03 66.19
N PHE K 391 -12.69 10.80 66.94
CA PHE K 391 -11.54 10.06 66.38
C PHE K 391 -11.88 8.61 66.13
N ILE K 392 -12.67 8.00 67.04
CA ILE K 392 -13.04 6.60 66.89
C ILE K 392 -14.03 6.42 65.74
N GLY K 393 -14.96 7.36 65.58
CA GLY K 393 -15.86 7.34 64.44
C GLY K 393 -15.15 7.59 63.11
N ALA K 394 -13.99 8.25 63.14
CA ALA K 394 -13.15 8.35 61.97
C ALA K 394 -12.26 7.13 61.78
N LEU K 395 -12.14 6.30 62.81
CA LEU K 395 -11.33 5.08 62.75
C LEU K 395 -12.17 3.83 62.50
N LYS K 396 -13.39 3.79 63.04
CA LYS K 396 -14.28 2.65 62.81
C LYS K 396 -14.78 2.58 61.37
N ARG K 397 -14.69 3.69 60.62
CA ARG K 397 -15.08 3.68 59.21
C ARG K 397 -14.05 2.98 58.35
N ILE K 398 -12.83 2.75 58.86
CA ILE K 398 -11.84 1.95 58.13
C ILE K 398 -12.30 0.50 58.05
N ILE K 399 -12.81 -0.04 59.16
CA ILE K 399 -13.33 -1.40 59.21
C ILE K 399 -14.64 -1.51 58.43
N ASN L 8 3.74 27.98 75.95
CA ASN L 8 4.93 27.17 75.72
C ASN L 8 4.72 25.72 76.17
N ILE L 9 4.09 25.56 77.34
CA ILE L 9 3.88 24.25 77.92
C ILE L 9 2.59 23.59 77.43
N LYS L 10 1.86 24.26 76.54
CA LYS L 10 0.49 23.83 76.22
C LYS L 10 0.47 22.58 75.34
N GLU L 11 1.03 22.65 74.14
CA GLU L 11 0.95 21.55 73.19
C GLU L 11 2.31 20.95 72.86
N ASP L 12 3.26 21.77 72.39
CA ASP L 12 4.51 21.24 71.85
C ASP L 12 5.51 20.83 72.92
N TYR L 13 5.23 21.14 74.19
CA TYR L 13 6.05 20.67 75.31
C TYR L 13 5.45 19.42 75.95
N PHE L 14 4.14 19.43 76.21
CA PHE L 14 3.48 18.32 76.89
C PHE L 14 3.24 17.12 75.98
N ARG L 15 3.36 17.27 74.66
CA ARG L 15 3.27 16.13 73.77
C ARG L 15 4.64 15.60 73.37
N VAL L 16 5.71 16.35 73.64
CA VAL L 16 7.05 15.79 73.53
C VAL L 16 7.38 14.98 74.77
N ASP L 17 7.11 15.53 75.96
CA ASP L 17 7.46 14.88 77.22
C ASP L 17 6.65 13.61 77.46
N MET L 18 5.40 13.58 76.99
CA MET L 18 4.58 12.37 77.13
C MET L 18 5.04 11.30 76.16
N LEU L 19 5.42 11.70 74.95
CA LEU L 19 5.77 10.72 73.91
C LEU L 19 7.22 10.25 74.02
N LEU L 20 8.12 11.11 74.50
CA LEU L 20 9.49 10.69 74.70
C LEU L 20 9.63 9.75 75.89
N ASN L 21 8.78 9.92 76.91
CA ASN L 21 8.78 9.01 78.04
C ASN L 21 8.12 7.68 77.71
N LYS L 22 7.34 7.61 76.63
CA LYS L 22 6.65 6.39 76.23
C LYS L 22 7.41 5.62 75.16
N LYS L 23 7.94 6.32 74.15
CA LYS L 23 8.63 5.65 73.06
C LYS L 23 10.14 5.60 73.26
N GLY L 24 10.72 6.64 73.85
CA GLY L 24 12.14 6.72 74.09
C GLY L 24 12.88 7.66 73.15
N GLN L 25 12.37 7.82 71.91
CA GLN L 25 13.02 8.66 70.91
C GLN L 25 11.95 9.45 70.17
N VAL L 26 12.22 10.73 69.92
CA VAL L 26 11.27 11.63 69.27
C VAL L 26 11.98 12.31 68.10
N ILE L 27 11.35 12.31 66.94
CA ILE L 27 11.80 13.10 65.80
C ILE L 27 10.77 14.19 65.54
N LEU L 28 11.22 15.43 65.56
CA LEU L 28 10.34 16.58 65.32
C LEU L 28 10.43 16.99 63.85
N TYR L 29 9.78 16.21 63.00
CA TYR L 29 9.83 16.48 61.56
C TYR L 29 8.87 17.62 61.21
N GLY L 30 9.31 18.48 60.30
CA GLY L 30 8.55 19.65 59.93
C GLY L 30 9.31 20.54 58.96
N PRO L 31 8.60 21.46 58.33
CA PRO L 31 9.22 22.33 57.32
C PRO L 31 10.11 23.36 57.97
N PRO L 32 11.06 23.95 57.23
CA PRO L 32 11.97 24.92 57.84
C PRO L 32 11.28 26.22 58.17
N GLY L 33 11.71 26.82 59.27
CA GLY L 33 11.05 27.99 59.81
C GLY L 33 10.09 27.69 60.93
N THR L 34 10.07 26.47 61.43
CA THR L 34 9.18 26.07 62.52
C THR L 34 10.05 25.78 63.74
N GLY L 35 9.47 25.89 64.92
CA GLY L 35 10.21 25.66 66.14
C GLY L 35 10.47 24.18 66.41
N LYS L 36 11.40 23.59 65.68
CA LYS L 36 11.83 22.21 65.89
C LYS L 36 13.12 22.11 66.68
N THR L 37 14.17 22.81 66.24
CA THR L 37 15.39 22.92 67.03
C THR L 37 15.11 23.67 68.33
N TRP L 38 14.21 24.66 68.28
CA TRP L 38 13.90 25.45 69.45
C TRP L 38 13.11 24.66 70.49
N ILE L 39 12.14 23.85 70.06
CA ILE L 39 11.36 23.11 71.05
C ILE L 39 12.15 21.91 71.56
N ALA L 40 13.17 21.49 70.82
CA ALA L 40 14.09 20.47 71.34
C ALA L 40 15.05 21.09 72.33
N ARG L 41 15.48 22.32 72.07
CA ARG L 41 16.39 22.99 73.00
C ARG L 41 15.65 23.46 74.24
N LYS L 42 14.41 23.93 74.10
CA LYS L 42 13.70 24.46 75.26
C LYS L 42 13.26 23.34 76.20
N TYR L 43 12.89 22.19 75.64
CA TYR L 43 12.39 21.10 76.48
C TYR L 43 13.51 20.49 77.33
N VAL L 44 14.71 20.37 76.77
CA VAL L 44 15.80 19.73 77.48
C VAL L 44 16.37 20.66 78.57
N VAL L 45 16.47 21.96 78.25
CA VAL L 45 16.98 22.92 79.23
C VAL L 45 15.98 23.13 80.36
N GLU L 46 14.69 23.16 80.05
CA GLU L 46 13.69 23.26 81.10
C GLU L 46 13.51 21.97 81.89
N GLU L 47 14.04 20.85 81.41
CA GLU L 47 13.98 19.59 82.15
C GLU L 47 15.22 19.36 83.00
N THR L 48 16.40 19.47 82.40
CA THR L 48 17.65 19.16 83.07
C THR L 48 18.20 20.32 83.90
N ASN L 49 17.68 21.54 83.70
CA ASN L 49 18.12 22.77 84.38
C ASN L 49 19.61 23.02 84.14
N GLU L 50 20.05 22.78 82.90
CA GLU L 50 21.43 23.03 82.49
C GLU L 50 21.38 23.71 81.12
N LYS L 51 21.62 25.02 81.10
CA LYS L 51 21.47 25.80 79.88
C LYS L 51 22.61 25.62 78.88
N THR L 52 23.62 24.83 79.21
CA THR L 52 24.73 24.53 78.32
C THR L 52 24.90 23.02 78.22
N PRO L 53 25.44 22.52 77.09
CA PRO L 53 25.74 21.10 76.98
C PRO L 53 26.88 20.64 77.89
N GLY L 54 27.20 19.34 77.85
CA GLY L 54 28.15 18.82 78.81
C GLY L 54 27.64 17.66 79.62
N ASN L 55 27.39 17.90 80.91
CA ASN L 55 27.12 16.83 81.86
C ASN L 55 25.79 16.12 81.55
N LYS L 56 24.68 16.85 81.61
CA LYS L 56 23.38 16.20 81.51
C LYS L 56 22.97 15.90 80.08
N TRP L 57 23.28 16.76 79.12
CA TRP L 57 22.81 16.59 77.76
C TRP L 57 23.89 17.01 76.78
N GLU L 58 23.80 16.45 75.56
CA GLU L 58 24.76 16.76 74.50
C GLU L 58 24.00 17.10 73.24
N PHE L 59 24.32 18.25 72.65
CA PHE L 59 23.73 18.70 71.41
C PHE L 59 24.75 18.48 70.30
N ILE L 60 24.55 17.44 69.50
CA ILE L 60 25.35 17.24 68.30
C ILE L 60 24.43 17.39 67.10
N THR L 61 25.03 17.46 65.92
CA THR L 61 24.25 17.52 64.69
C THR L 61 24.87 16.63 63.63
N PHE L 62 24.03 16.07 62.77
CA PHE L 62 24.47 15.12 61.78
C PHE L 62 24.80 15.83 60.47
N HIS L 63 25.65 15.20 59.67
CA HIS L 63 25.94 15.67 58.32
C HIS L 63 26.42 14.47 57.50
N GLN L 64 26.72 14.73 56.23
CA GLN L 64 27.14 13.65 55.35
C GLN L 64 28.58 13.23 55.55
N SER L 65 29.40 14.06 56.22
CA SER L 65 30.75 13.69 56.56
C SER L 65 30.84 13.02 57.93
N TYR L 66 29.70 12.71 58.54
CA TYR L 66 29.66 12.13 59.86
C TYR L 66 29.86 10.62 59.74
N SER L 67 30.68 10.06 60.62
CA SER L 67 31.11 8.68 60.51
C SER L 67 30.39 7.81 61.51
N TYR L 68 30.24 6.53 61.18
CA TYR L 68 29.86 5.55 62.19
C TYR L 68 30.97 5.40 63.22
N GLU L 69 32.22 5.47 62.76
CA GLU L 69 33.39 5.33 63.63
C GLU L 69 33.51 6.47 64.62
N GLU L 70 32.91 7.63 64.34
CA GLU L 70 32.92 8.77 65.23
C GLU L 70 31.62 8.93 66.00
N PHE L 71 30.71 7.96 65.93
CA PHE L 71 29.45 8.06 66.65
C PHE L 71 29.39 7.17 67.89
N ILE L 72 29.61 5.86 67.76
CA ILE L 72 29.67 4.97 68.91
C ILE L 72 31.07 4.37 69.08
N GLU L 73 31.69 3.89 68.01
CA GLU L 73 32.96 3.19 68.13
C GLU L 73 33.69 3.12 66.80
N GLY L 74 34.98 3.43 66.82
CA GLY L 74 35.79 3.27 65.63
C GLY L 74 37.27 3.37 65.94
N PHE L 75 38.07 2.92 65.00
CA PHE L 75 39.51 3.06 65.11
C PHE L 75 39.92 4.47 64.72
N ARG L 76 40.45 5.22 65.69
CA ARG L 76 40.86 6.60 65.47
C ARG L 76 42.32 6.71 65.85
N PRO L 77 43.21 7.07 64.92
CA PRO L 77 44.64 7.13 65.26
C PRO L 77 44.96 8.33 66.13
N ARG L 78 45.50 8.06 67.32
CA ARG L 78 45.87 9.10 68.26
C ARG L 78 47.35 9.41 68.13
N THR L 79 47.77 10.46 68.83
CA THR L 79 49.14 10.95 68.77
C THR L 79 49.78 10.78 70.15
N ASP L 80 50.51 9.68 70.33
CA ASP L 80 51.27 9.46 71.55
C ASP L 80 52.62 10.17 71.44
N ASN L 81 53.45 10.02 72.47
CA ASN L 81 54.69 10.78 72.54
C ASN L 81 55.79 10.15 71.69
N GLU L 82 56.19 8.92 72.01
CA GLU L 82 57.30 8.29 71.31
C GLU L 82 56.86 7.49 70.09
N GLU L 83 55.62 7.01 70.07
CA GLU L 83 55.05 6.35 68.89
C GLU L 83 53.94 7.25 68.37
N LYS L 84 54.24 7.98 67.30
CA LYS L 84 53.31 9.01 66.82
C LYS L 84 52.07 8.40 66.19
N ILE L 85 52.24 7.38 65.35
CA ILE L 85 51.12 6.72 64.69
C ILE L 85 50.75 5.53 65.56
N ARG L 86 49.77 5.73 66.43
CA ARG L 86 49.25 4.68 67.31
C ARG L 86 47.75 4.59 67.09
N TYR L 87 47.30 3.45 66.57
CA TYR L 87 45.89 3.25 66.21
C TYR L 87 45.17 2.66 67.42
N VAL L 88 44.29 3.45 68.03
CA VAL L 88 43.52 3.04 69.19
C VAL L 88 42.04 3.11 68.82
N VAL L 89 41.23 2.36 69.55
CA VAL L 89 39.79 2.39 69.36
C VAL L 89 39.18 3.40 70.32
N GLU L 90 38.53 4.41 69.76
CA GLU L 90 37.99 5.53 70.54
C GLU L 90 36.48 5.53 70.47
N ASP L 91 35.84 5.62 71.63
CA ASP L 91 34.39 5.68 71.71
C ASP L 91 33.89 7.03 71.22
N GLY L 92 32.81 7.02 70.45
CA GLY L 92 32.24 8.23 69.89
C GLY L 92 31.48 9.04 70.92
N ILE L 93 30.56 9.86 70.42
CA ILE L 93 29.81 10.72 71.33
C ILE L 93 28.63 9.95 71.93
N PHE L 94 28.05 8.98 71.20
CA PHE L 94 26.93 8.25 71.77
C PHE L 94 27.40 7.24 72.82
N LYS L 95 28.54 6.60 72.59
CA LYS L 95 29.04 5.70 73.62
C LYS L 95 29.60 6.47 74.81
N LYS L 96 29.94 7.74 74.63
CA LYS L 96 30.32 8.57 75.76
C LYS L 96 29.13 9.25 76.42
N ILE L 97 27.91 9.07 75.92
CA ILE L 97 26.73 9.58 76.61
C ILE L 97 25.90 8.39 77.11
N ALA L 98 26.01 7.23 76.44
CA ALA L 98 25.31 6.05 76.93
C ALA L 98 26.03 5.45 78.13
N LEU L 99 27.35 5.42 78.10
CA LEU L 99 28.10 5.02 79.28
C LEU L 99 28.03 6.08 80.37
N ARG L 100 27.88 7.34 80.01
CA ARG L 100 27.71 8.39 81.02
C ARG L 100 26.34 8.30 81.67
N ALA L 101 25.30 7.99 80.88
CA ALA L 101 23.96 7.84 81.45
C ALA L 101 23.84 6.58 82.27
N LEU L 102 24.68 5.58 82.01
CA LEU L 102 24.63 4.34 82.77
C LEU L 102 25.31 4.50 84.13
N VAL L 103 26.56 4.96 84.14
CA VAL L 103 27.32 5.03 85.39
C VAL L 103 26.93 6.20 86.27
N LYS L 104 26.14 7.14 85.77
CA LYS L 104 25.54 8.14 86.64
C LYS L 104 24.26 7.62 87.26
N GLY L 105 23.49 6.84 86.50
CA GLY L 105 22.31 6.20 87.06
C GLY L 105 22.62 5.06 88.00
N LEU L 106 23.82 4.47 87.91
CA LEU L 106 24.22 3.38 88.78
C LEU L 106 24.90 3.86 90.06
N PHE L 107 24.66 5.10 90.47
CA PHE L 107 25.12 5.58 91.76
C PHE L 107 24.14 5.26 92.88
N GLU L 108 22.88 4.98 92.54
CA GLU L 108 21.81 4.76 93.50
C GLU L 108 21.24 3.35 93.36
N LEU L 109 22.12 2.37 93.19
CA LEU L 109 21.75 0.97 93.10
C LEU L 109 22.34 0.21 94.27
N GLU L 110 21.86 -1.02 94.46
CA GLU L 110 22.19 -1.78 95.67
C GLU L 110 22.81 -3.14 95.37
N ASP L 111 23.19 -3.41 94.12
CA ASP L 111 23.91 -4.63 93.79
C ASP L 111 25.34 -4.38 93.36
N ALA L 112 25.75 -3.11 93.24
CA ALA L 112 27.11 -2.73 92.89
C ALA L 112 27.97 -2.45 94.13
N THR L 113 27.69 -3.14 95.24
CA THR L 113 28.30 -2.84 96.54
C THR L 113 29.78 -3.19 96.62
N ILE L 114 30.32 -3.90 95.64
CA ILE L 114 31.76 -4.16 95.62
C ILE L 114 32.51 -3.05 94.90
N GLY L 115 31.89 -2.43 93.90
CA GLY L 115 32.58 -1.48 93.05
C GLY L 115 31.92 -0.13 92.88
N LYS L 116 31.34 0.41 93.96
CA LYS L 116 30.81 1.77 93.92
C LYS L 116 31.93 2.79 93.73
N ASP L 117 33.13 2.48 94.23
CA ASP L 117 34.29 3.32 93.93
C ASP L 117 34.75 3.13 92.50
N LYS L 118 34.54 1.95 91.93
CA LYS L 118 34.93 1.71 90.54
C LYS L 118 33.96 2.38 89.57
N ILE L 119 32.69 2.50 89.96
CA ILE L 119 31.73 3.21 89.13
C ILE L 119 31.98 4.71 89.17
N HIS L 120 32.35 5.23 90.34
CA HIS L 120 32.73 6.64 90.47
C HIS L 120 34.01 6.94 89.70
N ARG L 121 34.95 5.99 89.67
CA ARG L 121 36.17 6.18 88.91
C ARG L 121 35.90 6.10 87.40
N LEU L 122 34.93 5.29 87.00
CA LEU L 122 34.56 5.23 85.59
C LEU L 122 33.78 6.48 85.17
N TYR L 123 33.01 7.07 86.09
CA TYR L 123 32.29 8.31 85.78
C TYR L 123 33.26 9.49 85.63
N ILE L 124 34.38 9.46 86.34
CA ILE L 124 35.39 10.51 86.20
C ILE L 124 36.06 10.42 84.83
N LEU L 125 36.34 9.20 84.36
CA LEU L 125 37.00 9.02 83.07
C LEU L 125 36.09 9.37 81.90
N LEU L 126 34.77 9.33 82.10
CA LEU L 126 33.86 9.71 81.02
C LEU L 126 33.56 11.21 81.04
N THR L 127 33.58 11.83 82.21
CA THR L 127 33.40 13.27 82.31
C THR L 127 34.71 14.02 82.05
N LYS L 128 35.83 13.30 81.99
CA LYS L 128 37.12 13.91 81.73
C LYS L 128 37.21 14.41 80.30
N LYS L 129 37.20 15.74 80.14
CA LYS L 129 37.31 16.35 78.82
C LYS L 129 38.73 16.33 78.28
N GLU L 130 39.72 16.08 79.13
CA GLU L 130 41.08 15.88 78.66
C GLU L 130 41.16 14.58 77.86
N PRO L 131 42.05 14.50 76.87
CA PRO L 131 42.22 13.24 76.14
C PRO L 131 42.86 12.18 77.03
N LEU L 132 42.40 10.94 76.84
CA LEU L 132 42.80 9.84 77.72
C LEU L 132 44.23 9.43 77.43
N SER L 133 45.11 9.58 78.42
CA SER L 133 46.46 9.08 78.30
C SER L 133 46.46 7.56 78.26
N PRO L 134 47.42 6.93 77.56
CA PRO L 134 47.43 5.46 77.48
C PRO L 134 47.81 4.76 78.79
N THR L 135 48.27 5.50 79.81
CA THR L 135 48.47 4.91 81.12
C THR L 135 47.16 4.73 81.88
N GLU L 136 46.13 5.52 81.55
CA GLU L 136 44.82 5.40 82.16
C GLU L 136 43.75 4.94 81.20
N TYR L 137 44.05 4.80 79.91
CA TYR L 137 43.09 4.23 78.97
C TYR L 137 42.85 2.75 79.24
N GLU L 138 43.88 2.03 79.68
CA GLU L 138 43.69 0.65 80.08
C GLU L 138 42.96 0.56 81.41
N GLU L 139 43.08 1.58 82.26
CA GLU L 139 42.22 1.67 83.44
C GLU L 139 40.79 1.97 83.03
N TYR L 140 40.60 2.72 81.94
CA TYR L 140 39.26 2.98 81.44
C TYR L 140 38.65 1.74 80.80
N LEU L 141 39.46 0.94 80.11
CA LEU L 141 38.93 -0.26 79.48
C LEU L 141 38.71 -1.38 80.48
N ARG L 142 39.47 -1.40 81.57
CA ARG L 142 39.24 -2.40 82.61
C ARG L 142 37.97 -2.08 83.40
N LEU L 143 37.65 -0.79 83.53
CA LEU L 143 36.41 -0.42 84.20
C LEU L 143 35.20 -0.55 83.29
N LYS L 144 35.41 -0.45 81.98
CA LYS L 144 34.29 -0.63 81.05
C LYS L 144 33.85 -2.09 80.99
N ARG L 145 34.81 -3.02 80.92
CA ARG L 145 34.47 -4.43 80.94
C ARG L 145 34.08 -4.92 82.33
N TYR L 146 34.33 -4.14 83.37
CA TYR L 146 33.73 -4.43 84.67
C TYR L 146 32.27 -4.00 84.71
N LEU L 147 31.92 -2.96 83.97
CA LEU L 147 30.55 -2.44 83.98
C LEU L 147 29.58 -3.42 83.33
N TRP L 148 29.93 -3.96 82.16
CA TRP L 148 29.06 -4.90 81.48
C TRP L 148 29.09 -6.30 82.08
N GLU L 149 30.00 -6.55 83.03
CA GLU L 149 29.87 -7.69 83.92
C GLU L 149 28.90 -7.40 85.04
N LEU L 150 28.77 -6.14 85.44
CA LEU L 150 27.93 -5.78 86.58
C LEU L 150 26.46 -5.71 86.19
N VAL L 151 26.16 -5.25 84.96
CA VAL L 151 24.77 -5.20 84.52
C VAL L 151 24.27 -6.56 84.04
N GLY L 152 25.16 -7.52 83.83
CA GLY L 152 24.72 -8.88 83.58
C GLY L 152 24.22 -9.57 84.83
N GLY L 153 24.69 -9.13 86.00
CA GLY L 153 24.21 -9.61 87.28
C GLY L 153 23.19 -8.72 87.95
N LEU L 154 22.77 -7.65 87.28
CA LEU L 154 21.73 -6.75 87.77
C LEU L 154 20.36 -7.22 87.29
N PRO L 155 19.35 -7.24 88.17
CA PRO L 155 18.02 -7.66 87.76
C PRO L 155 17.31 -6.58 86.95
N LYS L 156 16.34 -7.02 86.16
CA LYS L 156 15.57 -6.09 85.33
C LYS L 156 14.60 -5.26 86.14
N ASP L 157 14.30 -5.65 87.37
CA ASP L 157 13.44 -4.84 88.23
C ASP L 157 14.15 -3.62 88.79
N LYS L 158 15.49 -3.64 88.84
CA LYS L 158 16.25 -2.54 89.40
C LYS L 158 16.83 -1.62 88.32
N LEU L 159 16.77 -2.01 87.05
CA LEU L 159 17.26 -1.18 85.95
C LEU L 159 16.11 -0.50 85.20
N LYS L 160 14.90 -0.52 85.77
CA LYS L 160 13.78 0.19 85.17
C LYS L 160 13.72 1.65 85.56
N ASN L 161 14.26 2.00 86.73
CA ASN L 161 14.19 3.37 87.24
C ASN L 161 15.60 3.85 87.55
N LEU L 162 16.16 4.61 86.62
CA LEU L 162 17.42 5.31 86.83
C LEU L 162 17.09 6.79 86.95
N THR L 163 17.38 7.38 88.11
CA THR L 163 16.86 8.69 88.51
C THR L 163 17.36 9.94 87.75
N PRO L 164 18.52 10.00 87.09
CA PRO L 164 18.74 11.11 86.15
C PRO L 164 17.97 10.89 84.85
N LYS L 165 18.05 11.88 83.97
CA LYS L 165 17.42 11.82 82.65
C LYS L 165 18.37 12.48 81.66
N PHE L 166 19.16 11.66 80.96
CA PHE L 166 20.13 12.16 80.00
C PHE L 166 19.50 12.28 78.62
N TYR L 167 19.93 13.28 77.87
CA TYR L 167 19.36 13.56 76.56
C TYR L 167 20.47 13.69 75.53
N LEU L 168 20.14 13.34 74.28
CA LEU L 168 21.03 13.56 73.14
C LEU L 168 20.20 14.21 72.04
N ILE L 169 20.21 15.54 71.99
CA ILE L 169 19.51 16.25 70.93
C ILE L 169 20.38 16.16 69.69
N ILE L 170 20.10 15.23 68.80
CA ILE L 170 20.72 15.25 67.48
C ILE L 170 19.89 16.17 66.61
N ASP L 171 20.55 17.03 65.85
CA ASP L 171 19.87 18.01 65.02
C ASP L 171 20.18 17.73 63.56
N GLU L 172 19.15 17.84 62.72
CA GLU L 172 19.16 17.38 61.33
C GLU L 172 19.64 15.93 61.25
N ILE L 173 18.89 15.05 61.92
CA ILE L 173 19.20 13.63 61.97
C ILE L 173 19.19 13.03 60.57
N ASN L 174 18.27 13.47 59.73
CA ASN L 174 18.07 12.88 58.41
C ASN L 174 19.19 13.19 57.42
N ARG L 175 20.11 14.10 57.75
CA ARG L 175 21.16 14.45 56.81
C ARG L 175 22.23 13.37 56.71
N GLY L 176 22.63 12.80 57.83
CA GLY L 176 23.59 11.71 57.80
C GLY L 176 22.99 10.42 57.26
N ASN L 177 23.85 9.43 57.06
CA ASN L 177 23.41 8.10 56.65
C ASN L 177 22.93 7.37 57.90
N ILE L 178 21.64 7.52 58.20
CA ILE L 178 21.11 7.16 59.52
C ILE L 178 21.09 5.65 59.69
N SER L 179 21.08 4.89 58.59
CA SER L 179 21.21 3.45 58.69
C SER L 179 22.64 3.03 58.99
N LYS L 180 23.61 3.88 58.64
CA LYS L 180 25.02 3.58 58.90
C LYS L 180 25.50 4.19 60.20
N ILE L 181 25.03 5.39 60.56
CA ILE L 181 25.43 6.00 61.83
C ILE L 181 24.87 5.21 62.99
N PHE L 182 23.57 4.88 62.94
CA PHE L 182 22.96 3.98 63.90
C PHE L 182 23.25 2.55 63.45
N GLY L 183 24.50 2.13 63.64
CA GLY L 183 24.90 0.79 63.27
C GLY L 183 24.28 -0.24 64.18
N GLU L 184 24.71 -0.23 65.44
CA GLU L 184 24.09 -1.08 66.45
C GLU L 184 22.77 -0.51 66.94
N LEU L 185 22.54 0.78 66.79
CA LEU L 185 21.39 1.43 67.37
C LEU L 185 20.10 1.21 66.58
N ILE L 186 20.15 0.49 65.46
CA ILE L 186 18.93 0.13 64.74
C ILE L 186 18.22 -1.06 65.36
N THR L 187 18.74 -1.61 66.46
CA THR L 187 18.06 -2.65 67.21
C THR L 187 18.07 -2.42 68.72
N LEU L 188 18.71 -1.36 69.21
CA LEU L 188 18.65 -1.01 70.63
C LEU L 188 17.60 0.05 70.93
N LEU L 189 17.40 1.00 70.02
CA LEU L 189 16.60 2.19 70.30
C LEU L 189 15.12 1.84 70.32
N GLU L 190 14.69 1.26 71.44
CA GLU L 190 13.29 0.97 71.69
C GLU L 190 13.13 0.94 73.21
N LYS L 191 11.89 1.19 73.68
CA LYS L 191 11.67 1.33 75.12
C LYS L 191 11.79 -0.01 75.84
N ASP L 192 11.43 -1.11 75.18
CA ASP L 192 11.55 -2.45 75.76
C ASP L 192 12.71 -3.23 75.16
N LYS L 193 13.70 -2.51 74.62
CA LYS L 193 14.94 -3.15 74.18
C LYS L 193 16.17 -2.43 74.69
N ARG L 194 16.01 -1.47 75.59
CA ARG L 194 17.13 -0.88 76.31
C ARG L 194 17.44 -1.76 77.52
N LEU L 195 18.30 -1.29 78.42
CA LEU L 195 18.47 -1.97 79.69
C LEU L 195 17.22 -1.78 80.53
N GLY L 196 16.89 -2.80 81.32
CA GLY L 196 15.73 -2.75 82.18
C GLY L 196 14.40 -3.04 81.50
N GLY L 197 14.34 -3.02 80.18
CA GLY L 197 13.11 -3.30 79.47
C GLY L 197 12.76 -4.78 79.50
N GLU L 198 11.68 -5.11 78.79
CA GLU L 198 11.21 -6.48 78.74
C GLU L 198 12.14 -7.40 77.98
N ASN L 199 12.95 -6.85 77.07
CA ASN L 199 13.96 -7.62 76.33
C ASN L 199 15.28 -6.87 76.44
N GLN L 200 16.04 -7.15 77.50
CA GLN L 200 17.34 -6.53 77.67
C GLN L 200 18.32 -7.12 76.67
N LEU L 201 18.82 -6.28 75.75
CA LEU L 201 19.69 -6.73 74.67
C LEU L 201 21.04 -6.07 74.84
N ILE L 202 22.08 -6.88 75.08
CA ILE L 202 23.44 -6.36 75.20
C ILE L 202 24.23 -6.86 73.99
N VAL L 203 24.25 -6.06 72.92
CA VAL L 203 24.88 -6.46 71.68
C VAL L 203 26.39 -6.36 71.80
N ARG L 204 27.10 -6.96 70.85
CA ARG L 204 28.57 -7.03 70.87
C ARG L 204 29.12 -6.11 69.79
N LEU L 205 29.87 -5.09 70.21
CA LEU L 205 30.40 -4.11 69.27
C LEU L 205 31.53 -4.70 68.44
N PRO L 206 31.71 -4.24 67.20
CA PRO L 206 32.76 -4.81 66.34
C PRO L 206 34.20 -4.55 66.77
N TYR L 207 34.54 -3.28 67.00
CA TYR L 207 35.95 -2.89 67.06
C TYR L 207 36.59 -3.25 68.40
N SER L 208 36.04 -2.73 69.49
CA SER L 208 36.63 -2.99 70.80
C SER L 208 36.35 -4.40 71.30
N GLY L 209 35.29 -5.04 70.81
CA GLY L 209 34.92 -6.35 71.28
C GLY L 209 34.22 -6.37 72.62
N GLU L 210 33.88 -5.21 73.18
CA GLU L 210 33.18 -5.06 74.45
C GLU L 210 31.67 -4.94 74.19
N PRO L 211 30.85 -5.56 75.04
CA PRO L 211 29.40 -5.48 74.82
C PRO L 211 28.86 -4.11 75.19
N PHE L 212 27.71 -3.78 74.59
CA PHE L 212 27.17 -2.43 74.68
C PHE L 212 25.65 -2.50 74.60
N ALA L 213 24.99 -1.69 75.44
CA ALA L 213 23.54 -1.64 75.51
C ALA L 213 23.12 -0.25 75.95
N VAL L 214 22.19 0.35 75.24
CA VAL L 214 21.72 1.70 75.55
C VAL L 214 20.94 1.66 76.86
N PRO L 215 21.26 2.52 77.83
CA PRO L 215 20.53 2.53 79.10
C PRO L 215 19.16 3.15 78.91
N PRO L 216 18.21 2.91 79.82
CA PRO L 216 16.91 3.59 79.76
C PRO L 216 16.97 5.03 80.24
N ASN L 217 18.11 5.45 80.77
CA ASN L 217 18.34 6.83 81.17
C ASN L 217 18.35 7.77 79.97
N LEU L 218 18.71 7.27 78.79
CA LEU L 218 18.96 8.12 77.64
C LEU L 218 17.67 8.40 76.88
N TYR L 219 17.66 9.54 76.17
CA TYR L 219 16.60 9.91 75.25
C TYR L 219 17.23 10.63 74.07
N ILE L 220 16.65 10.43 72.88
CA ILE L 220 17.18 10.99 71.66
C ILE L 220 16.10 11.83 71.01
N ILE L 221 16.32 13.15 70.96
CA ILE L 221 15.38 14.04 70.32
C ILE L 221 15.94 14.50 68.98
N GLY L 222 15.61 13.78 67.92
CA GLY L 222 16.00 14.21 66.60
C GLY L 222 15.11 15.33 66.10
N THR L 223 15.69 16.21 65.28
CA THR L 223 14.91 17.23 64.57
C THR L 223 15.29 17.15 63.10
N MET L 224 14.63 16.28 62.34
CA MET L 224 14.95 16.21 60.93
C MET L 224 14.26 17.34 60.18
N ASN L 225 14.73 17.58 58.97
CA ASN L 225 14.08 18.50 58.06
C ASN L 225 13.46 17.72 56.90
N THR L 226 12.26 18.14 56.49
CA THR L 226 11.52 17.41 55.46
C THR L 226 11.17 18.29 54.26
N ALA L 227 11.88 19.40 54.07
CA ALA L 227 11.73 20.14 52.81
C ALA L 227 12.47 19.44 51.68
N ASP L 228 13.73 19.07 51.92
CA ASP L 228 14.45 18.22 51.00
C ASP L 228 13.86 16.81 51.04
N ARG L 229 14.02 16.09 49.94
CA ARG L 229 13.44 14.76 49.81
C ARG L 229 14.48 13.67 49.59
N SER L 230 15.66 14.01 49.05
CA SER L 230 16.70 13.00 48.85
C SER L 230 17.37 12.59 50.15
N ILE L 231 17.14 13.33 51.23
CA ILE L 231 17.70 13.00 52.53
C ILE L 231 16.59 12.63 53.52
N ALA L 232 15.37 12.41 53.04
CA ALA L 232 14.28 12.12 53.96
C ALA L 232 14.40 10.69 54.51
N LEU L 233 13.77 10.47 55.65
CA LEU L 233 13.94 9.24 56.43
C LEU L 233 12.85 8.26 56.01
N LEU L 234 13.16 7.45 55.00
CA LEU L 234 12.24 6.43 54.49
C LEU L 234 12.58 5.04 54.99
N ASP L 235 13.54 4.91 55.90
CA ASP L 235 13.89 3.61 56.47
C ASP L 235 12.75 3.14 57.35
N VAL L 236 11.99 2.16 56.87
CA VAL L 236 10.76 1.75 57.55
C VAL L 236 11.08 0.98 58.84
N ALA L 237 12.21 0.28 58.87
CA ALA L 237 12.66 -0.36 60.09
C ALA L 237 13.23 0.63 61.11
N LEU L 238 13.51 1.85 60.69
CA LEU L 238 13.97 2.90 61.59
C LEU L 238 12.87 3.86 62.01
N ARG L 239 11.85 4.05 61.18
CA ARG L 239 10.71 4.87 61.56
C ARG L 239 9.86 4.23 62.65
N ARG L 240 10.03 2.94 62.91
CA ARG L 240 9.36 2.31 64.04
C ARG L 240 10.04 2.63 65.36
N ARG L 241 11.37 2.81 65.33
CA ARG L 241 12.11 3.10 66.56
C ARG L 241 11.77 4.48 67.12
N PHE L 242 11.54 5.45 66.24
CA PHE L 242 11.26 6.82 66.63
C PHE L 242 9.77 7.03 66.79
N ALA L 243 9.39 8.28 67.08
CA ALA L 243 7.99 8.66 67.24
C ALA L 243 7.84 10.06 66.67
N PHE L 244 7.40 10.14 65.43
CA PHE L 244 7.45 11.39 64.68
C PHE L 244 6.38 12.37 65.16
N ILE L 245 6.80 13.60 65.39
CA ILE L 245 5.91 14.68 65.82
C ILE L 245 5.94 15.76 64.75
N GLU L 246 4.83 15.93 64.04
CA GLU L 246 4.77 16.96 63.02
C GLU L 246 4.53 18.31 63.68
N VAL L 247 5.51 19.19 63.58
CA VAL L 247 5.39 20.57 64.01
C VAL L 247 5.04 21.39 62.78
N GLU L 248 3.75 21.64 62.59
CA GLU L 248 3.28 22.43 61.46
C GLU L 248 3.66 23.90 61.67
N PRO L 249 3.93 24.65 60.60
CA PRO L 249 4.25 26.07 60.77
C PRO L 249 3.01 26.87 61.11
N ARG L 250 2.89 27.25 62.38
CA ARG L 250 1.67 27.86 62.87
C ARG L 250 1.69 29.36 62.58
N PRO L 251 0.76 29.89 61.79
CA PRO L 251 0.67 31.34 61.60
C PRO L 251 0.07 32.06 62.79
N GLU L 252 -0.47 31.34 63.77
CA GLU L 252 -1.07 31.95 64.96
C GLU L 252 -0.05 32.60 65.88
N PHE L 253 1.25 32.37 65.67
CA PHE L 253 2.29 33.08 66.40
C PHE L 253 2.65 34.42 65.76
N LEU L 254 1.84 34.92 64.83
CA LEU L 254 2.12 36.17 64.13
C LEU L 254 1.00 37.18 64.30
N GLU L 255 0.07 36.97 65.23
CA GLU L 255 -0.95 37.96 65.53
C GLU L 255 -0.36 39.08 66.36
N LYS L 256 -1.18 40.08 66.68
CA LYS L 256 -0.68 41.23 67.43
C LYS L 256 -0.43 40.88 68.88
N GLU L 257 -1.36 40.16 69.51
CA GLU L 257 -1.18 39.76 70.90
C GLU L 257 -0.13 38.65 71.03
N ASN L 258 0.03 37.82 70.00
CA ASN L 258 0.97 36.72 70.07
C ASN L 258 2.41 37.17 69.84
N LEU L 259 2.64 38.19 69.00
CA LEU L 259 3.99 38.70 68.84
C LEU L 259 4.45 39.46 70.08
N LYS L 260 3.52 40.09 70.80
CA LYS L 260 3.89 40.75 72.04
C LYS L 260 4.14 39.73 73.15
N LYS L 261 3.54 38.54 73.06
CA LYS L 261 3.70 37.53 74.10
C LYS L 261 4.90 36.62 73.84
N ILE L 262 5.34 36.49 72.58
CA ILE L 262 6.50 35.68 72.26
C ILE L 262 7.81 36.46 72.36
N ARG L 263 7.79 37.76 72.08
CA ARG L 263 9.00 38.56 72.06
C ARG L 263 9.29 39.27 73.38
N GLU L 264 8.32 39.35 74.28
CA GLU L 264 8.56 39.90 75.62
C GLU L 264 8.74 38.82 76.67
N LYS L 265 8.48 37.55 76.33
CA LYS L 265 8.78 36.46 77.25
C LYS L 265 10.28 36.23 77.34
N LYS L 266 10.96 36.19 76.20
CA LYS L 266 12.40 36.02 76.19
C LYS L 266 13.11 37.28 76.66
N LEU L 267 12.87 38.40 75.99
CA LEU L 267 13.45 39.69 76.37
C LEU L 267 12.60 40.27 77.51
N LYS L 268 12.98 39.92 78.74
CA LYS L 268 12.29 40.40 79.94
C LYS L 268 12.96 41.64 80.52
N THR L 269 13.61 42.44 79.67
CA THR L 269 14.29 43.65 80.10
C THR L 269 13.26 44.79 80.10
N GLU L 270 13.70 46.03 80.27
CA GLU L 270 12.81 47.19 80.35
C GLU L 270 12.41 47.72 78.98
N ASP L 271 12.69 46.99 77.90
CA ASP L 271 12.28 47.40 76.57
C ASP L 271 10.92 46.84 76.16
N ARG L 272 10.10 46.43 77.14
CA ARG L 272 8.74 46.00 76.83
C ARG L 272 7.87 47.18 76.42
N LYS L 273 8.15 48.37 76.95
CA LYS L 273 7.45 49.57 76.49
C LYS L 273 7.91 49.98 75.10
N ARG L 274 9.14 49.63 74.72
CA ARG L 274 9.67 49.97 73.40
C ARG L 274 9.15 49.02 72.32
N LEU L 275 9.09 47.74 72.63
CA LEU L 275 8.57 46.76 71.67
C LEU L 275 7.07 46.93 71.46
N ASN L 276 6.33 47.27 72.51
CA ASN L 276 4.88 47.37 72.41
C ASN L 276 4.46 48.58 71.59
N GLU L 277 5.15 49.72 71.74
CA GLU L 277 4.80 50.88 70.94
C GLU L 277 5.29 50.74 69.50
N LYS L 278 6.29 49.90 69.27
CA LYS L 278 6.74 49.64 67.91
C LYS L 278 5.83 48.63 67.21
N LEU L 279 5.36 47.63 67.96
CA LEU L 279 4.42 46.67 67.38
C LEU L 279 3.04 47.26 67.21
N ASN L 280 2.69 48.26 68.02
CA ASN L 280 1.45 49.00 67.79
C ASN L 280 1.56 49.86 66.53
N GLU L 281 2.75 50.45 66.30
CA GLU L 281 2.94 51.29 65.12
C GLU L 281 3.02 50.46 63.85
N LEU L 282 3.54 49.23 63.95
CA LEU L 282 3.66 48.36 62.78
C LEU L 282 2.29 47.91 62.28
N PHE L 283 1.42 47.49 63.20
CA PHE L 283 0.11 47.02 62.78
C PHE L 283 -0.83 48.18 62.46
N SER L 284 -0.55 49.38 62.97
CA SER L 284 -1.35 50.54 62.59
C SER L 284 -1.04 50.99 61.17
N LYS L 285 0.16 50.71 60.68
CA LYS L 285 0.47 50.96 59.27
C LYS L 285 -0.13 49.89 58.38
N LEU L 286 -0.51 48.74 58.94
CA LEU L 286 -1.11 47.65 58.20
C LEU L 286 -2.63 47.72 58.16
N GLY L 287 -3.21 48.88 58.47
CA GLY L 287 -4.64 49.04 58.46
C GLY L 287 -5.33 48.70 59.75
N ASN L 288 -4.61 48.71 60.88
CA ASN L 288 -5.09 48.29 62.21
C ASN L 288 -5.66 46.87 62.17
N ASP L 289 -4.99 45.98 61.44
CA ASP L 289 -5.41 44.59 61.32
C ASP L 289 -4.55 43.75 62.26
N ASN L 290 -5.15 43.30 63.35
CA ASN L 290 -4.42 42.51 64.34
C ASN L 290 -4.10 41.10 63.86
N TYR L 291 -4.77 40.63 62.80
CA TYR L 291 -4.55 39.31 62.24
C TYR L 291 -3.99 39.40 60.83
N PHE L 292 -3.10 40.36 60.57
CA PHE L 292 -2.55 40.49 59.23
C PHE L 292 -1.51 39.42 58.93
N LEU L 293 -0.46 39.37 59.74
CA LEU L 293 0.64 38.44 59.48
C LEU L 293 0.24 36.99 59.73
N LYS L 294 -0.81 36.77 60.53
CA LYS L 294 -1.40 35.44 60.60
C LYS L 294 -2.06 35.08 59.28
N THR L 295 -2.76 36.04 58.67
CA THR L 295 -3.44 35.77 57.42
C THR L 295 -2.47 35.72 56.25
N LEU L 296 -1.36 36.45 56.33
CA LEU L 296 -0.38 36.46 55.24
C LEU L 296 0.35 35.13 55.16
N LEU L 297 0.77 34.58 56.30
CA LEU L 297 1.44 33.28 56.28
C LEU L 297 0.46 32.15 56.00
N GLU L 298 -0.80 32.30 56.40
CA GLU L 298 -1.78 31.26 56.13
C GLU L 298 -2.16 31.22 54.65
N LYS L 299 -2.34 32.38 54.02
CA LYS L 299 -2.71 32.41 52.61
C LYS L 299 -1.52 32.21 51.67
N ILE L 300 -0.32 32.00 52.19
CA ILE L 300 0.79 31.55 51.38
C ILE L 300 1.04 30.05 51.57
N ASN L 301 0.95 29.57 52.82
CA ASN L 301 1.19 28.16 53.09
C ASN L 301 0.09 27.27 52.50
N VAL L 302 -1.15 27.75 52.45
CA VAL L 302 -2.20 27.00 51.76
C VAL L 302 -1.97 27.02 50.26
N ARG L 303 -1.57 28.18 49.72
CA ARG L 303 -1.32 28.27 48.29
C ARG L 303 -0.02 27.60 47.87
N ILE L 304 0.87 27.27 48.81
CA ILE L 304 2.04 26.46 48.49
C ILE L 304 1.73 24.98 48.61
N THR L 305 0.84 24.61 49.56
CA THR L 305 0.46 23.22 49.76
C THR L 305 -0.27 22.64 48.55
N VAL L 306 -1.04 23.46 47.84
CA VAL L 306 -1.85 22.93 46.74
C VAL L 306 -1.04 22.68 45.48
N VAL L 307 0.06 23.40 45.25
CA VAL L 307 0.85 23.26 44.04
C VAL L 307 2.20 22.58 44.30
N LYS L 308 2.89 22.96 45.37
CA LYS L 308 4.07 22.24 45.81
C LYS L 308 3.67 21.15 46.80
N ASP L 309 4.67 20.50 47.39
CA ASP L 309 4.39 19.55 48.44
C ASP L 309 3.94 20.26 49.70
N ARG L 310 3.35 19.49 50.62
CA ARG L 310 2.88 20.07 51.88
C ARG L 310 3.98 20.36 52.87
N ASP L 311 5.22 19.93 52.58
CA ASP L 311 6.33 20.06 53.49
C ASP L 311 7.34 21.10 53.02
N HIS L 312 6.99 21.89 52.02
CA HIS L 312 7.82 22.99 51.53
C HIS L 312 7.29 24.35 51.98
N ARG L 313 6.45 24.36 53.01
CA ARG L 313 5.73 25.58 53.40
C ARG L 313 6.66 26.57 54.09
N ILE L 314 6.29 27.85 54.00
CA ILE L 314 6.99 28.90 54.71
C ILE L 314 6.75 28.74 56.21
N GLY L 315 7.82 28.74 56.99
CA GLY L 315 7.70 28.66 58.42
C GLY L 315 7.30 29.98 59.04
N HIS L 316 7.15 29.97 60.37
CA HIS L 316 6.85 31.18 61.12
C HIS L 316 8.08 31.70 61.86
N SER L 317 9.28 31.41 61.36
CA SER L 317 10.50 32.00 61.90
C SER L 317 11.00 33.17 61.05
N TYR L 318 10.50 33.32 59.82
CA TYR L 318 10.82 34.49 59.02
C TYR L 318 10.12 35.73 59.56
N PHE L 319 8.79 35.67 59.66
CA PHE L 319 7.98 36.80 60.08
C PHE L 319 7.87 36.95 61.59
N LEU L 320 8.63 36.17 62.36
CA LEU L 320 8.55 36.31 63.81
C LEU L 320 9.37 37.49 64.31
N ASN L 321 10.52 37.76 63.66
CA ASN L 321 11.43 38.81 64.08
C ASN L 321 11.17 40.14 63.39
N VAL L 322 9.95 40.38 62.94
CA VAL L 322 9.64 41.66 62.31
C VAL L 322 9.32 42.70 63.39
N GLU L 323 9.66 43.94 63.11
CA GLU L 323 9.41 45.05 64.03
C GLU L 323 8.72 46.22 63.36
N THR L 324 9.09 46.55 62.12
CA THR L 324 8.55 47.69 61.42
C THR L 324 8.27 47.29 59.97
N VAL L 325 7.66 48.22 59.23
CA VAL L 325 7.39 48.01 57.82
C VAL L 325 8.69 47.96 57.03
N GLU L 326 9.68 48.73 57.46
CA GLU L 326 11.01 48.64 56.88
C GLU L 326 11.66 47.29 57.19
N ASP L 327 11.36 46.71 58.34
CA ASP L 327 11.87 45.38 58.66
C ASP L 327 11.06 44.28 57.97
N LEU L 328 9.78 44.53 57.71
CA LEU L 328 8.99 43.60 56.91
C LEU L 328 9.42 43.64 55.45
N HIS L 329 9.83 44.81 54.98
CA HIS L 329 10.35 44.94 53.63
C HIS L 329 11.68 44.20 53.47
N HIS L 330 12.49 44.16 54.53
CA HIS L 330 13.76 43.47 54.46
C HIS L 330 13.60 41.96 54.51
N VAL L 331 12.63 41.48 55.30
CA VAL L 331 12.40 40.04 55.41
C VAL L 331 11.60 39.50 54.25
N TRP L 332 11.00 40.37 53.43
CA TRP L 332 10.26 39.91 52.27
C TRP L 332 11.16 39.79 51.05
N TYR L 333 11.78 40.88 50.62
CA TYR L 333 12.54 40.91 49.38
C TYR L 333 13.87 40.20 49.46
N TYR L 334 14.33 39.81 50.65
CA TYR L 334 15.65 39.24 50.80
C TYR L 334 15.67 37.86 51.44
N GLU L 335 14.57 37.40 52.02
CA GLU L 335 14.53 36.08 52.64
C GLU L 335 13.49 35.15 52.03
N VAL L 336 12.26 35.63 51.80
CA VAL L 336 11.18 34.73 51.41
C VAL L 336 10.84 34.90 49.93
N LEU L 337 11.09 36.08 49.36
CA LEU L 337 10.88 36.22 47.92
C LEU L 337 12.00 35.58 47.09
N PRO L 338 13.29 35.62 47.49
CA PRO L 338 14.23 34.69 46.86
C PRO L 338 13.96 33.23 47.20
N LEU L 339 13.28 32.96 48.31
CA LEU L 339 12.86 31.59 48.60
C LEU L 339 11.73 31.16 47.67
N LEU L 340 10.77 32.05 47.40
CA LEU L 340 9.68 31.73 46.49
C LEU L 340 10.15 31.62 45.05
N MET L 341 11.20 32.35 44.67
CA MET L 341 11.79 32.19 43.35
C MET L 341 12.69 30.96 43.26
N GLU L 342 12.94 30.29 44.39
CA GLU L 342 13.67 29.03 44.40
C GLU L 342 12.73 27.84 44.28
N TYR L 343 11.55 27.94 44.90
CA TYR L 343 10.54 26.89 44.77
C TYR L 343 10.03 26.81 43.34
N PHE L 344 9.63 27.94 42.77
CA PHE L 344 9.17 28.02 41.39
C PHE L 344 10.24 28.77 40.59
N TYR L 345 11.23 28.02 40.12
CA TYR L 345 12.36 28.61 39.41
C TYR L 345 12.00 28.69 37.93
N ASN L 346 11.71 29.92 37.48
CA ASN L 346 11.20 30.22 36.13
C ASN L 346 9.94 29.41 35.82
N ASP L 347 9.04 29.36 36.80
CA ASP L 347 7.66 28.93 36.62
C ASP L 347 6.86 30.14 37.09
N TRP L 348 6.66 31.09 36.18
CA TRP L 348 6.18 32.40 36.57
C TRP L 348 4.67 32.44 36.75
N GLU L 349 3.92 31.55 36.09
CA GLU L 349 2.47 31.56 36.25
C GLU L 349 2.07 31.00 37.61
N THR L 350 2.92 30.17 38.21
CA THR L 350 2.63 29.67 39.55
C THR L 350 2.96 30.72 40.61
N ILE L 351 4.15 31.31 40.54
CA ILE L 351 4.60 32.24 41.57
C ILE L 351 3.82 33.56 41.52
N LYS L 352 3.23 33.91 40.37
CA LYS L 352 2.28 35.02 40.35
C LYS L 352 0.98 34.64 41.04
N TRP L 353 0.62 33.37 40.97
CA TRP L 353 -0.63 32.92 41.57
C TRP L 353 -0.52 32.73 43.08
N VAL L 354 0.67 32.32 43.56
CA VAL L 354 0.88 32.14 45.00
C VAL L 354 0.74 33.45 45.74
N LEU L 355 1.25 34.53 45.16
CA LEU L 355 1.05 35.87 45.69
C LEU L 355 -0.29 36.49 45.30
N ASN L 356 -1.15 35.72 44.60
CA ASN L 356 -2.51 36.12 44.22
C ASN L 356 -2.50 37.35 43.32
N GLU L 357 -1.52 37.41 42.43
CA GLU L 357 -1.41 38.49 41.45
C GLU L 357 -1.54 37.94 40.03
N LYS L 358 -2.40 36.93 39.84
CA LYS L 358 -2.38 36.13 38.61
C LYS L 358 -2.81 36.94 37.39
N GLY L 359 -3.84 37.77 37.53
CA GLY L 359 -4.29 38.57 36.41
C GLY L 359 -3.52 39.87 36.26
N LYS L 360 -2.86 40.30 37.33
CA LYS L 360 -2.14 41.56 37.32
C LYS L 360 -0.79 41.39 36.64
N GLU L 361 -0.42 42.37 35.81
CA GLU L 361 0.87 42.35 35.14
C GLU L 361 1.52 43.72 35.11
N HIS L 362 0.97 44.71 35.80
CA HIS L 362 1.52 46.06 35.82
C HIS L 362 1.00 46.79 37.04
N GLY L 363 1.78 47.76 37.51
CA GLY L 363 1.36 48.57 38.64
C GLY L 363 1.94 48.11 39.96
N ASN L 364 1.12 48.17 41.02
CA ASN L 364 1.54 47.73 42.36
C ASN L 364 1.55 46.21 42.38
N VAL L 365 2.67 45.64 41.92
CA VAL L 365 2.83 44.19 41.84
C VAL L 365 4.30 43.87 42.04
N PHE L 366 4.56 42.67 42.56
CA PHE L 366 5.95 42.27 42.80
C PHE L 366 6.67 41.91 41.51
N PHE L 367 5.97 41.27 40.58
CA PHE L 367 6.58 40.77 39.34
C PHE L 367 5.94 41.48 38.16
N GLU L 368 6.64 42.44 37.59
CA GLU L 368 6.16 43.13 36.40
C GLU L 368 6.35 42.27 35.17
N LYS L 369 5.44 42.40 34.23
CA LYS L 369 5.55 41.70 32.95
C LYS L 369 6.45 42.47 32.01
N LEU L 370 7.40 41.78 31.41
CA LEU L 370 8.24 42.38 30.38
C LEU L 370 7.43 42.61 29.13
N ARG L 371 7.69 43.74 28.46
CA ARG L 371 6.97 44.10 27.24
C ARG L 371 7.62 43.54 25.99
N LEU L 372 8.37 42.45 26.12
CA LEU L 372 9.12 41.85 25.02
C LEU L 372 8.92 40.34 25.09
N THR L 373 8.20 39.79 24.12
CA THR L 373 7.92 38.36 24.08
C THR L 373 9.11 37.67 23.40
N GLY L 374 9.11 36.34 23.32
CA GLY L 374 10.23 35.60 22.80
C GLY L 374 10.03 35.13 21.38
N PRO L 375 10.99 34.35 20.87
CA PRO L 375 10.85 33.84 19.49
C PRO L 375 9.77 32.80 19.32
N ASN L 376 9.71 31.82 20.23
CA ASN L 376 8.77 30.70 20.11
C ASN L 376 7.58 30.86 21.06
N GLY L 377 7.22 32.10 21.36
CA GLY L 377 6.05 32.38 22.15
C GLY L 377 6.22 32.34 23.65
N GLU L 378 7.45 32.28 24.15
CA GLU L 378 7.68 32.28 25.59
C GLU L 378 7.80 33.70 26.11
N GLU L 379 7.52 33.87 27.40
CA GLU L 379 7.47 35.18 28.03
C GLU L 379 7.78 35.03 29.51
N ALA L 380 8.67 35.86 30.03
CA ALA L 380 9.07 35.81 31.42
C ALA L 380 8.97 37.19 32.05
N TYR L 381 8.97 37.21 33.38
CA TYR L 381 8.63 38.37 34.18
C TYR L 381 9.89 38.93 34.84
N GLN L 382 9.70 39.95 35.68
CA GLN L 382 10.82 40.68 36.27
C GLN L 382 10.39 41.22 37.62
N LEU L 383 11.29 41.11 38.61
CA LEU L 383 11.04 41.64 39.95
C LEU L 383 10.90 43.16 39.93
N LYS L 384 10.24 43.68 40.96
CA LYS L 384 10.09 45.11 41.17
C LYS L 384 10.25 45.40 42.65
N VAL L 385 11.27 46.15 43.01
CA VAL L 385 11.52 46.50 44.41
C VAL L 385 10.53 47.59 44.80
N LEU L 386 9.48 47.22 45.52
CA LEU L 386 8.47 48.17 45.96
C LEU L 386 8.85 48.74 47.33
N GLU L 387 8.20 49.85 47.68
CA GLU L 387 8.46 50.51 48.94
C GLU L 387 7.25 51.36 49.31
N GLY L 388 7.18 51.72 50.59
CA GLY L 388 6.13 52.61 51.05
C GLY L 388 4.78 51.91 51.20
N ASP L 389 3.72 52.71 51.06
CA ASP L 389 2.37 52.18 51.16
C ASP L 389 1.99 51.35 49.93
N ALA L 390 2.73 51.50 48.83
CA ALA L 390 2.52 50.65 47.66
C ALA L 390 2.94 49.22 47.95
N PHE L 391 3.88 49.01 48.87
CA PHE L 391 4.28 47.66 49.25
C PHE L 391 3.18 46.98 50.05
N ILE L 392 2.54 47.71 50.96
CA ILE L 392 1.42 47.16 51.73
C ILE L 392 0.22 46.94 50.82
N GLY L 393 0.06 47.79 49.80
CA GLY L 393 -0.95 47.55 48.78
C GLY L 393 -0.68 46.35 47.90
N ALA L 394 0.58 45.88 47.87
CA ALA L 394 0.91 44.62 47.22
C ALA L 394 0.86 43.44 48.17
N LEU L 395 0.80 43.69 49.47
CA LEU L 395 0.59 42.63 50.46
C LEU L 395 -0.87 42.45 50.84
N LYS L 396 -1.68 43.50 50.74
CA LYS L 396 -3.10 43.39 51.02
C LYS L 396 -3.83 42.60 49.94
N ARG L 397 -3.25 42.45 48.76
CA ARG L 397 -3.83 41.62 47.72
C ARG L 397 -3.64 40.14 47.97
N ILE L 398 -2.65 39.76 48.79
CA ILE L 398 -2.44 38.35 49.10
C ILE L 398 -3.51 37.85 50.06
N ILE L 399 -3.77 38.61 51.12
CA ILE L 399 -4.75 38.21 52.12
C ILE L 399 -6.16 38.49 51.62
N ASN M 8 26.28 55.37 43.26
CA ASN M 8 25.27 54.61 44.01
C ASN M 8 25.82 53.25 44.41
N ILE M 9 26.83 53.25 45.27
CA ILE M 9 27.43 52.01 45.74
C ILE M 9 27.43 52.00 47.27
N LYS M 10 27.16 53.16 47.88
CA LYS M 10 27.07 53.20 49.33
C LYS M 10 25.76 52.60 49.82
N GLU M 11 24.72 52.61 48.99
CA GLU M 11 23.50 51.90 49.35
C GLU M 11 23.69 50.38 49.28
N ASP M 12 24.58 49.91 48.41
CA ASP M 12 24.93 48.50 48.37
C ASP M 12 25.89 48.11 49.47
N TYR M 13 26.60 49.07 50.06
CA TYR M 13 27.33 48.85 51.29
C TYR M 13 26.46 49.09 52.52
N PHE M 14 25.23 49.58 52.33
CA PHE M 14 24.25 49.68 53.39
C PHE M 14 23.18 48.60 53.31
N ARG M 15 22.92 48.07 52.10
CA ARG M 15 22.01 46.94 51.97
C ARG M 15 22.61 45.68 52.58
N VAL M 16 23.92 45.49 52.40
CA VAL M 16 24.61 44.40 53.08
C VAL M 16 24.66 44.66 54.58
N ASP M 17 24.93 45.92 54.97
CA ASP M 17 25.14 46.25 56.37
C ASP M 17 23.86 46.17 57.20
N MET M 18 22.70 46.38 56.58
CA MET M 18 21.45 46.31 57.33
C MET M 18 20.99 44.86 57.48
N LEU M 19 21.38 43.99 56.55
CA LEU M 19 21.01 42.58 56.64
C LEU M 19 22.01 41.76 57.43
N LEU M 20 23.23 42.25 57.61
CA LEU M 20 24.27 41.49 58.26
C LEU M 20 24.22 41.64 59.77
N ASN M 21 23.50 42.62 60.28
CA ASN M 21 23.25 42.77 61.70
C ASN M 21 21.87 42.29 62.11
N LYS M 22 21.05 41.86 61.15
CA LYS M 22 19.71 41.37 61.38
C LYS M 22 19.59 39.87 61.21
N LYS M 23 20.23 39.31 60.19
CA LYS M 23 20.24 37.87 59.96
C LYS M 23 21.57 37.21 60.30
N GLY M 24 22.66 37.97 60.30
CA GLY M 24 23.96 37.50 60.69
C GLY M 24 24.88 37.18 59.53
N GLN M 25 24.34 36.76 58.40
CA GLN M 25 25.16 36.47 57.22
C GLN M 25 24.30 36.60 55.98
N VAL M 26 24.94 36.93 54.86
CA VAL M 26 24.26 37.19 53.61
C VAL M 26 24.85 36.28 52.53
N ILE M 27 24.16 36.26 51.39
CA ILE M 27 24.69 35.63 50.17
C ILE M 27 24.41 36.59 49.02
N LEU M 28 25.47 37.04 48.36
CA LEU M 28 25.35 37.97 47.24
C LEU M 28 25.20 37.15 45.96
N TYR M 29 23.99 36.64 45.75
CA TYR M 29 23.74 35.79 44.60
C TYR M 29 23.39 36.64 43.39
N GLY M 30 23.94 36.27 42.24
CA GLY M 30 23.80 37.04 41.04
C GLY M 30 24.63 36.46 39.91
N PRO M 31 24.38 36.90 38.67
CA PRO M 31 25.07 36.32 37.53
C PRO M 31 26.52 36.75 37.51
N PRO M 32 27.42 35.96 36.90
CA PRO M 32 28.85 36.25 37.01
C PRO M 32 29.27 37.43 36.18
N GLY M 33 30.32 38.10 36.64
CA GLY M 33 30.76 39.33 36.02
C GLY M 33 29.99 40.55 36.49
N THR M 34 29.52 40.54 37.73
CA THR M 34 28.70 41.63 38.25
C THR M 34 29.44 42.46 39.30
N GLY M 35 30.19 41.82 40.19
CA GLY M 35 30.89 42.55 41.22
C GLY M 35 30.60 42.01 42.60
N LYS M 36 30.03 40.80 42.66
CA LYS M 36 29.67 40.18 43.93
C LYS M 36 30.91 39.86 44.77
N THR M 37 31.99 39.45 44.11
CA THR M 37 33.26 39.30 44.81
C THR M 37 33.84 40.66 45.20
N TRP M 38 33.63 41.67 44.35
CA TRP M 38 34.20 42.98 44.62
C TRP M 38 33.41 43.75 45.68
N ILE M 39 32.09 43.57 45.71
CA ILE M 39 31.27 44.24 46.72
C ILE M 39 31.56 43.65 48.10
N ALA M 40 31.70 42.32 48.18
CA ALA M 40 31.97 41.67 49.46
C ALA M 40 33.38 41.98 49.95
N ARG M 41 34.35 42.10 49.05
CA ARG M 41 35.71 42.37 49.49
C ARG M 41 35.90 43.84 49.86
N LYS M 42 35.25 44.75 49.15
CA LYS M 42 35.40 46.17 49.44
C LYS M 42 34.38 46.68 50.47
N TYR M 43 33.52 45.81 50.99
CA TYR M 43 32.73 46.16 52.16
C TYR M 43 33.47 45.81 53.44
N VAL M 44 34.14 44.66 53.46
CA VAL M 44 34.87 44.22 54.64
C VAL M 44 36.08 45.09 54.88
N VAL M 45 36.82 45.41 53.81
CA VAL M 45 37.99 46.30 53.90
C VAL M 45 37.57 47.70 54.32
N GLU M 46 36.40 48.16 53.88
CA GLU M 46 35.90 49.46 54.31
C GLU M 46 35.41 49.43 55.75
N GLU M 47 34.88 48.28 56.21
CA GLU M 47 34.38 48.20 57.57
C GLU M 47 35.51 47.98 58.56
N THR M 48 36.21 46.85 58.45
CA THR M 48 37.41 46.60 59.23
C THR M 48 38.63 46.87 58.34
N ASN M 49 39.38 47.92 58.68
CA ASN M 49 40.43 48.45 57.80
C ASN M 49 41.65 47.52 57.82
N GLU M 50 41.51 46.42 57.09
CA GLU M 50 42.58 45.44 56.91
C GLU M 50 42.56 45.02 55.45
N LYS M 51 43.56 45.45 54.68
CA LYS M 51 43.58 45.19 53.24
C LYS M 51 43.89 43.73 52.91
N THR M 52 44.45 42.99 53.85
CA THR M 52 44.86 41.61 53.65
C THR M 52 44.02 40.67 54.49
N PRO M 53 43.93 39.38 54.10
CA PRO M 53 43.29 38.39 54.98
C PRO M 53 44.13 38.04 56.19
N GLY M 54 43.71 37.05 56.97
CA GLY M 54 44.41 36.76 58.20
C GLY M 54 43.64 37.12 59.47
N ASN M 55 43.98 38.25 60.08
CA ASN M 55 43.54 38.57 61.43
C ASN M 55 42.02 38.71 61.53
N LYS M 56 41.44 39.71 60.87
CA LYS M 56 40.05 40.05 61.15
C LYS M 56 39.08 39.59 60.07
N TRP M 57 39.56 39.04 58.96
CA TRP M 57 38.73 38.37 57.99
C TRP M 57 39.60 37.42 57.19
N GLU M 58 38.97 36.39 56.62
CA GLU M 58 39.71 35.38 55.88
C GLU M 58 38.95 35.04 54.61
N PHE M 59 39.54 35.40 53.46
CA PHE M 59 38.98 35.01 52.18
C PHE M 59 39.12 33.51 51.97
N ILE M 60 38.04 32.88 51.53
CA ILE M 60 38.03 31.45 51.28
C ILE M 60 37.03 31.10 50.19
N THR M 61 37.49 30.41 49.15
CA THR M 61 36.61 29.95 48.09
C THR M 61 36.25 28.49 48.28
N PHE M 62 35.21 28.07 47.58
CA PHE M 62 34.75 26.70 47.59
C PHE M 62 35.00 26.07 46.22
N HIS M 63 35.14 24.75 46.22
CA HIS M 63 35.24 24.00 44.98
C HIS M 63 34.47 22.70 45.14
N GLN M 64 34.43 21.91 44.07
CA GLN M 64 33.61 20.71 44.05
C GLN M 64 34.19 19.62 44.94
N SER M 65 35.52 19.56 45.08
CA SER M 65 36.16 18.59 45.93
C SER M 65 36.53 19.15 47.29
N TYR M 66 35.86 20.22 47.73
CA TYR M 66 36.11 20.78 49.05
C TYR M 66 35.25 20.02 50.05
N SER M 67 35.83 19.70 51.21
CA SER M 67 35.21 18.79 52.16
C SER M 67 35.07 19.46 53.52
N TYR M 68 34.30 18.79 54.38
CA TYR M 68 34.04 19.29 55.73
C TYR M 68 35.30 19.31 56.58
N GLU M 69 36.23 18.40 56.30
CA GLU M 69 37.43 18.29 57.12
C GLU M 69 38.43 19.41 56.86
N GLU M 70 38.31 20.12 55.74
CA GLU M 70 39.13 21.30 55.51
C GLU M 70 38.48 22.57 56.04
N PHE M 71 37.19 22.52 56.39
CA PHE M 71 36.47 23.71 56.80
C PHE M 71 36.39 23.83 58.31
N ILE M 72 35.85 22.82 59.00
CA ILE M 72 35.75 22.89 60.44
C ILE M 72 36.97 22.21 61.07
N GLU M 73 37.08 20.89 60.92
CA GLU M 73 38.18 20.14 61.48
C GLU M 73 38.20 18.75 60.87
N GLY M 74 39.37 18.13 60.91
CA GLY M 74 39.52 16.77 60.46
C GLY M 74 40.87 16.21 60.85
N PHE M 75 40.98 14.88 60.78
CA PHE M 75 42.25 14.23 61.04
C PHE M 75 43.17 14.43 59.85
N ARG M 76 44.33 15.02 60.08
CA ARG M 76 45.29 15.32 59.03
C ARG M 76 46.69 14.93 59.48
N PRO M 77 47.45 14.23 58.65
CA PRO M 77 48.85 13.96 58.98
C PRO M 77 49.67 15.24 58.94
N ARG M 78 50.46 15.46 59.99
CA ARG M 78 51.24 16.68 60.13
C ARG M 78 52.61 16.32 60.66
N THR M 79 53.65 16.91 60.05
CA THR M 79 55.02 16.65 60.48
C THR M 79 55.29 17.35 61.81
N ASP M 80 56.20 16.75 62.59
CA ASP M 80 56.49 17.21 63.94
C ASP M 80 57.99 17.46 64.06
N ASN M 81 58.38 18.73 63.84
CA ASN M 81 59.75 19.22 64.02
C ASN M 81 60.77 18.48 63.15
N GLU M 82 60.45 18.38 61.85
CA GLU M 82 61.30 17.77 60.82
C GLU M 82 61.60 16.30 61.16
N GLU M 83 60.54 15.52 61.32
CA GLU M 83 60.65 14.14 61.75
C GLU M 83 59.47 13.37 61.18
N LYS M 84 59.20 12.20 61.76
CA LYS M 84 58.08 11.38 61.33
C LYS M 84 56.75 12.06 61.61
N ILE M 85 55.74 11.68 60.84
CA ILE M 85 54.43 12.31 60.94
C ILE M 85 53.68 11.80 62.16
N ARG M 86 52.85 12.67 62.72
CA ARG M 86 51.81 12.31 63.67
C ARG M 86 50.46 12.53 63.01
N TYR M 87 49.40 12.29 63.78
CA TYR M 87 48.04 12.35 63.25
C TYR M 87 47.19 13.29 64.08
N VAL M 88 47.74 14.47 64.35
CA VAL M 88 47.03 15.46 65.16
C VAL M 88 45.90 16.07 64.35
N VAL M 89 44.74 16.24 64.98
CA VAL M 89 43.56 16.79 64.33
C VAL M 89 43.74 18.29 64.13
N GLU M 90 43.60 18.73 62.89
CA GLU M 90 43.81 20.12 62.53
C GLU M 90 42.48 20.83 62.37
N ASP M 91 42.36 22.01 62.96
CA ASP M 91 41.19 22.85 62.76
C ASP M 91 41.23 23.45 61.37
N GLY M 92 40.06 23.64 60.78
CA GLY M 92 39.99 24.09 59.41
C GLY M 92 40.18 25.58 59.25
N ILE M 93 39.46 26.17 58.30
CA ILE M 93 39.60 27.60 58.02
C ILE M 93 38.50 28.33 58.77
N PHE M 94 37.38 27.65 59.02
CA PHE M 94 36.34 28.24 59.84
C PHE M 94 36.70 28.21 61.32
N LYS M 95 37.18 27.07 61.81
CA LYS M 95 37.42 26.94 63.23
C LYS M 95 38.65 27.72 63.68
N LYS M 96 39.53 28.06 62.75
CA LYS M 96 40.63 28.96 63.07
C LYS M 96 40.21 30.42 63.10
N ILE M 97 39.02 30.75 62.59
CA ILE M 97 38.49 32.11 62.70
C ILE M 97 37.28 32.20 63.62
N ALA M 98 36.54 31.09 63.82
CA ALA M 98 35.45 31.11 64.79
C ALA M 98 35.98 31.15 66.21
N LEU M 99 37.05 30.39 66.48
CA LEU M 99 37.73 30.50 67.76
C LEU M 99 38.46 31.82 67.89
N ARG M 100 38.95 32.37 66.77
CA ARG M 100 39.68 33.64 66.83
C ARG M 100 38.72 34.80 67.08
N ALA M 101 37.51 34.74 66.53
CA ALA M 101 36.52 35.79 66.78
C ALA M 101 36.02 35.76 68.21
N LEU M 102 36.12 34.59 68.87
CA LEU M 102 35.73 34.49 70.26
C LEU M 102 36.79 35.07 71.19
N VAL M 103 38.05 34.68 71.00
CA VAL M 103 39.09 35.10 71.95
C VAL M 103 39.54 36.53 71.72
N LYS M 104 39.28 37.10 70.54
CA LYS M 104 39.56 38.52 70.33
C LYS M 104 38.42 39.37 70.88
N GLY M 105 37.19 38.87 70.84
CA GLY M 105 36.10 39.56 71.50
C GLY M 105 36.16 39.46 73.01
N LEU M 106 36.74 38.38 73.54
CA LEU M 106 36.83 38.19 74.98
C LEU M 106 37.94 39.00 75.63
N PHE M 107 38.70 39.78 74.85
CA PHE M 107 39.61 40.75 75.45
C PHE M 107 38.85 41.90 76.07
N GLU M 108 37.90 42.48 75.32
CA GLU M 108 37.18 43.68 75.75
C GLU M 108 36.15 43.42 76.84
N LEU M 109 35.77 42.16 77.08
CA LEU M 109 34.81 41.87 78.14
C LEU M 109 35.47 41.99 79.51
N GLU M 110 34.87 42.80 80.37
CA GLU M 110 35.39 43.04 81.72
C GLU M 110 34.58 42.21 82.71
N ASP M 111 34.98 40.96 82.89
CA ASP M 111 34.36 40.06 83.85
C ASP M 111 35.41 39.56 84.83
N ALA M 112 34.94 39.12 86.00
CA ALA M 112 35.81 38.66 87.06
C ALA M 112 36.09 37.17 87.00
N THR M 113 35.95 36.55 85.83
CA THR M 113 36.29 35.16 85.65
C THR M 113 37.12 34.91 84.39
N ILE M 114 37.46 35.95 83.62
CA ILE M 114 38.20 35.78 82.38
C ILE M 114 39.68 35.61 82.69
N GLY M 115 40.27 34.55 82.17
CA GLY M 115 41.71 34.38 82.22
C GLY M 115 42.38 35.15 81.11
N LYS M 116 42.52 36.47 81.27
CA LYS M 116 43.00 37.33 80.19
C LYS M 116 44.46 37.06 79.83
N ASP M 117 45.24 36.53 80.77
CA ASP M 117 46.58 36.04 80.41
C ASP M 117 46.50 34.74 79.65
N LYS M 118 45.50 33.90 79.97
CA LYS M 118 45.34 32.62 79.28
C LYS M 118 44.67 32.81 77.93
N ILE M 119 43.72 33.73 77.83
CA ILE M 119 43.03 33.98 76.56
C ILE M 119 43.98 34.62 75.55
N HIS M 120 44.87 35.51 76.01
CA HIS M 120 45.84 36.12 75.12
C HIS M 120 46.88 35.11 74.64
N ARG M 121 47.17 34.10 75.45
CA ARG M 121 48.04 33.01 74.99
C ARG M 121 47.34 32.15 73.94
N LEU M 122 46.03 31.97 74.07
CA LEU M 122 45.28 31.23 73.06
C LEU M 122 45.14 32.04 71.78
N TYR M 123 45.09 33.37 71.90
CA TYR M 123 44.97 34.23 70.72
C TYR M 123 46.25 34.23 69.90
N ILE M 124 47.42 34.09 70.54
CA ILE M 124 48.68 34.03 69.82
C ILE M 124 48.78 32.72 69.03
N LEU M 125 48.37 31.60 69.66
CA LEU M 125 48.43 30.31 69.00
C LEU M 125 47.38 30.15 67.91
N LEU M 126 46.37 31.03 67.87
CA LEU M 126 45.36 30.97 66.83
C LEU M 126 45.70 31.84 65.63
N THR M 127 46.41 32.96 65.83
CA THR M 127 46.84 33.81 64.73
C THR M 127 48.22 33.41 64.20
N LYS M 128 48.79 32.32 64.71
CA LYS M 128 50.12 31.88 64.29
C LYS M 128 50.07 31.39 62.85
N LYS M 129 50.81 32.07 61.97
CA LYS M 129 50.77 31.74 60.55
C LYS M 129 51.51 30.45 60.25
N GLU M 130 52.52 30.11 61.05
CA GLU M 130 53.18 28.83 60.97
C GLU M 130 52.27 27.73 61.52
N PRO M 131 52.46 26.49 61.10
CA PRO M 131 51.69 25.39 61.69
C PRO M 131 52.13 25.10 63.12
N LEU M 132 51.27 24.37 63.83
CA LEU M 132 51.47 24.15 65.25
C LEU M 132 52.46 23.02 65.48
N SER M 133 53.56 23.33 66.15
CA SER M 133 54.51 22.32 66.59
C SER M 133 53.94 21.57 67.79
N PRO M 134 54.33 20.29 67.99
CA PRO M 134 53.75 19.53 69.12
C PRO M 134 54.17 20.00 70.49
N THR M 135 55.20 20.85 70.60
CA THR M 135 55.52 21.46 71.89
C THR M 135 54.50 22.51 72.30
N GLU M 136 53.79 23.09 71.33
CA GLU M 136 52.76 24.09 71.60
C GLU M 136 51.37 23.67 71.13
N TYR M 137 51.24 22.54 70.45
CA TYR M 137 49.91 22.07 70.05
C TYR M 137 49.13 21.55 71.25
N GLU M 138 49.81 20.89 72.19
CA GLU M 138 49.16 20.50 73.44
C GLU M 138 48.85 21.71 74.30
N GLU M 139 49.67 22.76 74.21
CA GLU M 139 49.33 24.02 74.85
C GLU M 139 48.16 24.70 74.15
N TYR M 140 47.96 24.40 72.86
CA TYR M 140 46.82 24.96 72.15
C TYR M 140 45.53 24.22 72.54
N LEU M 141 45.60 22.89 72.65
CA LEU M 141 44.39 22.12 72.97
C LEU M 141 43.99 22.27 74.43
N ARG M 142 44.97 22.48 75.33
CA ARG M 142 44.64 22.71 76.73
C ARG M 142 44.00 24.08 76.93
N LEU M 143 44.53 25.11 76.27
CA LEU M 143 43.94 26.44 76.35
C LEU M 143 42.59 26.51 75.65
N LYS M 144 42.39 25.70 74.61
CA LYS M 144 41.08 25.62 73.97
C LYS M 144 40.08 24.94 74.87
N ARG M 145 40.54 24.02 75.72
CA ARG M 145 39.66 23.38 76.70
C ARG M 145 39.26 24.36 77.79
N TYR M 146 40.16 25.29 78.13
CA TYR M 146 39.82 26.31 79.12
C TYR M 146 38.83 27.32 78.54
N LEU M 147 38.84 27.50 77.22
CA LEU M 147 37.94 28.46 76.59
C LEU M 147 36.50 28.00 76.65
N TRP M 148 36.25 26.72 76.36
CA TRP M 148 34.88 26.22 76.37
C TRP M 148 34.40 25.81 77.75
N GLU M 149 35.28 25.77 78.75
CA GLU M 149 34.85 25.76 80.14
C GLU M 149 34.49 27.16 80.61
N LEU M 150 35.05 28.19 79.97
CA LEU M 150 34.76 29.56 80.36
C LEU M 150 33.52 30.10 79.67
N VAL M 151 33.29 29.70 78.42
CA VAL M 151 32.17 30.22 77.65
C VAL M 151 30.85 29.69 78.21
N GLY M 152 30.84 28.44 78.66
CA GLY M 152 29.67 27.88 79.32
C GLY M 152 29.34 28.48 80.67
N GLY M 153 30.29 29.20 81.27
CA GLY M 153 30.05 29.83 82.57
C GLY M 153 29.66 31.29 82.46
N LEU M 154 29.97 31.92 81.33
CA LEU M 154 29.54 33.29 81.11
C LEU M 154 28.05 33.34 80.80
N PRO M 155 27.33 34.33 81.33
CA PRO M 155 25.90 34.45 81.04
C PRO M 155 25.66 35.01 79.64
N LYS M 156 24.39 35.01 79.24
CA LYS M 156 24.02 35.53 77.94
C LYS M 156 24.04 37.05 77.88
N ASP M 157 24.11 37.72 79.02
CA ASP M 157 24.16 39.18 79.03
C ASP M 157 25.52 39.71 78.59
N LYS M 158 26.59 38.96 78.85
CA LYS M 158 27.95 39.39 78.53
C LYS M 158 28.52 38.65 77.32
N LEU M 159 27.66 38.13 76.44
CA LEU M 159 28.13 37.48 75.23
C LEU M 159 27.35 37.96 74.02
N LYS M 160 26.77 39.15 74.08
CA LYS M 160 26.20 39.80 72.92
C LYS M 160 26.99 41.02 72.46
N ASN M 161 27.62 41.74 73.39
CA ASN M 161 28.40 42.94 73.07
C ASN M 161 29.88 42.57 73.01
N LEU M 162 30.27 41.96 71.89
CA LEU M 162 31.67 41.71 71.58
C LEU M 162 32.06 42.66 70.45
N THR M 163 33.13 43.44 70.66
CA THR M 163 33.39 44.56 69.77
C THR M 163 33.97 44.20 68.39
N PRO M 164 35.01 43.29 68.22
CA PRO M 164 35.62 43.21 66.88
C PRO M 164 34.80 42.35 65.93
N LYS M 165 34.24 42.98 64.91
CA LYS M 165 33.41 42.27 63.93
C LYS M 165 34.31 41.49 62.99
N PHE M 166 34.30 40.17 63.12
CA PHE M 166 35.05 39.29 62.23
C PHE M 166 34.20 38.94 61.02
N TYR M 167 34.86 38.75 59.88
CA TYR M 167 34.17 38.49 58.63
C TYR M 167 34.72 37.23 57.98
N LEU M 168 33.99 36.72 57.00
CA LEU M 168 34.41 35.51 56.30
C LEU M 168 33.79 35.55 54.90
N ILE M 169 34.59 35.87 53.90
CA ILE M 169 34.12 35.92 52.52
C ILE M 169 34.15 34.50 51.97
N ILE M 170 33.00 33.82 51.97
CA ILE M 170 32.88 32.53 51.31
C ILE M 170 32.66 32.81 49.83
N ASP M 171 33.68 32.62 49.00
CA ASP M 171 33.54 32.84 47.58
C ASP M 171 33.02 31.57 46.92
N GLU M 172 32.06 31.75 46.00
CA GLU M 172 31.43 30.68 45.23
C GLU M 172 30.83 29.61 46.14
N ILE M 173 29.85 30.03 46.95
CA ILE M 173 29.34 29.17 48.00
C ILE M 173 28.52 28.02 47.41
N ASN M 174 27.88 28.23 46.26
CA ASN M 174 27.07 27.18 45.66
C ASN M 174 27.88 26.14 44.90
N ARG M 175 29.16 26.41 44.63
CA ARG M 175 29.98 25.45 43.90
C ARG M 175 30.28 24.22 44.75
N GLY M 176 30.62 24.42 46.02
CA GLY M 176 30.74 23.30 46.92
C GLY M 176 29.40 22.78 47.40
N ASN M 177 29.42 21.57 47.92
CA ASN M 177 28.22 20.94 48.47
C ASN M 177 27.92 21.59 49.81
N ILE M 178 26.92 22.47 49.85
CA ILE M 178 26.77 23.44 50.93
C ILE M 178 26.32 22.75 52.22
N SER M 179 25.50 21.70 52.10
CA SER M 179 25.01 21.03 53.29
C SER M 179 26.06 20.12 53.92
N LYS M 180 27.07 19.71 53.17
CA LYS M 180 28.13 18.85 53.68
C LYS M 180 29.26 19.65 54.30
N ILE M 181 29.57 20.82 53.75
CA ILE M 181 30.60 21.69 54.33
C ILE M 181 30.14 22.22 55.67
N PHE M 182 28.98 22.88 55.67
CA PHE M 182 28.35 23.36 56.91
C PHE M 182 27.72 22.16 57.62
N GLY M 183 28.57 21.37 58.26
CA GLY M 183 28.06 20.26 59.05
C GLY M 183 27.44 20.76 60.33
N GLU M 184 28.26 21.37 61.17
CA GLU M 184 27.82 21.96 62.43
C GLU M 184 27.38 23.40 62.26
N LEU M 185 27.18 23.86 61.03
CA LEU M 185 26.89 25.27 60.75
C LEU M 185 25.58 25.47 60.01
N ILE M 186 24.73 24.44 59.93
CA ILE M 186 23.34 24.63 59.56
C ILE M 186 22.42 24.38 60.74
N THR M 187 22.98 24.31 61.95
CA THR M 187 22.22 24.43 63.18
C THR M 187 22.71 25.61 64.01
N LEU M 188 23.79 26.27 63.58
CA LEU M 188 24.45 27.31 64.36
C LEU M 188 24.45 28.67 63.71
N LEU M 189 24.34 28.76 62.38
CA LEU M 189 24.54 30.01 61.67
C LEU M 189 23.37 30.97 61.77
N GLU M 190 22.33 30.67 62.54
CA GLU M 190 21.29 31.66 62.77
C GLU M 190 21.80 32.73 63.73
N LYS M 191 21.08 33.85 63.78
CA LYS M 191 21.43 34.90 64.73
C LYS M 191 21.05 34.51 66.16
N ASP M 192 20.10 33.61 66.33
CA ASP M 192 19.68 33.17 67.65
C ASP M 192 20.51 31.98 68.17
N LYS M 193 21.09 31.19 67.28
CA LYS M 193 21.85 30.01 67.66
C LYS M 193 23.33 30.30 67.90
N ARG M 194 23.74 31.57 67.79
CA ARG M 194 25.11 31.92 68.11
C ARG M 194 25.29 32.02 69.61
N LEU M 195 26.51 32.32 70.04
CA LEU M 195 26.77 32.54 71.47
C LEU M 195 26.11 33.85 71.92
N GLY M 196 25.55 33.82 73.13
CA GLY M 196 24.92 34.99 73.70
C GLY M 196 23.48 35.22 73.29
N GLY M 197 23.01 34.57 72.22
CA GLY M 197 21.63 34.71 71.82
C GLY M 197 20.68 33.98 72.75
N GLU M 198 19.39 34.04 72.40
CA GLU M 198 18.37 33.41 73.22
C GLU M 198 18.44 31.88 73.13
N ASN M 199 19.01 31.36 72.04
CA ASN M 199 19.06 29.92 71.81
C ASN M 199 20.51 29.49 71.63
N GLN M 200 21.37 29.88 72.57
CA GLN M 200 22.79 29.54 72.56
C GLN M 200 22.99 28.03 72.55
N LEU M 201 23.66 27.54 71.50
CA LEU M 201 23.92 26.12 71.31
C LEU M 201 25.42 25.93 71.17
N ILE M 202 26.01 25.10 72.01
CA ILE M 202 27.42 24.76 71.93
C ILE M 202 27.49 23.33 71.44
N VAL M 203 27.75 23.16 70.14
CA VAL M 203 27.59 21.86 69.50
C VAL M 203 28.86 21.03 69.69
N ARG M 204 28.68 19.78 70.11
CA ARG M 204 29.80 18.85 70.26
C ARG M 204 30.23 18.33 68.90
N LEU M 205 31.54 18.43 68.62
CA LEU M 205 32.10 18.08 67.32
C LEU M 205 32.47 16.59 67.27
N PRO M 206 32.41 15.96 66.09
CA PRO M 206 32.71 14.53 66.00
C PRO M 206 34.19 14.18 66.11
N TYR M 207 35.07 14.95 65.46
CA TYR M 207 36.45 14.52 65.29
C TYR M 207 37.29 14.81 66.52
N SER M 208 37.43 16.09 66.87
CA SER M 208 38.26 16.44 68.03
C SER M 208 37.55 16.13 69.34
N GLY M 209 36.22 16.14 69.34
CA GLY M 209 35.46 15.86 70.54
C GLY M 209 35.32 17.02 71.49
N GLU M 210 35.73 18.23 71.09
CA GLU M 210 35.57 19.41 71.91
C GLU M 210 34.36 20.22 71.45
N PRO M 211 33.62 20.83 72.38
CA PRO M 211 32.42 21.59 71.97
C PRO M 211 32.78 22.87 71.24
N PHE M 212 31.88 23.30 70.37
CA PHE M 212 32.16 24.38 69.45
C PHE M 212 30.87 25.14 69.16
N ALA M 213 30.98 26.47 69.14
CA ALA M 213 29.83 27.34 68.94
C ALA M 213 30.31 28.62 68.27
N VAL M 214 29.52 29.10 67.31
CA VAL M 214 29.92 30.30 66.57
C VAL M 214 29.66 31.54 67.44
N PRO M 215 30.60 32.48 67.50
CA PRO M 215 30.38 33.70 68.27
C PRO M 215 29.50 34.66 67.51
N PRO M 216 28.94 35.69 68.16
CA PRO M 216 28.15 36.69 67.44
C PRO M 216 28.96 37.72 66.66
N ASN M 217 30.28 37.58 66.60
CA ASN M 217 31.10 38.47 65.79
C ASN M 217 31.15 38.04 64.34
N LEU M 218 31.17 36.73 64.10
CA LEU M 218 31.45 36.19 62.77
C LEU M 218 30.26 36.41 61.85
N TYR M 219 30.49 37.05 60.71
CA TYR M 219 29.49 37.22 59.66
C TYR M 219 30.05 36.59 58.38
N ILE M 220 29.35 35.58 57.87
CA ILE M 220 29.86 34.78 56.75
C ILE M 220 29.21 35.30 55.48
N ILE M 221 29.85 36.26 54.83
CA ILE M 221 29.36 36.80 53.57
C ILE M 221 29.67 35.80 52.45
N GLY M 222 28.66 35.50 51.64
CA GLY M 222 28.80 34.58 50.52
C GLY M 222 28.61 35.29 49.20
N THR M 223 29.37 34.86 48.20
CA THR M 223 29.29 35.40 46.83
C THR M 223 28.95 34.25 45.91
N MET M 224 27.66 34.01 45.70
CA MET M 224 27.20 32.86 44.94
C MET M 224 27.01 33.25 43.47
N ASN M 225 27.83 32.66 42.60
CA ASN M 225 27.50 32.68 41.17
C ASN M 225 26.33 31.74 40.93
N THR M 226 25.39 32.16 40.08
CA THR M 226 24.19 31.37 39.85
C THR M 226 23.98 31.02 38.38
N ALA M 227 24.98 31.21 37.53
CA ALA M 227 24.96 30.60 36.21
C ALA M 227 25.49 29.18 36.22
N ASP M 228 25.98 28.71 37.38
CA ASP M 228 26.53 27.38 37.55
C ASP M 228 26.04 26.81 38.88
N ARG M 229 25.58 25.56 38.87
CA ARG M 229 25.00 24.87 40.02
C ARG M 229 23.82 25.68 40.59
N SER M 230 22.74 25.70 39.81
CA SER M 230 21.68 26.69 39.91
C SER M 230 20.76 26.48 41.12
N ILE M 231 19.59 27.12 41.09
CA ILE M 231 18.74 27.41 42.24
C ILE M 231 18.19 26.19 42.97
N ALA M 232 18.48 24.98 42.49
CA ALA M 232 18.19 23.76 43.24
C ALA M 232 19.19 23.62 44.40
N LEU M 233 18.99 24.45 45.41
CA LEU M 233 19.88 24.56 46.56
C LEU M 233 19.37 23.60 47.65
N LEU M 234 19.90 23.73 48.87
CA LEU M 234 19.41 22.92 49.98
C LEU M 234 17.99 23.30 50.36
N ASP M 235 17.61 24.57 50.15
CA ASP M 235 16.25 25.10 50.22
C ASP M 235 15.62 25.10 51.60
N VAL M 236 16.31 24.58 52.61
CA VAL M 236 15.79 24.55 53.97
C VAL M 236 16.83 25.08 54.93
N ALA M 237 18.01 24.46 54.94
CA ALA M 237 19.06 24.78 55.89
C ALA M 237 19.96 25.90 55.37
N LEU M 238 20.49 25.73 54.17
CA LEU M 238 21.36 26.74 53.58
C LEU M 238 20.58 27.83 52.84
N ARG M 239 19.28 28.00 53.15
CA ARG M 239 18.47 29.01 52.47
C ARG M 239 17.76 29.89 53.50
N ARG M 240 17.45 29.32 54.67
CA ARG M 240 16.79 30.10 55.70
C ARG M 240 17.81 30.94 56.46
N ARG M 241 19.00 30.39 56.71
CA ARG M 241 20.01 31.09 57.49
C ARG M 241 20.57 32.29 56.75
N PHE M 242 20.75 32.16 55.45
CA PHE M 242 21.39 33.19 54.64
C PHE M 242 20.33 34.16 54.12
N ALA M 243 20.55 35.45 54.36
CA ALA M 243 19.68 36.49 53.83
C ALA M 243 20.17 36.84 52.43
N PHE M 244 19.45 36.39 51.42
CA PHE M 244 19.93 36.46 50.05
C PHE M 244 19.78 37.87 49.49
N ILE M 245 20.87 38.42 48.96
CA ILE M 245 20.89 39.73 48.34
C ILE M 245 21.17 39.52 46.86
N GLU M 246 20.23 39.95 46.01
CA GLU M 246 20.45 39.88 44.56
C GLU M 246 21.30 41.06 44.15
N VAL M 247 22.43 40.78 43.51
CA VAL M 247 23.30 41.81 42.96
C VAL M 247 23.04 41.82 41.46
N GLU M 248 22.19 42.75 41.02
CA GLU M 248 21.76 42.80 39.63
C GLU M 248 22.91 43.25 38.72
N PRO M 249 23.01 42.70 37.52
CA PRO M 249 23.98 43.25 36.55
C PRO M 249 23.51 44.59 36.03
N ARG M 250 24.12 45.66 36.51
CA ARG M 250 23.63 47.00 36.25
C ARG M 250 24.32 47.57 35.02
N PRO M 251 23.58 47.88 33.95
CA PRO M 251 24.19 48.57 32.81
C PRO M 251 24.29 50.07 32.98
N GLU M 252 23.88 50.61 34.14
CA GLU M 252 24.00 52.03 34.41
C GLU M 252 25.45 52.45 34.58
N PHE M 253 26.35 51.53 34.87
CA PHE M 253 27.78 51.79 34.95
C PHE M 253 28.48 51.77 33.60
N LEU M 254 27.74 51.72 32.49
CA LEU M 254 28.31 51.58 31.16
C LEU M 254 27.99 52.77 30.27
N GLU M 255 27.72 53.92 30.86
CA GLU M 255 27.60 55.15 30.09
C GLU M 255 28.99 55.77 29.90
N LYS M 256 29.02 56.95 29.29
CA LYS M 256 30.30 57.63 29.09
C LYS M 256 30.83 58.20 30.40
N GLU M 257 29.95 58.82 31.19
CA GLU M 257 30.39 59.44 32.44
C GLU M 257 30.65 58.40 33.51
N ASN M 258 29.90 57.29 33.50
CA ASN M 258 30.06 56.28 34.53
C ASN M 258 31.31 55.44 34.30
N LEU M 259 31.66 55.18 33.04
CA LEU M 259 32.95 54.56 32.76
C LEU M 259 34.10 55.51 33.05
N LYS M 260 33.87 56.81 32.87
CA LYS M 260 34.91 57.79 33.18
C LYS M 260 35.09 57.93 34.67
N LYS M 261 34.00 57.89 35.44
CA LYS M 261 34.10 58.09 36.89
C LYS M 261 34.70 56.88 37.58
N ILE M 262 34.41 55.67 37.07
CA ILE M 262 34.98 54.46 37.64
C ILE M 262 36.49 54.39 37.39
N ARG M 263 36.91 54.65 36.16
CA ARG M 263 38.30 54.50 35.78
C ARG M 263 39.16 55.73 36.07
N GLU M 264 38.64 56.73 36.78
CA GLU M 264 39.44 57.87 37.20
C GLU M 264 39.70 57.91 38.70
N LYS M 265 38.78 57.39 39.51
CA LYS M 265 38.96 57.41 40.95
C LYS M 265 40.07 56.47 41.39
N LYS M 266 40.15 55.30 40.76
CA LYS M 266 41.22 54.34 41.03
C LYS M 266 42.50 54.68 40.27
N LEU M 267 42.47 55.70 39.41
CA LEU M 267 43.56 56.05 38.53
C LEU M 267 44.51 57.05 39.21
N LYS M 268 45.38 57.66 38.42
CA LYS M 268 46.36 58.61 38.91
C LYS M 268 46.16 59.93 38.14
N THR M 269 47.14 60.82 38.25
CA THR M 269 47.05 62.13 37.61
C THR M 269 47.08 62.01 36.09
N GLU M 270 48.11 61.36 35.56
CA GLU M 270 48.26 61.25 34.11
C GLU M 270 47.38 60.17 33.50
N ASP M 271 46.77 59.31 34.31
CA ASP M 271 45.97 58.23 33.75
C ASP M 271 44.57 58.70 33.37
N ARG M 272 44.01 59.64 34.13
CA ARG M 272 42.62 60.04 33.91
C ARG M 272 42.48 60.91 32.68
N LYS M 273 43.53 61.66 32.32
CA LYS M 273 43.47 62.44 31.09
C LYS M 273 43.59 61.53 29.86
N ARG M 274 44.38 60.46 29.96
CA ARG M 274 44.48 59.50 28.88
C ARG M 274 43.26 58.59 28.81
N LEU M 275 42.64 58.31 29.96
CA LEU M 275 41.38 57.56 29.96
C LEU M 275 40.22 58.39 29.43
N ASN M 276 40.31 59.72 29.56
CA ASN M 276 39.31 60.58 28.94
C ASN M 276 39.49 60.62 27.43
N GLU M 277 40.73 60.66 26.95
CA GLU M 277 40.98 60.71 25.52
C GLU M 277 40.67 59.37 24.86
N LYS M 278 40.89 58.27 25.57
CA LYS M 278 40.60 56.96 25.02
C LYS M 278 39.10 56.72 24.91
N LEU M 279 38.35 57.10 25.95
CA LEU M 279 36.90 56.86 25.94
C LEU M 279 36.17 57.78 24.97
N ASN M 280 36.70 58.99 24.75
CA ASN M 280 36.11 59.86 23.75
C ASN M 280 36.38 59.35 22.33
N GLU M 281 37.49 58.65 22.13
CA GLU M 281 37.76 58.04 20.84
C GLU M 281 36.89 56.79 20.63
N LEU M 282 36.60 56.07 21.72
CA LEU M 282 35.81 54.85 21.61
C LEU M 282 34.35 55.16 21.28
N PHE M 283 33.74 56.08 22.01
CA PHE M 283 32.33 56.37 21.80
C PHE M 283 32.08 57.22 20.55
N SER M 284 33.11 57.86 20.00
CA SER M 284 32.95 58.53 18.71
C SER M 284 32.95 57.56 17.56
N LYS M 285 33.62 56.41 17.71
CA LYS M 285 33.58 55.36 16.70
C LYS M 285 32.29 54.55 16.74
N LEU M 286 31.50 54.68 17.82
CA LEU M 286 30.25 53.95 17.95
C LEU M 286 29.05 54.71 17.42
N GLY M 287 29.23 55.97 17.03
CA GLY M 287 28.14 56.75 16.48
C GLY M 287 27.80 57.96 17.33
N ASN M 288 28.75 58.36 18.18
CA ASN M 288 28.60 59.45 19.17
C ASN M 288 27.40 59.21 20.07
N ASP M 289 27.28 57.98 20.56
CA ASP M 289 26.21 57.58 21.48
C ASP M 289 26.82 57.44 22.87
N ASN M 290 26.50 58.40 23.74
CA ASN M 290 27.05 58.38 25.09
C ASN M 290 26.44 57.27 25.93
N TYR M 291 25.24 56.81 25.57
CA TYR M 291 24.54 55.73 26.27
C TYR M 291 24.58 54.43 25.47
N PHE M 292 25.67 54.14 24.74
CA PHE M 292 25.66 52.99 23.85
C PHE M 292 25.83 51.68 24.61
N LEU M 293 26.88 51.57 25.41
CA LEU M 293 27.16 50.31 26.11
C LEU M 293 26.12 50.02 27.18
N LYS M 294 25.48 51.07 27.71
CA LYS M 294 24.31 50.86 28.57
C LYS M 294 23.16 50.24 27.77
N THR M 295 22.87 50.80 26.60
CA THR M 295 21.74 50.32 25.80
C THR M 295 22.05 48.95 25.20
N LEU M 296 23.32 48.67 24.91
CA LEU M 296 23.69 47.36 24.38
C LEU M 296 23.55 46.28 25.44
N LEU M 297 24.01 46.56 26.67
CA LEU M 297 23.92 45.56 27.73
C LEU M 297 22.50 45.43 28.24
N GLU M 298 21.73 46.52 28.26
CA GLU M 298 20.34 46.42 28.72
C GLU M 298 19.49 45.69 27.70
N LYS M 299 19.77 45.86 26.41
CA LYS M 299 19.00 45.14 25.40
C LYS M 299 19.35 43.65 25.39
N ILE M 300 20.63 43.31 25.56
CA ILE M 300 21.00 41.90 25.52
C ILE M 300 20.60 41.20 26.82
N ASN M 301 20.37 41.95 27.90
CA ASN M 301 19.93 41.32 29.14
C ASN M 301 18.44 41.00 29.12
N VAL M 302 17.66 41.78 28.36
CA VAL M 302 16.23 41.50 28.24
C VAL M 302 16.01 40.23 27.40
N ARG M 303 16.83 40.02 26.38
CA ARG M 303 16.69 38.79 25.58
C ARG M 303 17.16 37.55 26.34
N ILE M 304 18.05 37.71 27.32
CA ILE M 304 18.47 36.56 28.12
C ILE M 304 17.37 36.15 29.09
N THR M 305 16.80 37.12 29.81
CA THR M 305 15.78 36.80 30.81
C THR M 305 14.46 36.34 30.21
N VAL M 306 14.22 36.57 28.91
CA VAL M 306 13.01 36.07 28.28
C VAL M 306 13.18 34.62 27.86
N VAL M 307 14.26 34.32 27.16
CA VAL M 307 14.48 32.95 26.67
C VAL M 307 14.90 32.04 27.81
N LYS M 308 16.04 32.32 28.44
CA LYS M 308 16.49 31.55 29.58
C LYS M 308 16.14 32.28 30.87
N ASP M 309 16.73 31.84 31.97
CA ASP M 309 16.41 32.36 33.28
C ASP M 309 16.91 33.79 33.45
N ARG M 310 16.35 34.48 34.44
CA ARG M 310 16.71 35.86 34.70
C ARG M 310 18.06 36.00 35.40
N ASP M 311 18.66 34.90 35.84
CA ASP M 311 19.95 34.92 36.50
C ASP M 311 21.05 34.33 35.62
N HIS M 312 20.87 34.38 34.31
CA HIS M 312 21.90 34.00 33.35
C HIS M 312 22.37 35.18 32.53
N ARG M 313 22.12 36.39 33.00
CA ARG M 313 22.39 37.59 32.22
C ARG M 313 23.89 37.89 32.21
N ILE M 314 24.34 38.51 31.12
CA ILE M 314 25.73 38.91 31.01
C ILE M 314 25.98 40.09 31.94
N GLY M 315 26.99 39.97 32.79
CA GLY M 315 27.25 40.98 33.80
C GLY M 315 27.90 42.23 33.22
N HIS M 316 28.33 43.10 34.12
CA HIS M 316 28.91 44.38 33.72
C HIS M 316 30.33 44.59 34.21
N SER M 317 31.01 43.54 34.66
CA SER M 317 32.44 43.65 34.91
C SER M 317 33.27 43.46 33.65
N TYR M 318 32.66 42.92 32.59
CA TYR M 318 33.38 42.69 31.34
C TYR M 318 33.64 43.98 30.61
N PHE M 319 32.59 44.77 30.38
CA PHE M 319 32.68 46.02 29.62
C PHE M 319 33.17 47.19 30.45
N LEU M 320 33.52 46.97 31.73
CA LEU M 320 33.94 48.08 32.58
C LEU M 320 35.39 48.46 32.38
N ASN M 321 36.16 47.69 31.62
CA ASN M 321 37.58 47.92 31.41
C ASN M 321 37.92 48.07 29.93
N VAL M 322 37.08 48.76 29.18
CA VAL M 322 37.33 49.01 27.77
C VAL M 322 37.82 50.44 27.60
N GLU M 323 38.69 50.62 26.61
CA GLU M 323 39.19 51.95 26.26
C GLU M 323 39.16 52.23 24.76
N THR M 324 39.03 51.21 23.91
CA THR M 324 38.97 51.40 22.46
C THR M 324 38.04 50.35 21.88
N VAL M 325 37.83 50.43 20.56
CA VAL M 325 37.00 49.46 19.86
C VAL M 325 37.68 48.09 19.84
N GLU M 326 39.01 48.08 19.80
CA GLU M 326 39.76 46.82 19.76
C GLU M 326 39.67 46.08 21.09
N ASP M 327 39.54 46.79 22.21
CA ASP M 327 39.35 46.11 23.48
C ASP M 327 37.90 45.66 23.66
N LEU M 328 36.95 46.37 23.04
CA LEU M 328 35.57 45.91 23.03
C LEU M 328 35.42 44.66 22.18
N HIS M 329 36.25 44.53 21.14
CA HIS M 329 36.23 43.33 20.31
C HIS M 329 36.79 42.12 21.06
N HIS M 330 37.80 42.32 21.89
CA HIS M 330 38.42 41.22 22.63
C HIS M 330 37.66 40.86 23.90
N VAL M 331 36.64 41.64 24.27
CA VAL M 331 35.77 41.29 25.39
C VAL M 331 34.42 40.78 24.91
N TRP M 332 34.08 40.98 23.63
CA TRP M 332 32.86 40.44 23.07
C TRP M 332 33.05 39.04 22.49
N TYR M 333 34.25 38.74 22.00
CA TYR M 333 34.52 37.45 21.38
C TYR M 333 35.22 36.47 22.32
N TYR M 334 35.57 36.88 23.53
CA TYR M 334 36.22 36.00 24.48
C TYR M 334 35.63 36.05 25.88
N GLU M 335 34.70 36.96 26.17
CA GLU M 335 34.07 36.99 27.48
C GLU M 335 32.57 37.22 27.40
N VAL M 336 31.99 37.29 26.20
CA VAL M 336 30.54 37.40 26.07
C VAL M 336 30.05 36.26 25.19
N LEU M 337 30.57 36.15 23.97
CA LEU M 337 30.11 35.13 23.02
C LEU M 337 30.54 33.71 23.38
N PRO M 338 31.73 33.44 23.95
CA PRO M 338 31.92 32.12 24.55
C PRO M 338 31.07 31.91 25.79
N LEU M 339 30.76 32.98 26.52
CA LEU M 339 29.85 32.86 27.65
C LEU M 339 28.41 32.70 27.18
N LEU M 340 28.09 33.25 26.01
CA LEU M 340 26.72 33.14 25.50
C LEU M 340 26.47 31.77 24.90
N MET M 341 27.50 31.17 24.28
CA MET M 341 27.39 29.80 23.79
C MET M 341 27.49 28.78 24.90
N GLU M 342 27.86 29.19 26.11
CA GLU M 342 27.86 28.27 27.24
C GLU M 342 26.46 28.11 27.82
N TYR M 343 25.70 29.21 27.89
CA TYR M 343 24.37 29.17 28.50
C TYR M 343 23.38 28.44 27.61
N PHE M 344 23.14 28.97 26.42
CA PHE M 344 22.46 28.20 25.38
C PHE M 344 23.39 27.10 24.93
N TYR M 345 23.02 25.85 25.22
CA TYR M 345 23.95 24.72 25.14
C TYR M 345 24.23 24.38 23.68
N ASN M 346 25.12 25.19 23.09
CA ASN M 346 25.52 25.15 21.68
C ASN M 346 24.32 25.21 20.75
N ASP M 347 23.32 26.01 21.11
CA ASP M 347 22.18 26.26 20.24
C ASP M 347 22.45 27.51 19.40
N TRP M 348 21.80 27.56 18.23
CA TRP M 348 22.11 28.62 17.27
C TRP M 348 20.87 29.38 16.84
N GLU M 349 19.73 28.69 16.76
CA GLU M 349 18.52 29.36 16.29
C GLU M 349 17.92 30.27 17.37
N THR M 350 18.31 30.09 18.63
CA THR M 350 17.89 30.97 19.70
C THR M 350 19.00 31.87 20.21
N ILE M 351 20.26 31.59 19.85
CA ILE M 351 21.34 32.49 20.25
C ILE M 351 21.45 33.66 19.28
N LYS M 352 20.84 33.55 18.10
CA LYS M 352 20.80 34.65 17.15
C LYS M 352 19.58 35.54 17.36
N TRP M 353 18.58 35.08 18.10
CA TRP M 353 17.48 35.95 18.45
C TRP M 353 17.85 36.90 19.57
N VAL M 354 18.81 36.50 20.42
CA VAL M 354 19.33 37.38 21.46
C VAL M 354 20.00 38.59 20.84
N LEU M 355 20.68 38.39 19.72
CA LEU M 355 21.29 39.46 18.94
C LEU M 355 20.35 39.98 17.86
N ASN M 356 19.09 39.53 17.89
CA ASN M 356 18.05 39.68 16.83
C ASN M 356 18.62 39.56 15.42
N GLU M 357 19.40 38.50 15.21
CA GLU M 357 19.87 38.15 13.88
C GLU M 357 19.26 36.81 13.46
N LYS M 358 17.97 36.63 13.75
CA LYS M 358 17.32 35.35 13.51
C LYS M 358 17.13 35.09 12.03
N GLY M 359 16.76 36.11 11.26
CA GLY M 359 16.56 35.96 9.83
C GLY M 359 17.71 36.50 9.01
N LYS M 360 18.94 36.27 9.48
CA LYS M 360 20.12 36.75 8.78
C LYS M 360 21.19 35.67 8.79
N GLU M 361 21.92 35.57 7.69
CA GLU M 361 23.02 34.63 7.55
C GLU M 361 23.96 35.13 6.47
N HIS M 362 25.23 34.73 6.58
CA HIS M 362 26.35 35.00 5.66
C HIS M 362 26.76 36.47 5.59
N GLY M 363 26.14 37.37 6.33
CA GLY M 363 26.48 38.77 6.26
C GLY M 363 27.38 39.23 7.39
N ASN M 364 27.02 40.35 8.02
CA ASN M 364 27.73 40.83 9.21
C ASN M 364 27.14 40.24 10.48
N VAL M 365 27.07 38.91 10.53
CA VAL M 365 26.43 38.20 11.61
C VAL M 365 27.50 37.49 12.44
N PHE M 366 27.25 37.39 13.74
CA PHE M 366 28.18 36.70 14.63
C PHE M 366 28.12 35.19 14.48
N PHE M 367 27.04 34.66 13.92
CA PHE M 367 26.89 33.22 13.70
C PHE M 367 26.36 33.03 12.28
N GLU M 368 27.24 32.65 11.37
CA GLU M 368 26.87 32.45 9.97
C GLU M 368 26.64 30.98 9.70
N LYS M 369 25.66 30.69 8.85
CA LYS M 369 25.32 29.32 8.51
C LYS M 369 26.31 28.77 7.49
N LEU M 370 26.81 27.58 7.74
CA LEU M 370 27.62 26.88 6.74
C LEU M 370 26.73 26.44 5.58
N ARG M 371 27.27 26.54 4.37
CA ARG M 371 26.49 26.33 3.15
C ARG M 371 26.40 24.86 2.75
N LEU M 372 26.58 23.94 3.69
CA LEU M 372 26.49 22.51 3.41
C LEU M 372 25.68 21.88 4.55
N THR M 373 24.41 21.58 4.27
CA THR M 373 23.58 20.93 5.28
C THR M 373 23.96 19.45 5.42
N GLY M 374 23.51 18.85 6.51
CA GLY M 374 23.83 17.48 6.82
C GLY M 374 22.96 16.48 6.08
N PRO M 375 23.05 15.20 6.47
CA PRO M 375 22.25 14.19 5.77
C PRO M 375 20.78 14.24 6.07
N ASN M 376 20.40 14.43 7.35
CA ASN M 376 19.00 14.48 7.75
C ASN M 376 18.45 15.90 7.77
N GLY M 377 19.01 16.80 6.95
CA GLY M 377 18.52 18.16 6.87
C GLY M 377 18.98 19.09 7.97
N GLU M 378 19.92 18.66 8.81
CA GLU M 378 20.37 19.52 9.90
C GLU M 378 21.35 20.56 9.38
N GLU M 379 21.46 21.65 10.13
CA GLU M 379 22.31 22.78 9.79
C GLU M 379 23.19 23.13 10.98
N ALA M 380 24.42 23.51 10.70
CA ALA M 380 25.38 23.87 11.74
C ALA M 380 25.93 25.25 11.46
N TYR M 381 25.84 26.13 12.45
CA TYR M 381 26.31 27.50 12.33
C TYR M 381 27.74 27.59 12.84
N GLN M 382 28.39 28.71 12.53
CA GLN M 382 29.79 28.91 12.85
C GLN M 382 30.01 30.34 13.31
N LEU M 383 30.79 30.50 14.38
CA LEU M 383 31.13 31.82 14.87
C LEU M 383 32.01 32.54 13.85
N LYS M 384 31.78 33.84 13.68
CA LYS M 384 32.44 34.62 12.64
C LYS M 384 33.08 35.84 13.27
N VAL M 385 34.39 35.97 13.12
CA VAL M 385 35.13 37.10 13.65
C VAL M 385 34.95 38.30 12.70
N LEU M 386 34.77 39.48 13.28
CA LEU M 386 34.64 40.71 12.51
C LEU M 386 35.65 41.72 13.02
N GLU M 387 35.77 42.83 12.31
CA GLU M 387 36.73 43.87 12.67
C GLU M 387 36.29 45.19 12.08
N GLY M 388 36.72 46.28 12.72
CA GLY M 388 36.48 47.62 12.21
C GLY M 388 35.02 48.02 12.30
N ASP M 389 34.57 48.78 11.29
CA ASP M 389 33.21 49.28 11.24
C ASP M 389 32.19 48.21 10.88
N ALA M 390 32.63 47.03 10.44
CA ALA M 390 31.70 45.93 10.22
C ALA M 390 31.22 45.36 11.55
N PHE M 391 32.11 45.30 12.54
CA PHE M 391 31.72 44.82 13.86
C PHE M 391 30.84 45.82 14.59
N ILE M 392 31.10 47.12 14.39
CA ILE M 392 30.26 48.15 15.02
C ILE M 392 28.88 48.17 14.38
N GLY M 393 28.82 47.95 13.06
CA GLY M 393 27.53 47.78 12.41
C GLY M 393 26.83 46.49 12.79
N ALA M 394 27.59 45.50 13.25
CA ALA M 394 27.00 44.29 13.82
C ALA M 394 26.58 44.47 15.27
N LEU M 395 27.09 45.50 15.94
CA LEU M 395 26.64 45.83 17.28
C LEU M 395 25.51 46.85 17.27
N LYS M 396 25.44 47.69 16.23
CA LYS M 396 24.42 48.72 16.14
C LYS M 396 23.06 48.19 15.67
N ARG M 397 22.94 46.90 15.39
CA ARG M 397 21.63 46.29 15.13
C ARG M 397 21.25 45.29 16.20
N ILE M 398 21.97 45.27 17.33
CA ILE M 398 21.48 44.59 18.51
C ILE M 398 20.51 45.49 19.25
N ILE M 399 20.77 46.79 19.24
CA ILE M 399 19.86 47.79 19.79
C ILE M 399 18.60 47.89 18.94
N THR N 5 9.66 19.56 8.58
CA THR N 5 8.22 19.61 8.34
C THR N 5 7.46 18.75 9.36
N THR N 6 6.28 19.24 9.73
CA THR N 6 5.39 18.53 10.65
C THR N 6 4.22 17.98 9.86
N ILE N 7 4.08 16.66 9.84
CA ILE N 7 2.96 15.99 9.18
C ILE N 7 2.16 15.25 10.24
N THR N 8 0.84 15.26 10.10
CA THR N 8 -0.07 14.64 11.05
C THR N 8 -1.07 13.76 10.32
N LEU N 9 -1.35 12.59 10.89
CA LEU N 9 -2.31 11.66 10.34
C LEU N 9 -3.32 11.27 11.41
N TYR N 10 -4.52 10.91 10.96
CA TYR N 10 -5.48 10.18 11.78
C TYR N 10 -5.48 8.75 11.27
N GLU N 11 -5.99 7.82 12.08
CA GLU N 11 -6.06 6.42 11.70
C GLU N 11 -6.94 6.23 10.47
N HIS N 12 -6.37 5.56 9.46
CA HIS N 12 -7.00 5.33 8.15
C HIS N 12 -7.39 6.64 7.47
N ASP N 13 -6.45 7.59 7.43
CA ASP N 13 -6.66 8.89 6.79
C ASP N 13 -5.49 9.14 5.84
N GLU N 14 -5.72 9.96 4.83
CA GLU N 14 -4.73 10.20 3.78
C GLU N 14 -4.43 11.68 3.62
N LYS N 15 -3.21 11.96 3.18
CA LYS N 15 -2.73 13.31 2.90
C LYS N 15 -2.17 13.36 1.49
N ARG N 16 -2.35 14.48 0.80
CA ARG N 16 -1.83 14.65 -0.54
C ARG N 16 -0.39 15.17 -0.52
N TYR N 17 0.44 14.63 -1.42
CA TYR N 17 1.83 15.07 -1.51
C TYR N 17 1.97 16.46 -2.10
N ARG N 18 0.98 16.92 -2.88
CA ARG N 18 1.05 18.25 -3.46
C ARG N 18 0.75 19.33 -2.44
N ASP N 19 -0.22 19.08 -1.55
CA ASP N 19 -0.58 20.08 -0.55
C ASP N 19 0.41 20.10 0.62
N ILE N 20 1.19 19.03 0.78
CA ILE N 20 1.98 18.86 2.00
C ILE N 20 3.19 19.80 1.97
N ALA N 21 3.68 20.14 3.16
CA ALA N 21 4.81 21.04 3.30
C ALA N 21 6.13 20.30 3.05
N GLY N 22 7.18 21.09 2.86
CA GLY N 22 8.50 20.51 2.66
C GLY N 22 8.69 20.05 1.23
N ASP N 23 9.35 18.91 1.07
CA ASP N 23 9.66 18.37 -0.26
C ASP N 23 8.94 17.04 -0.43
N LYS N 24 8.62 16.71 -1.68
CA LYS N 24 7.98 15.43 -1.99
C LYS N 24 8.93 14.26 -1.73
N LYS N 25 10.21 14.43 -2.09
CA LYS N 25 11.17 13.35 -1.93
C LYS N 25 11.61 13.20 -0.48
N ALA N 26 11.50 14.27 0.31
CA ALA N 26 12.04 14.24 1.67
C ALA N 26 11.16 13.40 2.59
N ILE N 27 9.84 13.44 2.40
CA ILE N 27 8.93 12.71 3.28
C ILE N 27 8.98 11.21 3.00
N GLN N 28 9.08 10.83 1.73
CA GLN N 28 9.12 9.42 1.37
C GLN N 28 10.44 8.77 1.78
N ASP N 29 11.51 9.55 1.89
CA ASP N 29 12.76 9.03 2.46
C ASP N 29 12.63 8.80 3.96
N ALA N 30 11.85 9.65 4.64
CA ALA N 30 11.68 9.51 6.09
C ALA N 30 10.83 8.29 6.44
N LEU N 31 9.86 7.96 5.59
CA LEU N 31 8.92 6.88 5.93
C LEU N 31 9.55 5.51 5.76
N ILE N 32 10.41 5.34 4.74
CA ILE N 32 10.97 4.01 4.46
C ILE N 32 11.97 3.60 5.53
N LYS N 33 12.55 4.59 6.22
CA LYS N 33 13.34 4.28 7.41
C LYS N 33 12.43 3.91 8.59
N LEU N 34 11.27 4.56 8.70
CA LEU N 34 10.40 4.33 9.84
C LEU N 34 9.69 2.99 9.75
N ASN N 35 9.21 2.63 8.55
CA ASN N 35 8.55 1.33 8.37
C ASN N 35 9.56 0.19 8.49
N LYS N 36 10.82 0.44 8.13
CA LYS N 36 11.87 -0.57 8.35
C LYS N 36 12.23 -0.67 9.82
N GLN N 37 12.25 0.46 10.53
CA GLN N 37 12.55 0.44 11.96
C GLN N 37 11.43 -0.23 12.75
N PHE N 38 10.18 -0.10 12.26
CA PHE N 38 9.07 -0.79 12.91
C PHE N 38 9.14 -2.30 12.68
N LYS N 39 9.82 -2.73 11.60
CA LYS N 39 9.95 -4.16 11.35
C LYS N 39 10.86 -4.83 12.37
N LYS N 40 12.01 -4.20 12.68
CA LYS N 40 12.94 -4.82 13.61
C LYS N 40 12.44 -4.75 15.06
N ASP N 41 11.60 -3.77 15.36
CA ASP N 41 11.06 -3.59 16.70
C ASP N 41 9.57 -3.91 16.78
N PHE N 42 9.07 -4.82 15.93
CA PHE N 42 7.64 -5.11 15.92
C PHE N 42 7.22 -5.96 17.10
N LYS N 43 8.03 -6.94 17.47
CA LYS N 43 7.63 -7.98 18.41
C LYS N 43 7.59 -7.51 19.86
N LYS N 44 8.00 -6.27 20.17
CA LYS N 44 8.00 -5.82 21.55
C LYS N 44 6.60 -5.45 22.02
N LEU N 45 5.72 -5.06 21.11
CA LEU N 45 4.38 -4.58 21.45
C LEU N 45 3.36 -5.67 21.19
N ASP N 46 2.42 -5.83 22.11
CA ASP N 46 1.40 -6.86 21.95
C ASP N 46 0.23 -6.35 21.13
N ARG N 47 -0.52 -7.29 20.55
CA ARG N 47 -1.65 -6.98 19.68
C ARG N 47 -2.90 -7.71 20.19
N SER N 48 -4.03 -7.45 19.51
CA SER N 48 -5.29 -8.12 19.83
C SER N 48 -6.14 -8.09 18.57
N GLU N 49 -6.24 -9.23 17.88
CA GLU N 49 -7.00 -9.41 16.63
C GLU N 49 -6.55 -8.42 15.56
N ASP N 50 -5.24 -8.22 15.45
CA ASP N 50 -4.71 -7.13 14.63
C ASP N 50 -4.70 -7.48 13.15
N ASN N 51 -4.62 -8.77 12.82
CA ASN N 51 -4.33 -9.28 11.46
C ASN N 51 -3.06 -8.64 10.90
N SER N 52 -1.95 -8.81 11.63
CA SER N 52 -0.73 -8.08 11.33
C SER N 52 -0.05 -8.58 10.07
N ASP N 53 -0.02 -9.92 9.88
CA ASP N 53 0.67 -10.59 8.77
C ASP N 53 2.15 -10.20 8.72
N THR N 54 2.87 -10.66 9.76
CA THR N 54 4.21 -10.18 10.08
C THR N 54 5.21 -10.47 8.96
N GLU N 55 5.00 -11.53 8.20
CA GLU N 55 5.98 -11.95 7.20
C GLU N 55 6.03 -11.01 6.00
N ASP N 56 4.86 -10.62 5.48
CA ASP N 56 4.79 -9.96 4.18
C ASP N 56 4.51 -8.46 4.27
N THR N 57 3.55 -8.05 5.10
CA THR N 57 3.04 -6.67 5.02
C THR N 57 4.01 -5.66 5.63
N ILE N 58 4.62 -6.00 6.77
CA ILE N 58 5.40 -5.01 7.51
C ILE N 58 6.72 -4.71 6.81
N ASP N 59 7.35 -5.72 6.23
CA ASP N 59 8.63 -5.55 5.55
C ASP N 59 8.48 -4.99 4.13
N GLU N 60 7.25 -4.81 3.65
CA GLU N 60 6.99 -4.22 2.35
C GLU N 60 6.80 -2.70 2.44
N SER N 61 7.39 -2.05 3.44
CA SER N 61 7.21 -0.64 3.76
C SER N 61 5.75 -0.28 3.99
N LYS N 62 5.00 -1.17 4.63
CA LYS N 62 3.64 -0.91 5.09
C LYS N 62 3.49 -1.17 6.58
N GLY N 63 4.56 -1.04 7.37
CA GLY N 63 4.47 -1.34 8.80
C GLY N 63 3.63 -0.33 9.56
N VAL N 64 4.03 0.93 9.55
CA VAL N 64 3.28 2.00 10.19
C VAL N 64 2.48 2.80 9.15
N VAL N 65 3.15 3.26 8.10
CA VAL N 65 2.55 4.13 7.10
C VAL N 65 2.54 3.39 5.78
N GLU N 66 1.47 3.55 5.02
CA GLU N 66 1.43 3.06 3.64
C GLU N 66 1.80 4.22 2.72
N VAL N 67 3.04 4.22 2.24
CA VAL N 67 3.51 5.27 1.36
C VAL N 67 3.19 4.88 -0.08
N TYR N 68 2.45 5.73 -0.76
CA TYR N 68 1.92 5.45 -2.10
C TYR N 68 2.51 6.46 -3.09
N ALA N 69 2.10 6.32 -4.35
CA ALA N 69 2.62 7.19 -5.39
C ALA N 69 1.99 8.58 -5.32
N ASN N 70 0.70 8.66 -5.02
CA ASN N 70 -0.01 9.92 -5.04
C ASN N 70 -0.40 10.43 -3.65
N LYS N 71 -0.31 9.61 -2.61
CA LYS N 71 -0.75 10.04 -1.29
C LYS N 71 0.03 9.28 -0.22
N ILE N 72 -0.30 9.57 1.04
CA ILE N 72 0.31 8.94 2.20
C ILE N 72 -0.81 8.52 3.15
N LYS N 73 -0.91 7.21 3.40
CA LYS N 73 -2.03 6.65 4.14
C LYS N 73 -1.54 6.00 5.43
N ALA N 74 -2.31 6.21 6.50
CA ALA N 74 -1.98 5.68 7.82
C ALA N 74 -2.68 4.35 8.05
N ARG N 75 -1.96 3.42 8.67
CA ARG N 75 -2.55 2.17 9.13
C ARG N 75 -3.13 2.38 10.52
N HIS N 76 -3.58 1.30 11.16
CA HIS N 76 -4.20 1.43 12.49
C HIS N 76 -3.18 1.27 13.61
N TYR N 77 -2.08 2.02 13.52
CA TYR N 77 -1.05 2.04 14.55
C TYR N 77 -0.90 3.47 15.04
N VAL N 78 -1.19 3.67 16.32
CA VAL N 78 -1.38 5.00 16.89
C VAL N 78 -0.13 5.39 17.66
N GLY N 79 0.18 6.67 17.69
CA GLY N 79 1.36 7.17 18.37
C GLY N 79 2.03 8.26 17.54
N PHE N 80 3.36 8.23 17.52
CA PHE N 80 4.14 9.26 16.83
C PHE N 80 5.55 8.73 16.58
N ALA N 81 6.28 9.46 15.73
CA ALA N 81 7.67 9.18 15.45
C ALA N 81 8.31 10.42 14.83
N ALA N 82 9.56 10.69 15.20
CA ALA N 82 10.33 11.78 14.61
C ALA N 82 11.52 11.19 13.86
N VAL N 83 11.53 11.35 12.53
CA VAL N 83 12.61 10.85 11.69
C VAL N 83 12.97 11.91 10.64
N ASP N 84 14.25 12.32 10.65
CA ASP N 84 14.88 13.14 9.60
C ASP N 84 14.18 14.49 9.40
N ASN N 85 13.85 15.15 10.51
CA ASN N 85 13.12 16.42 10.59
C ASN N 85 11.75 16.36 9.90
N VAL N 86 11.17 15.17 9.82
CA VAL N 86 9.80 14.97 9.34
C VAL N 86 9.07 14.29 10.49
N PHE N 87 8.47 15.09 11.38
CA PHE N 87 7.85 14.57 12.57
C PHE N 87 6.44 14.08 12.23
N LEU N 88 6.23 12.78 12.40
CA LEU N 88 4.96 12.14 12.12
C LEU N 88 4.23 11.85 13.43
N GLN N 89 2.94 12.16 13.46
CA GLN N 89 2.09 11.81 14.59
C GLN N 89 0.78 11.25 14.08
N ILE N 90 0.39 10.10 14.62
CA ILE N 90 -0.85 9.43 14.24
C ILE N 90 -1.74 9.40 15.47
N LEU N 91 -2.83 10.15 15.41
CA LEU N 91 -3.88 10.20 16.42
C LEU N 91 -4.95 9.18 16.08
N PRO N 92 -5.81 8.80 17.03
CA PRO N 92 -6.92 7.93 16.67
C PRO N 92 -7.95 8.67 15.84
N LYS N 93 -8.66 7.91 15.00
CA LYS N 93 -9.73 8.47 14.18
C LYS N 93 -10.95 8.86 14.99
N VAL N 94 -11.07 8.36 16.23
CA VAL N 94 -12.24 8.63 17.04
C VAL N 94 -12.24 10.08 17.53
N PHE N 95 -11.05 10.63 17.80
CA PHE N 95 -10.92 12.01 18.26
C PHE N 95 -10.86 13.03 17.12
N LYS N 96 -11.25 12.63 15.91
CA LYS N 96 -11.17 13.53 14.77
C LYS N 96 -12.28 14.59 14.86
N PRO N 97 -11.96 15.87 14.78
CA PRO N 97 -13.00 16.90 14.77
C PRO N 97 -13.67 16.98 13.41
N LYS N 98 -14.80 17.68 13.39
CA LYS N 98 -15.56 17.86 12.15
C LYS N 98 -14.86 18.81 11.20
N GLU N 107 -5.11 25.68 17.91
CA GLU N 107 -5.95 25.06 18.93
C GLU N 107 -7.02 24.17 18.29
N ASP N 108 -7.07 24.16 16.95
CA ASP N 108 -8.04 23.34 16.26
C ASP N 108 -7.65 21.87 16.29
N THR N 109 -6.36 21.58 16.43
CA THR N 109 -5.86 20.22 16.57
C THR N 109 -5.13 20.07 17.91
N TRP N 110 -5.67 20.69 18.95
CA TRP N 110 -5.14 20.59 20.31
C TRP N 110 -6.03 19.79 21.25
N GLU N 111 -7.34 19.75 20.97
CA GLU N 111 -8.22 18.82 21.67
C GLU N 111 -7.91 17.33 21.44
N PRO N 112 -7.61 16.82 20.22
CA PRO N 112 -7.33 15.37 20.12
C PRO N 112 -6.01 14.94 20.71
N ILE N 113 -5.06 15.85 20.94
CA ILE N 113 -3.79 15.49 21.57
C ILE N 113 -4.03 15.09 23.02
N LEU N 114 -4.68 15.98 23.78
CA LEU N 114 -4.95 15.71 25.19
C LEU N 114 -5.99 14.60 25.37
N ALA N 115 -6.80 14.35 24.34
CA ALA N 115 -7.69 13.19 24.37
C ALA N 115 -6.90 11.90 24.24
N PHE N 116 -5.92 11.89 23.34
CA PHE N 116 -5.16 10.66 23.09
C PHE N 116 -4.19 10.35 24.24
N ILE N 117 -3.60 11.37 24.87
CA ILE N 117 -2.69 11.12 25.98
C ILE N 117 -3.46 10.68 27.22
N ARG N 118 -4.68 11.18 27.40
CA ARG N 118 -5.53 10.69 28.48
C ARG N 118 -6.00 9.28 28.22
N MET N 119 -6.21 8.91 26.96
CA MET N 119 -6.49 7.51 26.65
C MET N 119 -5.21 6.68 26.73
N LEU N 120 -4.05 7.32 26.57
CA LEU N 120 -2.77 6.69 26.84
C LEU N 120 -2.41 6.72 28.32
N ASP N 121 -3.16 7.49 29.13
CA ASP N 121 -2.94 7.54 30.57
C ASP N 121 -3.63 6.37 31.26
N MET N 122 -4.90 6.12 30.92
CA MET N 122 -5.69 5.13 31.64
C MET N 122 -5.43 3.72 31.11
N ALA N 123 -5.28 3.57 29.79
CA ALA N 123 -5.13 2.24 29.22
C ALA N 123 -3.72 1.68 29.45
N TYR N 124 -2.71 2.42 29.01
CA TYR N 124 -1.35 1.89 28.94
C TYR N 124 -0.68 1.76 30.31
N GLY N 125 -1.24 2.37 31.35
CA GLY N 125 -0.70 2.24 32.68
C GLY N 125 0.19 3.36 33.16
N LEU N 126 0.23 4.49 32.44
CA LEU N 126 1.02 5.62 32.88
C LEU N 126 0.38 6.29 34.08
N LYS N 127 1.20 7.00 34.85
CA LYS N 127 0.75 7.68 36.06
C LYS N 127 1.02 9.18 35.97
N ILE N 128 0.73 9.78 34.82
CA ILE N 128 0.91 11.22 34.64
C ILE N 128 -0.22 11.95 35.35
N LYS N 129 -0.05 13.25 35.54
CA LYS N 129 -1.02 14.08 36.24
C LYS N 129 -1.87 14.87 35.24
N ASP N 130 -3.12 15.13 35.62
CA ASP N 130 -4.00 15.91 34.76
C ASP N 130 -3.61 17.39 34.76
N HIS N 131 -3.06 17.88 35.88
CA HIS N 131 -2.59 19.26 35.91
C HIS N 131 -1.27 19.46 35.19
N ASP N 132 -0.59 18.37 34.80
CA ASP N 132 0.53 18.50 33.87
C ASP N 132 0.04 18.82 32.47
N LEU N 133 -1.08 18.23 32.06
CA LEU N 133 -1.62 18.44 30.73
C LEU N 133 -2.47 19.72 30.67
N ALA N 134 -3.14 20.07 31.76
CA ALA N 134 -3.97 21.27 31.79
C ALA N 134 -3.15 22.55 31.83
N TYR N 135 -1.85 22.48 32.11
CA TYR N 135 -0.98 23.64 32.01
C TYR N 135 -0.82 24.08 30.56
N LEU N 136 -0.80 23.13 29.64
CA LEU N 136 -0.58 23.42 28.23
C LEU N 136 -1.85 23.82 27.50
N GLN N 137 -3.02 23.60 28.09
CA GLN N 137 -4.29 23.89 27.43
C GLN N 137 -4.52 25.39 27.36
N GLY N 138 -4.43 25.95 26.16
CA GLY N 138 -4.70 27.36 25.94
C GLY N 138 -3.49 28.25 25.80
N ARG N 139 -2.28 27.69 25.76
CA ARG N 139 -1.07 28.48 25.62
C ARG N 139 -0.65 28.67 24.16
N ASN N 140 -1.55 28.35 23.21
CA ASN N 140 -1.41 28.40 21.76
C ASN N 140 -0.09 27.86 21.20
N LEU N 141 0.44 26.81 21.82
CA LEU N 141 1.62 26.16 21.28
C LEU N 141 1.27 25.33 20.04
N ARG N 142 2.30 24.96 19.32
CA ARG N 142 2.15 24.10 18.16
C ARG N 142 1.86 22.67 18.60
N PRO N 143 0.77 22.05 18.13
CA PRO N 143 0.44 20.69 18.60
C PRO N 143 1.41 19.66 18.05
N ASN N 144 2.01 18.89 18.97
CA ASN N 144 3.00 17.87 18.60
C ASN N 144 3.09 16.87 19.74
N LEU N 145 3.09 15.58 19.39
CA LEU N 145 3.17 14.54 20.43
C LEU N 145 4.57 14.44 21.01
N TYR N 146 5.61 14.74 20.24
CA TYR N 146 6.95 14.66 20.80
C TYR N 146 7.23 15.87 21.69
N GLU N 147 6.59 17.00 21.41
CA GLU N 147 6.82 18.18 22.22
C GLU N 147 6.12 18.08 23.58
N VAL N 148 5.09 17.25 23.69
CA VAL N 148 4.39 17.12 24.98
C VAL N 148 4.96 15.97 25.82
N PHE N 149 5.40 14.87 25.20
CA PHE N 149 6.00 13.80 25.99
C PHE N 149 7.42 14.14 26.45
N ILE N 150 8.12 15.01 25.73
CA ILE N 150 9.34 15.60 26.28
C ILE N 150 8.99 16.53 27.43
N TYR N 151 7.90 17.28 27.32
CA TYR N 151 7.47 18.15 28.41
C TYR N 151 7.00 17.34 29.61
N LEU N 152 6.27 16.24 29.38
CA LEU N 152 5.81 15.40 30.48
C LEU N 152 6.98 14.69 31.16
N PHE N 153 8.05 14.43 30.41
CA PHE N 153 9.28 13.95 31.02
C PHE N 153 10.00 15.06 31.77
N ALA N 154 10.11 16.25 31.16
CA ALA N 154 10.92 17.32 31.74
C ALA N 154 10.25 17.97 32.93
N LYS N 155 8.92 18.06 32.93
CA LYS N 155 8.23 18.65 34.09
C LYS N 155 8.22 17.68 35.26
N SER N 156 8.00 16.38 35.00
CA SER N 156 7.97 15.41 36.08
C SER N 156 9.36 15.14 36.63
N LEU N 157 10.40 15.42 35.83
CA LEU N 157 11.76 15.33 36.36
C LEU N 157 12.10 16.58 37.18
N TRP N 158 11.80 17.76 36.65
CA TRP N 158 12.12 19.00 37.36
C TRP N 158 11.24 19.23 38.58
N SER N 159 10.11 18.53 38.68
CA SER N 159 9.36 18.52 39.92
C SER N 159 9.86 17.46 40.90
N GLU N 160 10.68 16.52 40.43
CA GLU N 160 11.28 15.51 41.30
C GLU N 160 12.76 15.74 41.53
N VAL N 161 13.37 16.71 40.83
CA VAL N 161 14.73 17.14 41.11
C VAL N 161 14.75 18.37 42.03
N GLN N 162 13.72 19.22 41.96
CA GLN N 162 13.64 20.41 42.80
C GLN N 162 13.53 20.05 44.29
N ARG N 163 12.89 18.92 44.61
CA ARG N 163 12.84 18.49 46.00
C ARG N 163 14.16 17.86 46.42
N GLY N 164 14.55 16.77 45.76
CA GLY N 164 15.79 16.11 46.06
C GLY N 164 16.53 15.74 44.79
N TYR N 165 17.85 15.66 44.90
CA TYR N 165 18.71 15.53 43.74
C TYR N 165 19.05 14.08 43.39
N HIS N 166 18.61 13.11 44.20
CA HIS N 166 18.98 11.70 44.09
C HIS N 166 20.51 11.53 44.15
N ARG N 167 21.03 11.82 45.32
CA ARG N 167 22.42 11.48 45.64
C ARG N 167 22.41 10.17 46.39
N GLU N 168 22.87 9.10 45.73
CA GLU N 168 22.84 7.76 46.28
C GLU N 168 24.22 7.36 46.77
N TYR N 169 24.25 6.47 47.76
CA TYR N 169 25.47 6.15 48.49
C TYR N 169 26.19 4.99 47.81
N VAL N 170 27.46 5.19 47.50
CA VAL N 170 28.37 4.11 47.14
C VAL N 170 29.54 4.17 48.12
N GLU N 171 30.15 3.02 48.36
CA GLU N 171 31.34 2.96 49.20
C GLU N 171 32.57 2.80 48.32
N VAL N 172 33.60 3.57 48.64
CA VAL N 172 34.86 3.54 47.89
C VAL N 172 36.00 3.33 48.86
N HIS N 173 36.90 2.41 48.51
CA HIS N 173 38.11 2.17 49.29
C HIS N 173 39.18 3.10 48.72
N ARG N 174 39.21 4.33 49.23
CA ARG N 174 39.99 5.40 48.65
C ARG N 174 41.10 5.81 49.61
N GLU N 175 42.25 6.16 49.05
CA GLU N 175 43.35 6.70 49.84
C GLU N 175 43.20 8.21 49.89
N GLU N 176 42.81 8.71 51.06
CA GLU N 176 42.46 10.12 51.23
C GLU N 176 43.51 10.81 52.09
N LYS N 177 43.79 12.07 51.75
CA LYS N 177 44.70 12.88 52.55
C LYS N 177 44.11 13.24 53.90
N PHE N 178 42.79 13.22 54.04
CA PHE N 178 42.09 13.37 55.31
C PHE N 178 41.51 12.02 55.71
N LEU N 179 40.74 12.01 56.79
CA LEU N 179 40.13 10.80 57.33
C LEU N 179 38.61 10.98 57.30
N ARG N 180 37.95 10.24 56.42
CA ARG N 180 36.49 10.29 56.30
C ARG N 180 35.96 8.87 56.41
N GLY N 181 34.95 8.67 57.26
CA GLY N 181 34.34 7.36 57.34
C GLY N 181 35.18 6.36 58.12
N LYS N 182 34.89 5.08 57.88
CA LYS N 182 35.61 4.00 58.53
C LYS N 182 37.02 3.88 57.97
N LEU N 183 38.00 3.85 58.86
CA LEU N 183 39.38 3.60 58.48
C LEU N 183 39.59 2.10 58.30
N LEU N 184 40.00 1.71 57.09
CA LEU N 184 40.40 0.31 56.86
C LEU N 184 41.64 -0.01 57.65
N MET N 185 41.60 -1.11 58.39
CA MET N 185 42.71 -1.44 59.27
C MET N 185 43.71 -2.42 58.64
N SER N 186 43.23 -3.39 57.86
CA SER N 186 44.15 -4.35 57.24
C SER N 186 44.95 -3.72 56.11
N ARG N 187 44.51 -2.57 55.58
CA ARG N 187 45.23 -1.85 54.55
C ARG N 187 46.10 -0.74 55.14
N GLN N 188 45.91 -0.39 56.41
CA GLN N 188 46.70 0.61 57.09
C GLN N 188 47.78 0.00 57.97
N ILE N 189 47.56 -1.20 58.49
CA ILE N 189 48.58 -1.90 59.26
C ILE N 189 49.74 -2.31 58.37
N ARG N 190 49.44 -2.81 57.17
CA ARG N 190 50.44 -3.23 56.21
C ARG N 190 50.96 -2.09 55.34
N LYS N 191 50.80 -0.85 55.80
CA LYS N 191 51.29 0.32 55.09
C LYS N 191 52.72 0.60 55.55
N LEU N 192 53.65 0.68 54.59
CA LEU N 192 55.02 1.01 54.91
C LEU N 192 55.13 2.45 55.41
N PRO N 193 56.10 2.74 56.29
CA PRO N 193 56.21 4.12 56.81
C PRO N 193 56.74 5.14 55.82
N HIS N 194 57.13 4.74 54.60
CA HIS N 194 57.43 5.72 53.58
C HIS N 194 56.19 6.23 52.88
N GLN N 195 55.04 5.58 53.08
CA GLN N 195 53.77 6.00 52.51
C GLN N 195 52.68 6.10 53.57
N LEU N 196 53.07 6.55 54.77
CA LEU N 196 52.14 6.69 55.89
C LEU N 196 51.35 7.99 55.86
N ASN N 197 51.63 8.89 54.91
CA ASN N 197 51.07 10.22 54.91
C ASN N 197 49.69 10.30 54.30
N THR N 198 49.08 9.18 53.93
CA THR N 198 47.71 9.15 53.43
C THR N 198 46.94 8.06 54.15
N PHE N 199 45.79 8.42 54.70
CA PHE N 199 44.91 7.42 55.30
C PHE N 199 44.30 6.55 54.20
N SER N 200 43.96 5.32 54.57
CA SER N 200 43.31 4.38 53.67
C SER N 200 41.97 4.03 54.28
N VAL N 201 40.93 4.73 53.84
CA VAL N 201 39.61 4.62 54.44
C VAL N 201 38.66 3.93 53.47
N GLU N 202 37.48 3.58 53.97
CA GLU N 202 36.38 3.03 53.17
C GLU N 202 35.16 3.85 53.53
N VAL N 203 34.97 4.97 52.82
CA VAL N 203 33.97 5.96 53.17
C VAL N 203 32.73 5.74 52.31
N HIS N 204 31.56 5.75 52.96
CA HIS N 204 30.28 5.68 52.25
C HIS N 204 29.86 7.11 51.91
N GLU N 205 30.47 7.65 50.87
CA GLU N 205 30.16 8.99 50.40
C GLU N 205 28.98 8.94 49.45
N LEU N 206 28.21 10.02 49.44
CA LEU N 206 27.08 10.13 48.52
C LEU N 206 27.57 10.79 47.24
N ILE N 207 27.34 10.14 46.12
CA ILE N 207 27.74 10.67 44.82
C ILE N 207 26.51 11.25 44.15
N GLU N 208 26.71 12.37 43.46
CA GLU N 208 25.61 12.96 42.71
C GLU N 208 25.43 12.28 41.37
N ASP N 209 26.54 11.85 40.75
CA ASP N 209 26.50 11.20 39.45
C ASP N 209 26.39 9.68 39.63
N ASN N 210 25.19 9.25 40.01
CA ASN N 210 24.88 7.83 40.03
C ASN N 210 24.45 7.40 38.63
N LEU N 211 24.01 6.14 38.50
CA LEU N 211 23.59 5.64 37.20
C LEU N 211 22.27 6.27 36.77
N LEU N 212 21.37 6.54 37.71
CA LEU N 212 20.11 7.18 37.38
C LEU N 212 20.30 8.64 37.02
N ASN N 213 21.39 9.25 37.50
CA ASN N 213 21.67 10.63 37.14
C ASN N 213 22.50 10.72 35.85
N ARG N 214 23.26 9.67 35.52
CA ARG N 214 23.92 9.63 34.22
C ARG N 214 22.90 9.46 33.10
N ILE N 215 21.83 8.71 33.37
CA ILE N 215 20.77 8.54 32.38
C ILE N 215 20.00 9.84 32.18
N PHE N 216 19.62 10.50 33.29
CA PHE N 216 18.82 11.71 33.17
C PHE N 216 19.63 12.90 32.66
N TYR N 217 20.96 12.86 32.78
CA TYR N 217 21.76 13.84 32.08
C TYR N 217 21.83 13.53 30.59
N ALA N 218 21.88 12.24 30.25
CA ALA N 218 21.90 11.86 28.84
C ALA N 218 20.52 11.94 28.22
N SER N 219 19.45 11.69 28.98
CA SER N 219 18.10 11.75 28.42
C SER N 219 17.67 13.20 28.19
N VAL N 220 18.22 14.14 28.96
CA VAL N 220 17.95 15.55 28.70
C VAL N 220 18.80 16.06 27.53
N ARG N 221 20.05 15.61 27.42
CA ARG N 221 20.94 16.07 26.35
C ARG N 221 20.47 15.59 24.99
N GLU N 222 19.87 14.40 24.92
CA GLU N 222 19.24 13.97 23.69
C GLU N 222 17.82 14.48 23.53
N ALA N 223 17.31 15.27 24.48
CA ALA N 223 15.99 15.86 24.34
C ALA N 223 16.06 17.33 23.94
N LEU N 224 17.00 18.09 24.53
CA LEU N 224 17.18 19.49 24.17
C LEU N 224 17.72 19.63 22.75
N ARG N 225 18.48 18.64 22.28
CA ARG N 225 18.94 18.63 20.89
C ARG N 225 17.81 18.43 19.90
N ARG N 226 16.71 17.83 20.32
CA ARG N 226 15.64 17.44 19.40
C ARG N 226 14.30 17.95 19.87
N THR N 227 14.27 19.10 20.52
CA THR N 227 13.02 19.74 20.91
C THR N 227 12.82 21.01 20.09
N THR N 228 11.56 21.40 19.95
CA THR N 228 11.18 22.49 19.08
C THR N 228 10.29 23.54 19.74
N TRP N 229 9.83 23.31 20.96
CA TRP N 229 9.00 24.29 21.65
C TRP N 229 9.88 25.37 22.28
N GLY N 230 9.23 26.36 22.88
CA GLY N 230 9.94 27.39 23.61
C GLY N 230 9.79 27.21 25.10
N LEU N 231 8.92 26.28 25.48
CA LEU N 231 8.72 25.92 26.87
C LEU N 231 9.63 24.76 27.28
N ASN N 232 9.81 23.78 26.39
CA ASN N 232 10.68 22.66 26.70
C ASN N 232 12.15 23.05 26.61
N ARG N 233 12.48 24.04 25.78
CA ARG N 233 13.85 24.50 25.69
C ARG N 233 14.27 25.25 26.95
N LYS N 234 13.32 25.93 27.60
CA LYS N 234 13.62 26.57 28.87
C LYS N 234 13.70 25.57 30.01
N LEU N 235 12.84 24.54 29.97
CA LEU N 235 12.79 23.58 31.08
C LEU N 235 13.94 22.60 31.04
N LEU N 236 14.30 22.11 29.84
CA LEU N 236 15.46 21.23 29.73
C LEU N 236 16.76 22.01 29.88
N GLY N 237 16.74 23.32 29.64
CA GLY N 237 17.92 24.13 29.87
C GLY N 237 18.23 24.29 31.35
N GLU N 238 17.20 24.30 32.19
CA GLU N 238 17.41 24.33 33.63
C GLU N 238 17.76 22.96 34.16
N LEU N 239 17.27 21.89 33.52
CA LEU N 239 17.61 20.53 33.95
C LEU N 239 19.05 20.19 33.62
N MET N 240 19.56 20.70 32.48
CA MET N 240 20.93 20.42 32.11
C MET N 240 21.92 21.20 32.97
N LEU N 241 21.51 22.35 33.50
CA LEU N 241 22.39 23.09 34.41
C LEU N 241 22.46 22.42 35.78
N ALA N 242 21.35 21.81 36.22
CA ALA N 242 21.36 21.11 37.50
C ALA N 242 22.22 19.86 37.45
N PHE N 243 22.35 19.24 36.28
CA PHE N 243 23.16 18.05 36.07
C PHE N 243 24.52 18.39 35.47
N ASP N 244 25.12 19.51 35.86
CA ASP N 244 26.31 19.99 35.17
C ASP N 244 27.56 19.20 35.55
N GLY N 245 27.66 18.75 36.80
CA GLY N 245 28.84 18.03 37.24
C GLY N 245 28.91 16.58 36.84
N ILE N 246 27.81 16.04 36.32
CA ILE N 246 27.73 14.63 35.98
C ILE N 246 28.45 14.38 34.66
N THR N 247 29.29 13.35 34.64
CA THR N 247 29.93 12.94 33.39
C THR N 247 28.91 12.29 32.47
N PRO N 248 28.83 12.69 31.21
CA PRO N 248 27.82 12.14 30.31
C PRO N 248 28.14 10.72 29.87
N ILE N 249 27.09 10.05 29.41
CA ILE N 249 27.21 8.69 28.89
C ILE N 249 26.49 8.63 27.55
N HIS N 250 26.81 7.60 26.77
CA HIS N 250 26.03 7.24 25.60
C HIS N 250 24.92 6.30 26.04
N LEU N 251 23.68 6.65 25.74
CA LEU N 251 22.55 5.84 26.17
C LEU N 251 22.48 4.55 25.37
N ARG N 252 22.09 3.48 26.06
CA ARG N 252 21.92 2.17 25.44
C ARG N 252 20.64 1.56 26.01
N THR N 253 20.44 0.26 25.81
CA THR N 253 19.36 -0.45 26.46
C THR N 253 19.85 -1.17 27.71
N GLU N 254 21.16 -1.35 27.82
CA GLU N 254 21.76 -1.93 29.02
C GLU N 254 21.71 -0.97 30.20
N HIS N 255 21.79 0.34 29.93
CA HIS N 255 21.73 1.33 31.00
C HIS N 255 20.34 1.41 31.63
N PHE N 256 19.30 1.30 30.81
CA PHE N 256 17.93 1.37 31.32
C PHE N 256 17.51 0.10 32.04
N GLU N 257 18.30 -0.98 31.93
CA GLU N 257 18.04 -2.22 32.64
C GLU N 257 18.87 -2.36 33.92
N ARG N 258 20.05 -1.73 33.95
CA ARG N 258 20.97 -1.93 35.08
C ARG N 258 20.51 -1.24 36.34
N VAL N 259 19.62 -0.25 36.25
CA VAL N 259 19.09 0.41 37.44
C VAL N 259 17.86 -0.34 37.93
N HIS N 260 17.70 -0.37 39.25
CA HIS N 260 16.56 -1.00 39.88
C HIS N 260 15.89 0.02 40.80
N PHE N 261 14.58 -0.08 40.93
CA PHE N 261 13.78 0.90 41.66
C PHE N 261 13.55 0.39 43.07
N THR N 262 14.38 0.88 43.99
CA THR N 262 14.22 0.60 45.42
C THR N 262 13.35 1.70 46.03
N ARG N 263 13.31 1.78 47.35
CA ARG N 263 12.51 2.79 48.03
C ARG N 263 13.17 4.17 48.07
N LEU N 264 14.49 4.25 47.85
CA LEU N 264 15.19 5.52 47.98
C LEU N 264 15.24 6.30 46.67
N ASN N 265 14.88 5.68 45.56
CA ASN N 265 14.70 6.40 44.30
C ASN N 265 13.39 6.02 43.63
N GLU N 266 12.36 5.74 44.43
CA GLU N 266 11.06 5.34 43.88
C GLU N 266 10.33 6.54 43.30
N ARG N 267 10.60 7.74 43.81
CA ARG N 267 9.94 8.94 43.27
C ARG N 267 10.46 9.33 41.90
N PHE N 268 11.59 8.77 41.46
CA PHE N 268 12.07 8.93 40.10
C PHE N 268 11.56 7.85 39.16
N ARG N 269 10.45 7.19 39.49
CA ARG N 269 9.89 6.19 38.59
C ARG N 269 9.16 6.86 37.43
N ARG N 270 8.40 7.90 37.71
CA ARG N 270 7.64 8.65 36.70
C ARG N 270 8.48 9.31 35.62
N PRO N 271 9.66 9.95 35.89
CA PRO N 271 10.44 10.47 34.76
C PRO N 271 11.22 9.40 34.02
N PHE N 272 11.56 8.31 34.70
CA PHE N 272 12.42 7.29 34.08
C PHE N 272 11.65 6.45 33.09
N GLU N 273 10.40 6.09 33.40
CA GLU N 273 9.60 5.31 32.46
C GLU N 273 9.28 6.11 31.21
N LEU N 274 9.12 7.43 31.36
CA LEU N 274 8.95 8.29 30.20
C LEU N 274 10.28 8.52 29.48
N ALA N 275 11.40 8.43 30.21
CA ALA N 275 12.70 8.48 29.55
C ALA N 275 13.04 7.16 28.85
N LYS N 276 12.47 6.05 29.31
CA LYS N 276 12.61 4.78 28.61
C LYS N 276 11.64 4.67 27.44
N LEU N 277 10.50 5.36 27.52
CA LEU N 277 9.52 5.36 26.45
C LEU N 277 9.99 6.17 25.25
N LEU N 278 10.88 7.14 25.45
CA LEU N 278 11.35 8.01 24.38
C LEU N 278 12.77 7.75 23.94
N PHE N 279 13.60 7.12 24.77
CA PHE N 279 15.00 6.93 24.45
C PHE N 279 15.40 5.48 24.72
N MET N 280 16.43 5.04 24.02
CA MET N 280 16.94 3.67 24.17
C MET N 280 18.39 3.58 23.73
N GLU N 290 18.84 8.52 15.02
CA GLU N 290 18.01 7.48 14.40
C GLU N 290 16.52 7.77 14.65
N VAL N 291 15.79 6.73 15.06
CA VAL N 291 14.36 6.87 15.30
C VAL N 291 14.15 7.44 16.71
N SER N 292 12.96 7.99 16.95
CA SER N 292 12.54 8.35 18.30
C SER N 292 11.02 8.22 18.38
N GLY N 293 10.54 7.93 19.57
CA GLY N 293 9.12 7.78 19.82
C GLY N 293 8.74 6.30 19.97
N PHE N 294 7.43 6.06 19.88
CA PHE N 294 6.91 4.72 20.03
C PHE N 294 5.58 4.63 19.30
N PHE N 295 5.16 3.41 19.01
CA PHE N 295 3.87 3.16 18.38
C PHE N 295 3.19 1.98 19.08
N VAL N 296 1.87 2.04 19.12
CA VAL N 296 1.04 0.97 19.70
C VAL N 296 -0.17 0.76 18.80
N ASP N 297 -0.72 -0.46 18.87
CA ASP N 297 -1.88 -0.81 18.08
C ASP N 297 -3.13 -0.16 18.66
N MET N 298 -3.96 0.42 17.79
CA MET N 298 -5.16 1.12 18.26
C MET N 298 -6.22 0.14 18.73
N ASN N 299 -6.17 -1.11 18.28
CA ASN N 299 -7.14 -2.11 18.73
C ASN N 299 -6.89 -2.52 20.17
N LYS N 300 -5.63 -2.75 20.54
CA LYS N 300 -5.32 -3.17 21.90
C LYS N 300 -5.46 -2.01 22.88
N LEU N 301 -5.13 -0.79 22.43
CA LEU N 301 -5.22 0.36 23.31
C LEU N 301 -6.67 0.68 23.67
N PHE N 302 -7.60 0.41 22.76
CA PHE N 302 -9.01 0.45 23.12
C PHE N 302 -9.41 -0.80 23.92
N GLU N 303 -8.76 -1.94 23.66
CA GLU N 303 -9.03 -3.13 24.45
C GLU N 303 -8.54 -2.95 25.88
N ARG N 304 -7.45 -2.20 26.07
CA ARG N 304 -6.99 -1.89 27.41
C ARG N 304 -7.81 -0.77 28.05
N PHE N 305 -8.26 0.20 27.24
CA PHE N 305 -8.99 1.34 27.80
C PHE N 305 -10.39 0.93 28.24
N ILE N 306 -11.01 -0.01 27.54
CA ILE N 306 -12.34 -0.46 27.96
C ILE N 306 -12.24 -1.28 29.22
N GLU N 307 -11.08 -1.93 29.45
CA GLU N 307 -10.89 -2.78 30.63
C GLU N 307 -10.85 -1.95 31.91
N ARG N 308 -10.37 -0.71 31.80
CA ARG N 308 -10.46 0.20 32.95
C ARG N 308 -11.90 0.59 33.22
N VAL N 309 -12.71 0.71 32.17
CA VAL N 309 -14.09 1.17 32.32
C VAL N 309 -14.97 0.04 32.87
N LEU N 310 -14.72 -1.20 32.44
CA LEU N 310 -15.61 -2.30 32.79
C LEU N 310 -15.49 -2.69 34.26
N VAL N 311 -14.26 -2.90 34.74
CA VAL N 311 -14.05 -3.37 36.11
C VAL N 311 -14.49 -2.30 37.12
N ARG N 312 -14.36 -1.03 36.75
CA ARG N 312 -14.91 0.03 37.60
C ARG N 312 -16.43 0.04 37.59
N ASN N 313 -17.00 -0.19 36.40
CA ASN N 313 -18.44 -0.15 36.18
C ASN N 313 -19.21 -1.46 36.34
N LEU N 314 -18.55 -2.52 36.77
CA LEU N 314 -19.24 -3.80 36.93
C LEU N 314 -19.05 -4.44 38.30
N PRO N 315 -19.68 -3.83 39.32
CA PRO N 315 -19.61 -4.27 40.73
C PRO N 315 -20.21 -5.66 40.98
N PRO N 316 -21.35 -5.96 40.34
CA PRO N 316 -22.01 -7.26 40.54
C PRO N 316 -21.17 -8.45 40.10
N GLU N 317 -20.49 -8.33 38.97
CA GLU N 317 -19.65 -9.41 38.46
C GLU N 317 -18.20 -9.00 38.21
N TYR N 318 -17.28 -9.82 38.70
CA TYR N 318 -15.85 -9.55 38.49
C TYR N 318 -15.49 -9.86 37.05
N LYS N 319 -14.62 -9.04 36.46
CA LYS N 319 -14.21 -9.25 35.07
C LYS N 319 -12.70 -9.40 34.89
N LEU N 320 -12.30 -10.43 34.15
CA LEU N 320 -10.90 -10.67 33.87
C LEU N 320 -10.70 -10.53 32.38
N PHE N 321 -9.61 -9.85 32.02
CA PHE N 321 -9.24 -9.65 30.64
C PHE N 321 -8.32 -10.80 30.21
N TYR N 322 -8.35 -11.11 28.92
CA TYR N 322 -7.51 -12.14 28.29
C TYR N 322 -7.65 -13.59 28.76
N GLN N 323 -8.85 -13.98 29.20
CA GLN N 323 -9.08 -15.37 29.59
C GLN N 323 -9.09 -16.16 28.29
N GLU N 324 -8.55 -17.38 28.26
CA GLU N 324 -8.54 -18.05 26.97
C GLU N 324 -9.21 -19.42 27.08
N SER N 325 -10.01 -19.76 26.07
CA SER N 325 -10.53 -21.10 25.87
C SER N 325 -10.13 -21.56 24.47
N TYR N 326 -9.60 -22.79 24.38
CA TYR N 326 -8.99 -23.25 23.13
C TYR N 326 -9.98 -24.07 22.32
N PRO N 327 -10.30 -23.68 21.09
CA PRO N 327 -11.09 -24.55 20.22
C PRO N 327 -10.20 -25.53 19.47
N PHE N 328 -10.77 -26.70 19.18
CA PHE N 328 -10.14 -27.82 18.47
C PHE N 328 -8.82 -28.28 19.12
N SER N 335 -3.99 -23.14 18.18
CA SER N 335 -5.14 -22.40 17.68
C SER N 335 -6.14 -22.12 18.79
N SER N 336 -5.91 -21.04 19.53
CA SER N 336 -6.78 -20.64 20.63
C SER N 336 -7.39 -19.29 20.31
N GLN N 337 -8.72 -19.23 20.30
CA GLN N 337 -9.46 -17.99 20.10
C GLN N 337 -9.94 -17.48 21.45
N LYS N 338 -9.37 -16.37 21.90
CA LYS N 338 -9.62 -15.87 23.24
C LYS N 338 -10.37 -14.55 23.17
N PRO N 339 -11.33 -14.34 24.07
CA PRO N 339 -12.03 -13.05 24.12
C PRO N 339 -11.12 -11.95 24.67
N ASP N 340 -11.43 -10.71 24.30
CA ASP N 340 -10.72 -9.56 24.86
C ASP N 340 -10.99 -9.43 26.35
N TYR N 341 -12.25 -9.65 26.76
CA TYR N 341 -12.63 -9.59 28.16
C TYR N 341 -13.82 -10.51 28.40
N VAL N 342 -13.87 -11.15 29.55
CA VAL N 342 -15.02 -11.94 29.98
C VAL N 342 -15.33 -11.56 31.43
N VAL N 343 -16.61 -11.39 31.73
CA VAL N 343 -17.06 -11.11 33.10
C VAL N 343 -17.86 -12.30 33.60
N ARG N 344 -17.51 -12.77 34.80
CA ARG N 344 -18.20 -13.88 35.44
C ARG N 344 -18.31 -13.60 36.93
N LYS N 345 -19.51 -13.76 37.47
CA LYS N 345 -19.76 -13.63 38.90
C LYS N 345 -19.51 -14.99 39.53
N GLY N 346 -18.37 -15.14 40.20
CA GLY N 346 -17.92 -16.46 40.57
C GLY N 346 -17.47 -17.20 39.32
N ASN N 347 -18.30 -18.14 38.87
CA ASN N 347 -18.02 -18.86 37.64
C ASN N 347 -19.24 -19.08 36.75
N THR N 348 -20.46 -18.86 37.26
CA THR N 348 -21.65 -19.30 36.54
C THR N 348 -22.06 -18.42 35.36
N PRO N 349 -22.18 -17.08 35.44
CA PRO N 349 -22.61 -16.35 34.23
C PRO N 349 -21.45 -16.15 33.26
N VAL N 350 -21.71 -16.40 31.98
CA VAL N 350 -20.72 -16.24 30.93
C VAL N 350 -21.20 -15.09 30.05
N VAL N 351 -20.66 -13.90 30.29
CA VAL N 351 -21.02 -12.70 29.56
C VAL N 351 -19.74 -12.22 28.86
N VAL N 352 -19.59 -12.56 27.59
CA VAL N 352 -18.37 -12.31 26.85
C VAL N 352 -18.36 -10.87 26.35
N LEU N 353 -17.24 -10.17 26.54
CA LEU N 353 -17.14 -8.78 26.10
C LEU N 353 -15.89 -8.61 25.25
N ASP N 354 -16.08 -8.60 23.92
CA ASP N 354 -14.97 -8.51 22.97
C ASP N 354 -14.90 -7.10 22.41
N ALA N 355 -13.81 -6.40 22.71
CA ALA N 355 -13.63 -5.00 22.31
C ALA N 355 -13.16 -4.92 20.87
N LYS N 356 -13.90 -4.18 20.05
CA LYS N 356 -13.55 -3.99 18.65
C LYS N 356 -13.48 -2.50 18.32
N TYR N 357 -12.43 -2.12 17.60
CA TYR N 357 -12.21 -0.75 17.16
C TYR N 357 -12.95 -0.42 15.87
N ARG N 358 -13.77 -1.34 15.36
CA ARG N 358 -14.40 -1.17 14.07
C ARG N 358 -15.51 -0.11 14.14
N GLU N 359 -15.78 0.51 12.98
CA GLU N 359 -16.73 1.61 12.94
C GLU N 359 -18.17 1.13 13.08
N LEU N 360 -18.42 -0.13 12.69
CA LEU N 360 -19.74 -0.77 12.71
C LEU N 360 -20.74 0.02 11.86
N LYS N 361 -20.50 0.03 10.54
CA LYS N 361 -21.35 0.77 9.62
C LYS N 361 -22.69 0.09 9.45
N GLU N 362 -23.70 0.91 9.10
CA GLU N 362 -25.08 0.49 8.78
C GLU N 362 -25.77 -0.23 9.94
N ARG N 363 -25.34 0.09 11.17
CA ARG N 363 -25.96 -0.38 12.43
C ARG N 363 -26.01 -1.90 12.54
N ILE N 364 -25.02 -2.59 11.96
CA ILE N 364 -24.99 -4.05 11.99
C ILE N 364 -23.51 -4.46 12.06
N PRO N 365 -23.16 -5.54 12.74
CA PRO N 365 -21.77 -6.00 12.71
C PRO N 365 -21.44 -6.66 11.37
N SER N 366 -20.15 -6.64 11.04
CA SER N 366 -19.66 -7.16 9.77
C SER N 366 -19.52 -8.68 9.81
N SER N 367 -18.96 -9.22 8.72
CA SER N 367 -18.77 -10.67 8.63
C SER N 367 -17.66 -11.14 9.56
N ASP N 368 -16.55 -10.39 9.63
CA ASP N 368 -15.43 -10.79 10.47
C ASP N 368 -15.75 -10.62 11.95
N MET N 369 -16.60 -9.65 12.28
CA MET N 369 -16.92 -9.40 13.68
C MET N 369 -17.87 -10.45 14.24
N LEU N 370 -19.02 -10.66 13.58
CA LEU N 370 -20.06 -11.54 14.12
C LEU N 370 -19.67 -13.01 14.07
N ARG N 371 -18.77 -13.37 13.16
CA ARG N 371 -18.26 -14.74 13.14
C ARG N 371 -17.43 -15.04 14.37
N GLN N 372 -16.67 -14.06 14.86
CA GLN N 372 -15.90 -14.26 16.08
C GLN N 372 -16.77 -14.16 17.32
N LEU N 373 -17.89 -13.42 17.22
CA LEU N 373 -18.80 -13.31 18.36
C LEU N 373 -19.56 -14.61 18.59
N TYR N 374 -19.75 -15.37 17.52
CA TYR N 374 -20.47 -16.64 17.59
C TYR N 374 -19.62 -17.71 18.29
N VAL N 375 -18.32 -17.69 18.03
CA VAL N 375 -17.41 -18.67 18.63
C VAL N 375 -17.19 -18.34 20.10
N TYR N 376 -17.07 -17.06 20.44
CA TYR N 376 -16.77 -16.66 21.82
C TYR N 376 -17.95 -16.96 22.75
N SER N 377 -19.16 -16.96 22.22
CA SER N 377 -20.32 -17.27 23.05
C SER N 377 -20.52 -18.77 23.20
N ARG N 378 -20.26 -19.53 22.13
CA ARG N 378 -20.59 -20.96 22.13
C ARG N 378 -19.64 -21.76 23.01
N ILE N 379 -18.35 -21.39 23.05
CA ILE N 379 -17.37 -22.17 23.78
C ILE N 379 -17.22 -21.56 25.19
N TRP N 380 -18.04 -20.56 25.48
CA TRP N 380 -18.13 -20.04 26.85
C TRP N 380 -19.56 -20.13 27.38
N PRO N 393 -25.47 -20.91 25.86
CA PRO N 393 -26.24 -20.09 26.79
C PRO N 393 -25.43 -18.94 27.36
N ALA N 394 -24.64 -18.27 26.52
CA ALA N 394 -23.76 -17.18 26.94
C ALA N 394 -24.05 -15.95 26.10
N VAL N 395 -24.47 -14.88 26.75
CA VAL N 395 -24.68 -13.62 26.07
C VAL N 395 -23.33 -12.98 25.76
N ILE N 396 -23.28 -12.14 24.73
CA ILE N 396 -22.04 -11.49 24.34
C ILE N 396 -22.31 -10.03 23.97
N VAL N 397 -21.49 -9.13 24.50
CA VAL N 397 -21.63 -7.69 24.31
C VAL N 397 -20.38 -7.18 23.61
N ILE N 398 -20.56 -6.36 22.58
CA ILE N 398 -19.45 -5.77 21.85
C ILE N 398 -19.41 -4.27 22.13
N PRO N 399 -18.36 -3.74 22.76
CA PRO N 399 -18.23 -2.29 22.90
C PRO N 399 -17.56 -1.65 21.69
N SER N 400 -18.10 -0.51 21.28
CA SER N 400 -17.61 0.22 20.13
C SER N 400 -17.46 1.69 20.46
N SER N 401 -16.61 2.38 19.70
CA SER N 401 -16.36 3.80 19.92
C SER N 401 -17.52 4.64 19.42
N SER N 402 -17.67 5.83 20.02
CA SER N 402 -18.77 6.71 19.65
C SER N 402 -18.40 8.16 19.93
N THR N 403 -18.34 8.97 18.87
CA THR N 403 -18.12 10.41 18.94
C THR N 403 -18.84 11.05 17.76
N TYR N 404 -18.47 12.31 17.47
CA TYR N 404 -18.98 12.98 16.28
C TYR N 404 -18.40 12.38 15.01
N ASN N 405 -17.13 12.01 15.03
CA ASN N 405 -16.49 11.46 13.83
C ASN N 405 -16.93 10.02 13.56
N GLN N 406 -16.88 9.18 14.60
CA GLN N 406 -17.27 7.78 14.45
C GLN N 406 -18.79 7.65 14.39
N GLY N 407 -19.24 6.46 13.98
CA GLY N 407 -20.65 6.17 13.90
C GLY N 407 -21.31 6.13 15.26
N LEU N 408 -22.41 6.86 15.42
CA LEU N 408 -23.07 6.97 16.71
C LEU N 408 -24.44 6.33 16.66
N PRO N 409 -24.74 5.38 17.54
CA PRO N 409 -26.11 4.86 17.65
C PRO N 409 -26.92 5.64 18.67
N ASP N 410 -28.11 5.14 19.01
CA ASP N 410 -28.93 5.75 20.04
C ASP N 410 -28.30 5.53 21.43
N LYS N 411 -28.84 6.24 22.42
CA LYS N 411 -28.35 6.24 23.80
C LYS N 411 -28.43 4.88 24.50
N PRO N 412 -29.55 4.08 24.47
CA PRO N 412 -29.50 2.78 25.14
C PRO N 412 -28.72 1.73 24.37
N LEU N 413 -28.80 0.47 24.82
CA LEU N 413 -28.26 -0.68 24.10
C LEU N 413 -28.90 -0.78 22.72
N GLU N 414 -28.10 -0.58 21.68
CA GLU N 414 -28.65 -0.25 20.37
C GLU N 414 -29.17 -1.46 19.60
N PHE N 415 -28.45 -2.58 19.63
CA PHE N 415 -28.77 -3.68 18.73
C PHE N 415 -28.79 -4.99 19.48
N GLU N 416 -29.95 -5.60 19.57
CA GLU N 416 -30.11 -6.95 20.10
C GLU N 416 -30.18 -7.92 18.93
N PHE N 417 -29.41 -9.00 19.03
CA PHE N 417 -29.31 -9.97 17.94
C PHE N 417 -29.34 -11.38 18.51
N PHE N 418 -29.97 -12.29 17.75
CA PHE N 418 -29.96 -13.71 18.06
C PHE N 418 -29.45 -14.46 16.84
N ASP N 419 -28.52 -15.39 17.07
CA ASP N 419 -27.86 -16.12 15.99
C ASP N 419 -28.46 -17.50 15.78
N GLU N 420 -29.79 -17.61 15.94
CA GLU N 420 -30.59 -18.83 15.74
C GLU N 420 -30.16 -19.97 16.67
N ARG N 421 -29.57 -19.64 17.82
CA ARG N 421 -29.20 -20.61 18.84
C ARG N 421 -29.49 -20.05 20.23
N LYS N 422 -30.54 -19.23 20.34
CA LYS N 422 -30.94 -18.50 21.55
C LYS N 422 -29.82 -17.61 22.08
N LEU N 423 -29.01 -17.06 21.19
CA LEU N 423 -27.95 -16.15 21.60
C LEU N 423 -28.52 -14.74 21.80
N PHE N 424 -27.72 -13.89 22.44
CA PHE N 424 -28.12 -12.52 22.77
C PHE N 424 -26.91 -11.62 22.56
N ILE N 425 -26.77 -11.08 21.36
CA ILE N 425 -25.67 -10.20 21.00
C ILE N 425 -26.13 -8.76 21.19
N VAL N 426 -25.46 -8.03 22.07
CA VAL N 426 -25.82 -6.66 22.42
C VAL N 426 -24.70 -5.75 21.94
N ALA N 427 -25.05 -4.73 21.16
CA ALA N 427 -24.08 -3.77 20.66
C ALA N 427 -24.09 -2.55 21.58
N TYR N 428 -23.14 -2.50 22.50
CA TYR N 428 -23.01 -1.36 23.41
C TYR N 428 -22.03 -0.36 22.84
N ASN N 429 -22.27 0.92 23.15
CA ASN N 429 -21.44 2.00 22.65
C ASN N 429 -21.09 2.94 23.79
N MET N 430 -19.79 3.18 23.96
CA MET N 430 -19.28 4.09 24.98
C MET N 430 -19.04 5.46 24.35
N ASP N 431 -19.75 6.47 24.84
CA ASP N 431 -19.49 7.84 24.42
C ASP N 431 -18.17 8.32 25.03
N TYR N 432 -17.56 9.30 24.38
CA TYR N 432 -16.24 9.78 24.77
C TYR N 432 -16.28 11.24 25.18
N VAL N 433 -16.43 11.44 26.49
CA VAL N 433 -16.10 12.71 27.13
C VAL N 433 -14.65 12.76 27.56
N LYS N 434 -13.81 11.83 27.08
CA LYS N 434 -12.39 11.82 27.42
C LYS N 434 -11.61 12.94 26.75
N THR N 435 -12.20 13.60 25.74
CA THR N 435 -11.60 14.82 25.21
C THR N 435 -11.63 15.94 26.25
N GLY N 436 -12.69 15.97 27.08
CA GLY N 436 -12.69 16.77 28.28
C GLY N 436 -12.06 16.02 29.44
N ALA N 437 -12.21 16.59 30.63
CA ALA N 437 -11.63 16.03 31.84
C ALA N 437 -12.66 15.40 32.77
N ILE N 438 -13.95 15.46 32.43
CA ILE N 438 -15.02 14.95 33.27
C ILE N 438 -15.53 13.65 32.65
N PHE N 439 -15.90 12.68 33.51
CA PHE N 439 -16.38 11.38 33.06
C PHE N 439 -17.90 11.31 33.19
N LYS N 440 -18.57 12.02 32.27
CA LYS N 440 -20.03 11.99 32.25
C LYS N 440 -20.56 10.72 31.58
N ALA N 441 -19.82 10.20 30.59
CA ALA N 441 -20.33 9.07 29.80
C ALA N 441 -20.20 7.75 30.55
N ASP N 442 -19.35 7.72 31.59
CA ASP N 442 -19.20 6.53 32.43
C ASP N 442 -20.50 6.23 33.19
N LYS N 443 -21.25 7.28 33.54
CA LYS N 443 -22.55 7.07 34.16
C LYS N 443 -23.56 6.55 33.14
N ASN N 444 -23.46 6.99 31.89
CA ASN N 444 -24.35 6.48 30.84
C ASN N 444 -23.96 5.07 30.43
N PHE N 445 -22.66 4.75 30.50
CA PHE N 445 -22.23 3.38 30.20
C PHE N 445 -22.62 2.43 31.31
N ARG N 446 -22.68 2.93 32.56
CA ARG N 446 -23.10 2.09 33.68
C ARG N 446 -24.60 1.82 33.62
N ARG N 447 -25.39 2.82 33.21
CA ARG N 447 -26.84 2.66 33.13
C ARG N 447 -27.24 1.70 32.02
N SER N 448 -26.53 1.73 30.90
CA SER N 448 -26.81 0.77 29.83
C SER N 448 -26.33 -0.63 30.19
N LEU N 449 -25.24 -0.74 30.95
CA LEU N 449 -24.75 -2.05 31.39
C LEU N 449 -25.63 -2.64 32.48
N ASN N 450 -26.24 -1.79 33.32
CA ASN N 450 -27.13 -2.28 34.36
C ASN N 450 -28.42 -2.86 33.76
N ASN N 451 -28.87 -2.32 32.63
CA ASN N 451 -29.98 -2.94 31.91
C ASN N 451 -29.53 -4.19 31.16
N ILE N 452 -28.24 -4.28 30.85
CA ILE N 452 -27.71 -5.46 30.16
C ILE N 452 -27.41 -6.58 31.15
N ILE N 453 -26.99 -6.23 32.36
CA ILE N 453 -26.70 -7.22 33.39
C ILE N 453 -28.00 -7.72 34.02
PB GDP O . -11.79 20.37 -49.27
O1B GDP O . -13.19 20.52 -48.73
O2B GDP O . -11.03 19.41 -48.38
O3B GDP O . -11.84 19.83 -50.67
O3A GDP O . -11.06 21.80 -49.25
PA GDP O . -10.87 22.62 -50.62
O1A GDP O . -12.16 22.63 -51.41
O2A GDP O . -9.75 22.05 -51.42
O5' GDP O . -10.50 24.13 -50.17
C5' GDP O . -10.40 25.11 -51.20
C4' GDP O . -10.16 26.49 -50.63
O4' GDP O . -8.84 26.57 -50.10
C3' GDP O . -10.27 27.54 -51.74
O3' GDP O . -11.33 28.45 -51.46
C2' GDP O . -8.95 28.27 -51.76
O2' GDP O . -9.17 29.68 -51.62
C1' GDP O . -8.16 27.75 -50.57
N9 GDP O . -6.76 27.40 -50.90
C8 GDP O . -6.19 26.21 -50.64
N7 GDP O . -4.90 26.18 -51.05
C5 GDP O . -4.62 27.37 -51.58
C6 GDP O . -3.43 27.99 -52.21
O6 GDP O . -2.35 27.36 -52.33
N1 GDP O . -3.53 29.26 -52.64
C2 GDP O . -4.68 29.95 -52.52
N2 GDP O . -4.71 31.23 -53.00
N3 GDP O . -5.80 29.45 -51.96
C4 GDP O . -5.84 28.18 -51.49
MG MG P . -13.53 18.83 -52.45
PG GSP Q . -36.88 21.05 -32.74
O3B GSP Q . -37.20 22.28 -31.75
S1G GSP Q . -37.14 19.59 -31.92
O2G GSP Q . -37.80 21.15 -33.96
O3G GSP Q . -35.41 21.10 -33.20
PB GSP Q . -37.41 23.74 -32.37
O1B GSP Q . -38.46 23.64 -33.41
O2B GSP Q . -36.15 24.25 -32.94
PA GSP Q . -38.64 26.06 -31.45
O1A GSP Q . -37.77 26.87 -32.33
O2A GSP Q . -39.98 25.84 -32.04
O3A GSP Q . -37.92 24.65 -31.16
O5' GSP Q . -38.75 26.77 -30.02
C5' GSP Q . -39.66 26.26 -29.09
C4' GSP Q . -40.59 27.34 -28.54
O4' GSP Q . -39.95 28.03 -27.49
C3' GSP Q . -40.95 28.35 -29.63
O3' GSP Q . -42.32 28.26 -29.90
C2' GSP Q . -40.63 29.70 -29.03
O2' GSP Q . -41.84 30.42 -28.89
C1' GSP Q . -40.06 29.43 -27.65
N9 GSP Q . -38.72 30.03 -27.53
C8 GSP Q . -37.54 29.35 -27.63
N7 GSP Q . -36.53 30.24 -27.49
C5 GSP Q . -37.06 31.48 -27.33
C6 GSP Q . -36.49 32.73 -27.16
O6 GSP Q . -35.27 32.83 -27.14
N1 GSP Q . -37.29 33.83 -27.03
C2 GSP Q . -38.66 33.70 -27.07
N2 GSP Q . -39.44 34.77 -26.94
N3 GSP Q . -39.23 32.45 -27.24
C4 GSP Q . -38.44 31.35 -27.36
MG MG R . -37.72 22.86 -35.32
PG GSP S . -51.33 -2.83 -26.00
O3B GSP S . -52.34 -2.99 -24.76
S1G GSP S . -50.54 -4.31 -26.22
O2G GSP S . -52.12 -2.45 -27.25
O3G GSP S . -50.30 -1.74 -25.69
PB GSP S . -53.47 -1.87 -24.59
O1B GSP S . -52.83 -0.62 -24.14
O2B GSP S . -54.18 -1.70 -25.86
PA GSP S . -55.99 -2.09 -23.44
O1A GSP S . -56.18 -0.64 -23.25
O2A GSP S . -56.67 -2.56 -24.67
O3A GSP S . -54.44 -2.44 -23.43
O5' GSP S . -56.57 -2.88 -22.16
C5' GSP S . -57.02 -4.20 -22.34
C4' GSP S . -58.36 -4.38 -21.64
O4' GSP S . -58.21 -4.19 -20.24
C3' GSP S . -59.37 -3.37 -22.14
O3' GSP S . -60.34 -4.01 -22.94
C2' GSP S . -60.02 -2.81 -20.90
O2' GSP S . -61.38 -3.19 -20.86
C1' GSP S . -59.29 -3.44 -19.73
N9 GSP S . -58.79 -2.37 -18.84
C8 GSP S . -57.49 -1.93 -18.75
N7 GSP S . -57.44 -0.94 -17.83
C5 GSP S . -58.68 -0.74 -17.35
C6 GSP S . -59.17 0.15 -16.41
O6 GSP S . -58.42 0.95 -15.85
N1 GSP S . -60.52 0.15 -16.11
C2 GSP S . -61.36 -0.75 -16.75
N2 GSP S . -62.65 -0.76 -16.45
N3 GSP S . -60.85 -1.63 -17.68
C4 GSP S . -59.54 -1.62 -17.98
MG MG T . -53.51 -0.76 -27.96
PG GSP U . -44.36 -27.94 -37.92
O3B GSP U . -44.82 -29.47 -37.70
S1G GSP U . -43.81 -27.31 -36.45
O2G GSP U . -45.57 -27.12 -38.41
O3G GSP U . -43.24 -27.88 -38.97
PB GSP U . -46.27 -29.73 -37.08
O1B GSP U . -46.35 -29.21 -35.71
O2B GSP U . -47.29 -29.12 -37.95
PA GSP U . -47.81 -31.95 -37.62
O1A GSP U . -48.96 -31.32 -36.96
O2A GSP U . -47.85 -31.82 -39.08
O3A GSP U . -46.45 -31.32 -37.04
O5' GSP U . -47.72 -33.51 -37.22
C5' GSP U . -47.14 -34.40 -38.15
C4' GSP U . -47.95 -35.67 -38.24
O4' GSP U . -47.95 -36.35 -36.99
C3' GSP U . -49.40 -35.39 -38.62
O3' GSP U . -49.67 -35.97 -39.87
C2' GSP U . -50.24 -36.06 -37.56
O2' GSP U . -51.12 -36.97 -38.15
C1' GSP U . -49.25 -36.81 -36.68
N9 GSP U . -49.55 -36.57 -35.26
C8 GSP U . -48.88 -35.73 -34.42
N7 GSP U . -49.47 -35.77 -33.20
C5 GSP U . -50.52 -36.62 -33.26
C6 GSP U . -51.45 -37.03 -32.32
O6 GSP U . -51.40 -36.58 -31.17
N1 GSP U . -52.43 -37.92 -32.67
C2 GSP U . -52.48 -38.41 -33.96
N2 GSP U . -53.43 -39.28 -34.29
N3 GSP U . -51.55 -38.01 -34.89
C4 GSP U . -50.58 -37.12 -34.56
MG MG V . -47.51 -26.69 -39.36
PG GSP W . -21.63 -30.10 -55.31
O3B GSP W . -21.06 -31.53 -55.80
S1G GSP W . -21.67 -30.05 -53.62
O2G GSP W . -20.73 -28.97 -55.83
O3G GSP W . -23.05 -29.92 -55.87
PB GSP W . -21.99 -32.45 -56.72
O1B GSP W . -22.64 -31.60 -57.74
O2B GSP W . -23.01 -33.12 -55.88
PA GSP W . -21.56 -34.46 -58.59
O1A GSP W . -22.03 -33.64 -59.72
O2A GSP W . -22.63 -35.34 -58.08
O3A GSP W . -21.01 -33.52 -57.41
O5' GSP W . -20.30 -35.32 -59.09
C5' GSP W . -19.68 -34.97 -60.31
C4' GSP W . -19.11 -36.20 -61.02
O4' GSP W . -18.85 -37.27 -60.13
C3' GSP W . -20.02 -36.72 -62.12
O3' GSP W . -19.38 -36.59 -63.36
C2' GSP W . -20.20 -38.19 -61.81
O2' GSP W . -19.95 -38.95 -62.96
C1' GSP W . -19.14 -38.49 -60.76
N9 GSP W . -19.57 -39.50 -59.78
C8 GSP W . -19.69 -39.30 -58.44
N7 GSP W . -20.10 -40.45 -57.86
C5 GSP W . -20.26 -41.38 -58.82
C6 GSP W . -20.67 -42.70 -58.77
O6 GSP W . -20.97 -43.21 -57.70
N1 GSP W . -20.75 -43.43 -59.94
C2 GSP W . -20.43 -42.85 -61.14
N2 GSP W . -20.50 -43.55 -62.27
N3 GSP W . -20.02 -41.53 -61.18
C4 GSP W . -19.94 -40.81 -60.04
MG MG X . -24.99 -30.09 -57.37
PB GDP Y . -3.37 -7.73 -63.07
O1B GDP Y . -2.91 -9.00 -62.39
O2B GDP Y . -4.60 -8.00 -63.90
O3B GDP Y . -3.70 -6.71 -62.00
O3A GDP Y . -2.18 -7.17 -64.00
PA GDP Y . -2.41 -7.02 -65.58
O1A GDP Y . -2.65 -8.37 -66.19
O2A GDP Y . -3.58 -6.10 -65.87
O5' GDP Y . -1.05 -6.38 -66.14
C5' GDP Y . -0.93 -6.21 -67.56
C4' GDP Y . 0.44 -5.66 -67.94
O4' GDP Y . 1.46 -6.61 -67.60
C3' GDP Y . 0.50 -5.44 -69.44
O3' GDP Y . 0.78 -4.07 -69.72
C2' GDP Y . 1.65 -6.29 -69.93
O2' GDP Y . 2.52 -5.51 -70.75
C1' GDP Y . 2.37 -6.76 -68.69
N9 GDP Y . 2.84 -8.18 -68.77
C8 GDP Y . 2.59 -9.10 -67.83
N7 GDP Y . 3.13 -10.31 -68.17
C5 GDP Y . 3.74 -10.16 -69.35
C6 GDP Y . 4.50 -11.04 -70.26
O6 GDP Y . 4.69 -12.24 -69.99
N1 GDP Y . 4.96 -10.52 -71.40
C2 GDP Y . 4.76 -9.23 -71.73
N2 GDP Y . 5.27 -8.77 -72.90
N3 GDP Y . 4.08 -8.37 -70.94
C4 GDP Y . 3.54 -8.76 -69.76
MG MG Z . -6.76 -7.90 -63.60
PB GDP AA . 47.79 17.02 20.21
O1B GDP AA . 47.96 15.60 20.67
O2B GDP AA . 46.34 17.27 19.89
O3B GDP AA . 48.23 17.96 21.31
O3A GDP AA . 48.68 17.27 18.89
PA GDP AA . 50.06 18.07 19.00
O1A GDP AA . 50.88 17.59 20.16
O2A GDP AA . 49.79 19.55 19.11
O5' GDP AA . 50.85 17.77 17.61
C5' GDP AA . 52.18 18.27 17.49
C4' GDP AA . 52.83 17.82 16.20
O4' GDP AA . 52.22 18.48 15.09
C3' GDP AA . 54.31 18.19 16.20
O3' GDP AA . 55.12 17.02 16.13
C2' GDP AA . 54.53 19.06 14.98
O2' GDP AA . 55.58 18.51 14.17
C1' GDP AA . 53.21 19.03 14.21
N9 GDP AA . 52.77 20.38 13.77
C8 GDP AA . 51.56 20.90 14.03
N7 GDP AA . 51.43 22.14 13.50
C5 GDP AA . 52.58 22.43 12.88
C6 GDP AA . 53.11 23.60 12.12
O6 GDP AA . 52.41 24.61 11.94
N1 GDP AA . 54.35 23.52 11.64
C2 GDP AA . 55.12 22.43 11.83
N2 GDP AA . 56.37 22.42 11.30
N3 GDP AA . 54.70 21.34 12.51
C4 GDP AA . 53.46 21.28 13.06
MG MG BA . 48.97 17.98 23.85
PG GSP CA . 45.25 -12.36 25.98
O3B GSP CA . 45.68 -13.46 24.90
S1G GSP CA . 43.72 -12.76 26.61
O2G GSP CA . 46.30 -12.32 27.11
O3G GSP CA . 45.17 -10.97 25.32
PB GSP CA . 47.22 -13.54 24.46
O1B GSP CA . 48.04 -13.69 25.68
O2B GSP CA . 47.61 -12.35 23.70
PA GSP CA . 48.77 -15.54 23.29
O1A GSP CA . 49.68 -14.51 22.73
O2A GSP CA . 49.31 -16.16 24.51
O3A GSP CA . 47.34 -14.88 23.56
O5' GSP CA . 48.50 -16.66 22.16
C5' GSP CA . 47.81 -17.82 22.52
C4' GSP CA . 48.55 -19.07 22.13
O4' GSP CA . 48.28 -19.38 20.78
C3' GSP CA . 50.05 -18.90 22.28
O3' GSP CA . 50.51 -19.75 23.29
C2' GSP CA . 50.64 -19.30 20.96
O2' GSP CA . 51.44 -20.46 21.16
C1' GSP CA . 49.47 -19.66 20.07
N9 GSP CA . 49.51 -18.85 18.85
C8 GSP CA . 48.72 -17.74 18.60
N7 GSP CA . 49.05 -17.25 17.39
C5 GSP CA . 50.04 -18.01 16.87
C6 GSP CA . 50.74 -17.93 15.68
O6 GSP CA . 50.48 -17.04 14.86
N1 GSP CA . 51.72 -18.86 15.40
C2 GSP CA . 52.00 -19.85 16.31
N2 GSP CA . 52.95 -20.75 16.04
N3 GSP CA . 51.30 -19.92 17.51
C4 GSP CA . 50.35 -19.01 17.78
MG MG DA . 48.39 -11.79 26.73
PG GSP EA . 26.95 -22.49 45.67
O3B GSP EA . 26.38 -23.98 45.72
S1G GSP EA . 25.74 -21.45 46.23
O2G GSP EA . 28.20 -22.39 46.56
O3G GSP EA . 27.33 -22.11 44.22
PB GSP EA . 27.42 -25.18 45.61
O1B GSP EA . 27.94 -25.22 44.23
O2B GSP EA . 28.50 -24.97 46.59
PA GSP EA . 27.25 -27.76 46.64
O1A GSP EA . 28.29 -28.31 45.75
O2A GSP EA . 27.80 -27.42 47.97
O3A GSP EA . 26.57 -26.50 45.93
O5' GSP EA . 26.05 -28.81 46.79
C5' GSP EA . 25.27 -28.77 47.97
C4' GSP EA . 25.08 -30.17 48.50
O4' GSP EA . 24.37 -30.96 47.57
C3' GSP EA . 26.41 -30.86 48.74
O3' GSP EA . 26.65 -30.98 50.12
C2' GSP EA . 26.29 -32.23 48.13
O2' GSP EA . 26.32 -33.20 49.15
C1' GSP EA . 24.92 -32.26 47.46
N9 GSP EA . 25.07 -32.64 46.06
C8 GSP EA . 25.00 -31.80 44.98
N7 GSP EA . 25.20 -32.54 43.86
C5 GSP EA . 25.41 -33.83 44.21
C6 GSP EA . 25.66 -34.96 43.47
O6 GSP EA . 25.73 -34.90 42.24
N1 GSP EA . 25.84 -36.16 44.11
C2 GSP EA . 25.76 -36.23 45.48
N2 GSP EA . 25.92 -37.39 46.10
N3 GSP EA . 25.50 -35.09 46.22
C4 GSP EA . 25.33 -33.90 45.59
MG MG FA . 30.27 -23.37 46.72
PG GSP GA . 13.03 -4.59 63.19
O3B GSP GA . 11.87 -4.75 64.29
S1G GSP GA . 12.49 -5.21 61.71
O2G GSP GA . 14.27 -5.38 63.66
O3G GSP GA . 13.40 -3.11 63.04
PB GSP GA . 11.69 -6.18 65.00
O1B GSP GA . 11.30 -7.20 64.00
O2B GSP GA . 12.95 -6.55 65.67
PA GSP GA . 10.72 -6.55 67.55
O1A GSP GA . 11.13 -7.97 67.50
O2A GSP GA . 11.71 -5.72 68.25
O3A GSP GA . 10.50 -6.01 66.05
O5' GSP GA . 9.28 -6.41 68.25
C5' GSP GA . 9.00 -5.21 68.92
C4' GSP GA . 8.30 -5.50 70.24
O4' GSP GA . 7.05 -6.12 70.01
C3' GSP GA . 9.12 -6.43 71.12
O3' GSP GA . 9.49 -5.75 72.29
C2' GSP GA . 8.21 -7.58 71.47
O2' GSP GA . 8.10 -7.70 72.86
C1' GSP GA . 6.86 -7.21 70.89
N9 GSP GA . 6.29 -8.36 70.17
C8 GSP GA . 6.25 -8.55 68.82
N7 GSP GA . 5.65 -9.73 68.56
C5 GSP GA . 5.32 -10.31 69.74
C6 GSP GA . 4.71 -11.51 70.04
O6 GSP GA . 4.34 -12.27 69.14
N1 GSP GA . 4.49 -11.86 71.35
C2 GSP GA . 4.89 -11.00 72.36
N2 GSP GA . 4.68 -11.34 73.63
N3 GSP GA . 5.50 -9.81 72.05
C4 GSP GA . 5.72 -9.47 70.75
MG MG HA . 15.67 -6.36 65.05
PG GSP IA . 15.60 23.84 60.17
O3B GSP IA . 14.64 24.87 60.96
S1G GSP IA . 14.64 22.76 59.27
O2G GSP IA . 16.52 24.60 59.22
O3G GSP IA . 16.44 23.07 61.20
PB GSP IA . 14.74 24.92 62.57
O1B GSP IA . 16.17 24.88 62.97
O2B GSP IA . 14.00 23.77 63.14
PA GSP IA . 14.20 26.82 64.53
O1A GSP IA . 15.62 26.97 64.90
O2A GSP IA . 13.51 25.88 65.43
O3A GSP IA . 14.08 26.32 63.00
O5' GSP IA . 13.51 28.27 64.57
C5' GSP IA . 14.32 29.42 64.63
C4' GSP IA . 13.66 30.54 65.41
O4' GSP IA . 12.25 30.42 65.44
C3' GSP IA . 14.15 30.63 66.84
O3' GSP IA . 14.82 31.85 67.04
C2' GSP IA . 12.90 30.61 67.70
O2' GSP IA . 12.94 31.68 68.61
C1' GSP IA . 11.77 30.84 66.71
N9 GSP IA . 10.54 30.13 67.07
C8 GSP IA . 9.93 29.17 66.31
N7 GSP IA . 8.82 28.74 66.96
C5 GSP IA . 8.73 29.40 68.12
C6 GSP IA . 7.80 29.34 69.16
O6 GSP IA . 6.85 28.56 69.08
N1 GSP IA . 7.95 30.14 70.26
C2 GSP IA . 9.03 31.01 70.34
N2 GSP IA . 9.16 31.78 71.41
N3 GSP IA . 9.94 31.06 69.30
C4 GSP IA . 9.79 30.28 68.22
MG MG JA . 17.71 22.54 63.24
PB GDP KA . 32.32 37.80 39.69
O1B GDP KA . 30.84 38.00 39.85
O2B GDP KA . 32.93 37.43 41.02
O3B GDP KA . 32.56 36.68 38.71
O3A GDP KA . 32.99 39.16 39.13
PA GDP KA . 34.10 39.91 40.00
O1A GDP KA . 33.49 40.40 41.29
O2A GDP KA . 35.28 39.02 40.28
O5' GDP KA . 34.55 41.17 39.11
C5' GDP KA . 35.48 42.09 39.67
C4' GDP KA . 35.76 43.25 38.73
O4' GDP KA . 34.57 44.03 38.53
C3' GDP KA . 36.79 44.18 39.33
O3' GDP KA . 37.94 44.27 38.47
C2' GDP KA . 36.13 45.54 39.44
O2' GDP KA . 36.97 46.54 38.87
C1' GDP KA . 34.85 45.42 38.65
N9 GDP KA . 33.70 46.12 39.29
C8 GDP KA . 32.50 45.55 39.50
N7 GDP KA . 31.64 46.41 40.10
C5 GDP KA . 32.29 47.57 40.28
C6 GDP KA . 31.96 48.90 40.85
O6 GDP KA . 30.83 49.13 41.32
N1 GDP KA . 32.90 49.84 40.84
C2 GDP KA . 34.13 49.62 40.33
N2 GDP KA . 35.04 50.63 40.38
N3 GDP KA . 34.50 48.43 39.80
C4 GDP KA . 33.65 47.38 39.74
MG MG LA . 33.41 35.59 42.09
#